data_6DII
#
_entry.id   6DII
#
_cell.length_a   225.577
_cell.length_b   83.311
_cell.length_c   272.811
_cell.angle_alpha   90.000
_cell.angle_beta   110.980
_cell.angle_gamma   90.000
#
_symmetry.space_group_name_H-M   'P 1 21 1'
#
loop_
_entity.id
_entity.type
_entity.pdbx_description
1 polymer 'Fatty acid amide hydrolase'
2 non-polymer methyl-9Z,12Z,15Z-octadecatrienylphosphonofluoridate
#
_entity_poly.entity_id   1
_entity_poly.type   'polypeptide(L)'
_entity_poly.pdbx_seq_one_letter_code
;MGKYQVMKRASEVDLSTVKYKAETMKAPHLTGLSFKLFVNLLEAPLIGSLIVDYLKKDNGMTKIFRNTVIPEEPMFRPEF
PSQEPEHDVVIVGEDESPIDRLETALKCLPQYDPSRSLHADPVSSFRYWKIRDYAYAYRSKLTTPLQVAKRIISIIEEFG
YDKPPTPFLIRFDANEVIKQAEASTRRFEQGNPISVLDGIFVTIKDDIDCLPHPTNGGTTWLHEDRSVEKDSAVVSKLRS
CGAILLGKANMHELGMGTTGNNSNYGTTRNPHDPKRYTGGSSSGSAAIVAAGLCSAALGTDGGGSVRIPSALCGITGLKT
TYGRTDMTGSLCEGGTVEIIGPLASSLEDAFLVYAAILGSSSADRYNLKPSPPCFPKLLSHNGSNAIGSLRLGKYTKWFN
DVSSSDISDKCEDILKLLSNNHGCKVVEIVVPELEEMRAAHVISIGSPTLSSLTPYCEAGKNSKLSYDTRTSFAIFRSFS
ASDYIAAQCLRRRLMEYHLNIFKDVDVIVTPTTGMTAPVIPPDALKNGETNIQVTTDLMRFVLAANLLGFPAISVPVGYD
KEGLPIGLQIMGRPWAEATVLGLAAAVEELAPVTKKPAIFYDILNTNKGEFEAYVEQKLISEEDLNSAVDHHHHHH
;
_entity_poly.pdbx_strand_id   A,B,C,D,E,F,G,H,I,J,K,L
#
loop_
_chem_comp.id
_chem_comp.type
_chem_comp.name
_chem_comp.formula
GJY non-polymer methyl-9Z,12Z,15Z-octadecatrienylphosphonofluoridate 'C19 H34 F O2 P'
#
# COMPACT_ATOMS: atom_id res chain seq x y z
N TYR A 4 -57.50 -24.76 55.66
CA TYR A 4 -57.56 -26.17 56.08
C TYR A 4 -57.74 -27.09 54.88
N GLN A 5 -58.84 -26.90 54.15
CA GLN A 5 -59.18 -27.74 53.02
C GLN A 5 -59.82 -26.89 51.92
N VAL A 6 -59.69 -27.34 50.68
CA VAL A 6 -60.22 -26.63 49.52
C VAL A 6 -61.44 -27.38 49.01
N MET A 7 -62.48 -26.64 48.62
CA MET A 7 -63.73 -27.19 48.11
C MET A 7 -63.84 -26.94 46.61
N LYS A 8 -64.44 -27.88 45.89
CA LYS A 8 -64.65 -27.75 44.45
C LYS A 8 -66.11 -28.02 44.10
N ARG A 9 -66.46 -27.70 42.85
CA ARG A 9 -67.70 -28.14 42.22
C ARG A 9 -67.55 -27.97 40.73
N ALA A 10 -67.74 -29.05 39.97
CA ALA A 10 -67.33 -29.08 38.56
C ALA A 10 -68.34 -28.38 37.65
N SER A 11 -69.53 -28.96 37.52
CA SER A 11 -70.47 -28.54 36.48
C SER A 11 -71.17 -27.22 36.82
N GLU A 12 -70.53 -26.37 37.63
CA GLU A 12 -71.10 -25.08 37.97
C GLU A 12 -70.07 -23.97 38.02
N VAL A 13 -68.94 -24.12 37.32
CA VAL A 13 -67.91 -23.08 37.29
C VAL A 13 -68.17 -22.15 36.11
N ASP A 14 -67.80 -20.88 36.30
CA ASP A 14 -67.91 -19.89 35.24
C ASP A 14 -66.62 -19.92 34.43
N LEU A 15 -66.76 -20.15 33.12
CA LEU A 15 -65.58 -20.26 32.27
C LEU A 15 -64.81 -18.95 32.17
N SER A 16 -65.48 -17.82 32.39
CA SER A 16 -64.80 -16.54 32.43
C SER A 16 -64.04 -16.32 33.74
N THR A 17 -64.18 -17.23 34.71
CA THR A 17 -63.47 -17.14 35.98
C THR A 17 -62.22 -18.01 36.02
N VAL A 18 -62.18 -19.08 35.23
CA VAL A 18 -61.04 -20.00 35.24
C VAL A 18 -59.81 -19.28 34.70
N LYS A 19 -58.76 -19.24 35.52
CA LYS A 19 -57.49 -18.61 35.14
C LYS A 19 -56.48 -19.68 34.77
N TYR A 20 -55.69 -19.40 33.72
CA TYR A 20 -54.72 -20.36 33.20
C TYR A 20 -53.57 -20.52 34.17
N LYS A 21 -53.58 -21.61 34.93
CA LYS A 21 -52.54 -21.90 35.92
C LYS A 21 -51.41 -22.65 35.23
N ALA A 22 -50.24 -22.03 35.15
CA ALA A 22 -49.08 -22.58 34.46
C ALA A 22 -47.99 -22.85 35.49
N GLU A 23 -48.07 -24.01 36.13
CA GLU A 23 -47.07 -24.44 37.10
C GLU A 23 -46.19 -25.50 36.45
N THR A 24 -44.94 -25.14 36.16
CA THR A 24 -44.00 -26.10 35.60
C THR A 24 -43.51 -27.05 36.68
N MET A 25 -43.05 -28.22 36.25
CA MET A 25 -42.61 -29.24 37.19
C MET A 25 -41.26 -28.87 37.80
N LYS A 26 -41.08 -29.22 39.06
CA LYS A 26 -39.87 -28.90 39.82
C LYS A 26 -39.26 -30.19 40.35
N ALA A 27 -38.12 -30.57 39.79
CA ALA A 27 -37.44 -31.81 40.18
C ALA A 27 -35.96 -31.66 39.84
N PRO A 28 -35.09 -32.38 40.56
CA PRO A 28 -33.65 -32.27 40.29
C PRO A 28 -33.27 -32.90 38.96
N HIS A 29 -32.13 -32.46 38.43
CA HIS A 29 -31.55 -32.97 37.19
C HIS A 29 -30.22 -33.62 37.55
N LEU A 30 -30.22 -34.95 37.63
CA LEU A 30 -29.07 -35.73 38.07
C LEU A 30 -28.67 -36.73 36.99
N THR A 31 -27.37 -36.87 36.77
CA THR A 31 -26.83 -37.81 35.80
C THR A 31 -25.65 -38.53 36.40
N GLY A 32 -25.31 -39.68 35.80
CA GLY A 32 -24.12 -40.42 36.18
C GLY A 32 -24.14 -40.98 37.59
N LEU A 33 -23.12 -40.64 38.38
CA LEU A 33 -22.95 -41.24 39.70
C LEU A 33 -23.95 -40.66 40.71
N SER A 34 -24.20 -39.35 40.64
CA SER A 34 -25.19 -38.75 41.55
C SER A 34 -26.57 -39.33 41.32
N PHE A 35 -26.89 -39.69 40.08
CA PHE A 35 -28.15 -40.37 39.80
C PHE A 35 -28.18 -41.74 40.49
N LYS A 36 -27.07 -42.46 40.46
CA LYS A 36 -27.01 -43.79 41.08
C LYS A 36 -27.23 -43.70 42.58
N LEU A 37 -26.59 -42.73 43.24
CA LEU A 37 -26.78 -42.57 44.68
C LEU A 37 -28.17 -42.05 45.00
N PHE A 38 -28.74 -41.23 44.13
CA PHE A 38 -30.09 -40.72 44.36
C PHE A 38 -31.13 -41.83 44.27
N VAL A 39 -30.93 -42.78 43.35
CA VAL A 39 -31.85 -43.91 43.22
C VAL A 39 -31.81 -44.76 44.48
N ASN A 40 -30.60 -45.00 45.01
CA ASN A 40 -30.48 -45.77 46.25
C ASN A 40 -31.10 -45.05 47.43
N LEU A 41 -31.01 -43.72 47.46
CA LEU A 41 -31.65 -42.97 48.54
C LEU A 41 -33.17 -43.06 48.44
N LEU A 42 -33.71 -43.08 47.23
CA LEU A 42 -35.15 -43.23 47.05
C LEU A 42 -35.61 -44.63 47.46
N GLU A 43 -34.85 -45.66 47.08
CA GLU A 43 -35.16 -47.03 47.45
C GLU A 43 -34.81 -47.34 48.90
N ALA A 44 -34.17 -46.40 49.62
CA ALA A 44 -33.83 -46.64 51.01
C ALA A 44 -35.09 -46.58 51.87
N PRO A 45 -35.10 -47.31 53.00
CA PRO A 45 -36.30 -47.36 53.85
C PRO A 45 -36.87 -46.01 54.25
N LEU A 46 -36.35 -45.43 55.34
CA LEU A 46 -36.99 -44.27 55.93
C LEU A 46 -36.76 -43.02 55.09
N ILE A 47 -35.51 -42.75 54.69
CA ILE A 47 -35.21 -41.53 53.96
C ILE A 47 -35.86 -41.55 52.58
N GLY A 48 -36.12 -42.75 52.03
CA GLY A 48 -36.73 -42.83 50.72
C GLY A 48 -38.12 -42.23 50.67
N SER A 49 -38.95 -42.54 51.68
CA SER A 49 -40.30 -42.00 51.70
C SER A 49 -40.32 -40.49 51.90
N LEU A 50 -39.32 -39.94 52.58
CA LEU A 50 -39.30 -38.50 52.84
C LEU A 50 -38.99 -37.73 51.57
N ILE A 51 -38.08 -38.24 50.74
CA ILE A 51 -37.72 -37.52 49.51
C ILE A 51 -38.88 -37.51 48.53
N VAL A 52 -39.64 -38.61 48.47
CA VAL A 52 -40.76 -38.68 47.53
C VAL A 52 -41.91 -37.80 48.01
N ASP A 53 -42.23 -37.87 49.31
CA ASP A 53 -43.29 -37.03 49.84
C ASP A 53 -42.94 -35.55 49.76
N TYR A 54 -41.65 -35.23 49.77
CA TYR A 54 -41.23 -33.85 49.57
C TYR A 54 -41.49 -33.41 48.13
N LEU A 55 -41.11 -34.26 47.17
CA LEU A 55 -41.33 -33.92 45.76
C LEU A 55 -42.82 -33.78 45.44
N LYS A 56 -43.68 -34.58 46.09
CA LYS A 56 -45.11 -34.47 45.84
C LYS A 56 -45.68 -33.21 46.44
N LYS A 57 -45.29 -32.90 47.69
CA LYS A 57 -45.82 -31.69 48.34
C LYS A 57 -45.24 -30.43 47.71
N ASP A 58 -44.05 -30.51 47.12
CA ASP A 58 -43.45 -29.36 46.48
C ASP A 58 -44.13 -29.02 45.16
N ASN A 59 -44.65 -30.04 44.46
CA ASN A 59 -45.29 -29.86 43.16
C ASN A 59 -46.81 -29.78 43.27
N GLY A 60 -47.34 -29.58 44.47
CA GLY A 60 -48.76 -29.39 44.63
C GLY A 60 -49.61 -30.62 44.42
N MET A 61 -49.01 -31.82 44.47
CA MET A 61 -49.79 -33.03 44.27
C MET A 61 -50.48 -33.48 45.56
N THR A 62 -49.79 -33.33 46.70
CA THR A 62 -50.41 -33.67 47.98
C THR A 62 -51.62 -32.77 48.26
N LYS A 63 -51.56 -31.51 47.83
CA LYS A 63 -52.67 -30.59 48.05
C LYS A 63 -53.90 -31.00 47.25
N ILE A 64 -53.70 -31.63 46.09
CA ILE A 64 -54.83 -31.98 45.24
C ILE A 64 -55.45 -33.30 45.68
N PHE A 65 -54.64 -34.30 45.97
CA PHE A 65 -55.17 -35.62 46.28
C PHE A 65 -55.66 -35.73 47.72
N ARG A 66 -54.97 -35.09 48.66
CA ARG A 66 -55.26 -35.28 50.08
C ARG A 66 -55.91 -34.07 50.76
N ASN A 67 -55.77 -32.87 50.20
CA ASN A 67 -56.27 -31.66 50.83
C ASN A 67 -57.30 -30.97 49.96
N THR A 68 -58.13 -31.76 49.27
CA THR A 68 -59.18 -31.20 48.42
C THR A 68 -60.32 -32.20 48.36
N VAL A 69 -61.50 -31.76 48.76
CA VAL A 69 -62.72 -32.56 48.63
C VAL A 69 -63.29 -32.33 47.24
N ILE A 70 -63.51 -33.42 46.52
CA ILE A 70 -64.02 -33.38 45.15
C ILE A 70 -65.41 -33.98 45.15
N PRO A 71 -66.45 -33.24 44.74
CA PRO A 71 -67.81 -33.78 44.80
C PRO A 71 -68.16 -34.76 43.69
N GLU A 72 -67.26 -35.00 42.73
CA GLU A 72 -67.55 -35.88 41.61
C GLU A 72 -67.36 -37.33 41.98
N GLU A 73 -68.10 -38.20 41.29
CA GLU A 73 -67.98 -39.65 41.42
C GLU A 73 -66.91 -40.15 40.46
N PRO A 74 -66.16 -41.19 40.86
CA PRO A 74 -65.01 -41.62 40.05
C PRO A 74 -65.45 -42.19 38.71
N MET A 75 -64.80 -41.72 37.64
CA MET A 75 -64.95 -42.27 36.29
C MET A 75 -63.65 -42.99 35.96
N PHE A 76 -63.63 -44.30 36.18
CA PHE A 76 -62.38 -45.05 36.06
C PHE A 76 -61.93 -45.17 34.62
N ARG A 77 -62.85 -45.52 33.72
CA ARG A 77 -62.55 -45.64 32.31
C ARG A 77 -63.28 -44.55 31.51
N PRO A 78 -62.76 -44.15 30.35
CA PRO A 78 -63.42 -43.09 29.57
C PRO A 78 -64.84 -43.49 29.19
N GLU A 79 -65.79 -42.62 29.54
CA GLU A 79 -67.21 -42.84 29.28
C GLU A 79 -67.70 -41.79 28.30
N PHE A 80 -68.03 -42.23 27.06
CA PHE A 80 -68.47 -41.24 26.08
C PHE A 80 -69.98 -41.31 25.89
N PRO A 81 -70.63 -40.17 25.66
CA PRO A 81 -72.05 -40.19 25.29
C PRO A 81 -72.21 -40.48 23.80
N SER A 82 -73.47 -40.64 23.40
CA SER A 82 -73.79 -40.89 21.99
C SER A 82 -73.47 -39.64 21.19
N GLN A 83 -72.45 -39.73 20.34
CA GLN A 83 -72.01 -38.59 19.55
C GLN A 83 -72.84 -38.44 18.28
N GLU A 84 -72.82 -37.23 17.72
CA GLU A 84 -73.50 -36.98 16.45
C GLU A 84 -72.66 -37.52 15.29
N PRO A 85 -73.31 -38.09 14.27
CA PRO A 85 -72.54 -38.68 13.17
C PRO A 85 -71.76 -37.61 12.39
N GLU A 86 -70.50 -37.92 12.10
CA GLU A 86 -69.65 -36.99 11.36
C GLU A 86 -70.09 -36.92 9.90
N HIS A 87 -69.94 -35.74 9.32
CA HIS A 87 -70.43 -35.46 7.97
C HIS A 87 -69.37 -35.81 6.92
N ASP A 88 -69.84 -36.34 5.79
CA ASP A 88 -69.01 -36.62 4.63
C ASP A 88 -67.91 -37.63 4.95
N VAL A 89 -68.35 -38.83 5.36
CA VAL A 89 -67.45 -39.94 5.69
C VAL A 89 -68.03 -41.22 5.11
N VAL A 90 -67.19 -42.26 5.06
CA VAL A 90 -67.57 -43.57 4.56
C VAL A 90 -67.57 -44.54 5.74
N ILE A 91 -68.72 -45.14 6.01
CA ILE A 91 -68.84 -46.07 7.12
C ILE A 91 -68.37 -47.45 6.66
N VAL A 92 -67.57 -48.10 7.49
CA VAL A 92 -67.05 -49.43 7.20
C VAL A 92 -67.31 -50.31 8.42
N GLY A 93 -67.47 -51.61 8.18
CA GLY A 93 -67.74 -52.53 9.25
C GLY A 93 -66.57 -52.68 10.21
N GLU A 94 -66.90 -52.87 11.49
CA GLU A 94 -65.87 -52.97 12.51
C GLU A 94 -65.28 -54.37 12.60
N ASP A 95 -66.00 -55.39 12.15
CA ASP A 95 -65.52 -56.77 12.19
C ASP A 95 -65.17 -57.31 10.81
N GLU A 96 -65.11 -56.46 9.79
CA GLU A 96 -64.67 -56.89 8.48
C GLU A 96 -63.18 -57.20 8.49
N SER A 97 -62.75 -57.98 7.50
CA SER A 97 -61.33 -58.34 7.40
C SER A 97 -60.51 -57.10 7.05
N PRO A 98 -59.29 -57.00 7.59
CA PRO A 98 -58.44 -55.84 7.25
C PRO A 98 -58.13 -55.72 5.78
N ILE A 99 -58.21 -56.83 5.02
CA ILE A 99 -58.01 -56.75 3.58
C ILE A 99 -59.14 -55.97 2.92
N ASP A 100 -60.36 -56.11 3.46
CA ASP A 100 -61.51 -55.41 2.88
C ASP A 100 -61.47 -53.92 3.21
N ARG A 101 -61.12 -53.57 4.46
CA ARG A 101 -61.08 -52.18 4.85
C ARG A 101 -60.00 -51.42 4.10
N LEU A 102 -58.93 -52.10 3.68
CA LEU A 102 -57.89 -51.44 2.90
C LEU A 102 -58.39 -51.06 1.51
N GLU A 103 -59.39 -51.78 0.99
CA GLU A 103 -59.95 -51.43 -0.31
C GLU A 103 -60.88 -50.24 -0.21
N THR A 104 -61.73 -50.21 0.82
CA THR A 104 -62.56 -49.03 1.07
C THR A 104 -61.70 -47.79 1.29
N ALA A 105 -60.60 -47.95 2.04
CA ALA A 105 -59.70 -46.83 2.26
C ALA A 105 -59.03 -46.38 0.98
N LEU A 106 -58.70 -47.34 0.09
CA LEU A 106 -58.13 -46.98 -1.20
C LEU A 106 -59.08 -46.15 -2.05
N LYS A 107 -60.38 -46.25 -1.80
CA LYS A 107 -61.35 -45.43 -2.51
C LYS A 107 -61.49 -44.02 -1.93
N CYS A 108 -61.13 -43.84 -0.66
CA CYS A 108 -61.17 -42.52 -0.05
C CYS A 108 -59.96 -41.68 -0.41
N LEU A 109 -58.84 -42.30 -0.77
CA LEU A 109 -57.65 -41.57 -1.14
C LEU A 109 -57.80 -40.97 -2.54
N PRO A 110 -57.12 -39.87 -2.83
CA PRO A 110 -57.07 -39.36 -4.20
C PRO A 110 -56.41 -40.37 -5.12
N GLN A 111 -56.67 -40.24 -6.41
CA GLN A 111 -56.11 -41.19 -7.38
C GLN A 111 -54.59 -41.06 -7.42
N TYR A 112 -53.93 -42.21 -7.38
CA TYR A 112 -52.47 -42.25 -7.49
C TYR A 112 -52.05 -41.81 -8.89
N ASP A 113 -51.07 -40.92 -8.97
CA ASP A 113 -50.50 -40.63 -10.28
C ASP A 113 -49.10 -41.20 -10.38
N PRO A 114 -48.79 -41.90 -11.47
CA PRO A 114 -47.48 -42.56 -11.59
C PRO A 114 -46.32 -41.60 -11.83
N SER A 115 -46.58 -40.31 -12.01
CA SER A 115 -45.52 -39.34 -12.29
C SER A 115 -44.81 -38.86 -11.03
N ARG A 116 -44.98 -39.54 -9.89
CA ARG A 116 -44.31 -39.18 -8.65
C ARG A 116 -43.46 -40.32 -8.10
N SER A 117 -43.09 -41.29 -8.95
CA SER A 117 -42.32 -42.44 -8.49
C SER A 117 -41.28 -42.85 -9.52
N LEU A 118 -41.73 -43.11 -10.75
CA LEU A 118 -40.83 -43.59 -11.81
C LEU A 118 -40.21 -42.43 -12.58
N HIS A 119 -41.03 -41.64 -13.28
CA HIS A 119 -40.56 -40.56 -14.12
C HIS A 119 -40.89 -39.22 -13.46
N ALA A 120 -39.87 -38.39 -13.27
CA ALA A 120 -40.06 -37.09 -12.64
C ALA A 120 -38.91 -36.18 -13.05
N ASP A 121 -39.08 -34.89 -12.77
CA ASP A 121 -38.06 -33.90 -13.09
C ASP A 121 -36.95 -33.95 -12.03
N PRO A 122 -35.69 -34.04 -12.43
CA PRO A 122 -34.61 -34.14 -11.44
C PRO A 122 -34.26 -32.81 -10.78
N VAL A 123 -35.21 -31.88 -10.73
CA VAL A 123 -35.01 -30.59 -10.07
C VAL A 123 -36.19 -30.30 -9.17
N SER A 124 -36.83 -31.35 -8.65
CA SER A 124 -37.96 -31.20 -7.77
C SER A 124 -37.51 -31.15 -6.32
N SER A 125 -38.47 -31.02 -5.40
CA SER A 125 -38.16 -30.93 -3.98
C SER A 125 -38.00 -32.32 -3.37
N PHE A 126 -38.04 -32.40 -2.04
CA PHE A 126 -37.87 -33.65 -1.32
C PHE A 126 -39.19 -34.13 -0.75
N ARG A 127 -39.38 -35.45 -0.75
CA ARG A 127 -40.56 -36.05 -0.16
C ARG A 127 -40.27 -37.50 0.19
N TYR A 128 -40.92 -38.00 1.23
CA TYR A 128 -40.82 -39.40 1.60
C TYR A 128 -41.52 -40.28 0.57
N TRP A 129 -41.25 -41.57 0.64
CA TRP A 129 -41.90 -42.54 -0.23
C TRP A 129 -43.21 -42.98 0.41
N LYS A 130 -44.31 -42.77 -0.30
CA LYS A 130 -45.60 -43.22 0.19
C LYS A 130 -45.70 -44.75 0.13
N ILE A 131 -46.70 -45.29 0.82
CA ILE A 131 -46.93 -46.73 0.77
C ILE A 131 -47.33 -47.15 -0.63
N ARG A 132 -48.15 -46.34 -1.31
CA ARG A 132 -48.55 -46.66 -2.67
C ARG A 132 -47.39 -46.54 -3.65
N ASP A 133 -46.30 -45.85 -3.28
CA ASP A 133 -45.12 -45.83 -4.13
C ASP A 133 -44.44 -47.20 -4.15
N TYR A 134 -44.33 -47.85 -2.99
CA TYR A 134 -43.85 -49.23 -2.96
C TYR A 134 -44.84 -50.17 -3.63
N ALA A 135 -46.14 -49.96 -3.39
CA ALA A 135 -47.15 -50.86 -3.94
C ALA A 135 -47.22 -50.75 -5.46
N TYR A 136 -47.00 -49.56 -6.00
CA TYR A 136 -47.00 -49.41 -7.45
C TYR A 136 -45.75 -50.02 -8.06
N ALA A 137 -44.60 -49.87 -7.39
CA ALA A 137 -43.36 -50.43 -7.91
C ALA A 137 -43.34 -51.95 -7.84
N TYR A 138 -43.96 -52.53 -6.81
CA TYR A 138 -44.02 -53.99 -6.72
C TYR A 138 -44.89 -54.58 -7.82
N ARG A 139 -45.97 -53.89 -8.17
CA ARG A 139 -46.92 -54.39 -9.17
C ARG A 139 -46.51 -54.06 -10.59
N SER A 140 -45.71 -53.02 -10.80
CA SER A 140 -45.21 -52.67 -12.13
C SER A 140 -43.90 -53.36 -12.46
N LYS A 141 -43.45 -54.29 -11.61
CA LYS A 141 -42.23 -55.07 -11.83
C LYS A 141 -40.99 -54.18 -11.90
N LEU A 142 -41.06 -53.00 -11.27
CA LEU A 142 -39.88 -52.14 -11.19
C LEU A 142 -38.92 -52.60 -10.11
N THR A 143 -39.44 -53.16 -9.01
CA THR A 143 -38.62 -53.74 -7.96
C THR A 143 -39.43 -54.81 -7.26
N THR A 144 -38.78 -55.54 -6.36
CA THR A 144 -39.42 -56.62 -5.63
C THR A 144 -39.22 -56.41 -4.13
N PRO A 145 -40.16 -56.89 -3.31
CA PRO A 145 -39.96 -56.79 -1.85
C PRO A 145 -38.72 -57.52 -1.36
N LEU A 146 -38.22 -58.51 -2.12
CA LEU A 146 -36.99 -59.17 -1.74
C LEU A 146 -35.80 -58.22 -1.89
N GLN A 147 -35.69 -57.54 -3.03
CA GLN A 147 -34.61 -56.60 -3.24
C GLN A 147 -34.70 -55.41 -2.28
N VAL A 148 -35.91 -55.05 -1.87
CA VAL A 148 -36.06 -53.98 -0.89
C VAL A 148 -35.57 -54.45 0.48
N ALA A 149 -35.92 -55.68 0.87
CA ALA A 149 -35.47 -56.20 2.15
C ALA A 149 -33.95 -56.27 2.23
N LYS A 150 -33.31 -56.69 1.13
CA LYS A 150 -31.85 -56.73 1.12
C LYS A 150 -31.26 -55.35 1.32
N ARG A 151 -31.81 -54.33 0.64
CA ARG A 151 -31.29 -52.98 0.78
C ARG A 151 -31.51 -52.44 2.20
N ILE A 152 -32.62 -52.81 2.84
CA ILE A 152 -32.86 -52.37 4.20
C ILE A 152 -31.90 -53.06 5.16
N ILE A 153 -31.75 -54.38 5.03
CA ILE A 153 -30.82 -55.13 5.87
C ILE A 153 -29.39 -54.67 5.63
N SER A 154 -29.07 -54.30 4.39
CA SER A 154 -27.74 -53.77 4.09
C SER A 154 -27.43 -52.53 4.92
N ILE A 155 -28.42 -51.65 5.10
CA ILE A 155 -28.19 -50.42 5.85
C ILE A 155 -28.11 -50.70 7.34
N ILE A 156 -28.90 -51.65 7.83
CA ILE A 156 -28.91 -51.96 9.26
C ILE A 156 -27.55 -52.50 9.70
N GLU A 157 -26.96 -53.39 8.90
CA GLU A 157 -25.67 -53.98 9.27
C GLU A 157 -24.51 -53.04 8.97
N GLU A 158 -24.63 -52.21 7.93
CA GLU A 158 -23.55 -51.29 7.59
C GLU A 158 -23.37 -50.21 8.64
N PHE A 159 -24.45 -49.78 9.28
CA PHE A 159 -24.41 -48.70 10.25
C PHE A 159 -24.63 -49.19 11.68
N GLY A 160 -24.91 -50.48 11.87
CA GLY A 160 -25.10 -51.01 13.21
C GLY A 160 -26.34 -50.48 13.91
N TYR A 161 -27.46 -50.44 13.20
CA TYR A 161 -28.71 -49.98 13.78
C TYR A 161 -29.45 -51.07 14.54
N ASP A 162 -28.86 -52.26 14.66
CA ASP A 162 -29.43 -53.35 15.45
C ASP A 162 -28.59 -53.67 16.68
N LYS A 163 -27.53 -52.91 16.92
CA LYS A 163 -26.64 -53.09 18.06
C LYS A 163 -26.23 -51.73 18.59
N PRO A 164 -25.87 -51.64 19.88
CA PRO A 164 -25.40 -50.39 20.50
C PRO A 164 -24.26 -49.74 19.72
N PRO A 165 -24.01 -48.43 19.94
CA PRO A 165 -24.64 -47.54 20.93
C PRO A 165 -25.90 -46.83 20.45
N THR A 166 -26.11 -46.73 19.14
CA THR A 166 -27.26 -46.00 18.57
C THR A 166 -28.05 -46.95 17.69
N PRO A 167 -29.01 -47.69 18.25
CA PRO A 167 -29.79 -48.63 17.44
C PRO A 167 -31.18 -48.12 17.09
N PHE A 168 -31.73 -48.59 15.97
CA PHE A 168 -33.14 -48.40 15.66
C PHE A 168 -33.98 -49.58 16.12
N LEU A 169 -33.46 -50.79 15.97
CA LEU A 169 -34.15 -52.00 16.39
C LEU A 169 -33.36 -52.67 17.50
N ILE A 170 -34.07 -53.22 18.48
CA ILE A 170 -33.43 -54.00 19.55
C ILE A 170 -33.70 -55.49 19.42
N ARG A 171 -34.53 -55.91 18.46
CA ARG A 171 -34.75 -57.33 18.17
C ARG A 171 -34.97 -57.44 16.66
N PHE A 172 -33.89 -57.73 15.95
CA PHE A 172 -33.91 -57.78 14.50
C PHE A 172 -33.31 -59.10 14.03
N ASP A 173 -33.97 -59.74 13.07
CA ASP A 173 -33.50 -61.00 12.47
C ASP A 173 -33.57 -60.85 10.96
N ALA A 174 -32.39 -60.77 10.32
CA ALA A 174 -32.35 -60.61 8.87
C ALA A 174 -32.93 -61.82 8.17
N ASN A 175 -32.71 -63.03 8.71
CA ASN A 175 -33.20 -64.23 8.06
C ASN A 175 -34.73 -64.28 8.06
N GLU A 176 -35.37 -63.74 9.09
CA GLU A 176 -36.82 -63.68 9.11
C GLU A 176 -37.37 -62.61 8.18
N VAL A 177 -36.64 -61.51 8.01
CA VAL A 177 -37.06 -60.47 7.08
C VAL A 177 -37.02 -61.00 5.64
N ILE A 178 -35.97 -61.75 5.30
CA ILE A 178 -35.88 -62.32 3.96
C ILE A 178 -36.91 -63.42 3.78
N LYS A 179 -37.24 -64.16 4.85
CA LYS A 179 -38.23 -65.21 4.74
C LYS A 179 -39.61 -64.65 4.40
N GLN A 180 -39.95 -63.49 4.96
CA GLN A 180 -41.24 -62.88 4.68
C GLN A 180 -41.25 -62.19 3.31
N ALA A 181 -40.14 -61.54 2.94
CA ALA A 181 -40.08 -60.86 1.67
C ALA A 181 -40.02 -61.82 0.49
N GLU A 182 -39.56 -63.06 0.70
CA GLU A 182 -39.56 -64.04 -0.37
C GLU A 182 -40.97 -64.49 -0.70
N ALA A 183 -41.76 -64.83 0.33
CA ALA A 183 -43.15 -65.22 0.10
C ALA A 183 -43.97 -64.07 -0.45
N SER A 184 -43.64 -62.83 -0.07
CA SER A 184 -44.33 -61.68 -0.62
C SER A 184 -43.96 -61.44 -2.07
N THR A 185 -42.68 -61.62 -2.41
CA THR A 185 -42.24 -61.40 -3.79
C THR A 185 -42.88 -62.41 -4.73
N ARG A 186 -42.94 -63.68 -4.33
CA ARG A 186 -43.53 -64.72 -5.17
C ARG A 186 -45.02 -64.53 -5.36
N ARG A 187 -45.68 -63.73 -4.51
CA ARG A 187 -47.08 -63.40 -4.74
C ARG A 187 -47.24 -62.29 -5.78
N PHE A 188 -46.23 -61.43 -5.91
CA PHE A 188 -46.25 -60.42 -6.97
C PHE A 188 -45.88 -61.02 -8.32
N GLU A 189 -45.11 -62.10 -8.33
CA GLU A 189 -44.78 -62.77 -9.58
C GLU A 189 -45.92 -63.65 -10.07
N GLN A 190 -46.58 -64.37 -9.16
CA GLN A 190 -47.73 -65.17 -9.54
C GLN A 190 -48.95 -64.31 -9.87
N GLY A 191 -48.93 -63.04 -9.49
CA GLY A 191 -50.00 -62.13 -9.84
C GLY A 191 -51.17 -62.13 -8.88
N ASN A 192 -50.95 -62.40 -7.60
CA ASN A 192 -52.00 -62.39 -6.59
C ASN A 192 -51.49 -61.73 -5.31
N PRO A 193 -51.33 -60.41 -5.33
CA PRO A 193 -50.98 -59.71 -4.09
C PRO A 193 -52.16 -59.69 -3.13
N ILE A 194 -51.84 -59.76 -1.84
CA ILE A 194 -52.89 -59.82 -0.82
C ILE A 194 -53.66 -58.49 -0.77
N SER A 195 -52.95 -57.40 -0.55
CA SER A 195 -53.57 -56.08 -0.47
C SER A 195 -52.54 -55.03 -0.85
N VAL A 196 -52.85 -53.76 -0.58
CA VAL A 196 -51.89 -52.70 -0.86
C VAL A 196 -50.72 -52.77 0.12
N LEU A 197 -50.95 -53.29 1.32
CA LEU A 197 -49.90 -53.42 2.31
C LEU A 197 -49.01 -54.64 2.08
N ASP A 198 -49.23 -55.40 1.01
CA ASP A 198 -48.39 -56.55 0.71
C ASP A 198 -47.02 -56.07 0.23
N GLY A 199 -45.98 -56.40 1.01
CA GLY A 199 -44.63 -55.97 0.71
C GLY A 199 -44.18 -54.72 1.43
N ILE A 200 -45.04 -54.10 2.23
CA ILE A 200 -44.71 -52.88 2.96
C ILE A 200 -44.04 -53.26 4.27
N PHE A 201 -42.93 -52.59 4.58
CA PHE A 201 -42.17 -52.87 5.79
C PHE A 201 -42.65 -51.96 6.92
N VAL A 202 -43.03 -52.56 8.03
CA VAL A 202 -43.48 -51.84 9.22
C VAL A 202 -42.67 -52.33 10.42
N THR A 203 -42.49 -51.45 11.40
CA THR A 203 -41.70 -51.74 12.58
C THR A 203 -42.59 -51.71 13.81
N ILE A 204 -42.56 -52.78 14.58
CA ILE A 204 -43.38 -52.92 15.78
C ILE A 204 -42.59 -52.45 16.98
N LYS A 205 -43.24 -51.72 17.88
CA LYS A 205 -42.61 -51.32 19.13
C LYS A 205 -42.37 -52.53 20.01
N ASP A 206 -41.34 -52.44 20.86
CA ASP A 206 -40.91 -53.59 21.64
C ASP A 206 -41.90 -54.00 22.73
N ASP A 207 -42.92 -53.20 23.00
CA ASP A 207 -43.92 -53.54 24.02
C ASP A 207 -45.16 -54.19 23.43
N ILE A 208 -45.17 -54.48 22.12
CA ILE A 208 -46.27 -55.16 21.45
C ILE A 208 -45.77 -56.52 20.99
N ASP A 209 -46.56 -57.56 21.26
CA ASP A 209 -46.14 -58.91 20.90
C ASP A 209 -46.09 -59.10 19.40
N CYS A 210 -45.03 -59.75 18.93
CA CYS A 210 -44.85 -59.99 17.50
C CYS A 210 -43.88 -61.16 17.33
N LEU A 211 -44.41 -62.31 16.90
CA LEU A 211 -43.58 -63.50 16.68
C LEU A 211 -42.59 -63.29 15.53
N PRO A 212 -41.41 -63.94 15.62
CA PRO A 212 -41.00 -64.82 16.72
C PRO A 212 -40.25 -64.07 17.83
N HIS A 213 -40.06 -62.77 17.66
CA HIS A 213 -39.28 -62.01 18.62
C HIS A 213 -40.03 -61.91 19.95
N PRO A 214 -39.31 -61.95 21.07
CA PRO A 214 -39.96 -61.76 22.37
C PRO A 214 -40.25 -60.29 22.64
N THR A 215 -40.99 -60.06 23.72
CA THR A 215 -41.39 -58.72 24.13
C THR A 215 -40.63 -58.35 25.39
N ASN A 216 -39.66 -57.44 25.25
CA ASN A 216 -38.86 -56.99 26.38
C ASN A 216 -39.32 -55.65 26.95
N GLY A 217 -39.99 -54.83 26.14
CA GLY A 217 -40.44 -53.53 26.62
C GLY A 217 -39.31 -52.59 26.97
N GLY A 218 -38.16 -52.72 26.32
CA GLY A 218 -37.01 -51.90 26.61
C GLY A 218 -36.12 -52.43 27.72
N THR A 219 -36.55 -53.46 28.44
CA THR A 219 -35.74 -54.05 29.50
C THR A 219 -34.84 -55.14 28.92
N THR A 220 -34.05 -55.75 29.80
CA THR A 220 -33.15 -56.83 29.42
C THR A 220 -33.53 -58.15 30.08
N TRP A 221 -34.74 -58.24 30.61
CA TRP A 221 -35.13 -59.43 31.36
C TRP A 221 -36.60 -59.78 31.24
N LEU A 222 -37.42 -58.99 30.55
CA LEU A 222 -38.86 -59.26 30.52
C LEU A 222 -39.17 -60.55 29.79
N HIS A 223 -38.34 -60.94 28.83
CA HIS A 223 -38.56 -62.20 28.12
C HIS A 223 -38.34 -63.42 28.99
N GLU A 224 -37.73 -63.26 30.16
CA GLU A 224 -37.50 -64.39 31.05
C GLU A 224 -38.75 -64.74 31.85
N ASP A 225 -39.62 -63.76 32.11
CA ASP A 225 -40.83 -63.99 32.89
C ASP A 225 -42.12 -63.84 32.11
N ARG A 226 -42.08 -63.22 30.93
CA ARG A 226 -43.27 -63.04 30.10
C ARG A 226 -42.92 -63.48 28.67
N SER A 227 -43.28 -64.70 28.34
CA SER A 227 -42.98 -65.26 27.02
C SER A 227 -44.15 -65.04 26.07
N VAL A 228 -43.84 -64.60 24.85
CA VAL A 228 -44.86 -64.34 23.85
C VAL A 228 -45.31 -65.67 23.25
N GLU A 229 -46.63 -65.85 23.16
CA GLU A 229 -47.22 -67.08 22.64
C GLU A 229 -47.65 -66.93 21.19
N LYS A 230 -48.52 -65.96 20.90
CA LYS A 230 -49.02 -65.71 19.56
C LYS A 230 -48.92 -64.23 19.24
N ASP A 231 -49.19 -63.90 17.98
CA ASP A 231 -49.15 -62.49 17.55
C ASP A 231 -50.21 -61.68 18.26
N SER A 232 -49.93 -60.39 18.43
CA SER A 232 -50.89 -59.48 19.01
C SER A 232 -52.02 -59.20 18.02
N ALA A 233 -53.06 -58.50 18.51
CA ALA A 233 -54.21 -58.22 17.67
C ALA A 233 -53.84 -57.28 16.53
N VAL A 234 -52.95 -56.32 16.78
CA VAL A 234 -52.61 -55.37 15.73
C VAL A 234 -51.61 -55.96 14.75
N VAL A 235 -50.73 -56.84 15.21
CA VAL A 235 -49.73 -57.42 14.31
C VAL A 235 -50.36 -58.52 13.46
N SER A 236 -51.27 -59.30 14.04
CA SER A 236 -51.93 -60.36 13.29
C SER A 236 -52.75 -59.77 12.14
N LYS A 237 -53.36 -58.60 12.36
CA LYS A 237 -54.08 -57.92 11.29
C LYS A 237 -53.10 -57.43 10.22
N LEU A 238 -52.01 -56.80 10.65
CA LEU A 238 -51.01 -56.35 9.67
C LEU A 238 -50.39 -57.51 8.93
N ARG A 239 -50.17 -58.64 9.62
CA ARG A 239 -49.54 -59.78 8.97
C ARG A 239 -50.47 -60.43 7.96
N SER A 240 -51.79 -60.37 8.19
CA SER A 240 -52.75 -60.97 7.27
C SER A 240 -52.91 -60.15 5.99
N CYS A 241 -52.47 -58.90 5.98
CA CYS A 241 -52.52 -58.07 4.79
C CYS A 241 -51.28 -58.22 3.92
N GLY A 242 -50.34 -59.08 4.31
CA GLY A 242 -49.11 -59.24 3.57
C GLY A 242 -47.99 -58.30 3.95
N ALA A 243 -48.11 -57.61 5.08
CA ALA A 243 -47.06 -56.71 5.52
C ALA A 243 -45.84 -57.51 5.98
N ILE A 244 -44.68 -56.84 5.99
CA ILE A 244 -43.43 -57.45 6.37
C ILE A 244 -42.97 -56.81 7.67
N LEU A 245 -43.05 -57.56 8.76
CA LEU A 245 -42.59 -57.08 10.05
C LEU A 245 -41.06 -57.00 10.05
N LEU A 246 -40.52 -55.79 10.21
CA LEU A 246 -39.08 -55.60 10.16
C LEU A 246 -38.41 -56.02 11.47
N GLY A 247 -39.05 -55.76 12.60
CA GLY A 247 -38.48 -56.14 13.87
C GLY A 247 -39.02 -55.26 14.99
N LYS A 248 -38.51 -55.52 16.19
CA LYS A 248 -38.91 -54.79 17.38
C LYS A 248 -38.07 -53.52 17.53
N ALA A 249 -38.75 -52.43 17.89
CA ALA A 249 -38.13 -51.11 17.90
C ALA A 249 -37.60 -50.75 19.29
N ASN A 250 -36.56 -49.93 19.30
CA ASN A 250 -36.04 -49.38 20.54
C ASN A 250 -37.08 -48.45 21.17
N MET A 251 -37.09 -48.43 22.50
CA MET A 251 -38.05 -47.62 23.23
C MET A 251 -37.46 -47.22 24.58
N HIS A 252 -38.03 -46.17 25.16
CA HIS A 252 -37.73 -45.85 26.55
C HIS A 252 -38.25 -46.97 27.44
N GLU A 253 -37.44 -47.35 28.42
CA GLU A 253 -37.69 -48.55 29.20
C GLU A 253 -39.08 -48.55 29.83
N LEU A 254 -39.93 -49.48 29.38
CA LEU A 254 -41.29 -49.67 29.91
C LEU A 254 -42.16 -48.43 29.73
N GLY A 255 -41.81 -47.55 28.81
CA GLY A 255 -42.59 -46.35 28.57
C GLY A 255 -42.57 -45.33 29.69
N MET A 256 -41.60 -45.42 30.60
CA MET A 256 -41.50 -44.49 31.72
C MET A 256 -40.52 -43.37 31.36
N GLY A 257 -40.96 -42.51 30.45
CA GLY A 257 -40.13 -41.42 29.99
C GLY A 257 -40.54 -40.92 28.62
N THR A 258 -40.26 -39.65 28.34
CA THR A 258 -40.64 -39.02 27.08
C THR A 258 -39.43 -38.49 26.32
N THR A 259 -38.29 -39.15 26.47
CA THR A 259 -37.07 -38.75 25.79
C THR A 259 -36.46 -39.82 24.90
N GLY A 260 -36.70 -41.09 25.19
CA GLY A 260 -36.07 -42.17 24.45
C GLY A 260 -34.76 -42.64 25.02
N ASN A 261 -34.43 -42.25 26.26
CA ASN A 261 -33.18 -42.67 26.89
C ASN A 261 -33.30 -44.12 27.32
N ASN A 262 -32.42 -44.97 26.77
CA ASN A 262 -32.36 -46.38 27.14
C ASN A 262 -30.91 -46.71 27.47
N SER A 263 -30.60 -46.85 28.76
CA SER A 263 -29.25 -47.12 29.22
C SER A 263 -28.86 -48.59 29.08
N ASN A 264 -29.74 -49.43 28.55
CA ASN A 264 -29.46 -50.85 28.37
C ASN A 264 -29.19 -51.25 26.93
N TYR A 265 -29.82 -50.58 25.96
CA TYR A 265 -29.58 -50.84 24.56
C TYR A 265 -28.97 -49.65 23.83
N GLY A 266 -28.97 -48.47 24.43
CA GLY A 266 -28.53 -47.26 23.77
C GLY A 266 -29.68 -46.31 23.52
N THR A 267 -29.33 -45.03 23.34
CA THR A 267 -30.32 -43.99 23.08
C THR A 267 -30.40 -43.73 21.58
N THR A 268 -31.61 -43.90 21.03
CA THR A 268 -31.81 -43.66 19.61
C THR A 268 -31.65 -42.17 19.31
N ARG A 269 -30.98 -41.86 18.21
CA ARG A 269 -30.66 -40.48 17.86
C ARG A 269 -31.62 -39.94 16.81
N ASN A 270 -31.93 -38.65 16.93
CA ASN A 270 -32.88 -38.01 16.04
C ASN A 270 -32.31 -37.95 14.62
N PRO A 271 -33.05 -38.41 13.62
CA PRO A 271 -32.53 -38.35 12.25
C PRO A 271 -32.23 -36.94 11.77
N HIS A 272 -32.93 -35.93 12.31
CA HIS A 272 -32.68 -34.55 11.89
C HIS A 272 -31.42 -33.99 12.54
N ASP A 273 -31.03 -34.51 13.71
CA ASP A 273 -29.82 -34.07 14.38
C ASP A 273 -29.38 -35.17 15.36
N PRO A 274 -28.29 -35.88 15.05
CA PRO A 274 -27.92 -37.05 15.87
C PRO A 274 -27.58 -36.70 17.31
N LYS A 275 -27.24 -35.45 17.62
CA LYS A 275 -26.91 -35.03 18.97
C LYS A 275 -28.13 -34.63 19.78
N ARG A 276 -29.34 -34.95 19.31
CA ARG A 276 -30.56 -34.55 19.98
C ARG A 276 -31.47 -35.77 20.16
N TYR A 277 -32.36 -35.67 21.14
CA TYR A 277 -33.26 -36.77 21.46
C TYR A 277 -34.27 -37.02 20.34
N THR A 278 -34.89 -38.19 20.39
CA THR A 278 -35.94 -38.55 19.45
C THR A 278 -37.33 -38.28 20.01
N GLY A 279 -37.49 -38.35 21.33
CA GLY A 279 -38.81 -38.29 21.94
C GLY A 279 -39.24 -39.67 22.40
N GLY A 280 -39.94 -39.72 23.53
CA GLY A 280 -40.35 -41.00 24.08
C GLY A 280 -41.85 -41.23 24.02
N SER A 281 -42.26 -42.48 24.18
CA SER A 281 -41.33 -43.58 24.40
C SER A 281 -40.97 -44.30 23.11
N SER A 282 -41.82 -44.16 22.10
CA SER A 282 -41.57 -44.79 20.80
C SER A 282 -40.39 -44.12 20.11
N SER A 283 -39.20 -44.23 20.69
CA SER A 283 -38.03 -43.56 20.14
C SER A 283 -37.58 -44.22 18.83
N GLY A 284 -37.39 -45.54 18.85
CA GLY A 284 -36.93 -46.22 17.66
C GLY A 284 -37.96 -46.22 16.55
N SER A 285 -39.24 -46.37 16.91
CA SER A 285 -40.29 -46.38 15.90
C SER A 285 -40.32 -45.08 15.12
N ALA A 286 -40.16 -43.95 15.81
CA ALA A 286 -40.21 -42.65 15.15
C ALA A 286 -38.97 -42.41 14.31
N ALA A 287 -37.81 -42.86 14.80
CA ALA A 287 -36.56 -42.58 14.10
C ALA A 287 -36.42 -43.43 12.85
N ILE A 288 -36.82 -44.70 12.92
CA ILE A 288 -36.69 -45.57 11.75
C ILE A 288 -37.63 -45.13 10.64
N VAL A 289 -38.76 -44.51 10.99
CA VAL A 289 -39.68 -44.01 9.99
C VAL A 289 -39.20 -42.67 9.44
N ALA A 290 -38.73 -41.78 10.32
CA ALA A 290 -38.20 -40.50 9.86
C ALA A 290 -36.99 -40.69 8.95
N ALA A 291 -36.14 -41.67 9.28
CA ALA A 291 -34.99 -41.97 8.43
C ALA A 291 -35.38 -42.60 7.11
N GLY A 292 -36.62 -43.08 6.98
CA GLY A 292 -37.12 -43.62 5.74
C GLY A 292 -36.82 -45.07 5.50
N LEU A 293 -36.31 -45.80 6.50
CA LEU A 293 -36.01 -47.22 6.31
C LEU A 293 -37.27 -48.03 6.07
N CYS A 294 -38.34 -47.74 6.80
CA CYS A 294 -39.63 -48.39 6.60
C CYS A 294 -40.68 -47.33 6.31
N SER A 295 -41.89 -47.79 5.95
CA SER A 295 -42.97 -46.89 5.57
C SER A 295 -43.78 -46.41 6.77
N ALA A 296 -44.07 -47.30 7.72
CA ALA A 296 -44.84 -46.94 8.90
C ALA A 296 -44.35 -47.78 10.07
N ALA A 297 -44.93 -47.52 11.24
CA ALA A 297 -44.56 -48.24 12.45
C ALA A 297 -45.70 -48.13 13.45
N LEU A 298 -45.84 -49.16 14.27
CA LEU A 298 -46.84 -49.20 15.33
C LEU A 298 -46.21 -48.85 16.67
N GLY A 299 -46.88 -48.00 17.44
CA GLY A 299 -46.41 -47.62 18.75
C GLY A 299 -47.57 -47.47 19.72
N THR A 300 -47.22 -47.21 20.97
CA THR A 300 -48.22 -46.99 22.02
C THR A 300 -48.23 -45.53 22.43
N ASP A 301 -49.32 -45.12 23.07
CA ASP A 301 -49.51 -43.74 23.49
C ASP A 301 -50.42 -43.74 24.72
N GLY A 302 -49.80 -43.74 25.89
CA GLY A 302 -50.54 -43.62 27.14
C GLY A 302 -50.28 -42.28 27.80
N GLY A 303 -49.45 -41.45 27.16
CA GLY A 303 -49.10 -40.15 27.67
C GLY A 303 -48.40 -39.31 26.63
N GLY A 304 -48.55 -39.69 25.36
CA GLY A 304 -47.95 -38.97 24.26
C GLY A 304 -46.84 -39.69 23.54
N SER A 305 -46.64 -40.98 23.80
CA SER A 305 -45.54 -41.73 23.21
C SER A 305 -45.67 -41.93 21.70
N VAL A 306 -46.76 -41.50 21.09
CA VAL A 306 -46.90 -41.52 19.64
C VAL A 306 -46.73 -40.13 19.04
N ARG A 307 -47.35 -39.12 19.65
CA ARG A 307 -47.31 -37.77 19.10
C ARG A 307 -46.02 -37.05 19.45
N ILE A 308 -45.50 -37.25 20.67
CA ILE A 308 -44.27 -36.56 21.08
C ILE A 308 -43.09 -36.91 20.18
N PRO A 309 -42.74 -38.18 19.96
CA PRO A 309 -41.62 -38.47 19.06
C PRO A 309 -41.94 -38.21 17.60
N SER A 310 -43.23 -38.02 17.26
CA SER A 310 -43.58 -37.70 15.88
C SER A 310 -43.35 -36.22 15.59
N ALA A 311 -43.67 -35.35 16.56
CA ALA A 311 -43.46 -33.92 16.36
C ALA A 311 -41.98 -33.58 16.35
N LEU A 312 -41.18 -34.27 17.19
CA LEU A 312 -39.76 -33.98 17.29
C LEU A 312 -38.97 -34.51 16.11
N CYS A 313 -39.46 -35.56 15.45
CA CYS A 313 -38.78 -36.17 14.32
C CYS A 313 -39.38 -35.75 12.98
N GLY A 314 -40.54 -35.10 12.97
CA GLY A 314 -41.12 -34.62 11.73
C GLY A 314 -41.85 -35.68 10.94
N ILE A 315 -42.70 -36.44 11.62
CA ILE A 315 -43.53 -37.44 10.96
C ILE A 315 -44.97 -37.29 11.47
N THR A 316 -45.84 -38.21 11.06
CA THR A 316 -47.24 -38.19 11.43
C THR A 316 -47.53 -39.31 12.41
N GLY A 317 -48.12 -38.97 13.55
CA GLY A 317 -48.50 -39.95 14.54
C GLY A 317 -49.98 -39.90 14.86
N LEU A 318 -50.68 -41.02 14.72
CA LEU A 318 -52.12 -41.08 14.93
C LEU A 318 -52.42 -41.73 16.28
N LYS A 319 -53.12 -41.02 17.14
CA LYS A 319 -53.56 -41.52 18.44
C LYS A 319 -55.05 -41.79 18.34
N THR A 320 -55.42 -43.06 18.25
CA THR A 320 -56.82 -43.44 18.08
C THR A 320 -57.60 -43.24 19.38
N THR A 321 -58.92 -43.32 19.27
CA THR A 321 -59.78 -43.25 20.44
C THR A 321 -59.53 -44.45 21.35
N TYR A 322 -59.71 -44.25 22.65
CA TYR A 322 -59.55 -45.33 23.61
C TYR A 322 -60.47 -46.49 23.28
N GLY A 323 -59.91 -47.62 22.89
CA GLY A 323 -60.67 -48.79 22.52
C GLY A 323 -60.88 -48.97 21.03
N ARG A 324 -60.47 -48.01 20.21
CA ARG A 324 -60.65 -48.14 18.76
C ARG A 324 -59.80 -49.28 18.21
N THR A 325 -58.58 -49.43 18.69
CA THR A 325 -57.66 -50.45 18.21
C THR A 325 -57.43 -51.48 19.31
N ASP A 326 -57.52 -52.76 18.95
CA ASP A 326 -57.42 -53.83 19.93
C ASP A 326 -56.00 -53.92 20.48
N MET A 327 -55.88 -53.91 21.80
CA MET A 327 -54.58 -53.93 22.48
C MET A 327 -54.20 -55.30 23.01
N THR A 328 -54.91 -56.35 22.61
CA THR A 328 -54.60 -57.69 23.11
C THR A 328 -53.24 -58.13 22.60
N GLY A 329 -52.33 -58.44 23.52
CA GLY A 329 -50.99 -58.84 23.15
C GLY A 329 -49.98 -57.72 23.26
N SER A 330 -50.06 -56.93 24.33
CA SER A 330 -49.13 -55.84 24.54
C SER A 330 -48.95 -55.64 26.05
N LEU A 331 -47.93 -54.87 26.41
CA LEU A 331 -47.62 -54.63 27.81
C LEU A 331 -48.57 -53.64 28.48
N CYS A 332 -49.36 -52.91 27.71
CA CYS A 332 -50.23 -51.86 28.25
C CYS A 332 -51.71 -52.21 28.11
N GLU A 333 -52.04 -53.46 27.84
CA GLU A 333 -53.44 -53.86 27.83
C GLU A 333 -54.00 -53.86 29.25
N GLY A 334 -55.26 -53.47 29.38
CA GLY A 334 -55.87 -53.31 30.67
C GLY A 334 -55.72 -51.94 31.29
N GLY A 335 -54.95 -51.05 30.67
CA GLY A 335 -54.81 -49.70 31.16
C GLY A 335 -56.08 -48.88 30.92
N THR A 336 -55.92 -47.57 31.11
CA THR A 336 -57.04 -46.65 30.92
C THR A 336 -56.64 -45.41 30.11
N VAL A 337 -55.45 -45.40 29.51
CA VAL A 337 -54.98 -44.23 28.78
C VAL A 337 -54.24 -44.66 27.52
N GLU A 338 -53.79 -45.91 27.47
CA GLU A 338 -52.95 -46.38 26.38
C GLU A 338 -53.78 -46.88 25.21
N ILE A 339 -53.22 -46.76 24.01
CA ILE A 339 -53.79 -47.30 22.78
C ILE A 339 -52.65 -47.68 21.85
N ILE A 340 -52.98 -48.31 20.73
CA ILE A 340 -52.00 -48.68 19.70
C ILE A 340 -52.22 -47.76 18.51
N GLY A 341 -51.23 -46.91 18.23
CA GLY A 341 -51.32 -45.97 17.14
C GLY A 341 -50.19 -46.09 16.16
N PRO A 342 -50.44 -45.74 14.90
CA PRO A 342 -49.39 -45.80 13.88
C PRO A 342 -48.57 -44.51 13.80
N LEU A 343 -47.32 -44.70 13.38
CA LEU A 343 -46.38 -43.60 13.13
C LEU A 343 -45.88 -43.75 11.71
N ALA A 344 -46.29 -42.83 10.83
CA ALA A 344 -45.94 -42.91 9.43
C ALA A 344 -45.29 -41.62 8.97
N SER A 345 -44.65 -41.68 7.80
CA SER A 345 -43.97 -40.52 7.26
C SER A 345 -44.96 -39.48 6.74
N SER A 346 -46.04 -39.93 6.10
CA SER A 346 -47.05 -39.05 5.53
C SER A 346 -48.42 -39.44 6.07
N LEU A 347 -49.40 -38.56 5.85
CA LEU A 347 -50.76 -38.83 6.30
C LEU A 347 -51.37 -40.01 5.56
N GLU A 348 -51.05 -40.14 4.28
CA GLU A 348 -51.61 -41.23 3.48
C GLU A 348 -51.21 -42.60 4.02
N ASP A 349 -49.96 -42.73 4.48
CA ASP A 349 -49.48 -44.01 4.99
C ASP A 349 -50.10 -44.32 6.35
N ALA A 350 -50.26 -43.31 7.20
CA ALA A 350 -50.85 -43.54 8.51
C ALA A 350 -52.33 -43.90 8.40
N PHE A 351 -53.02 -43.36 7.40
CA PHE A 351 -54.43 -43.68 7.22
C PHE A 351 -54.61 -45.13 6.79
N LEU A 352 -53.74 -45.63 5.92
CA LEU A 352 -53.83 -47.01 5.48
C LEU A 352 -53.60 -47.98 6.64
N VAL A 353 -52.57 -47.73 7.45
CA VAL A 353 -52.29 -48.60 8.58
C VAL A 353 -53.43 -48.56 9.59
N TYR A 354 -54.00 -47.37 9.82
CA TYR A 354 -55.15 -47.27 10.72
C TYR A 354 -56.29 -48.15 10.23
N ALA A 355 -56.55 -48.13 8.91
CA ALA A 355 -57.63 -48.96 8.36
C ALA A 355 -57.35 -50.44 8.54
N ALA A 356 -56.07 -50.82 8.60
CA ALA A 356 -55.72 -52.23 8.71
C ALA A 356 -55.82 -52.75 10.14
N ILE A 357 -55.43 -51.93 11.11
CA ILE A 357 -55.30 -52.40 12.49
C ILE A 357 -56.51 -52.10 13.36
N LEU A 358 -57.43 -51.26 12.90
CA LEU A 358 -58.53 -50.85 13.76
C LEU A 358 -59.46 -52.03 14.06
N GLY A 359 -60.34 -51.84 15.03
CA GLY A 359 -61.23 -52.90 15.46
C GLY A 359 -61.19 -53.11 16.96
N SER A 360 -62.25 -52.73 17.66
CA SER A 360 -62.29 -52.86 19.10
C SER A 360 -62.28 -54.33 19.51
N SER A 361 -61.77 -54.59 20.72
CA SER A 361 -61.78 -55.95 21.25
C SER A 361 -63.21 -56.37 21.57
N SER A 362 -63.38 -57.68 21.76
CA SER A 362 -64.70 -58.20 22.09
C SER A 362 -65.18 -57.68 23.44
N ALA A 363 -64.27 -57.39 24.36
CA ALA A 363 -64.65 -56.88 25.66
C ALA A 363 -65.04 -55.40 25.58
N ASP A 364 -64.19 -54.57 24.97
CA ASP A 364 -64.46 -53.15 24.88
C ASP A 364 -65.65 -52.84 23.98
N ARG A 365 -66.00 -53.75 23.07
CA ARG A 365 -67.18 -53.55 22.22
C ARG A 365 -68.45 -53.49 23.07
N TYR A 366 -68.51 -54.29 24.13
CA TYR A 366 -69.69 -54.36 24.99
C TYR A 366 -69.65 -53.35 26.14
N ASN A 367 -68.49 -52.75 26.41
CA ASN A 367 -68.36 -51.79 27.49
C ASN A 367 -68.30 -50.35 27.02
N LEU A 368 -67.55 -50.08 25.95
CA LEU A 368 -67.44 -48.73 25.42
C LEU A 368 -68.45 -48.42 24.32
N LYS A 369 -69.00 -49.45 23.66
CA LYS A 369 -69.97 -49.31 22.59
C LYS A 369 -69.49 -48.31 21.55
N PRO A 370 -68.46 -48.62 20.78
CA PRO A 370 -67.93 -47.66 19.81
C PRO A 370 -68.83 -47.52 18.59
N SER A 371 -68.76 -46.34 17.98
CA SER A 371 -69.43 -46.13 16.72
C SER A 371 -68.69 -46.87 15.61
N PRO A 372 -69.37 -47.22 14.52
CA PRO A 372 -68.71 -47.88 13.40
C PRO A 372 -67.58 -47.03 12.86
N PRO A 373 -66.49 -47.64 12.41
CA PRO A 373 -65.36 -46.87 11.91
C PRO A 373 -65.72 -46.08 10.66
N CYS A 374 -65.05 -44.95 10.47
CA CYS A 374 -65.30 -44.05 9.36
C CYS A 374 -63.98 -43.69 8.69
N PHE A 375 -64.01 -43.62 7.36
CA PHE A 375 -62.85 -43.21 6.58
C PHE A 375 -63.14 -41.86 5.94
N PRO A 376 -62.30 -40.85 6.15
CA PRO A 376 -62.57 -39.53 5.58
C PRO A 376 -62.33 -39.54 4.07
N LYS A 377 -63.27 -38.95 3.33
CA LYS A 377 -63.12 -38.79 1.90
C LYS A 377 -62.06 -37.74 1.60
N LEU A 378 -60.80 -38.16 1.51
CA LEU A 378 -59.69 -37.23 1.37
C LEU A 378 -59.65 -36.52 0.02
N LEU A 379 -60.49 -36.94 -0.93
CA LEU A 379 -60.56 -36.31 -2.24
C LEU A 379 -62.02 -36.08 -2.60
N SER A 380 -62.33 -34.86 -3.05
CA SER A 380 -63.69 -34.51 -3.42
C SER A 380 -63.66 -33.22 -4.23
N HIS A 381 -64.16 -33.27 -5.47
CA HIS A 381 -64.18 -32.08 -6.31
C HIS A 381 -65.27 -31.10 -5.89
N ASN A 382 -66.27 -31.55 -5.13
CA ASN A 382 -67.30 -30.66 -4.64
C ASN A 382 -66.71 -29.67 -3.63
N GLY A 383 -67.52 -28.69 -3.26
CA GLY A 383 -67.05 -27.68 -2.32
C GLY A 383 -66.68 -28.29 -0.98
N SER A 384 -65.79 -27.58 -0.28
CA SER A 384 -65.33 -28.03 1.04
C SER A 384 -66.51 -28.17 1.99
N ASN A 385 -67.17 -29.32 1.96
CA ASN A 385 -68.38 -29.52 2.75
C ASN A 385 -68.06 -29.53 4.25
N ALA A 386 -67.09 -30.34 4.65
CA ALA A 386 -66.76 -30.49 6.06
C ALA A 386 -65.57 -29.66 6.51
N ILE A 387 -64.58 -29.47 5.64
CA ILE A 387 -63.35 -28.78 6.05
C ILE A 387 -63.63 -27.35 6.46
N GLY A 388 -64.45 -26.63 5.67
CA GLY A 388 -64.70 -25.24 5.96
C GLY A 388 -65.63 -25.02 7.14
N SER A 389 -66.53 -25.97 7.39
CA SER A 389 -67.54 -25.83 8.45
C SER A 389 -67.07 -26.37 9.79
N LEU A 390 -65.76 -26.40 10.03
CA LEU A 390 -65.21 -26.88 11.29
C LEU A 390 -64.85 -25.71 12.19
N ARG A 391 -65.18 -25.82 13.47
CA ARG A 391 -64.78 -24.86 14.48
C ARG A 391 -63.53 -25.38 15.19
N LEU A 392 -62.44 -24.62 15.09
CA LEU A 392 -61.16 -25.02 15.67
C LEU A 392 -61.02 -24.34 17.03
N GLY A 393 -61.20 -25.11 18.10
CA GLY A 393 -61.04 -24.56 19.44
C GLY A 393 -59.58 -24.29 19.74
N LYS A 394 -59.33 -23.15 20.40
CA LYS A 394 -57.98 -22.71 20.70
C LYS A 394 -57.94 -21.99 22.03
N TYR A 395 -57.04 -22.40 22.91
CA TYR A 395 -56.82 -21.74 24.20
C TYR A 395 -55.54 -20.91 24.05
N THR A 396 -55.72 -19.61 23.82
CA THR A 396 -54.59 -18.74 23.46
C THR A 396 -53.53 -18.72 24.56
N LYS A 397 -53.96 -18.53 25.81
CA LYS A 397 -53.00 -18.54 26.92
C LYS A 397 -52.29 -19.88 27.04
N TRP A 398 -52.98 -20.97 26.70
CA TRP A 398 -52.35 -22.29 26.66
C TRP A 398 -51.61 -22.51 25.35
N PHE A 399 -52.00 -21.81 24.28
CA PHE A 399 -51.39 -22.03 22.98
C PHE A 399 -49.99 -21.48 22.93
N ASN A 400 -49.75 -20.34 23.58
CA ASN A 400 -48.47 -19.64 23.50
C ASN A 400 -47.51 -19.98 24.63
N ASP A 401 -47.95 -20.75 25.63
CA ASP A 401 -47.09 -21.14 26.75
C ASP A 401 -46.15 -22.25 26.28
N VAL A 402 -45.13 -21.84 25.53
CA VAL A 402 -44.13 -22.75 24.99
C VAL A 402 -42.76 -22.14 25.19
N SER A 403 -41.76 -23.00 25.31
CA SER A 403 -40.38 -22.56 25.55
C SER A 403 -39.66 -22.23 24.25
N SER A 404 -40.40 -21.82 23.23
CA SER A 404 -39.82 -21.43 21.95
C SER A 404 -40.83 -20.61 21.17
N SER A 405 -40.49 -19.37 20.86
CA SER A 405 -41.41 -18.50 20.13
C SER A 405 -41.60 -18.93 18.68
N ASP A 406 -40.81 -19.89 18.18
CA ASP A 406 -40.95 -20.33 16.81
C ASP A 406 -42.13 -21.27 16.64
N ILE A 407 -42.37 -22.15 17.61
CA ILE A 407 -43.42 -23.16 17.47
C ILE A 407 -44.81 -22.59 17.72
N SER A 408 -44.92 -21.48 18.44
CA SER A 408 -46.24 -20.90 18.69
C SER A 408 -46.73 -20.10 17.48
N ASP A 409 -45.82 -19.56 16.68
CA ASP A 409 -46.21 -18.80 15.50
C ASP A 409 -46.31 -19.66 14.26
N LYS A 410 -45.48 -20.70 14.13
CA LYS A 410 -45.58 -21.59 12.99
C LYS A 410 -46.89 -22.38 13.02
N CYS A 411 -47.40 -22.68 14.22
CA CYS A 411 -48.74 -23.25 14.33
C CYS A 411 -49.81 -22.20 14.09
N GLU A 412 -49.55 -20.95 14.51
CA GLU A 412 -50.49 -19.87 14.26
C GLU A 412 -50.61 -19.56 12.77
N ASP A 413 -49.52 -19.77 12.01
CA ASP A 413 -49.59 -19.55 10.57
C ASP A 413 -50.50 -20.57 9.90
N ILE A 414 -50.51 -21.81 10.40
CA ILE A 414 -51.37 -22.83 9.81
C ILE A 414 -52.83 -22.51 10.07
N LEU A 415 -53.15 -21.97 11.26
CA LEU A 415 -54.53 -21.61 11.56
C LEU A 415 -55.05 -20.53 10.62
N LYS A 416 -54.23 -19.49 10.37
CA LYS A 416 -54.62 -18.48 9.40
C LYS A 416 -54.71 -19.05 7.99
N LEU A 417 -53.81 -19.99 7.67
CA LEU A 417 -53.88 -20.65 6.36
C LEU A 417 -55.12 -21.50 6.24
N LEU A 418 -55.59 -22.09 7.35
CA LEU A 418 -56.81 -22.91 7.30
C LEU A 418 -58.05 -22.04 7.16
N SER A 419 -58.05 -20.84 7.75
CA SER A 419 -59.23 -19.98 7.68
C SER A 419 -59.37 -19.31 6.32
N ASN A 420 -58.27 -18.99 5.66
CA ASN A 420 -58.34 -18.31 4.37
C ASN A 420 -58.52 -19.27 3.21
N ASN A 421 -57.84 -20.42 3.24
CA ASN A 421 -57.91 -21.37 2.14
C ASN A 421 -59.09 -22.33 2.26
N HIS A 422 -59.84 -22.29 3.35
CA HIS A 422 -60.99 -23.17 3.51
C HIS A 422 -62.18 -22.54 4.22
N GLY A 423 -61.99 -21.59 5.12
CA GLY A 423 -63.08 -20.95 5.82
C GLY A 423 -63.33 -21.43 7.23
N CYS A 424 -62.31 -21.96 7.90
CA CYS A 424 -62.49 -22.49 9.24
C CYS A 424 -62.66 -21.35 10.25
N LYS A 425 -63.52 -21.58 11.24
CA LYS A 425 -63.75 -20.63 12.32
C LYS A 425 -62.89 -21.00 13.51
N VAL A 426 -62.01 -20.09 13.92
CA VAL A 426 -61.15 -20.30 15.08
C VAL A 426 -61.86 -19.74 16.30
N VAL A 427 -62.38 -20.62 17.15
CA VAL A 427 -63.15 -20.24 18.32
C VAL A 427 -62.26 -20.31 19.56
N GLU A 428 -62.37 -19.29 20.41
CA GLU A 428 -61.62 -19.25 21.66
C GLU A 428 -62.30 -20.12 22.72
N ILE A 429 -61.54 -20.99 23.36
CA ILE A 429 -62.04 -21.90 24.38
C ILE A 429 -61.18 -21.76 25.63
N VAL A 430 -61.58 -22.45 26.69
CA VAL A 430 -60.83 -22.49 27.94
C VAL A 430 -60.87 -23.91 28.48
N VAL A 431 -59.72 -24.39 28.94
CA VAL A 431 -59.59 -25.74 29.47
C VAL A 431 -59.36 -25.66 30.97
N PRO A 432 -60.40 -25.80 31.79
CA PRO A 432 -60.23 -25.62 33.24
C PRO A 432 -59.43 -26.74 33.88
N GLU A 433 -58.84 -26.42 35.03
CA GLU A 433 -58.16 -27.39 35.89
C GLU A 433 -57.09 -28.18 35.13
N LEU A 434 -56.10 -27.44 34.62
CA LEU A 434 -55.03 -28.06 33.87
C LEU A 434 -54.00 -28.73 34.78
N GLU A 435 -53.80 -28.23 35.99
CA GLU A 435 -52.87 -28.88 36.90
C GLU A 435 -53.46 -30.17 37.47
N GLU A 436 -54.78 -30.23 37.62
CA GLU A 436 -55.40 -31.48 38.07
C GLU A 436 -55.28 -32.57 37.01
N MET A 437 -55.41 -32.20 35.74
CA MET A 437 -55.31 -33.18 34.66
C MET A 437 -53.93 -33.80 34.60
N ARG A 438 -52.88 -33.03 34.94
CA ARG A 438 -51.54 -33.58 34.96
C ARG A 438 -51.33 -34.50 36.16
N ALA A 439 -51.85 -34.11 37.32
CA ALA A 439 -51.70 -34.94 38.51
C ALA A 439 -52.58 -36.18 38.42
N ALA A 440 -53.77 -36.06 37.86
CA ALA A 440 -54.64 -37.23 37.72
C ALA A 440 -54.10 -38.20 36.67
N HIS A 441 -53.34 -37.69 35.69
CA HIS A 441 -52.84 -38.56 34.64
C HIS A 441 -51.64 -39.38 35.12
N VAL A 442 -50.68 -38.73 35.78
CA VAL A 442 -49.43 -39.39 36.15
C VAL A 442 -49.70 -40.58 37.06
N ILE A 443 -50.75 -40.52 37.88
CA ILE A 443 -51.09 -41.67 38.71
C ILE A 443 -51.91 -42.69 37.94
N SER A 444 -52.69 -42.25 36.95
CA SER A 444 -53.50 -43.17 36.16
C SER A 444 -52.68 -43.98 35.18
N ILE A 445 -51.46 -43.54 34.87
CA ILE A 445 -50.61 -44.26 33.92
C ILE A 445 -49.62 -45.13 34.68
N GLY A 446 -49.16 -44.65 35.84
CA GLY A 446 -48.14 -45.37 36.59
C GLY A 446 -48.66 -46.53 37.41
N SER A 447 -49.86 -46.37 37.99
CA SER A 447 -50.42 -47.43 38.82
C SER A 447 -50.64 -48.73 38.07
N PRO A 448 -51.21 -48.75 36.85
CA PRO A 448 -51.29 -50.03 36.13
C PRO A 448 -49.93 -50.57 35.76
N THR A 449 -49.00 -49.71 35.35
CA THR A 449 -47.67 -50.17 34.97
C THR A 449 -46.92 -50.76 36.16
N LEU A 450 -47.00 -50.09 37.32
CA LEU A 450 -46.33 -50.60 38.50
C LEU A 450 -46.97 -51.91 38.97
N SER A 451 -48.29 -52.02 38.87
CA SER A 451 -48.95 -53.25 39.30
C SER A 451 -48.62 -54.41 38.38
N SER A 452 -48.45 -54.15 37.09
CA SER A 452 -48.19 -55.22 36.14
C SER A 452 -46.83 -55.87 36.40
N LEU A 453 -45.84 -55.08 36.79
CA LEU A 453 -44.49 -55.57 37.01
C LEU A 453 -44.17 -55.81 38.48
N THR A 454 -45.15 -55.64 39.38
CA THR A 454 -44.88 -55.80 40.80
C THR A 454 -44.45 -57.21 41.16
N PRO A 455 -45.11 -58.29 40.71
CA PRO A 455 -44.60 -59.63 41.01
C PRO A 455 -43.22 -59.90 40.47
N TYR A 456 -42.81 -59.20 39.40
CA TYR A 456 -41.47 -59.38 38.86
C TYR A 456 -40.43 -58.66 39.71
N CYS A 457 -40.75 -57.45 40.19
CA CYS A 457 -39.78 -56.69 40.97
C CYS A 457 -39.55 -57.30 42.35
N GLU A 458 -40.63 -57.75 43.01
CA GLU A 458 -40.48 -58.37 44.32
C GLU A 458 -39.80 -59.72 44.26
N ALA A 459 -39.67 -60.32 43.08
CA ALA A 459 -38.96 -61.58 42.91
C ALA A 459 -37.47 -61.38 42.69
N GLY A 460 -36.98 -60.15 42.69
CA GLY A 460 -35.57 -59.86 42.56
C GLY A 460 -35.18 -59.15 41.28
N LYS A 461 -36.10 -59.00 40.33
CA LYS A 461 -35.80 -58.37 39.05
C LYS A 461 -35.85 -56.85 39.11
N ASN A 462 -36.02 -56.27 40.29
CA ASN A 462 -36.08 -54.81 40.37
C ASN A 462 -34.71 -54.17 40.16
N SER A 463 -33.64 -54.88 40.53
CA SER A 463 -32.29 -54.34 40.35
C SER A 463 -31.88 -54.30 38.89
N LYS A 464 -32.48 -55.13 38.04
CA LYS A 464 -32.15 -55.17 36.62
C LYS A 464 -32.82 -54.06 35.83
N LEU A 465 -33.61 -53.20 36.48
CA LEU A 465 -34.21 -52.06 35.82
C LEU A 465 -33.23 -50.88 35.80
N SER A 466 -33.42 -50.00 34.82
CA SER A 466 -32.58 -48.81 34.74
C SER A 466 -32.89 -47.86 35.88
N TYR A 467 -31.95 -46.93 36.11
CA TYR A 467 -32.16 -45.94 37.17
C TYR A 467 -33.29 -44.98 36.82
N ASP A 468 -33.56 -44.78 35.53
CA ASP A 468 -34.68 -43.93 35.12
C ASP A 468 -36.02 -44.54 35.53
N THR A 469 -36.16 -45.85 35.37
CA THR A 469 -37.41 -46.51 35.72
C THR A 469 -37.57 -46.63 37.23
N ARG A 470 -36.48 -46.98 37.94
CA ARG A 470 -36.56 -47.15 39.38
C ARG A 470 -36.92 -45.85 40.08
N THR A 471 -36.46 -44.71 39.54
CA THR A 471 -36.86 -43.42 40.10
C THR A 471 -38.36 -43.21 39.95
N SER A 472 -38.91 -43.52 38.77
CA SER A 472 -40.34 -43.35 38.55
C SER A 472 -41.15 -44.33 39.39
N PHE A 473 -40.72 -45.60 39.45
CA PHE A 473 -41.45 -46.58 40.24
C PHE A 473 -41.43 -46.22 41.72
N ALA A 474 -40.36 -45.56 42.18
CA ALA A 474 -40.31 -45.13 43.58
C ALA A 474 -41.39 -44.09 43.86
N ILE A 475 -41.66 -43.21 42.89
CA ILE A 475 -42.72 -42.24 43.07
C ILE A 475 -44.09 -42.90 42.96
N PHE A 476 -44.22 -43.88 42.05
CA PHE A 476 -45.51 -44.53 41.86
C PHE A 476 -45.92 -45.34 43.09
N ARG A 477 -44.95 -45.92 43.81
CA ARG A 477 -45.27 -46.64 45.03
C ARG A 477 -45.81 -45.71 46.11
N SER A 478 -45.55 -44.40 45.99
CA SER A 478 -46.06 -43.45 46.97
C SER A 478 -47.57 -43.24 46.82
N PHE A 479 -48.10 -43.47 45.62
CA PHE A 479 -49.53 -43.28 45.39
C PHE A 479 -50.33 -44.36 46.10
N SER A 480 -51.19 -43.95 47.03
CA SER A 480 -52.03 -44.90 47.74
C SER A 480 -53.28 -45.22 46.93
N ALA A 481 -54.08 -46.16 47.44
CA ALA A 481 -55.34 -46.48 46.78
C ALA A 481 -56.33 -45.32 46.89
N SER A 482 -56.30 -44.60 48.02
CA SER A 482 -57.13 -43.42 48.15
C SER A 482 -56.73 -42.34 47.15
N ASP A 483 -55.45 -42.27 46.81
CA ASP A 483 -55.00 -41.29 45.83
C ASP A 483 -55.53 -41.62 44.43
N TYR A 484 -55.69 -42.90 44.13
CA TYR A 484 -56.18 -43.28 42.81
C TYR A 484 -57.68 -42.99 42.67
N ILE A 485 -58.44 -43.19 43.74
CA ILE A 485 -59.87 -42.88 43.70
C ILE A 485 -60.09 -41.41 43.43
N ALA A 486 -59.35 -40.55 44.14
CA ALA A 486 -59.49 -39.11 43.95
C ALA A 486 -59.08 -38.70 42.54
N ALA A 487 -58.13 -39.41 41.94
CA ALA A 487 -57.71 -39.07 40.59
C ALA A 487 -58.80 -39.42 39.57
N GLN A 488 -59.50 -40.53 39.78
CA GLN A 488 -60.58 -40.89 38.86
C GLN A 488 -61.75 -39.92 38.99
N CYS A 489 -61.96 -39.35 40.17
CA CYS A 489 -62.97 -38.31 40.32
C CYS A 489 -62.56 -37.04 39.60
N LEU A 490 -61.25 -36.78 39.50
CA LEU A 490 -60.79 -35.66 38.69
C LEU A 490 -61.00 -35.93 37.21
N ARG A 491 -60.83 -37.18 36.78
CA ARG A 491 -61.01 -37.51 35.37
C ARG A 491 -62.44 -37.21 34.91
N ARG A 492 -63.42 -37.32 35.82
CA ARG A 492 -64.78 -36.98 35.46
C ARG A 492 -64.93 -35.47 35.24
N ARG A 493 -64.29 -34.68 36.10
CA ARG A 493 -64.36 -33.22 35.95
C ARG A 493 -63.78 -32.79 34.61
N LEU A 494 -62.57 -33.27 34.28
CA LEU A 494 -61.97 -32.93 33.00
C LEU A 494 -62.79 -33.47 31.83
N MET A 495 -63.57 -34.53 32.06
CA MET A 495 -64.45 -35.05 31.01
C MET A 495 -65.63 -34.11 30.78
N GLU A 496 -66.25 -33.64 31.86
CA GLU A 496 -67.40 -32.77 31.72
C GLU A 496 -67.02 -31.41 31.13
N TYR A 497 -65.78 -30.98 31.32
CA TYR A 497 -65.32 -29.74 30.69
C TYR A 497 -65.16 -29.92 29.18
N HIS A 498 -64.42 -30.96 28.77
CA HIS A 498 -64.14 -31.16 27.35
C HIS A 498 -65.41 -31.50 26.57
N LEU A 499 -66.37 -32.19 27.19
CA LEU A 499 -67.62 -32.46 26.51
C LEU A 499 -68.38 -31.16 26.24
N ASN A 500 -68.34 -30.22 27.18
CA ASN A 500 -68.95 -28.91 26.95
C ASN A 500 -68.15 -28.06 25.97
N ILE A 501 -66.89 -28.40 25.72
CA ILE A 501 -66.13 -27.70 24.69
C ILE A 501 -66.46 -28.24 23.31
N PHE A 502 -66.64 -29.55 23.20
CA PHE A 502 -66.94 -30.17 21.91
C PHE A 502 -68.34 -29.85 21.42
N LYS A 503 -69.21 -29.28 22.25
CA LYS A 503 -70.50 -28.80 21.77
C LYS A 503 -70.37 -27.46 21.05
N ASP A 504 -69.30 -26.71 21.32
CA ASP A 504 -69.03 -25.44 20.65
C ASP A 504 -68.07 -25.58 19.47
N VAL A 505 -67.05 -26.43 19.59
CA VAL A 505 -66.07 -26.62 18.54
C VAL A 505 -66.04 -28.10 18.15
N ASP A 506 -65.45 -28.36 16.99
CA ASP A 506 -65.33 -29.72 16.48
C ASP A 506 -64.02 -30.37 16.88
N VAL A 507 -62.92 -29.60 16.88
CA VAL A 507 -61.61 -30.09 17.29
C VAL A 507 -60.99 -29.06 18.24
N ILE A 508 -59.86 -29.45 18.83
CA ILE A 508 -59.07 -28.59 19.71
C ILE A 508 -57.64 -28.62 19.19
N VAL A 509 -57.21 -27.52 18.56
CA VAL A 509 -55.88 -27.46 17.98
C VAL A 509 -54.92 -26.85 19.00
N THR A 510 -53.76 -27.49 19.16
CA THR A 510 -52.68 -27.02 20.03
C THR A 510 -51.37 -27.46 19.41
N PRO A 511 -50.26 -26.80 19.74
CA PRO A 511 -48.95 -27.36 19.39
C PRO A 511 -48.71 -28.65 20.16
N THR A 512 -48.03 -29.59 19.51
CA THR A 512 -47.87 -30.92 20.10
C THR A 512 -46.99 -30.88 21.34
N THR A 513 -45.84 -30.19 21.25
CA THR A 513 -44.92 -30.09 22.36
C THR A 513 -44.58 -28.62 22.60
N GLY A 514 -44.10 -28.34 23.81
CA GLY A 514 -43.69 -27.00 24.20
C GLY A 514 -42.25 -26.65 23.87
N MET A 515 -41.57 -27.47 23.07
CA MET A 515 -40.18 -27.21 22.71
C MET A 515 -39.83 -28.09 21.53
N THR A 516 -38.73 -27.73 20.86
CA THR A 516 -38.24 -28.53 19.74
C THR A 516 -37.47 -29.74 20.28
N ALA A 517 -36.74 -30.41 19.40
CA ALA A 517 -35.98 -31.60 19.80
C ALA A 517 -34.90 -31.21 20.80
N PRO A 518 -34.97 -31.69 22.04
CA PRO A 518 -33.98 -31.28 23.05
C PRO A 518 -32.63 -31.95 22.82
N VAL A 519 -31.60 -31.32 23.39
CA VAL A 519 -30.24 -31.84 23.28
C VAL A 519 -30.00 -32.91 24.33
N ILE A 520 -29.19 -33.90 23.98
CA ILE A 520 -28.86 -34.99 24.88
C ILE A 520 -27.62 -34.60 25.66
N PRO A 521 -27.70 -34.48 27.00
CA PRO A 521 -26.50 -34.24 27.79
C PRO A 521 -25.55 -35.43 27.71
N PRO A 522 -24.27 -35.19 27.45
CA PRO A 522 -23.35 -36.32 27.23
C PRO A 522 -23.16 -37.21 28.46
N ASP A 523 -23.44 -36.70 29.66
CA ASP A 523 -23.27 -37.50 30.86
C ASP A 523 -24.41 -38.49 31.06
N ALA A 524 -25.59 -38.21 30.50
CA ALA A 524 -26.73 -39.10 30.66
C ALA A 524 -26.61 -40.37 29.81
N LEU A 525 -25.68 -40.41 28.87
CA LEU A 525 -25.51 -41.56 27.99
C LEU A 525 -24.84 -42.74 28.66
N LYS A 526 -24.49 -42.63 29.95
CA LYS A 526 -23.80 -43.71 30.64
C LYS A 526 -24.70 -44.55 31.52
N ASN A 527 -25.76 -43.96 32.09
CA ASN A 527 -26.69 -44.76 32.89
C ASN A 527 -28.07 -44.12 33.00
N GLY A 528 -28.44 -43.22 32.09
CA GLY A 528 -29.75 -42.57 32.15
C GLY A 528 -29.67 -41.21 32.80
N GLU A 529 -30.87 -40.69 33.10
CA GLU A 529 -30.99 -39.38 33.74
C GLU A 529 -32.39 -39.24 34.32
N THR A 530 -32.49 -38.48 35.40
CA THR A 530 -33.77 -38.08 35.97
C THR A 530 -33.97 -36.59 35.67
N ASN A 531 -35.00 -36.28 34.89
CA ASN A 531 -35.26 -34.90 34.50
C ASN A 531 -36.77 -34.74 34.35
N ILE A 532 -37.47 -34.85 35.47
CA ILE A 532 -38.93 -34.77 35.47
C ILE A 532 -39.39 -33.42 34.94
N GLN A 533 -38.55 -32.39 35.06
CA GLN A 533 -38.93 -31.08 34.56
C GLN A 533 -39.08 -31.08 33.04
N VAL A 534 -38.12 -31.70 32.34
CA VAL A 534 -38.20 -31.76 30.89
C VAL A 534 -39.13 -32.90 30.44
N THR A 535 -39.17 -34.00 31.18
CA THR A 535 -40.07 -35.09 30.85
C THR A 535 -41.53 -34.62 30.89
N THR A 536 -41.90 -33.85 31.91
CA THR A 536 -43.28 -33.35 32.00
C THR A 536 -43.53 -32.26 30.98
N ASP A 537 -42.53 -31.39 30.74
CA ASP A 537 -42.70 -30.28 29.81
C ASP A 537 -43.04 -30.73 28.40
N LEU A 538 -42.68 -31.97 28.04
CA LEU A 538 -43.02 -32.48 26.72
C LEU A 538 -44.45 -32.99 26.63
N MET A 539 -45.09 -33.23 27.77
CA MET A 539 -46.46 -33.75 27.81
C MET A 539 -47.51 -32.68 28.07
N ARG A 540 -47.11 -31.40 28.09
CA ARG A 540 -48.02 -30.34 28.50
C ARG A 540 -49.15 -30.09 27.50
N PHE A 541 -49.23 -30.85 26.40
CA PHE A 541 -50.30 -30.70 25.44
C PHE A 541 -51.00 -31.99 25.08
N VAL A 542 -50.45 -33.15 25.42
CA VAL A 542 -50.97 -34.44 24.97
C VAL A 542 -51.71 -35.20 26.05
N LEU A 543 -51.66 -34.75 27.30
CA LEU A 543 -52.32 -35.49 28.37
C LEU A 543 -53.84 -35.47 28.26
N ALA A 544 -54.39 -34.55 27.46
CA ALA A 544 -55.84 -34.45 27.33
C ALA A 544 -56.42 -35.67 26.63
N ALA A 545 -55.82 -36.06 25.51
CA ALA A 545 -56.35 -37.18 24.74
C ALA A 545 -56.19 -38.51 25.47
N ASN A 546 -55.15 -38.66 26.29
CA ASN A 546 -54.92 -39.92 26.97
C ASN A 546 -55.87 -40.10 28.15
N LEU A 547 -55.95 -39.11 29.03
CA LEU A 547 -56.76 -39.27 30.24
C LEU A 547 -58.25 -39.37 29.92
N LEU A 548 -58.69 -38.78 28.80
CA LEU A 548 -60.10 -38.78 28.43
C LEU A 548 -60.42 -39.71 27.27
N GLY A 549 -59.44 -40.09 26.46
CA GLY A 549 -59.65 -41.06 25.39
C GLY A 549 -59.93 -40.47 24.02
N PHE A 550 -59.87 -39.15 23.87
CA PHE A 550 -60.19 -38.53 22.59
C PHE A 550 -59.13 -38.86 21.55
N PRO A 551 -59.51 -38.99 20.28
CA PRO A 551 -58.52 -39.24 19.22
C PRO A 551 -57.79 -37.96 18.86
N ALA A 552 -56.47 -38.05 18.74
CA ALA A 552 -55.64 -36.91 18.41
C ALA A 552 -54.61 -37.33 17.36
N ILE A 553 -54.00 -36.34 16.74
CA ILE A 553 -52.98 -36.58 15.71
C ILE A 553 -51.92 -35.51 15.81
N SER A 554 -50.72 -35.84 15.35
CA SER A 554 -49.60 -34.91 15.28
C SER A 554 -49.14 -34.82 13.83
N VAL A 555 -48.98 -33.60 13.34
CA VAL A 555 -48.67 -33.38 11.93
C VAL A 555 -47.56 -32.35 11.83
N PRO A 556 -46.60 -32.52 10.92
CA PRO A 556 -45.56 -31.49 10.73
C PRO A 556 -46.14 -30.24 10.10
N VAL A 557 -45.67 -29.09 10.59
CA VAL A 557 -46.20 -27.80 10.14
C VAL A 557 -45.06 -26.86 9.78
N GLY A 558 -43.83 -27.40 9.72
CA GLY A 558 -42.68 -26.60 9.35
C GLY A 558 -41.52 -26.88 10.28
N TYR A 559 -40.59 -25.93 10.32
CA TYR A 559 -39.38 -26.05 11.11
C TYR A 559 -39.05 -24.72 11.76
N ASP A 560 -38.25 -24.79 12.83
CA ASP A 560 -37.91 -23.59 13.60
C ASP A 560 -36.63 -22.94 13.08
N LYS A 561 -35.88 -22.29 13.97
CA LYS A 561 -34.65 -21.63 13.57
C LYS A 561 -33.59 -22.63 13.13
N GLU A 562 -33.21 -23.55 14.03
CA GLU A 562 -32.14 -24.50 13.76
C GLU A 562 -32.59 -25.71 12.94
N GLY A 563 -33.69 -25.60 12.19
CA GLY A 563 -34.12 -26.69 11.34
C GLY A 563 -34.70 -27.88 12.06
N LEU A 564 -35.26 -27.68 13.26
CA LEU A 564 -35.89 -28.81 13.93
C LEU A 564 -37.39 -28.83 13.64
N PRO A 565 -37.99 -30.02 13.55
CA PRO A 565 -39.41 -30.12 13.20
C PRO A 565 -40.30 -29.51 14.27
N ILE A 566 -41.46 -29.03 13.82
CA ILE A 566 -42.49 -28.45 14.69
C ILE A 566 -43.77 -29.24 14.48
N GLY A 567 -44.42 -29.63 15.57
CA GLY A 567 -45.60 -30.48 15.51
C GLY A 567 -46.86 -29.76 15.97
N LEU A 568 -47.95 -29.98 15.25
CA LEU A 568 -49.27 -29.45 15.60
C LEU A 568 -50.21 -30.61 15.93
N GLN A 569 -50.99 -30.43 17.00
CA GLN A 569 -51.91 -31.47 17.46
C GLN A 569 -53.35 -31.08 17.14
N ILE A 570 -54.14 -32.07 16.76
CA ILE A 570 -55.56 -31.90 16.47
C ILE A 570 -56.31 -32.98 17.22
N MET A 571 -57.03 -32.59 18.29
CA MET A 571 -57.82 -33.52 19.08
C MET A 571 -59.30 -33.25 18.83
N GLY A 572 -60.00 -34.28 18.32
CA GLY A 572 -61.40 -34.16 17.97
C GLY A 572 -62.31 -34.92 18.92
N ARG A 573 -63.59 -34.97 18.52
CA ARG A 573 -64.60 -35.65 19.31
C ARG A 573 -64.29 -37.14 19.39
N PRO A 574 -64.84 -37.84 20.39
CA PRO A 574 -64.64 -39.28 20.48
C PRO A 574 -65.10 -40.01 19.23
N TRP A 575 -64.36 -41.05 18.85
CA TRP A 575 -64.64 -41.90 17.69
C TRP A 575 -64.55 -41.14 16.36
N ALA A 576 -64.12 -39.89 16.39
CA ALA A 576 -64.11 -39.05 15.18
C ALA A 576 -62.71 -38.96 14.59
N GLU A 577 -62.12 -40.14 14.30
CA GLU A 577 -60.82 -40.16 13.65
C GLU A 577 -60.90 -39.58 12.25
N ALA A 578 -62.01 -39.85 11.55
CA ALA A 578 -62.17 -39.34 10.19
C ALA A 578 -62.16 -37.81 10.17
N THR A 579 -62.77 -37.19 11.17
CA THR A 579 -62.74 -35.74 11.27
C THR A 579 -61.31 -35.24 11.50
N VAL A 580 -60.55 -35.93 12.36
CA VAL A 580 -59.19 -35.51 12.64
C VAL A 580 -58.28 -35.81 11.46
N LEU A 581 -58.48 -36.96 10.81
CA LEU A 581 -57.64 -37.32 9.66
C LEU A 581 -57.86 -36.37 8.49
N GLY A 582 -59.11 -36.03 8.20
CA GLY A 582 -59.38 -35.14 7.08
C GLY A 582 -58.80 -33.74 7.30
N LEU A 583 -58.99 -33.20 8.50
CA LEU A 583 -58.41 -31.89 8.81
C LEU A 583 -56.89 -31.94 8.74
N ALA A 584 -56.29 -33.02 9.26
CA ALA A 584 -54.84 -33.15 9.20
C ALA A 584 -54.35 -33.27 7.77
N ALA A 585 -55.15 -33.87 6.89
CA ALA A 585 -54.76 -33.97 5.48
C ALA A 585 -54.69 -32.60 4.83
N ALA A 586 -55.55 -31.67 5.25
CA ALA A 586 -55.47 -30.31 4.70
C ALA A 586 -54.29 -29.56 5.27
N VAL A 587 -53.87 -29.87 6.50
CA VAL A 587 -52.72 -29.22 7.09
C VAL A 587 -51.45 -29.61 6.35
N GLU A 588 -51.32 -30.89 6.00
CA GLU A 588 -50.17 -31.33 5.20
C GLU A 588 -50.21 -30.73 3.80
N GLU A 589 -51.40 -30.41 3.29
CA GLU A 589 -51.48 -29.78 1.98
C GLU A 589 -50.97 -28.35 2.02
N LEU A 590 -51.18 -27.65 3.13
CA LEU A 590 -50.75 -26.26 3.25
C LEU A 590 -49.28 -26.14 3.64
N ALA A 591 -48.75 -27.11 4.36
CA ALA A 591 -47.36 -27.10 4.82
C ALA A 591 -46.78 -28.50 4.69
N PRO A 592 -46.35 -28.87 3.49
CA PRO A 592 -45.78 -30.21 3.28
C PRO A 592 -44.35 -30.30 3.81
N VAL A 593 -43.96 -31.53 4.12
CA VAL A 593 -42.60 -31.80 4.58
C VAL A 593 -41.64 -31.57 3.43
N THR A 594 -40.67 -30.67 3.62
CA THR A 594 -39.74 -30.30 2.57
C THR A 594 -38.28 -30.53 2.91
N LYS A 595 -37.88 -30.36 4.17
CA LYS A 595 -36.48 -30.52 4.55
C LYS A 595 -36.12 -31.99 4.68
N LYS A 596 -35.05 -32.39 4.00
CA LYS A 596 -34.53 -33.75 4.13
C LYS A 596 -33.70 -33.86 5.40
N PRO A 597 -33.95 -34.86 6.26
CA PRO A 597 -33.19 -34.97 7.50
C PRO A 597 -31.75 -35.37 7.24
N ALA A 598 -30.92 -35.19 8.27
CA ALA A 598 -29.50 -35.53 8.15
C ALA A 598 -29.30 -37.02 7.88
N ILE A 599 -29.87 -37.87 8.73
CA ILE A 599 -29.77 -39.31 8.56
C ILE A 599 -30.97 -39.78 7.76
N PHE A 600 -30.80 -39.89 6.44
CA PHE A 600 -31.86 -40.32 5.56
C PHE A 600 -31.33 -41.36 4.59
N TYR A 601 -32.19 -42.29 4.20
CA TYR A 601 -31.85 -43.36 3.28
C TYR A 601 -32.96 -43.50 2.24
N ASP A 602 -32.57 -43.44 0.96
CA ASP A 602 -33.50 -43.65 -0.14
C ASP A 602 -33.44 -45.11 -0.56
N ILE A 603 -34.58 -45.79 -0.51
CA ILE A 603 -34.65 -47.23 -0.76
C ILE A 603 -35.00 -47.55 -2.21
N LEU A 604 -36.06 -46.94 -2.74
CA LEU A 604 -36.55 -47.24 -4.08
C LEU A 604 -35.73 -46.47 -5.11
N ASN A 605 -34.63 -47.08 -5.55
CA ASN A 605 -33.78 -46.50 -6.59
C ASN A 605 -32.83 -47.55 -7.16
N MET B 1 -48.16 -73.54 43.03
CA MET B 1 -47.00 -74.10 43.71
C MET B 1 -46.44 -73.12 44.75
N GLY B 2 -46.35 -71.84 44.37
CA GLY B 2 -45.86 -70.82 45.26
C GLY B 2 -44.38 -70.92 45.58
N LYS B 3 -43.53 -70.58 44.61
CA LYS B 3 -42.09 -70.60 44.82
C LYS B 3 -41.48 -69.21 44.63
N TYR B 4 -41.44 -68.69 43.40
CA TYR B 4 -40.94 -67.34 43.16
C TYR B 4 -42.10 -66.35 43.03
N GLN B 5 -42.82 -66.42 41.91
CA GLN B 5 -44.03 -65.64 41.68
C GLN B 5 -45.14 -66.60 41.30
N VAL B 6 -46.35 -66.26 41.69
CA VAL B 6 -47.51 -67.10 41.40
C VAL B 6 -48.17 -66.63 40.11
N MET B 7 -48.65 -67.59 39.31
CA MET B 7 -49.28 -67.33 38.03
C MET B 7 -50.70 -67.88 38.05
N LYS B 8 -51.62 -67.16 37.43
CA LYS B 8 -53.04 -67.51 37.45
C LYS B 8 -53.55 -67.78 36.03
N ARG B 9 -54.86 -68.01 35.96
CA ARG B 9 -55.66 -68.15 34.75
C ARG B 9 -57.12 -68.23 35.18
N ALA B 10 -58.00 -67.58 34.43
CA ALA B 10 -59.38 -67.37 34.86
C ALA B 10 -60.36 -68.26 34.10
N SER B 11 -60.61 -67.97 32.83
CA SER B 11 -61.67 -68.65 32.09
C SER B 11 -61.21 -69.99 31.53
N GLU B 12 -60.24 -70.62 32.19
CA GLU B 12 -59.74 -71.91 31.75
C GLU B 12 -59.48 -72.89 32.89
N VAL B 13 -59.92 -72.57 34.11
CA VAL B 13 -59.71 -73.47 35.24
C VAL B 13 -60.71 -74.61 35.18
N ASP B 14 -60.34 -75.73 35.76
CA ASP B 14 -61.23 -76.87 35.90
C ASP B 14 -61.93 -76.77 37.26
N LEU B 15 -63.27 -76.64 37.23
CA LEU B 15 -64.01 -76.48 38.47
C LEU B 15 -63.95 -77.72 39.35
N SER B 16 -63.60 -78.87 38.79
CA SER B 16 -63.37 -80.07 39.59
C SER B 16 -62.02 -80.05 40.30
N THR B 17 -61.12 -79.14 39.91
CA THR B 17 -59.82 -79.01 40.55
C THR B 17 -59.84 -78.05 41.72
N VAL B 18 -60.74 -77.07 41.70
CA VAL B 18 -60.78 -76.06 42.75
C VAL B 18 -61.13 -76.71 44.07
N LYS B 19 -60.27 -76.52 45.07
CA LYS B 19 -60.49 -77.03 46.42
C LYS B 19 -60.80 -75.86 47.35
N TYR B 20 -61.63 -76.14 48.35
CA TYR B 20 -62.13 -75.09 49.23
C TYR B 20 -61.05 -74.62 50.19
N LYS B 21 -60.76 -73.33 50.17
CA LYS B 21 -59.83 -72.70 51.11
C LYS B 21 -60.65 -72.01 52.19
N ALA B 22 -60.44 -72.42 53.44
CA ALA B 22 -61.37 -72.10 54.51
C ALA B 22 -60.94 -70.82 55.24
N GLU B 23 -61.39 -70.67 56.50
CA GLU B 23 -61.16 -69.47 57.27
C GLU B 23 -59.67 -69.26 57.55
N THR B 24 -59.21 -68.02 57.37
CA THR B 24 -57.80 -67.72 57.53
C THR B 24 -57.51 -66.41 58.26
N MET B 25 -58.53 -65.64 58.63
CA MET B 25 -58.29 -64.29 59.17
C MET B 25 -57.72 -64.36 60.57
N LYS B 26 -56.55 -63.75 60.76
CA LYS B 26 -55.85 -63.74 62.04
C LYS B 26 -55.52 -62.30 62.41
N ALA B 27 -55.93 -61.87 63.59
CA ALA B 27 -55.71 -60.51 64.05
C ALA B 27 -55.87 -60.49 65.57
N PRO B 28 -55.25 -59.51 66.25
CA PRO B 28 -55.35 -59.47 67.71
C PRO B 28 -56.70 -58.94 68.19
N HIS B 29 -57.07 -59.39 69.39
CA HIS B 29 -58.30 -58.96 70.05
C HIS B 29 -57.89 -58.08 71.23
N LEU B 30 -57.98 -56.75 71.04
CA LEU B 30 -57.53 -55.78 72.02
C LEU B 30 -58.67 -54.85 72.41
N THR B 31 -58.83 -54.62 73.71
CA THR B 31 -59.90 -53.78 74.23
C THR B 31 -59.34 -52.86 75.29
N GLY B 32 -60.06 -51.76 75.53
CA GLY B 32 -59.70 -50.89 76.65
C GLY B 32 -58.39 -50.15 76.42
N LEU B 33 -57.52 -50.20 77.43
CA LEU B 33 -56.28 -49.44 77.38
C LEU B 33 -55.29 -50.05 76.39
N SER B 34 -55.23 -51.38 76.32
CA SER B 34 -54.35 -52.02 75.34
C SER B 34 -54.76 -51.67 73.92
N PHE B 35 -56.05 -51.41 73.69
CA PHE B 35 -56.50 -50.93 72.38
C PHE B 35 -55.96 -49.54 72.09
N LYS B 36 -55.98 -48.65 73.10
CA LYS B 36 -55.54 -47.28 72.89
C LYS B 36 -54.06 -47.22 72.52
N LEU B 37 -53.22 -47.99 73.21
CA LEU B 37 -51.79 -47.99 72.89
C LEU B 37 -51.53 -48.61 71.53
N PHE B 38 -52.29 -49.65 71.18
CA PHE B 38 -52.10 -50.29 69.88
C PHE B 38 -52.44 -49.33 68.75
N VAL B 39 -53.45 -48.48 68.95
CA VAL B 39 -53.77 -47.47 67.94
C VAL B 39 -52.64 -46.46 67.83
N ASN B 40 -52.11 -46.01 68.97
CA ASN B 40 -50.98 -45.08 68.95
C ASN B 40 -49.76 -45.71 68.29
N LEU B 41 -49.58 -47.02 68.43
CA LEU B 41 -48.49 -47.69 67.72
C LEU B 41 -48.75 -47.72 66.23
N LEU B 42 -49.99 -47.98 65.82
CA LEU B 42 -50.31 -48.01 64.40
C LEU B 42 -50.15 -46.64 63.75
N GLU B 43 -50.56 -45.58 64.45
CA GLU B 43 -50.39 -44.23 63.96
C GLU B 43 -48.99 -43.68 64.18
N ALA B 44 -48.12 -44.44 64.86
CA ALA B 44 -46.75 -44.02 65.01
C ALA B 44 -46.01 -44.12 63.67
N PRO B 45 -45.00 -43.26 63.45
CA PRO B 45 -44.31 -43.24 62.15
C PRO B 45 -43.79 -44.58 61.67
N LEU B 46 -42.65 -45.00 62.18
CA LEU B 46 -41.96 -46.16 61.62
C LEU B 46 -42.63 -47.46 62.03
N ILE B 47 -42.84 -47.66 63.33
CA ILE B 47 -43.39 -48.92 63.81
C ILE B 47 -44.82 -49.15 63.33
N GLY B 48 -45.54 -48.08 63.00
CA GLY B 48 -46.92 -48.24 62.55
C GLY B 48 -47.02 -49.00 61.24
N SER B 49 -46.10 -48.75 60.31
CA SER B 49 -46.16 -49.43 59.02
C SER B 49 -45.75 -50.89 59.14
N LEU B 50 -44.82 -51.22 60.03
CA LEU B 50 -44.37 -52.60 60.17
C LEU B 50 -45.49 -53.48 60.73
N ILE B 51 -46.30 -52.95 61.63
CA ILE B 51 -47.40 -53.74 62.20
C ILE B 51 -48.46 -54.02 61.13
N VAL B 52 -48.75 -53.02 60.30
CA VAL B 52 -49.75 -53.21 59.24
C VAL B 52 -49.22 -54.17 58.18
N ASP B 53 -47.98 -53.96 57.74
CA ASP B 53 -47.41 -54.85 56.74
C ASP B 53 -47.27 -56.28 57.27
N TYR B 54 -47.09 -56.43 58.59
CA TYR B 54 -47.08 -57.77 59.17
C TYR B 54 -48.47 -58.41 59.09
N LEU B 55 -49.51 -57.65 59.43
CA LEU B 55 -50.87 -58.18 59.35
C LEU B 55 -51.27 -58.46 57.91
N LYS B 56 -50.77 -57.68 56.95
CA LYS B 56 -51.03 -57.99 55.55
C LYS B 56 -50.24 -59.20 55.09
N LYS B 57 -49.01 -59.36 55.59
CA LYS B 57 -48.20 -60.51 55.21
C LYS B 57 -48.70 -61.78 55.89
N ASP B 58 -49.18 -61.67 57.13
CA ASP B 58 -49.64 -62.85 57.86
C ASP B 58 -50.92 -63.42 57.27
N ASN B 59 -51.83 -62.56 56.83
CA ASN B 59 -53.11 -62.98 56.29
C ASN B 59 -53.07 -63.27 54.80
N GLY B 60 -51.89 -63.28 54.19
CA GLY B 60 -51.77 -63.62 52.79
C GLY B 60 -52.23 -62.57 51.80
N MET B 61 -52.43 -61.33 52.25
CA MET B 61 -52.87 -60.29 51.34
C MET B 61 -51.73 -59.78 50.46
N THR B 62 -50.53 -59.65 51.03
CA THR B 62 -49.41 -59.14 50.26
C THR B 62 -49.04 -60.10 49.13
N LYS B 63 -49.13 -61.41 49.39
CA LYS B 63 -48.84 -62.38 48.34
C LYS B 63 -49.86 -62.29 47.21
N ILE B 64 -51.08 -61.87 47.52
CA ILE B 64 -52.11 -61.74 46.48
C ILE B 64 -51.90 -60.48 45.66
N PHE B 65 -51.72 -59.34 46.33
CA PHE B 65 -51.66 -58.06 45.64
C PHE B 65 -50.31 -57.78 45.01
N ARG B 66 -49.23 -58.39 45.51
CA ARG B 66 -47.89 -58.04 45.06
C ARG B 66 -47.10 -59.18 44.44
N ASN B 67 -47.40 -60.44 44.77
CA ASN B 67 -46.60 -61.57 44.33
C ASN B 67 -47.39 -62.53 43.45
N THR B 68 -48.32 -62.01 42.65
CA THR B 68 -49.14 -62.87 41.79
C THR B 68 -49.48 -62.10 40.52
N VAL B 69 -49.02 -62.61 39.37
CA VAL B 69 -49.42 -62.05 38.09
C VAL B 69 -50.84 -62.49 37.78
N ILE B 70 -51.68 -61.55 37.39
CA ILE B 70 -53.09 -61.81 37.11
C ILE B 70 -53.33 -61.48 35.65
N PRO B 71 -53.76 -62.44 34.82
CA PRO B 71 -53.93 -62.17 33.39
C PRO B 71 -55.30 -61.61 33.06
N GLU B 72 -55.86 -60.77 33.92
CA GLU B 72 -57.17 -60.17 33.71
C GLU B 72 -57.06 -58.66 33.65
N GLU B 73 -57.91 -58.06 32.84
CA GLU B 73 -57.99 -56.60 32.79
C GLU B 73 -58.91 -56.09 33.89
N PRO B 74 -58.58 -54.96 34.52
CA PRO B 74 -59.32 -54.54 35.71
C PRO B 74 -60.76 -54.16 35.37
N MET B 75 -61.68 -54.66 36.18
CA MET B 75 -63.09 -54.29 36.12
C MET B 75 -63.37 -53.42 37.34
N PHE B 76 -63.48 -52.10 37.13
CA PHE B 76 -63.60 -51.17 38.25
C PHE B 76 -65.01 -51.16 38.82
N ARG B 77 -66.02 -51.17 37.96
CA ARG B 77 -67.41 -51.18 38.38
C ARG B 77 -68.12 -52.43 37.84
N PRO B 78 -69.10 -52.96 38.56
CA PRO B 78 -69.76 -54.20 38.13
C PRO B 78 -70.36 -54.07 36.74
N GLU B 79 -69.87 -54.91 35.83
CA GLU B 79 -70.33 -54.95 34.45
C GLU B 79 -71.16 -56.21 34.24
N PHE B 80 -72.44 -56.03 33.90
CA PHE B 80 -73.30 -57.17 33.63
C PHE B 80 -73.65 -57.25 32.15
N PRO B 81 -73.69 -58.45 31.57
CA PRO B 81 -74.19 -58.61 30.20
C PRO B 81 -75.71 -58.57 30.18
N SER B 82 -76.27 -58.74 28.98
CA SER B 82 -77.72 -58.78 28.84
C SER B 82 -78.28 -60.02 29.51
N GLN B 83 -79.28 -59.83 30.37
CA GLN B 83 -79.85 -60.90 31.17
C GLN B 83 -81.12 -61.44 30.52
N GLU B 84 -81.38 -62.73 30.76
CA GLU B 84 -82.62 -63.33 30.31
C GLU B 84 -83.79 -62.76 31.12
N PRO B 85 -84.89 -62.38 30.48
CA PRO B 85 -86.02 -61.82 31.22
C PRO B 85 -86.61 -62.83 32.19
N GLU B 86 -86.77 -62.41 33.45
CA GLU B 86 -87.34 -63.28 34.46
C GLU B 86 -88.80 -63.57 34.17
N HIS B 87 -89.22 -64.81 34.45
CA HIS B 87 -90.54 -65.28 34.08
C HIS B 87 -91.55 -65.01 35.19
N ASP B 88 -92.79 -64.74 34.78
CA ASP B 88 -93.92 -64.57 35.69
C ASP B 88 -93.69 -63.40 36.64
N VAL B 89 -93.44 -62.22 36.06
CA VAL B 89 -93.23 -61.00 36.80
C VAL B 89 -93.98 -59.87 36.13
N VAL B 90 -94.26 -58.82 36.89
CA VAL B 90 -94.96 -57.64 36.41
C VAL B 90 -93.93 -56.56 36.12
N ILE B 91 -93.93 -56.04 34.90
CA ILE B 91 -92.98 -55.01 34.50
C ILE B 91 -93.58 -53.63 34.81
N VAL B 92 -92.79 -52.80 35.47
CA VAL B 92 -93.19 -51.43 35.80
C VAL B 92 -92.09 -50.49 35.30
N GLY B 93 -92.49 -49.35 34.77
CA GLY B 93 -91.53 -48.41 34.20
C GLY B 93 -90.65 -47.81 35.28
N GLU B 94 -89.39 -47.57 34.91
CA GLU B 94 -88.43 -46.93 35.82
C GLU B 94 -88.62 -45.43 35.91
N ASP B 95 -89.56 -44.87 35.16
CA ASP B 95 -89.82 -43.44 35.16
C ASP B 95 -91.05 -43.06 35.98
N GLU B 96 -91.87 -44.03 36.37
CA GLU B 96 -93.10 -43.73 37.08
C GLU B 96 -92.79 -43.26 38.51
N SER B 97 -93.75 -42.51 39.07
CA SER B 97 -93.59 -41.98 40.41
C SER B 97 -93.64 -43.11 41.43
N PRO B 98 -93.04 -42.90 42.61
CA PRO B 98 -93.11 -43.93 43.65
C PRO B 98 -94.54 -44.23 44.10
N ILE B 99 -95.45 -43.27 43.99
CA ILE B 99 -96.84 -43.53 44.36
C ILE B 99 -97.49 -44.46 43.35
N ASP B 100 -97.11 -44.36 42.08
CA ASP B 100 -97.70 -45.21 41.05
C ASP B 100 -97.20 -46.65 41.15
N ARG B 101 -95.92 -46.83 41.50
CA ARG B 101 -95.40 -48.18 41.66
C ARG B 101 -95.98 -48.86 42.87
N LEU B 102 -96.36 -48.10 43.90
CA LEU B 102 -96.94 -48.70 45.09
C LEU B 102 -98.30 -49.33 44.78
N GLU B 103 -99.11 -48.67 43.94
CA GLU B 103 -100.39 -49.25 43.58
C GLU B 103 -100.22 -50.49 42.71
N THR B 104 -99.17 -50.53 41.89
CA THR B 104 -98.89 -51.73 41.10
C THR B 104 -98.38 -52.87 41.98
N ALA B 105 -97.54 -52.55 42.96
CA ALA B 105 -97.05 -53.58 43.87
C ALA B 105 -98.15 -54.09 44.78
N LEU B 106 -99.14 -53.26 45.09
CA LEU B 106 -100.27 -53.72 45.88
C LEU B 106 -101.08 -54.77 45.13
N LYS B 107 -101.13 -54.69 43.80
CA LYS B 107 -101.80 -55.72 43.02
C LYS B 107 -101.04 -57.04 43.06
N CYS B 108 -99.70 -56.98 43.11
CA CYS B 108 -98.92 -58.20 43.17
C CYS B 108 -99.06 -58.91 44.51
N LEU B 109 -99.35 -58.16 45.57
CA LEU B 109 -99.53 -58.77 46.88
C LEU B 109 -100.81 -59.61 46.91
N PRO B 110 -100.86 -60.62 47.76
CA PRO B 110 -102.12 -61.36 47.95
C PRO B 110 -103.17 -60.46 48.61
N GLN B 111 -104.41 -60.93 48.54
CA GLN B 111 -105.52 -60.15 49.09
C GLN B 111 -105.39 -60.00 50.60
N TYR B 112 -105.57 -58.77 51.08
CA TYR B 112 -105.45 -58.50 52.50
C TYR B 112 -106.60 -59.14 53.26
N ASP B 113 -106.32 -59.62 54.47
CA ASP B 113 -107.33 -60.26 55.31
C ASP B 113 -107.55 -59.43 56.57
N PRO B 114 -108.71 -58.79 56.73
CA PRO B 114 -108.95 -58.01 57.95
C PRO B 114 -109.03 -58.85 59.22
N SER B 115 -109.10 -60.18 59.11
CA SER B 115 -109.15 -61.05 60.27
C SER B 115 -107.80 -61.26 60.94
N ARG B 116 -106.78 -60.51 60.53
CA ARG B 116 -105.45 -60.60 61.12
C ARG B 116 -105.02 -59.29 61.77
N SER B 117 -105.96 -58.38 62.03
CA SER B 117 -105.62 -57.09 62.60
C SER B 117 -106.60 -56.68 63.69
N LEU B 118 -107.90 -56.63 63.37
CA LEU B 118 -108.90 -56.15 64.31
C LEU B 118 -109.50 -57.28 65.13
N HIS B 119 -110.03 -58.31 64.48
CA HIS B 119 -110.72 -59.41 65.14
C HIS B 119 -109.93 -60.70 64.93
N ALA B 120 -109.54 -61.33 66.02
CA ALA B 120 -108.78 -62.57 65.96
C ALA B 120 -108.99 -63.35 67.25
N ASP B 121 -108.56 -64.61 67.23
CA ASP B 121 -108.69 -65.47 68.41
C ASP B 121 -107.56 -65.18 69.39
N PRO B 122 -107.86 -64.93 70.66
CA PRO B 122 -106.80 -64.57 71.62
C PRO B 122 -105.94 -65.74 72.08
N VAL B 123 -105.77 -66.75 71.23
CA VAL B 123 -104.89 -67.88 71.54
C VAL B 123 -104.04 -68.21 70.33
N SER B 124 -103.69 -67.20 69.53
CA SER B 124 -102.91 -67.39 68.33
C SER B 124 -101.43 -67.24 68.62
N SER B 125 -100.60 -67.27 67.59
CA SER B 125 -99.15 -67.18 67.73
C SER B 125 -98.72 -65.72 67.64
N PHE B 126 -97.41 -65.49 67.52
CA PHE B 126 -96.84 -64.15 67.44
C PHE B 126 -96.58 -63.77 65.99
N ARG B 127 -96.73 -62.48 65.69
CA ARG B 127 -96.54 -61.98 64.34
C ARG B 127 -96.32 -60.48 64.40
N TYR B 128 -95.36 -60.00 63.60
CA TYR B 128 -95.14 -58.57 63.45
C TYR B 128 -96.32 -57.93 62.73
N TRP B 129 -96.52 -56.63 62.99
CA TRP B 129 -97.54 -55.88 62.27
C TRP B 129 -97.03 -55.53 60.88
N LYS B 130 -97.80 -55.90 59.86
CA LYS B 130 -97.44 -55.59 58.49
C LYS B 130 -97.73 -54.12 58.17
N ILE B 131 -97.19 -53.67 57.04
CA ILE B 131 -97.45 -52.30 56.60
C ILE B 131 -98.92 -52.12 56.27
N ARG B 132 -99.54 -53.13 55.66
CA ARG B 132 -100.96 -53.05 55.34
C ARG B 132 -101.85 -53.08 56.56
N ASP B 133 -101.35 -53.62 57.68
CA ASP B 133 -102.12 -53.57 58.92
C ASP B 133 -102.24 -52.13 59.43
N TYR B 134 -101.16 -51.36 59.34
CA TYR B 134 -101.23 -49.94 59.68
C TYR B 134 -102.13 -49.20 58.71
N ALA B 135 -102.00 -49.48 57.41
CA ALA B 135 -102.81 -48.78 56.42
C ALA B 135 -104.28 -49.12 56.54
N TYR B 136 -104.60 -50.33 57.00
CA TYR B 136 -105.99 -50.70 57.22
C TYR B 136 -106.55 -49.97 58.44
N ALA B 137 -105.81 -49.95 59.54
CA ALA B 137 -106.28 -49.27 60.75
C ALA B 137 -106.39 -47.76 60.53
N TYR B 138 -105.51 -47.18 59.71
CA TYR B 138 -105.60 -45.74 59.45
C TYR B 138 -106.85 -45.41 58.63
N ARG B 139 -107.15 -46.24 57.63
CA ARG B 139 -108.28 -45.94 56.74
C ARG B 139 -109.61 -46.38 57.33
N SER B 140 -109.63 -47.42 58.16
CA SER B 140 -110.83 -47.81 58.87
C SER B 140 -111.05 -46.99 60.14
N LYS B 141 -110.21 -45.97 60.37
CA LYS B 141 -110.30 -45.07 61.51
C LYS B 141 -110.18 -45.81 62.84
N LEU B 142 -109.61 -47.01 62.85
CA LEU B 142 -109.34 -47.69 64.10
C LEU B 142 -108.26 -46.97 64.91
N THR B 143 -107.34 -46.30 64.23
CA THR B 143 -106.32 -45.47 64.88
C THR B 143 -105.81 -44.47 63.85
N THR B 144 -105.15 -43.43 64.35
CA THR B 144 -104.62 -42.38 63.51
C THR B 144 -103.10 -42.37 63.60
N PRO B 145 -102.41 -41.90 62.55
CA PRO B 145 -100.94 -41.77 62.64
C PRO B 145 -100.48 -40.87 63.76
N LEU B 146 -101.32 -39.95 64.24
CA LEU B 146 -100.94 -39.10 65.37
C LEU B 146 -100.92 -39.90 66.66
N GLN B 147 -101.91 -40.77 66.88
CA GLN B 147 -101.91 -41.61 68.06
C GLN B 147 -100.77 -42.61 68.03
N VAL B 148 -100.42 -43.11 66.84
CA VAL B 148 -99.29 -44.02 66.72
C VAL B 148 -97.98 -43.31 67.01
N ALA B 149 -97.86 -42.05 66.59
CA ALA B 149 -96.65 -41.28 66.87
C ALA B 149 -96.50 -41.01 68.36
N LYS B 150 -97.60 -40.68 69.04
CA LYS B 150 -97.53 -40.46 70.49
C LYS B 150 -97.17 -41.74 71.24
N ARG B 151 -97.49 -42.90 70.68
CA ARG B 151 -97.13 -44.16 71.31
C ARG B 151 -95.65 -44.47 71.15
N ILE B 152 -95.10 -44.23 69.95
CA ILE B 152 -93.69 -44.47 69.71
C ILE B 152 -92.82 -43.50 70.51
N ILE B 153 -93.18 -42.22 70.50
CA ILE B 153 -92.42 -41.21 71.25
C ILE B 153 -92.47 -41.53 72.74
N SER B 154 -93.60 -42.05 73.22
CA SER B 154 -93.70 -42.41 74.64
C SER B 154 -92.70 -43.51 75.00
N ILE B 155 -92.45 -44.45 74.08
CA ILE B 155 -91.55 -45.56 74.38
C ILE B 155 -90.10 -45.11 74.28
N ILE B 156 -89.79 -44.24 73.32
CA ILE B 156 -88.41 -43.78 73.15
C ILE B 156 -87.94 -42.98 74.36
N GLU B 157 -88.83 -42.12 74.89
CA GLU B 157 -88.45 -41.31 76.05
C GLU B 157 -88.43 -42.14 77.33
N GLU B 158 -89.33 -43.12 77.44
CA GLU B 158 -89.42 -43.90 78.67
C GLU B 158 -88.23 -44.84 78.85
N PHE B 159 -87.65 -45.32 77.75
CA PHE B 159 -86.54 -46.27 77.80
C PHE B 159 -85.24 -45.68 77.31
N GLY B 160 -85.19 -44.38 77.03
CA GLY B 160 -83.97 -43.73 76.62
C GLY B 160 -83.35 -44.31 75.37
N TYR B 161 -84.17 -44.52 74.34
CA TYR B 161 -83.68 -45.06 73.08
C TYR B 161 -83.11 -43.98 72.16
N ASP B 162 -83.15 -42.72 72.56
CA ASP B 162 -82.47 -41.64 71.85
C ASP B 162 -81.29 -41.10 72.64
N LYS B 163 -80.94 -41.76 73.75
CA LYS B 163 -79.85 -41.36 74.62
C LYS B 163 -78.97 -42.57 74.89
N PRO B 164 -77.71 -42.35 75.28
CA PRO B 164 -76.83 -43.44 75.74
C PRO B 164 -77.41 -44.12 76.98
N PRO B 165 -76.94 -45.33 77.33
CA PRO B 165 -75.87 -46.11 76.69
C PRO B 165 -76.34 -47.00 75.54
N THR B 166 -77.64 -47.29 75.47
CA THR B 166 -78.20 -48.20 74.49
C THR B 166 -79.28 -47.48 73.69
N PRO B 167 -78.88 -46.69 72.69
CA PRO B 167 -79.87 -45.94 71.90
C PRO B 167 -80.27 -46.64 70.62
N PHE B 168 -81.54 -46.49 70.22
CA PHE B 168 -81.95 -46.90 68.88
C PHE B 168 -81.67 -45.79 67.88
N LEU B 169 -81.85 -44.54 68.28
CA LEU B 169 -81.66 -43.39 67.42
C LEU B 169 -80.62 -42.46 68.03
N ILE B 170 -79.80 -41.85 67.17
CA ILE B 170 -78.83 -40.84 67.62
C ILE B 170 -79.25 -39.43 67.23
N ARG B 171 -80.34 -39.28 66.45
CA ARG B 171 -80.87 -37.95 66.11
C ARG B 171 -82.39 -38.11 66.04
N PHE B 172 -83.06 -37.71 67.12
CA PHE B 172 -84.50 -37.88 67.25
C PHE B 172 -85.12 -36.59 67.76
N ASP B 173 -86.14 -36.10 67.05
CA ASP B 173 -86.86 -34.89 67.42
C ASP B 173 -88.35 -35.23 67.50
N ALA B 174 -88.90 -35.22 68.72
CA ALA B 174 -90.30 -35.58 68.90
C ALA B 174 -91.23 -34.55 68.27
N ASN B 175 -90.83 -33.28 68.25
CA ASN B 175 -91.68 -32.25 67.66
C ASN B 175 -91.83 -32.44 66.16
N GLU B 176 -90.80 -32.96 65.50
CA GLU B 176 -90.88 -33.18 64.06
C GLU B 176 -91.72 -34.40 63.70
N VAL B 177 -91.67 -35.44 64.53
CA VAL B 177 -92.47 -36.63 64.26
C VAL B 177 -93.96 -36.31 64.35
N ILE B 178 -94.35 -35.51 65.34
CA ILE B 178 -95.74 -35.11 65.47
C ILE B 178 -96.15 -34.19 64.33
N LYS B 179 -95.23 -33.33 63.89
CA LYS B 179 -95.52 -32.45 62.76
C LYS B 179 -95.82 -33.25 61.50
N GLN B 180 -95.05 -34.32 61.25
CA GLN B 180 -95.31 -35.16 60.09
C GLN B 180 -96.54 -36.04 60.30
N ALA B 181 -96.83 -36.42 61.54
CA ALA B 181 -98.00 -37.24 61.81
C ALA B 181 -99.29 -36.42 61.79
N GLU B 182 -99.20 -35.13 62.10
CA GLU B 182 -100.40 -34.29 62.05
C GLU B 182 -100.86 -34.10 60.61
N ALA B 183 -99.93 -33.82 59.69
CA ALA B 183 -100.29 -33.70 58.28
C ALA B 183 -100.75 -35.03 57.71
N SER B 184 -100.22 -36.14 58.21
CA SER B 184 -100.66 -37.45 57.74
C SER B 184 -102.04 -37.79 58.28
N THR B 185 -102.32 -37.40 59.53
CA THR B 185 -103.61 -37.70 60.13
C THR B 185 -104.74 -36.93 59.44
N ARG B 186 -104.47 -35.68 59.04
CA ARG B 186 -105.50 -34.90 58.36
C ARG B 186 -105.88 -35.52 57.03
N ARG B 187 -104.90 -36.03 56.28
CA ARG B 187 -105.19 -36.62 54.98
C ARG B 187 -106.10 -37.84 55.09
N PHE B 188 -106.04 -38.56 56.20
CA PHE B 188 -106.98 -39.66 56.41
C PHE B 188 -108.36 -39.16 56.83
N GLU B 189 -108.42 -38.03 57.54
CA GLU B 189 -109.71 -37.45 57.91
C GLU B 189 -110.35 -36.74 56.72
N GLN B 190 -109.57 -36.00 55.93
CA GLN B 190 -110.09 -35.38 54.73
C GLN B 190 -110.42 -36.42 53.66
N GLY B 191 -109.86 -37.62 53.77
CA GLY B 191 -110.19 -38.69 52.86
C GLY B 191 -109.32 -38.80 51.63
N ASN B 192 -108.11 -38.25 51.65
CA ASN B 192 -107.19 -38.29 50.51
C ASN B 192 -105.80 -38.71 50.98
N PRO B 193 -105.61 -39.99 51.29
CA PRO B 193 -104.26 -40.46 51.60
C PRO B 193 -103.41 -40.54 50.35
N ILE B 194 -102.11 -40.32 50.52
CA ILE B 194 -101.20 -40.25 49.38
C ILE B 194 -101.02 -41.64 48.76
N SER B 195 -100.72 -42.64 49.59
CA SER B 195 -100.51 -44.00 49.11
C SER B 195 -100.65 -44.95 50.30
N VAL B 196 -100.20 -46.19 50.11
CA VAL B 196 -100.25 -47.17 51.20
C VAL B 196 -99.24 -46.83 52.28
N LEU B 197 -98.09 -46.26 51.90
CA LEU B 197 -97.06 -45.88 52.85
C LEU B 197 -97.38 -44.61 53.61
N ASP B 198 -98.52 -43.98 53.34
CA ASP B 198 -98.91 -42.77 54.07
C ASP B 198 -99.22 -43.12 55.52
N GLY B 199 -98.44 -42.58 56.44
CA GLY B 199 -98.59 -42.87 57.85
C GLY B 199 -97.66 -43.95 58.37
N ILE B 200 -96.89 -44.59 57.50
CA ILE B 200 -95.95 -45.63 57.93
C ILE B 200 -94.69 -44.97 58.47
N PHE B 201 -94.15 -45.52 59.54
CA PHE B 201 -92.94 -45.01 60.16
C PHE B 201 -91.73 -45.78 59.65
N VAL B 202 -90.74 -45.06 59.15
CA VAL B 202 -89.49 -45.65 58.68
C VAL B 202 -88.33 -44.88 59.31
N THR B 203 -87.22 -45.58 59.51
CA THR B 203 -86.03 -45.02 60.14
C THR B 203 -84.90 -44.96 59.12
N ILE B 204 -84.21 -43.84 59.06
CA ILE B 204 -83.12 -43.61 58.11
C ILE B 204 -81.79 -43.79 58.82
N LYS B 205 -80.85 -44.44 58.15
CA LYS B 205 -79.51 -44.60 58.71
C LYS B 205 -78.80 -43.26 58.72
N ASP B 206 -77.86 -43.12 59.66
CA ASP B 206 -77.23 -41.83 59.90
C ASP B 206 -76.29 -41.39 58.78
N ASP B 207 -75.95 -42.27 57.85
CA ASP B 207 -75.10 -41.91 56.73
C ASP B 207 -75.91 -41.56 55.47
N ILE B 208 -77.21 -41.37 55.61
CA ILE B 208 -78.09 -40.95 54.51
C ILE B 208 -78.69 -39.61 54.89
N ASP B 209 -78.70 -38.67 53.94
CA ASP B 209 -79.20 -37.33 54.22
C ASP B 209 -80.71 -37.34 54.40
N CYS B 210 -81.17 -36.73 55.49
CA CYS B 210 -82.59 -36.69 55.81
C CYS B 210 -82.87 -35.44 56.65
N LEU B 211 -83.47 -34.43 56.02
CA LEU B 211 -83.81 -33.18 56.70
C LEU B 211 -84.85 -33.42 57.79
N PRO B 212 -84.79 -32.62 58.87
CA PRO B 212 -83.80 -31.56 59.11
C PRO B 212 -82.56 -32.05 59.85
N HIS B 213 -82.50 -33.34 60.15
CA HIS B 213 -81.39 -33.87 60.92
C HIS B 213 -80.11 -33.87 60.08
N PRO B 214 -78.97 -33.55 60.68
CA PRO B 214 -77.70 -33.59 59.94
C PRO B 214 -77.19 -35.02 59.80
N THR B 215 -76.17 -35.17 58.96
CA THR B 215 -75.58 -36.47 58.65
C THR B 215 -74.21 -36.55 59.31
N ASN B 216 -74.11 -37.41 60.33
CA ASN B 216 -72.84 -37.63 61.02
C ASN B 216 -72.17 -38.95 60.66
N GLY B 217 -72.94 -39.97 60.29
CA GLY B 217 -72.36 -41.26 59.97
C GLY B 217 -71.80 -41.98 61.18
N GLY B 218 -72.43 -41.83 62.34
CA GLY B 218 -71.93 -42.39 63.57
C GLY B 218 -70.86 -41.58 64.26
N THR B 219 -70.31 -40.57 63.59
CA THR B 219 -69.29 -39.72 64.18
C THR B 219 -69.95 -38.61 64.99
N THR B 220 -69.15 -37.65 65.46
CA THR B 220 -69.64 -36.53 66.25
C THR B 220 -69.13 -35.20 65.72
N TRP B 221 -68.77 -35.13 64.44
CA TRP B 221 -68.13 -33.95 63.91
C TRP B 221 -68.34 -33.79 62.41
N LEU B 222 -68.86 -34.84 61.76
CA LEU B 222 -69.04 -34.79 60.31
C LEU B 222 -70.02 -33.71 59.89
N HIS B 223 -70.96 -33.33 60.77
CA HIS B 223 -71.86 -32.23 60.47
C HIS B 223 -71.14 -30.88 60.49
N GLU B 224 -69.99 -30.79 61.15
CA GLU B 224 -69.25 -29.54 61.18
C GLU B 224 -68.63 -29.23 59.83
N ASP B 225 -68.29 -30.26 59.05
CA ASP B 225 -67.67 -30.06 57.75
C ASP B 225 -68.55 -30.44 56.57
N ARG B 226 -69.52 -31.33 56.76
CA ARG B 226 -70.43 -31.74 55.70
C ARG B 226 -71.86 -31.49 56.17
N SER B 227 -72.43 -30.37 55.77
CA SER B 227 -73.77 -29.96 56.16
C SER B 227 -74.76 -30.38 55.08
N VAL B 228 -75.87 -30.99 55.49
CA VAL B 228 -76.91 -31.40 54.56
C VAL B 228 -77.83 -30.23 54.27
N GLU B 229 -78.30 -30.14 53.03
CA GLU B 229 -79.19 -29.06 52.62
C GLU B 229 -80.47 -29.53 51.93
N LYS B 230 -80.53 -30.76 51.45
CA LYS B 230 -81.74 -31.29 50.82
C LYS B 230 -81.82 -32.78 51.07
N ASP B 231 -83.03 -33.32 50.97
CA ASP B 231 -83.24 -34.74 51.20
C ASP B 231 -82.55 -35.58 50.12
N SER B 232 -82.16 -36.79 50.51
CA SER B 232 -81.55 -37.71 49.57
C SER B 232 -82.60 -38.26 48.60
N ALA B 233 -82.12 -39.00 47.60
CA ALA B 233 -83.03 -39.56 46.60
C ALA B 233 -83.99 -40.56 47.22
N VAL B 234 -83.48 -41.42 48.11
CA VAL B 234 -84.34 -42.46 48.70
C VAL B 234 -85.27 -41.87 49.74
N VAL B 235 -84.86 -40.79 50.41
CA VAL B 235 -85.72 -40.19 51.43
C VAL B 235 -86.79 -39.31 50.78
N SER B 236 -86.44 -38.59 49.71
CA SER B 236 -87.42 -37.75 49.03
C SER B 236 -88.52 -38.58 48.39
N LYS B 237 -88.20 -39.80 47.93
CA LYS B 237 -89.23 -40.67 47.38
C LYS B 237 -90.17 -41.19 48.46
N LEU B 238 -89.61 -41.58 49.61
CA LEU B 238 -90.45 -42.06 50.70
C LEU B 238 -91.32 -40.94 51.26
N ARG B 239 -90.79 -39.72 51.33
CA ARG B 239 -91.58 -38.61 51.86
C ARG B 239 -92.71 -38.23 50.91
N SER B 240 -92.52 -38.45 49.60
CA SER B 240 -93.59 -38.15 48.65
C SER B 240 -94.72 -39.17 48.72
N CYS B 241 -94.53 -40.29 49.39
CA CYS B 241 -95.58 -41.28 49.58
C CYS B 241 -96.31 -41.11 50.91
N GLY B 242 -95.98 -40.08 51.68
CA GLY B 242 -96.62 -39.85 52.96
C GLY B 242 -95.99 -40.56 54.13
N ALA B 243 -94.76 -41.05 53.97
CA ALA B 243 -94.09 -41.74 55.07
C ALA B 243 -93.66 -40.76 56.15
N ILE B 244 -93.46 -41.28 57.35
CA ILE B 244 -93.06 -40.49 58.52
C ILE B 244 -91.62 -40.87 58.86
N LEU B 245 -90.69 -39.95 58.61
CA LEU B 245 -89.29 -40.18 58.93
C LEU B 245 -89.10 -40.07 60.45
N LEU B 246 -88.86 -41.22 61.09
CA LEU B 246 -88.79 -41.25 62.54
C LEU B 246 -87.51 -40.60 63.06
N GLY B 247 -86.39 -40.83 62.39
CA GLY B 247 -85.14 -40.23 62.79
C GLY B 247 -83.95 -41.00 62.26
N LYS B 248 -82.77 -40.47 62.57
CA LYS B 248 -81.52 -41.10 62.16
C LYS B 248 -81.18 -42.24 63.11
N ALA B 249 -80.84 -43.39 62.55
CA ALA B 249 -80.57 -44.58 63.34
C ALA B 249 -79.12 -44.61 63.81
N ASN B 250 -78.90 -45.34 64.90
CA ASN B 250 -77.55 -45.60 65.37
C ASN B 250 -76.84 -46.56 64.42
N MET B 251 -75.52 -46.40 64.30
CA MET B 251 -74.75 -47.20 63.36
C MET B 251 -73.31 -47.30 63.82
N HIS B 252 -72.62 -48.31 63.31
CA HIS B 252 -71.18 -48.40 63.49
C HIS B 252 -70.52 -47.25 62.75
N GLU B 253 -69.49 -46.67 63.37
CA GLU B 253 -68.92 -45.41 62.89
C GLU B 253 -68.42 -45.51 61.45
N LEU B 254 -69.09 -44.77 60.55
CA LEU B 254 -68.72 -44.70 59.13
C LEU B 254 -68.78 -46.06 58.43
N GLY B 255 -69.55 -46.99 58.98
CA GLY B 255 -69.65 -48.30 58.37
C GLY B 255 -68.38 -49.12 58.40
N MET B 256 -67.45 -48.80 59.29
CA MET B 256 -66.19 -49.54 59.41
C MET B 256 -66.26 -50.60 60.49
N GLY B 257 -67.32 -51.41 60.45
CA GLY B 257 -67.51 -52.48 61.40
C GLY B 257 -68.76 -53.28 61.09
N THR B 258 -68.79 -54.55 61.51
CA THR B 258 -69.94 -55.41 61.29
C THR B 258 -70.53 -55.89 62.61
N THR B 259 -70.33 -55.12 63.68
CA THR B 259 -70.85 -55.46 64.99
C THR B 259 -71.76 -54.40 65.58
N GLY B 260 -71.67 -53.15 65.14
CA GLY B 260 -72.49 -52.10 65.71
C GLY B 260 -71.94 -51.47 66.96
N ASN B 261 -70.63 -51.57 67.18
CA ASN B 261 -70.00 -50.96 68.34
C ASN B 261 -69.68 -49.50 68.02
N ASN B 262 -70.32 -48.58 68.75
CA ASN B 262 -70.09 -47.15 68.59
C ASN B 262 -69.79 -46.56 69.96
N SER B 263 -68.50 -46.29 70.22
CA SER B 263 -68.06 -45.79 71.51
C SER B 263 -68.38 -44.31 71.72
N ASN B 264 -69.05 -43.67 70.78
CA ASN B 264 -69.43 -42.26 70.91
C ASN B 264 -70.89 -42.07 71.30
N TYR B 265 -71.79 -42.90 70.78
CA TYR B 265 -73.20 -42.84 71.14
C TYR B 265 -73.67 -44.03 71.94
N GLY B 266 -72.85 -45.08 72.04
CA GLY B 266 -73.24 -46.32 72.68
C GLY B 266 -73.42 -47.43 71.66
N THR B 267 -73.59 -48.65 72.19
CA THR B 267 -73.77 -49.84 71.37
C THR B 267 -75.20 -50.31 71.50
N THR B 268 -75.93 -50.30 70.38
CA THR B 268 -77.32 -50.75 70.39
C THR B 268 -77.38 -52.25 70.65
N ARG B 269 -78.34 -52.66 71.48
CA ARG B 269 -78.44 -54.02 71.94
C ARG B 269 -79.51 -54.79 71.16
N ASN B 270 -79.26 -56.09 70.98
CA ASN B 270 -80.15 -56.92 70.20
C ASN B 270 -81.47 -57.12 70.94
N PRO B 271 -82.63 -56.89 70.31
CA PRO B 271 -83.91 -57.09 71.00
C PRO B 271 -84.15 -58.52 71.42
N HIS B 272 -83.57 -59.49 70.72
CA HIS B 272 -83.72 -60.89 71.14
C HIS B 272 -82.92 -61.18 72.40
N ASP B 273 -81.77 -60.53 72.56
CA ASP B 273 -80.91 -60.73 73.72
C ASP B 273 -80.06 -59.47 73.92
N PRO B 274 -80.41 -58.62 74.90
CA PRO B 274 -79.70 -57.34 75.04
C PRO B 274 -78.22 -57.46 75.33
N LYS B 275 -77.75 -58.60 75.84
CA LYS B 275 -76.33 -58.76 76.11
C LYS B 275 -75.53 -59.10 74.86
N ARG B 276 -76.16 -59.19 73.69
CA ARG B 276 -75.51 -59.60 72.47
C ARG B 276 -75.51 -58.46 71.46
N TYR B 277 -74.63 -58.57 70.47
CA TYR B 277 -74.52 -57.56 69.43
C TYR B 277 -75.75 -57.57 68.53
N THR B 278 -75.93 -56.47 67.81
CA THR B 278 -76.98 -56.35 66.81
C THR B 278 -76.53 -56.72 65.41
N GLY B 279 -75.24 -56.68 65.14
CA GLY B 279 -74.74 -56.82 63.79
C GLY B 279 -74.63 -55.46 63.12
N GLY B 280 -73.57 -55.27 62.35
CA GLY B 280 -73.32 -53.98 61.73
C GLY B 280 -73.45 -53.96 60.22
N SER B 281 -73.37 -52.77 59.64
CA SER B 281 -73.15 -51.55 60.42
C SER B 281 -74.47 -50.87 60.75
N SER B 282 -75.58 -51.38 60.21
CA SER B 282 -76.91 -50.83 60.47
C SER B 282 -77.46 -51.42 61.77
N SER B 283 -76.80 -51.06 62.87
CA SER B 283 -77.18 -51.60 64.16
C SER B 283 -78.52 -51.02 64.64
N GLY B 284 -78.68 -49.71 64.52
CA GLY B 284 -79.91 -49.09 64.99
C GLY B 284 -81.09 -49.35 64.08
N SER B 285 -80.85 -49.38 62.77
CA SER B 285 -81.94 -49.60 61.82
C SER B 285 -82.56 -50.98 62.01
N ALA B 286 -81.74 -51.98 62.28
CA ALA B 286 -82.26 -53.35 62.44
C ALA B 286 -82.86 -53.57 63.81
N ALA B 287 -82.38 -52.87 64.83
CA ALA B 287 -82.90 -53.07 66.18
C ALA B 287 -84.25 -52.41 66.36
N ILE B 288 -84.46 -51.24 65.75
CA ILE B 288 -85.73 -50.53 65.87
C ILE B 288 -86.84 -51.22 65.08
N VAL B 289 -86.48 -51.98 64.04
CA VAL B 289 -87.50 -52.72 63.29
C VAL B 289 -87.82 -54.03 63.96
N ALA B 290 -86.81 -54.76 64.42
CA ALA B 290 -87.05 -56.03 65.11
C ALA B 290 -87.79 -55.82 66.42
N ALA B 291 -87.63 -54.65 67.05
CA ALA B 291 -88.35 -54.34 68.28
C ALA B 291 -89.82 -54.01 68.05
N GLY B 292 -90.23 -53.80 66.80
CA GLY B 292 -91.61 -53.51 66.50
C GLY B 292 -91.99 -52.04 66.54
N LEU B 293 -91.03 -51.14 66.69
CA LEU B 293 -91.35 -49.72 66.75
C LEU B 293 -91.83 -49.20 65.41
N CYS B 294 -91.00 -49.36 64.37
CA CYS B 294 -91.35 -48.94 63.02
C CYS B 294 -91.47 -50.16 62.11
N SER B 295 -92.13 -49.96 60.98
CA SER B 295 -92.40 -51.06 60.07
C SER B 295 -91.21 -51.41 59.20
N ALA B 296 -90.39 -50.43 58.84
CA ALA B 296 -89.24 -50.68 57.99
C ALA B 296 -88.18 -49.62 58.27
N ALA B 297 -87.02 -49.78 57.64
CA ALA B 297 -85.92 -48.85 57.81
C ALA B 297 -85.03 -48.91 56.59
N LEU B 298 -84.24 -47.85 56.41
CA LEU B 298 -83.30 -47.76 55.30
C LEU B 298 -81.87 -47.83 55.83
N GLY B 299 -81.06 -48.69 55.19
CA GLY B 299 -79.66 -48.82 55.56
C GLY B 299 -78.82 -48.99 54.31
N THR B 300 -77.51 -49.09 54.52
CA THR B 300 -76.56 -49.29 53.45
C THR B 300 -75.97 -50.70 53.53
N ASP B 301 -75.44 -51.17 52.41
CA ASP B 301 -74.85 -52.51 52.34
C ASP B 301 -73.70 -52.46 51.35
N GLY B 302 -72.49 -52.25 51.87
CA GLY B 302 -71.29 -52.31 51.06
C GLY B 302 -70.51 -53.57 51.34
N GLY B 303 -70.86 -54.26 52.42
CA GLY B 303 -70.21 -55.50 52.79
C GLY B 303 -71.09 -56.34 53.69
N GLY B 304 -72.40 -56.20 53.54
CA GLY B 304 -73.34 -56.94 54.33
C GLY B 304 -74.03 -56.16 55.44
N SER B 305 -73.87 -54.83 55.47
CA SER B 305 -74.43 -54.03 56.55
C SER B 305 -75.96 -54.00 56.56
N VAL B 306 -76.61 -54.62 55.59
CA VAL B 306 -78.06 -54.82 55.62
C VAL B 306 -78.42 -56.27 55.94
N ARG B 307 -77.73 -57.22 55.33
CA ARG B 307 -78.03 -58.63 55.54
C ARG B 307 -77.52 -59.12 56.90
N ILE B 308 -76.31 -58.70 57.29
CA ILE B 308 -75.73 -59.19 58.55
C ILE B 308 -76.59 -58.85 59.75
N PRO B 309 -77.01 -57.60 59.96
CA PRO B 309 -77.88 -57.32 61.13
C PRO B 309 -79.26 -57.92 60.99
N SER B 310 -79.75 -58.10 59.76
CA SER B 310 -81.09 -58.66 59.57
C SER B 310 -81.13 -60.12 60.00
N ALA B 311 -80.04 -60.87 59.76
CA ALA B 311 -80.00 -62.26 60.18
C ALA B 311 -79.85 -62.37 61.70
N LEU B 312 -79.03 -61.50 62.29
CA LEU B 312 -78.78 -61.56 63.73
C LEU B 312 -79.97 -61.09 64.55
N CYS B 313 -80.86 -60.29 63.97
CA CYS B 313 -82.01 -59.77 64.68
C CYS B 313 -83.32 -60.43 64.29
N GLY B 314 -83.31 -61.29 63.27
CA GLY B 314 -84.53 -61.99 62.88
C GLY B 314 -85.50 -61.17 62.06
N ILE B 315 -84.99 -60.42 61.08
CA ILE B 315 -85.81 -59.65 60.16
C ILE B 315 -85.30 -59.88 58.74
N THR B 316 -85.92 -59.20 57.79
CA THR B 316 -85.58 -59.36 56.38
C THR B 316 -84.93 -58.09 55.86
N GLY B 317 -83.79 -58.26 55.19
CA GLY B 317 -83.09 -57.15 54.56
C GLY B 317 -82.82 -57.42 53.10
N LEU B 318 -83.15 -56.45 52.24
CA LEU B 318 -83.04 -56.63 50.80
C LEU B 318 -81.83 -55.86 50.28
N LYS B 319 -80.84 -56.59 49.79
CA LYS B 319 -79.67 -55.99 49.14
C LYS B 319 -79.98 -55.95 47.64
N THR B 320 -80.31 -54.77 47.13
CA THR B 320 -80.68 -54.63 45.73
C THR B 320 -79.44 -54.67 44.84
N THR B 321 -79.68 -54.78 43.54
CA THR B 321 -78.59 -54.78 42.56
C THR B 321 -77.87 -53.44 42.60
N TYR B 322 -76.57 -53.48 42.29
CA TYR B 322 -75.78 -52.26 42.24
C TYR B 322 -76.33 -51.33 41.18
N GLY B 323 -76.69 -50.11 41.58
CA GLY B 323 -77.27 -49.14 40.68
C GLY B 323 -78.78 -49.14 40.63
N ARG B 324 -79.43 -50.17 41.18
CA ARG B 324 -80.89 -50.23 41.14
C ARG B 324 -81.52 -49.06 41.88
N THR B 325 -80.96 -48.68 43.01
CA THR B 325 -81.50 -47.61 43.84
C THR B 325 -80.54 -46.42 43.84
N ASP B 326 -81.10 -45.22 43.69
CA ASP B 326 -80.29 -44.01 43.63
C ASP B 326 -79.65 -43.73 45.00
N MET B 327 -78.35 -43.46 45.00
CA MET B 327 -77.60 -43.21 46.20
C MET B 327 -77.22 -41.74 46.37
N THR B 328 -77.89 -40.85 45.65
CA THR B 328 -77.58 -39.43 45.76
C THR B 328 -77.96 -38.92 47.14
N GLY B 329 -77.01 -38.29 47.82
CA GLY B 329 -77.27 -37.74 49.14
C GLY B 329 -76.95 -38.70 50.27
N SER B 330 -75.76 -39.29 50.24
CA SER B 330 -75.31 -40.19 51.29
C SER B 330 -73.79 -40.16 51.36
N LEU B 331 -73.25 -40.79 52.40
CA LEU B 331 -71.80 -40.84 52.58
C LEU B 331 -71.12 -41.91 51.75
N CYS B 332 -71.89 -42.77 51.09
CA CYS B 332 -71.34 -43.88 50.31
C CYS B 332 -71.58 -43.73 48.81
N GLU B 333 -71.99 -42.56 48.36
CA GLU B 333 -72.21 -42.36 46.93
C GLU B 333 -70.89 -42.33 46.18
N GLY B 334 -70.92 -42.83 44.94
CA GLY B 334 -69.73 -42.93 44.13
C GLY B 334 -68.89 -44.16 44.38
N GLY B 335 -69.32 -45.05 45.26
CA GLY B 335 -68.58 -46.27 45.55
C GLY B 335 -68.71 -47.29 44.43
N THR B 336 -68.32 -48.53 44.76
CA THR B 336 -68.40 -49.63 43.80
C THR B 336 -68.97 -50.90 44.43
N VAL B 337 -69.48 -50.84 45.65
CA VAL B 337 -69.99 -52.03 46.33
C VAL B 337 -71.24 -51.70 47.12
N GLU B 338 -71.44 -50.42 47.43
CA GLU B 338 -72.52 -50.01 48.31
C GLU B 338 -73.81 -49.76 47.55
N ILE B 339 -74.93 -49.98 48.25
CA ILE B 339 -76.26 -49.66 47.74
C ILE B 339 -77.14 -49.24 48.90
N ILE B 340 -78.37 -48.83 48.61
CA ILE B 340 -79.36 -48.51 49.63
C ILE B 340 -80.41 -49.62 49.63
N GLY B 341 -80.54 -50.29 50.77
CA GLY B 341 -81.47 -51.39 50.88
C GLY B 341 -82.41 -51.25 52.06
N PRO B 342 -83.60 -51.81 51.94
CA PRO B 342 -84.57 -51.76 53.05
C PRO B 342 -84.41 -52.91 54.03
N LEU B 343 -84.75 -52.63 55.29
CA LEU B 343 -84.77 -53.61 56.35
C LEU B 343 -86.17 -53.59 56.97
N ALA B 344 -86.89 -54.68 56.83
CA ALA B 344 -88.28 -54.75 57.27
C ALA B 344 -88.50 -56.00 58.11
N SER B 345 -89.63 -56.03 58.81
CA SER B 345 -89.98 -57.16 59.66
C SER B 345 -90.59 -58.31 58.89
N SER B 346 -91.04 -58.08 57.65
CA SER B 346 -91.63 -59.13 56.84
C SER B 346 -91.31 -58.87 55.38
N LEU B 347 -91.39 -59.94 54.57
CA LEU B 347 -91.13 -59.81 53.14
C LEU B 347 -92.13 -58.86 52.48
N GLU B 348 -93.37 -58.84 52.96
CA GLU B 348 -94.38 -57.96 52.38
C GLU B 348 -94.00 -56.50 52.57
N ASP B 349 -93.42 -56.16 53.73
CA ASP B 349 -93.04 -54.78 53.99
C ASP B 349 -91.82 -54.37 53.17
N ALA B 350 -90.84 -55.28 53.05
CA ALA B 350 -89.63 -54.94 52.30
C ALA B 350 -89.94 -54.78 50.82
N PHE B 351 -90.88 -55.56 50.30
CA PHE B 351 -91.24 -55.45 48.89
C PHE B 351 -91.89 -54.09 48.59
N LEU B 352 -92.68 -53.57 49.53
CA LEU B 352 -93.33 -52.28 49.32
C LEU B 352 -92.31 -51.15 49.38
N VAL B 353 -91.41 -51.18 50.37
CA VAL B 353 -90.40 -50.13 50.48
C VAL B 353 -89.44 -50.17 49.30
N TYR B 354 -89.16 -51.37 48.77
CA TYR B 354 -88.34 -51.46 47.57
C TYR B 354 -89.03 -50.81 46.38
N ALA B 355 -90.35 -50.95 46.28
CA ALA B 355 -91.08 -50.37 45.17
C ALA B 355 -91.11 -48.84 45.25
N ALA B 356 -90.99 -48.29 46.45
CA ALA B 356 -91.08 -46.85 46.64
C ALA B 356 -89.73 -46.14 46.46
N ILE B 357 -88.63 -46.83 46.75
CA ILE B 357 -87.32 -46.19 46.73
C ILE B 357 -86.50 -46.51 45.49
N LEU B 358 -86.90 -47.51 44.71
CA LEU B 358 -86.10 -47.93 43.58
C LEU B 358 -86.01 -46.81 42.55
N GLY B 359 -85.06 -46.96 41.62
CA GLY B 359 -84.84 -45.96 40.59
C GLY B 359 -83.39 -45.59 40.44
N SER B 360 -82.78 -46.03 39.34
CA SER B 360 -81.37 -45.73 39.10
C SER B 360 -81.16 -44.24 38.89
N SER B 361 -79.98 -43.77 39.27
CA SER B 361 -79.63 -42.38 39.05
C SER B 361 -79.47 -42.10 37.56
N SER B 362 -79.51 -40.80 37.22
CA SER B 362 -79.37 -40.42 35.81
C SER B 362 -78.01 -40.79 35.26
N ALA B 363 -76.99 -40.82 36.12
CA ALA B 363 -75.66 -41.23 35.68
C ALA B 363 -75.57 -42.75 35.55
N ASP B 364 -76.13 -43.48 36.52
CA ASP B 364 -76.07 -44.93 36.48
C ASP B 364 -77.03 -45.52 35.44
N ARG B 365 -78.04 -44.75 35.02
CA ARG B 365 -78.94 -45.23 33.96
C ARG B 365 -78.19 -45.39 32.64
N TYR B 366 -77.20 -44.53 32.38
CA TYR B 366 -76.46 -44.57 31.12
C TYR B 366 -75.31 -45.57 31.15
N ASN B 367 -74.59 -45.65 32.28
CA ASN B 367 -73.43 -46.52 32.34
C ASN B 367 -73.81 -47.97 32.60
N LEU B 368 -74.76 -48.20 33.51
CA LEU B 368 -75.17 -49.55 33.84
C LEU B 368 -76.29 -50.08 32.95
N LYS B 369 -77.15 -49.21 32.46
CA LYS B 369 -78.27 -49.58 31.59
C LYS B 369 -79.10 -50.71 32.20
N PRO B 370 -79.74 -50.47 33.34
CA PRO B 370 -80.48 -51.55 34.01
C PRO B 370 -81.78 -51.87 33.28
N SER B 371 -82.22 -53.12 33.44
CA SER B 371 -83.51 -53.53 32.93
C SER B 371 -84.62 -52.86 33.74
N PRO B 372 -85.82 -52.72 33.17
CA PRO B 372 -86.91 -52.10 33.90
C PRO B 372 -87.22 -52.89 35.16
N PRO B 373 -87.64 -52.21 36.23
CA PRO B 373 -87.96 -52.91 37.47
C PRO B 373 -89.11 -53.88 37.29
N CYS B 374 -89.06 -54.99 38.03
CA CYS B 374 -90.06 -56.05 37.95
C CYS B 374 -90.54 -56.39 39.35
N PHE B 375 -91.83 -56.60 39.48
CA PHE B 375 -92.42 -57.00 40.76
C PHE B 375 -92.90 -58.44 40.67
N PRO B 376 -92.58 -59.28 41.65
CA PRO B 376 -93.02 -60.67 41.60
C PRO B 376 -94.49 -60.81 41.96
N LYS B 377 -95.19 -61.67 41.23
CA LYS B 377 -96.59 -61.99 41.54
C LYS B 377 -96.60 -62.90 42.76
N LEU B 378 -96.68 -62.28 43.94
CA LEU B 378 -96.53 -63.02 45.19
C LEU B 378 -97.70 -63.98 45.44
N LEU B 379 -98.83 -63.79 44.78
CA LEU B 379 -99.94 -64.71 44.95
C LEU B 379 -99.76 -65.94 44.06
N SER B 380 -100.53 -66.99 44.35
CA SER B 380 -100.51 -68.20 43.54
C SER B 380 -101.14 -67.88 42.19
N HIS B 381 -100.31 -67.34 41.29
CA HIS B 381 -100.79 -66.88 40.00
C HIS B 381 -101.05 -68.02 39.02
N ASN B 382 -100.30 -69.12 39.15
CA ASN B 382 -100.37 -70.22 38.18
C ASN B 382 -100.77 -71.54 38.81
N GLY B 383 -100.09 -71.96 39.87
CA GLY B 383 -100.19 -73.32 40.34
C GLY B 383 -99.02 -74.12 39.82
N SER B 384 -98.16 -74.60 40.71
CA SER B 384 -96.83 -75.09 40.35
C SER B 384 -96.07 -74.00 39.57
N ASN B 385 -95.88 -72.88 40.26
CA ASN B 385 -95.39 -71.65 39.65
C ASN B 385 -93.91 -71.80 39.27
N ALA B 386 -93.29 -70.68 38.90
CA ALA B 386 -91.88 -70.67 38.55
C ALA B 386 -90.97 -70.91 39.75
N ILE B 387 -91.53 -70.94 40.97
CA ILE B 387 -90.71 -71.22 42.15
C ILE B 387 -90.09 -72.61 42.04
N GLY B 388 -90.84 -73.58 41.52
CA GLY B 388 -90.32 -74.93 41.40
C GLY B 388 -89.32 -75.09 40.28
N SER B 389 -89.46 -74.30 39.21
CA SER B 389 -88.55 -74.40 38.08
C SER B 389 -87.29 -73.56 38.28
N LEU B 390 -86.86 -73.40 39.52
CA LEU B 390 -85.64 -72.66 39.84
C LEU B 390 -84.56 -73.63 40.30
N ARG B 391 -83.33 -73.40 39.82
CA ARG B 391 -82.17 -74.18 40.21
C ARG B 391 -81.43 -73.45 41.33
N LEU B 392 -81.34 -74.07 42.50
CA LEU B 392 -80.69 -73.47 43.65
C LEU B 392 -79.23 -73.92 43.69
N GLY B 393 -78.31 -72.96 43.53
CA GLY B 393 -76.89 -73.27 43.61
C GLY B 393 -76.44 -73.36 45.06
N LYS B 394 -75.59 -74.34 45.33
CA LYS B 394 -75.13 -74.59 46.69
C LYS B 394 -73.71 -75.14 46.68
N TYR B 395 -72.84 -74.53 47.48
CA TYR B 395 -71.45 -74.99 47.65
C TYR B 395 -71.39 -75.68 49.01
N THR B 396 -71.36 -77.02 48.99
CA THR B 396 -71.53 -77.78 50.23
C THR B 396 -70.41 -77.50 51.22
N LYS B 397 -69.16 -77.45 50.75
CA LYS B 397 -68.05 -77.09 51.62
C LYS B 397 -68.25 -75.70 52.21
N TRP B 398 -68.55 -74.73 51.36
CA TRP B 398 -68.77 -73.35 51.82
C TRP B 398 -70.01 -73.25 52.70
N PHE B 399 -71.03 -74.06 52.40
CA PHE B 399 -72.29 -73.97 53.15
C PHE B 399 -72.09 -74.37 54.61
N ASN B 400 -71.27 -75.39 54.87
CA ASN B 400 -71.13 -75.94 56.21
C ASN B 400 -70.02 -75.28 57.02
N ASP B 401 -69.18 -74.46 56.40
CA ASP B 401 -68.09 -73.78 57.12
C ASP B 401 -68.71 -72.68 57.98
N VAL B 402 -69.31 -73.09 59.09
CA VAL B 402 -69.94 -72.18 60.03
C VAL B 402 -69.54 -72.59 61.44
N SER B 403 -69.45 -71.59 62.33
CA SER B 403 -69.04 -71.82 63.70
C SER B 403 -70.21 -72.21 64.60
N SER B 404 -71.21 -72.86 64.02
CA SER B 404 -72.38 -73.31 64.79
C SER B 404 -73.10 -74.39 63.98
N SER B 405 -73.27 -75.56 64.58
CA SER B 405 -73.92 -76.67 63.88
C SER B 405 -75.41 -76.45 63.68
N ASP B 406 -76.01 -75.49 64.37
CA ASP B 406 -77.44 -75.27 64.24
C ASP B 406 -77.79 -74.51 62.97
N ILE B 407 -77.00 -73.48 62.62
CA ILE B 407 -77.33 -72.68 61.45
C ILE B 407 -77.05 -73.42 60.16
N SER B 408 -76.20 -74.45 60.18
CA SER B 408 -75.96 -75.23 58.97
C SER B 408 -77.10 -76.21 58.69
N ASP B 409 -77.83 -76.61 59.72
CA ASP B 409 -78.93 -77.55 59.55
C ASP B 409 -80.27 -76.86 59.40
N LYS B 410 -80.48 -75.75 60.10
CA LYS B 410 -81.74 -75.03 59.97
C LYS B 410 -81.90 -74.43 58.58
N CYS B 411 -80.79 -74.09 57.92
CA CYS B 411 -80.86 -73.67 56.53
C CYS B 411 -81.01 -74.86 55.59
N GLU B 412 -80.47 -76.03 55.98
CA GLU B 412 -80.66 -77.22 55.17
C GLU B 412 -82.10 -77.71 55.24
N ASP B 413 -82.80 -77.45 56.35
CA ASP B 413 -84.20 -77.82 56.46
C ASP B 413 -85.07 -77.04 55.49
N ILE B 414 -84.72 -75.77 55.23
CA ILE B 414 -85.52 -74.96 54.32
C ILE B 414 -85.35 -75.44 52.88
N LEU B 415 -84.12 -75.83 52.51
CA LEU B 415 -83.88 -76.36 51.17
C LEU B 415 -84.71 -77.62 50.92
N LYS B 416 -84.73 -78.54 51.89
CA LYS B 416 -85.57 -79.72 51.75
C LYS B 416 -87.04 -79.36 51.76
N LEU B 417 -87.43 -78.34 52.53
CA LEU B 417 -88.81 -77.89 52.52
C LEU B 417 -89.17 -77.23 51.19
N LEU B 418 -88.22 -76.54 50.55
CA LEU B 418 -88.50 -75.91 49.28
C LEU B 418 -88.62 -76.94 48.16
N SER B 419 -87.82 -78.01 48.22
CA SER B 419 -87.85 -79.02 47.17
C SER B 419 -89.13 -79.85 47.22
N ASN B 420 -89.64 -80.12 48.43
CA ASN B 420 -90.81 -80.96 48.56
C ASN B 420 -92.11 -80.18 48.38
N ASN B 421 -92.15 -78.91 48.79
CA ASN B 421 -93.37 -78.13 48.71
C ASN B 421 -93.48 -77.30 47.43
N HIS B 422 -92.44 -77.27 46.60
CA HIS B 422 -92.48 -76.50 45.35
C HIS B 422 -91.81 -77.18 44.17
N GLY B 423 -90.74 -77.94 44.38
CA GLY B 423 -90.06 -78.62 43.32
C GLY B 423 -88.71 -78.05 42.92
N CYS B 424 -88.05 -77.30 43.79
CA CYS B 424 -86.78 -76.67 43.44
C CYS B 424 -85.68 -77.71 43.34
N LYS B 425 -84.77 -77.53 42.39
CA LYS B 425 -83.61 -78.38 42.23
C LYS B 425 -82.42 -77.76 42.95
N VAL B 426 -81.74 -78.57 43.76
CA VAL B 426 -80.57 -78.14 44.52
C VAL B 426 -79.34 -78.61 43.76
N VAL B 427 -78.75 -77.71 42.97
CA VAL B 427 -77.59 -78.04 42.15
C VAL B 427 -76.32 -77.69 42.94
N GLU B 428 -75.40 -78.64 42.98
CA GLU B 428 -74.11 -78.40 43.62
C GLU B 428 -73.25 -77.51 42.73
N ILE B 429 -72.66 -76.48 43.33
CA ILE B 429 -71.79 -75.55 42.62
C ILE B 429 -70.50 -75.39 43.41
N VAL B 430 -69.56 -74.67 42.82
CA VAL B 430 -68.27 -74.38 43.44
C VAL B 430 -67.94 -72.91 43.19
N VAL B 431 -67.41 -72.25 44.21
CA VAL B 431 -67.06 -70.84 44.13
C VAL B 431 -65.53 -70.71 44.16
N PRO B 432 -64.86 -70.66 43.02
CA PRO B 432 -63.40 -70.60 43.02
C PRO B 432 -62.87 -69.27 43.54
N GLU B 433 -61.67 -69.32 44.12
CA GLU B 433 -60.94 -68.14 44.58
C GLU B 433 -61.75 -67.34 45.60
N LEU B 434 -62.02 -67.98 46.74
CA LEU B 434 -62.75 -67.32 47.81
C LEU B 434 -61.88 -66.35 48.59
N GLU B 435 -60.59 -66.67 48.75
CA GLU B 435 -59.71 -65.75 49.48
C GLU B 435 -59.41 -64.50 48.67
N GLU B 436 -59.36 -64.60 47.34
CA GLU B 436 -59.18 -63.42 46.52
C GLU B 436 -60.38 -62.49 46.60
N MET B 437 -61.57 -63.04 46.79
CA MET B 437 -62.76 -62.21 46.89
C MET B 437 -62.74 -61.39 48.18
N ARG B 438 -62.28 -61.99 49.28
CA ARG B 438 -62.19 -61.25 50.54
C ARG B 438 -61.13 -60.15 50.46
N ALA B 439 -60.01 -60.44 49.82
CA ALA B 439 -58.95 -59.45 49.70
C ALA B 439 -59.39 -58.30 48.80
N ALA B 440 -59.94 -58.61 47.63
CA ALA B 440 -60.37 -57.58 46.70
C ALA B 440 -61.53 -56.75 47.23
N HIS B 441 -62.32 -57.31 48.16
CA HIS B 441 -63.43 -56.56 48.70
C HIS B 441 -62.95 -55.48 49.67
N VAL B 442 -62.16 -55.88 50.67
CA VAL B 442 -61.78 -54.97 51.76
C VAL B 442 -61.07 -53.74 51.23
N ILE B 443 -60.30 -53.90 50.15
CA ILE B 443 -59.64 -52.73 49.56
C ILE B 443 -60.62 -51.93 48.71
N SER B 444 -61.57 -52.59 48.06
CA SER B 444 -62.53 -51.89 47.23
C SER B 444 -63.55 -51.10 48.04
N ILE B 445 -63.76 -51.47 49.31
CA ILE B 445 -64.66 -50.73 50.18
C ILE B 445 -63.90 -49.71 51.02
N GLY B 446 -62.69 -50.04 51.46
CA GLY B 446 -61.93 -49.18 52.32
C GLY B 446 -61.34 -47.97 51.63
N SER B 447 -60.87 -48.15 50.39
CA SER B 447 -60.21 -47.05 49.69
C SER B 447 -61.13 -45.87 49.41
N PRO B 448 -62.34 -46.05 48.84
CA PRO B 448 -63.20 -44.89 48.64
C PRO B 448 -63.66 -44.24 49.94
N THR B 449 -63.90 -45.02 50.98
CA THR B 449 -64.28 -44.44 52.27
C THR B 449 -63.16 -43.59 52.83
N LEU B 450 -61.92 -44.10 52.79
CA LEU B 450 -60.78 -43.33 53.27
C LEU B 450 -60.56 -42.09 52.40
N SER B 451 -60.73 -42.22 51.10
CA SER B 451 -60.56 -41.06 50.22
C SER B 451 -61.65 -40.02 50.44
N SER B 452 -62.84 -40.45 50.88
CA SER B 452 -63.92 -39.51 51.10
C SER B 452 -63.63 -38.58 52.26
N LEU B 453 -62.95 -39.07 53.30
CA LEU B 453 -62.72 -38.31 54.52
C LEU B 453 -61.27 -37.90 54.71
N THR B 454 -60.43 -38.10 53.69
CA THR B 454 -59.02 -37.75 53.84
C THR B 454 -58.79 -36.26 54.08
N PRO B 455 -59.41 -35.33 53.35
CA PRO B 455 -59.19 -33.91 53.68
C PRO B 455 -59.66 -33.53 55.08
N TYR B 456 -60.67 -34.23 55.62
CA TYR B 456 -61.14 -33.92 56.97
C TYR B 456 -60.14 -34.38 58.02
N CYS B 457 -59.58 -35.57 57.85
CA CYS B 457 -58.68 -36.13 58.86
C CYS B 457 -57.35 -35.37 58.87
N GLU B 458 -56.83 -35.02 57.70
CA GLU B 458 -55.59 -34.25 57.64
C GLU B 458 -55.77 -32.83 58.16
N ALA B 459 -57.02 -32.35 58.23
CA ALA B 459 -57.31 -31.06 58.81
C ALA B 459 -57.43 -31.11 60.34
N GLY B 460 -56.98 -32.20 60.96
CA GLY B 460 -56.97 -32.33 62.40
C GLY B 460 -58.12 -33.13 62.98
N LYS B 461 -59.09 -33.54 62.16
CA LYS B 461 -60.24 -34.26 62.67
C LYS B 461 -60.00 -35.77 62.79
N ASN B 462 -58.78 -36.24 62.53
CA ASN B 462 -58.52 -37.68 62.63
C ASN B 462 -58.51 -38.13 64.08
N SER B 463 -58.21 -37.24 65.01
CA SER B 463 -58.22 -37.60 66.43
C SER B 463 -59.63 -37.76 66.97
N LYS B 464 -60.63 -37.11 66.34
CA LYS B 464 -62.00 -37.18 66.81
C LYS B 464 -62.72 -38.45 66.37
N LEU B 465 -62.04 -39.34 65.68
CA LEU B 465 -62.61 -40.63 65.31
C LEU B 465 -62.35 -41.66 66.42
N SER B 466 -63.16 -42.71 66.42
CA SER B 466 -62.97 -43.77 67.40
C SER B 466 -61.73 -44.60 67.06
N TYR B 467 -61.26 -45.36 68.05
CA TYR B 467 -60.11 -46.22 67.83
C TYR B 467 -60.42 -47.34 66.86
N ASP B 468 -61.68 -47.78 66.80
CA ASP B 468 -62.07 -48.81 65.85
C ASP B 468 -61.90 -48.31 64.42
N THR B 469 -62.33 -47.08 64.14
CA THR B 469 -62.19 -46.53 62.80
C THR B 469 -60.72 -46.29 62.44
N ARG B 470 -59.96 -45.74 63.39
CA ARG B 470 -58.55 -45.43 63.14
C ARG B 470 -57.74 -46.70 62.91
N THR B 471 -58.15 -47.81 63.54
CA THR B 471 -57.50 -49.09 63.27
C THR B 471 -57.68 -49.48 61.80
N SER B 472 -58.91 -49.39 61.30
CA SER B 472 -59.16 -49.71 59.89
C SER B 472 -58.48 -48.70 58.97
N PHE B 473 -58.52 -47.41 59.32
CA PHE B 473 -57.90 -46.40 58.48
C PHE B 473 -56.38 -46.58 58.43
N ALA B 474 -55.77 -47.03 59.53
CA ALA B 474 -54.34 -47.31 59.52
C ALA B 474 -54.01 -48.43 58.53
N ILE B 475 -54.94 -49.37 58.36
CA ILE B 475 -54.74 -50.45 57.39
C ILE B 475 -55.06 -49.95 55.98
N PHE B 476 -56.08 -49.11 55.84
CA PHE B 476 -56.50 -48.66 54.52
C PHE B 476 -55.46 -47.75 53.87
N ARG B 477 -54.74 -46.95 54.67
CA ARG B 477 -53.68 -46.14 54.11
C ARG B 477 -52.51 -46.96 53.59
N SER B 478 -52.45 -48.25 53.93
CA SER B 478 -51.41 -49.13 53.43
C SER B 478 -51.68 -49.61 52.00
N PHE B 479 -52.93 -49.57 51.56
CA PHE B 479 -53.28 -50.00 50.20
C PHE B 479 -52.76 -48.98 49.21
N SER B 480 -51.78 -49.37 48.40
CA SER B 480 -51.22 -48.47 47.40
C SER B 480 -52.12 -48.42 46.17
N ALA B 481 -51.76 -47.54 45.23
CA ALA B 481 -52.52 -47.44 43.99
C ALA B 481 -52.37 -48.70 43.14
N SER B 482 -51.16 -49.29 43.14
CA SER B 482 -50.96 -50.54 42.41
C SER B 482 -51.75 -51.69 43.04
N ASP B 483 -52.01 -51.62 44.35
CA ASP B 483 -52.82 -52.65 44.98
C ASP B 483 -54.28 -52.56 44.57
N TYR B 484 -54.78 -51.35 44.31
CA TYR B 484 -56.16 -51.20 43.89
C TYR B 484 -56.36 -51.69 42.45
N ILE B 485 -55.36 -51.50 41.60
CA ILE B 485 -55.46 -51.98 40.23
C ILE B 485 -55.61 -53.50 40.22
N ALA B 486 -54.74 -54.20 40.95
CA ALA B 486 -54.79 -55.65 40.97
C ALA B 486 -56.08 -56.17 41.60
N ALA B 487 -56.65 -55.43 42.54
CA ALA B 487 -57.90 -55.86 43.15
C ALA B 487 -59.04 -55.83 42.15
N GLN B 488 -59.08 -54.81 41.29
CA GLN B 488 -60.10 -54.76 40.25
C GLN B 488 -59.87 -55.83 39.20
N CYS B 489 -58.61 -56.24 38.99
CA CYS B 489 -58.35 -57.40 38.14
C CYS B 489 -58.94 -58.67 38.75
N LEU B 490 -58.97 -58.76 40.08
CA LEU B 490 -59.60 -59.90 40.72
C LEU B 490 -61.12 -59.83 40.66
N ARG B 491 -61.68 -58.61 40.60
CA ARG B 491 -63.14 -58.48 40.52
C ARG B 491 -63.66 -59.07 39.21
N ARG B 492 -62.89 -58.97 38.13
CA ARG B 492 -63.31 -59.56 36.87
C ARG B 492 -63.27 -61.08 36.92
N ARG B 493 -62.29 -61.64 37.64
CA ARG B 493 -62.21 -63.09 37.78
C ARG B 493 -63.41 -63.63 38.53
N LEU B 494 -63.75 -63.02 39.67
CA LEU B 494 -64.93 -63.46 40.42
C LEU B 494 -66.20 -63.24 39.62
N MET B 495 -66.20 -62.26 38.71
CA MET B 495 -67.37 -62.02 37.88
C MET B 495 -67.58 -63.16 36.88
N GLU B 496 -66.52 -63.51 36.14
CA GLU B 496 -66.62 -64.57 35.15
C GLU B 496 -66.92 -65.91 35.80
N TYR B 497 -66.52 -66.10 37.06
CA TYR B 497 -66.88 -67.32 37.77
C TYR B 497 -68.37 -67.35 38.09
N HIS B 498 -68.89 -66.26 38.66
CA HIS B 498 -70.29 -66.25 39.07
C HIS B 498 -71.25 -66.19 37.88
N LEU B 499 -70.84 -65.55 36.78
CA LEU B 499 -71.69 -65.52 35.60
C LEU B 499 -71.84 -66.91 35.01
N ASN B 500 -70.75 -67.69 34.98
CA ASN B 500 -70.85 -69.07 34.54
C ASN B 500 -71.65 -69.94 35.51
N ILE B 501 -71.72 -69.54 36.78
CA ILE B 501 -72.57 -70.26 37.73
C ILE B 501 -74.03 -69.98 37.45
N PHE B 502 -74.36 -68.73 37.11
CA PHE B 502 -75.74 -68.37 36.79
C PHE B 502 -76.21 -68.92 35.45
N LYS B 503 -75.31 -69.46 34.63
CA LYS B 503 -75.72 -70.18 33.44
C LYS B 503 -76.35 -71.53 33.77
N ASP B 504 -76.08 -72.06 34.95
CA ASP B 504 -76.59 -73.34 35.41
C ASP B 504 -77.66 -73.22 36.48
N VAL B 505 -77.54 -72.24 37.37
CA VAL B 505 -78.51 -72.06 38.46
C VAL B 505 -79.11 -70.65 38.34
N ASP B 506 -80.25 -70.48 39.01
CA ASP B 506 -80.95 -69.20 39.02
C ASP B 506 -80.51 -68.32 40.20
N VAL B 507 -80.34 -68.92 41.38
CA VAL B 507 -79.90 -68.21 42.57
C VAL B 507 -78.87 -69.08 43.29
N ILE B 508 -78.20 -68.47 44.26
CA ILE B 508 -77.21 -69.14 45.11
C ILE B 508 -77.67 -68.97 46.55
N VAL B 509 -77.86 -70.09 47.25
CA VAL B 509 -78.36 -70.09 48.63
C VAL B 509 -77.23 -70.44 49.57
N THR B 510 -77.01 -69.59 50.57
CA THR B 510 -76.01 -69.78 51.60
C THR B 510 -76.54 -69.18 52.89
N PRO B 511 -76.03 -69.61 54.04
CA PRO B 511 -76.38 -68.93 55.29
C PRO B 511 -75.81 -67.52 55.29
N THR B 512 -76.56 -66.61 55.93
CA THR B 512 -76.16 -65.20 55.93
C THR B 512 -74.87 -64.99 56.71
N THR B 513 -74.80 -65.51 57.93
CA THR B 513 -73.63 -65.39 58.78
C THR B 513 -73.17 -66.77 59.21
N GLY B 514 -71.89 -66.85 59.57
CA GLY B 514 -71.30 -68.10 60.01
C GLY B 514 -71.44 -68.34 61.50
N MET B 515 -72.32 -67.58 62.14
CA MET B 515 -72.54 -67.67 63.58
C MET B 515 -73.83 -66.94 63.91
N THR B 516 -74.34 -67.18 65.12
CA THR B 516 -75.50 -66.46 65.61
C THR B 516 -75.07 -65.13 66.21
N ALA B 517 -75.92 -64.54 67.05
CA ALA B 517 -75.61 -63.26 67.65
C ALA B 517 -74.44 -63.39 68.62
N PRO B 518 -73.31 -62.76 68.37
CA PRO B 518 -72.17 -62.87 69.28
C PRO B 518 -72.40 -62.06 70.55
N VAL B 519 -71.70 -62.47 71.61
CA VAL B 519 -71.80 -61.78 72.89
C VAL B 519 -70.87 -60.58 72.89
N ILE B 520 -71.33 -59.49 73.50
CA ILE B 520 -70.54 -58.27 73.63
C ILE B 520 -69.65 -58.41 74.85
N PRO B 521 -68.32 -58.38 74.70
CA PRO B 521 -67.45 -58.39 75.87
C PRO B 521 -67.58 -57.09 76.64
N PRO B 522 -67.77 -57.15 77.96
CA PRO B 522 -68.03 -55.93 78.74
C PRO B 522 -66.90 -54.91 78.67
N ASP B 523 -65.71 -55.30 78.22
CA ASP B 523 -64.61 -54.35 78.09
C ASP B 523 -64.71 -53.53 76.81
N ALA B 524 -65.35 -54.08 75.77
CA ALA B 524 -65.49 -53.38 74.50
C ALA B 524 -66.42 -52.17 74.61
N LEU B 525 -67.21 -52.08 75.68
CA LEU B 525 -68.11 -50.97 75.89
C LEU B 525 -67.41 -49.72 76.40
N LYS B 526 -66.10 -49.78 76.66
CA LYS B 526 -65.37 -48.61 77.14
C LYS B 526 -64.98 -47.69 75.99
N ASN B 527 -64.09 -48.16 75.12
CA ASN B 527 -63.64 -47.37 73.98
C ASN B 527 -63.57 -48.23 72.73
N GLY B 528 -64.60 -49.05 72.50
CA GLY B 528 -64.64 -49.89 71.34
C GLY B 528 -63.68 -51.08 71.47
N GLU B 529 -63.49 -51.76 70.33
CA GLU B 529 -62.64 -52.94 70.30
C GLU B 529 -62.18 -53.17 68.87
N THR B 530 -61.02 -53.82 68.75
CA THR B 530 -60.53 -54.33 67.47
C THR B 530 -60.64 -55.85 67.50
N ASN B 531 -61.39 -56.40 66.56
CA ASN B 531 -61.63 -57.84 66.51
C ASN B 531 -61.86 -58.20 65.04
N ILE B 532 -60.81 -58.05 64.23
CA ILE B 532 -60.91 -58.29 62.80
C ILE B 532 -61.26 -59.74 62.50
N GLN B 533 -60.96 -60.65 63.42
CA GLN B 533 -61.30 -62.06 63.22
C GLN B 533 -62.82 -62.25 63.16
N VAL B 534 -63.54 -61.66 64.11
CA VAL B 534 -64.99 -61.77 64.13
C VAL B 534 -65.61 -60.83 63.11
N THR B 535 -65.05 -59.64 62.95
CA THR B 535 -65.58 -58.69 61.96
C THR B 535 -65.54 -59.29 60.56
N THR B 536 -64.51 -60.07 60.25
CA THR B 536 -64.43 -60.72 58.95
C THR B 536 -65.29 -61.98 58.89
N ASP B 537 -65.34 -62.73 59.99
CA ASP B 537 -66.09 -63.98 60.02
C ASP B 537 -67.58 -63.75 59.82
N LEU B 538 -68.08 -62.55 60.07
CA LEU B 538 -69.49 -62.25 59.81
C LEU B 538 -69.76 -61.91 58.36
N MET B 539 -68.72 -61.68 57.54
CA MET B 539 -68.90 -61.31 56.15
C MET B 539 -68.50 -62.43 55.18
N ARG B 540 -68.25 -63.64 55.69
CA ARG B 540 -67.70 -64.69 54.85
C ARG B 540 -68.67 -65.19 53.79
N PHE B 541 -69.93 -64.76 53.83
CA PHE B 541 -70.91 -65.16 52.83
C PHE B 541 -71.50 -64.00 52.03
N VAL B 542 -71.42 -62.77 52.52
CA VAL B 542 -72.15 -61.66 51.93
C VAL B 542 -71.28 -60.78 51.05
N LEU B 543 -70.02 -61.14 50.84
CA LEU B 543 -69.14 -60.30 50.03
C LEU B 543 -69.33 -60.53 48.53
N ALA B 544 -69.91 -61.66 48.14
CA ALA B 544 -70.08 -61.95 46.72
C ALA B 544 -71.06 -60.98 46.07
N ALA B 545 -72.11 -60.59 46.80
CA ALA B 545 -73.12 -59.70 46.25
C ALA B 545 -72.67 -58.24 46.21
N ASN B 546 -71.66 -57.88 46.98
CA ASN B 546 -71.19 -56.49 47.00
C ASN B 546 -70.12 -56.23 45.95
N LEU B 547 -69.10 -57.08 45.90
CA LEU B 547 -68.02 -56.87 44.94
C LEU B 547 -68.49 -57.05 43.51
N LEU B 548 -69.54 -57.85 43.30
CA LEU B 548 -70.04 -58.15 41.97
C LEU B 548 -71.34 -57.44 41.63
N GLY B 549 -72.13 -57.02 42.63
CA GLY B 549 -73.32 -56.25 42.39
C GLY B 549 -74.62 -57.04 42.36
N PHE B 550 -74.56 -58.36 42.52
CA PHE B 550 -75.76 -59.17 42.45
C PHE B 550 -76.71 -58.85 43.60
N PRO B 551 -78.02 -58.95 43.38
CA PRO B 551 -78.97 -58.70 44.46
C PRO B 551 -79.06 -59.90 45.39
N ALA B 552 -79.13 -59.62 46.69
CA ALA B 552 -79.25 -60.65 47.70
C ALA B 552 -80.34 -60.28 48.69
N ILE B 553 -80.69 -61.22 49.55
CA ILE B 553 -81.70 -60.99 50.58
C ILE B 553 -81.42 -61.92 51.74
N SER B 554 -81.76 -61.46 52.94
CA SER B 554 -81.61 -62.23 54.17
C SER B 554 -82.99 -62.43 54.79
N VAL B 555 -83.36 -63.69 55.03
CA VAL B 555 -84.69 -64.00 55.54
C VAL B 555 -84.54 -64.90 56.77
N PRO B 556 -85.34 -64.69 57.80
CA PRO B 556 -85.29 -65.60 58.95
C PRO B 556 -85.80 -66.99 58.59
N VAL B 557 -85.12 -68.02 59.10
CA VAL B 557 -85.46 -69.39 58.76
C VAL B 557 -85.51 -70.25 60.02
N GLY B 558 -85.62 -69.61 61.19
CA GLY B 558 -85.74 -70.34 62.43
C GLY B 558 -84.77 -69.82 63.47
N TYR B 559 -84.58 -70.61 64.51
CA TYR B 559 -83.72 -70.24 65.64
C TYR B 559 -82.84 -71.42 66.01
N ASP B 560 -81.83 -71.14 66.84
CA ASP B 560 -80.88 -72.17 67.25
C ASP B 560 -81.20 -72.68 68.66
N LYS B 561 -80.16 -73.09 69.39
CA LYS B 561 -80.37 -73.65 70.72
C LYS B 561 -80.81 -72.57 71.71
N GLU B 562 -80.01 -71.53 71.87
CA GLU B 562 -80.28 -70.47 72.83
C GLU B 562 -81.31 -69.45 72.34
N GLY B 563 -82.08 -69.77 71.30
CA GLY B 563 -83.14 -68.88 70.84
C GLY B 563 -82.67 -67.69 70.06
N LEU B 564 -81.58 -67.81 69.30
CA LEU B 564 -81.11 -66.70 68.50
C LEU B 564 -81.54 -66.85 67.04
N PRO B 565 -81.77 -65.75 66.35
CA PRO B 565 -82.23 -65.84 64.95
C PRO B 565 -81.14 -66.38 64.02
N ILE B 566 -81.59 -67.10 63.00
CA ILE B 566 -80.73 -67.63 61.94
C ILE B 566 -81.21 -67.06 60.62
N GLY B 567 -80.26 -66.67 59.77
CA GLY B 567 -80.57 -66.05 58.50
C GLY B 567 -80.09 -66.87 57.32
N LEU B 568 -80.87 -66.85 56.25
CA LEU B 568 -80.54 -67.54 55.00
C LEU B 568 -80.45 -66.51 53.89
N GLN B 569 -79.39 -66.59 53.09
CA GLN B 569 -79.15 -65.64 52.02
C GLN B 569 -79.47 -66.25 50.66
N ILE B 570 -80.15 -65.47 49.82
CA ILE B 570 -80.50 -65.88 48.47
C ILE B 570 -79.98 -64.80 47.53
N MET B 571 -78.99 -65.14 46.72
CA MET B 571 -78.38 -64.20 45.78
C MET B 571 -78.72 -64.63 44.36
N GLY B 572 -79.36 -63.72 43.61
CA GLY B 572 -79.83 -64.02 42.28
C GLY B 572 -79.09 -63.26 41.19
N ARG B 573 -79.58 -63.41 39.96
CA ARG B 573 -78.98 -62.78 38.81
C ARG B 573 -79.13 -61.25 38.89
N PRO B 574 -78.32 -60.52 38.13
CA PRO B 574 -78.43 -59.05 38.14
C PRO B 574 -79.81 -58.58 37.70
N TRP B 575 -80.30 -57.53 38.36
CA TRP B 575 -81.59 -56.90 38.11
C TRP B 575 -82.77 -57.82 38.36
N ALA B 576 -82.55 -58.99 38.97
CA ALA B 576 -83.61 -59.97 39.18
C ALA B 576 -84.07 -59.95 40.63
N GLU B 577 -84.47 -58.77 41.09
CA GLU B 577 -85.00 -58.66 42.45
C GLU B 577 -86.30 -59.45 42.61
N ALA B 578 -87.12 -59.50 41.55
CA ALA B 578 -88.38 -60.23 41.64
C ALA B 578 -88.14 -61.72 41.84
N THR B 579 -87.09 -62.26 41.22
CA THR B 579 -86.74 -63.65 41.45
C THR B 579 -86.31 -63.88 42.89
N VAL B 580 -85.50 -62.97 43.43
CA VAL B 580 -85.04 -63.11 44.80
C VAL B 580 -86.17 -62.88 45.78
N LEU B 581 -87.01 -61.86 45.53
CA LEU B 581 -88.13 -61.57 46.42
C LEU B 581 -89.17 -62.69 46.36
N GLY B 582 -89.38 -63.27 45.17
CA GLY B 582 -90.37 -64.34 45.06
C GLY B 582 -89.95 -65.59 45.81
N LEU B 583 -88.70 -66.01 45.64
CA LEU B 583 -88.22 -67.19 46.35
C LEU B 583 -88.17 -66.96 47.85
N ALA B 584 -87.79 -65.75 48.27
CA ALA B 584 -87.76 -65.44 49.69
C ALA B 584 -89.17 -65.44 50.28
N ALA B 585 -90.17 -65.04 49.49
CA ALA B 585 -91.54 -65.05 49.98
C ALA B 585 -92.00 -66.46 50.30
N ALA B 586 -91.61 -67.43 49.47
CA ALA B 586 -91.96 -68.83 49.74
C ALA B 586 -91.22 -69.37 50.96
N VAL B 587 -90.04 -68.82 51.26
CA VAL B 587 -89.29 -69.28 52.43
C VAL B 587 -90.00 -68.85 53.71
N GLU B 588 -90.50 -67.61 53.75
CA GLU B 588 -91.24 -67.15 54.92
C GLU B 588 -92.55 -67.91 55.11
N GLU B 589 -93.09 -68.50 54.03
CA GLU B 589 -94.28 -69.31 54.17
C GLU B 589 -93.99 -70.63 54.86
N LEU B 590 -92.84 -71.24 54.55
CA LEU B 590 -92.49 -72.54 55.11
C LEU B 590 -91.92 -72.45 56.53
N ALA B 591 -91.39 -71.29 56.92
CA ALA B 591 -90.81 -71.11 58.26
C ALA B 591 -91.02 -69.66 58.69
N PRO B 592 -92.21 -69.32 59.17
CA PRO B 592 -92.47 -67.94 59.58
C PRO B 592 -91.84 -67.61 60.92
N VAL B 593 -91.74 -66.31 61.18
CA VAL B 593 -91.21 -65.83 62.45
C VAL B 593 -92.28 -66.06 63.53
N THR B 594 -91.93 -66.85 64.54
CA THR B 594 -92.88 -67.21 65.59
C THR B 594 -92.44 -66.83 67.00
N LYS B 595 -91.15 -66.63 67.24
CA LYS B 595 -90.66 -66.32 68.58
C LYS B 595 -90.59 -64.81 68.76
N LYS B 596 -91.24 -64.31 69.80
CA LYS B 596 -91.18 -62.89 70.13
C LYS B 596 -89.88 -62.58 70.86
N PRO B 597 -89.15 -61.55 70.46
CA PRO B 597 -87.89 -61.23 71.14
C PRO B 597 -88.14 -60.69 72.54
N ALA B 598 -87.03 -60.51 73.27
CA ALA B 598 -87.11 -59.99 74.63
C ALA B 598 -87.64 -58.56 74.64
N ILE B 599 -86.92 -57.65 73.98
CA ILE B 599 -87.35 -56.27 73.84
C ILE B 599 -88.32 -56.21 72.66
N PHE B 600 -89.58 -55.92 72.94
CA PHE B 600 -90.58 -55.79 71.88
C PHE B 600 -91.67 -54.83 72.34
N TYR B 601 -92.23 -54.09 71.39
CA TYR B 601 -93.24 -53.08 71.68
C TYR B 601 -94.37 -53.19 70.67
N ASP B 602 -95.57 -53.53 71.15
CA ASP B 602 -96.75 -53.55 70.31
C ASP B 602 -97.29 -52.13 70.17
N ILE B 603 -97.49 -51.67 68.94
CA ILE B 603 -97.82 -50.29 68.66
C ILE B 603 -99.31 -50.08 68.48
N LEU B 604 -99.97 -50.97 67.72
CA LEU B 604 -101.38 -50.76 67.39
C LEU B 604 -102.32 -51.09 68.54
N ASN B 605 -101.89 -51.91 69.50
CA ASN B 605 -102.73 -52.32 70.62
C ASN B 605 -104.01 -52.98 70.14
N TYR C 4 -20.21 37.05 48.33
CA TYR C 4 -20.25 35.65 48.73
C TYR C 4 -20.45 34.72 47.54
N GLN C 5 -21.52 34.97 46.77
CA GLN C 5 -21.84 34.14 45.62
C GLN C 5 -22.54 35.00 44.57
N VAL C 6 -22.44 34.59 43.32
CA VAL C 6 -23.00 35.33 42.20
C VAL C 6 -24.23 34.58 41.69
N MET C 7 -25.22 35.35 41.23
CA MET C 7 -26.48 34.82 40.73
C MET C 7 -26.57 35.03 39.23
N LYS C 8 -27.08 34.02 38.52
CA LYS C 8 -27.21 34.05 37.07
C LYS C 8 -28.65 33.81 36.63
N ARG C 9 -28.90 34.12 35.36
CA ARG C 9 -30.09 33.69 34.65
C ARG C 9 -29.82 33.84 33.16
N ALA C 10 -30.36 32.93 32.35
CA ALA C 10 -29.96 32.84 30.95
C ALA C 10 -30.95 33.53 30.02
N SER C 11 -32.14 32.94 29.85
CA SER C 11 -33.07 33.39 28.83
C SER C 11 -33.79 34.67 29.21
N GLU C 12 -33.18 35.50 30.06
CA GLU C 12 -33.79 36.77 30.45
C GLU C 12 -32.78 37.90 30.50
N VAL C 13 -31.61 37.74 29.89
CA VAL C 13 -30.60 38.81 29.86
C VAL C 13 -30.89 39.71 28.68
N ASP C 14 -30.54 40.99 28.84
CA ASP C 14 -30.64 41.97 27.76
C ASP C 14 -29.33 41.95 26.98
N LEU C 15 -29.41 41.69 25.67
CA LEU C 15 -28.19 41.59 24.86
C LEU C 15 -27.47 42.93 24.77
N SER C 16 -28.19 44.05 24.92
CA SER C 16 -27.55 45.35 24.96
C SER C 16 -26.78 45.59 26.26
N THR C 17 -26.95 44.72 27.25
CA THR C 17 -26.20 44.83 28.50
C THR C 17 -24.94 43.97 28.50
N VAL C 18 -24.91 42.91 27.69
CA VAL C 18 -23.76 42.00 27.65
C VAL C 18 -22.55 42.74 27.11
N LYS C 19 -21.50 42.82 27.91
CA LYS C 19 -20.24 43.43 27.50
C LYS C 19 -19.24 42.35 27.12
N TYR C 20 -18.29 42.72 26.27
CA TYR C 20 -17.30 41.77 25.76
C TYR C 20 -16.17 41.61 26.78
N LYS C 21 -16.16 40.47 27.48
CA LYS C 21 -15.10 40.16 28.43
C LYS C 21 -14.03 39.33 27.73
N ALA C 22 -12.82 39.86 27.65
CA ALA C 22 -11.71 39.22 26.94
C ALA C 22 -10.61 38.90 27.96
N GLU C 23 -10.71 37.73 28.58
CA GLU C 23 -9.69 37.26 29.52
C GLU C 23 -8.72 36.34 28.78
N THR C 24 -7.45 36.71 28.76
CA THR C 24 -6.43 35.86 28.20
C THR C 24 -5.95 34.86 29.26
N MET C 25 -5.51 33.70 28.78
CA MET C 25 -5.07 32.65 29.71
C MET C 25 -3.75 33.03 30.36
N LYS C 26 -3.62 32.70 31.64
CA LYS C 26 -2.44 33.02 32.43
C LYS C 26 -1.85 31.71 32.95
N ALA C 27 -0.72 31.30 32.38
CA ALA C 27 -0.06 30.06 32.76
C ALA C 27 1.41 30.17 32.40
N PRO C 28 2.28 29.46 33.12
CA PRO C 28 3.72 29.57 32.84
C PRO C 28 4.10 28.97 31.50
N HIS C 29 5.27 29.39 31.01
CA HIS C 29 5.83 28.91 29.76
C HIS C 29 7.17 28.26 30.09
N LEU C 30 7.21 26.93 30.14
CA LEU C 30 8.39 26.20 30.54
C LEU C 30 8.77 25.18 29.48
N THR C 31 10.07 24.95 29.35
CA THR C 31 10.59 24.02 28.37
C THR C 31 11.83 23.33 28.94
N GLY C 32 12.11 22.14 28.41
CA GLY C 32 13.34 21.45 28.78
C GLY C 32 13.28 20.91 30.20
N LEU C 33 14.31 21.20 30.98
CA LEU C 33 14.43 20.61 32.31
C LEU C 33 13.46 21.26 33.29
N SER C 34 13.27 22.57 33.20
CA SER C 34 12.30 23.24 34.07
C SER C 34 10.89 22.71 33.84
N PHE C 35 10.59 22.26 32.62
CA PHE C 35 9.33 21.59 32.37
C PHE C 35 9.27 20.25 33.07
N LYS C 36 10.36 19.47 33.01
CA LYS C 36 10.40 18.16 33.66
C LYS C 36 10.22 18.30 35.17
N LEU C 37 10.89 19.28 35.78
CA LEU C 37 10.72 19.50 37.21
C LEU C 37 9.32 19.97 37.53
N PHE C 38 8.72 20.79 36.66
CA PHE C 38 7.37 21.29 36.89
C PHE C 38 6.33 20.18 36.73
N VAL C 39 6.59 19.21 35.84
CA VAL C 39 5.68 18.08 35.71
C VAL C 39 5.70 17.22 36.98
N ASN C 40 6.90 16.96 37.51
CA ASN C 40 7.00 16.17 38.72
C ASN C 40 6.40 16.89 39.92
N LEU C 41 6.45 18.23 39.93
CA LEU C 41 5.79 18.99 41.00
C LEU C 41 4.27 18.88 40.88
N LEU C 42 3.74 18.90 39.65
CA LEU C 42 2.30 18.73 39.47
C LEU C 42 1.85 17.34 39.91
N GLU C 43 2.62 16.32 39.54
CA GLU C 43 2.32 14.94 39.93
C GLU C 43 2.75 14.63 41.35
N ALA C 44 3.28 15.60 42.09
CA ALA C 44 3.65 15.38 43.47
C ALA C 44 2.40 15.38 44.35
N PRO C 45 2.44 14.64 45.49
CA PRO C 45 1.26 14.54 46.35
C PRO C 45 0.62 15.88 46.75
N LEU C 46 1.16 16.49 47.81
CA LEU C 46 0.50 17.64 48.41
C LEU C 46 0.68 18.91 47.58
N ILE C 47 1.94 19.20 47.20
CA ILE C 47 2.22 20.43 46.46
C ILE C 47 1.58 20.39 45.07
N GLY C 48 1.39 19.18 44.52
CA GLY C 48 0.79 19.09 43.20
C GLY C 48 -0.62 19.66 43.14
N SER C 49 -1.43 19.36 44.16
CA SER C 49 -2.79 19.89 44.18
C SER C 49 -2.81 21.39 44.38
N LEU C 50 -1.85 21.94 45.13
CA LEU C 50 -1.84 23.37 45.40
C LEU C 50 -1.51 24.17 44.14
N ILE C 51 -0.65 23.63 43.27
CA ILE C 51 -0.30 24.34 42.05
C ILE C 51 -1.50 24.40 41.10
N VAL C 52 -2.25 23.30 41.00
CA VAL C 52 -3.39 23.28 40.09
C VAL C 52 -4.52 24.16 40.61
N ASP C 53 -4.81 24.09 41.91
CA ASP C 53 -5.83 24.95 42.48
C ASP C 53 -5.45 26.41 42.38
N TYR C 54 -4.15 26.71 42.34
CA TYR C 54 -3.72 28.09 42.12
C TYR C 54 -3.99 28.54 40.69
N LEU C 55 -3.64 27.68 39.72
CA LEU C 55 -3.87 28.03 38.32
C LEU C 55 -5.37 28.11 38.01
N LYS C 56 -6.18 27.23 38.62
CA LYS C 56 -7.61 27.27 38.36
C LYS C 56 -8.24 28.54 38.94
N LYS C 57 -7.85 28.91 40.16
CA LYS C 57 -8.42 30.10 40.77
C LYS C 57 -7.91 31.37 40.09
N ASP C 58 -6.66 31.35 39.61
CA ASP C 58 -6.10 32.55 38.98
C ASP C 58 -6.79 32.88 37.66
N ASN C 59 -7.21 31.87 36.91
CA ASN C 59 -7.85 32.08 35.62
C ASN C 59 -9.35 32.24 35.72
N GLY C 60 -9.89 32.36 36.94
CA GLY C 60 -11.32 32.58 37.10
C GLY C 60 -12.18 31.36 36.89
N MET C 61 -11.63 30.15 37.05
CA MET C 61 -12.41 28.93 36.86
C MET C 61 -13.12 28.50 38.14
N THR C 62 -12.49 28.72 39.29
CA THR C 62 -13.15 28.37 40.56
C THR C 62 -14.35 29.27 40.80
N LYS C 63 -14.26 30.55 40.42
CA LYS C 63 -15.38 31.47 40.59
C LYS C 63 -16.59 31.08 39.75
N ILE C 64 -16.39 30.37 38.66
CA ILE C 64 -17.49 29.98 37.79
C ILE C 64 -18.09 28.63 38.19
N PHE C 65 -17.23 27.67 38.55
CA PHE C 65 -17.70 26.32 38.86
C PHE C 65 -18.16 26.14 40.30
N ARG C 66 -17.61 26.91 41.24
CA ARG C 66 -17.87 26.67 42.65
C ARG C 66 -18.49 27.85 43.39
N ASN C 67 -18.43 29.06 42.87
CA ASN C 67 -18.94 30.24 43.56
C ASN C 67 -20.00 30.97 42.74
N THR C 68 -20.75 30.24 41.92
CA THR C 68 -21.81 30.84 41.11
C THR C 68 -22.94 29.84 40.96
N VAL C 69 -24.15 30.28 41.22
CA VAL C 69 -25.34 29.44 41.06
C VAL C 69 -25.83 29.56 39.63
N ILE C 70 -26.17 28.43 39.03
CA ILE C 70 -26.62 28.37 37.64
C ILE C 70 -28.04 27.81 37.60
N PRO C 71 -29.03 28.61 37.21
CA PRO C 71 -30.42 28.13 37.19
C PRO C 71 -30.79 27.29 35.98
N GLU C 72 -29.82 26.83 35.18
CA GLU C 72 -30.09 26.03 34.00
C GLU C 72 -29.90 24.55 34.31
N GLU C 73 -30.69 23.70 33.61
CA GLU C 73 -30.58 22.26 33.78
C GLU C 73 -29.50 21.70 32.86
N PRO C 74 -28.74 20.70 33.30
CA PRO C 74 -27.58 20.25 32.53
C PRO C 74 -27.96 19.65 31.20
N MET C 75 -27.34 20.16 30.13
CA MET C 75 -27.45 19.62 28.77
C MET C 75 -26.14 18.90 28.48
N PHE C 76 -26.15 17.57 28.63
CA PHE C 76 -24.91 16.80 28.53
C PHE C 76 -24.46 16.62 27.10
N ARG C 77 -25.39 16.58 26.14
CA ARG C 77 -25.07 16.44 24.73
C ARG C 77 -25.84 17.49 23.94
N PRO C 78 -25.30 17.91 22.79
CA PRO C 78 -25.97 18.96 22.00
C PRO C 78 -27.38 18.55 21.58
N GLU C 79 -28.36 19.36 21.95
CA GLU C 79 -29.76 19.12 21.64
C GLU C 79 -30.22 20.18 20.65
N PHE C 80 -30.40 19.78 19.36
CA PHE C 80 -30.82 20.78 18.39
C PHE C 80 -32.33 20.70 18.15
N PRO C 81 -32.99 21.84 18.01
CA PRO C 81 -34.43 21.83 17.69
C PRO C 81 -34.65 21.53 16.22
N SER C 82 -35.92 21.56 15.82
CA SER C 82 -36.29 21.35 14.41
C SER C 82 -35.87 22.58 13.61
N GLN C 83 -34.91 22.39 12.70
CA GLN C 83 -34.40 23.47 11.88
C GLN C 83 -35.24 23.63 10.62
N GLU C 84 -35.26 24.85 10.08
CA GLU C 84 -35.97 25.05 8.83
C GLU C 84 -35.15 24.49 7.66
N PRO C 85 -35.82 24.01 6.61
CA PRO C 85 -35.08 23.41 5.49
C PRO C 85 -34.28 24.45 4.73
N GLU C 86 -33.00 24.16 4.52
CA GLU C 86 -32.15 25.05 3.74
C GLU C 86 -32.58 25.06 2.29
N HIS C 87 -32.58 26.24 1.68
CA HIS C 87 -33.10 26.43 0.34
C HIS C 87 -32.00 26.19 -0.70
N ASP C 88 -32.44 25.69 -1.87
CA ASP C 88 -31.56 25.49 -3.02
C ASP C 88 -30.42 24.53 -2.69
N VAL C 89 -30.79 23.34 -2.22
CA VAL C 89 -29.84 22.26 -1.95
C VAL C 89 -30.43 20.97 -2.50
N VAL C 90 -29.61 19.91 -2.47
CA VAL C 90 -30.00 18.59 -2.95
C VAL C 90 -29.96 17.63 -1.77
N ILE C 91 -31.08 16.95 -1.54
CA ILE C 91 -31.19 16.00 -0.44
C ILE C 91 -30.76 14.63 -0.95
N VAL C 92 -29.86 13.98 -0.21
CA VAL C 92 -29.41 12.63 -0.52
C VAL C 92 -29.66 11.75 0.70
N GLY C 93 -29.99 10.49 0.45
CA GLY C 93 -30.29 9.58 1.53
C GLY C 93 -29.08 9.34 2.43
N GLU C 94 -29.37 9.05 3.70
CA GLU C 94 -28.31 8.78 4.66
C GLU C 94 -27.90 7.31 4.70
N ASP C 95 -28.71 6.42 4.14
CA ASP C 95 -28.39 5.00 4.07
C ASP C 95 -27.77 4.59 2.75
N GLU C 96 -27.70 5.50 1.77
CA GLU C 96 -27.10 5.18 0.49
C GLU C 96 -25.59 4.98 0.65
N SER C 97 -25.03 4.14 -0.22
CA SER C 97 -23.60 3.86 -0.18
C SER C 97 -22.80 5.11 -0.57
N PRO C 98 -21.56 5.23 -0.10
CA PRO C 98 -20.76 6.41 -0.46
C PRO C 98 -20.47 6.51 -1.95
N ILE C 99 -20.61 5.42 -2.70
CA ILE C 99 -20.41 5.47 -4.14
C ILE C 99 -21.57 6.20 -4.81
N ASP C 100 -22.79 5.99 -4.31
CA ASP C 100 -23.95 6.68 -4.88
C ASP C 100 -23.97 8.16 -4.49
N ARG C 101 -23.51 8.49 -3.29
CA ARG C 101 -23.48 9.89 -2.89
C ARG C 101 -22.40 10.68 -3.60
N LEU C 102 -21.39 9.99 -4.15
CA LEU C 102 -20.34 10.70 -4.88
C LEU C 102 -20.80 11.13 -6.27
N GLU C 103 -21.44 10.21 -7.00
CA GLU C 103 -21.94 10.57 -8.32
C GLU C 103 -23.07 11.59 -8.25
N THR C 104 -23.77 11.67 -7.12
CA THR C 104 -24.73 12.74 -6.90
C THR C 104 -24.02 14.05 -6.56
N ALA C 105 -22.94 13.96 -5.78
CA ALA C 105 -22.14 15.15 -5.51
C ALA C 105 -21.39 15.63 -6.74
N LEU C 106 -21.12 14.72 -7.69
CA LEU C 106 -20.50 15.14 -8.95
C LEU C 106 -21.45 16.00 -9.77
N LYS C 107 -22.76 15.81 -9.60
CA LYS C 107 -23.74 16.66 -10.26
C LYS C 107 -23.87 18.02 -9.59
N CYS C 108 -23.46 18.13 -8.32
CA CYS C 108 -23.50 19.43 -7.64
C CYS C 108 -22.27 20.26 -7.96
N LEU C 109 -21.16 19.62 -8.32
CA LEU C 109 -19.96 20.36 -8.68
C LEU C 109 -20.12 20.99 -10.06
N PRO C 110 -19.41 22.08 -10.32
CA PRO C 110 -19.44 22.68 -11.66
C PRO C 110 -18.84 21.75 -12.70
N GLN C 111 -19.03 22.11 -13.96
CA GLN C 111 -18.51 21.30 -15.05
C GLN C 111 -16.98 21.30 -15.03
N TYR C 112 -16.40 20.11 -15.16
CA TYR C 112 -14.95 19.97 -15.11
C TYR C 112 -14.34 20.44 -16.42
N ASP C 113 -13.33 21.31 -16.33
CA ASP C 113 -12.67 21.86 -17.50
C ASP C 113 -11.35 21.13 -17.71
N PRO C 114 -11.21 20.32 -18.76
CA PRO C 114 -9.93 19.63 -18.99
C PRO C 114 -8.77 20.55 -19.32
N SER C 115 -9.00 21.86 -19.48
CA SER C 115 -7.94 22.81 -19.76
C SER C 115 -7.21 23.29 -18.51
N ARG C 116 -7.33 22.55 -17.40
CA ARG C 116 -6.65 22.90 -16.15
C ARG C 116 -5.72 21.79 -15.66
N SER C 117 -5.52 20.73 -16.45
CA SER C 117 -4.69 19.61 -16.01
C SER C 117 -3.65 19.26 -17.06
N LEU C 118 -4.09 19.01 -18.29
CA LEU C 118 -3.19 18.55 -19.36
C LEU C 118 -2.58 19.72 -20.13
N HIS C 119 -3.43 20.52 -20.77
CA HIS C 119 -2.97 21.62 -21.62
C HIS C 119 -3.29 22.94 -20.93
N ALA C 120 -2.25 23.75 -20.70
CA ALA C 120 -2.43 25.04 -20.04
C ALA C 120 -1.29 25.96 -20.44
N ASP C 121 -1.48 27.25 -20.20
CA ASP C 121 -0.47 28.24 -20.52
C ASP C 121 0.64 28.20 -19.47
N PRO C 122 1.91 28.14 -19.88
CA PRO C 122 3.00 28.04 -18.89
C PRO C 122 3.34 29.38 -18.23
N VAL C 123 2.36 30.28 -18.16
CA VAL C 123 2.55 31.58 -17.50
C VAL C 123 1.36 31.85 -16.60
N SER C 124 0.75 30.79 -16.05
CA SER C 124 -0.40 30.91 -15.19
C SER C 124 0.03 30.93 -13.72
N SER C 125 -0.94 31.13 -12.84
CA SER C 125 -0.68 31.22 -11.41
C SER C 125 -0.53 29.82 -10.80
N PHE C 126 -0.33 29.79 -9.49
CA PHE C 126 -0.17 28.54 -8.76
C PHE C 126 -1.53 28.03 -8.28
N ARG C 127 -1.67 26.71 -8.25
CA ARG C 127 -2.90 26.08 -7.79
C ARG C 127 -2.57 24.65 -7.36
N TYR C 128 -3.34 24.16 -6.40
CA TYR C 128 -3.23 22.77 -5.98
C TYR C 128 -3.90 21.86 -7.01
N TRP C 129 -3.55 20.57 -6.96
CA TRP C 129 -4.18 19.58 -7.81
C TRP C 129 -5.48 19.11 -7.18
N LYS C 130 -6.59 19.28 -7.90
CA LYS C 130 -7.88 18.85 -7.40
C LYS C 130 -8.01 17.33 -7.46
N ILE C 131 -9.06 16.82 -6.80
CA ILE C 131 -9.33 15.38 -6.87
C ILE C 131 -9.78 14.99 -8.28
N ARG C 132 -10.59 15.83 -8.91
CA ARG C 132 -11.00 15.56 -10.28
C ARG C 132 -9.84 15.69 -11.27
N ASP C 133 -8.76 16.37 -10.88
CA ASP C 133 -7.57 16.40 -11.72
C ASP C 133 -6.87 15.04 -11.72
N TYR C 134 -6.78 14.40 -10.55
CA TYR C 134 -6.27 13.04 -10.49
C TYR C 134 -7.25 12.06 -11.13
N ALA C 135 -8.55 12.30 -10.96
CA ALA C 135 -9.55 11.36 -11.47
C ALA C 135 -9.62 11.41 -12.99
N TYR C 136 -9.45 12.59 -13.58
CA TYR C 136 -9.44 12.68 -15.04
C TYR C 136 -8.17 12.09 -15.61
N ALA C 137 -7.03 12.31 -14.94
CA ALA C 137 -5.76 11.81 -15.44
C ALA C 137 -5.69 10.28 -15.39
N TYR C 138 -6.30 9.67 -14.36
CA TYR C 138 -6.33 8.22 -14.29
C TYR C 138 -7.18 7.64 -15.42
N ARG C 139 -8.29 8.32 -15.76
CA ARG C 139 -9.24 7.80 -16.73
C ARG C 139 -8.92 8.19 -18.16
N SER C 140 -7.94 9.06 -18.38
CA SER C 140 -7.56 9.48 -19.72
C SER C 140 -6.21 8.90 -20.15
N LYS C 141 -5.71 7.89 -19.43
CA LYS C 141 -4.45 7.18 -19.69
C LYS C 141 -3.22 8.09 -19.57
N LEU C 142 -3.37 9.30 -19.05
CA LEU C 142 -2.22 10.18 -18.85
C LEU C 142 -1.29 9.64 -17.78
N THR C 143 -1.85 9.04 -16.72
CA THR C 143 -1.05 8.43 -15.67
C THR C 143 -1.88 7.34 -15.00
N THR C 144 -1.22 6.56 -14.15
CA THR C 144 -1.87 5.50 -13.41
C THR C 144 -1.62 5.68 -11.91
N PRO C 145 -2.55 5.22 -11.06
CA PRO C 145 -2.35 5.38 -9.61
C PRO C 145 -1.12 4.67 -9.09
N LEU C 146 -0.59 3.69 -9.83
CA LEU C 146 0.61 2.99 -9.37
C LEU C 146 1.83 3.91 -9.41
N GLN C 147 2.10 4.52 -10.57
CA GLN C 147 3.23 5.43 -10.67
C GLN C 147 3.05 6.69 -9.84
N VAL C 148 1.81 7.06 -9.52
CA VAL C 148 1.58 8.16 -8.60
C VAL C 148 2.02 7.78 -7.19
N ALA C 149 1.74 6.54 -6.79
CA ALA C 149 2.18 6.06 -5.48
C ALA C 149 3.69 6.00 -5.39
N LYS C 150 4.35 5.52 -6.44
CA LYS C 150 5.81 5.47 -6.45
C LYS C 150 6.42 6.86 -6.31
N ARG C 151 5.79 7.85 -6.91
CA ARG C 151 6.28 9.22 -6.81
C ARG C 151 6.11 9.77 -5.40
N ILE C 152 5.02 9.39 -4.72
CA ILE C 152 4.80 9.83 -3.34
C ILE C 152 5.75 9.11 -2.40
N ILE C 153 5.88 7.79 -2.56
CA ILE C 153 6.80 7.02 -1.73
C ILE C 153 8.23 7.50 -1.92
N SER C 154 8.58 7.88 -3.15
CA SER C 154 9.92 8.41 -3.41
C SER C 154 10.18 9.67 -2.60
N ILE C 155 9.15 10.50 -2.41
CA ILE C 155 9.35 11.75 -1.67
C ILE C 155 9.47 11.46 -0.18
N ILE C 156 8.65 10.54 0.34
CA ILE C 156 8.66 10.26 1.78
C ILE C 156 9.99 9.66 2.20
N GLU C 157 10.53 8.75 1.39
CA GLU C 157 11.80 8.12 1.74
C GLU C 157 12.98 9.05 1.50
N GLU C 158 12.89 9.92 0.50
CA GLU C 158 14.01 10.82 0.19
C GLU C 158 14.18 11.90 1.26
N PHE C 159 13.08 12.37 1.84
CA PHE C 159 13.13 13.44 2.82
C PHE C 159 12.86 12.97 4.24
N GLY C 160 12.67 11.68 4.45
CA GLY C 160 12.44 11.16 5.80
C GLY C 160 11.17 11.67 6.44
N TYR C 161 10.07 11.68 5.69
CA TYR C 161 8.79 12.12 6.23
C TYR C 161 8.05 11.02 6.99
N ASP C 162 8.61 9.82 7.07
CA ASP C 162 8.10 8.76 7.92
C ASP C 162 9.03 8.47 9.09
N LYS C 163 10.08 9.28 9.26
CA LYS C 163 11.09 9.11 10.30
C LYS C 163 11.29 10.44 11.01
N PRO C 164 11.76 10.41 12.27
CA PRO C 164 12.15 11.64 12.98
C PRO C 164 13.26 12.39 12.24
N PRO C 165 13.47 13.69 12.53
CA PRO C 165 12.80 14.49 13.56
C PRO C 165 11.56 15.25 13.08
N THR C 166 11.33 15.31 11.77
CA THR C 166 10.21 16.06 11.20
C THR C 166 9.44 15.17 10.22
N PRO C 167 8.58 14.28 10.74
CA PRO C 167 7.81 13.40 9.84
C PRO C 167 6.40 13.93 9.58
N PHE C 168 5.82 13.52 8.44
CA PHE C 168 4.42 13.75 8.16
C PHE C 168 3.55 12.59 8.63
N LEU C 169 4.08 11.37 8.60
CA LEU C 169 3.39 10.18 9.04
C LEU C 169 4.21 9.48 10.11
N ILE C 170 3.52 8.83 11.05
CA ILE C 170 4.17 8.03 12.07
C ILE C 170 3.94 6.54 11.86
N ARG C 171 3.06 6.15 10.95
CA ARG C 171 2.86 4.75 10.58
C ARG C 171 2.65 4.70 9.07
N PHE C 172 3.61 4.15 8.35
CA PHE C 172 3.57 4.14 6.90
C PHE C 172 4.25 2.89 6.38
N ASP C 173 3.59 2.19 5.46
CA ASP C 173 4.13 0.98 4.83
C ASP C 173 4.05 1.15 3.32
N ALA C 174 5.22 1.28 2.67
CA ALA C 174 5.23 1.45 1.22
C ALA C 174 4.73 0.21 0.50
N ASN C 175 4.95 -0.97 1.07
CA ASN C 175 4.46 -2.20 0.44
C ASN C 175 2.93 -2.27 0.48
N GLU C 176 2.30 -1.62 1.45
CA GLU C 176 0.84 -1.59 1.49
C GLU C 176 0.30 -0.51 0.54
N VAL C 177 1.00 0.61 0.42
CA VAL C 177 0.55 1.66 -0.50
C VAL C 177 0.62 1.15 -1.95
N ILE C 178 1.66 0.39 -2.27
CA ILE C 178 1.77 -0.17 -3.62
C ILE C 178 0.72 -1.25 -3.82
N LYS C 179 0.41 -2.03 -2.77
CA LYS C 179 -0.60 -3.08 -2.90
C LYS C 179 -1.97 -2.49 -3.22
N GLN C 180 -2.30 -1.34 -2.63
CA GLN C 180 -3.58 -0.69 -2.90
C GLN C 180 -3.57 0.00 -4.26
N ALA C 181 -2.43 0.60 -4.65
CA ALA C 181 -2.36 1.29 -5.92
C ALA C 181 -2.36 0.32 -7.09
N GLU C 182 -1.86 -0.90 -6.90
CA GLU C 182 -1.86 -1.89 -7.98
C GLU C 182 -3.29 -2.33 -8.29
N ALA C 183 -4.07 -2.65 -7.25
CA ALA C 183 -5.46 -3.05 -7.47
C ALA C 183 -6.29 -1.89 -7.99
N SER C 184 -5.96 -0.66 -7.59
CA SER C 184 -6.71 0.49 -8.09
C SER C 184 -6.36 0.78 -9.55
N THR C 185 -5.09 0.59 -9.93
CA THR C 185 -4.68 0.84 -11.30
C THR C 185 -5.36 -0.13 -12.26
N ARG C 186 -5.35 -1.43 -11.95
CA ARG C 186 -5.94 -2.42 -12.83
C ARG C 186 -7.46 -2.30 -12.91
N ARG C 187 -8.08 -1.49 -12.06
CA ARG C 187 -9.49 -1.18 -12.25
C ARG C 187 -9.69 -0.14 -13.33
N PHE C 188 -8.72 0.77 -13.52
CA PHE C 188 -8.80 1.72 -14.62
C PHE C 188 -8.49 1.04 -15.95
N GLU C 189 -7.51 0.14 -15.96
CA GLU C 189 -7.18 -0.57 -17.19
C GLU C 189 -8.33 -1.47 -17.63
N GLN C 190 -8.97 -2.17 -16.69
CA GLN C 190 -10.12 -2.99 -17.03
C GLN C 190 -11.35 -2.18 -17.39
N GLY C 191 -11.35 -0.88 -17.09
CA GLY C 191 -12.44 -0.01 -17.48
C GLY C 191 -13.60 0.05 -16.51
N ASN C 192 -13.40 -0.32 -15.25
CA ASN C 192 -14.45 -0.28 -14.23
C ASN C 192 -13.90 0.39 -12.97
N PRO C 193 -13.78 1.71 -12.98
CA PRO C 193 -13.40 2.42 -11.75
C PRO C 193 -14.57 2.48 -10.79
N ILE C 194 -14.25 2.40 -9.49
CA ILE C 194 -15.30 2.38 -8.47
C ILE C 194 -16.01 3.72 -8.42
N SER C 195 -15.29 4.78 -8.08
CA SER C 195 -15.89 6.10 -7.96
C SER C 195 -14.85 7.15 -8.34
N VAL C 196 -15.22 8.41 -8.19
CA VAL C 196 -14.28 9.50 -8.49
C VAL C 196 -13.12 9.48 -7.50
N LEU C 197 -13.34 8.94 -6.30
CA LEU C 197 -12.28 8.83 -5.30
C LEU C 197 -11.35 7.65 -5.55
N ASP C 198 -11.60 6.83 -6.57
CA ASP C 198 -10.74 5.70 -6.86
C ASP C 198 -9.35 6.17 -7.27
N GLY C 199 -8.34 5.70 -6.55
CA GLY C 199 -6.97 6.10 -6.78
C GLY C 199 -6.54 7.33 -6.02
N ILE C 200 -7.47 8.07 -5.40
CA ILE C 200 -7.11 9.26 -4.64
C ILE C 200 -6.45 8.85 -3.33
N PHE C 201 -5.38 9.56 -2.98
CA PHE C 201 -4.62 9.27 -1.76
C PHE C 201 -5.11 10.15 -0.63
N VAL C 202 -5.50 9.53 0.48
CA VAL C 202 -5.93 10.23 1.68
C VAL C 202 -5.12 9.72 2.87
N THR C 203 -4.98 10.58 3.87
CA THR C 203 -4.20 10.27 5.06
C THR C 203 -5.12 10.28 6.28
N ILE C 204 -5.02 9.23 7.08
CA ILE C 204 -5.83 9.07 8.28
C ILE C 204 -5.04 9.55 9.48
N LYS C 205 -5.69 10.28 10.38
CA LYS C 205 -5.06 10.68 11.62
C LYS C 205 -4.82 9.46 12.50
N ASP C 206 -3.81 9.55 13.37
CA ASP C 206 -3.40 8.38 14.13
C ASP C 206 -4.37 7.99 15.23
N ASP C 207 -5.40 8.80 15.49
CA ASP C 207 -6.40 8.47 16.49
C ASP C 207 -7.64 7.82 15.89
N ILE C 208 -7.68 7.64 14.58
CA ILE C 208 -8.75 6.92 13.90
C ILE C 208 -8.21 5.56 13.48
N ASP C 209 -9.05 4.53 13.54
CA ASP C 209 -8.62 3.19 13.21
C ASP C 209 -8.56 3.00 11.71
N CYS C 210 -7.46 2.41 11.22
CA CYS C 210 -7.25 2.18 9.80
C CYS C 210 -6.31 0.99 9.64
N LEU C 211 -6.83 -0.12 9.15
CA LEU C 211 -6.04 -1.34 8.95
C LEU C 211 -4.98 -1.15 7.86
N PRO C 212 -3.83 -1.83 7.99
CA PRO C 212 -3.47 -2.69 9.11
C PRO C 212 -2.66 -1.98 10.20
N HIS C 213 -2.60 -0.66 10.13
CA HIS C 213 -1.80 0.09 11.09
C HIS C 213 -2.53 0.16 12.44
N PRO C 214 -1.79 0.03 13.54
CA PRO C 214 -2.41 0.19 14.87
C PRO C 214 -2.67 1.66 15.17
N THR C 215 -3.42 1.89 16.25
CA THR C 215 -3.81 3.23 16.68
C THR C 215 -3.03 3.58 17.93
N ASN C 216 -2.11 4.55 17.80
CA ASN C 216 -1.33 5.03 18.93
C ASN C 216 -1.80 6.39 19.43
N GLY C 217 -2.46 7.19 18.60
CA GLY C 217 -2.89 8.51 19.01
C GLY C 217 -1.76 9.44 19.34
N GLY C 218 -0.60 9.26 18.71
CA GLY C 218 0.58 10.05 19.02
C GLY C 218 1.40 9.55 20.18
N THR C 219 1.05 8.41 20.77
CA THR C 219 1.77 7.83 21.89
C THR C 219 2.74 6.77 21.38
N THR C 220 3.36 6.05 22.31
CA THR C 220 4.30 4.99 21.99
C THR C 220 3.92 3.68 22.66
N TRP C 221 2.68 3.55 23.14
CA TRP C 221 2.32 2.38 23.94
C TRP C 221 0.83 2.04 23.80
N LEU C 222 0.05 2.92 23.18
CA LEU C 222 -1.39 2.69 23.10
C LEU C 222 -1.72 1.46 22.26
N HIS C 223 -0.85 1.12 21.30
CA HIS C 223 -1.08 -0.09 20.50
C HIS C 223 -0.85 -1.36 21.31
N GLU C 224 -0.20 -1.25 22.48
CA GLU C 224 0.01 -2.42 23.32
C GLU C 224 -1.21 -2.76 24.17
N ASP C 225 -2.03 -1.76 24.49
CA ASP C 225 -3.23 -1.96 25.31
C ASP C 225 -4.52 -1.76 24.53
N ARG C 226 -4.46 -1.21 23.31
CA ARG C 226 -5.64 -1.02 22.47
C ARG C 226 -5.29 -1.44 21.06
N SER C 227 -5.78 -2.61 20.65
CA SER C 227 -5.48 -3.16 19.33
C SER C 227 -6.67 -2.97 18.39
N VAL C 228 -6.38 -2.62 17.15
CA VAL C 228 -7.39 -2.43 16.11
C VAL C 228 -7.59 -3.75 15.38
N GLU C 229 -8.85 -4.08 15.10
CA GLU C 229 -9.20 -5.33 14.43
C GLU C 229 -10.12 -5.17 13.24
N LYS C 230 -10.65 -3.96 12.99
CA LYS C 230 -11.44 -3.71 11.80
C LYS C 230 -11.41 -2.22 11.49
N ASP C 231 -11.66 -1.90 10.23
CA ASP C 231 -11.65 -0.50 9.79
C ASP C 231 -12.72 0.30 10.53
N SER C 232 -12.42 1.58 10.74
CA SER C 232 -13.38 2.47 11.39
C SER C 232 -14.53 2.78 10.43
N ALA C 233 -15.54 3.49 10.94
CA ALA C 233 -16.70 3.82 10.12
C ALA C 233 -16.34 4.74 8.98
N VAL C 234 -15.38 5.65 9.18
CA VAL C 234 -15.04 6.61 8.14
C VAL C 234 -14.04 6.02 7.15
N VAL C 235 -13.11 5.19 7.64
CA VAL C 235 -12.12 4.59 6.75
C VAL C 235 -12.75 3.50 5.90
N SER C 236 -13.72 2.76 6.45
CA SER C 236 -14.38 1.71 5.68
C SER C 236 -15.22 2.29 4.55
N LYS C 237 -15.69 3.53 4.71
CA LYS C 237 -16.40 4.20 3.62
C LYS C 237 -15.42 4.66 2.55
N LEU C 238 -14.27 5.21 2.95
CA LEU C 238 -13.27 5.64 1.99
C LEU C 238 -12.67 4.45 1.25
N ARG C 239 -12.44 3.34 1.95
CA ARG C 239 -11.86 2.17 1.28
C ARG C 239 -12.85 1.52 0.31
N SER C 240 -14.15 1.75 0.50
CA SER C 240 -15.14 1.19 -0.42
C SER C 240 -15.30 2.03 -1.69
N CYS C 241 -14.86 3.28 -1.67
CA CYS C 241 -14.88 4.13 -2.85
C CYS C 241 -13.67 3.96 -3.74
N GLY C 242 -12.66 3.24 -3.27
CA GLY C 242 -11.43 3.04 -4.02
C GLY C 242 -10.28 3.95 -3.62
N ALA C 243 -10.45 4.77 -2.60
CA ALA C 243 -9.37 5.63 -2.15
C ALA C 243 -8.21 4.80 -1.60
N ILE C 244 -7.03 5.42 -1.58
CA ILE C 244 -5.81 4.76 -1.15
C ILE C 244 -5.37 5.40 0.16
N LEU C 245 -5.46 4.64 1.24
CA LEU C 245 -5.02 5.12 2.55
C LEU C 245 -3.50 5.17 2.59
N LEU C 246 -2.94 6.38 2.70
CA LEU C 246 -1.49 6.53 2.63
C LEU C 246 -0.82 6.08 3.92
N GLY C 247 -1.33 6.54 5.06
CA GLY C 247 -0.76 6.15 6.34
C GLY C 247 -1.38 6.94 7.47
N LYS C 248 -0.83 6.72 8.66
CA LYS C 248 -1.29 7.39 9.87
C LYS C 248 -0.45 8.65 10.10
N ALA C 249 -1.11 9.79 10.21
CA ALA C 249 -0.41 11.06 10.28
C ALA C 249 0.09 11.34 11.69
N ASN C 250 1.14 12.17 11.76
CA ASN C 250 1.63 12.65 13.04
C ASN C 250 0.59 13.56 13.68
N MET C 251 0.60 13.61 15.01
CA MET C 251 -0.40 14.37 15.74
C MET C 251 0.13 14.70 17.13
N HIS C 252 -0.44 15.76 17.71
CA HIS C 252 -0.18 16.04 19.11
C HIS C 252 -0.70 14.89 19.96
N GLU C 253 0.05 14.52 20.99
CA GLU C 253 -0.23 13.31 21.76
C GLU C 253 -1.63 13.33 22.34
N LEU C 254 -2.50 12.44 21.84
CA LEU C 254 -3.86 12.26 22.33
C LEU C 254 -4.71 13.51 22.19
N GLY C 255 -4.35 14.40 21.26
CA GLY C 255 -5.12 15.60 21.02
C GLY C 255 -5.07 16.64 22.13
N MET C 256 -4.15 16.51 23.07
CA MET C 256 -4.06 17.44 24.20
C MET C 256 -3.12 18.59 23.88
N GLY C 257 -3.42 19.26 22.77
CA GLY C 257 -2.62 20.38 22.32
C GLY C 257 -3.09 20.96 21.01
N THR C 258 -2.82 22.25 20.80
CA THR C 258 -3.21 22.94 19.57
C THR C 258 -2.00 23.44 18.78
N THR C 259 -0.83 22.84 18.99
CA THR C 259 0.38 23.26 18.29
C THR C 259 1.00 22.16 17.42
N GLY C 260 0.74 20.89 17.70
CA GLY C 260 1.35 19.82 16.97
C GLY C 260 2.71 19.39 17.49
N ASN C 261 3.09 19.83 18.68
CA ASN C 261 4.37 19.43 19.27
C ASN C 261 4.26 18.00 19.79
N ASN C 262 5.07 17.11 19.22
CA ASN C 262 5.16 15.72 19.66
C ASN C 262 6.60 15.43 20.03
N SER C 263 6.83 15.02 21.28
CA SER C 263 8.18 14.79 21.78
C SER C 263 8.63 13.33 21.62
N ASN C 264 7.78 12.46 21.07
CA ASN C 264 8.14 11.06 20.86
C ASN C 264 8.41 10.70 19.41
N TYR C 265 7.74 11.37 18.47
CA TYR C 265 7.98 11.14 17.05
C TYR C 265 8.57 12.35 16.34
N GLY C 266 8.61 13.51 16.98
CA GLY C 266 9.06 14.73 16.34
C GLY C 266 7.90 15.61 15.94
N THR C 267 8.16 16.92 15.89
CA THR C 267 7.13 17.90 15.59
C THR C 267 7.05 18.14 14.09
N THR C 268 5.84 18.03 13.54
CA THR C 268 5.66 18.30 12.12
C THR C 268 5.78 19.80 11.84
N ARG C 269 6.51 20.15 10.79
CA ARG C 269 6.81 21.53 10.47
C ARG C 269 5.84 22.09 9.44
N ASN C 270 5.57 23.39 9.56
CA ASN C 270 4.61 24.06 8.68
C ASN C 270 5.16 24.09 7.26
N PRO C 271 4.38 23.70 6.25
CA PRO C 271 4.88 23.77 4.87
C PRO C 271 5.26 25.17 4.44
N HIS C 272 4.48 26.18 4.81
CA HIS C 272 4.80 27.55 4.39
C HIS C 272 6.05 28.10 5.08
N ASP C 273 6.39 27.58 6.26
CA ASP C 273 7.58 28.01 6.98
C ASP C 273 8.04 26.90 7.92
N PRO C 274 9.13 26.19 7.59
CA PRO C 274 9.51 25.01 8.40
C PRO C 274 9.93 25.33 9.82
N LYS C 275 10.19 26.59 10.16
CA LYS C 275 10.56 26.96 11.52
C LYS C 275 9.36 27.34 12.39
N ARG C 276 8.14 27.03 11.93
CA ARG C 276 6.93 27.40 12.64
C ARG C 276 6.03 26.17 12.82
N TYR C 277 5.06 26.31 13.70
CA TYR C 277 4.17 25.21 14.04
C TYR C 277 3.13 24.97 12.95
N THR C 278 2.69 23.71 12.85
CA THR C 278 1.61 23.36 11.95
C THR C 278 0.23 23.68 12.52
N GLY C 279 0.10 23.61 13.84
CA GLY C 279 -1.20 23.70 14.48
C GLY C 279 -1.67 22.33 14.88
N GLY C 280 -2.29 22.22 16.06
CA GLY C 280 -2.72 20.93 16.58
C GLY C 280 -4.21 20.72 16.55
N SER C 281 -4.63 19.47 16.73
CA SER C 281 -3.71 18.36 16.95
C SER C 281 -3.42 17.60 15.66
N SER C 282 -4.13 17.94 14.59
CA SER C 282 -3.94 17.29 13.29
C SER C 282 -2.74 17.92 12.56
N SER C 283 -1.57 17.77 13.18
CA SER C 283 -0.36 18.39 12.64
C SER C 283 0.09 17.67 11.37
N GLY C 284 0.25 16.36 11.43
CA GLY C 284 0.72 15.62 10.27
C GLY C 284 -0.30 15.55 9.15
N SER C 285 -1.58 15.67 9.48
CA SER C 285 -2.63 15.60 8.45
C SER C 285 -2.71 16.90 7.65
N ALA C 286 -2.62 18.04 8.32
CA ALA C 286 -2.74 19.31 7.63
C ALA C 286 -1.48 19.62 6.82
N ALA C 287 -0.30 19.23 7.31
CA ALA C 287 0.94 19.56 6.61
C ALA C 287 1.11 18.71 5.35
N ILE C 288 0.72 17.43 5.42
CA ILE C 288 0.83 16.57 4.25
C ILE C 288 -0.15 16.97 3.15
N VAL C 289 -1.23 17.67 3.51
CA VAL C 289 -2.18 18.14 2.50
C VAL C 289 -1.70 19.45 1.89
N ALA C 290 -1.21 20.37 2.72
CA ALA C 290 -0.69 21.63 2.21
C ALA C 290 0.56 21.44 1.37
N ALA C 291 1.34 20.39 1.65
CA ALA C 291 2.52 20.08 0.85
C ALA C 291 2.17 19.43 -0.47
N GLY C 292 0.92 19.08 -0.71
CA GLY C 292 0.50 18.52 -1.98
C GLY C 292 0.83 17.07 -2.19
N LEU C 293 1.19 16.34 -1.13
CA LEU C 293 1.52 14.92 -1.30
C LEU C 293 0.26 14.08 -1.47
N CYS C 294 -0.82 14.44 -0.79
CA CYS C 294 -2.11 13.75 -0.94
C CYS C 294 -3.20 14.79 -1.20
N SER C 295 -4.36 14.30 -1.63
CA SER C 295 -5.45 15.20 -2.01
C SER C 295 -6.26 15.64 -0.79
N ALA C 296 -6.57 14.72 0.12
CA ALA C 296 -7.36 15.03 1.30
C ALA C 296 -6.84 14.21 2.47
N ALA C 297 -7.39 14.50 3.66
CA ALA C 297 -6.99 13.80 4.87
C ALA C 297 -8.15 13.86 5.86
N LEU C 298 -8.16 12.89 6.78
CA LEU C 298 -9.17 12.80 7.82
C LEU C 298 -8.56 13.17 9.16
N GLY C 299 -9.22 14.08 9.88
CA GLY C 299 -8.80 14.47 11.20
C GLY C 299 -9.99 14.66 12.11
N THR C 300 -9.69 14.76 13.41
CA THR C 300 -10.72 14.96 14.41
C THR C 300 -10.72 16.41 14.89
N ASP C 301 -11.86 16.84 15.41
CA ASP C 301 -12.03 18.21 15.91
C ASP C 301 -12.88 18.15 17.18
N GLY C 302 -12.22 18.16 18.32
CA GLY C 302 -12.90 18.26 19.60
C GLY C 302 -12.66 19.59 20.27
N GLY C 303 -11.82 20.41 19.63
CA GLY C 303 -11.50 21.73 20.13
C GLY C 303 -10.80 22.57 19.08
N GLY C 304 -11.08 22.27 17.81
CA GLY C 304 -10.50 22.98 16.71
C GLY C 304 -9.34 22.29 16.03
N SER C 305 -9.14 21.00 16.27
CA SER C 305 -7.99 20.29 15.69
C SER C 305 -8.10 20.08 14.19
N VAL C 306 -9.21 20.48 13.57
CA VAL C 306 -9.35 20.45 12.12
C VAL C 306 -9.27 21.83 11.51
N ARG C 307 -9.83 22.84 12.19
CA ARG C 307 -9.84 24.20 11.68
C ARG C 307 -8.59 24.99 12.03
N ILE C 308 -8.00 24.75 13.20
CA ILE C 308 -6.78 25.46 13.58
C ILE C 308 -5.61 25.14 12.64
N PRO C 309 -5.23 23.87 12.42
CA PRO C 309 -4.11 23.60 11.51
C PRO C 309 -4.47 23.83 10.05
N SER C 310 -5.75 23.96 9.71
CA SER C 310 -6.12 24.28 8.34
C SER C 310 -5.90 25.75 8.02
N ALA C 311 -6.11 26.63 8.99
CA ALA C 311 -5.86 28.05 8.77
C ALA C 311 -4.38 28.39 8.83
N LEU C 312 -3.62 27.67 9.66
CA LEU C 312 -2.19 27.94 9.77
C LEU C 312 -1.41 27.44 8.57
N CYS C 313 -1.84 26.32 7.96
CA CYS C 313 -1.20 25.78 6.79
C CYS C 313 -1.84 26.23 5.48
N GLY C 314 -2.95 26.95 5.56
CA GLY C 314 -3.59 27.46 4.36
C GLY C 314 -4.32 26.41 3.55
N ILE C 315 -5.20 25.66 4.18
CA ILE C 315 -6.03 24.69 3.48
C ILE C 315 -7.47 24.82 3.98
N THR C 316 -8.32 23.86 3.60
CA THR C 316 -9.74 23.88 3.96
C THR C 316 -10.04 22.75 4.93
N GLY C 317 -10.52 23.10 6.12
CA GLY C 317 -10.93 22.12 7.09
C GLY C 317 -12.40 22.24 7.43
N LEU C 318 -13.17 21.17 7.18
CA LEU C 318 -14.62 21.18 7.39
C LEU C 318 -14.93 20.47 8.71
N LYS C 319 -15.59 21.19 9.62
CA LYS C 319 -16.04 20.65 10.91
C LYS C 319 -17.53 20.34 10.77
N THR C 320 -17.86 19.06 10.85
CA THR C 320 -19.24 18.62 10.64
C THR C 320 -20.06 18.77 11.92
N THR C 321 -21.39 18.73 11.77
CA THR C 321 -22.29 18.77 12.90
C THR C 321 -22.10 17.54 13.78
N TYR C 322 -22.24 17.73 15.09
CA TYR C 322 -22.07 16.62 16.03
C TYR C 322 -23.04 15.50 15.70
N GLY C 323 -22.51 14.32 15.41
CA GLY C 323 -23.30 13.16 15.06
C GLY C 323 -23.49 12.94 13.57
N ARG C 324 -23.12 13.90 12.72
CA ARG C 324 -23.28 13.75 11.29
C ARG C 324 -22.41 12.63 10.74
N THR C 325 -21.18 12.53 11.23
CA THR C 325 -20.21 11.55 10.75
C THR C 325 -19.96 10.50 11.84
N ASP C 326 -20.12 9.24 11.47
CA ASP C 326 -19.96 8.15 12.43
C ASP C 326 -18.52 8.08 12.92
N MET C 327 -18.33 8.10 14.24
CA MET C 327 -17.01 8.04 14.86
C MET C 327 -16.66 6.65 15.38
N THR C 328 -17.35 5.62 14.90
CA THR C 328 -17.08 4.26 15.37
C THR C 328 -15.68 3.83 14.96
N GLY C 329 -14.86 3.47 15.94
CA GLY C 329 -13.50 3.05 15.68
C GLY C 329 -12.50 4.18 15.74
N SER C 330 -12.50 4.93 16.84
CA SER C 330 -11.54 6.02 17.02
C SER C 330 -11.39 6.27 18.52
N LEU C 331 -10.39 7.08 18.85
CA LEU C 331 -10.10 7.39 20.25
C LEU C 331 -11.04 8.43 20.84
N CYS C 332 -11.82 9.11 20.00
CA CYS C 332 -12.71 10.18 20.45
C CYS C 332 -14.18 9.80 20.40
N GLU C 333 -14.49 8.52 20.22
CA GLU C 333 -15.88 8.09 20.23
C GLU C 333 -16.43 8.11 21.64
N GLY C 334 -17.72 8.44 21.76
CA GLY C 334 -18.35 8.57 23.06
C GLY C 334 -18.23 9.94 23.69
N GLY C 335 -17.59 10.89 23.04
CA GLY C 335 -17.46 12.23 23.56
C GLY C 335 -18.71 13.06 23.33
N THR C 336 -18.57 14.37 23.54
CA THR C 336 -19.66 15.31 23.34
C THR C 336 -19.24 16.51 22.51
N VAL C 337 -18.03 16.52 21.98
CA VAL C 337 -17.53 17.67 21.23
C VAL C 337 -16.85 17.22 19.94
N GLU C 338 -16.25 16.03 19.97
CA GLU C 338 -15.42 15.58 18.85
C GLU C 338 -16.27 15.10 17.68
N ILE C 339 -15.72 15.29 16.47
CA ILE C 339 -16.29 14.74 15.24
C ILE C 339 -15.15 14.34 14.31
N ILE C 340 -15.50 13.85 13.11
CA ILE C 340 -14.52 13.51 12.08
C ILE C 340 -14.71 14.49 10.94
N GLY C 341 -13.70 15.33 10.72
CA GLY C 341 -13.75 16.31 9.65
C GLY C 341 -12.61 16.14 8.66
N PRO C 342 -12.91 16.35 7.38
CA PRO C 342 -11.88 16.20 6.34
C PRO C 342 -11.07 17.47 6.11
N LEU C 343 -9.77 17.28 5.92
CA LEU C 343 -8.86 18.35 5.51
C LEU C 343 -8.50 18.15 4.05
N ALA C 344 -8.61 19.20 3.25
CA ALA C 344 -8.33 19.11 1.82
C ALA C 344 -7.60 20.36 1.36
N SER C 345 -7.08 20.29 0.12
CA SER C 345 -6.36 21.43 -0.44
C SER C 345 -7.31 22.50 -0.99
N SER C 346 -8.46 22.09 -1.51
CA SER C 346 -9.46 23.02 -2.03
C SER C 346 -10.83 22.63 -1.49
N LEU C 347 -11.79 23.54 -1.67
CA LEU C 347 -13.16 23.27 -1.23
C LEU C 347 -13.78 22.10 -2.00
N GLU C 348 -13.43 21.96 -3.28
CA GLU C 348 -14.01 20.90 -4.10
C GLU C 348 -13.62 19.52 -3.57
N ASP C 349 -12.44 19.39 -2.97
CA ASP C 349 -11.98 18.10 -2.46
C ASP C 349 -12.62 17.75 -1.12
N ALA C 350 -12.72 18.72 -0.22
CA ALA C 350 -13.33 18.47 1.08
C ALA C 350 -14.81 18.14 0.95
N PHE C 351 -15.47 18.66 -0.09
CA PHE C 351 -16.88 18.36 -0.30
C PHE C 351 -17.08 16.93 -0.77
N LEU C 352 -16.18 16.43 -1.64
CA LEU C 352 -16.29 15.06 -2.12
C LEU C 352 -16.04 14.06 -0.99
N VAL C 353 -15.00 14.30 -0.17
CA VAL C 353 -14.72 13.42 0.95
C VAL C 353 -15.87 13.45 1.95
N TYR C 354 -16.42 14.64 2.20
CA TYR C 354 -17.59 14.76 3.08
C TYR C 354 -18.73 13.89 2.58
N ALA C 355 -18.95 13.88 1.26
CA ALA C 355 -20.01 13.04 0.71
C ALA C 355 -19.74 11.56 0.95
N ALA C 356 -18.47 11.18 1.03
CA ALA C 356 -18.12 9.78 1.14
C ALA C 356 -18.13 9.27 2.57
N ILE C 357 -17.82 10.12 3.55
CA ILE C 357 -17.68 9.69 4.94
C ILE C 357 -18.87 10.06 5.81
N LEU C 358 -19.84 10.83 5.29
CA LEU C 358 -20.98 11.20 6.10
C LEU C 358 -21.87 9.99 6.38
N GLY C 359 -22.68 10.11 7.41
CA GLY C 359 -23.55 9.02 7.82
C GLY C 359 -23.55 8.82 9.32
N SER C 360 -24.66 9.16 9.96
CA SER C 360 -24.77 9.06 11.41
C SER C 360 -24.73 7.60 11.84
N SER C 361 -24.26 7.38 13.06
CA SER C 361 -24.26 6.03 13.61
C SER C 361 -25.68 5.61 13.98
N SER C 362 -25.85 4.31 14.18
CA SER C 362 -27.17 3.79 14.54
C SER C 362 -27.64 4.33 15.88
N ALA C 363 -26.69 4.65 16.77
CA ALA C 363 -27.06 5.21 18.07
C ALA C 363 -27.49 6.67 17.93
N ASP C 364 -26.64 7.49 17.33
CA ASP C 364 -26.94 8.93 17.21
C ASP C 364 -28.11 9.18 16.27
N ARG C 365 -28.50 8.21 15.45
CA ARG C 365 -29.66 8.39 14.60
C ARG C 365 -30.94 8.51 15.43
N TYR C 366 -31.02 7.75 16.52
CA TYR C 366 -32.19 7.77 17.39
C TYR C 366 -32.13 8.88 18.44
N ASN C 367 -30.95 9.25 18.89
CA ASN C 367 -30.81 10.22 19.98
C ASN C 367 -30.75 11.66 19.49
N LEU C 368 -30.15 11.91 18.32
CA LEU C 368 -29.97 13.26 17.83
C LEU C 368 -30.98 13.66 16.76
N LYS C 369 -31.63 12.69 16.11
CA LYS C 369 -32.60 12.94 15.04
C LYS C 369 -32.00 13.84 13.96
N PRO C 370 -31.01 13.38 13.21
CA PRO C 370 -30.40 14.24 12.20
C PRO C 370 -31.26 14.34 10.95
N SER C 371 -31.27 15.54 10.36
CA SER C 371 -31.94 15.76 9.10
C SER C 371 -31.18 15.04 7.98
N PRO C 372 -31.84 14.77 6.86
CA PRO C 372 -31.15 14.13 5.73
C PRO C 372 -30.00 14.98 5.26
N PRO C 373 -28.89 14.36 4.83
CA PRO C 373 -27.74 15.14 4.35
C PRO C 373 -28.09 15.92 3.09
N CYS C 374 -27.57 17.15 3.01
CA CYS C 374 -27.84 18.03 1.89
C CYS C 374 -26.55 18.44 1.21
N PHE C 375 -26.55 18.43 -0.12
CA PHE C 375 -25.42 18.87 -0.92
C PHE C 375 -25.74 20.20 -1.58
N PRO C 376 -24.87 21.21 -1.43
CA PRO C 376 -25.15 22.50 -2.07
C PRO C 376 -24.90 22.46 -3.57
N LYS C 377 -25.77 23.14 -4.31
CA LYS C 377 -25.60 23.28 -5.75
C LYS C 377 -24.50 24.30 -6.01
N LEU C 378 -23.27 23.82 -6.12
CA LEU C 378 -22.12 24.73 -6.23
C LEU C 378 -22.09 25.50 -7.53
N LEU C 379 -22.75 24.99 -8.57
CA LEU C 379 -22.88 25.78 -9.80
C LEU C 379 -23.80 26.97 -9.55
N SER C 380 -23.37 28.15 -9.99
CA SER C 380 -23.98 29.41 -9.58
C SER C 380 -24.95 29.97 -10.62
N HIS C 381 -25.29 29.21 -11.65
CA HIS C 381 -26.21 29.71 -12.68
C HIS C 381 -27.66 29.46 -12.26
N ASN C 382 -28.04 30.08 -11.14
CA ASN C 382 -29.39 30.02 -10.63
C ASN C 382 -29.94 31.40 -10.26
N GLY C 383 -29.20 32.47 -10.53
CA GLY C 383 -29.62 33.82 -10.20
C GLY C 383 -28.85 34.47 -9.07
N SER C 384 -27.84 33.79 -8.52
CA SER C 384 -27.06 34.30 -7.38
C SER C 384 -27.97 34.66 -6.22
N ASN C 385 -28.94 33.77 -5.95
CA ASN C 385 -30.00 34.05 -4.98
C ASN C 385 -29.67 33.51 -3.59
N ALA C 386 -29.22 32.25 -3.52
CA ALA C 386 -29.03 31.61 -2.21
C ALA C 386 -27.90 32.27 -1.44
N ILE C 387 -26.77 32.56 -2.09
CA ILE C 387 -25.64 33.12 -1.39
C ILE C 387 -25.91 34.57 -0.98
N GLY C 388 -26.73 35.29 -1.76
CA GLY C 388 -26.97 36.69 -1.47
C GLY C 388 -27.93 36.93 -0.33
N SER C 389 -28.86 36.00 -0.11
CA SER C 389 -29.88 36.15 0.92
C SER C 389 -29.47 35.56 2.26
N LEU C 390 -28.19 35.67 2.62
CA LEU C 390 -27.68 35.15 3.89
C LEU C 390 -27.26 36.30 4.79
N ARG C 391 -27.80 36.33 6.00
CA ARG C 391 -27.39 37.29 7.01
C ARG C 391 -26.16 36.75 7.73
N LEU C 392 -25.03 37.42 7.59
CA LEU C 392 -23.78 37.00 8.21
C LEU C 392 -23.67 37.62 9.59
N GLY C 393 -23.58 36.77 10.62
CA GLY C 393 -23.43 37.26 11.97
C GLY C 393 -21.99 37.65 12.26
N LYS C 394 -21.80 38.84 12.83
CA LYS C 394 -20.46 39.35 13.12
C LYS C 394 -20.48 40.01 14.49
N TYR C 395 -19.60 39.54 15.37
CA TYR C 395 -19.39 40.14 16.68
C TYR C 395 -18.15 41.01 16.57
N THR C 396 -18.35 42.32 16.31
CA THR C 396 -17.24 43.21 15.99
C THR C 396 -16.22 43.27 17.12
N LYS C 397 -16.68 43.36 18.37
CA LYS C 397 -15.75 43.35 19.50
C LYS C 397 -14.97 42.05 19.55
N TRP C 398 -15.62 40.93 19.22
CA TRP C 398 -14.96 39.64 19.18
C TRP C 398 -14.14 39.46 17.89
N PHE C 399 -14.60 40.08 16.80
CA PHE C 399 -13.97 39.87 15.50
C PHE C 399 -12.56 40.47 15.47
N ASN C 400 -12.36 41.59 16.14
CA ASN C 400 -11.09 42.32 16.08
C ASN C 400 -10.16 41.99 17.23
N ASP C 401 -10.58 41.16 18.17
CA ASP C 401 -9.71 40.75 19.28
C ASP C 401 -8.78 39.65 18.79
N VAL C 402 -7.74 40.08 18.08
CA VAL C 402 -6.74 39.16 17.54
C VAL C 402 -5.36 39.77 17.77
N SER C 403 -4.36 38.90 17.88
CA SER C 403 -2.99 39.33 18.14
C SER C 403 -2.25 39.67 16.85
N SER C 404 -2.99 40.09 15.83
CA SER C 404 -2.39 40.47 14.55
C SER C 404 -3.41 41.30 13.77
N SER C 405 -3.08 42.56 13.49
CA SER C 405 -4.01 43.43 12.78
C SER C 405 -4.20 43.04 11.32
N ASP C 406 -3.40 42.10 10.80
CA ASP C 406 -3.54 41.71 9.40
C ASP C 406 -4.71 40.74 9.21
N ILE C 407 -4.93 39.83 10.16
CA ILE C 407 -5.99 38.83 10.00
C ILE C 407 -7.37 39.39 10.26
N SER C 408 -7.49 40.48 11.03
CA SER C 408 -8.78 41.08 11.27
C SER C 408 -9.25 41.92 10.09
N ASP C 409 -8.31 42.44 9.30
CA ASP C 409 -8.65 43.22 8.11
C ASP C 409 -8.76 42.36 6.86
N LYS C 410 -7.99 41.28 6.78
CA LYS C 410 -8.08 40.40 5.62
C LYS C 410 -9.43 39.69 5.59
N CYS C 411 -9.97 39.33 6.76
CA CYS C 411 -11.32 38.78 6.83
C CYS C 411 -12.38 39.88 6.66
N GLU C 412 -12.07 41.10 7.10
CA GLU C 412 -12.99 42.21 6.86
C GLU C 412 -13.10 42.53 5.38
N ASP C 413 -12.03 42.33 4.62
CA ASP C 413 -12.08 42.52 3.17
C ASP C 413 -13.00 41.50 2.52
N ILE C 414 -12.96 40.25 2.99
CA ILE C 414 -13.82 39.21 2.43
C ILE C 414 -15.29 39.52 2.68
N LEU C 415 -15.60 40.09 3.85
CA LEU C 415 -16.98 40.45 4.15
C LEU C 415 -17.45 41.57 3.24
N LYS C 416 -16.58 42.54 2.94
CA LYS C 416 -16.94 43.59 1.99
C LYS C 416 -17.05 43.04 0.58
N LEU C 417 -16.18 42.10 0.22
CA LEU C 417 -16.26 41.47 -1.09
C LEU C 417 -17.54 40.65 -1.23
N LEU C 418 -17.95 39.97 -0.15
CA LEU C 418 -19.17 39.17 -0.20
C LEU C 418 -20.41 40.04 -0.28
N SER C 419 -20.39 41.23 0.33
CA SER C 419 -21.57 42.09 0.32
C SER C 419 -21.78 42.71 -1.06
N ASN C 420 -20.70 43.07 -1.75
CA ASN C 420 -20.82 43.72 -3.05
C ASN C 420 -21.08 42.70 -4.15
N ASN C 421 -20.26 41.65 -4.21
CA ASN C 421 -20.35 40.69 -5.30
C ASN C 421 -21.55 39.76 -5.20
N HIS C 422 -22.26 39.76 -4.06
CA HIS C 422 -23.39 38.85 -3.91
C HIS C 422 -24.62 39.49 -3.26
N GLY C 423 -24.46 40.41 -2.33
CA GLY C 423 -25.57 41.03 -1.64
C GLY C 423 -25.78 40.58 -0.20
N CYS C 424 -24.77 40.00 0.44
CA CYS C 424 -24.93 39.53 1.81
C CYS C 424 -25.02 40.70 2.78
N LYS C 425 -25.85 40.54 3.80
CA LYS C 425 -26.03 41.54 4.84
C LYS C 425 -25.21 41.11 6.06
N VAL C 426 -24.33 41.98 6.51
CA VAL C 426 -23.49 41.72 7.69
C VAL C 426 -24.22 42.27 8.91
N VAL C 427 -24.81 41.39 9.69
CA VAL C 427 -25.60 41.77 10.86
C VAL C 427 -24.70 41.72 12.09
N GLU C 428 -24.83 42.72 12.95
CA GLU C 428 -24.09 42.75 14.20
C GLU C 428 -24.82 41.92 15.25
N ILE C 429 -24.07 41.04 15.92
CA ILE C 429 -24.61 40.16 16.94
C ILE C 429 -23.77 40.29 18.21
N VAL C 430 -24.10 39.48 19.20
CA VAL C 430 -23.35 39.43 20.46
C VAL C 430 -23.37 38.00 20.97
N VAL C 431 -22.23 37.56 21.50
CA VAL C 431 -22.11 36.21 22.03
C VAL C 431 -21.92 36.31 23.55
N PRO C 432 -23.00 36.20 24.33
CA PRO C 432 -22.87 36.40 25.78
C PRO C 432 -22.11 35.27 26.45
N GLU C 433 -21.49 35.60 27.58
CA GLU C 433 -20.81 34.63 28.46
C GLU C 433 -19.76 33.82 27.67
N LEU C 434 -18.78 34.55 27.12
CA LEU C 434 -17.72 33.90 26.36
C LEU C 434 -16.73 33.19 27.26
N GLU C 435 -16.48 33.72 28.46
CA GLU C 435 -15.53 33.06 29.37
C GLU C 435 -16.08 31.74 29.88
N GLU C 436 -17.39 31.67 30.12
CA GLU C 436 -17.99 30.42 30.57
C GLU C 436 -17.92 29.33 29.51
N MET C 437 -17.98 29.72 28.23
CA MET C 437 -17.88 28.74 27.16
C MET C 437 -16.51 28.07 27.14
N ARG C 438 -15.46 28.84 27.45
CA ARG C 438 -14.11 28.28 27.49
C ARG C 438 -13.93 27.37 28.71
N ALA C 439 -14.45 27.78 29.86
CA ALA C 439 -14.31 26.97 31.06
C ALA C 439 -15.13 25.70 30.97
N ALA C 440 -16.31 25.78 30.34
CA ALA C 440 -17.13 24.59 30.15
C ALA C 440 -16.58 23.66 29.09
N HIS C 441 -15.78 24.19 28.16
CA HIS C 441 -15.25 23.35 27.09
C HIS C 441 -14.05 22.54 27.57
N VAL C 442 -13.13 23.17 28.31
CA VAL C 442 -11.89 22.50 28.71
C VAL C 442 -12.19 21.28 29.58
N ILE C 443 -13.29 21.32 30.33
CA ILE C 443 -13.67 20.17 31.16
C ILE C 443 -14.53 19.19 30.35
N SER C 444 -15.25 19.66 29.33
CA SER C 444 -16.05 18.77 28.51
C SER C 444 -15.20 17.92 27.58
N ILE C 445 -13.98 18.35 27.25
CA ILE C 445 -13.11 17.59 26.36
C ILE C 445 -12.11 16.80 27.20
N GLY C 446 -11.76 17.33 28.36
CA GLY C 446 -10.75 16.72 29.21
C GLY C 446 -11.25 15.52 29.99
N SER C 447 -12.48 15.59 30.48
CA SER C 447 -13.00 14.52 31.33
C SER C 447 -13.15 13.21 30.56
N PRO C 448 -13.77 13.16 29.38
CA PRO C 448 -13.86 11.86 28.69
C PRO C 448 -12.51 11.32 28.25
N THR C 449 -11.59 12.20 27.84
CA THR C 449 -10.26 11.75 27.43
C THR C 449 -9.48 11.18 28.60
N LEU C 450 -9.53 11.85 29.76
CA LEU C 450 -8.85 11.35 30.94
C LEU C 450 -9.44 10.03 31.40
N SER C 451 -10.77 9.94 31.44
CA SER C 451 -11.41 8.68 31.83
C SER C 451 -11.14 7.57 30.84
N SER C 452 -10.88 7.91 29.57
CA SER C 452 -10.59 6.89 28.56
C SER C 452 -9.27 6.19 28.86
N LEU C 453 -8.29 6.93 29.37
CA LEU C 453 -6.97 6.39 29.62
C LEU C 453 -6.68 6.15 31.09
N THR C 454 -7.65 6.36 31.97
CA THR C 454 -7.41 6.20 33.41
C THR C 454 -6.99 4.78 33.77
N PRO C 455 -7.64 3.72 33.29
CA PRO C 455 -7.13 2.36 33.59
C PRO C 455 -5.74 2.11 33.04
N TYR C 456 -5.33 2.83 31.97
CA TYR C 456 -4.00 2.65 31.42
C TYR C 456 -2.95 3.36 32.26
N CYS C 457 -3.23 4.59 32.69
CA CYS C 457 -2.26 5.35 33.47
C CYS C 457 -2.04 4.72 34.85
N GLU C 458 -3.11 4.19 35.46
CA GLU C 458 -2.97 3.53 36.75
C GLU C 458 -2.28 2.18 36.64
N ALA C 459 -2.14 1.65 35.43
CA ALA C 459 -1.43 0.38 35.21
C ALA C 459 0.05 0.59 34.92
N GLY C 460 0.58 1.80 35.14
CA GLY C 460 1.99 2.07 34.97
C GLY C 460 2.39 2.76 33.68
N LYS C 461 1.43 3.04 32.80
CA LYS C 461 1.72 3.68 31.51
C LYS C 461 1.64 5.20 31.56
N ASN C 462 1.44 5.78 32.76
CA ASN C 462 1.36 7.24 32.84
C ASN C 462 2.73 7.89 32.66
N SER C 463 3.80 7.18 33.03
CA SER C 463 5.15 7.71 32.84
C SER C 463 5.57 7.70 31.38
N LYS C 464 4.95 6.85 30.55
CA LYS C 464 5.28 6.75 29.15
C LYS C 464 4.61 7.83 28.30
N LEU C 465 3.87 8.75 28.92
CA LEU C 465 3.30 9.88 28.21
C LEU C 465 4.31 11.03 28.19
N SER C 466 4.07 11.97 27.26
CA SER C 466 4.92 13.14 27.19
C SER C 466 4.63 14.10 28.34
N TYR C 467 5.57 15.01 28.58
CA TYR C 467 5.36 16.00 29.63
C TYR C 467 4.25 16.97 29.27
N ASP C 468 3.99 17.17 27.97
CA ASP C 468 2.87 18.01 27.55
C ASP C 468 1.53 17.40 27.97
N THR C 469 1.40 16.08 27.86
CA THR C 469 0.16 15.42 28.23
C THR C 469 -0.01 15.35 29.74
N ARG C 470 1.06 14.98 30.45
CA ARG C 470 0.96 14.79 31.90
C ARG C 470 0.61 16.09 32.61
N THR C 471 1.02 17.23 32.06
CA THR C 471 0.61 18.51 32.63
C THR C 471 -0.87 18.76 32.40
N SER C 472 -1.38 18.39 31.22
CA SER C 472 -2.81 18.56 30.96
C SER C 472 -3.65 17.61 31.80
N PHE C 473 -3.17 16.36 31.99
CA PHE C 473 -3.90 15.41 32.80
C PHE C 473 -3.85 15.77 34.28
N ALA C 474 -2.78 16.42 34.73
CA ALA C 474 -2.72 16.86 36.12
C ALA C 474 -3.80 17.91 36.41
N ILE C 475 -4.11 18.75 35.42
CA ILE C 475 -5.18 19.72 35.58
C ILE C 475 -6.54 19.05 35.44
N PHE C 476 -6.66 18.07 34.54
CA PHE C 476 -7.94 17.41 34.33
C PHE C 476 -8.35 16.59 35.55
N ARG C 477 -7.38 15.98 36.24
CA ARG C 477 -7.70 15.23 37.45
C ARG C 477 -8.24 16.12 38.56
N SER C 478 -8.00 17.43 38.49
CA SER C 478 -8.53 18.36 39.47
C SER C 478 -10.01 18.64 39.29
N PHE C 479 -10.59 18.28 38.15
CA PHE C 479 -12.01 18.51 37.91
C PHE C 479 -12.83 17.42 38.61
N SER C 480 -13.71 17.85 39.51
CA SER C 480 -14.56 16.92 40.24
C SER C 480 -15.85 16.65 39.45
N ALA C 481 -16.61 15.65 39.93
CA ALA C 481 -17.87 15.33 39.27
C ALA C 481 -18.88 16.46 39.40
N SER C 482 -18.87 17.17 40.53
CA SER C 482 -19.76 18.32 40.68
C SER C 482 -19.39 19.45 39.71
N ASP C 483 -18.11 19.54 39.33
CA ASP C 483 -17.70 20.54 38.36
C ASP C 483 -18.23 20.22 36.97
N TYR C 484 -18.29 18.93 36.62
CA TYR C 484 -18.78 18.55 35.30
C TYR C 484 -20.27 18.86 35.17
N ILE C 485 -21.05 18.64 36.23
CA ILE C 485 -22.47 18.96 36.19
C ILE C 485 -22.66 20.46 36.03
N ALA C 486 -21.84 21.26 36.73
CA ALA C 486 -21.92 22.70 36.60
C ALA C 486 -21.53 23.16 35.21
N ALA C 487 -20.64 22.42 34.54
CA ALA C 487 -20.23 22.79 33.19
C ALA C 487 -21.34 22.53 32.18
N GLN C 488 -22.03 21.39 32.29
CA GLN C 488 -23.09 21.07 31.34
C GLN C 488 -24.26 22.03 31.46
N CYS C 489 -24.47 22.60 32.64
CA CYS C 489 -25.49 23.63 32.78
C CYS C 489 -25.09 24.90 32.05
N LEU C 490 -23.79 25.17 31.96
CA LEU C 490 -23.32 26.29 31.15
C LEU C 490 -23.52 26.02 29.67
N ARG C 491 -23.34 24.76 29.25
CA ARG C 491 -23.52 24.43 27.84
C ARG C 491 -24.94 24.75 27.38
N ARG C 492 -25.93 24.56 28.26
CA ARG C 492 -27.30 24.91 27.89
C ARG C 492 -27.46 26.42 27.75
N ARG C 493 -26.80 27.20 28.61
CA ARG C 493 -26.87 28.65 28.50
C ARG C 493 -26.33 29.12 27.15
N LEU C 494 -25.13 28.66 26.79
CA LEU C 494 -24.56 29.05 25.50
C LEU C 494 -25.40 28.54 24.34
N MET C 495 -26.06 27.39 24.52
CA MET C 495 -26.91 26.86 23.46
C MET C 495 -28.12 27.75 23.22
N GLU C 496 -28.78 28.17 24.30
CA GLU C 496 -29.94 29.05 24.17
C GLU C 496 -29.53 30.41 23.62
N TYR C 497 -28.30 30.85 23.88
CA TYR C 497 -27.82 32.10 23.30
C TYR C 497 -27.64 31.97 21.79
N HIS C 498 -26.89 30.97 21.35
CA HIS C 498 -26.60 30.84 19.93
C HIS C 498 -27.85 30.51 19.13
N LEU C 499 -28.75 29.70 19.70
CA LEU C 499 -29.98 29.38 18.99
C LEU C 499 -30.84 30.63 18.79
N ASN C 500 -30.68 31.63 19.63
CA ASN C 500 -31.36 32.91 19.41
C ASN C 500 -30.61 33.75 18.39
N ILE C 501 -29.30 33.55 18.27
CA ILE C 501 -28.54 34.26 17.24
C ILE C 501 -28.92 33.78 15.86
N PHE C 502 -29.12 32.46 15.70
CA PHE C 502 -29.52 31.90 14.42
C PHE C 502 -30.95 32.25 14.04
N LYS C 503 -31.72 32.87 14.94
CA LYS C 503 -33.02 33.39 14.55
C LYS C 503 -32.88 34.62 13.67
N ASP C 504 -31.85 35.43 13.88
CA ASP C 504 -31.62 36.65 13.12
C ASP C 504 -30.65 36.45 11.96
N VAL C 505 -29.58 35.70 12.16
CA VAL C 505 -28.58 35.48 11.13
C VAL C 505 -28.61 34.01 10.69
N ASP C 506 -27.92 33.73 9.59
CA ASP C 506 -27.81 32.37 9.07
C ASP C 506 -26.49 31.71 9.40
N VAL C 507 -25.39 32.46 9.37
CA VAL C 507 -24.08 31.96 9.75
C VAL C 507 -23.36 33.02 10.58
N ILE C 508 -22.34 32.58 11.29
CA ILE C 508 -21.51 33.45 12.13
C ILE C 508 -20.08 33.37 11.60
N VAL C 509 -19.57 34.50 11.12
CA VAL C 509 -18.25 34.56 10.51
C VAL C 509 -17.28 35.22 11.49
N THR C 510 -16.16 34.56 11.73
CA THR C 510 -15.08 35.07 12.56
C THR C 510 -13.76 34.55 12.01
N PRO C 511 -12.64 35.20 12.33
CA PRO C 511 -11.34 34.61 11.99
C PRO C 511 -11.14 33.31 12.75
N THR C 512 -10.44 32.36 12.11
CA THR C 512 -10.27 31.04 12.71
C THR C 512 -9.36 31.11 13.94
N THR C 513 -8.21 31.75 13.82
CA THR C 513 -7.30 31.90 14.94
C THR C 513 -6.94 33.37 15.12
N GLY C 514 -6.53 33.72 16.34
CA GLY C 514 -6.17 35.08 16.66
C GLY C 514 -4.72 35.40 16.34
N MET C 515 -4.10 34.60 15.48
CA MET C 515 -2.70 34.78 15.11
C MET C 515 -2.44 33.92 13.89
N THR C 516 -1.27 34.13 13.27
CA THR C 516 -0.82 33.31 12.16
C THR C 516 0.00 32.14 12.70
N ALA C 517 0.81 31.52 11.87
CA ALA C 517 1.61 30.37 12.31
C ALA C 517 2.63 30.80 13.35
N PRO C 518 2.58 30.27 14.57
CA PRO C 518 3.55 30.69 15.59
C PRO C 518 4.89 29.99 15.43
N VAL C 519 5.93 30.68 15.91
CA VAL C 519 7.30 30.15 15.82
C VAL C 519 7.51 29.10 16.89
N ILE C 520 8.33 28.10 16.56
CA ILE C 520 8.65 27.02 17.48
C ILE C 520 9.89 27.44 18.28
N PRO C 521 9.80 27.59 19.60
CA PRO C 521 11.00 27.81 20.40
C PRO C 521 11.92 26.61 20.33
N PRO C 522 13.21 26.82 20.08
CA PRO C 522 14.11 25.69 19.83
C PRO C 522 14.29 24.78 21.04
N ASP C 523 14.04 25.26 22.25
CA ASP C 523 14.17 24.42 23.43
C ASP C 523 12.96 23.52 23.64
N ALA C 524 11.82 23.83 23.00
CA ALA C 524 10.63 23.00 23.13
C ALA C 524 10.71 21.71 22.35
N LEU C 525 11.63 21.61 21.38
CA LEU C 525 11.78 20.40 20.60
C LEU C 525 12.44 19.27 21.39
N LYS C 526 12.97 19.55 22.58
CA LYS C 526 13.68 18.53 23.33
C LYS C 526 12.71 17.56 24.02
N ASN C 527 11.63 18.07 24.61
CA ASN C 527 10.69 17.22 25.33
C ASN C 527 9.34 17.91 25.49
N GLY C 528 8.93 18.70 24.50
CA GLY C 528 7.66 19.39 24.57
C GLY C 528 7.74 20.69 25.34
N GLU C 529 6.57 21.28 25.57
CA GLU C 529 6.48 22.55 26.26
C GLU C 529 5.09 22.69 26.86
N THR C 530 5.00 23.51 27.91
CA THR C 530 3.74 23.91 28.52
C THR C 530 3.51 25.39 28.21
N ASN C 531 2.59 25.67 27.30
CA ASN C 531 2.28 27.04 26.89
C ASN C 531 0.76 27.16 26.77
N ILE C 532 0.08 27.09 27.92
CA ILE C 532 -1.37 27.15 27.93
C ILE C 532 -1.88 28.50 27.45
N GLN C 533 -1.07 29.55 27.56
CA GLN C 533 -1.49 30.86 27.08
C GLN C 533 -1.64 30.86 25.56
N VAL C 534 -0.65 30.32 24.84
CA VAL C 534 -0.74 30.25 23.39
C VAL C 534 -1.67 29.11 22.97
N THR C 535 -1.66 28.00 23.71
CA THR C 535 -2.56 26.90 23.40
C THR C 535 -4.03 27.32 23.50
N THR C 536 -4.36 28.21 24.44
CA THR C 536 -5.72 28.72 24.55
C THR C 536 -5.98 29.81 23.51
N ASP C 537 -4.98 30.65 23.24
CA ASP C 537 -5.14 31.74 22.28
C ASP C 537 -5.48 31.25 20.88
N LEU C 538 -5.22 29.98 20.59
CA LEU C 538 -5.55 29.43 19.29
C LEU C 538 -6.97 28.89 19.20
N MET C 539 -7.60 28.61 20.34
CA MET C 539 -8.96 28.10 20.36
C MET C 539 -10.00 29.18 20.60
N ARG C 540 -9.60 30.45 20.62
CA ARG C 540 -10.50 31.54 21.00
C ARG C 540 -11.62 31.78 19.98
N PHE C 541 -11.78 30.96 18.93
CA PHE C 541 -12.90 31.12 18.01
C PHE C 541 -13.55 29.80 17.63
N VAL C 542 -12.93 28.65 17.91
CA VAL C 542 -13.46 27.37 17.46
C VAL C 542 -14.25 26.64 18.54
N LEU C 543 -14.25 27.13 19.77
CA LEU C 543 -14.95 26.42 20.85
C LEU C 543 -16.46 26.45 20.69
N ALA C 544 -16.99 27.38 19.87
CA ALA C 544 -18.44 27.47 19.71
C ALA C 544 -19.00 26.25 18.99
N ALA C 545 -18.33 25.82 17.92
CA ALA C 545 -18.84 24.71 17.13
C ALA C 545 -18.62 23.35 17.79
N ASN C 546 -17.71 23.27 18.77
CA ASN C 546 -17.46 22.00 19.44
C ASN C 546 -18.39 21.78 20.63
N LEU C 547 -18.46 22.75 21.54
CA LEU C 547 -19.30 22.61 22.73
C LEU C 547 -20.78 22.56 22.36
N LEU C 548 -21.18 23.22 21.27
CA LEU C 548 -22.57 23.25 20.86
C LEU C 548 -22.87 22.33 19.68
N GLY C 549 -21.86 21.89 18.95
CA GLY C 549 -22.07 20.95 17.86
C GLY C 549 -22.38 21.55 16.51
N PHE C 550 -22.29 22.87 16.35
CA PHE C 550 -22.60 23.50 15.09
C PHE C 550 -21.55 23.14 14.04
N PRO C 551 -21.92 23.11 12.76
CA PRO C 551 -20.92 22.86 11.71
C PRO C 551 -20.16 24.13 11.35
N ALA C 552 -18.84 24.04 11.37
CA ALA C 552 -17.97 25.16 11.01
C ALA C 552 -17.01 24.73 9.90
N ILE C 553 -16.31 25.72 9.34
CA ILE C 553 -15.36 25.47 8.26
C ILE C 553 -14.28 26.55 8.31
N SER C 554 -13.08 26.19 7.86
CA SER C 554 -11.96 27.11 7.78
C SER C 554 -11.51 27.20 6.33
N VAL C 555 -11.63 28.39 5.75
CA VAL C 555 -11.28 28.62 4.35
C VAL C 555 -10.14 29.63 4.29
N PRO C 556 -9.16 29.45 3.42
CA PRO C 556 -8.08 30.45 3.30
C PRO C 556 -8.58 31.72 2.63
N VAL C 557 -8.17 32.86 3.19
CA VAL C 557 -8.64 34.16 2.71
C VAL C 557 -7.46 35.10 2.53
N GLY C 558 -6.28 34.56 2.24
CA GLY C 558 -5.14 35.40 1.96
C GLY C 558 -3.94 35.12 2.84
N TYR C 559 -3.01 36.08 2.90
CA TYR C 559 -1.80 35.95 3.68
C TYR C 559 -1.50 37.29 4.37
N ASP C 560 -0.62 37.23 5.38
CA ASP C 560 -0.29 38.42 6.15
C ASP C 560 0.99 39.08 5.64
N LYS C 561 1.70 39.76 6.54
CA LYS C 561 2.90 40.49 6.14
C LYS C 561 4.04 39.54 5.77
N GLU C 562 4.27 38.52 6.60
CA GLU C 562 5.39 37.60 6.41
C GLU C 562 5.02 36.39 5.55
N GLY C 563 3.90 36.45 4.83
CA GLY C 563 3.53 35.37 3.94
C GLY C 563 2.91 34.16 4.58
N LEU C 564 2.38 34.29 5.82
CA LEU C 564 1.71 33.18 6.48
C LEU C 564 0.22 33.19 6.17
N PRO C 565 -0.41 32.02 6.06
CA PRO C 565 -1.83 31.97 5.68
C PRO C 565 -2.73 32.59 6.74
N ILE C 566 -3.93 32.96 6.29
CA ILE C 566 -4.97 33.52 7.15
C ILE C 566 -6.26 32.75 6.87
N GLY C 567 -6.95 32.34 7.94
CA GLY C 567 -8.16 31.55 7.82
C GLY C 567 -9.38 32.31 8.32
N LEU C 568 -10.49 32.15 7.61
CA LEU C 568 -11.78 32.70 8.01
C LEU C 568 -12.72 31.55 8.35
N GLN C 569 -13.34 31.62 9.53
CA GLN C 569 -14.25 30.58 9.98
C GLN C 569 -15.70 30.94 9.66
N ILE C 570 -16.46 29.97 9.18
CA ILE C 570 -17.88 30.12 8.88
C ILE C 570 -18.63 29.03 9.63
N MET C 571 -19.39 29.43 10.65
CA MET C 571 -20.19 28.50 11.45
C MET C 571 -21.66 28.75 11.18
N GLY C 572 -22.39 27.68 10.87
CA GLY C 572 -23.79 27.82 10.51
C GLY C 572 -24.75 27.03 11.38
N ARG C 573 -26.01 26.98 10.96
CA ARG C 573 -27.04 26.27 11.71
C ARG C 573 -26.73 24.77 11.77
N PRO C 574 -27.27 24.07 12.76
CA PRO C 574 -27.07 22.62 12.84
C PRO C 574 -27.59 21.92 11.60
N TRP C 575 -26.90 20.85 11.22
CA TRP C 575 -27.21 20.01 10.07
C TRP C 575 -27.15 20.77 8.75
N ALA C 576 -26.70 22.03 8.76
CA ALA C 576 -26.68 22.85 7.56
C ALA C 576 -25.25 22.95 7.01
N GLU C 577 -24.67 21.79 6.70
CA GLU C 577 -23.36 21.77 6.06
C GLU C 577 -23.43 22.35 4.65
N ALA C 578 -24.55 22.14 3.95
CA ALA C 578 -24.68 22.66 2.59
C ALA C 578 -24.66 24.19 2.58
N THR C 579 -25.22 24.82 3.61
CA THR C 579 -25.16 26.28 3.71
C THR C 579 -23.75 26.76 3.99
N VAL C 580 -23.04 26.08 4.90
CA VAL C 580 -21.67 26.46 5.21
C VAL C 580 -20.74 26.20 4.02
N LEU C 581 -21.00 25.13 3.28
CA LEU C 581 -20.18 24.83 2.10
C LEU C 581 -20.50 25.76 0.93
N GLY C 582 -21.78 26.11 0.76
CA GLY C 582 -22.15 27.01 -0.31
C GLY C 582 -21.52 28.38 -0.15
N LEU C 583 -21.53 28.92 1.06
CA LEU C 583 -20.90 30.21 1.30
C LEU C 583 -19.38 30.10 1.19
N ALA C 584 -18.80 29.00 1.68
CA ALA C 584 -17.35 28.85 1.62
C ALA C 584 -16.84 28.73 0.20
N ALA C 585 -17.64 28.14 -0.70
CA ALA C 585 -17.24 28.05 -2.09
C ALA C 585 -17.18 29.44 -2.75
N ALA C 586 -18.07 30.34 -2.34
CA ALA C 586 -18.02 31.71 -2.86
C ALA C 586 -16.87 32.51 -2.25
N VAL C 587 -16.39 32.12 -1.07
CA VAL C 587 -15.27 32.83 -0.45
C VAL C 587 -13.97 32.48 -1.17
N GLU C 588 -13.76 31.20 -1.49
CA GLU C 588 -12.59 30.81 -2.25
C GLU C 588 -12.61 31.38 -3.67
N GLU C 589 -13.79 31.70 -4.19
CA GLU C 589 -13.86 32.33 -5.51
C GLU C 589 -13.32 33.75 -5.47
N LEU C 590 -13.63 34.49 -4.39
CA LEU C 590 -13.17 35.86 -4.24
C LEU C 590 -11.77 35.96 -3.63
N ALA C 591 -11.19 34.84 -3.21
CA ALA C 591 -9.85 34.84 -2.65
C ALA C 591 -9.21 33.46 -2.80
N PRO C 592 -8.75 33.11 -4.00
CA PRO C 592 -8.15 31.79 -4.21
C PRO C 592 -6.75 31.71 -3.65
N VAL C 593 -6.35 30.48 -3.30
CA VAL C 593 -4.99 30.24 -2.82
C VAL C 593 -4.01 30.46 -3.96
N THR C 594 -3.12 31.45 -3.81
CA THR C 594 -2.21 31.83 -4.87
C THR C 594 -0.75 31.61 -4.53
N LYS C 595 -0.35 31.76 -3.27
CA LYS C 595 1.05 31.59 -2.89
C LYS C 595 1.38 30.12 -2.67
N LYS C 596 2.43 29.65 -3.35
CA LYS C 596 2.92 28.30 -3.16
C LYS C 596 3.80 28.23 -1.91
N PRO C 597 3.59 27.26 -1.03
CA PRO C 597 4.42 27.15 0.17
C PRO C 597 5.83 26.70 -0.17
N ALA C 598 6.74 26.93 0.78
CA ALA C 598 8.13 26.53 0.59
C ALA C 598 8.24 25.04 0.35
N ILE C 599 7.77 24.22 1.29
CA ILE C 599 7.78 22.77 1.14
C ILE C 599 6.55 22.36 0.34
N PHE C 600 6.70 22.30 -0.98
CA PHE C 600 5.63 21.85 -1.86
C PHE C 600 6.17 20.87 -2.88
N TYR C 601 5.34 19.90 -3.25
CA TYR C 601 5.69 18.87 -4.22
C TYR C 601 4.61 18.77 -5.28
N ASP C 602 5.02 18.51 -6.51
CA ASP C 602 4.09 18.36 -7.63
C ASP C 602 4.13 16.91 -8.08
N ILE C 603 3.03 16.19 -7.84
CA ILE C 603 2.99 14.77 -8.18
C ILE C 603 2.64 14.57 -9.65
N LEU C 604 1.68 15.34 -10.17
CA LEU C 604 1.26 15.20 -11.56
C LEU C 604 2.19 15.91 -12.55
N ASN C 605 3.32 16.44 -12.07
CA ASN C 605 4.28 17.15 -12.92
C ASN C 605 3.62 18.28 -13.71
N MET D 1 -9.32 -12.01 36.29
CA MET D 1 -8.43 -11.32 37.20
C MET D 1 -7.31 -10.60 36.45
N GLY D 2 -7.66 -9.92 35.35
CA GLY D 2 -6.72 -8.98 34.77
C GLY D 2 -6.11 -8.18 35.89
N LYS D 3 -4.94 -8.63 36.38
CA LYS D 3 -4.34 -8.02 37.56
C LYS D 3 -3.89 -6.59 37.27
N TYR D 4 -3.64 -6.25 36.00
CA TYR D 4 -3.24 -4.90 35.65
C TYR D 4 -4.44 -4.00 35.35
N GLN D 5 -5.40 -4.49 34.57
CA GLN D 5 -6.60 -3.73 34.28
C GLN D 5 -7.69 -4.69 33.82
N VAL D 6 -8.94 -4.31 34.07
CA VAL D 6 -10.09 -5.16 33.78
C VAL D 6 -10.74 -4.69 32.49
N MET D 7 -11.25 -5.64 31.71
CA MET D 7 -11.85 -5.40 30.41
C MET D 7 -13.27 -5.94 30.38
N LYS D 8 -14.19 -5.17 29.81
CA LYS D 8 -15.60 -5.54 29.76
C LYS D 8 -16.09 -5.61 28.31
N ARG D 9 -17.34 -6.08 28.16
CA ARG D 9 -18.07 -6.09 26.89
C ARG D 9 -19.54 -6.37 27.16
N ALA D 10 -20.40 -5.38 26.95
CA ALA D 10 -21.77 -5.46 27.45
C ALA D 10 -22.67 -6.37 26.61
N SER D 11 -23.05 -5.90 25.42
CA SER D 11 -24.09 -6.55 24.64
C SER D 11 -23.66 -7.89 24.04
N GLU D 12 -22.73 -8.58 24.71
CA GLU D 12 -22.27 -9.88 24.22
C GLU D 12 -22.01 -10.87 25.35
N VAL D 13 -22.43 -10.56 26.59
CA VAL D 13 -22.22 -11.48 27.70
C VAL D 13 -23.22 -12.62 27.62
N ASP D 14 -22.80 -13.79 28.07
CA ASP D 14 -23.69 -14.93 28.20
C ASP D 14 -24.40 -14.84 29.53
N LEU D 15 -25.72 -14.68 29.50
CA LEU D 15 -26.49 -14.50 30.74
C LEU D 15 -26.43 -15.72 31.65
N SER D 16 -26.12 -16.90 31.09
CA SER D 16 -25.93 -18.09 31.91
C SER D 16 -24.58 -18.12 32.60
N THR D 17 -23.68 -17.19 32.28
CA THR D 17 -22.37 -17.12 32.92
C THR D 17 -22.35 -16.14 34.08
N VAL D 18 -23.20 -15.12 34.06
CA VAL D 18 -23.23 -14.09 35.08
C VAL D 18 -23.53 -14.68 36.45
N LYS D 19 -22.55 -14.65 37.33
CA LYS D 19 -22.74 -15.08 38.71
C LYS D 19 -23.27 -13.91 39.55
N TYR D 20 -23.97 -14.25 40.62
CA TYR D 20 -24.56 -13.23 41.48
C TYR D 20 -23.52 -12.73 42.46
N LYS D 21 -23.16 -11.45 42.35
CA LYS D 21 -22.24 -10.80 43.29
C LYS D 21 -23.08 -10.15 44.38
N ALA D 22 -22.96 -10.66 45.61
CA ALA D 22 -23.81 -10.24 46.71
C ALA D 22 -23.44 -8.83 47.16
N GLU D 23 -23.93 -8.45 48.34
CA GLU D 23 -23.68 -7.11 48.86
C GLU D 23 -22.22 -6.96 49.25
N THR D 24 -21.74 -5.72 49.19
CA THR D 24 -20.37 -5.40 49.58
C THR D 24 -20.31 -3.92 49.97
N MET D 25 -20.65 -3.63 51.22
CA MET D 25 -20.61 -2.25 51.72
C MET D 25 -20.09 -2.29 53.15
N LYS D 26 -18.83 -1.90 53.33
CA LYS D 26 -18.17 -1.87 54.63
C LYS D 26 -17.81 -0.44 54.97
N ALA D 27 -18.39 0.08 56.06
CA ALA D 27 -18.18 1.45 56.49
C ALA D 27 -18.37 1.51 57.99
N PRO D 28 -17.70 2.43 58.68
CA PRO D 28 -17.80 2.48 60.15
C PRO D 28 -19.17 2.97 60.61
N HIS D 29 -19.58 2.49 61.78
CA HIS D 29 -20.81 2.90 62.43
C HIS D 29 -20.42 3.77 63.63
N LEU D 30 -20.56 5.08 63.48
CA LEU D 30 -20.13 6.03 64.50
C LEU D 30 -21.29 6.95 64.87
N THR D 31 -21.51 7.12 66.17
CA THR D 31 -22.58 7.95 66.70
C THR D 31 -22.04 8.87 67.79
N GLY D 32 -22.69 10.01 67.95
CA GLY D 32 -22.36 10.91 69.05
C GLY D 32 -21.05 11.66 68.89
N LEU D 33 -20.14 11.48 69.86
CA LEU D 33 -18.89 12.23 69.87
C LEU D 33 -17.89 11.68 68.86
N SER D 34 -17.77 10.35 68.76
CA SER D 34 -16.87 9.76 67.77
C SER D 34 -17.31 10.09 66.36
N PHE D 35 -18.60 10.35 66.15
CA PHE D 35 -19.08 10.83 64.86
C PHE D 35 -18.57 12.23 64.56
N LYS D 36 -18.62 13.12 65.56
CA LYS D 36 -18.14 14.49 65.35
C LYS D 36 -16.66 14.52 65.02
N LEU D 37 -15.88 13.67 65.68
CA LEU D 37 -14.44 13.62 65.39
C LEU D 37 -14.17 13.06 64.00
N PHE D 38 -14.94 12.05 63.60
CA PHE D 38 -14.76 11.46 62.27
C PHE D 38 -15.15 12.42 61.17
N VAL D 39 -16.08 13.34 61.44
CA VAL D 39 -16.44 14.35 60.45
C VAL D 39 -15.33 15.38 60.30
N ASN D 40 -14.78 15.85 61.44
CA ASN D 40 -13.66 16.78 61.38
C ASN D 40 -12.41 16.14 60.80
N LEU D 41 -12.29 14.80 60.92
CA LEU D 41 -11.18 14.11 60.27
C LEU D 41 -11.38 14.05 58.76
N LEU D 42 -12.63 13.85 58.31
CA LEU D 42 -12.90 13.82 56.88
C LEU D 42 -12.74 15.20 56.25
N GLU D 43 -13.21 16.23 56.92
CA GLU D 43 -13.05 17.60 56.43
C GLU D 43 -11.63 18.13 56.63
N ALA D 44 -10.76 17.36 57.26
CA ALA D 44 -9.38 17.77 57.42
C ALA D 44 -8.64 17.70 56.09
N PRO D 45 -7.64 18.57 55.86
CA PRO D 45 -6.94 18.60 54.58
C PRO D 45 -6.42 17.26 54.09
N LEU D 46 -5.25 16.85 54.61
CA LEU D 46 -4.55 15.69 54.05
C LEU D 46 -5.21 14.39 54.48
N ILE D 47 -5.36 14.19 55.80
CA ILE D 47 -5.89 12.93 56.31
C ILE D 47 -7.33 12.70 55.86
N GLY D 48 -8.06 13.78 55.55
CA GLY D 48 -9.43 13.61 55.09
C GLY D 48 -9.54 12.87 53.77
N SER D 49 -8.66 13.19 52.82
CA SER D 49 -8.71 12.53 51.52
C SER D 49 -8.26 11.08 51.62
N LEU D 50 -7.38 10.75 52.56
CA LEU D 50 -6.89 9.39 52.69
C LEU D 50 -7.99 8.46 53.19
N ILE D 51 -8.84 8.94 54.09
CA ILE D 51 -9.92 8.10 54.61
C ILE D 51 -10.96 7.83 53.53
N VAL D 52 -11.25 8.85 52.71
CA VAL D 52 -12.26 8.69 51.66
C VAL D 52 -11.77 7.72 50.60
N ASP D 53 -10.52 7.87 50.17
CA ASP D 53 -9.97 6.95 49.17
C ASP D 53 -9.85 5.54 49.73
N TYR D 54 -9.63 5.40 51.04
CA TYR D 54 -9.61 4.07 51.63
C TYR D 54 -10.99 3.41 51.58
N LEU D 55 -12.03 4.19 51.88
CA LEU D 55 -13.38 3.63 51.82
C LEU D 55 -13.77 3.28 50.39
N LYS D 56 -13.35 4.09 49.41
CA LYS D 56 -13.62 3.77 48.02
C LYS D 56 -12.82 2.56 47.57
N LYS D 57 -11.57 2.45 48.02
CA LYS D 57 -10.75 1.31 47.66
C LYS D 57 -11.22 0.04 48.35
N ASP D 58 -11.75 0.16 49.57
CA ASP D 58 -12.19 -1.03 50.30
C ASP D 58 -13.49 -1.59 49.73
N ASN D 59 -14.43 -0.72 49.36
CA ASN D 59 -15.72 -1.14 48.84
C ASN D 59 -15.69 -1.49 47.35
N GLY D 60 -14.54 -1.32 46.68
CA GLY D 60 -14.43 -1.68 45.29
C GLY D 60 -14.89 -0.62 44.32
N MET D 61 -14.92 0.65 44.73
CA MET D 61 -15.33 1.72 43.84
C MET D 61 -14.18 2.26 42.99
N THR D 62 -12.98 2.36 43.58
CA THR D 62 -11.82 2.80 42.81
C THR D 62 -11.49 1.79 41.72
N LYS D 63 -11.70 0.49 41.99
CA LYS D 63 -11.47 -0.53 40.98
C LYS D 63 -12.42 -0.39 39.80
N ILE D 64 -13.65 0.05 40.05
CA ILE D 64 -14.64 0.17 38.98
C ILE D 64 -14.41 1.44 38.18
N PHE D 65 -14.19 2.56 38.87
CA PHE D 65 -14.12 3.85 38.20
C PHE D 65 -12.74 4.14 37.58
N ARG D 66 -11.68 3.49 38.07
CA ARG D 66 -10.33 3.84 37.63
C ARG D 66 -9.51 2.68 37.10
N ASN D 67 -9.98 1.43 37.20
CA ASN D 67 -9.17 0.29 36.80
C ASN D 67 -9.95 -0.67 35.92
N THR D 68 -10.90 -0.14 35.13
CA THR D 68 -11.71 -0.98 34.25
C THR D 68 -12.04 -0.19 32.99
N VAL D 69 -11.60 -0.70 31.84
CA VAL D 69 -11.96 -0.07 30.57
C VAL D 69 -13.37 -0.49 30.19
N ILE D 70 -14.21 0.49 29.87
CA ILE D 70 -15.62 0.28 29.58
C ILE D 70 -15.84 0.55 28.09
N PRO D 71 -16.27 -0.44 27.31
CA PRO D 71 -16.46 -0.24 25.86
C PRO D 71 -17.76 0.45 25.48
N GLU D 72 -18.56 0.92 26.43
CA GLU D 72 -19.83 1.57 26.13
C GLU D 72 -19.67 3.09 26.09
N GLU D 73 -20.53 3.73 25.30
CA GLU D 73 -20.54 5.19 25.24
C GLU D 73 -21.45 5.74 26.34
N PRO D 74 -21.05 6.83 26.98
CA PRO D 74 -21.78 7.30 28.17
C PRO D 74 -23.22 7.69 27.85
N MET D 75 -24.14 7.21 28.67
CA MET D 75 -25.55 7.59 28.62
C MET D 75 -25.83 8.45 29.86
N PHE D 76 -26.03 9.76 29.63
CA PHE D 76 -26.13 10.68 30.75
C PHE D 76 -27.54 10.73 31.34
N ARG D 77 -28.56 10.69 30.49
CA ARG D 77 -29.94 10.64 30.93
C ARG D 77 -30.62 9.40 30.34
N PRO D 78 -31.61 8.85 31.04
CA PRO D 78 -32.24 7.60 30.56
C PRO D 78 -32.84 7.77 29.18
N GLU D 79 -32.39 6.94 28.25
CA GLU D 79 -32.84 6.95 26.86
C GLU D 79 -33.72 5.73 26.63
N PHE D 80 -35.02 5.97 26.38
CA PHE D 80 -35.94 4.86 26.16
C PHE D 80 -36.27 4.72 24.68
N PRO D 81 -36.20 3.51 24.11
CA PRO D 81 -36.65 3.34 22.72
C PRO D 81 -38.17 3.40 22.59
N SER D 82 -38.68 3.24 21.38
CA SER D 82 -40.12 3.29 21.16
C SER D 82 -40.78 2.06 21.77
N GLN D 83 -41.63 2.28 22.77
CA GLN D 83 -42.29 1.19 23.48
C GLN D 83 -43.61 0.82 22.81
N GLU D 84 -43.92 -0.48 22.84
CA GLU D 84 -45.20 -0.92 22.32
C GLU D 84 -46.33 -0.49 23.25
N PRO D 85 -47.51 -0.19 22.70
CA PRO D 85 -48.61 0.31 23.54
C PRO D 85 -49.09 -0.76 24.52
N GLU D 86 -49.28 -0.35 25.77
CA GLU D 86 -49.83 -1.25 26.78
C GLU D 86 -51.31 -1.50 26.51
N HIS D 87 -51.74 -2.74 26.75
CA HIS D 87 -53.07 -3.17 26.35
C HIS D 87 -54.07 -3.02 27.49
N ASP D 88 -55.33 -2.80 27.11
CA ASP D 88 -56.45 -2.69 28.04
C ASP D 88 -56.26 -1.53 29.01
N VAL D 89 -56.05 -0.34 28.44
CA VAL D 89 -55.87 0.88 29.20
C VAL D 89 -56.66 2.00 28.54
N VAL D 90 -56.80 3.12 29.25
CA VAL D 90 -57.50 4.30 28.76
C VAL D 90 -56.47 5.38 28.51
N ILE D 91 -56.45 5.89 27.28
CA ILE D 91 -55.47 6.89 26.87
C ILE D 91 -56.02 8.28 27.17
N VAL D 92 -55.22 9.10 27.88
CA VAL D 92 -55.58 10.47 28.20
C VAL D 92 -54.45 11.37 27.73
N GLY D 93 -54.80 12.55 27.23
CA GLY D 93 -53.80 13.47 26.73
C GLY D 93 -52.96 14.06 27.84
N GLU D 94 -51.69 14.32 27.52
CA GLU D 94 -50.75 14.90 28.47
C GLU D 94 -50.93 16.41 28.62
N ASP D 95 -51.87 17.01 27.88
CA ASP D 95 -52.11 18.45 27.92
C ASP D 95 -53.38 18.83 28.66
N GLU D 96 -54.26 17.87 28.96
CA GLU D 96 -55.52 18.18 29.62
C GLU D 96 -55.28 18.65 31.05
N SER D 97 -56.22 19.44 31.56
CA SER D 97 -56.12 19.94 32.92
C SER D 97 -56.23 18.79 33.91
N PRO D 98 -55.61 18.92 35.10
CA PRO D 98 -55.72 17.85 36.10
C PRO D 98 -57.14 17.57 36.54
N ILE D 99 -58.04 18.54 36.41
CA ILE D 99 -59.43 18.31 36.78
C ILE D 99 -60.09 17.36 35.79
N ASP D 100 -59.75 17.48 34.51
CA ASP D 100 -60.35 16.61 33.50
C ASP D 100 -59.81 15.20 33.58
N ARG D 101 -58.53 15.04 33.90
CA ARG D 101 -57.95 13.70 34.04
C ARG D 101 -58.55 12.97 35.24
N LEU D 102 -58.96 13.70 36.28
CA LEU D 102 -59.53 13.06 37.46
C LEU D 102 -60.90 12.46 37.16
N GLU D 103 -61.72 13.15 36.36
CA GLU D 103 -63.01 12.59 35.97
C GLU D 103 -62.81 11.36 35.08
N THR D 104 -61.72 11.32 34.31
CA THR D 104 -61.43 10.13 33.51
C THR D 104 -60.95 8.99 34.38
N ALA D 105 -60.10 9.28 35.37
CA ALA D 105 -59.61 8.24 36.27
C ALA D 105 -60.72 7.70 37.15
N LEU D 106 -61.73 8.51 37.48
CA LEU D 106 -62.87 8.02 38.25
C LEU D 106 -63.64 6.95 37.48
N LYS D 107 -63.72 7.07 36.16
CA LYS D 107 -64.38 6.06 35.36
C LYS D 107 -63.61 4.75 35.36
N CYS D 108 -62.27 4.82 35.38
CA CYS D 108 -61.47 3.61 35.45
C CYS D 108 -61.57 2.91 36.80
N LEU D 109 -61.94 3.64 37.85
CA LEU D 109 -62.12 3.03 39.16
C LEU D 109 -63.40 2.21 39.19
N PRO D 110 -63.47 1.19 40.03
CA PRO D 110 -64.73 0.48 40.25
C PRO D 110 -65.75 1.41 40.92
N GLN D 111 -67.02 1.03 40.81
CA GLN D 111 -68.09 1.85 41.35
C GLN D 111 -67.98 1.95 42.86
N TYR D 112 -68.14 3.16 43.38
CA TYR D 112 -68.02 3.38 44.82
C TYR D 112 -69.18 2.75 45.56
N ASP D 113 -68.89 2.17 46.73
CA ASP D 113 -69.89 1.54 47.56
C ASP D 113 -70.07 2.35 48.83
N PRO D 114 -71.21 3.03 49.02
CA PRO D 114 -71.42 3.81 50.25
C PRO D 114 -71.51 2.96 51.51
N SER D 115 -71.57 1.64 51.39
CA SER D 115 -71.65 0.76 52.56
C SER D 115 -70.32 0.59 53.27
N ARG D 116 -69.27 1.31 52.85
CA ARG D 116 -67.96 1.25 53.49
C ARG D 116 -67.57 2.60 54.07
N SER D 117 -68.56 3.44 54.40
CA SER D 117 -68.27 4.77 54.91
C SER D 117 -69.23 5.15 56.04
N LEU D 118 -70.53 5.20 55.73
CA LEU D 118 -71.52 5.65 56.71
C LEU D 118 -72.11 4.48 57.50
N HIS D 119 -72.62 3.46 56.82
CA HIS D 119 -73.31 2.35 57.46
C HIS D 119 -72.52 1.08 57.22
N ALA D 120 -72.12 0.42 58.30
CA ALA D 120 -71.37 -0.83 58.22
C ALA D 120 -71.54 -1.58 59.53
N ASP D 121 -71.15 -2.85 59.52
CA ASP D 121 -71.27 -3.67 60.71
C ASP D 121 -70.18 -3.30 61.72
N PRO D 122 -70.49 -3.32 63.01
CA PRO D 122 -69.49 -2.94 64.02
C PRO D 122 -68.54 -4.06 64.37
N VAL D 123 -68.47 -5.09 63.51
CA VAL D 123 -67.60 -6.23 63.75
C VAL D 123 -66.77 -6.52 62.51
N SER D 124 -66.39 -5.46 61.79
CA SER D 124 -65.62 -5.61 60.57
C SER D 124 -64.13 -5.50 60.89
N SER D 125 -63.30 -5.51 59.85
CA SER D 125 -61.85 -5.48 60.00
C SER D 125 -61.39 -4.02 60.02
N PHE D 126 -60.10 -3.78 59.79
CA PHE D 126 -59.51 -2.45 59.80
C PHE D 126 -59.24 -1.98 58.38
N ARG D 127 -59.54 -0.71 58.11
CA ARG D 127 -59.32 -0.12 56.80
C ARG D 127 -58.87 1.33 56.96
N TYR D 128 -58.02 1.76 56.03
CA TYR D 128 -57.75 3.18 55.89
C TYR D 128 -58.89 3.85 55.14
N TRP D 129 -59.01 5.17 55.31
CA TRP D 129 -60.03 5.95 54.63
C TRP D 129 -59.51 6.36 53.26
N LYS D 130 -60.24 5.98 52.22
CA LYS D 130 -59.86 6.30 50.85
C LYS D 130 -60.14 7.77 50.54
N ILE D 131 -59.67 8.21 49.37
CA ILE D 131 -59.95 9.57 48.93
C ILE D 131 -61.43 9.73 48.62
N ARG D 132 -62.06 8.70 48.05
CA ARG D 132 -63.48 8.78 47.74
C ARG D 132 -64.36 8.74 48.98
N ASP D 133 -63.86 8.18 50.09
CA ASP D 133 -64.63 8.22 51.34
C ASP D 133 -64.76 9.65 51.86
N TYR D 134 -63.67 10.43 51.80
CA TYR D 134 -63.78 11.85 52.13
C TYR D 134 -64.65 12.58 51.12
N ALA D 135 -64.49 12.28 49.83
CA ALA D 135 -65.27 12.96 48.80
C ALA D 135 -66.75 12.63 48.91
N TYR D 136 -67.09 11.40 49.30
CA TYR D 136 -68.48 11.05 49.49
C TYR D 136 -69.07 11.78 50.69
N ALA D 137 -68.32 11.86 51.79
CA ALA D 137 -68.81 12.54 52.98
C ALA D 137 -68.92 14.05 52.74
N TYR D 138 -68.00 14.62 51.98
CA TYR D 138 -68.06 16.06 51.72
C TYR D 138 -69.27 16.43 50.88
N ARG D 139 -69.70 15.52 50.00
CA ARG D 139 -70.83 15.79 49.12
C ARG D 139 -72.16 15.34 49.70
N SER D 140 -72.14 14.32 50.56
CA SER D 140 -73.34 13.91 51.29
C SER D 140 -73.57 14.74 52.56
N LYS D 141 -72.72 15.74 52.80
CA LYS D 141 -72.85 16.66 53.93
C LYS D 141 -72.77 15.96 55.28
N LEU D 142 -72.20 14.75 55.31
CA LEU D 142 -71.93 14.08 56.59
C LEU D 142 -70.81 14.77 57.35
N THR D 143 -69.93 15.49 56.65
CA THR D 143 -68.88 16.29 57.26
C THR D 143 -68.35 17.25 56.20
N THR D 144 -67.70 18.31 56.66
CA THR D 144 -67.12 19.29 55.75
C THR D 144 -65.61 19.37 55.98
N PRO D 145 -64.85 19.78 54.97
CA PRO D 145 -63.39 19.89 55.14
C PRO D 145 -62.96 20.90 56.18
N LEU D 146 -63.88 21.69 56.73
CA LEU D 146 -63.51 22.65 57.77
C LEU D 146 -63.25 21.95 59.11
N GLN D 147 -64.26 21.25 59.62
CA GLN D 147 -64.08 20.57 60.90
C GLN D 147 -63.14 19.37 60.79
N VAL D 148 -62.98 18.79 59.59
CA VAL D 148 -61.95 17.78 59.40
C VAL D 148 -60.57 18.39 59.58
N ALA D 149 -60.39 19.62 59.11
CA ALA D 149 -59.13 20.33 59.34
C ALA D 149 -58.96 20.65 60.82
N LYS D 150 -60.05 21.05 61.50
CA LYS D 150 -59.98 21.28 62.93
C LYS D 150 -59.64 20.00 63.69
N ARG D 151 -59.99 18.84 63.12
CA ARG D 151 -59.64 17.57 63.74
C ARG D 151 -58.16 17.25 63.57
N ILE D 152 -57.60 17.56 62.39
CA ILE D 152 -56.19 17.29 62.15
C ILE D 152 -55.31 18.27 62.89
N ILE D 153 -55.70 19.55 62.92
CA ILE D 153 -54.94 20.55 63.67
C ILE D 153 -54.94 20.21 65.16
N SER D 154 -56.03 19.62 65.65
CA SER D 154 -56.11 19.25 67.06
C SER D 154 -55.07 18.19 67.40
N ILE D 155 -54.88 17.21 66.52
CA ILE D 155 -53.93 16.13 66.81
C ILE D 155 -52.50 16.63 66.76
N ILE D 156 -52.21 17.54 65.82
CA ILE D 156 -50.83 18.04 65.67
C ILE D 156 -50.42 18.84 66.90
N GLU D 157 -51.32 19.69 67.40
CA GLU D 157 -51.00 20.49 68.58
C GLU D 157 -51.00 19.67 69.85
N GLU D 158 -51.88 18.67 69.95
CA GLU D 158 -51.99 17.88 71.18
C GLU D 158 -50.81 16.94 71.35
N PHE D 159 -50.26 16.42 70.26
CA PHE D 159 -49.16 15.46 70.32
C PHE D 159 -47.83 16.05 69.88
N GLY D 160 -47.80 17.33 69.49
CA GLY D 160 -46.56 17.97 69.10
C GLY D 160 -45.93 17.37 67.86
N TYR D 161 -46.70 17.25 66.78
CA TYR D 161 -46.20 16.72 65.52
C TYR D 161 -45.62 17.80 64.62
N ASP D 162 -45.80 19.08 64.95
CA ASP D 162 -45.13 20.17 64.27
C ASP D 162 -43.97 20.73 65.09
N LYS D 163 -43.53 20.00 66.10
CA LYS D 163 -42.46 20.41 66.99
C LYS D 163 -41.61 19.19 67.31
N PRO D 164 -40.34 19.39 67.72
CA PRO D 164 -39.49 18.30 68.20
C PRO D 164 -40.09 17.58 69.41
N PRO D 165 -39.59 16.39 69.76
CA PRO D 165 -38.48 15.64 69.17
C PRO D 165 -38.87 14.63 68.10
N THR D 166 -40.17 14.46 67.87
CA THR D 166 -40.68 13.50 66.88
C THR D 166 -41.76 14.18 66.04
N PRO D 167 -41.36 15.02 65.08
CA PRO D 167 -42.36 15.73 64.27
C PRO D 167 -42.69 15.03 62.96
N PHE D 168 -43.96 15.14 62.57
CA PHE D 168 -44.35 14.75 61.23
C PHE D 168 -44.10 15.87 60.23
N LEU D 169 -44.34 17.11 60.64
CA LEU D 169 -44.13 18.28 59.81
C LEU D 169 -43.08 19.19 60.44
N ILE D 170 -42.34 19.89 59.59
CA ILE D 170 -41.38 20.89 60.04
C ILE D 170 -41.78 22.29 59.64
N ARG D 171 -42.86 22.45 58.87
CA ARG D 171 -43.45 23.75 58.57
C ARG D 171 -44.95 23.57 58.54
N PHE D 172 -45.63 24.06 59.57
CA PHE D 172 -47.07 23.88 59.70
C PHE D 172 -47.70 25.18 60.20
N ASP D 173 -48.68 25.67 59.45
CA ASP D 173 -49.43 26.88 59.79
C ASP D 173 -50.91 26.53 59.87
N ALA D 174 -51.47 26.59 61.08
CA ALA D 174 -52.87 26.23 61.25
C ALA D 174 -53.80 27.28 60.65
N ASN D 175 -53.37 28.54 60.63
CA ASN D 175 -54.21 29.60 60.06
C ASN D 175 -54.37 29.44 58.56
N GLU D 176 -53.40 28.81 57.90
CA GLU D 176 -53.50 28.57 56.47
C GLU D 176 -54.28 27.31 56.13
N VAL D 177 -54.24 26.30 57.00
CA VAL D 177 -55.04 25.10 56.78
C VAL D 177 -56.52 25.42 56.87
N ILE D 178 -56.91 26.30 57.80
CA ILE D 178 -58.30 26.70 57.91
C ILE D 178 -58.68 27.64 56.78
N LYS D 179 -57.76 28.49 56.32
CA LYS D 179 -58.04 29.37 55.19
C LYS D 179 -58.36 28.58 53.93
N GLN D 180 -57.64 27.48 53.71
CA GLN D 180 -57.93 26.63 52.56
C GLN D 180 -59.16 25.76 52.77
N ALA D 181 -59.41 25.32 54.00
CA ALA D 181 -60.58 24.49 54.28
C ALA D 181 -61.88 25.29 54.26
N GLU D 182 -61.82 26.58 54.57
CA GLU D 182 -63.02 27.41 54.51
C GLU D 182 -63.47 27.62 53.08
N ALA D 183 -62.53 27.88 52.16
CA ALA D 183 -62.89 28.02 50.77
C ALA D 183 -63.36 26.71 50.16
N SER D 184 -62.80 25.58 50.61
CA SER D 184 -63.24 24.28 50.12
C SER D 184 -64.62 23.92 50.67
N THR D 185 -64.85 24.21 51.95
CA THR D 185 -66.16 23.94 52.54
C THR D 185 -67.23 24.81 51.88
N ARG D 186 -66.90 26.06 51.57
CA ARG D 186 -67.88 26.96 50.97
C ARG D 186 -68.30 26.51 49.59
N ARG D 187 -67.42 25.82 48.87
CA ARG D 187 -67.79 25.33 47.54
C ARG D 187 -68.74 24.15 47.61
N PHE D 188 -68.59 23.28 48.62
CA PHE D 188 -69.52 22.16 48.76
C PHE D 188 -70.92 22.63 49.16
N GLU D 189 -71.01 23.77 49.84
CA GLU D 189 -72.32 24.26 50.26
C GLU D 189 -73.07 24.91 49.10
N GLN D 190 -72.38 25.72 48.29
CA GLN D 190 -73.03 26.33 47.13
C GLN D 190 -73.21 25.36 45.97
N GLY D 191 -72.60 24.17 46.05
CA GLY D 191 -72.90 23.11 45.10
C GLY D 191 -72.02 23.02 43.89
N ASN D 192 -70.77 23.48 43.96
CA ASN D 192 -69.82 23.39 42.85
C ASN D 192 -68.44 23.01 43.37
N PRO D 193 -68.21 21.73 43.63
CA PRO D 193 -66.86 21.27 43.94
C PRO D 193 -66.00 21.21 42.69
N ILE D 194 -64.70 21.37 42.90
CA ILE D 194 -63.76 21.44 41.78
C ILE D 194 -63.57 20.06 41.16
N SER D 195 -63.22 19.06 41.98
CA SER D 195 -63.03 17.70 41.51
C SER D 195 -63.17 16.77 42.71
N VAL D 196 -62.72 15.52 42.54
CA VAL D 196 -62.76 14.57 43.66
C VAL D 196 -61.74 14.95 44.73
N LEU D 197 -60.63 15.56 44.34
CA LEU D 197 -59.58 15.95 45.28
C LEU D 197 -59.89 17.25 46.01
N ASP D 198 -61.06 17.85 45.79
CA ASP D 198 -61.42 19.07 46.50
C ASP D 198 -61.71 18.73 47.96
N GLY D 199 -60.93 19.31 48.87
CA GLY D 199 -61.06 19.03 50.29
C GLY D 199 -60.18 17.92 50.80
N ILE D 200 -59.39 17.28 49.93
CA ILE D 200 -58.50 16.20 50.36
C ILE D 200 -57.21 16.80 50.89
N PHE D 201 -56.70 16.20 51.97
CA PHE D 201 -55.49 16.68 52.63
C PHE D 201 -54.29 15.93 52.10
N VAL D 202 -53.29 16.67 51.60
CA VAL D 202 -52.04 16.11 51.12
C VAL D 202 -50.89 16.88 51.75
N THR D 203 -49.79 16.17 51.98
CA THR D 203 -48.60 16.72 52.62
C THR D 203 -47.46 16.78 51.62
N ILE D 204 -46.81 17.93 51.52
CA ILE D 204 -45.72 18.16 50.58
C ILE D 204 -44.40 17.97 51.32
N LYS D 205 -43.47 17.26 50.69
CA LYS D 205 -42.13 17.10 51.25
C LYS D 205 -41.41 18.45 51.27
N ASP D 206 -40.45 18.56 52.19
CA ASP D 206 -39.81 19.86 52.43
C ASP D 206 -38.84 20.29 51.34
N ASP D 207 -38.57 19.44 50.35
CA ASP D 207 -37.71 19.82 49.24
C ASP D 207 -38.49 20.23 48.00
N ILE D 208 -39.82 20.27 48.06
CA ILE D 208 -40.67 20.72 46.98
C ILE D 208 -41.24 22.08 47.37
N ASP D 209 -41.29 23.00 46.40
CA ASP D 209 -41.76 24.35 46.68
C ASP D 209 -43.27 24.36 46.86
N CYS D 210 -43.72 24.97 47.96
CA CYS D 210 -45.15 25.04 48.27
C CYS D 210 -45.42 26.30 49.07
N LEU D 211 -46.07 27.28 48.46
CA LEU D 211 -46.41 28.53 49.14
C LEU D 211 -47.42 28.29 50.27
N PRO D 212 -47.34 29.11 51.33
CA PRO D 212 -46.35 30.16 51.53
C PRO D 212 -45.09 29.69 52.27
N HIS D 213 -45.05 28.41 52.62
CA HIS D 213 -43.94 27.88 53.40
C HIS D 213 -42.66 27.86 52.55
N PRO D 214 -41.52 28.19 53.13
CA PRO D 214 -40.26 28.10 52.40
C PRO D 214 -39.77 26.66 52.28
N THR D 215 -38.73 26.49 51.49
CA THR D 215 -38.14 25.18 51.20
C THR D 215 -36.77 25.11 51.86
N ASN D 216 -36.63 24.26 52.87
CA ASN D 216 -35.37 24.03 53.55
C ASN D 216 -34.70 22.71 53.19
N GLY D 217 -35.48 21.71 52.77
CA GLY D 217 -34.92 20.42 52.42
C GLY D 217 -34.30 19.67 53.58
N GLY D 218 -34.85 19.83 54.79
CA GLY D 218 -34.29 19.22 55.98
C GLY D 218 -33.28 20.06 56.71
N THR D 219 -32.73 21.09 56.07
CA THR D 219 -31.74 21.96 56.69
C THR D 219 -32.43 23.03 57.52
N THR D 220 -31.63 23.95 58.07
CA THR D 220 -32.14 25.06 58.86
C THR D 220 -31.73 26.41 58.30
N TRP D 221 -31.19 26.46 57.09
CA TRP D 221 -30.66 27.69 56.52
C TRP D 221 -30.92 27.85 55.03
N LEU D 222 -31.51 26.86 54.37
CA LEU D 222 -31.67 26.94 52.92
C LEU D 222 -32.62 28.06 52.52
N HIS D 223 -33.57 28.42 53.39
CA HIS D 223 -34.49 29.51 53.10
C HIS D 223 -33.79 30.86 53.10
N GLU D 224 -32.60 30.95 53.71
CA GLU D 224 -31.87 32.21 53.73
C GLU D 224 -31.30 32.53 52.35
N ASP D 225 -30.87 31.51 51.62
CA ASP D 225 -30.27 31.69 50.30
C ASP D 225 -31.22 31.40 49.16
N ARG D 226 -32.05 30.36 49.28
CA ARG D 226 -32.97 29.94 48.23
C ARG D 226 -34.40 30.21 48.69
N SER D 227 -34.96 31.35 48.27
CA SER D 227 -36.30 31.76 48.64
C SER D 227 -37.29 31.34 47.57
N VAL D 228 -38.42 30.79 48.00
CA VAL D 228 -39.48 30.35 47.08
C VAL D 228 -40.47 31.49 46.91
N GLU D 229 -40.99 31.63 45.69
CA GLU D 229 -41.94 32.70 45.38
C GLU D 229 -43.14 32.25 44.57
N LYS D 230 -43.17 31.03 44.05
CA LYS D 230 -44.34 30.52 43.35
C LYS D 230 -44.40 29.00 43.50
N ASP D 231 -45.61 28.47 43.43
CA ASP D 231 -45.82 27.04 43.62
C ASP D 231 -45.08 26.24 42.55
N SER D 232 -44.68 25.03 42.92
CA SER D 232 -44.06 24.11 41.98
C SER D 232 -45.10 23.58 41.01
N ALA D 233 -44.66 22.70 40.10
CA ALA D 233 -45.56 22.15 39.09
C ALA D 233 -46.54 21.17 39.72
N VAL D 234 -46.03 20.25 40.56
CA VAL D 234 -46.91 19.24 41.15
C VAL D 234 -47.83 19.84 42.19
N VAL D 235 -47.44 20.97 42.80
CA VAL D 235 -48.30 21.61 43.79
C VAL D 235 -49.33 22.50 43.12
N SER D 236 -48.95 23.18 42.03
CA SER D 236 -49.91 24.02 41.31
C SER D 236 -50.99 23.18 40.65
N LYS D 237 -50.70 21.92 40.33
CA LYS D 237 -51.72 21.04 39.79
C LYS D 237 -52.66 20.54 40.88
N LEU D 238 -52.14 20.22 42.06
CA LEU D 238 -52.99 19.75 43.15
C LEU D 238 -53.88 20.85 43.67
N ARG D 239 -53.36 22.07 43.80
CA ARG D 239 -54.16 23.16 44.34
C ARG D 239 -55.28 23.57 43.38
N SER D 240 -55.07 23.40 42.07
CA SER D 240 -56.12 23.69 41.11
C SER D 240 -57.27 22.68 41.18
N CYS D 241 -57.04 21.53 41.78
CA CYS D 241 -58.09 20.54 42.00
C CYS D 241 -58.87 20.78 43.29
N GLY D 242 -58.47 21.77 44.09
CA GLY D 242 -59.14 22.05 45.34
C GLY D 242 -58.58 21.31 46.54
N ALA D 243 -57.44 20.67 46.42
CA ALA D 243 -56.85 19.95 47.54
C ALA D 243 -56.34 20.93 48.59
N ILE D 244 -56.15 20.42 49.80
CA ILE D 244 -55.68 21.20 50.94
C ILE D 244 -54.24 20.81 51.22
N LEU D 245 -53.34 21.79 51.18
CA LEU D 245 -51.93 21.56 51.47
C LEU D 245 -51.72 21.62 52.98
N LEU D 246 -51.39 20.48 53.58
CA LEU D 246 -51.29 20.39 55.03
C LEU D 246 -50.04 21.11 55.54
N GLY D 247 -48.88 20.77 54.98
CA GLY D 247 -47.65 21.40 55.40
C GLY D 247 -46.45 20.68 54.83
N LYS D 248 -45.28 21.21 55.16
CA LYS D 248 -44.01 20.64 54.71
C LYS D 248 -43.58 19.54 55.67
N ALA D 249 -43.44 18.33 55.16
CA ALA D 249 -43.14 17.17 55.99
C ALA D 249 -41.67 17.16 56.41
N ASN D 250 -41.40 16.40 57.46
CA ASN D 250 -40.02 16.16 57.86
C ASN D 250 -39.35 15.24 56.86
N MET D 251 -38.03 15.35 56.74
CA MET D 251 -37.27 14.56 55.79
C MET D 251 -35.83 14.44 56.25
N HIS D 252 -35.16 13.40 55.76
CA HIS D 252 -33.71 13.32 55.94
C HIS D 252 -33.07 14.50 55.21
N GLU D 253 -32.02 15.07 55.82
CA GLU D 253 -31.45 16.31 55.32
C GLU D 253 -30.97 16.18 53.87
N LEU D 254 -31.63 16.90 52.96
CA LEU D 254 -31.26 16.99 51.55
C LEU D 254 -31.29 15.64 50.84
N GLY D 255 -32.07 14.69 51.36
CA GLY D 255 -32.17 13.39 50.74
C GLY D 255 -30.93 12.54 50.82
N MET D 256 -30.00 12.87 51.71
CA MET D 256 -28.74 12.13 51.84
C MET D 256 -28.83 11.09 52.95
N GLY D 257 -29.72 10.13 52.75
CA GLY D 257 -29.92 9.06 53.70
C GLY D 257 -31.22 8.35 53.46
N THR D 258 -31.28 7.09 53.91
CA THR D 258 -32.45 6.25 53.75
C THR D 258 -33.02 5.80 55.10
N THR D 259 -32.84 6.63 56.14
CA THR D 259 -33.34 6.32 57.46
C THR D 259 -34.26 7.39 58.05
N GLY D 260 -34.19 8.63 57.56
CA GLY D 260 -35.01 9.69 58.10
C GLY D 260 -34.44 10.37 59.32
N ASN D 261 -33.24 10.01 59.75
CA ASN D 261 -32.60 10.65 60.89
C ASN D 261 -32.30 12.12 60.55
N ASN D 262 -32.94 13.04 61.27
CA ASN D 262 -32.72 14.48 61.09
C ASN D 262 -32.46 15.09 62.46
N SER D 263 -31.19 15.34 62.77
CA SER D 263 -30.78 15.86 64.08
C SER D 263 -31.02 17.36 64.23
N ASN D 264 -31.68 18.00 63.26
CA ASN D 264 -32.02 19.41 63.36
C ASN D 264 -33.49 19.67 63.64
N TYR D 265 -34.37 18.75 63.27
CA TYR D 265 -35.79 18.86 63.58
C TYR D 265 -36.33 17.71 64.40
N GLY D 266 -35.64 16.56 64.42
CA GLY D 266 -36.13 15.40 65.13
C GLY D 266 -36.40 14.23 64.20
N THR D 267 -36.10 13.02 64.65
CA THR D 267 -36.32 11.83 63.84
C THR D 267 -37.78 11.41 63.93
N THR D 268 -38.47 11.42 62.79
CA THR D 268 -39.84 10.93 62.75
C THR D 268 -39.88 9.44 63.04
N ARG D 269 -40.86 9.01 63.83
CA ARG D 269 -40.95 7.63 64.29
C ARG D 269 -41.99 6.86 63.49
N ASN D 270 -41.71 5.58 63.30
CA ASN D 270 -42.60 4.73 62.51
C ASN D 270 -43.93 4.55 63.24
N PRO D 271 -45.06 4.81 62.58
CA PRO D 271 -46.35 4.62 63.26
C PRO D 271 -46.62 3.19 63.71
N HIS D 272 -46.00 2.20 63.07
CA HIS D 272 -46.18 0.82 63.52
C HIS D 272 -45.40 0.55 64.81
N ASP D 273 -44.31 1.28 65.04
CA ASP D 273 -43.49 1.09 66.22
C ASP D 273 -42.65 2.35 66.43
N PRO D 274 -43.02 3.19 67.40
CA PRO D 274 -42.31 4.48 67.55
C PRO D 274 -40.83 4.36 67.92
N LYS D 275 -40.34 3.16 68.25
CA LYS D 275 -38.94 2.98 68.55
C LYS D 275 -38.12 2.56 67.32
N ARG D 276 -38.72 2.58 66.14
CA ARG D 276 -38.08 2.15 64.91
C ARG D 276 -38.09 3.28 63.88
N TYR D 277 -37.24 3.13 62.88
CA TYR D 277 -37.10 4.15 61.84
C TYR D 277 -38.31 4.14 60.91
N THR D 278 -38.54 5.27 60.26
CA THR D 278 -39.58 5.40 59.24
C THR D 278 -39.09 4.98 57.85
N GLY D 279 -37.86 5.29 57.53
CA GLY D 279 -37.33 5.09 56.19
C GLY D 279 -37.15 6.44 55.52
N GLY D 280 -36.07 6.58 54.76
CA GLY D 280 -35.74 7.84 54.12
C GLY D 280 -35.92 7.85 52.63
N SER D 281 -35.87 9.05 52.04
CA SER D 281 -35.65 10.26 52.81
C SER D 281 -36.97 10.94 53.15
N SER D 282 -38.07 10.40 52.63
CA SER D 282 -39.40 10.94 52.91
C SER D 282 -39.93 10.33 54.22
N SER D 283 -39.27 10.71 55.30
CA SER D 283 -39.65 10.18 56.61
C SER D 283 -40.99 10.76 57.06
N GLY D 284 -41.17 12.07 56.92
CA GLY D 284 -42.39 12.70 57.40
C GLY D 284 -43.58 12.44 56.51
N SER D 285 -43.36 12.35 55.19
CA SER D 285 -44.46 12.17 54.27
C SER D 285 -45.09 10.79 54.40
N ALA D 286 -44.30 9.77 54.73
CA ALA D 286 -44.81 8.40 54.81
C ALA D 286 -45.36 8.05 56.17
N ALA D 287 -44.92 8.73 57.23
CA ALA D 287 -45.46 8.45 58.56
C ALA D 287 -46.76 9.22 58.81
N ILE D 288 -46.94 10.35 58.14
CA ILE D 288 -48.19 11.11 58.27
C ILE D 288 -49.32 10.46 57.47
N VAL D 289 -48.99 9.67 56.46
CA VAL D 289 -50.01 8.94 55.70
C VAL D 289 -50.35 7.61 56.36
N ALA D 290 -49.35 6.88 56.86
CA ALA D 290 -49.59 5.63 57.55
C ALA D 290 -50.33 5.82 58.87
N ALA D 291 -50.24 7.00 59.47
CA ALA D 291 -50.98 7.31 60.70
C ALA D 291 -52.42 7.74 60.41
N GLY D 292 -52.85 7.75 59.15
CA GLY D 292 -54.20 8.12 58.82
C GLY D 292 -54.52 9.59 58.93
N LEU D 293 -53.49 10.45 58.98
CA LEU D 293 -53.74 11.88 59.13
C LEU D 293 -54.15 12.53 57.80
N CYS D 294 -53.52 12.11 56.70
CA CYS D 294 -53.86 12.66 55.39
C CYS D 294 -53.98 11.51 54.40
N SER D 295 -54.69 11.79 53.30
CA SER D 295 -55.01 10.75 52.32
C SER D 295 -53.77 10.31 51.55
N ALA D 296 -53.00 11.28 51.06
CA ALA D 296 -51.79 11.00 50.30
C ALA D 296 -50.77 12.09 50.57
N ALA D 297 -49.57 11.92 50.02
CA ALA D 297 -48.50 12.89 50.18
C ALA D 297 -47.56 12.80 49.00
N LEU D 298 -46.82 13.89 48.78
CA LEU D 298 -45.85 13.97 47.69
C LEU D 298 -44.44 13.87 48.23
N GLY D 299 -43.60 13.11 47.52
CA GLY D 299 -42.20 12.95 47.89
C GLY D 299 -41.36 12.76 46.64
N THR D 300 -40.05 12.71 46.84
CA THR D 300 -39.09 12.51 45.77
C THR D 300 -38.50 11.11 45.85
N ASP D 301 -37.96 10.65 44.73
CA ASP D 301 -37.37 9.31 44.65
C ASP D 301 -36.21 9.37 43.66
N GLY D 302 -35.01 9.57 44.18
CA GLY D 302 -33.81 9.53 43.38
C GLY D 302 -32.96 8.31 43.69
N GLY D 303 -33.34 7.60 44.74
CA GLY D 303 -32.64 6.40 45.17
C GLY D 303 -33.51 5.51 46.03
N GLY D 304 -34.82 5.69 45.94
CA GLY D 304 -35.77 4.94 46.72
C GLY D 304 -36.48 5.70 47.83
N SER D 305 -36.44 7.03 47.81
CA SER D 305 -37.02 7.83 48.90
C SER D 305 -38.54 7.82 48.91
N VAL D 306 -39.19 7.14 47.97
CA VAL D 306 -40.63 6.95 48.00
C VAL D 306 -40.98 5.50 48.31
N ARG D 307 -40.26 4.55 47.71
CA ARG D 307 -40.57 3.14 47.90
C ARG D 307 -40.07 2.63 49.26
N ILE D 308 -38.88 3.06 49.68
CA ILE D 308 -38.32 2.58 50.95
C ILE D 308 -39.20 2.97 52.13
N PRO D 309 -39.61 4.23 52.32
CA PRO D 309 -40.46 4.54 53.48
C PRO D 309 -41.87 3.97 53.36
N SER D 310 -42.35 3.76 52.14
CA SER D 310 -43.69 3.19 51.98
C SER D 310 -43.73 1.74 52.43
N ALA D 311 -42.68 0.98 52.12
CA ALA D 311 -42.64 -0.43 52.53
C ALA D 311 -42.47 -0.58 54.03
N LEU D 312 -41.71 0.32 54.66
CA LEU D 312 -41.44 0.24 56.08
C LEU D 312 -42.63 0.70 56.93
N CYS D 313 -43.46 1.58 56.40
CA CYS D 313 -44.63 2.10 57.12
C CYS D 313 -45.93 1.43 56.71
N GLY D 314 -45.91 0.56 55.71
CA GLY D 314 -47.12 -0.15 55.33
C GLY D 314 -48.08 0.65 54.46
N ILE D 315 -47.55 1.46 53.53
CA ILE D 315 -48.36 2.21 52.59
C ILE D 315 -47.85 1.94 51.18
N THR D 316 -48.47 2.59 50.20
CA THR D 316 -48.16 2.39 48.79
C THR D 316 -47.55 3.66 48.22
N GLY D 317 -46.36 3.52 47.64
CA GLY D 317 -45.69 4.64 47.00
C GLY D 317 -45.40 4.38 45.54
N LEU D 318 -45.81 5.31 44.67
CA LEU D 318 -45.67 5.15 43.23
C LEU D 318 -44.47 5.94 42.73
N LYS D 319 -43.49 5.24 42.16
CA LYS D 319 -42.32 5.85 41.54
C LYS D 319 -42.58 5.93 40.04
N THR D 320 -42.87 7.13 39.55
CA THR D 320 -43.21 7.30 38.14
C THR D 320 -41.95 7.26 37.27
N THR D 321 -42.18 7.09 35.96
CA THR D 321 -41.08 7.07 35.00
C THR D 321 -40.35 8.41 34.99
N TYR D 322 -39.05 8.36 34.73
CA TYR D 322 -38.25 9.58 34.69
C TYR D 322 -38.81 10.54 33.65
N GLY D 323 -39.00 11.79 34.05
CA GLY D 323 -39.58 12.79 33.17
C GLY D 323 -41.08 12.75 33.04
N ARG D 324 -41.75 11.72 33.57
CA ARG D 324 -43.20 11.65 33.47
C ARG D 324 -43.87 12.79 34.23
N THR D 325 -43.41 13.03 35.46
CA THR D 325 -43.99 14.06 36.33
C THR D 325 -43.09 15.27 36.37
N ASP D 326 -43.67 16.45 36.14
CA ASP D 326 -42.88 17.68 36.09
C ASP D 326 -42.22 17.95 37.44
N MET D 327 -40.98 18.43 37.39
CA MET D 327 -40.20 18.70 38.59
C MET D 327 -39.84 20.17 38.74
N THR D 328 -40.50 21.05 37.99
CA THR D 328 -40.19 22.47 38.06
C THR D 328 -40.54 23.03 39.43
N GLY D 329 -39.54 23.53 40.15
CA GLY D 329 -39.75 24.11 41.45
C GLY D 329 -39.47 23.17 42.60
N SER D 330 -38.28 22.58 42.63
CA SER D 330 -37.87 21.73 43.74
C SER D 330 -36.35 21.74 43.81
N LEU D 331 -35.82 20.98 44.76
CA LEU D 331 -34.38 20.90 44.96
C LEU D 331 -33.71 19.87 44.07
N CYS D 332 -34.48 19.00 43.41
CA CYS D 332 -33.95 17.92 42.60
C CYS D 332 -34.22 18.11 41.11
N GLU D 333 -34.62 19.30 40.69
CA GLU D 333 -34.86 19.55 39.27
C GLU D 333 -33.54 19.62 38.52
N GLY D 334 -33.54 19.11 37.28
CA GLY D 334 -32.33 19.01 36.51
C GLY D 334 -31.48 17.79 36.80
N GLY D 335 -31.90 16.92 37.70
CA GLY D 335 -31.15 15.72 38.00
C GLY D 335 -31.25 14.70 36.88
N THR D 336 -30.82 13.48 37.20
CA THR D 336 -30.83 12.38 36.26
C THR D 336 -31.45 11.10 36.81
N VAL D 337 -31.95 11.10 38.04
CA VAL D 337 -32.52 9.90 38.65
C VAL D 337 -33.81 10.24 39.38
N GLU D 338 -33.94 11.47 39.85
CA GLU D 338 -35.03 11.85 40.73
C GLU D 338 -36.32 12.13 39.96
N ILE D 339 -37.44 11.87 40.62
CA ILE D 339 -38.77 12.23 40.13
C ILE D 339 -39.64 12.66 41.29
N ILE D 340 -40.91 12.96 41.02
CA ILE D 340 -41.90 13.26 42.05
C ILE D 340 -42.90 12.12 42.08
N GLY D 341 -42.93 11.40 43.20
CA GLY D 341 -43.81 10.27 43.36
C GLY D 341 -44.75 10.39 44.54
N PRO D 342 -46.02 10.03 44.35
CA PRO D 342 -46.99 10.15 45.43
C PRO D 342 -47.03 8.91 46.33
N LEU D 343 -47.11 9.18 47.64
CA LEU D 343 -47.29 8.15 48.66
C LEU D 343 -48.72 8.21 49.16
N ALA D 344 -49.38 7.05 49.23
CA ALA D 344 -50.77 7.00 49.63
C ALA D 344 -51.01 5.75 50.47
N SER D 345 -52.15 5.74 51.16
CA SER D 345 -52.52 4.61 52.01
C SER D 345 -53.09 3.44 51.22
N SER D 346 -53.66 3.69 50.05
CA SER D 346 -54.23 2.65 49.21
C SER D 346 -53.88 2.93 47.75
N LEU D 347 -54.04 1.89 46.92
CA LEU D 347 -53.75 2.02 45.50
C LEU D 347 -54.67 3.04 44.85
N GLU D 348 -55.94 3.06 45.26
CA GLU D 348 -56.90 3.98 44.67
C GLU D 348 -56.51 5.43 44.92
N ASP D 349 -55.95 5.71 46.09
CA ASP D 349 -55.55 7.08 46.40
C ASP D 349 -54.32 7.49 45.59
N ALA D 350 -53.35 6.59 45.46
CA ALA D 350 -52.15 6.90 44.70
C ALA D 350 -52.46 7.08 43.22
N PHE D 351 -53.39 6.27 42.70
CA PHE D 351 -53.77 6.39 41.30
C PHE D 351 -54.45 7.72 41.02
N LEU D 352 -55.22 8.24 41.96
CA LEU D 352 -55.90 9.52 41.75
C LEU D 352 -54.94 10.68 41.87
N VAL D 353 -53.97 10.60 42.79
CA VAL D 353 -52.97 11.67 42.89
C VAL D 353 -52.03 11.63 41.69
N TYR D 354 -51.73 10.44 41.18
CA TYR D 354 -50.90 10.33 39.98
C TYR D 354 -51.57 10.99 38.79
N ALA D 355 -52.89 10.84 38.67
CA ALA D 355 -53.60 11.44 37.55
C ALA D 355 -53.60 12.96 37.63
N ALA D 356 -53.53 13.52 38.83
CA ALA D 356 -53.61 14.96 39.01
C ALA D 356 -52.26 15.65 38.87
N ILE D 357 -51.15 14.94 39.14
CA ILE D 357 -49.83 15.56 39.15
C ILE D 357 -49.00 15.23 37.93
N LEU D 358 -49.41 14.26 37.11
CA LEU D 358 -48.59 13.87 35.98
C LEU D 358 -48.52 14.99 34.94
N GLY D 359 -47.64 14.80 33.96
CA GLY D 359 -47.42 15.80 32.95
C GLY D 359 -45.96 16.18 32.85
N SER D 360 -45.28 15.70 31.82
CA SER D 360 -43.88 16.01 31.61
C SER D 360 -43.69 17.51 31.42
N SER D 361 -42.54 18.02 31.86
CA SER D 361 -42.21 19.41 31.63
C SER D 361 -42.04 19.69 30.14
N SER D 362 -42.22 20.96 29.77
CA SER D 362 -42.10 21.33 28.36
C SER D 362 -40.71 21.05 27.83
N ALA D 363 -39.69 21.13 28.68
CA ALA D 363 -38.33 20.80 28.25
C ALA D 363 -38.19 19.29 28.05
N ASP D 364 -38.61 18.50 29.03
CA ASP D 364 -38.52 17.04 28.93
C ASP D 364 -39.55 16.43 28.00
N ARG D 365 -40.48 17.22 27.48
CA ARG D 365 -41.44 16.71 26.51
C ARG D 365 -40.76 16.36 25.19
N TYR D 366 -39.79 17.18 24.78
CA TYR D 366 -39.12 17.01 23.49
C TYR D 366 -37.93 16.07 23.58
N ASN D 367 -37.12 16.18 24.64
CA ASN D 367 -35.93 15.34 24.75
C ASN D 367 -36.29 13.89 25.02
N LEU D 368 -37.24 13.64 25.91
CA LEU D 368 -37.58 12.29 26.33
C LEU D 368 -38.69 11.66 25.49
N LYS D 369 -39.45 12.46 24.72
CA LYS D 369 -40.56 12.03 23.87
C LYS D 369 -41.42 10.95 24.53
N PRO D 370 -42.13 11.28 25.60
CA PRO D 370 -42.91 10.25 26.30
C PRO D 370 -44.23 9.97 25.61
N SER D 371 -44.73 8.75 25.82
CA SER D 371 -46.04 8.38 25.32
C SER D 371 -47.13 9.08 26.13
N PRO D 372 -48.31 9.26 25.55
CA PRO D 372 -49.43 9.86 26.30
C PRO D 372 -49.76 9.03 27.53
N PRO D 373 -50.14 9.68 28.63
CA PRO D 373 -50.42 8.94 29.87
C PRO D 373 -51.62 8.01 29.70
N CYS D 374 -51.54 6.85 30.36
CA CYS D 374 -52.56 5.82 30.27
C CYS D 374 -53.06 5.45 31.65
N PHE D 375 -54.39 5.34 31.79
CA PHE D 375 -55.02 4.93 33.03
C PHE D 375 -55.50 3.50 32.92
N PRO D 376 -55.14 2.63 33.86
CA PRO D 376 -55.61 1.25 33.80
C PRO D 376 -57.07 1.12 34.19
N LYS D 377 -57.76 0.19 33.54
CA LYS D 377 -59.15 -0.12 33.86
C LYS D 377 -59.16 -1.04 35.08
N LEU D 378 -59.23 -0.42 36.27
CA LEU D 378 -59.06 -1.15 37.51
C LEU D 378 -60.22 -2.10 37.81
N LEU D 379 -61.35 -1.93 37.13
CA LEU D 379 -62.47 -2.85 37.30
C LEU D 379 -62.31 -4.05 36.36
N SER D 380 -63.06 -5.12 36.67
CA SER D 380 -63.06 -6.32 35.84
C SER D 380 -63.68 -5.98 34.49
N HIS D 381 -62.85 -5.43 33.60
CA HIS D 381 -63.34 -4.97 32.31
C HIS D 381 -63.58 -6.12 31.33
N ASN D 382 -62.83 -7.21 31.44
CA ASN D 382 -62.91 -8.30 30.48
C ASN D 382 -63.29 -9.62 31.13
N GLY D 383 -62.61 -10.01 32.20
CA GLY D 383 -62.67 -11.38 32.67
C GLY D 383 -61.53 -12.15 32.05
N SER D 384 -60.65 -12.70 32.88
CA SER D 384 -59.34 -13.18 32.43
C SER D 384 -58.59 -12.04 31.73
N ASN D 385 -58.40 -10.96 32.48
CA ASN D 385 -57.90 -9.71 31.94
C ASN D 385 -56.42 -9.83 31.57
N ALA D 386 -55.80 -8.70 31.26
CA ALA D 386 -54.39 -8.67 30.91
C ALA D 386 -53.48 -8.92 32.10
N ILE D 387 -54.04 -9.06 33.31
CA ILE D 387 -53.21 -9.35 34.47
C ILE D 387 -52.57 -10.72 34.35
N GLY D 388 -53.32 -11.70 33.83
CA GLY D 388 -52.79 -13.04 33.69
C GLY D 388 -51.82 -13.21 32.55
N SER D 389 -51.96 -12.40 31.50
CA SER D 389 -51.07 -12.45 30.35
C SER D 389 -49.77 -11.68 30.57
N LEU D 390 -49.37 -11.44 31.82
CA LEU D 390 -48.13 -10.74 32.14
C LEU D 390 -47.08 -11.74 32.60
N ARG D 391 -45.82 -11.44 32.26
CA ARG D 391 -44.68 -12.22 32.69
C ARG D 391 -43.95 -11.47 33.79
N LEU D 392 -43.74 -12.15 34.93
CA LEU D 392 -43.13 -11.54 36.10
C LEU D 392 -41.67 -12.00 36.19
N GLY D 393 -40.75 -11.08 35.95
CA GLY D 393 -39.34 -11.39 36.07
C GLY D 393 -38.90 -11.46 37.54
N LYS D 394 -38.12 -12.49 37.85
CA LYS D 394 -37.69 -12.71 39.23
C LYS D 394 -36.28 -13.27 39.23
N TYR D 395 -35.35 -12.54 39.83
CA TYR D 395 -33.97 -12.99 40.02
C TYR D 395 -33.93 -13.71 41.36
N THR D 396 -33.88 -15.05 41.31
CA THR D 396 -34.05 -15.85 42.53
C THR D 396 -32.93 -15.58 43.54
N LYS D 397 -31.68 -15.55 43.07
CA LYS D 397 -30.57 -15.24 43.97
C LYS D 397 -30.69 -13.83 44.54
N TRP D 398 -31.15 -12.89 43.72
CA TRP D 398 -31.36 -11.52 44.19
C TRP D 398 -32.60 -11.38 45.05
N PHE D 399 -33.62 -12.20 44.79
CA PHE D 399 -34.87 -12.12 45.55
C PHE D 399 -34.66 -12.50 47.00
N ASN D 400 -33.91 -13.57 47.26
CA ASN D 400 -33.75 -14.12 48.60
C ASN D 400 -32.64 -13.44 49.40
N ASP D 401 -31.77 -12.68 48.75
CA ASP D 401 -30.67 -11.99 49.43
C ASP D 401 -31.26 -10.87 50.27
N VAL D 402 -31.85 -11.26 51.41
CA VAL D 402 -32.45 -10.32 52.34
C VAL D 402 -32.05 -10.72 53.75
N SER D 403 -31.96 -9.73 54.64
CA SER D 403 -31.58 -9.95 56.03
C SER D 403 -32.74 -10.36 56.91
N SER D 404 -33.76 -10.99 56.34
CA SER D 404 -34.93 -11.43 57.10
C SER D 404 -35.64 -12.50 56.29
N SER D 405 -35.73 -13.71 56.84
CA SER D 405 -36.37 -14.81 56.14
C SER D 405 -37.88 -14.64 55.99
N ASP D 406 -38.45 -13.60 56.60
CA ASP D 406 -39.90 -13.38 56.52
C ASP D 406 -40.30 -12.59 55.29
N ILE D 407 -39.50 -11.59 54.89
CA ILE D 407 -39.85 -10.78 53.73
C ILE D 407 -39.60 -11.53 52.44
N SER D 408 -38.79 -12.59 52.47
CA SER D 408 -38.55 -13.37 51.25
C SER D 408 -39.68 -14.37 50.99
N ASP D 409 -40.39 -14.79 52.02
CA ASP D 409 -41.49 -15.72 51.87
C ASP D 409 -42.85 -15.05 51.78
N LYS D 410 -43.03 -13.90 52.46
CA LYS D 410 -44.29 -13.18 52.35
C LYS D 410 -44.46 -12.57 50.97
N CYS D 411 -43.35 -12.27 50.28
CA CYS D 411 -43.43 -11.83 48.89
C CYS D 411 -43.55 -13.02 47.94
N GLU D 412 -42.97 -14.16 48.31
CA GLU D 412 -43.11 -15.36 47.48
C GLU D 412 -44.54 -15.87 47.49
N ASP D 413 -45.27 -15.65 48.59
CA ASP D 413 -46.68 -16.05 48.63
C ASP D 413 -47.53 -15.23 47.67
N ILE D 414 -47.16 -13.97 47.42
CA ILE D 414 -47.94 -13.13 46.53
C ILE D 414 -47.78 -13.59 45.08
N LEU D 415 -46.60 -14.08 44.72
CA LEU D 415 -46.38 -14.59 43.36
C LEU D 415 -47.22 -15.84 43.12
N LYS D 416 -47.22 -16.77 44.07
CA LYS D 416 -48.07 -17.95 43.95
C LYS D 416 -49.54 -17.57 44.02
N LEU D 417 -49.88 -16.52 44.78
CA LEU D 417 -51.26 -16.04 44.79
C LEU D 417 -51.61 -15.35 43.49
N LEU D 418 -50.65 -14.67 42.86
CA LEU D 418 -50.92 -14.03 41.57
C LEU D 418 -51.00 -15.06 40.45
N SER D 419 -50.26 -16.17 40.56
CA SER D 419 -50.28 -17.18 39.51
C SER D 419 -51.59 -17.96 39.50
N ASN D 420 -52.13 -18.24 40.69
CA ASN D 420 -53.34 -19.05 40.79
C ASN D 420 -54.62 -18.24 40.63
N ASN D 421 -54.63 -16.98 41.06
CA ASN D 421 -55.84 -16.17 41.00
C ASN D 421 -55.97 -15.36 39.71
N HIS D 422 -54.92 -15.28 38.89
CA HIS D 422 -54.98 -14.54 37.64
C HIS D 422 -54.29 -15.22 36.47
N GLY D 423 -53.25 -16.01 36.68
CA GLY D 423 -52.58 -16.71 35.59
C GLY D 423 -51.24 -16.15 35.18
N CYS D 424 -50.61 -15.34 36.01
CA CYS D 424 -49.32 -14.75 35.66
C CYS D 424 -48.23 -15.82 35.64
N LYS D 425 -47.23 -15.61 34.79
CA LYS D 425 -46.07 -16.49 34.72
C LYS D 425 -44.88 -15.82 35.39
N VAL D 426 -44.15 -16.58 36.20
CA VAL D 426 -42.96 -16.10 36.89
C VAL D 426 -41.76 -16.58 36.09
N VAL D 427 -41.20 -15.69 35.28
CA VAL D 427 -40.07 -16.02 34.41
C VAL D 427 -38.78 -15.72 35.15
N GLU D 428 -37.88 -16.70 35.18
CA GLU D 428 -36.58 -16.50 35.82
C GLU D 428 -35.70 -15.62 34.94
N ILE D 429 -35.20 -14.54 35.53
CA ILE D 429 -34.33 -13.61 34.80
C ILE D 429 -33.00 -13.49 35.54
N VAL D 430 -32.08 -12.71 34.98
CA VAL D 430 -30.79 -12.42 35.62
C VAL D 430 -30.46 -10.96 35.36
N VAL D 431 -30.01 -10.27 36.41
CA VAL D 431 -29.64 -8.86 36.29
C VAL D 431 -28.13 -8.74 36.45
N PRO D 432 -27.37 -8.70 35.36
CA PRO D 432 -25.91 -8.68 35.48
C PRO D 432 -25.39 -7.35 35.98
N GLU D 433 -24.17 -7.40 36.52
CA GLU D 433 -23.43 -6.22 36.98
C GLU D 433 -24.25 -5.41 37.99
N LEU D 434 -24.52 -6.05 39.14
CA LEU D 434 -25.28 -5.39 40.19
C LEU D 434 -24.42 -4.43 41.00
N GLU D 435 -23.13 -4.75 41.19
CA GLU D 435 -22.26 -3.83 41.90
C GLU D 435 -21.93 -2.59 41.07
N GLU D 436 -21.87 -2.74 39.73
CA GLU D 436 -21.67 -1.58 38.88
C GLU D 436 -22.88 -0.65 38.93
N MET D 437 -24.08 -1.19 39.12
CA MET D 437 -25.26 -0.34 39.20
C MET D 437 -25.27 0.50 40.47
N ARG D 438 -24.76 -0.06 41.57
CA ARG D 438 -24.74 0.68 42.84
C ARG D 438 -23.72 1.81 42.78
N ALA D 439 -22.52 1.53 42.29
CA ALA D 439 -21.49 2.56 42.21
C ALA D 439 -21.88 3.65 41.22
N ALA D 440 -22.53 3.28 40.11
CA ALA D 440 -22.97 4.29 39.15
C ALA D 440 -24.08 5.15 39.71
N HIS D 441 -24.89 4.60 40.63
CA HIS D 441 -25.99 5.37 41.19
C HIS D 441 -25.49 6.43 42.17
N VAL D 442 -24.65 6.01 43.14
CA VAL D 442 -24.23 6.91 44.22
C VAL D 442 -23.57 8.16 43.67
N ILE D 443 -22.85 8.05 42.55
CA ILE D 443 -22.23 9.22 41.95
C ILE D 443 -23.19 9.96 41.03
N SER D 444 -24.21 9.28 40.50
CA SER D 444 -25.21 9.96 39.70
C SER D 444 -26.22 10.73 40.53
N ILE D 445 -26.35 10.40 41.82
CA ILE D 445 -27.27 11.10 42.71
C ILE D 445 -26.49 12.10 43.55
N GLY D 446 -25.24 11.76 43.87
CA GLY D 446 -24.45 12.62 44.74
C GLY D 446 -23.81 13.80 44.05
N SER D 447 -23.45 13.65 42.77
CA SER D 447 -22.80 14.74 42.05
C SER D 447 -23.75 15.90 41.77
N PRO D 448 -24.97 15.68 41.25
CA PRO D 448 -25.86 16.83 41.04
C PRO D 448 -26.28 17.51 42.33
N THR D 449 -26.43 16.73 43.41
CA THR D 449 -26.79 17.33 44.70
C THR D 449 -25.65 18.18 45.24
N LEU D 450 -24.41 17.67 45.14
CA LEU D 450 -23.26 18.41 45.66
C LEU D 450 -23.04 19.71 44.89
N SER D 451 -23.27 19.69 43.57
CA SER D 451 -23.11 20.89 42.77
C SER D 451 -24.25 21.88 42.98
N SER D 452 -25.40 21.42 43.47
CA SER D 452 -26.52 22.32 43.68
C SER D 452 -26.29 23.24 44.86
N LEU D 453 -25.50 22.81 45.84
CA LEU D 453 -25.28 23.57 47.06
C LEU D 453 -23.83 24.03 47.21
N THR D 454 -22.99 23.81 46.20
CA THR D 454 -21.58 24.17 46.33
C THR D 454 -21.34 25.65 46.58
N PRO D 455 -21.99 26.59 45.88
CA PRO D 455 -21.78 28.00 46.22
C PRO D 455 -22.22 28.35 47.63
N TYR D 456 -23.20 27.64 48.18
CA TYR D 456 -23.68 27.94 49.53
C TYR D 456 -22.71 27.45 50.59
N CYS D 457 -22.15 26.25 50.42
CA CYS D 457 -21.23 25.70 51.41
C CYS D 457 -19.91 26.46 51.43
N GLU D 458 -19.40 26.83 50.24
CA GLU D 458 -18.18 27.62 50.18
C GLU D 458 -18.39 29.04 50.70
N ALA D 459 -19.64 29.51 50.74
CA ALA D 459 -19.94 30.80 51.35
C ALA D 459 -19.92 30.75 52.87
N GLY D 460 -19.69 29.59 53.47
CA GLY D 460 -19.61 29.43 54.91
C GLY D 460 -20.71 28.59 55.51
N LYS D 461 -21.74 28.22 54.74
CA LYS D 461 -22.87 27.46 55.26
C LYS D 461 -22.60 25.97 55.35
N ASN D 462 -21.35 25.52 55.17
CA ASN D 462 -21.05 24.11 55.27
C ASN D 462 -21.00 23.61 56.70
N SER D 463 -20.72 24.50 57.66
CA SER D 463 -20.73 24.12 59.06
C SER D 463 -22.15 24.01 59.62
N LYS D 464 -23.13 24.64 58.97
CA LYS D 464 -24.51 24.60 59.43
C LYS D 464 -25.28 23.38 58.93
N LEU D 465 -24.57 22.37 58.43
CA LEU D 465 -25.16 21.10 58.03
C LEU D 465 -24.95 20.06 59.13
N SER D 466 -25.82 19.06 59.15
CA SER D 466 -25.67 17.97 60.11
C SER D 466 -24.45 17.13 59.75
N TYR D 467 -24.00 16.33 60.72
CA TYR D 467 -22.85 15.47 60.51
C TYR D 467 -23.16 14.33 59.54
N ASP D 468 -24.42 13.96 59.39
CA ASP D 468 -24.80 12.92 58.44
C ASP D 468 -24.60 13.38 57.00
N THR D 469 -24.96 14.64 56.71
CA THR D 469 -24.80 15.18 55.36
C THR D 469 -23.35 15.51 55.05
N ARG D 470 -22.62 16.07 56.02
CA ARG D 470 -21.23 16.44 55.79
C ARG D 470 -20.37 15.21 55.51
N THR D 471 -20.75 14.05 56.04
CA THR D 471 -20.02 12.83 55.73
C THR D 471 -20.21 12.42 54.27
N SER D 472 -21.45 12.48 53.78
CA SER D 472 -21.72 12.13 52.39
C SER D 472 -21.07 13.12 51.44
N PHE D 473 -21.12 14.42 51.75
CA PHE D 473 -20.52 15.42 50.88
C PHE D 473 -19.00 15.26 50.81
N ALA D 474 -18.36 14.86 51.91
CA ALA D 474 -16.92 14.62 51.89
C ALA D 474 -16.56 13.48 50.95
N ILE D 475 -17.47 12.52 50.77
CA ILE D 475 -17.26 11.44 49.81
C ILE D 475 -17.60 11.90 48.40
N PHE D 476 -18.64 12.73 48.26
CA PHE D 476 -19.07 13.17 46.93
C PHE D 476 -18.06 14.11 46.28
N ARG D 477 -17.31 14.87 47.10
CA ARG D 477 -16.29 15.73 46.54
C ARG D 477 -15.11 14.95 45.99
N SER D 478 -14.94 13.70 46.40
CA SER D 478 -13.86 12.85 45.90
C SER D 478 -14.13 12.32 44.50
N PHE D 479 -15.37 12.38 44.03
CA PHE D 479 -15.71 11.90 42.70
C PHE D 479 -15.21 12.91 41.67
N SER D 480 -14.25 12.50 40.84
CA SER D 480 -13.72 13.38 39.81
C SER D 480 -14.66 13.42 38.61
N ALA D 481 -14.42 14.40 37.73
CA ALA D 481 -15.22 14.50 36.51
C ALA D 481 -15.00 13.28 35.61
N SER D 482 -13.82 12.67 35.69
CA SER D 482 -13.58 11.43 34.94
C SER D 482 -14.36 10.26 35.53
N ASP D 483 -14.61 10.29 36.84
CA ASP D 483 -15.41 9.23 37.46
C ASP D 483 -16.88 9.31 37.04
N TYR D 484 -17.39 10.53 36.83
CA TYR D 484 -18.77 10.68 36.42
C TYR D 484 -18.98 10.14 35.02
N ILE D 485 -18.04 10.41 34.10
CA ILE D 485 -18.15 9.90 32.74
C ILE D 485 -18.13 8.37 32.73
N ALA D 486 -17.29 7.77 33.58
CA ALA D 486 -17.21 6.32 33.64
C ALA D 486 -18.52 5.72 34.14
N ALA D 487 -19.19 6.40 35.08
CA ALA D 487 -20.45 5.90 35.59
C ALA D 487 -21.55 5.99 34.54
N GLN D 488 -21.57 7.07 33.76
CA GLN D 488 -22.55 7.18 32.69
C GLN D 488 -22.33 6.12 31.62
N CYS D 489 -21.08 5.69 31.42
CA CYS D 489 -20.81 4.54 30.57
C CYS D 489 -21.41 3.27 31.14
N LEU D 490 -21.43 3.14 32.47
CA LEU D 490 -22.08 1.99 33.08
C LEU D 490 -23.59 2.08 32.97
N ARG D 491 -24.16 3.29 32.94
CA ARG D 491 -25.61 3.42 32.85
C ARG D 491 -26.14 2.82 31.56
N ARG D 492 -25.39 2.96 30.47
CA ARG D 492 -25.82 2.33 29.22
C ARG D 492 -25.73 0.81 29.31
N ARG D 493 -24.77 0.29 30.07
CA ARG D 493 -24.66 -1.16 30.23
C ARG D 493 -25.88 -1.72 30.97
N LEU D 494 -26.25 -1.11 32.10
CA LEU D 494 -27.44 -1.54 32.80
C LEU D 494 -28.70 -1.24 32.00
N MET D 495 -28.66 -0.25 31.12
CA MET D 495 -29.81 0.05 30.29
C MET D 495 -30.02 -1.03 29.24
N GLU D 496 -28.94 -1.46 28.57
CA GLU D 496 -29.05 -2.52 27.58
C GLU D 496 -29.39 -3.86 28.25
N TYR D 497 -28.97 -4.05 29.50
CA TYR D 497 -29.32 -5.26 30.22
C TYR D 497 -30.81 -5.33 30.49
N HIS D 498 -31.39 -4.27 31.06
CA HIS D 498 -32.80 -4.29 31.45
C HIS D 498 -33.72 -4.24 30.24
N LEU D 499 -33.31 -3.57 29.16
CA LEU D 499 -34.15 -3.54 27.97
C LEU D 499 -34.27 -4.92 27.33
N ASN D 500 -33.19 -5.71 27.38
CA ASN D 500 -33.27 -7.08 26.91
C ASN D 500 -34.07 -7.96 27.87
N ILE D 501 -34.11 -7.60 29.15
CA ILE D 501 -34.95 -8.33 30.10
C ILE D 501 -36.41 -8.06 29.82
N PHE D 502 -36.76 -6.83 29.43
CA PHE D 502 -38.13 -6.49 29.08
C PHE D 502 -38.55 -7.08 27.74
N LYS D 503 -37.67 -7.79 27.04
CA LYS D 503 -38.09 -8.56 25.87
C LYS D 503 -38.86 -9.81 26.28
N ASP D 504 -38.52 -10.39 27.44
CA ASP D 504 -39.13 -11.62 27.93
C ASP D 504 -40.24 -11.38 28.95
N VAL D 505 -40.08 -10.39 29.83
CA VAL D 505 -41.06 -10.14 30.89
C VAL D 505 -41.64 -8.74 30.71
N ASP D 506 -42.81 -8.54 31.34
CA ASP D 506 -43.47 -7.25 31.32
C ASP D 506 -43.10 -6.39 32.51
N VAL D 507 -42.91 -7.01 33.68
CA VAL D 507 -42.48 -6.32 34.89
C VAL D 507 -41.45 -7.19 35.61
N ILE D 508 -40.75 -6.57 36.55
CA ILE D 508 -39.76 -7.24 37.38
C ILE D 508 -40.18 -7.06 38.82
N VAL D 509 -40.40 -8.16 39.53
CA VAL D 509 -40.90 -8.16 40.90
C VAL D 509 -39.78 -8.53 41.85
N THR D 510 -39.60 -7.71 42.89
CA THR D 510 -38.60 -7.92 43.93
C THR D 510 -39.14 -7.31 45.22
N PRO D 511 -38.65 -7.74 46.37
CA PRO D 511 -38.98 -7.03 47.62
C PRO D 511 -38.41 -5.62 47.60
N THR D 512 -39.06 -4.73 48.35
CA THR D 512 -38.66 -3.33 48.33
C THR D 512 -37.36 -3.12 49.10
N THR D 513 -37.29 -3.62 50.34
CA THR D 513 -36.09 -3.51 51.16
C THR D 513 -35.66 -4.90 51.61
N GLY D 514 -34.37 -5.00 51.99
CA GLY D 514 -33.81 -6.26 52.42
C GLY D 514 -33.95 -6.48 53.92
N MET D 515 -34.85 -5.73 54.55
CA MET D 515 -35.08 -5.82 55.99
C MET D 515 -36.37 -5.07 56.30
N THR D 516 -36.89 -5.30 57.50
CA THR D 516 -38.06 -4.58 57.97
C THR D 516 -37.63 -3.25 58.57
N ALA D 517 -38.54 -2.58 59.28
CA ALA D 517 -38.23 -1.30 59.87
C ALA D 517 -37.10 -1.45 60.89
N PRO D 518 -35.95 -0.83 60.66
CA PRO D 518 -34.81 -1.01 61.58
C PRO D 518 -35.00 -0.24 62.88
N VAL D 519 -34.37 -0.76 63.93
CA VAL D 519 -34.44 -0.13 65.23
C VAL D 519 -33.59 1.14 65.23
N ILE D 520 -34.05 2.15 65.96
CA ILE D 520 -33.30 3.39 66.13
C ILE D 520 -32.36 3.22 67.32
N PRO D 521 -31.04 3.28 67.12
CA PRO D 521 -30.12 3.26 68.26
C PRO D 521 -30.25 4.55 69.06
N PRO D 522 -30.36 4.46 70.38
CA PRO D 522 -30.57 5.68 71.18
C PRO D 522 -29.45 6.68 71.06
N ASP D 523 -28.27 6.27 70.59
CA ASP D 523 -27.16 7.21 70.41
C ASP D 523 -27.26 7.99 69.11
N ALA D 524 -27.96 7.46 68.11
CA ALA D 524 -28.12 8.17 66.85
C ALA D 524 -28.97 9.43 66.99
N LEU D 525 -29.83 9.49 68.01
CA LEU D 525 -30.66 10.65 68.23
C LEU D 525 -29.88 11.88 68.68
N LYS D 526 -28.58 11.72 68.96
CA LYS D 526 -27.75 12.84 69.39
C LYS D 526 -27.48 13.79 68.22
N ASN D 527 -26.50 13.47 67.39
CA ASN D 527 -26.12 14.29 66.24
C ASN D 527 -26.07 13.43 64.99
N GLY D 528 -27.13 12.65 64.77
CA GLY D 528 -27.17 11.78 63.62
C GLY D 528 -26.24 10.59 63.77
N GLU D 529 -26.04 9.89 62.66
CA GLU D 529 -25.19 8.71 62.64
C GLU D 529 -24.69 8.48 61.23
N THR D 530 -23.48 7.94 61.14
CA THR D 530 -22.92 7.46 59.87
C THR D 530 -23.03 5.94 59.86
N ASN D 531 -23.86 5.42 58.95
CA ASN D 531 -24.08 3.99 58.87
C ASN D 531 -24.35 3.66 57.40
N ILE D 532 -23.30 3.77 56.59
CA ILE D 532 -23.41 3.52 55.16
C ILE D 532 -23.76 2.06 54.87
N GLN D 533 -23.50 1.16 55.81
CA GLN D 533 -23.87 -0.24 55.61
C GLN D 533 -25.39 -0.41 55.57
N VAL D 534 -26.09 0.17 56.54
CA VAL D 534 -27.54 0.06 56.57
C VAL D 534 -28.18 1.01 55.56
N THR D 535 -27.60 2.20 55.38
CA THR D 535 -28.11 3.13 54.38
C THR D 535 -28.07 2.52 52.98
N THR D 536 -27.06 1.71 52.68
CA THR D 536 -26.97 1.06 51.38
C THR D 536 -27.83 -0.19 51.31
N ASP D 537 -27.87 -0.97 52.40
CA ASP D 537 -28.61 -2.22 52.40
C ASP D 537 -30.11 -2.01 52.18
N LEU D 538 -30.62 -0.81 52.45
CA LEU D 538 -32.02 -0.50 52.16
C LEU D 538 -32.24 -0.18 50.68
N MET D 539 -31.20 0.24 49.97
CA MET D 539 -31.31 0.60 48.56
C MET D 539 -31.02 -0.55 47.62
N ARG D 540 -30.74 -1.75 48.13
CA ARG D 540 -30.26 -2.85 47.30
C ARG D 540 -31.26 -3.33 46.26
N PHE D 541 -32.53 -2.91 46.36
CA PHE D 541 -33.55 -3.33 45.41
C PHE D 541 -34.16 -2.18 44.61
N VAL D 542 -33.96 -0.93 45.03
CA VAL D 542 -34.68 0.20 44.43
C VAL D 542 -33.80 1.03 43.50
N LEU D 543 -32.50 0.74 43.39
CA LEU D 543 -31.63 1.54 42.55
C LEU D 543 -31.89 1.32 41.07
N ALA D 544 -32.58 0.24 40.70
CA ALA D 544 -32.80 -0.07 39.29
C ALA D 544 -33.73 0.96 38.66
N ALA D 545 -34.82 1.30 39.33
CA ALA D 545 -35.80 2.22 38.76
C ALA D 545 -35.33 3.67 38.76
N ASN D 546 -34.25 3.99 39.47
CA ASN D 546 -33.78 5.37 39.52
C ASN D 546 -32.72 5.65 38.45
N LEU D 547 -31.68 4.81 38.40
CA LEU D 547 -30.60 5.01 37.44
C LEU D 547 -31.07 4.81 36.01
N LEU D 548 -32.09 3.98 35.81
CA LEU D 548 -32.59 3.67 34.48
C LEU D 548 -33.90 4.38 34.14
N GLY D 549 -34.58 4.94 35.14
CA GLY D 549 -35.78 5.72 34.90
C GLY D 549 -37.07 4.94 34.79
N PHE D 550 -37.04 3.62 34.99
CA PHE D 550 -38.24 2.81 34.86
C PHE D 550 -39.23 3.13 35.99
N PRO D 551 -40.53 3.00 35.73
CA PRO D 551 -41.51 3.21 36.80
C PRO D 551 -41.61 1.99 37.71
N ALA D 552 -41.67 2.26 39.01
CA ALA D 552 -41.78 1.22 40.02
C ALA D 552 -42.89 1.58 40.99
N ILE D 553 -43.21 0.65 41.89
CA ILE D 553 -44.20 0.87 42.93
C ILE D 553 -43.92 -0.08 44.07
N SER D 554 -44.35 0.31 45.27
CA SER D 554 -44.21 -0.51 46.47
C SER D 554 -45.60 -0.71 47.08
N VAL D 555 -45.92 -1.95 47.42
CA VAL D 555 -47.25 -2.27 47.93
C VAL D 555 -47.10 -3.19 49.14
N PRO D 556 -47.90 -2.99 50.20
CA PRO D 556 -47.81 -3.88 51.36
C PRO D 556 -48.33 -5.27 51.04
N VAL D 557 -47.59 -6.29 51.47
CA VAL D 557 -47.94 -7.67 51.16
C VAL D 557 -47.90 -8.54 52.42
N GLY D 558 -48.12 -7.92 53.58
CA GLY D 558 -48.21 -8.67 54.81
C GLY D 558 -47.24 -8.13 55.85
N TYR D 559 -47.00 -8.93 56.89
CA TYR D 559 -46.16 -8.55 58.01
C TYR D 559 -45.26 -9.72 58.38
N ASP D 560 -44.29 -9.45 59.25
CA ASP D 560 -43.25 -10.39 59.61
C ASP D 560 -43.48 -10.89 61.04
N LYS D 561 -42.40 -11.18 61.77
CA LYS D 561 -42.46 -11.66 63.14
C LYS D 561 -43.11 -10.64 64.07
N GLU D 562 -42.43 -9.50 64.26
CA GLU D 562 -42.88 -8.48 65.21
C GLU D 562 -43.91 -7.54 64.61
N GLY D 563 -44.66 -7.98 63.61
CA GLY D 563 -45.74 -7.17 63.06
C GLY D 563 -45.29 -5.96 62.28
N LEU D 564 -44.10 -6.02 61.65
CA LEU D 564 -43.65 -4.89 60.86
C LEU D 564 -44.07 -5.05 59.41
N PRO D 565 -44.33 -3.95 58.70
CA PRO D 565 -44.78 -4.06 57.31
C PRO D 565 -43.69 -4.60 56.39
N ILE D 566 -44.14 -5.32 55.36
CA ILE D 566 -43.25 -5.81 54.31
C ILE D 566 -43.73 -5.21 52.99
N GLY D 567 -42.78 -4.81 52.15
CA GLY D 567 -43.09 -4.18 50.87
C GLY D 567 -42.60 -5.01 49.70
N LEU D 568 -43.42 -5.08 48.66
CA LEU D 568 -43.08 -5.75 47.42
C LEU D 568 -43.01 -4.73 46.30
N GLN D 569 -41.94 -4.78 45.50
CA GLN D 569 -41.68 -3.80 44.47
C GLN D 569 -41.99 -4.39 43.10
N ILE D 570 -42.72 -3.64 42.28
CA ILE D 570 -43.06 -4.04 40.92
C ILE D 570 -42.53 -2.96 39.98
N MET D 571 -41.58 -3.32 39.12
CA MET D 571 -40.94 -2.39 38.20
C MET D 571 -41.28 -2.81 36.78
N GLY D 572 -41.82 -1.88 35.99
CA GLY D 572 -42.28 -2.17 34.65
C GLY D 572 -41.56 -1.37 33.58
N ARG D 573 -42.02 -1.57 32.34
CA ARG D 573 -41.44 -0.91 31.18
C ARG D 573 -41.62 0.60 31.25
N PRO D 574 -40.82 1.36 30.50
CA PRO D 574 -40.97 2.82 30.52
C PRO D 574 -42.33 3.25 30.03
N TRP D 575 -42.87 4.30 30.67
CA TRP D 575 -44.16 4.89 30.36
C TRP D 575 -45.31 3.89 30.52
N ALA D 576 -45.09 2.81 31.27
CA ALA D 576 -46.13 1.83 31.52
C ALA D 576 -46.59 1.90 32.97
N GLU D 577 -46.99 3.09 33.42
CA GLU D 577 -47.52 3.21 34.77
C GLU D 577 -48.83 2.44 34.93
N ALA D 578 -49.67 2.46 33.90
CA ALA D 578 -50.93 1.73 33.95
C ALA D 578 -50.69 0.23 34.09
N THR D 579 -49.59 -0.28 33.53
CA THR D 579 -49.27 -1.69 33.69
C THR D 579 -48.85 -2.00 35.13
N VAL D 580 -48.08 -1.10 35.74
CA VAL D 580 -47.63 -1.31 37.11
C VAL D 580 -48.77 -1.07 38.09
N LEU D 581 -49.58 -0.04 37.83
CA LEU D 581 -50.70 0.27 38.72
C LEU D 581 -51.77 -0.82 38.68
N GLY D 582 -51.93 -1.48 37.53
CA GLY D 582 -52.91 -2.54 37.45
C GLY D 582 -52.50 -3.78 38.22
N LEU D 583 -51.25 -4.22 38.05
CA LEU D 583 -50.79 -5.39 38.78
C LEU D 583 -50.72 -5.13 40.28
N ALA D 584 -50.31 -3.91 40.66
CA ALA D 584 -50.28 -3.56 42.07
C ALA D 584 -51.68 -3.53 42.68
N ALA D 585 -52.68 -3.13 41.90
CA ALA D 585 -54.05 -3.14 42.38
C ALA D 585 -54.53 -4.57 42.64
N ALA D 586 -54.12 -5.51 41.80
CA ALA D 586 -54.46 -6.91 42.02
C ALA D 586 -53.71 -7.51 43.19
N VAL D 587 -52.57 -6.94 43.56
CA VAL D 587 -51.83 -7.43 44.73
C VAL D 587 -52.53 -6.98 46.01
N GLU D 588 -53.01 -5.74 46.05
CA GLU D 588 -53.76 -5.28 47.22
C GLU D 588 -55.08 -6.04 47.39
N GLU D 589 -55.59 -6.65 46.32
CA GLU D 589 -56.79 -7.47 46.44
C GLU D 589 -56.51 -8.81 47.10
N LEU D 590 -55.32 -9.38 46.87
CA LEU D 590 -54.95 -10.67 47.43
C LEU D 590 -54.36 -10.56 48.84
N ALA D 591 -53.92 -9.38 49.24
CA ALA D 591 -53.36 -9.17 50.57
C ALA D 591 -53.56 -7.72 51.00
N PRO D 592 -54.75 -7.35 51.47
CA PRO D 592 -55.00 -5.96 51.87
C PRO D 592 -54.36 -5.65 53.21
N VAL D 593 -54.34 -4.36 53.53
CA VAL D 593 -53.80 -3.88 54.80
C VAL D 593 -54.82 -4.17 55.89
N THR D 594 -54.47 -5.06 56.83
CA THR D 594 -55.39 -5.47 57.89
C THR D 594 -54.94 -5.04 59.28
N LYS D 595 -53.63 -4.98 59.54
CA LYS D 595 -53.14 -4.64 60.87
C LYS D 595 -53.04 -3.13 61.02
N LYS D 596 -53.67 -2.60 62.07
CA LYS D 596 -53.63 -1.19 62.38
C LYS D 596 -52.32 -0.85 63.11
N PRO D 597 -51.65 0.23 62.73
CA PRO D 597 -50.40 0.60 63.40
C PRO D 597 -50.65 1.10 64.82
N ALA D 598 -49.55 1.26 65.56
CA ALA D 598 -49.65 1.77 66.92
C ALA D 598 -50.17 3.21 66.94
N ILE D 599 -49.48 4.10 66.26
CA ILE D 599 -49.89 5.50 66.15
C ILE D 599 -50.85 5.61 64.98
N PHE D 600 -52.14 5.78 65.27
CA PHE D 600 -53.15 5.88 64.24
C PHE D 600 -54.23 6.85 64.70
N TYR D 601 -54.87 7.52 63.74
CA TYR D 601 -55.89 8.52 64.04
C TYR D 601 -57.02 8.41 63.02
N ASP D 602 -58.24 8.18 63.51
CA ASP D 602 -59.44 8.24 62.69
C ASP D 602 -59.99 9.66 62.72
N ILE D 603 -60.21 10.23 61.55
CA ILE D 603 -60.55 11.64 61.42
C ILE D 603 -61.99 11.84 61.00
N LEU D 604 -62.47 11.06 60.03
CA LEU D 604 -63.84 11.22 59.56
C LEU D 604 -64.85 11.07 60.69
N ASN D 605 -64.62 10.12 61.60
CA ASN D 605 -65.42 9.95 62.81
C ASN D 605 -66.91 9.77 62.49
N TYR E 4 21.39 -48.88 -12.47
CA TYR E 4 22.63 -48.15 -12.21
C TYR E 4 22.40 -46.96 -11.27
N GLN E 5 21.44 -46.10 -11.63
CA GLN E 5 21.14 -44.92 -10.83
C GLN E 5 19.66 -44.58 -10.98
N VAL E 6 19.13 -43.89 -9.98
CA VAL E 6 17.72 -43.53 -9.93
C VAL E 6 17.58 -42.04 -10.22
N MET E 7 16.48 -41.69 -10.89
CA MET E 7 16.22 -40.32 -11.31
C MET E 7 14.95 -39.81 -10.62
N LYS E 8 14.99 -38.55 -10.17
CA LYS E 8 13.87 -37.93 -9.49
C LYS E 8 13.41 -36.67 -10.24
N ARG E 9 12.20 -36.22 -9.89
CA ARG E 9 11.72 -34.89 -10.25
C ARG E 9 10.55 -34.56 -9.33
N ALA E 10 10.66 -33.45 -8.61
CA ALA E 10 9.75 -33.20 -7.49
C ALA E 10 8.41 -32.62 -7.95
N SER E 11 8.42 -31.37 -8.42
CA SER E 11 7.19 -30.63 -8.64
C SER E 11 6.41 -31.09 -9.86
N GLU E 12 6.56 -32.37 -10.23
CA GLU E 12 5.82 -32.92 -11.36
C GLU E 12 5.34 -34.35 -11.11
N VAL E 13 5.34 -34.81 -9.85
CA VAL E 13 4.84 -36.14 -9.53
C VAL E 13 3.32 -36.10 -9.43
N ASP E 14 2.70 -37.23 -9.74
CA ASP E 14 1.26 -37.38 -9.57
C ASP E 14 1.00 -37.94 -8.16
N LEU E 15 0.26 -37.19 -7.36
CA LEU E 15 0.02 -37.59 -5.98
C LEU E 15 -0.79 -38.88 -5.88
N SER E 16 -1.58 -39.20 -6.90
CA SER E 16 -2.30 -40.47 -6.90
C SER E 16 -1.39 -41.65 -7.19
N THR E 17 -0.12 -41.41 -7.53
CA THR E 17 0.83 -42.46 -7.81
C THR E 17 1.73 -42.79 -6.62
N VAL E 18 1.96 -41.82 -5.73
CA VAL E 18 2.85 -42.04 -4.60
C VAL E 18 2.26 -43.07 -3.65
N LYS E 19 3.04 -44.11 -3.35
CA LYS E 19 2.64 -45.17 -2.44
C LYS E 19 3.39 -45.02 -1.13
N TYR E 20 2.70 -45.28 -0.03
CA TYR E 20 3.27 -45.11 1.31
C TYR E 20 4.37 -46.14 1.56
N LYS E 21 5.60 -45.66 1.75
CA LYS E 21 6.75 -46.52 2.00
C LYS E 21 7.13 -46.40 3.47
N ALA E 22 6.83 -47.43 4.25
CA ALA E 22 7.05 -47.41 5.70
C ALA E 22 8.51 -47.62 6.06
N GLU E 23 8.99 -48.86 5.95
CA GLU E 23 10.39 -49.21 6.15
C GLU E 23 10.93 -48.77 7.51
N THR E 24 10.72 -49.59 8.52
CA THR E 24 11.26 -49.30 9.84
C THR E 24 12.78 -49.40 9.84
N MET E 25 13.39 -48.88 10.90
CA MET E 25 14.84 -48.89 11.02
C MET E 25 15.34 -50.28 11.42
N LYS E 26 16.51 -50.64 10.90
CA LYS E 26 17.12 -51.94 11.17
C LYS E 26 18.50 -51.70 11.78
N ALA E 27 18.64 -51.96 13.08
CA ALA E 27 19.88 -51.74 13.79
C ALA E 27 19.93 -52.68 14.99
N PRO E 28 21.12 -53.06 15.43
CA PRO E 28 21.22 -53.97 16.59
C PRO E 28 20.79 -53.29 17.88
N HIS E 29 20.49 -54.14 18.87
CA HIS E 29 20.05 -53.71 20.20
C HIS E 29 21.05 -54.27 21.20
N LEU E 30 22.01 -53.46 21.62
CA LEU E 30 23.11 -53.89 22.47
C LEU E 30 23.13 -53.08 23.76
N THR E 31 23.38 -53.77 24.87
CA THR E 31 23.44 -53.13 26.18
C THR E 31 24.62 -53.71 26.96
N GLY E 32 25.02 -52.99 27.99
CA GLY E 32 26.02 -53.52 28.91
C GLY E 32 27.39 -53.64 28.27
N LEU E 33 27.98 -54.83 28.35
CA LEU E 33 29.35 -55.05 27.89
C LEU E 33 29.41 -55.16 26.36
N SER E 34 28.42 -55.81 25.75
CA SER E 34 28.39 -55.91 24.30
C SER E 34 28.30 -54.54 23.63
N PHE E 35 27.64 -53.59 24.29
CA PHE E 35 27.60 -52.22 23.78
C PHE E 35 28.99 -51.59 23.87
N LYS E 36 29.69 -51.79 24.99
CA LYS E 36 31.03 -51.23 25.12
C LYS E 36 31.98 -51.80 24.08
N LEU E 37 31.88 -53.10 23.81
CA LEU E 37 32.74 -53.72 22.81
C LEU E 37 32.33 -53.30 21.41
N PHE E 38 31.05 -52.98 21.20
CA PHE E 38 30.59 -52.52 19.89
C PHE E 38 30.96 -51.06 19.64
N VAL E 39 31.04 -50.24 20.69
CA VAL E 39 31.46 -48.86 20.53
C VAL E 39 32.93 -48.80 20.13
N ASN E 40 33.78 -49.58 20.80
CA ASN E 40 35.18 -49.63 20.44
C ASN E 40 35.40 -50.16 19.03
N LEU E 41 34.53 -51.07 18.57
CA LEU E 41 34.61 -51.53 17.20
C LEU E 41 34.20 -50.44 16.22
N LEU E 42 33.27 -49.57 16.61
CA LEU E 42 32.89 -48.45 15.76
C LEU E 42 34.00 -47.42 15.69
N GLU E 43 34.61 -47.10 16.83
CA GLU E 43 35.73 -46.16 16.87
C GLU E 43 37.05 -46.78 16.41
N ALA E 44 37.04 -48.05 16.02
CA ALA E 44 38.25 -48.68 15.52
C ALA E 44 38.56 -48.18 14.11
N PRO E 45 39.85 -48.16 13.72
CA PRO E 45 40.24 -47.61 12.41
C PRO E 45 39.49 -48.21 11.22
N LEU E 46 39.96 -49.36 10.72
CA LEU E 46 39.45 -49.90 9.46
C LEU E 46 38.07 -50.54 9.64
N ILE E 47 37.94 -51.42 10.62
CA ILE E 47 36.67 -52.14 10.81
C ILE E 47 35.56 -51.17 11.21
N GLY E 48 35.91 -50.05 11.86
CA GLY E 48 34.90 -49.10 12.26
C GLY E 48 34.14 -48.50 11.09
N SER E 49 34.86 -48.18 10.00
CA SER E 49 34.20 -47.62 8.83
C SER E 49 33.33 -48.65 8.13
N LEU E 50 33.71 -49.92 8.18
CA LEU E 50 32.95 -50.95 7.48
C LEU E 50 31.59 -51.17 8.13
N ILE E 51 31.54 -51.14 9.47
CA ILE E 51 30.28 -51.38 10.16
C ILE E 51 29.30 -50.25 9.88
N VAL E 52 29.79 -49.00 9.87
CA VAL E 52 28.91 -47.86 9.65
C VAL E 52 28.43 -47.83 8.20
N ASP E 53 29.32 -48.12 7.25
CA ASP E 53 28.90 -48.18 5.85
C ASP E 53 27.94 -49.34 5.60
N TYR E 54 28.04 -50.40 6.41
CA TYR E 54 27.07 -51.48 6.33
C TYR E 54 25.70 -51.03 6.84
N LEU E 55 25.68 -50.33 7.97
CA LEU E 55 24.41 -49.86 8.51
C LEU E 55 23.74 -48.85 7.59
N LYS E 56 24.53 -47.98 6.95
CA LYS E 56 23.97 -46.98 6.06
C LYS E 56 23.40 -47.62 4.81
N LYS E 57 24.15 -48.54 4.19
CA LYS E 57 23.67 -49.19 2.97
C LYS E 57 22.48 -50.10 3.26
N ASP E 58 22.44 -50.69 4.45
CA ASP E 58 21.36 -51.61 4.77
C ASP E 58 20.04 -50.90 4.96
N ASN E 59 20.06 -49.67 5.47
CA ASN E 59 18.85 -48.89 5.70
C ASN E 59 18.47 -48.02 4.51
N GLY E 60 19.11 -48.21 3.36
CA GLY E 60 18.77 -47.45 2.18
C GLY E 60 19.21 -46.02 2.19
N MET E 61 20.23 -45.68 2.97
CA MET E 61 20.75 -44.31 3.02
C MET E 61 21.81 -44.04 1.96
N THR E 62 22.57 -45.06 1.56
CA THR E 62 23.56 -44.87 0.51
C THR E 62 22.91 -44.72 -0.86
N LYS E 63 21.83 -45.47 -1.09
CA LYS E 63 21.14 -45.35 -2.38
C LYS E 63 20.49 -43.99 -2.57
N ILE E 64 20.24 -43.25 -1.49
CA ILE E 64 19.58 -41.95 -1.59
C ILE E 64 20.59 -40.82 -1.77
N PHE E 65 21.70 -40.86 -1.02
CA PHE E 65 22.67 -39.77 -1.07
C PHE E 65 23.67 -39.91 -2.22
N ARG E 66 24.02 -41.14 -2.59
CA ARG E 66 25.07 -41.36 -3.57
C ARG E 66 24.61 -42.00 -4.87
N ASN E 67 23.44 -42.65 -4.88
CA ASN E 67 23.00 -43.39 -6.06
C ASN E 67 21.67 -42.88 -6.60
N THR E 68 21.38 -41.61 -6.38
CA THR E 68 20.18 -40.97 -6.94
C THR E 68 20.52 -39.54 -7.34
N VAL E 69 20.14 -39.17 -8.55
CA VAL E 69 20.28 -37.79 -9.01
C VAL E 69 19.04 -37.01 -8.58
N ILE E 70 19.26 -35.82 -8.01
CA ILE E 70 18.21 -34.98 -7.48
C ILE E 70 18.23 -33.66 -8.25
N PRO E 71 17.19 -33.33 -9.00
CA PRO E 71 17.20 -32.08 -9.78
C PRO E 71 16.90 -30.83 -8.98
N GLU E 72 16.74 -30.93 -7.66
CA GLU E 72 16.41 -29.77 -6.84
C GLU E 72 17.66 -29.06 -6.37
N GLU E 73 17.53 -27.72 -6.17
CA GLU E 73 18.63 -26.94 -5.63
C GLU E 73 18.60 -26.99 -4.10
N PRO E 74 19.76 -26.95 -3.45
CA PRO E 74 19.79 -27.13 -1.99
C PRO E 74 19.13 -25.97 -1.25
N MET E 75 18.17 -26.31 -0.40
CA MET E 75 17.55 -25.36 0.53
C MET E 75 18.13 -25.63 1.90
N PHE E 76 19.06 -24.76 2.34
CA PHE E 76 19.82 -25.03 3.55
C PHE E 76 19.05 -24.69 4.82
N ARG E 77 18.16 -23.71 4.76
CA ARG E 77 17.34 -23.31 5.90
C ARG E 77 15.88 -23.22 5.47
N PRO E 78 14.95 -23.40 6.41
CA PRO E 78 13.52 -23.34 6.04
C PRO E 78 13.14 -22.01 5.43
N GLU E 79 12.67 -22.06 4.18
CA GLU E 79 12.28 -20.87 3.41
C GLU E 79 10.77 -20.90 3.24
N PHE E 80 10.07 -19.97 3.90
CA PHE E 80 8.63 -19.97 3.76
C PHE E 80 8.18 -18.82 2.86
N PRO E 81 7.18 -19.05 2.02
CA PRO E 81 6.64 -17.96 1.20
C PRO E 81 5.73 -17.07 2.04
N SER E 82 5.18 -16.03 1.39
CA SER E 82 4.28 -15.12 2.07
C SER E 82 2.98 -15.84 2.40
N GLN E 83 2.67 -15.94 3.69
CA GLN E 83 1.49 -16.64 4.15
C GLN E 83 0.30 -15.69 4.24
N GLU E 84 -0.91 -16.25 4.11
CA GLU E 84 -2.11 -15.45 4.25
C GLU E 84 -2.37 -15.17 5.73
N PRO E 85 -2.99 -14.03 6.04
CA PRO E 85 -3.23 -13.69 7.45
C PRO E 85 -4.26 -14.63 8.07
N GLU E 86 -3.90 -15.20 9.22
CA GLU E 86 -4.82 -16.08 9.92
C GLU E 86 -5.99 -15.29 10.49
N HIS E 87 -7.16 -15.92 10.50
CA HIS E 87 -8.40 -15.24 10.86
C HIS E 87 -8.69 -15.35 12.35
N ASP E 88 -9.26 -14.28 12.91
CA ASP E 88 -9.72 -14.23 14.30
C ASP E 88 -8.57 -14.49 15.28
N VAL E 89 -7.58 -13.60 15.24
CA VAL E 89 -6.42 -13.65 16.11
C VAL E 89 -6.14 -12.23 16.61
N VAL E 90 -5.13 -12.11 17.47
CA VAL E 90 -4.71 -10.83 18.03
C VAL E 90 -3.25 -10.60 17.66
N ILE E 91 -2.97 -9.53 16.94
CA ILE E 91 -1.61 -9.21 16.55
C ILE E 91 -0.91 -8.49 17.69
N VAL E 92 0.30 -8.94 18.02
CA VAL E 92 1.11 -8.32 19.06
C VAL E 92 2.50 -8.06 18.51
N GLY E 93 3.12 -6.98 18.97
CA GLY E 93 4.43 -6.62 18.46
C GLY E 93 5.50 -7.63 18.83
N GLU E 94 6.48 -7.78 17.95
CA GLU E 94 7.56 -8.74 18.16
C GLU E 94 8.67 -8.18 19.04
N ASP E 95 8.75 -6.87 19.19
CA ASP E 95 9.79 -6.23 20.00
C ASP E 95 9.25 -5.72 21.33
N GLU E 96 7.98 -5.93 21.63
CA GLU E 96 7.42 -5.51 22.91
C GLU E 96 7.99 -6.36 24.04
N SER E 97 7.97 -5.79 25.24
CA SER E 97 8.49 -6.49 26.40
C SER E 97 7.62 -7.69 26.74
N PRO E 98 8.19 -8.75 27.32
CA PRO E 98 7.37 -9.92 27.67
C PRO E 98 6.29 -9.61 28.68
N ILE E 99 6.50 -8.59 29.52
CA ILE E 99 5.45 -8.17 30.45
C ILE E 99 4.29 -7.55 29.69
N ASP E 100 4.56 -6.88 28.58
CA ASP E 100 3.49 -6.29 27.77
C ASP E 100 2.74 -7.32 26.95
N ARG E 101 3.39 -8.42 26.56
CA ARG E 101 2.69 -9.46 25.81
C ARG E 101 1.86 -10.34 26.73
N LEU E 102 2.28 -10.53 27.98
CA LEU E 102 1.45 -11.27 28.94
C LEU E 102 0.17 -10.51 29.26
N GLU E 103 0.17 -9.18 29.15
CA GLU E 103 -1.05 -8.42 29.30
C GLU E 103 -2.06 -8.79 28.22
N THR E 104 -1.62 -8.84 26.96
CA THR E 104 -2.52 -9.17 25.86
C THR E 104 -2.91 -10.65 25.89
N ALA E 105 -1.97 -11.52 26.25
CA ALA E 105 -2.28 -12.95 26.32
C ALA E 105 -3.30 -13.26 27.40
N LEU E 106 -3.29 -12.50 28.50
CA LEU E 106 -4.30 -12.69 29.54
C LEU E 106 -5.68 -12.29 29.04
N LYS E 107 -5.77 -11.33 28.12
CA LYS E 107 -7.05 -10.95 27.54
C LYS E 107 -7.58 -12.01 26.59
N CYS E 108 -6.71 -12.85 26.03
CA CYS E 108 -7.16 -13.92 25.14
C CYS E 108 -7.66 -15.14 25.89
N LEU E 109 -7.17 -15.35 27.11
CA LEU E 109 -7.60 -16.49 27.91
C LEU E 109 -9.03 -16.30 28.38
N PRO E 110 -9.77 -17.40 28.59
CA PRO E 110 -11.11 -17.29 29.15
C PRO E 110 -11.08 -16.67 30.55
N GLN E 111 -12.24 -16.17 30.97
CA GLN E 111 -12.35 -15.54 32.28
C GLN E 111 -12.02 -16.55 33.38
N TYR E 112 -11.08 -16.16 34.25
CA TYR E 112 -10.64 -17.06 35.31
C TYR E 112 -11.74 -17.24 36.36
N ASP E 113 -11.94 -18.49 36.77
CA ASP E 113 -12.97 -18.84 37.73
C ASP E 113 -12.35 -19.11 39.08
N PRO E 114 -12.60 -18.31 40.11
CA PRO E 114 -12.04 -18.58 41.44
C PRO E 114 -12.57 -19.85 42.10
N SER E 115 -13.63 -20.44 41.55
CA SER E 115 -14.20 -21.67 42.11
C SER E 115 -13.45 -22.92 41.68
N ARG E 116 -12.27 -22.78 41.10
CA ARG E 116 -11.45 -23.91 40.69
C ARG E 116 -10.16 -24.04 41.50
N SER E 117 -9.95 -23.18 42.50
CA SER E 117 -8.71 -23.19 43.26
C SER E 117 -8.98 -23.25 44.76
N LEU E 118 -9.72 -22.26 45.27
CA LEU E 118 -9.96 -22.16 46.71
C LEU E 118 -11.13 -23.04 47.14
N HIS E 119 -12.34 -22.67 46.72
CA HIS E 119 -13.55 -23.37 47.11
C HIS E 119 -14.00 -24.27 45.96
N ALA E 120 -14.13 -25.56 46.23
CA ALA E 120 -14.54 -26.52 45.21
C ALA E 120 -15.19 -27.71 45.87
N ASP E 121 -15.74 -28.58 45.05
CA ASP E 121 -16.42 -29.78 45.51
C ASP E 121 -15.41 -30.87 45.82
N PRO E 122 -15.50 -31.53 46.97
CA PRO E 122 -14.54 -32.59 47.31
C PRO E 122 -14.79 -33.91 46.60
N VAL E 123 -15.64 -33.94 45.56
CA VAL E 123 -15.90 -35.16 44.80
C VAL E 123 -15.73 -34.84 43.32
N SER E 124 -14.88 -33.88 42.99
CA SER E 124 -14.62 -33.51 41.62
C SER E 124 -13.50 -34.39 41.05
N SER E 125 -13.19 -34.17 39.77
CA SER E 125 -12.16 -34.95 39.08
C SER E 125 -10.76 -34.44 39.41
N PHE E 126 -9.78 -34.85 38.62
CA PHE E 126 -8.38 -34.46 38.83
C PHE E 126 -7.95 -33.47 37.76
N ARG E 127 -7.25 -32.43 38.18
CA ARG E 127 -6.72 -31.42 37.27
C ARG E 127 -5.35 -30.98 37.74
N TYR E 128 -4.52 -30.56 36.79
CA TYR E 128 -3.26 -29.92 37.11
C TYR E 128 -3.48 -28.46 37.46
N TRP E 129 -2.65 -27.94 38.35
CA TRP E 129 -2.74 -26.54 38.76
C TRP E 129 -2.28 -25.65 37.60
N LYS E 130 -3.16 -24.77 37.14
CA LYS E 130 -2.82 -23.85 36.07
C LYS E 130 -1.85 -22.78 36.58
N ILE E 131 -1.29 -22.02 35.63
CA ILE E 131 -0.41 -20.92 36.01
C ILE E 131 -1.19 -19.83 36.71
N ARG E 132 -2.43 -19.57 36.28
CA ARG E 132 -3.27 -18.58 36.95
C ARG E 132 -3.74 -19.06 38.32
N ASP E 133 -3.74 -20.38 38.57
CA ASP E 133 -4.09 -20.88 39.90
C ASP E 133 -3.03 -20.48 40.92
N TYR E 134 -1.75 -20.61 40.58
CA TYR E 134 -0.69 -20.06 41.42
C TYR E 134 -0.77 -18.54 41.46
N ALA E 135 -1.18 -17.91 40.36
CA ALA E 135 -1.22 -16.45 40.31
C ALA E 135 -2.35 -15.90 41.17
N TYR E 136 -3.49 -16.59 41.18
CA TYR E 136 -4.60 -16.13 42.01
C TYR E 136 -4.33 -16.35 43.49
N ALA E 137 -3.56 -17.40 43.83
CA ALA E 137 -3.26 -17.67 45.23
C ALA E 137 -2.25 -16.67 45.78
N TYR E 138 -1.28 -16.24 44.96
CA TYR E 138 -0.30 -15.27 45.42
C TYR E 138 -0.94 -13.91 45.66
N ARG E 139 -1.88 -13.51 44.79
CA ARG E 139 -2.50 -12.19 44.90
C ARG E 139 -3.63 -12.16 45.92
N SER E 140 -4.26 -13.30 46.19
CA SER E 140 -5.27 -13.39 47.24
C SER E 140 -4.68 -13.70 48.61
N LYS E 141 -3.35 -13.75 48.71
CA LYS E 141 -2.64 -13.98 49.96
C LYS E 141 -2.96 -15.33 50.59
N LEU E 142 -3.46 -16.28 49.80
CA LEU E 142 -3.69 -17.63 50.31
C LEU E 142 -2.37 -18.36 50.54
N THR E 143 -1.33 -17.99 49.81
CA THR E 143 0.00 -18.54 50.01
C THR E 143 1.01 -17.56 49.42
N THR E 144 2.29 -17.87 49.60
CA THR E 144 3.37 -17.05 49.09
C THR E 144 4.33 -17.89 48.26
N PRO E 145 4.99 -17.30 47.27
CA PRO E 145 5.97 -18.07 46.49
C PRO E 145 7.08 -18.64 47.34
N LEU E 146 7.39 -18.00 48.48
CA LEU E 146 8.41 -18.52 49.38
C LEU E 146 7.99 -19.87 49.95
N GLN E 147 6.78 -19.95 50.49
CA GLN E 147 6.30 -21.21 51.04
C GLN E 147 6.12 -22.26 49.96
N VAL E 148 5.82 -21.84 48.73
CA VAL E 148 5.75 -22.79 47.62
C VAL E 148 7.13 -23.36 47.32
N ALA E 149 8.15 -22.50 47.36
CA ALA E 149 9.51 -22.96 47.08
C ALA E 149 9.98 -23.97 48.11
N LYS E 150 9.71 -23.71 49.39
CA LYS E 150 10.12 -24.63 50.45
C LYS E 150 9.48 -26.00 50.26
N ARG E 151 8.22 -26.03 49.82
CA ARG E 151 7.54 -27.31 49.60
C ARG E 151 8.14 -28.04 48.40
N ILE E 152 8.54 -27.30 47.37
CA ILE E 152 9.19 -27.93 46.22
C ILE E 152 10.57 -28.45 46.61
N ILE E 153 11.33 -27.64 47.35
CA ILE E 153 12.64 -28.09 47.82
C ILE E 153 12.50 -29.27 48.77
N SER E 154 11.43 -29.30 49.56
CA SER E 154 11.20 -30.42 50.46
C SER E 154 11.02 -31.72 49.70
N ILE E 155 10.33 -31.67 48.55
CA ILE E 155 10.09 -32.88 47.78
C ILE E 155 11.35 -33.33 47.06
N ILE E 156 12.14 -32.39 46.55
CA ILE E 156 13.33 -32.74 45.79
C ILE E 156 14.35 -33.44 46.70
N GLU E 157 14.53 -32.92 47.92
CA GLU E 157 15.50 -33.52 48.84
C GLU E 157 14.98 -34.79 49.48
N GLU E 158 13.66 -34.89 49.70
CA GLU E 158 13.10 -36.06 50.35
C GLU E 158 13.18 -37.30 49.45
N PHE E 159 13.09 -37.12 48.13
CA PHE E 159 13.08 -38.23 47.20
C PHE E 159 14.33 -38.32 46.35
N GLY E 160 15.28 -37.41 46.53
CA GLY E 160 16.51 -37.45 45.76
C GLY E 160 16.32 -37.13 44.28
N TYR E 161 15.52 -36.13 43.96
CA TYR E 161 15.30 -35.73 42.58
C TYR E 161 16.40 -34.84 42.02
N ASP E 162 17.38 -34.46 42.85
CA ASP E 162 18.56 -33.76 42.39
C ASP E 162 19.81 -34.64 42.44
N LYS E 163 19.64 -35.90 42.79
CA LYS E 163 20.72 -36.87 42.91
C LYS E 163 20.37 -38.12 42.13
N PRO E 164 21.38 -38.93 41.75
CA PRO E 164 21.13 -40.25 41.14
C PRO E 164 20.30 -41.16 42.06
N PRO E 165 19.71 -42.24 41.53
CA PRO E 165 19.78 -42.74 40.15
C PRO E 165 18.65 -42.26 39.25
N THR E 166 17.65 -41.59 39.81
CA THR E 166 16.50 -41.09 39.03
C THR E 166 16.29 -39.62 39.36
N PRO E 167 17.03 -38.73 38.69
CA PRO E 167 16.87 -37.30 38.99
C PRO E 167 15.97 -36.57 38.00
N PHE E 168 15.28 -35.53 38.48
CA PHE E 168 14.59 -34.60 37.61
C PHE E 168 15.50 -33.45 37.20
N LEU E 169 16.36 -32.99 38.12
CA LEU E 169 17.27 -31.88 37.89
C LEU E 169 18.69 -32.36 38.11
N ILE E 170 19.59 -32.01 37.19
CA ILE E 170 21.01 -32.33 37.33
C ILE E 170 21.83 -31.15 37.81
N ARG E 171 21.22 -29.96 37.92
CA ARG E 171 21.86 -28.78 38.50
C ARG E 171 20.79 -28.03 39.28
N PHE E 172 20.79 -28.19 40.60
CA PHE E 172 19.79 -27.60 41.46
C PHE E 172 20.48 -26.97 42.67
N ASP E 173 20.11 -25.73 42.98
CA ASP E 173 20.63 -25.01 44.14
C ASP E 173 19.44 -24.49 44.93
N ALA E 174 19.20 -25.08 46.11
CA ALA E 174 18.06 -24.67 46.93
C ALA E 174 18.23 -23.26 47.46
N ASN E 175 19.47 -22.84 47.75
CA ASN E 175 19.70 -21.48 48.24
C ASN E 175 19.42 -20.43 47.18
N GLU E 176 19.49 -20.79 45.90
CA GLU E 176 19.16 -19.84 44.84
C GLU E 176 17.65 -19.79 44.59
N VAL E 177 16.98 -20.93 44.71
CA VAL E 177 15.52 -20.95 44.56
C VAL E 177 14.86 -20.11 45.64
N ILE E 178 15.37 -20.18 46.87
CA ILE E 178 14.83 -19.36 47.95
C ILE E 178 15.12 -17.89 47.71
N LYS E 179 16.31 -17.58 47.18
CA LYS E 179 16.66 -16.19 46.92
C LYS E 179 15.73 -15.58 45.89
N GLN E 180 15.36 -16.34 44.86
CA GLN E 180 14.44 -15.83 43.86
C GLN E 180 13.02 -15.74 44.40
N ALA E 181 12.63 -16.67 45.26
CA ALA E 181 11.28 -16.67 45.81
C ALA E 181 11.09 -15.59 46.87
N GLU E 182 12.16 -15.20 47.57
CA GLU E 182 12.05 -14.15 48.57
C GLU E 182 11.80 -12.80 47.92
N ALA E 183 12.56 -12.47 46.88
CA ALA E 183 12.32 -11.22 46.16
C ALA E 183 10.98 -11.23 45.45
N SER E 184 10.54 -12.41 45.00
CA SER E 184 9.22 -12.52 44.38
C SER E 184 8.10 -12.33 45.40
N THR E 185 8.28 -12.90 46.60
CA THR E 185 7.26 -12.78 47.63
C THR E 185 7.12 -11.34 48.11
N ARG E 186 8.23 -10.62 48.22
CA ARG E 186 8.16 -9.23 48.67
C ARG E 186 7.43 -8.35 47.68
N ARG E 187 7.43 -8.71 46.40
CA ARG E 187 6.68 -7.93 45.42
C ARG E 187 5.19 -8.10 45.58
N PHE E 188 4.74 -9.28 46.03
CA PHE E 188 3.31 -9.47 46.28
C PHE E 188 2.87 -8.74 47.54
N GLU E 189 3.70 -8.76 48.58
CA GLU E 189 3.35 -8.07 49.82
C GLU E 189 3.33 -6.55 49.61
N GLN E 190 4.33 -6.01 48.90
CA GLN E 190 4.35 -4.59 48.61
C GLN E 190 3.26 -4.17 47.64
N GLY E 191 2.59 -5.12 47.00
CA GLY E 191 1.50 -4.80 46.10
C GLY E 191 1.90 -4.42 44.70
N ASN E 192 3.06 -4.87 44.24
CA ASN E 192 3.55 -4.56 42.89
C ASN E 192 4.27 -5.77 42.32
N PRO E 193 3.54 -6.81 41.91
CA PRO E 193 4.17 -7.94 41.23
C PRO E 193 4.39 -7.62 39.75
N ILE E 194 5.37 -8.31 39.16
CA ILE E 194 5.80 -7.97 37.80
C ILE E 194 4.75 -8.35 36.78
N SER E 195 4.39 -9.63 36.71
CA SER E 195 3.41 -10.09 35.73
C SER E 195 2.68 -11.29 36.30
N VAL E 196 1.86 -11.93 35.46
CA VAL E 196 1.18 -13.15 35.88
C VAL E 196 2.20 -14.26 36.13
N LEU E 197 3.35 -14.20 35.48
CA LEU E 197 4.40 -15.19 35.67
C LEU E 197 5.26 -14.91 36.90
N ASP E 198 4.96 -13.86 37.66
CA ASP E 198 5.70 -13.59 38.89
C ASP E 198 5.36 -14.65 39.93
N GLY E 199 6.38 -15.38 40.39
CA GLY E 199 6.19 -16.45 41.34
C GLY E 199 5.98 -17.83 40.74
N ILE E 200 5.90 -17.93 39.42
CA ILE E 200 5.68 -19.22 38.76
C ILE E 200 7.03 -19.91 38.60
N PHE E 201 7.07 -21.19 38.96
CA PHE E 201 8.30 -21.98 38.89
C PHE E 201 8.40 -22.67 37.54
N VAL E 202 9.50 -22.42 36.83
CA VAL E 202 9.76 -23.05 35.54
C VAL E 202 11.13 -23.72 35.61
N THR E 203 11.30 -24.76 34.80
CA THR E 203 12.53 -25.54 34.76
C THR E 203 13.17 -25.41 33.38
N ILE E 204 14.45 -25.06 33.36
CA ILE E 204 15.20 -24.89 32.12
C ILE E 204 15.95 -26.18 31.82
N LYS E 205 15.92 -26.59 30.56
CA LYS E 205 16.67 -27.76 30.14
C LYS E 205 18.18 -27.48 30.25
N ASP E 206 18.96 -28.55 30.34
CA ASP E 206 20.39 -28.40 30.61
C ASP E 206 21.19 -27.90 29.41
N ASP E 207 20.60 -27.87 28.22
CA ASP E 207 21.28 -27.36 27.04
C ASP E 207 20.95 -25.90 26.75
N ILE E 208 20.25 -25.23 27.67
CA ILE E 208 19.95 -23.80 27.55
C ILE E 208 20.66 -23.09 28.69
N ASP E 209 21.28 -21.94 28.37
CA ASP E 209 22.05 -21.22 29.36
C ASP E 209 21.14 -20.52 30.36
N CYS E 210 21.47 -20.66 31.65
CA CYS E 210 20.69 -20.06 32.72
C CYS E 210 21.60 -19.84 33.92
N LEU E 211 21.87 -18.58 34.26
CA LEU E 211 22.71 -18.26 35.40
C LEU E 211 22.04 -18.65 36.71
N PRO E 212 22.84 -19.06 37.71
CA PRO E 212 24.30 -19.19 37.63
C PRO E 212 24.76 -20.59 37.24
N HIS E 213 23.81 -21.49 36.97
CA HIS E 213 24.15 -22.88 36.71
C HIS E 213 24.86 -23.01 35.37
N PRO E 214 25.90 -23.83 35.28
CA PRO E 214 26.59 -24.03 34.00
C PRO E 214 25.79 -24.95 33.08
N THR E 215 26.13 -24.87 31.80
CA THR E 215 25.47 -25.64 30.76
C THR E 215 26.32 -26.86 30.42
N ASN E 216 25.84 -28.04 30.82
CA ASN E 216 26.52 -29.30 30.54
C ASN E 216 25.89 -30.07 29.39
N GLY E 217 24.63 -29.80 29.07
CA GLY E 217 23.96 -30.54 28.02
C GLY E 217 23.85 -32.02 28.28
N GLY E 218 23.73 -32.42 29.54
CA GLY E 218 23.69 -33.83 29.90
C GLY E 218 25.05 -34.48 30.02
N THR E 219 26.14 -33.79 29.66
CA THR E 219 27.47 -34.35 29.77
C THR E 219 28.04 -34.06 31.16
N THR E 220 29.30 -34.43 31.36
CA THR E 220 29.98 -34.24 32.63
C THR E 220 31.25 -33.42 32.47
N TRP E 221 31.40 -32.68 31.37
CA TRP E 221 32.65 -31.99 31.09
C TRP E 221 32.45 -30.75 30.24
N LEU E 222 31.23 -30.54 29.72
CA LEU E 222 31.01 -29.43 28.80
C LEU E 222 31.20 -28.08 29.49
N HIS E 223 30.99 -28.02 30.80
CA HIS E 223 31.21 -26.77 31.54
C HIS E 223 32.69 -26.44 31.66
N GLU E 224 33.57 -27.43 31.49
CA GLU E 224 35.01 -27.17 31.55
C GLU E 224 35.51 -26.46 30.30
N ASP E 225 34.84 -26.66 29.16
CA ASP E 225 35.25 -26.07 27.90
C ASP E 225 34.30 -25.00 27.39
N ARG E 226 33.07 -24.96 27.87
CA ARG E 226 32.08 -23.95 27.47
C ARG E 226 31.45 -23.38 28.74
N SER E 227 31.87 -22.18 29.13
CA SER E 227 31.38 -21.54 30.35
C SER E 227 30.31 -20.51 30.00
N VAL E 228 29.21 -20.52 30.74
CA VAL E 228 28.13 -19.57 30.54
C VAL E 228 28.48 -18.26 31.24
N GLU E 229 28.18 -17.15 30.59
CA GLU E 229 28.49 -15.83 31.13
C GLU E 229 27.29 -14.91 31.28
N LYS E 230 26.17 -15.21 30.61
CA LYS E 230 24.95 -14.43 30.77
C LYS E 230 23.76 -15.30 30.43
N ASP E 231 22.59 -14.86 30.89
CA ASP E 231 21.35 -15.59 30.63
C ASP E 231 21.07 -15.65 29.14
N SER E 232 20.43 -16.75 28.73
CA SER E 232 20.06 -16.92 27.33
C SER E 232 18.91 -15.98 26.97
N ALA E 233 18.51 -16.01 25.70
CA ALA E 233 17.46 -15.11 25.24
C ALA E 233 16.12 -15.49 25.83
N VAL E 234 15.87 -16.78 26.02
CA VAL E 234 14.58 -17.21 26.57
C VAL E 234 14.57 -17.08 28.10
N VAL E 235 15.69 -17.37 28.75
CA VAL E 235 15.74 -17.31 30.21
C VAL E 235 15.69 -15.87 30.69
N SER E 236 16.33 -14.95 29.95
CA SER E 236 16.30 -13.55 30.35
C SER E 236 14.90 -12.95 30.19
N LYS E 237 14.10 -13.48 29.26
CA LYS E 237 12.72 -13.02 29.14
C LYS E 237 11.86 -13.56 30.28
N LEU E 238 12.02 -14.84 30.61
CA LEU E 238 11.28 -15.41 31.73
C LEU E 238 11.69 -14.78 33.05
N ARG E 239 12.98 -14.47 33.21
CA ARG E 239 13.44 -13.83 34.44
C ARG E 239 12.94 -12.40 34.56
N SER E 240 12.64 -11.74 33.44
CA SER E 240 12.12 -10.37 33.47
C SER E 240 10.65 -10.31 33.84
N CYS E 241 9.94 -11.43 33.81
CA CYS E 241 8.54 -11.46 34.17
C CYS E 241 8.30 -11.81 35.64
N GLY E 242 9.35 -12.13 36.38
CA GLY E 242 9.22 -12.55 37.76
C GLY E 242 9.18 -14.04 37.97
N ALA E 243 9.34 -14.84 36.91
CA ALA E 243 9.35 -16.28 37.06
C ALA E 243 10.54 -16.73 37.89
N ILE E 244 10.43 -17.92 38.45
CA ILE E 244 11.46 -18.49 39.32
C ILE E 244 12.07 -19.67 38.60
N LEU E 245 13.32 -19.52 38.16
CA LEU E 245 14.03 -20.62 37.50
C LEU E 245 14.39 -21.67 38.55
N LEU E 246 13.82 -22.87 38.40
CA LEU E 246 14.01 -23.91 39.39
C LEU E 246 15.40 -24.52 39.30
N GLY E 247 15.80 -24.96 38.10
CA GLY E 247 17.11 -25.56 37.92
C GLY E 247 17.24 -26.13 36.53
N LYS E 248 18.36 -26.82 36.32
CA LYS E 248 18.67 -27.43 35.03
C LYS E 248 18.19 -28.89 35.03
N ALA E 249 17.24 -29.20 34.15
CA ALA E 249 16.62 -30.51 34.14
C ALA E 249 17.55 -31.55 33.52
N ASN E 250 17.23 -32.81 33.77
CA ASN E 250 17.94 -33.91 33.13
C ASN E 250 17.54 -34.01 31.66
N MET E 251 18.41 -34.64 30.88
CA MET E 251 18.19 -34.74 29.44
C MET E 251 19.02 -35.89 28.89
N HIS E 252 18.62 -36.36 27.72
CA HIS E 252 19.46 -37.28 26.97
C HIS E 252 20.71 -36.55 26.50
N GLU E 253 21.86 -37.21 26.60
CA GLU E 253 23.15 -36.54 26.41
C GLU E 253 23.25 -35.86 25.05
N LEU E 254 23.33 -34.52 25.07
CA LEU E 254 23.49 -33.69 23.88
C LEU E 254 22.32 -33.83 22.90
N GLY E 255 21.21 -34.40 23.36
CA GLY E 255 20.06 -34.59 22.48
C GLY E 255 20.24 -35.67 21.45
N MET E 256 21.17 -36.61 21.66
CA MET E 256 21.42 -37.69 20.70
C MET E 256 20.61 -38.93 21.07
N GLY E 257 19.29 -38.76 21.10
CA GLY E 257 18.40 -39.84 21.44
C GLY E 257 17.03 -39.34 21.86
N THR E 258 16.01 -40.19 21.69
CA THR E 258 14.63 -39.84 22.02
C THR E 258 14.07 -40.74 23.11
N THR E 259 14.92 -41.20 24.02
CA THR E 259 14.49 -42.07 25.11
C THR E 259 14.70 -41.48 26.49
N GLY E 260 15.68 -40.59 26.67
CA GLY E 260 15.97 -40.03 27.97
C GLY E 260 16.95 -40.83 28.80
N ASN E 261 17.65 -41.80 28.21
CA ASN E 261 18.64 -42.58 28.91
C ASN E 261 19.91 -41.75 29.09
N ASN E 262 20.30 -41.53 30.34
CA ASN E 262 21.52 -40.79 30.67
C ASN E 262 22.34 -41.68 31.61
N SER E 263 23.41 -42.28 31.08
CA SER E 263 24.24 -43.19 31.86
C SER E 263 25.18 -42.47 32.81
N ASN E 264 25.20 -41.14 32.79
CA ASN E 264 26.06 -40.37 33.69
C ASN E 264 25.33 -39.83 34.90
N TYR E 265 24.09 -39.35 34.72
CA TYR E 265 23.30 -38.83 35.82
C TYR E 265 22.15 -39.73 36.23
N GLY E 266 21.79 -40.70 35.41
CA GLY E 266 20.67 -41.56 35.71
C GLY E 266 19.48 -41.26 34.81
N THR E 267 18.69 -42.29 34.52
CA THR E 267 17.55 -42.15 33.62
C THR E 267 16.34 -41.64 34.39
N THR E 268 15.76 -40.54 33.93
CA THR E 268 14.54 -40.04 34.54
C THR E 268 13.37 -40.96 34.18
N ARG E 269 12.53 -41.24 35.18
CA ARG E 269 11.45 -42.21 35.03
C ARG E 269 10.13 -41.50 34.78
N ASN E 270 9.26 -42.18 34.04
CA ASN E 270 7.97 -41.59 33.68
C ASN E 270 7.08 -41.48 34.91
N PRO E 271 6.50 -40.31 35.18
CA PRO E 271 5.62 -40.19 36.36
C PRO E 271 4.41 -41.10 36.30
N HIS E 272 3.95 -41.49 35.10
CA HIS E 272 2.82 -42.39 35.00
C HIS E 272 3.21 -43.84 35.26
N ASP E 273 4.46 -44.20 35.00
CA ASP E 273 4.95 -45.55 35.26
C ASP E 273 6.47 -45.51 35.39
N PRO E 274 7.00 -45.61 36.62
CA PRO E 274 8.45 -45.42 36.81
C PRO E 274 9.31 -46.49 36.15
N LYS E 275 8.75 -47.62 35.75
CA LYS E 275 9.50 -48.66 35.05
C LYS E 275 9.53 -48.46 33.54
N ARG E 276 9.13 -47.29 33.05
CA ARG E 276 9.08 -47.01 31.62
C ARG E 276 9.83 -45.71 31.33
N TYR E 277 10.07 -45.48 30.04
CA TYR E 277 10.83 -44.33 29.59
C TYR E 277 9.98 -43.06 29.63
N THR E 278 10.68 -41.93 29.71
CA THR E 278 10.04 -40.62 29.64
C THR E 278 9.92 -40.09 28.22
N GLY E 279 10.77 -40.55 27.33
CA GLY E 279 10.92 -39.89 26.04
C GLY E 279 12.04 -38.86 26.08
N GLY E 280 12.69 -38.69 24.93
CA GLY E 280 13.81 -37.78 24.83
C GLY E 280 13.59 -36.63 23.87
N SER E 281 14.47 -35.64 23.93
CA SER E 281 15.60 -35.67 24.86
C SER E 281 15.31 -34.84 26.11
N SER E 282 14.12 -34.25 26.18
CA SER E 282 13.72 -33.46 27.35
C SER E 282 13.07 -34.37 28.40
N SER E 283 13.87 -35.32 28.89
CA SER E 283 13.36 -36.30 29.84
C SER E 283 13.05 -35.66 31.19
N GLY E 284 13.96 -34.82 31.68
CA GLY E 284 13.74 -34.19 32.98
C GLY E 284 12.67 -33.12 32.94
N SER E 285 12.64 -32.33 31.86
CA SER E 285 11.68 -31.23 31.77
C SER E 285 10.25 -31.76 31.67
N ALA E 286 10.06 -32.88 30.98
CA ALA E 286 8.72 -33.41 30.81
C ALA E 286 8.22 -34.09 32.08
N ALA E 287 9.12 -34.78 32.79
CA ALA E 287 8.72 -35.52 33.99
C ALA E 287 8.45 -34.59 35.17
N ILE E 288 9.23 -33.53 35.32
CA ILE E 288 9.01 -32.60 36.43
C ILE E 288 7.74 -31.79 36.24
N VAL E 289 7.26 -31.66 34.99
CA VAL E 289 6.00 -30.97 34.74
C VAL E 289 4.82 -31.91 34.97
N ALA E 290 4.93 -33.15 34.51
CA ALA E 290 3.86 -34.12 34.68
C ALA E 290 3.70 -34.57 36.12
N ALA E 291 4.71 -34.35 36.97
CA ALA E 291 4.65 -34.69 38.38
C ALA E 291 4.13 -33.56 39.24
N GLY E 292 3.69 -32.45 38.63
CA GLY E 292 3.11 -31.35 39.37
C GLY E 292 4.09 -30.52 40.18
N LEU E 293 5.39 -30.69 39.97
CA LEU E 293 6.37 -29.94 40.74
C LEU E 293 6.50 -28.50 40.24
N CYS E 294 6.42 -28.28 38.93
CA CYS E 294 6.47 -26.94 38.37
C CYS E 294 5.34 -26.77 37.37
N SER E 295 5.08 -25.50 37.02
CA SER E 295 3.98 -25.21 36.11
C SER E 295 4.36 -25.45 34.65
N ALA E 296 5.55 -25.00 34.24
CA ALA E 296 6.00 -25.16 32.87
C ALA E 296 7.50 -25.38 32.85
N ALA E 297 8.02 -25.68 31.66
CA ALA E 297 9.44 -25.92 31.47
C ALA E 297 9.81 -25.57 30.03
N LEU E 298 11.07 -25.23 29.84
CA LEU E 298 11.61 -24.90 28.52
C LEU E 298 12.46 -26.06 28.01
N GLY E 299 12.24 -26.44 26.75
CA GLY E 299 13.01 -27.50 26.13
C GLY E 299 13.23 -27.20 24.66
N THR E 300 14.18 -27.93 24.09
CA THR E 300 14.52 -27.78 22.68
C THR E 300 13.90 -28.91 21.87
N ASP E 301 13.69 -28.65 20.57
CA ASP E 301 13.06 -29.61 19.66
C ASP E 301 13.73 -29.52 18.30
N GLY E 302 14.76 -30.33 18.09
CA GLY E 302 15.38 -30.50 16.80
C GLY E 302 15.08 -31.82 16.13
N GLY E 303 14.17 -32.61 16.67
CA GLY E 303 13.82 -33.92 16.14
C GLY E 303 12.69 -34.53 16.94
N GLY E 304 11.98 -33.70 17.68
CA GLY E 304 10.88 -34.13 18.51
C GLY E 304 11.14 -34.14 20.00
N SER E 305 12.20 -33.49 20.46
CA SER E 305 12.56 -33.55 21.88
C SER E 305 11.60 -32.79 22.78
N VAL E 306 10.63 -32.07 22.23
CA VAL E 306 9.58 -31.43 23.02
C VAL E 306 8.26 -32.17 22.92
N ARG E 307 7.96 -32.72 21.75
CA ARG E 307 6.68 -33.37 21.53
C ARG E 307 6.69 -34.85 21.88
N ILE E 308 7.82 -35.54 21.69
CA ILE E 308 7.92 -36.96 22.00
C ILE E 308 7.75 -37.20 23.50
N PRO E 309 8.53 -36.57 24.39
CA PRO E 309 8.32 -36.80 25.82
C PRO E 309 7.04 -36.18 26.36
N SER E 310 6.39 -35.29 25.60
CA SER E 310 5.14 -34.71 26.07
C SER E 310 3.97 -35.66 25.86
N ALA E 311 3.99 -36.42 24.77
CA ALA E 311 2.94 -37.41 24.54
C ALA E 311 3.11 -38.62 25.46
N LEU E 312 4.34 -38.99 25.77
CA LEU E 312 4.60 -40.15 26.61
C LEU E 312 4.32 -39.87 28.08
N CYS E 313 4.47 -38.62 28.52
CA CYS E 313 4.16 -38.23 29.89
C CYS E 313 2.79 -37.58 30.05
N GLY E 314 2.08 -37.32 28.95
CA GLY E 314 0.74 -36.79 29.02
C GLY E 314 0.66 -35.32 29.36
N ILE E 315 1.44 -34.50 28.64
CA ILE E 315 1.44 -33.06 28.82
C ILE E 315 1.44 -32.41 27.43
N THR E 316 1.35 -31.09 27.41
CA THR E 316 1.33 -30.31 26.17
C THR E 316 2.72 -29.79 25.87
N GLY E 317 3.21 -30.07 24.66
CA GLY E 317 4.48 -29.55 24.22
C GLY E 317 4.35 -28.74 22.94
N LEU E 318 4.73 -27.47 23.00
CA LEU E 318 4.56 -26.54 21.89
C LEU E 318 5.86 -26.41 21.11
N LYS E 319 5.83 -26.81 19.84
CA LYS E 319 6.96 -26.65 18.93
C LYS E 319 6.66 -25.44 18.03
N THR E 320 7.51 -24.42 18.12
CA THR E 320 7.29 -23.17 17.40
C THR E 320 7.94 -23.21 16.01
N THR E 321 7.54 -22.27 15.16
CA THR E 321 8.13 -22.11 13.84
C THR E 321 9.61 -21.80 13.97
N TYR E 322 10.40 -22.29 13.01
CA TYR E 322 11.83 -22.04 13.02
C TYR E 322 12.10 -20.53 12.95
N GLY E 323 12.87 -20.03 13.91
CA GLY E 323 13.19 -18.62 14.00
C GLY E 323 12.23 -17.80 14.86
N ARG E 324 11.08 -18.37 15.25
CA ARG E 324 10.14 -17.61 16.07
C ARG E 324 10.72 -17.28 17.44
N THR E 325 11.37 -18.25 18.07
CA THR E 325 11.93 -18.09 19.41
C THR E 325 13.44 -17.95 19.34
N ASP E 326 13.96 -16.91 19.96
CA ASP E 326 15.40 -16.65 19.94
C ASP E 326 16.15 -17.75 20.68
N MET E 327 17.11 -18.36 20.00
CA MET E 327 17.92 -19.45 20.55
C MET E 327 19.27 -18.97 21.07
N THR E 328 19.47 -17.67 21.22
CA THR E 328 20.76 -17.14 21.65
C THR E 328 21.07 -17.62 23.06
N GLY E 329 22.16 -18.37 23.19
CA GLY E 329 22.58 -18.88 24.48
C GLY E 329 22.13 -20.29 24.74
N SER E 330 22.45 -21.20 23.83
CA SER E 330 22.13 -22.61 24.01
C SER E 330 23.10 -23.42 23.16
N LEU E 331 23.00 -24.75 23.27
CA LEU E 331 23.87 -25.64 22.52
C LEU E 331 23.38 -25.91 21.11
N CYS E 332 22.18 -25.45 20.76
CA CYS E 332 21.58 -25.73 19.46
C CYS E 332 21.39 -24.49 18.61
N GLU E 333 21.96 -23.35 19.00
CA GLU E 333 21.86 -22.15 18.19
C GLU E 333 22.64 -22.32 16.90
N GLY E 334 22.19 -21.62 15.86
CA GLY E 334 22.82 -21.70 14.57
C GLY E 334 22.48 -22.93 13.76
N GLY E 335 21.67 -23.85 14.30
CA GLY E 335 21.27 -25.03 13.56
C GLY E 335 20.28 -24.73 12.47
N THR E 336 19.56 -25.76 12.00
CA THR E 336 18.57 -25.58 10.96
C THR E 336 17.25 -26.30 11.26
N VAL E 337 17.12 -26.93 12.42
CA VAL E 337 15.92 -27.68 12.76
C VAL E 337 15.46 -27.37 14.18
N GLU E 338 16.40 -26.97 15.03
CA GLU E 338 16.11 -26.81 16.45
C GLU E 338 15.38 -25.49 16.73
N ILE E 339 14.55 -25.52 17.77
CA ILE E 339 13.87 -24.35 18.30
C ILE E 339 13.80 -24.47 19.81
N ILE E 340 13.21 -23.46 20.47
CA ILE E 340 12.96 -23.49 21.90
C ILE E 340 11.45 -23.55 22.09
N GLY E 341 10.97 -24.61 22.76
CA GLY E 341 9.57 -24.79 22.97
C GLY E 341 9.23 -25.06 24.42
N PRO E 342 8.04 -24.65 24.85
CA PRO E 342 7.62 -24.89 26.24
C PRO E 342 6.86 -26.19 26.43
N LEU E 343 7.14 -26.85 27.55
CA LEU E 343 6.39 -28.01 28.01
C LEU E 343 5.58 -27.58 29.22
N ALA E 344 4.27 -27.78 29.16
CA ALA E 344 3.39 -27.35 30.25
C ALA E 344 2.36 -28.44 30.52
N SER E 345 1.74 -28.33 31.70
CA SER E 345 0.74 -29.31 32.11
C SER E 345 -0.61 -29.10 31.41
N SER E 346 -0.84 -27.92 30.83
CA SER E 346 -2.08 -27.65 30.12
C SER E 346 -1.79 -26.71 28.96
N LEU E 347 -2.82 -26.43 28.16
CA LEU E 347 -2.68 -25.52 27.04
C LEU E 347 -2.55 -24.08 27.52
N GLU E 348 -3.27 -23.72 28.59
CA GLU E 348 -3.25 -22.35 29.09
C GLU E 348 -1.86 -21.97 29.59
N ASP E 349 -1.14 -22.92 30.19
CA ASP E 349 0.18 -22.62 30.72
C ASP E 349 1.21 -22.51 29.59
N ALA E 350 1.10 -23.38 28.58
CA ALA E 350 2.05 -23.33 27.47
C ALA E 350 1.83 -22.08 26.62
N PHE E 351 0.60 -21.56 26.57
CA PHE E 351 0.34 -20.35 25.80
C PHE E 351 0.93 -19.12 26.49
N LEU E 352 0.89 -19.09 27.83
CA LEU E 352 1.43 -17.94 28.55
C LEU E 352 2.95 -17.89 28.45
N VAL E 353 3.61 -19.05 28.54
CA VAL E 353 5.07 -19.06 28.42
C VAL E 353 5.48 -18.70 27.00
N TYR E 354 4.76 -19.20 26.00
CA TYR E 354 5.03 -18.80 24.62
C TYR E 354 4.94 -17.29 24.46
N ALA E 355 3.92 -16.68 25.06
CA ALA E 355 3.77 -15.23 24.98
C ALA E 355 4.93 -14.49 25.62
N ALA E 356 5.70 -15.15 26.48
CA ALA E 356 6.79 -14.50 27.20
C ALA E 356 8.15 -14.70 26.54
N ILE E 357 8.37 -15.83 25.87
CA ILE E 357 9.67 -16.15 25.30
C ILE E 357 9.73 -15.95 23.80
N LEU E 358 8.61 -15.62 23.15
CA LEU E 358 8.63 -15.44 21.71
C LEU E 358 9.39 -14.17 21.34
N GLY E 359 9.99 -14.19 20.15
CA GLY E 359 10.78 -13.07 19.68
C GLY E 359 11.96 -13.51 18.86
N SER E 360 11.89 -13.28 17.55
CA SER E 360 12.98 -13.67 16.66
C SER E 360 14.24 -12.85 16.96
N SER E 361 15.39 -13.48 16.73
CA SER E 361 16.66 -12.80 16.93
C SER E 361 16.86 -11.73 15.85
N SER E 362 17.85 -10.87 16.08
CA SER E 362 18.11 -9.79 15.13
C SER E 362 18.55 -10.33 13.78
N ALA E 363 19.21 -11.48 13.75
CA ALA E 363 19.62 -12.07 12.48
C ALA E 363 18.45 -12.71 11.75
N ASP E 364 17.67 -13.55 12.46
CA ASP E 364 16.54 -14.22 11.84
C ASP E 364 15.44 -13.25 11.43
N ARG E 365 15.41 -12.04 12.02
CA ARG E 365 14.42 -11.05 11.62
C ARG E 365 14.64 -10.63 10.17
N TYR E 366 15.89 -10.55 9.74
CA TYR E 366 16.20 -10.15 8.37
C TYR E 366 16.13 -11.32 7.40
N ASN E 367 16.68 -12.48 7.79
CA ASN E 367 16.80 -13.59 6.85
C ASN E 367 15.47 -14.33 6.67
N LEU E 368 14.74 -14.57 7.76
CA LEU E 368 13.52 -15.37 7.68
C LEU E 368 12.26 -14.56 7.48
N LYS E 369 12.30 -13.24 7.76
CA LYS E 369 11.16 -12.34 7.57
C LYS E 369 9.90 -12.88 8.26
N PRO E 370 9.88 -12.92 9.58
CA PRO E 370 8.71 -13.49 10.28
C PRO E 370 7.54 -12.53 10.35
N SER E 371 6.34 -13.10 10.30
CA SER E 371 5.12 -12.33 10.46
C SER E 371 4.98 -11.88 11.91
N PRO E 372 4.19 -10.84 12.16
CA PRO E 372 3.96 -10.40 13.54
C PRO E 372 3.33 -11.51 14.37
N PRO E 373 3.81 -11.74 15.58
CA PRO E 373 3.27 -12.82 16.41
C PRO E 373 1.77 -12.62 16.68
N CYS E 374 1.07 -13.75 16.82
CA CYS E 374 -0.36 -13.74 17.03
C CYS E 374 -0.73 -14.55 18.26
N PHE E 375 -1.80 -14.14 18.93
CA PHE E 375 -2.36 -14.85 20.06
C PHE E 375 -3.80 -15.25 19.70
N PRO E 376 -4.15 -16.54 19.77
CA PRO E 376 -5.52 -16.94 19.43
C PRO E 376 -6.50 -16.47 20.48
N LYS E 377 -7.73 -16.19 20.03
CA LYS E 377 -8.80 -15.77 20.92
C LYS E 377 -9.47 -17.03 21.49
N LEU E 378 -8.96 -17.47 22.66
CA LEU E 378 -9.49 -18.67 23.29
C LEU E 378 -10.92 -18.47 23.78
N LEU E 379 -11.32 -17.23 24.04
CA LEU E 379 -12.73 -16.88 24.25
C LEU E 379 -13.24 -16.16 23.02
N SER E 380 -14.41 -16.56 22.54
CA SER E 380 -15.00 -15.94 21.36
C SER E 380 -16.43 -16.44 21.15
N HIS E 381 -17.34 -15.75 21.83
CA HIS E 381 -18.76 -16.00 21.77
C HIS E 381 -19.11 -15.76 20.33
N ASN E 382 -18.76 -14.59 19.77
CA ASN E 382 -19.07 -14.46 18.36
C ASN E 382 -19.06 -15.88 17.80
N GLY E 383 -20.01 -16.16 16.90
CA GLY E 383 -20.11 -17.49 16.33
C GLY E 383 -18.76 -18.13 16.12
N SER E 384 -18.39 -19.07 16.99
CA SER E 384 -17.04 -19.63 16.95
C SER E 384 -16.88 -20.52 15.74
N ASN E 385 -16.81 -19.89 14.56
CA ASN E 385 -16.66 -20.57 13.29
C ASN E 385 -15.22 -20.61 12.81
N ALA E 386 -14.28 -20.12 13.62
CA ALA E 386 -12.87 -20.18 13.23
C ALA E 386 -12.33 -21.60 13.32
N ILE E 387 -12.75 -22.34 14.35
CA ILE E 387 -12.29 -23.71 14.50
C ILE E 387 -13.01 -24.64 13.53
N GLY E 388 -14.29 -24.36 13.26
CA GLY E 388 -15.05 -25.22 12.37
C GLY E 388 -14.68 -25.07 10.91
N SER E 389 -14.18 -23.91 10.51
CA SER E 389 -13.77 -23.65 9.14
C SER E 389 -12.35 -24.08 8.86
N LEU E 390 -11.90 -25.19 9.44
CA LEU E 390 -10.55 -25.69 9.27
C LEU E 390 -10.58 -27.05 8.58
N ARG E 391 -9.72 -27.23 7.59
CA ARG E 391 -9.54 -28.51 6.92
C ARG E 391 -8.38 -29.24 7.59
N LEU E 392 -8.67 -30.38 8.22
CA LEU E 392 -7.66 -31.15 8.93
C LEU E 392 -7.09 -32.20 7.98
N GLY E 393 -5.83 -32.03 7.60
CA GLY E 393 -5.21 -33.00 6.71
C GLY E 393 -4.87 -34.29 7.43
N LYS E 394 -5.13 -35.41 6.75
CA LYS E 394 -4.89 -36.72 7.34
C LYS E 394 -4.43 -37.69 6.25
N TYR E 395 -3.29 -38.33 6.49
CA TYR E 395 -2.78 -39.39 5.62
C TYR E 395 -3.14 -40.72 6.28
N THR E 396 -4.17 -41.39 5.76
CA THR E 396 -4.70 -42.58 6.42
C THR E 396 -3.64 -43.67 6.55
N LYS E 397 -2.90 -43.93 5.47
CA LYS E 397 -1.81 -44.90 5.54
C LYS E 397 -0.80 -44.52 6.60
N TRP E 398 -0.40 -43.23 6.63
CA TRP E 398 0.55 -42.75 7.62
C TRP E 398 -0.08 -42.67 9.01
N PHE E 399 -1.39 -42.50 9.08
CA PHE E 399 -2.07 -42.28 10.36
C PHE E 399 -2.12 -43.56 11.19
N ASN E 400 -2.38 -44.70 10.54
CA ASN E 400 -2.59 -45.95 11.24
C ASN E 400 -1.35 -46.81 11.32
N ASP E 401 -0.24 -46.39 10.72
CA ASP E 401 1.02 -47.14 10.81
C ASP E 401 1.63 -46.87 12.18
N VAL E 402 1.13 -47.59 13.18
CA VAL E 402 1.58 -47.46 14.55
C VAL E 402 1.69 -48.85 15.16
N SER E 403 2.57 -48.98 16.15
CA SER E 403 2.78 -50.23 16.86
C SER E 403 1.80 -50.44 18.01
N SER E 404 0.62 -49.82 17.94
CA SER E 404 -0.40 -49.96 18.98
C SER E 404 -1.73 -49.52 18.38
N SER E 405 -2.69 -50.45 18.31
CA SER E 405 -4.00 -50.14 17.74
C SER E 405 -4.80 -49.15 18.59
N ASP E 406 -4.37 -48.90 19.83
CA ASP E 406 -5.11 -47.97 20.68
C ASP E 406 -4.88 -46.53 20.27
N ILE E 407 -3.63 -46.16 19.95
CA ILE E 407 -3.32 -44.76 19.67
C ILE E 407 -3.85 -44.36 18.30
N SER E 408 -4.04 -45.32 17.38
CA SER E 408 -4.58 -44.98 16.08
C SER E 408 -6.07 -44.69 16.14
N ASP E 409 -6.78 -45.28 17.12
CA ASP E 409 -8.20 -45.08 17.27
C ASP E 409 -8.55 -43.97 18.25
N LYS E 410 -7.76 -43.78 19.31
CA LYS E 410 -8.03 -42.70 20.24
C LYS E 410 -7.85 -41.35 19.59
N CYS E 411 -6.88 -41.23 18.68
CA CYS E 411 -6.76 -40.01 17.89
C CYS E 411 -7.87 -39.91 16.84
N GLU E 412 -8.31 -41.06 16.32
CA GLU E 412 -9.43 -41.05 15.37
C GLU E 412 -10.72 -40.60 16.04
N ASP E 413 -10.87 -40.86 17.34
CA ASP E 413 -12.05 -40.39 18.05
C ASP E 413 -12.06 -38.87 18.15
N ILE E 414 -10.89 -38.25 18.34
CA ILE E 414 -10.83 -36.80 18.45
C ILE E 414 -11.20 -36.15 17.11
N LEU E 415 -10.88 -36.81 16.00
CA LEU E 415 -11.19 -36.26 14.68
C LEU E 415 -12.69 -36.17 14.46
N LYS E 416 -13.40 -37.28 14.70
CA LYS E 416 -14.85 -37.25 14.56
C LYS E 416 -15.51 -36.39 15.64
N LEU E 417 -14.88 -36.30 16.81
CA LEU E 417 -15.37 -35.38 17.84
C LEU E 417 -15.27 -33.93 17.38
N LEU E 418 -14.17 -33.57 16.72
CA LEU E 418 -14.02 -32.22 16.20
C LEU E 418 -14.99 -31.94 15.07
N SER E 419 -15.30 -32.95 14.25
CA SER E 419 -16.17 -32.73 13.10
C SER E 419 -17.60 -32.47 13.52
N ASN E 420 -18.06 -33.10 14.60
CA ASN E 420 -19.45 -32.93 15.03
C ASN E 420 -19.61 -31.70 15.90
N ASN E 421 -18.76 -31.54 16.91
CA ASN E 421 -18.91 -30.46 17.88
C ASN E 421 -18.50 -29.09 17.33
N HIS E 422 -17.84 -29.03 16.17
CA HIS E 422 -17.43 -27.75 15.61
C HIS E 422 -17.70 -27.60 14.12
N GLY E 423 -17.64 -28.66 13.33
CA GLY E 423 -17.88 -28.58 11.90
C GLY E 423 -16.65 -28.73 11.02
N CYS E 424 -15.54 -29.23 11.56
CA CYS E 424 -14.33 -29.39 10.76
C CYS E 424 -14.51 -30.47 9.71
N LYS E 425 -13.67 -30.40 8.67
CA LYS E 425 -13.63 -31.41 7.63
C LYS E 425 -12.27 -32.06 7.60
N VAL E 426 -12.24 -33.38 7.58
CA VAL E 426 -11.00 -34.15 7.51
C VAL E 426 -10.70 -34.43 6.05
N VAL E 427 -9.65 -33.81 5.52
CA VAL E 427 -9.24 -33.96 4.13
C VAL E 427 -8.12 -34.98 4.05
N GLU E 428 -8.21 -35.87 3.06
CA GLU E 428 -7.19 -36.89 2.84
C GLU E 428 -6.06 -36.32 2.01
N ILE E 429 -4.84 -36.43 2.53
CA ILE E 429 -3.65 -35.92 1.86
C ILE E 429 -2.66 -37.08 1.69
N VAL E 430 -1.56 -36.78 0.98
CA VAL E 430 -0.48 -37.72 0.78
C VAL E 430 0.84 -36.98 0.99
N VAL E 431 1.76 -37.62 1.72
CA VAL E 431 3.07 -37.04 2.02
C VAL E 431 4.13 -37.86 1.29
N PRO E 432 4.50 -37.47 0.07
CA PRO E 432 5.45 -38.29 -0.70
C PRO E 432 6.85 -38.27 -0.10
N GLU E 433 7.63 -39.27 -0.48
CA GLU E 433 9.05 -39.38 -0.13
C GLU E 433 9.26 -39.26 1.38
N LEU E 434 8.61 -40.16 2.12
CA LEU E 434 8.73 -40.16 3.56
C LEU E 434 10.07 -40.73 4.03
N GLU E 435 10.70 -41.59 3.22
CA GLU E 435 12.00 -42.12 3.61
C GLU E 435 13.11 -41.07 3.42
N GLU E 436 13.00 -40.26 2.38
CA GLU E 436 13.98 -39.19 2.17
C GLU E 436 13.91 -38.16 3.28
N MET E 437 12.70 -37.88 3.79
CA MET E 437 12.56 -36.92 4.88
C MET E 437 13.29 -37.38 6.13
N ARG E 438 13.34 -38.69 6.36
CA ARG E 438 14.06 -39.23 7.51
C ARG E 438 15.56 -39.23 7.28
N ALA E 439 15.99 -39.60 6.07
CA ALA E 439 17.42 -39.67 5.78
C ALA E 439 18.05 -38.28 5.74
N ALA E 440 17.35 -37.30 5.15
CA ALA E 440 17.87 -35.94 5.12
C ALA E 440 17.83 -35.27 6.49
N HIS E 441 16.99 -35.76 7.41
CA HIS E 441 16.89 -35.15 8.72
C HIS E 441 18.04 -35.59 9.62
N VAL E 442 18.34 -36.89 9.65
CA VAL E 442 19.35 -37.42 10.57
C VAL E 442 20.71 -36.81 10.29
N ILE E 443 20.98 -36.44 9.05
CA ILE E 443 22.24 -35.79 8.71
C ILE E 443 22.17 -34.28 8.94
N SER E 444 20.98 -33.69 8.86
CA SER E 444 20.84 -32.25 9.09
C SER E 444 20.88 -31.90 10.57
N ILE E 445 20.69 -32.86 11.46
CA ILE E 445 20.71 -32.60 12.90
C ILE E 445 22.06 -33.00 13.45
N GLY E 446 22.68 -34.03 12.86
CA GLY E 446 23.94 -34.55 13.35
C GLY E 446 25.15 -33.74 12.94
N SER E 447 25.15 -33.24 11.70
CA SER E 447 26.29 -32.47 11.21
C SER E 447 26.54 -31.20 12.02
N PRO E 448 25.54 -30.35 12.31
CA PRO E 448 25.84 -29.19 13.17
C PRO E 448 26.24 -29.60 14.57
N THR E 449 25.60 -30.62 15.12
CA THR E 449 25.94 -31.08 16.47
C THR E 449 27.34 -31.65 16.53
N LEU E 450 27.70 -32.51 15.56
CA LEU E 450 29.03 -33.09 15.55
C LEU E 450 30.10 -32.03 15.30
N SER E 451 29.85 -31.12 14.37
CA SER E 451 30.82 -30.06 14.10
C SER E 451 31.00 -29.15 15.30
N SER E 452 29.96 -28.99 16.12
CA SER E 452 30.06 -28.12 17.28
C SER E 452 31.08 -28.66 18.28
N LEU E 453 31.02 -29.96 18.56
CA LEU E 453 31.89 -30.59 19.55
C LEU E 453 33.15 -31.19 18.95
N THR E 454 33.36 -31.03 17.64
CA THR E 454 34.53 -31.62 16.99
C THR E 454 35.84 -31.11 17.59
N PRO E 455 36.04 -29.81 17.83
CA PRO E 455 37.28 -29.40 18.52
C PRO E 455 37.39 -29.94 19.93
N TYR E 456 36.27 -30.21 20.60
CA TYR E 456 36.31 -30.75 21.95
C TYR E 456 36.67 -32.23 21.94
N CYS E 457 36.08 -33.00 21.01
CA CYS E 457 36.35 -34.44 20.98
C CYS E 457 37.80 -34.73 20.58
N GLU E 458 38.36 -33.93 19.68
CA GLU E 458 39.74 -34.13 19.27
C GLU E 458 40.73 -33.68 20.34
N ALA E 459 40.26 -33.00 21.39
CA ALA E 459 41.11 -32.55 22.48
C ALA E 459 41.15 -33.53 23.64
N GLY E 460 40.64 -34.75 23.45
CA GLY E 460 40.68 -35.78 24.47
C GLY E 460 39.39 -35.98 25.25
N LYS E 461 38.35 -35.22 24.96
CA LYS E 461 37.09 -35.31 25.68
C LYS E 461 36.10 -36.25 25.02
N ASN E 462 36.50 -36.97 23.97
CA ASN E 462 35.58 -37.89 23.32
C ASN E 462 35.32 -39.13 24.14
N SER E 463 36.31 -39.57 24.93
CA SER E 463 36.13 -40.73 25.78
C SER E 463 35.23 -40.45 26.97
N LYS E 464 35.08 -39.18 27.35
CA LYS E 464 34.21 -38.80 28.47
C LYS E 464 32.74 -38.74 28.07
N LEU E 465 32.42 -39.03 26.81
CA LEU E 465 31.03 -39.14 26.37
C LEU E 465 30.50 -40.54 26.61
N SER E 466 29.18 -40.64 26.69
CA SER E 466 28.54 -41.94 26.89
C SER E 466 28.66 -42.79 25.63
N TYR E 467 28.45 -44.09 25.79
CA TYR E 467 28.48 -44.98 24.63
C TYR E 467 27.31 -44.72 23.70
N ASP E 468 26.21 -44.17 24.22
CA ASP E 468 25.06 -43.83 23.37
C ASP E 468 25.42 -42.73 22.39
N THR E 469 26.12 -41.69 22.87
CA THR E 469 26.49 -40.59 21.99
C THR E 469 27.59 -40.99 21.01
N ARG E 470 28.61 -41.70 21.50
CA ARG E 470 29.74 -42.08 20.65
C ARG E 470 29.30 -42.98 19.50
N THR E 471 28.23 -43.75 19.69
CA THR E 471 27.67 -44.52 18.59
C THR E 471 27.00 -43.61 17.57
N SER E 472 26.28 -42.59 18.04
CA SER E 472 25.64 -41.65 17.12
C SER E 472 26.69 -40.82 16.38
N PHE E 473 27.76 -40.42 17.06
CA PHE E 473 28.80 -39.62 16.40
C PHE E 473 29.59 -40.43 15.39
N ALA E 474 29.79 -41.72 15.65
CA ALA E 474 30.48 -42.57 14.67
C ALA E 474 29.67 -42.69 13.39
N ILE E 475 28.35 -42.63 13.48
CA ILE E 475 27.51 -42.61 12.29
C ILE E 475 27.56 -41.24 11.62
N PHE E 476 27.57 -40.17 12.41
CA PHE E 476 27.57 -38.82 11.85
C PHE E 476 28.91 -38.50 11.19
N ARG E 477 30.01 -39.03 11.72
CA ARG E 477 31.31 -38.81 11.10
C ARG E 477 31.38 -39.44 9.72
N SER E 478 30.51 -40.41 9.42
CA SER E 478 30.48 -41.05 8.11
C SER E 478 29.79 -40.21 7.05
N PHE E 479 29.10 -39.14 7.43
CA PHE E 479 28.44 -38.27 6.47
C PHE E 479 29.46 -37.30 5.89
N SER E 480 29.66 -37.36 4.57
CA SER E 480 30.60 -36.49 3.89
C SER E 480 29.95 -35.17 3.50
N ALA E 481 30.76 -34.25 2.98
CA ALA E 481 30.24 -32.95 2.56
C ALA E 481 29.28 -33.09 1.39
N SER E 482 29.50 -34.07 0.51
CA SER E 482 28.57 -34.30 -0.58
C SER E 482 27.24 -34.86 -0.07
N ASP E 483 27.27 -35.62 1.03
CA ASP E 483 26.04 -36.15 1.59
C ASP E 483 25.15 -35.04 2.12
N TYR E 484 25.76 -34.02 2.75
CA TYR E 484 24.97 -32.92 3.30
C TYR E 484 24.33 -32.11 2.19
N ILE E 485 25.06 -31.88 1.09
CA ILE E 485 24.51 -31.13 -0.03
C ILE E 485 23.34 -31.87 -0.65
N ALA E 486 23.48 -33.20 -0.80
CA ALA E 486 22.38 -34.00 -1.32
C ALA E 486 21.17 -33.95 -0.40
N ALA E 487 21.41 -33.87 0.92
CA ALA E 487 20.31 -33.79 1.87
C ALA E 487 19.56 -32.47 1.76
N GLN E 488 20.30 -31.37 1.57
CA GLN E 488 19.64 -30.07 1.43
C GLN E 488 18.83 -29.99 0.14
N CYS E 489 19.20 -30.78 -0.87
CA CYS E 489 18.37 -30.85 -2.07
C CYS E 489 17.08 -31.60 -1.81
N LEU E 490 17.11 -32.58 -0.91
CA LEU E 490 15.88 -33.28 -0.53
C LEU E 490 14.97 -32.40 0.32
N ARG E 491 15.55 -31.55 1.18
CA ARG E 491 14.74 -30.66 2.00
C ARG E 491 13.86 -29.76 1.13
N ARG E 492 14.35 -29.37 -0.05
CA ARG E 492 13.53 -28.58 -0.95
C ARG E 492 12.38 -29.40 -1.52
N ARG E 493 12.62 -30.68 -1.81
CA ARG E 493 11.55 -31.53 -2.32
C ARG E 493 10.42 -31.65 -1.32
N LEU E 494 10.76 -31.99 -0.07
CA LEU E 494 9.72 -32.11 0.96
C LEU E 494 9.06 -30.77 1.25
N MET E 495 9.77 -29.66 1.03
CA MET E 495 9.18 -28.35 1.23
C MET E 495 8.14 -28.05 0.16
N GLU E 496 8.48 -28.36 -1.10
CA GLU E 496 7.52 -28.14 -2.18
C GLU E 496 6.30 -29.04 -2.05
N TYR E 497 6.47 -30.21 -1.42
CA TYR E 497 5.33 -31.09 -1.17
C TYR E 497 4.42 -30.51 -0.09
N HIS E 498 4.97 -30.23 1.09
CA HIS E 498 4.14 -29.78 2.21
C HIS E 498 3.50 -28.43 1.91
N LEU E 499 4.19 -27.55 1.20
CA LEU E 499 3.59 -26.27 0.84
C LEU E 499 2.41 -26.47 -0.11
N ASN E 500 2.47 -27.46 -0.99
CA ASN E 500 1.31 -27.78 -1.82
C ASN E 500 0.19 -28.43 -1.02
N ILE E 501 0.54 -29.08 0.09
CA ILE E 501 -0.48 -29.65 0.97
C ILE E 501 -1.21 -28.54 1.70
N PHE E 502 -0.49 -27.53 2.18
CA PHE E 502 -1.12 -26.41 2.88
C PHE E 502 -1.96 -25.55 1.94
N LYS E 503 -1.93 -25.80 0.64
CA LYS E 503 -2.86 -25.13 -0.27
C LYS E 503 -4.29 -25.62 -0.06
N ASP E 504 -4.46 -26.89 0.31
CA ASP E 504 -5.77 -27.50 0.49
C ASP E 504 -6.22 -27.56 1.94
N VAL E 505 -5.31 -27.86 2.87
CA VAL E 505 -5.66 -28.02 4.27
C VAL E 505 -5.05 -26.87 5.08
N ASP E 506 -5.47 -26.77 6.33
CA ASP E 506 -4.94 -25.77 7.26
C ASP E 506 -3.90 -26.36 8.19
N VAL E 507 -4.19 -27.52 8.78
CA VAL E 507 -3.25 -28.23 9.63
C VAL E 507 -3.23 -29.69 9.22
N ILE E 508 -2.21 -30.41 9.71
CA ILE E 508 -2.04 -31.83 9.45
C ILE E 508 -2.02 -32.54 10.81
N VAL E 509 -2.99 -33.43 11.03
CA VAL E 509 -3.15 -34.12 12.30
C VAL E 509 -2.67 -35.56 12.15
N THR E 510 -1.74 -35.95 13.03
CA THR E 510 -1.20 -37.31 13.11
C THR E 510 -0.95 -37.62 14.57
N PRO E 511 -0.88 -38.90 14.93
CA PRO E 511 -0.43 -39.25 16.28
C PRO E 511 1.00 -38.79 16.50
N THR E 512 1.31 -38.43 17.76
CA THR E 512 2.63 -37.90 18.06
C THR E 512 3.70 -38.98 17.93
N THR E 513 3.47 -40.14 18.55
CA THR E 513 4.40 -41.26 18.48
C THR E 513 3.66 -42.50 18.00
N GLY E 514 4.42 -43.49 17.53
CA GLY E 514 3.85 -44.73 17.05
C GLY E 514 3.77 -45.80 18.13
N MET E 515 3.89 -45.40 19.38
CA MET E 515 3.82 -46.31 20.51
C MET E 515 3.65 -45.49 21.78
N THR E 516 3.22 -46.16 22.84
CA THR E 516 3.07 -45.52 24.14
C THR E 516 4.44 -45.47 24.83
N ALA E 517 4.44 -45.17 26.13
CA ALA E 517 5.69 -45.08 26.88
C ALA E 517 6.38 -46.45 26.91
N PRO E 518 7.55 -46.57 26.30
CA PRO E 518 8.22 -47.88 26.25
C PRO E 518 8.90 -48.22 27.58
N VAL E 519 9.05 -49.53 27.80
CA VAL E 519 9.67 -50.03 29.03
C VAL E 519 11.17 -49.90 28.93
N ILE E 520 11.81 -49.66 30.07
CA ILE E 520 13.26 -49.55 30.17
C ILE E 520 13.82 -50.94 30.41
N PRO E 521 14.65 -51.48 29.53
CA PRO E 521 15.33 -52.74 29.82
C PRO E 521 16.29 -52.58 30.98
N PRO E 522 16.30 -53.53 31.91
CA PRO E 522 17.12 -53.36 33.13
C PRO E 522 18.61 -53.32 32.85
N ASP E 523 19.08 -53.89 31.74
CA ASP E 523 20.50 -53.89 31.43
C ASP E 523 20.96 -52.57 30.85
N ALA E 524 20.06 -51.78 30.28
CA ALA E 524 20.42 -50.49 29.69
C ALA E 524 20.85 -49.47 30.74
N LEU E 525 20.42 -49.63 31.98
CA LEU E 525 20.77 -48.69 33.04
C LEU E 525 22.24 -48.80 33.45
N LYS E 526 22.96 -49.81 32.95
CA LYS E 526 24.36 -49.98 33.34
C LYS E 526 25.25 -48.93 32.68
N ASN E 527 25.11 -48.74 31.37
CA ASN E 527 25.93 -47.77 30.65
C ASN E 527 25.25 -47.37 29.34
N GLY E 528 23.98 -47.03 29.40
CA GLY E 528 23.25 -46.65 28.21
C GLY E 528 22.89 -47.84 27.34
N GLU E 529 22.39 -47.53 26.15
CA GLU E 529 21.99 -48.57 25.21
C GLU E 529 21.93 -47.99 23.81
N THR E 530 22.15 -48.85 22.82
CA THR E 530 21.93 -48.52 21.42
C THR E 530 20.67 -49.25 20.97
N ASN E 531 19.71 -48.49 20.43
CA ASN E 531 18.45 -49.06 19.97
C ASN E 531 17.88 -48.11 18.93
N ILE E 532 18.58 -48.00 17.79
CA ILE E 532 18.18 -47.07 16.73
C ILE E 532 16.82 -47.44 16.18
N GLN E 533 16.43 -48.71 16.28
CA GLN E 533 15.11 -49.12 15.80
C GLN E 533 14.00 -48.44 16.59
N VAL E 534 14.13 -48.42 17.92
CA VAL E 534 13.12 -47.79 18.76
C VAL E 534 13.28 -46.27 18.75
N THR E 535 14.53 -45.79 18.72
CA THR E 535 14.76 -44.34 18.69
C THR E 535 14.17 -43.73 17.41
N THR E 536 14.31 -44.42 16.28
CA THR E 536 13.72 -43.93 15.04
C THR E 536 12.21 -44.06 15.05
N ASP E 537 11.70 -45.15 15.61
CA ASP E 537 10.25 -45.39 15.64
C ASP E 537 9.50 -44.30 16.38
N LEU E 538 10.17 -43.57 17.28
CA LEU E 538 9.52 -42.49 18.00
C LEU E 538 9.45 -41.20 17.19
N MET E 539 10.34 -41.02 16.21
CA MET E 539 10.39 -39.80 15.42
C MET E 539 9.60 -39.90 14.13
N ARG E 540 8.87 -41.00 13.92
CA ARG E 540 8.24 -41.24 12.63
C ARG E 540 7.11 -40.27 12.30
N PHE E 541 6.78 -39.34 13.20
CA PHE E 541 5.76 -38.33 12.93
C PHE E 541 6.22 -36.91 13.18
N VAL E 542 7.29 -36.68 13.95
CA VAL E 542 7.69 -35.34 14.34
C VAL E 542 8.77 -34.76 13.43
N LEU E 543 9.31 -35.54 12.48
CA LEU E 543 10.37 -35.03 11.62
C LEU E 543 9.87 -34.03 10.59
N ALA E 544 8.55 -33.90 10.41
CA ALA E 544 8.03 -32.96 9.43
C ALA E 544 8.25 -31.52 9.87
N ALA E 545 7.98 -31.23 11.14
CA ALA E 545 8.08 -29.86 11.64
C ALA E 545 9.51 -29.41 11.86
N ASN E 546 10.45 -30.33 12.07
CA ASN E 546 11.84 -29.94 12.32
C ASN E 546 12.56 -29.63 11.02
N LEU E 547 12.46 -30.53 10.05
CA LEU E 547 13.20 -30.36 8.79
C LEU E 547 12.67 -29.20 7.97
N LEU E 548 11.37 -28.90 8.09
CA LEU E 548 10.75 -27.84 7.31
C LEU E 548 10.44 -26.57 8.10
N GLY E 549 10.45 -26.65 9.43
CA GLY E 549 10.28 -25.47 10.27
C GLY E 549 8.85 -25.12 10.64
N PHE E 550 7.89 -25.99 10.35
CA PHE E 550 6.51 -25.69 10.66
C PHE E 550 6.25 -25.81 12.16
N PRO E 551 5.27 -25.06 12.69
CA PRO E 551 4.96 -25.17 14.12
C PRO E 551 4.04 -26.35 14.38
N ALA E 552 4.37 -27.14 15.39
CA ALA E 552 3.59 -28.31 15.76
C ALA E 552 3.30 -28.27 17.25
N ILE E 553 2.34 -29.09 17.69
CA ILE E 553 1.99 -29.19 19.10
C ILE E 553 1.60 -30.63 19.39
N SER E 554 1.83 -31.05 20.64
CA SER E 554 1.48 -32.38 21.12
C SER E 554 0.47 -32.21 22.25
N VAL E 555 -0.77 -32.63 21.99
CA VAL E 555 -1.85 -32.47 22.97
C VAL E 555 -2.26 -33.85 23.48
N PRO E 556 -2.52 -34.02 24.77
CA PRO E 556 -3.00 -35.31 25.26
C PRO E 556 -4.42 -35.59 24.79
N VAL E 557 -4.65 -36.81 24.33
CA VAL E 557 -5.94 -37.19 23.77
C VAL E 557 -6.42 -38.52 24.35
N GLY E 558 -5.99 -38.82 25.57
CA GLY E 558 -6.48 -40.01 26.25
C GLY E 558 -5.42 -40.98 26.70
N TYR E 559 -5.83 -42.21 26.99
CA TYR E 559 -4.92 -43.26 27.46
C TYR E 559 -5.27 -44.57 26.77
N ASP E 560 -4.30 -45.48 26.77
CA ASP E 560 -4.46 -46.76 26.10
C ASP E 560 -4.94 -47.84 27.06
N LYS E 561 -4.54 -49.09 26.82
CA LYS E 561 -4.98 -50.20 27.67
C LYS E 561 -4.37 -50.09 29.06
N GLU E 562 -3.05 -50.08 29.15
CA GLU E 562 -2.36 -50.08 30.44
C GLU E 562 -2.33 -48.70 31.11
N GLY E 563 -3.06 -47.73 30.57
CA GLY E 563 -3.14 -46.43 31.21
C GLY E 563 -2.05 -45.45 30.85
N LEU E 564 -1.30 -45.71 29.77
CA LEU E 564 -0.25 -44.77 29.35
C LEU E 564 -0.85 -43.68 28.46
N PRO E 565 -0.31 -42.47 28.53
CA PRO E 565 -0.87 -41.36 27.75
C PRO E 565 -0.71 -41.56 26.25
N ILE E 566 -1.60 -40.91 25.50
CA ILE E 566 -1.58 -40.92 24.05
C ILE E 566 -1.59 -39.47 23.57
N GLY E 567 -0.72 -39.16 22.62
CA GLY E 567 -0.57 -37.80 22.13
C GLY E 567 -0.97 -37.66 20.68
N LEU E 568 -1.54 -36.50 20.35
CA LEU E 568 -1.92 -36.14 19.00
C LEU E 568 -1.11 -34.93 18.56
N GLN E 569 -0.64 -34.95 17.31
CA GLN E 569 0.16 -33.86 16.77
C GLN E 569 -0.69 -33.00 15.83
N ILE E 570 -0.51 -31.68 15.92
CA ILE E 570 -1.20 -30.73 15.06
C ILE E 570 -0.12 -29.81 14.48
N MET E 571 0.25 -30.03 13.23
CA MET E 571 1.26 -29.23 12.54
C MET E 571 0.55 -28.26 11.60
N GLY E 572 0.85 -26.97 11.75
CA GLY E 572 0.18 -25.93 10.99
C GLY E 572 1.12 -25.16 10.08
N ARG E 573 0.53 -24.18 9.38
CA ARG E 573 1.28 -23.35 8.46
C ARG E 573 2.39 -22.58 9.19
N PRO E 574 3.42 -22.16 8.46
CA PRO E 574 4.46 -21.35 9.09
C PRO E 574 3.90 -20.07 9.71
N TRP E 575 4.48 -19.69 10.85
CA TRP E 575 4.13 -18.50 11.61
C TRP E 575 2.70 -18.54 12.15
N ALA E 576 2.01 -19.68 12.03
CA ALA E 576 0.61 -19.76 12.44
C ALA E 576 0.47 -20.54 13.74
N GLU E 577 1.16 -20.10 14.79
CA GLU E 577 1.00 -20.76 16.09
C GLU E 577 -0.39 -20.54 16.67
N ALA E 578 -1.02 -19.41 16.34
CA ALA E 578 -2.35 -19.13 16.87
C ALA E 578 -3.38 -20.12 16.36
N THR E 579 -3.25 -20.54 15.10
CA THR E 579 -4.15 -21.55 14.56
C THR E 579 -3.93 -22.89 15.24
N VAL E 580 -2.68 -23.23 15.55
CA VAL E 580 -2.37 -24.50 16.21
C VAL E 580 -2.77 -24.46 17.68
N LEU E 581 -2.61 -23.31 18.34
CA LEU E 581 -2.99 -23.21 19.75
C LEU E 581 -4.50 -23.14 19.92
N GLY E 582 -5.20 -22.50 18.97
CA GLY E 582 -6.65 -22.43 19.08
C GLY E 582 -7.32 -23.77 18.83
N LEU E 583 -6.78 -24.56 17.88
CA LEU E 583 -7.34 -25.88 17.63
C LEU E 583 -7.01 -26.83 18.77
N ALA E 584 -5.78 -26.77 19.28
CA ALA E 584 -5.40 -27.64 20.39
C ALA E 584 -6.20 -27.35 21.65
N ALA E 585 -6.58 -26.09 21.86
CA ALA E 585 -7.43 -25.75 23.00
C ALA E 585 -8.79 -26.41 22.88
N ALA E 586 -9.31 -26.54 21.67
CA ALA E 586 -10.58 -27.24 21.47
C ALA E 586 -10.42 -28.75 21.64
N VAL E 587 -9.22 -29.28 21.50
CA VAL E 587 -8.99 -30.71 21.69
C VAL E 587 -8.95 -31.06 23.16
N GLU E 588 -8.27 -30.24 23.98
CA GLU E 588 -8.27 -30.45 25.42
C GLU E 588 -9.65 -30.23 26.04
N GLU E 589 -10.52 -29.45 25.38
CA GLU E 589 -11.88 -29.29 25.86
C GLU E 589 -12.67 -30.58 25.68
N LEU E 590 -12.42 -31.31 24.59
CA LEU E 590 -13.13 -32.55 24.31
C LEU E 590 -12.53 -33.74 25.03
N ALA E 591 -11.21 -33.74 25.24
CA ALA E 591 -10.50 -34.83 25.92
C ALA E 591 -9.59 -34.24 26.99
N PRO E 592 -10.15 -33.83 28.12
CA PRO E 592 -9.31 -33.27 29.19
C PRO E 592 -8.53 -34.33 29.93
N VAL E 593 -7.39 -33.92 30.47
CA VAL E 593 -6.57 -34.82 31.27
C VAL E 593 -7.32 -35.16 32.55
N THR E 594 -7.57 -36.44 32.76
CA THR E 594 -8.37 -36.90 33.91
C THR E 594 -7.65 -37.90 34.80
N LYS E 595 -6.64 -38.60 34.31
CA LYS E 595 -5.95 -39.62 35.09
C LYS E 595 -4.74 -39.02 35.80
N LYS E 596 -4.68 -39.20 37.12
CA LYS E 596 -3.54 -38.73 37.88
C LYS E 596 -2.39 -39.73 37.78
N PRO E 597 -1.18 -39.27 37.46
CA PRO E 597 -0.05 -40.21 37.37
C PRO E 597 0.33 -40.77 38.73
N ALA E 598 1.13 -41.83 38.69
CA ALA E 598 1.59 -42.47 39.91
C ALA E 598 2.40 -41.51 40.78
N ILE E 599 3.51 -41.01 40.24
CA ILE E 599 4.36 -40.05 40.95
C ILE E 599 3.79 -38.66 40.67
N PHE E 600 3.04 -38.13 41.63
CA PHE E 600 2.45 -36.81 41.51
C PHE E 600 2.53 -36.10 42.85
N TYR E 601 2.67 -34.77 42.80
CA TYR E 601 2.78 -33.94 43.99
C TYR E 601 1.89 -32.72 43.82
N ASP E 602 0.94 -32.55 44.73
CA ASP E 602 0.08 -31.38 44.75
C ASP E 602 0.70 -30.33 45.67
N ILE E 603 1.07 -29.18 45.11
CA ILE E 603 1.84 -28.19 45.85
C ILE E 603 0.94 -27.20 46.57
N LEU E 604 -0.13 -26.72 45.92
CA LEU E 604 -0.96 -25.69 46.53
C LEU E 604 -1.76 -26.20 47.72
N ASN E 605 -1.96 -27.52 47.83
CA ASN E 605 -2.66 -28.14 48.95
C ASN E 605 -4.07 -27.57 49.13
N MET F 1 47.66 -19.15 24.41
CA MET F 1 46.56 -19.54 23.55
C MET F 1 47.07 -20.19 22.26
N GLY F 2 46.42 -21.27 21.85
CA GLY F 2 46.82 -21.97 20.65
C GLY F 2 47.51 -23.29 20.95
N LYS F 3 47.03 -24.01 21.96
CA LYS F 3 47.62 -25.28 22.34
C LYS F 3 46.66 -26.43 22.10
N TYR F 4 45.69 -26.64 23.00
CA TYR F 4 44.75 -27.74 22.84
C TYR F 4 43.76 -27.47 21.71
N GLN F 5 42.94 -26.44 21.86
CA GLN F 5 42.00 -26.02 20.84
C GLN F 5 42.07 -24.50 20.72
N VAL F 6 41.74 -23.99 19.53
CA VAL F 6 41.85 -22.57 19.23
C VAL F 6 40.46 -21.93 19.33
N MET F 7 40.39 -20.80 20.01
CA MET F 7 39.16 -20.05 20.20
C MET F 7 39.17 -18.79 19.34
N LYS F 8 38.06 -18.52 18.68
CA LYS F 8 37.96 -17.41 17.75
C LYS F 8 37.07 -16.28 18.28
N ARG F 9 37.19 -15.13 17.63
CA ARG F 9 36.35 -13.96 17.87
C ARG F 9 36.06 -13.31 16.53
N ALA F 10 34.86 -12.75 16.39
CA ALA F 10 34.39 -12.29 15.08
C ALA F 10 34.32 -10.77 15.07
N SER F 11 33.14 -10.17 15.25
CA SER F 11 32.98 -8.72 15.12
C SER F 11 33.54 -7.97 16.32
N GLU F 12 34.57 -8.53 16.96
CA GLU F 12 35.25 -7.87 18.06
C GLU F 12 36.77 -7.92 17.90
N VAL F 13 37.27 -8.31 16.73
CA VAL F 13 38.71 -8.29 16.51
C VAL F 13 39.19 -6.86 16.30
N ASP F 14 40.47 -6.64 16.59
CA ASP F 14 41.11 -5.35 16.37
C ASP F 14 41.82 -5.41 15.02
N LEU F 15 41.37 -4.56 14.08
CA LEU F 15 41.96 -4.58 12.74
C LEU F 15 43.42 -4.15 12.75
N SER F 16 43.84 -3.38 13.74
CA SER F 16 45.26 -3.04 13.88
C SER F 16 46.08 -4.19 14.45
N THR F 17 45.44 -5.25 14.92
CA THR F 17 46.14 -6.43 15.42
C THR F 17 46.33 -7.49 14.34
N VAL F 18 45.44 -7.52 13.35
CA VAL F 18 45.47 -8.52 12.29
C VAL F 18 46.75 -8.41 11.48
N LYS F 19 47.60 -9.42 11.59
CA LYS F 19 48.79 -9.52 10.74
C LYS F 19 48.45 -10.28 9.46
N TYR F 20 49.32 -10.13 8.46
CA TYR F 20 49.11 -10.78 7.16
C TYR F 20 49.74 -12.16 7.18
N LYS F 21 48.93 -13.18 6.91
CA LYS F 21 49.40 -14.56 6.86
C LYS F 21 49.61 -14.98 5.41
N ALA F 22 50.72 -15.66 5.16
CA ALA F 22 51.11 -16.05 3.81
C ALA F 22 50.19 -17.16 3.30
N GLU F 23 50.53 -17.72 2.14
CA GLU F 23 49.71 -18.76 1.55
C GLU F 23 49.99 -20.13 2.18
N THR F 24 51.26 -20.54 2.19
CA THR F 24 51.70 -21.83 2.72
C THR F 24 50.84 -22.98 2.18
N MET F 25 50.81 -23.08 0.85
CA MET F 25 50.09 -24.15 0.16
C MET F 25 51.12 -25.09 -0.45
N LYS F 26 51.25 -26.28 0.14
CA LYS F 26 52.26 -27.25 -0.26
C LYS F 26 51.56 -28.50 -0.79
N ALA F 27 52.03 -29.00 -1.93
CA ALA F 27 51.47 -30.18 -2.57
C ALA F 27 52.49 -30.70 -3.57
N PRO F 28 52.49 -32.00 -3.86
CA PRO F 28 53.47 -32.54 -4.79
C PRO F 28 53.18 -32.17 -6.24
N HIS F 29 54.24 -32.05 -7.03
CA HIS F 29 54.15 -31.74 -8.46
C HIS F 29 54.52 -33.01 -9.21
N LEU F 30 53.53 -33.70 -9.76
CA LEU F 30 53.72 -34.97 -10.42
C LEU F 30 53.10 -34.95 -11.81
N THR F 31 53.82 -35.50 -12.78
CA THR F 31 53.38 -35.54 -14.16
C THR F 31 53.67 -36.91 -14.75
N GLY F 32 52.93 -37.25 -15.80
CA GLY F 32 53.17 -38.49 -16.54
C GLY F 32 52.84 -39.76 -15.80
N LEU F 33 53.83 -40.65 -15.69
CA LEU F 33 53.62 -41.95 -15.04
C LEU F 33 53.53 -41.82 -13.53
N SER F 34 54.40 -41.01 -12.92
CA SER F 34 54.32 -40.79 -11.48
C SER F 34 52.98 -40.18 -11.08
N PHE F 35 52.32 -39.48 -11.99
CA PHE F 35 50.98 -38.97 -11.73
C PHE F 35 49.96 -40.10 -11.76
N LYS F 36 50.10 -41.04 -12.71
CA LYS F 36 49.15 -42.15 -12.80
C LYS F 36 49.22 -43.04 -11.57
N LEU F 37 50.43 -43.29 -11.06
CA LEU F 37 50.57 -44.12 -9.88
C LEU F 37 50.06 -43.41 -8.63
N PHE F 38 50.31 -42.09 -8.54
CA PHE F 38 49.85 -41.33 -7.38
C PHE F 38 48.33 -41.23 -7.33
N VAL F 39 47.67 -41.27 -8.50
CA VAL F 39 46.21 -41.27 -8.51
C VAL F 39 45.67 -42.60 -7.99
N ASN F 40 46.29 -43.71 -8.42
CA ASN F 40 45.84 -45.01 -7.93
C ASN F 40 46.11 -45.17 -6.44
N LEU F 41 47.14 -44.51 -5.91
CA LEU F 41 47.38 -44.55 -4.47
C LEU F 41 46.29 -43.80 -3.71
N LEU F 42 45.85 -42.65 -4.24
CA LEU F 42 44.79 -41.89 -3.58
C LEU F 42 43.46 -42.66 -3.63
N GLU F 43 43.16 -43.29 -4.76
CA GLU F 43 41.96 -44.11 -4.87
C GLU F 43 42.08 -45.45 -4.17
N ALA F 44 43.26 -45.78 -3.65
CA ALA F 44 43.42 -47.04 -2.94
C ALA F 44 42.74 -46.97 -1.57
N PRO F 45 42.28 -48.12 -1.04
CA PRO F 45 41.54 -48.13 0.23
C PRO F 45 42.24 -47.42 1.38
N LEU F 46 43.16 -48.12 2.05
CA LEU F 46 43.71 -47.62 3.30
C LEU F 46 44.69 -46.48 3.05
N ILE F 47 45.68 -46.70 2.18
CA ILE F 47 46.72 -45.70 1.94
C ILE F 47 46.13 -44.44 1.30
N GLY F 48 44.98 -44.55 0.63
CA GLY F 48 44.40 -43.38 -0.01
C GLY F 48 43.98 -42.31 0.97
N SER F 49 43.35 -42.71 2.06
CA SER F 49 42.91 -41.72 3.05
C SER F 49 44.07 -41.13 3.82
N LEU F 50 45.15 -41.90 4.01
CA LEU F 50 46.29 -41.38 4.76
C LEU F 50 47.00 -40.26 4.02
N ILE F 51 47.10 -40.37 2.69
CA ILE F 51 47.77 -39.34 1.91
C ILE F 51 46.94 -38.06 1.88
N VAL F 52 45.62 -38.20 1.72
CA VAL F 52 44.75 -37.02 1.66
C VAL F 52 44.74 -36.31 3.00
N ASP F 53 44.61 -37.07 4.09
CA ASP F 53 44.60 -36.45 5.41
C ASP F 53 45.95 -35.81 5.74
N TYR F 54 47.04 -36.36 5.21
CA TYR F 54 48.34 -35.74 5.43
C TYR F 54 48.43 -34.40 4.70
N LEU F 55 47.85 -34.31 3.51
CA LEU F 55 47.85 -33.05 2.78
C LEU F 55 47.01 -32.00 3.50
N LYS F 56 45.85 -32.40 4.03
CA LYS F 56 45.05 -31.45 4.79
C LYS F 56 45.70 -31.10 6.12
N LYS F 57 46.40 -32.06 6.74
CA LYS F 57 47.11 -31.76 7.97
C LYS F 57 48.30 -30.83 7.73
N ASP F 58 48.96 -31.00 6.58
CA ASP F 58 50.17 -30.21 6.30
C ASP F 58 49.83 -28.77 5.91
N ASN F 59 48.73 -28.56 5.19
CA ASN F 59 48.35 -27.23 4.74
C ASN F 59 47.52 -26.45 5.74
N GLY F 60 47.27 -27.02 6.93
CA GLY F 60 46.55 -26.30 7.95
C GLY F 60 45.05 -26.26 7.79
N MET F 61 44.46 -27.26 7.14
CA MET F 61 43.01 -27.31 6.97
C MET F 61 42.32 -28.10 8.06
N THR F 62 42.98 -29.14 8.60
CA THR F 62 42.39 -29.91 9.68
C THR F 62 42.28 -29.07 10.96
N LYS F 63 43.29 -28.25 11.24
CA LYS F 63 43.24 -27.37 12.40
C LYS F 63 42.10 -26.37 12.29
N ILE F 64 41.80 -25.89 11.08
CA ILE F 64 40.74 -24.92 10.90
C ILE F 64 39.38 -25.59 11.02
N PHE F 65 39.23 -26.78 10.43
CA PHE F 65 37.93 -27.44 10.39
C PHE F 65 37.65 -28.31 11.62
N ARG F 66 38.67 -28.80 12.30
CA ARG F 66 38.48 -29.76 13.38
C ARG F 66 39.06 -29.32 14.72
N ASN F 67 39.91 -28.30 14.77
CA ASN F 67 40.58 -27.95 16.01
C ASN F 67 40.38 -26.48 16.37
N THR F 68 39.28 -25.89 15.91
CA THR F 68 38.98 -24.50 16.21
C THR F 68 37.49 -24.34 16.43
N VAL F 69 37.11 -23.78 17.57
CA VAL F 69 35.71 -23.49 17.86
C VAL F 69 35.34 -22.17 17.22
N ILE F 70 34.31 -22.19 16.39
CA ILE F 70 33.87 -21.02 15.63
C ILE F 70 32.59 -20.50 16.29
N PRO F 71 32.58 -19.28 16.83
CA PRO F 71 31.38 -18.79 17.52
C PRO F 71 30.37 -18.14 16.59
N GLU F 72 30.31 -18.59 15.34
CA GLU F 72 29.39 -18.03 14.36
C GLU F 72 28.30 -19.02 14.00
N GLU F 73 27.23 -18.49 13.47
CA GLU F 73 26.18 -19.32 12.90
C GLU F 73 26.41 -19.48 11.41
N PRO F 74 26.23 -20.69 10.87
CA PRO F 74 26.60 -20.94 9.47
C PRO F 74 25.77 -20.11 8.50
N MET F 75 26.46 -19.46 7.57
CA MET F 75 25.86 -18.74 6.46
C MET F 75 26.09 -19.58 5.21
N PHE F 76 25.03 -20.25 4.76
CA PHE F 76 25.19 -21.20 3.65
C PHE F 76 25.21 -20.50 2.29
N ARG F 77 24.40 -19.46 2.14
CA ARG F 77 24.35 -18.68 0.91
C ARG F 77 24.68 -17.22 1.23
N PRO F 78 25.26 -16.48 0.28
CA PRO F 78 25.62 -15.08 0.54
C PRO F 78 24.41 -14.26 0.91
N GLU F 79 24.47 -13.63 2.08
CA GLU F 79 23.37 -12.81 2.61
C GLU F 79 23.80 -11.35 2.56
N PHE F 80 23.12 -10.56 1.73
CA PHE F 80 23.43 -9.13 1.58
C PHE F 80 22.36 -8.29 2.27
N PRO F 81 22.74 -7.33 3.10
CA PRO F 81 21.74 -6.39 3.65
C PRO F 81 21.28 -5.40 2.59
N SER F 82 20.38 -4.49 2.97
CA SER F 82 19.90 -3.47 2.05
C SER F 82 21.03 -2.49 1.73
N GLN F 83 21.34 -2.32 0.45
CA GLN F 83 22.44 -1.50 0.01
C GLN F 83 21.95 -0.10 -0.37
N GLU F 84 22.77 0.90 -0.08
CA GLU F 84 22.45 2.26 -0.49
C GLU F 84 22.56 2.37 -2.01
N PRO F 85 21.65 3.11 -2.65
CA PRO F 85 21.67 3.17 -4.12
C PRO F 85 22.94 3.82 -4.65
N GLU F 86 23.44 3.29 -5.76
CA GLU F 86 24.67 3.80 -6.36
C GLU F 86 24.40 5.13 -7.07
N HIS F 87 25.46 5.92 -7.21
CA HIS F 87 25.36 7.29 -7.69
C HIS F 87 25.58 7.36 -9.19
N ASP F 88 24.73 8.15 -9.86
CA ASP F 88 24.87 8.47 -11.29
C ASP F 88 24.78 7.20 -12.13
N VAL F 89 23.63 6.53 -12.04
CA VAL F 89 23.38 5.30 -12.78
C VAL F 89 21.97 5.33 -13.35
N VAL F 90 21.75 4.51 -14.37
CA VAL F 90 20.45 4.38 -15.02
C VAL F 90 19.80 3.09 -14.56
N ILE F 91 18.59 3.18 -14.03
CA ILE F 91 17.88 2.03 -13.50
C ILE F 91 17.04 1.41 -14.60
N VAL F 92 17.22 0.09 -14.79
CA VAL F 92 16.43 -0.68 -15.74
C VAL F 92 15.76 -1.82 -14.98
N GLY F 93 14.55 -2.16 -15.40
CA GLY F 93 13.81 -3.22 -14.75
C GLY F 93 14.44 -4.58 -14.98
N GLU F 94 14.30 -5.45 -13.98
CA GLU F 94 14.80 -6.82 -14.07
C GLU F 94 13.84 -7.74 -14.81
N ASP F 95 12.79 -7.18 -15.42
CA ASP F 95 11.80 -7.95 -16.13
C ASP F 95 11.73 -7.65 -17.62
N GLU F 96 12.35 -6.56 -18.07
CA GLU F 96 12.32 -6.19 -19.48
C GLU F 96 13.10 -7.20 -20.32
N SER F 97 12.72 -7.30 -21.59
CA SER F 97 13.38 -8.22 -22.50
C SER F 97 14.83 -7.78 -22.74
N PRO F 98 15.72 -8.74 -23.06
CA PRO F 98 17.11 -8.35 -23.35
C PRO F 98 17.24 -7.41 -24.54
N ILE F 99 16.28 -7.41 -25.46
CA ILE F 99 16.32 -6.47 -26.58
C ILE F 99 16.12 -5.05 -26.09
N ASP F 100 15.23 -4.87 -25.10
CA ASP F 100 14.95 -3.54 -24.57
C ASP F 100 16.05 -3.06 -23.63
N ARG F 101 16.76 -3.97 -22.98
CA ARG F 101 17.89 -3.56 -22.15
C ARG F 101 19.08 -3.12 -23.00
N LEU F 102 19.19 -3.67 -24.22
CA LEU F 102 20.31 -3.31 -25.08
C LEU F 102 20.15 -1.89 -25.63
N GLU F 103 18.92 -1.49 -25.97
CA GLU F 103 18.71 -0.13 -26.44
C GLU F 103 18.93 0.89 -25.33
N THR F 104 18.73 0.48 -24.07
CA THR F 104 19.00 1.35 -22.93
C THR F 104 20.50 1.40 -22.62
N ALA F 105 21.17 0.25 -22.68
CA ALA F 105 22.62 0.23 -22.49
C ALA F 105 23.33 0.96 -23.61
N LEU F 106 22.74 1.01 -24.81
CA LEU F 106 23.32 1.77 -25.90
C LEU F 106 23.30 3.27 -25.63
N LYS F 107 22.27 3.74 -24.91
CA LYS F 107 22.21 5.16 -24.56
C LYS F 107 23.26 5.52 -23.51
N CYS F 108 23.66 4.56 -22.68
CA CYS F 108 24.69 4.83 -21.69
C CYS F 108 26.08 4.89 -22.32
N LEU F 109 26.26 4.24 -23.46
CA LEU F 109 27.55 4.25 -24.13
C LEU F 109 27.76 5.60 -24.82
N PRO F 110 29.01 6.03 -24.99
CA PRO F 110 29.28 7.24 -25.76
C PRO F 110 28.87 7.06 -27.22
N GLN F 111 28.71 8.18 -27.90
CA GLN F 111 28.26 8.16 -29.29
C GLN F 111 29.32 7.50 -30.17
N TYR F 112 28.87 6.58 -31.02
CA TYR F 112 29.80 5.79 -31.82
C TYR F 112 30.51 6.66 -32.85
N ASP F 113 31.80 6.39 -33.05
CA ASP F 113 32.61 7.13 -34.01
C ASP F 113 32.90 6.24 -35.21
N PRO F 114 32.32 6.51 -36.39
CA PRO F 114 32.58 5.66 -37.55
C PRO F 114 34.00 5.76 -38.09
N SER F 115 34.82 6.67 -37.56
CA SER F 115 36.19 6.84 -38.02
C SER F 115 37.15 5.80 -37.45
N ARG F 116 36.65 4.80 -36.73
CA ARG F 116 37.47 3.73 -36.18
C ARG F 116 37.02 2.36 -36.70
N SER F 117 36.52 2.32 -37.93
CA SER F 117 36.03 1.07 -38.50
C SER F 117 36.27 1.02 -40.00
N LEU F 118 35.84 2.06 -40.72
CA LEU F 118 35.93 2.10 -42.17
C LEU F 118 37.12 2.93 -42.65
N HIS F 119 37.21 4.18 -42.23
CA HIS F 119 38.25 5.10 -42.69
C HIS F 119 39.14 5.49 -41.53
N ALA F 120 40.42 5.15 -41.62
CA ALA F 120 41.39 5.48 -40.57
C ALA F 120 42.76 5.62 -41.21
N ASP F 121 43.70 6.17 -40.44
CA ASP F 121 45.05 6.37 -40.95
C ASP F 121 45.84 5.07 -40.82
N PRO F 122 46.66 4.73 -41.82
CA PRO F 122 47.33 3.42 -41.81
C PRO F 122 48.60 3.37 -40.97
N VAL F 123 48.74 4.25 -39.99
CA VAL F 123 49.89 4.21 -39.08
C VAL F 123 49.40 4.34 -37.64
N SER F 124 48.18 3.88 -37.38
CA SER F 124 47.61 3.93 -36.04
C SER F 124 48.14 2.77 -35.20
N SER F 125 47.61 2.61 -33.99
CA SER F 125 48.04 1.57 -33.08
C SER F 125 47.18 0.33 -33.28
N PHE F 126 47.14 -0.56 -32.29
CA PHE F 126 46.40 -1.81 -32.36
C PHE F 126 45.18 -1.75 -31.45
N ARG F 127 44.08 -2.34 -31.90
CA ARG F 127 42.85 -2.37 -31.13
C ARG F 127 42.02 -3.57 -31.56
N TYR F 128 41.21 -4.07 -30.63
CA TYR F 128 40.26 -5.13 -30.94
C TYR F 128 39.03 -4.54 -31.64
N TRP F 129 38.33 -5.38 -32.39
CA TRP F 129 37.08 -4.98 -33.03
C TRP F 129 35.95 -5.04 -32.00
N LYS F 130 35.34 -3.89 -31.72
CA LYS F 130 34.27 -3.81 -30.74
C LYS F 130 33.00 -4.45 -31.28
N ILE F 131 32.01 -4.59 -30.40
CA ILE F 131 30.71 -5.11 -30.81
C ILE F 131 30.03 -4.12 -31.75
N ARG F 132 30.12 -2.82 -31.44
CA ARG F 132 29.50 -1.81 -32.30
C ARG F 132 30.24 -1.65 -33.62
N ASP F 133 31.48 -2.11 -33.72
CA ASP F 133 32.17 -2.09 -35.00
C ASP F 133 31.56 -3.10 -35.97
N TYR F 134 31.20 -4.28 -35.48
CA TYR F 134 30.47 -5.24 -36.31
C TYR F 134 29.08 -4.73 -36.64
N ALA F 135 28.39 -4.17 -35.65
CA ALA F 135 27.03 -3.68 -35.87
C ALA F 135 27.01 -2.53 -36.86
N TYR F 136 28.05 -1.69 -36.87
CA TYR F 136 28.12 -0.61 -37.84
C TYR F 136 28.36 -1.16 -39.25
N ALA F 137 29.29 -2.11 -39.38
CA ALA F 137 29.58 -2.68 -40.70
C ALA F 137 28.39 -3.48 -41.22
N TYR F 138 27.68 -4.17 -40.33
CA TYR F 138 26.53 -4.95 -40.76
C TYR F 138 25.43 -4.06 -41.34
N ARG F 139 25.17 -2.92 -40.68
CA ARG F 139 24.08 -2.04 -41.09
C ARG F 139 24.49 -1.07 -42.19
N SER F 140 25.77 -0.76 -42.33
CA SER F 140 26.24 0.00 -43.47
C SER F 140 26.52 -0.87 -44.69
N LYS F 141 26.23 -2.18 -44.59
CA LYS F 141 26.37 -3.14 -45.68
C LYS F 141 27.82 -3.29 -46.15
N LEU F 142 28.78 -2.88 -45.33
CA LEU F 142 30.18 -3.15 -45.63
C LEU F 142 30.49 -4.64 -45.55
N THR F 143 29.73 -5.37 -44.73
CA THR F 143 29.87 -6.82 -44.63
C THR F 143 28.60 -7.37 -44.01
N THR F 144 28.40 -8.68 -44.17
CA THR F 144 27.23 -9.35 -43.62
C THR F 144 27.68 -10.47 -42.69
N PRO F 145 26.84 -10.86 -41.72
CA PRO F 145 27.22 -11.97 -40.83
C PRO F 145 27.51 -13.28 -41.56
N LEU F 146 27.02 -13.46 -42.79
CA LEU F 146 27.33 -14.67 -43.54
C LEU F 146 28.79 -14.67 -44.00
N GLN F 147 29.22 -13.58 -44.62
CA GLN F 147 30.62 -13.48 -45.05
C GLN F 147 31.57 -13.54 -43.87
N VAL F 148 31.20 -12.92 -42.75
CA VAL F 148 32.05 -12.95 -41.56
C VAL F 148 32.10 -14.36 -40.98
N ALA F 149 31.00 -15.11 -41.05
CA ALA F 149 30.99 -16.47 -40.55
C ALA F 149 31.88 -17.38 -41.39
N LYS F 150 31.83 -17.22 -42.72
CA LYS F 150 32.70 -18.01 -43.58
C LYS F 150 34.18 -17.70 -43.33
N ARG F 151 34.49 -16.48 -42.87
CA ARG F 151 35.87 -16.13 -42.56
C ARG F 151 36.33 -16.78 -41.24
N ILE F 152 35.42 -16.87 -40.26
CA ILE F 152 35.77 -17.53 -39.00
C ILE F 152 35.89 -19.02 -39.21
N ILE F 153 34.96 -19.62 -39.97
CA ILE F 153 35.01 -21.05 -40.23
C ILE F 153 36.28 -21.42 -40.99
N SER F 154 36.76 -20.53 -41.85
CA SER F 154 38.00 -20.79 -42.59
C SER F 154 39.19 -20.88 -41.64
N ILE F 155 39.23 -20.03 -40.61
CA ILE F 155 40.36 -20.03 -39.69
C ILE F 155 40.32 -21.25 -38.78
N ILE F 156 39.12 -21.70 -38.39
CA ILE F 156 39.01 -22.86 -37.51
C ILE F 156 39.46 -24.13 -38.21
N GLU F 157 39.08 -24.29 -39.48
CA GLU F 157 39.47 -25.49 -40.21
C GLU F 157 40.94 -25.44 -40.62
N GLU F 158 41.44 -24.24 -40.95
CA GLU F 158 42.81 -24.12 -41.45
C GLU F 158 43.84 -24.40 -40.37
N PHE F 159 43.54 -24.08 -39.12
CA PHE F 159 44.50 -24.22 -38.03
C PHE F 159 44.11 -25.31 -37.03
N GLY F 160 43.05 -26.08 -37.29
CA GLY F 160 42.65 -27.15 -36.39
C GLY F 160 42.28 -26.68 -35.00
N TYR F 161 41.46 -25.64 -34.90
CA TYR F 161 41.02 -25.10 -33.63
C TYR F 161 39.80 -25.82 -33.07
N ASP F 162 39.17 -26.70 -33.84
CA ASP F 162 38.10 -27.55 -33.35
C ASP F 162 38.57 -28.98 -33.14
N LYS F 163 39.87 -29.21 -33.15
CA LYS F 163 40.47 -30.53 -33.02
C LYS F 163 41.74 -30.43 -32.20
N PRO F 164 42.17 -31.54 -31.58
CA PRO F 164 43.46 -31.60 -30.87
C PRO F 164 44.64 -31.22 -31.76
N PRO F 165 45.80 -30.89 -31.18
CA PRO F 165 46.14 -30.90 -29.74
C PRO F 165 45.93 -29.56 -29.05
N THR F 166 45.58 -28.52 -29.81
CA THR F 166 45.41 -27.17 -29.27
C THR F 166 44.14 -26.54 -29.82
N PRO F 167 42.97 -26.98 -29.34
CA PRO F 167 41.72 -26.43 -29.87
C PRO F 167 41.14 -25.29 -29.03
N PHE F 168 40.47 -24.35 -29.70
CA PHE F 168 39.67 -23.36 -28.98
C PHE F 168 38.29 -23.92 -28.64
N LEU F 169 37.74 -24.76 -29.51
CA LEU F 169 36.41 -25.34 -29.35
C LEU F 169 36.50 -26.85 -29.25
N ILE F 170 35.51 -27.45 -28.61
CA ILE F 170 35.41 -28.90 -28.54
C ILE F 170 34.10 -29.42 -29.10
N ARG F 171 33.18 -28.54 -29.48
CA ARG F 171 31.94 -28.92 -30.16
C ARG F 171 31.64 -27.80 -31.16
N PHE F 172 31.97 -28.03 -32.42
CA PHE F 172 31.84 -27.01 -33.46
C PHE F 172 31.22 -27.65 -34.71
N ASP F 173 30.11 -27.07 -35.17
CA ASP F 173 29.41 -27.51 -36.37
C ASP F 173 29.33 -26.33 -37.33
N ALA F 174 30.03 -26.44 -38.46
CA ALA F 174 30.04 -25.34 -39.42
C ALA F 174 28.70 -25.16 -40.11
N ASN F 175 27.93 -26.24 -40.28
CA ASN F 175 26.62 -26.16 -40.92
C ASN F 175 25.63 -25.38 -40.06
N GLU F 176 25.82 -25.33 -38.74
CA GLU F 176 24.92 -24.58 -37.87
C GLU F 176 25.30 -23.10 -37.79
N VAL F 177 26.59 -22.80 -37.83
CA VAL F 177 27.01 -21.40 -37.81
C VAL F 177 26.54 -20.67 -39.06
N ILE F 178 26.56 -21.35 -40.21
CA ILE F 178 26.06 -20.76 -41.44
C ILE F 178 24.54 -20.64 -41.40
N LYS F 179 23.87 -21.63 -40.81
CA LYS F 179 22.41 -21.57 -40.66
C LYS F 179 21.99 -20.36 -39.84
N GLN F 180 22.76 -20.03 -38.79
CA GLN F 180 22.46 -18.87 -37.96
C GLN F 180 22.83 -17.56 -38.64
N ALA F 181 23.96 -17.55 -39.35
CA ALA F 181 24.38 -16.35 -40.07
C ALA F 181 23.58 -16.10 -41.34
N GLU F 182 22.88 -17.12 -41.86
CA GLU F 182 22.01 -16.90 -43.01
C GLU F 182 20.73 -16.17 -42.61
N ALA F 183 20.13 -16.56 -41.48
CA ALA F 183 18.95 -15.84 -41.00
C ALA F 183 19.30 -14.44 -40.53
N SER F 184 20.50 -14.26 -39.96
CA SER F 184 20.91 -12.92 -39.51
C SER F 184 21.21 -12.01 -40.69
N THR F 185 21.82 -12.54 -41.75
CA THR F 185 22.08 -11.74 -42.94
C THR F 185 20.79 -11.33 -43.63
N ARG F 186 19.80 -12.23 -43.66
CA ARG F 186 18.52 -11.92 -44.26
C ARG F 186 17.73 -10.89 -43.48
N ARG F 187 18.11 -10.59 -42.24
CA ARG F 187 17.47 -9.52 -41.48
C ARG F 187 18.08 -8.15 -41.76
N PHE F 188 19.38 -8.09 -42.04
CA PHE F 188 20.00 -6.83 -42.43
C PHE F 188 19.61 -6.44 -43.86
N GLU F 189 19.34 -7.43 -44.71
CA GLU F 189 18.87 -7.13 -46.07
C GLU F 189 17.42 -6.69 -46.07
N GLN F 190 16.56 -7.42 -45.34
CA GLN F 190 15.16 -7.01 -45.21
C GLN F 190 15.01 -5.74 -44.39
N GLY F 191 16.02 -5.38 -43.59
CA GLY F 191 16.02 -4.12 -42.88
C GLY F 191 15.35 -4.15 -41.52
N ASN F 192 15.49 -5.26 -40.80
CA ASN F 192 14.90 -5.38 -39.45
C ASN F 192 15.81 -6.23 -38.58
N PRO F 193 16.94 -5.67 -38.14
CA PRO F 193 17.78 -6.39 -37.18
C PRO F 193 17.16 -6.40 -35.80
N ILE F 194 17.48 -7.43 -35.02
CA ILE F 194 16.86 -7.60 -33.71
C ILE F 194 17.41 -6.57 -32.73
N SER F 195 18.73 -6.51 -32.57
CA SER F 195 19.36 -5.61 -31.62
C SER F 195 20.78 -5.32 -32.09
N VAL F 196 21.59 -4.74 -31.19
CA VAL F 196 22.99 -4.46 -31.51
C VAL F 196 23.79 -5.76 -31.58
N LEU F 197 23.37 -6.78 -30.83
CA LEU F 197 24.07 -8.07 -30.81
C LEU F 197 23.67 -8.97 -31.98
N ASP F 198 22.78 -8.51 -32.87
CA ASP F 198 22.41 -9.29 -34.03
C ASP F 198 23.61 -9.47 -34.94
N GLY F 199 24.01 -10.72 -35.17
CA GLY F 199 25.17 -11.01 -35.98
C GLY F 199 26.47 -11.06 -35.23
N ILE F 200 26.47 -10.76 -33.93
CA ILE F 200 27.69 -10.82 -33.13
C ILE F 200 27.97 -12.26 -32.77
N PHE F 201 29.24 -12.65 -32.80
CA PHE F 201 29.65 -14.01 -32.51
C PHE F 201 30.05 -14.13 -31.05
N VAL F 202 29.49 -15.13 -30.37
CA VAL F 202 29.81 -15.41 -28.97
C VAL F 202 30.07 -16.91 -28.83
N THR F 203 30.95 -17.24 -27.88
CA THR F 203 31.36 -18.62 -27.64
C THR F 203 30.90 -19.04 -26.25
N ILE F 204 30.20 -20.17 -26.17
CA ILE F 204 29.63 -20.68 -24.94
C ILE F 204 30.57 -21.72 -24.36
N LYS F 205 30.83 -21.62 -23.06
CA LYS F 205 31.63 -22.63 -22.38
C LYS F 205 30.92 -23.97 -22.41
N ASP F 206 31.70 -25.06 -22.31
CA ASP F 206 31.14 -26.40 -22.48
C ASP F 206 30.27 -26.85 -21.32
N ASP F 207 30.31 -26.16 -20.18
CA ASP F 207 29.48 -26.53 -19.03
C ASP F 207 28.14 -25.80 -19.03
N ILE F 208 27.78 -25.15 -20.12
CA ILE F 208 26.52 -24.44 -20.24
C ILE F 208 25.71 -25.08 -21.37
N ASP F 209 24.41 -25.24 -21.16
CA ASP F 209 23.56 -25.86 -22.17
C ASP F 209 23.35 -24.93 -23.35
N CYS F 210 23.56 -25.45 -24.56
CA CYS F 210 23.42 -24.64 -25.77
C CYS F 210 23.10 -25.59 -26.93
N LEU F 211 21.86 -25.54 -27.42
CA LEU F 211 21.43 -26.39 -28.54
C LEU F 211 22.14 -26.04 -29.84
N PRO F 212 22.38 -27.06 -30.68
CA PRO F 212 22.10 -28.47 -30.43
C PRO F 212 23.29 -29.24 -29.87
N HIS F 213 24.33 -28.51 -29.44
CA HIS F 213 25.51 -29.16 -28.92
C HIS F 213 25.24 -29.73 -27.53
N PRO F 214 25.77 -30.91 -27.22
CA PRO F 214 25.62 -31.46 -25.87
C PRO F 214 26.58 -30.80 -24.90
N THR F 215 26.38 -31.12 -23.62
CA THR F 215 27.17 -30.55 -22.53
C THR F 215 28.02 -31.65 -21.92
N ASN F 216 29.33 -31.57 -22.16
CA ASN F 216 30.29 -32.53 -21.60
C ASN F 216 31.03 -31.99 -20.39
N GLY F 217 31.15 -30.67 -20.24
CA GLY F 217 31.91 -30.10 -19.15
C GLY F 217 33.39 -30.41 -19.20
N GLY F 218 33.96 -30.55 -20.40
CA GLY F 218 35.33 -30.94 -20.56
C GLY F 218 35.57 -32.44 -20.55
N THR F 219 34.58 -33.23 -20.13
CA THR F 219 34.71 -34.67 -20.07
C THR F 219 34.43 -35.26 -21.45
N THR F 220 34.36 -36.59 -21.53
CA THR F 220 34.10 -37.29 -22.78
C THR F 220 32.94 -38.29 -22.64
N TRP F 221 32.10 -38.12 -21.62
CA TRP F 221 31.06 -39.10 -21.34
C TRP F 221 29.82 -38.46 -20.71
N LEU F 222 29.91 -37.17 -20.37
CA LEU F 222 28.80 -36.53 -19.67
C LEU F 222 27.56 -36.46 -20.54
N HIS F 223 27.73 -36.45 -21.87
CA HIS F 223 26.58 -36.46 -22.77
C HIS F 223 25.86 -37.80 -22.77
N GLU F 224 26.47 -38.85 -22.24
CA GLU F 224 25.83 -40.16 -22.20
C GLU F 224 24.80 -40.25 -21.08
N ASP F 225 25.03 -39.57 -19.95
CA ASP F 225 24.11 -39.60 -18.82
C ASP F 225 23.32 -38.32 -18.63
N ARG F 226 23.85 -37.18 -19.05
CA ARG F 226 23.18 -35.89 -18.93
C ARG F 226 22.99 -35.33 -20.33
N SER F 227 21.81 -35.58 -20.91
CA SER F 227 21.49 -35.13 -22.26
C SER F 227 20.75 -33.80 -22.20
N VAL F 228 21.20 -32.84 -22.99
CA VAL F 228 20.57 -31.52 -23.05
C VAL F 228 19.42 -31.57 -24.05
N GLU F 229 18.42 -30.71 -23.82
CA GLU F 229 17.25 -30.69 -24.70
C GLU F 229 16.63 -29.31 -24.84
N LYS F 230 17.09 -28.30 -24.11
CA LYS F 230 16.64 -26.93 -24.31
C LYS F 230 17.74 -25.97 -23.87
N ASP F 231 17.72 -24.77 -24.44
CA ASP F 231 18.74 -23.78 -24.16
C ASP F 231 18.71 -23.38 -22.68
N SER F 232 19.86 -22.93 -22.19
CA SER F 232 19.96 -22.44 -20.82
C SER F 232 19.30 -21.07 -20.73
N ALA F 233 19.44 -20.42 -19.57
CA ALA F 233 18.84 -19.10 -19.39
C ALA F 233 19.67 -18.02 -20.07
N VAL F 234 21.00 -18.10 -19.96
CA VAL F 234 21.86 -17.07 -20.54
C VAL F 234 21.95 -17.23 -22.05
N VAL F 235 21.82 -18.45 -22.56
CA VAL F 235 21.89 -18.66 -24.00
C VAL F 235 20.58 -18.30 -24.68
N SER F 236 19.45 -18.62 -24.04
CA SER F 236 18.17 -18.26 -24.62
C SER F 236 17.96 -16.75 -24.68
N LYS F 237 18.66 -15.99 -23.83
CA LYS F 237 18.58 -14.53 -23.93
C LYS F 237 19.43 -14.00 -25.08
N LEU F 238 20.66 -14.52 -25.23
CA LEU F 238 21.53 -14.06 -26.31
C LEU F 238 20.97 -14.42 -27.67
N ARG F 239 20.32 -15.59 -27.77
CA ARG F 239 19.75 -16.00 -29.05
C ARG F 239 18.55 -15.14 -29.43
N SER F 240 17.81 -14.64 -28.42
CA SER F 240 16.70 -13.75 -28.70
C SER F 240 17.16 -12.38 -29.17
N CYS F 241 18.44 -12.04 -28.99
CA CYS F 241 19.00 -10.79 -29.48
C CYS F 241 19.51 -10.88 -30.91
N GLY F 242 19.56 -12.08 -31.48
CA GLY F 242 20.09 -12.27 -32.82
C GLY F 242 21.55 -12.64 -32.89
N ALA F 243 22.17 -13.01 -31.77
CA ALA F 243 23.58 -13.35 -31.77
C ALA F 243 23.78 -14.71 -32.44
N ILE F 244 25.06 -15.02 -32.71
CA ILE F 244 25.45 -16.26 -33.37
C ILE F 244 26.24 -17.09 -32.37
N LEU F 245 25.71 -18.27 -32.04
CA LEU F 245 26.39 -19.19 -31.13
C LEU F 245 27.47 -19.94 -31.91
N LEU F 246 28.74 -19.62 -31.65
CA LEU F 246 29.82 -20.18 -32.43
C LEU F 246 30.04 -21.65 -32.10
N GLY F 247 29.93 -22.02 -30.84
CA GLY F 247 30.10 -23.41 -30.43
C GLY F 247 30.62 -23.51 -29.02
N LYS F 248 30.66 -24.74 -28.52
CA LYS F 248 31.14 -24.98 -27.17
C LYS F 248 32.66 -24.84 -27.12
N ALA F 249 33.16 -24.33 -26.00
CA ALA F 249 34.57 -23.99 -25.83
C ALA F 249 35.30 -25.07 -25.04
N ASN F 250 36.60 -25.14 -25.27
CA ASN F 250 37.47 -25.99 -24.47
C ASN F 250 37.50 -25.47 -23.03
N MET F 251 37.75 -26.37 -22.09
CA MET F 251 37.75 -25.98 -20.69
C MET F 251 38.50 -27.03 -19.86
N HIS F 252 39.02 -26.58 -18.72
CA HIS F 252 39.52 -27.51 -17.73
C HIS F 252 38.39 -28.41 -17.26
N GLU F 253 38.67 -29.70 -17.15
CA GLU F 253 37.62 -30.70 -16.92
C GLU F 253 36.79 -30.38 -15.68
N LEU F 254 35.52 -30.03 -15.90
CA LEU F 254 34.54 -29.78 -14.84
C LEU F 254 34.94 -28.63 -13.93
N GLY F 255 35.83 -27.76 -14.38
CA GLY F 255 36.24 -26.62 -13.58
C GLY F 255 37.11 -26.95 -12.38
N MET F 256 37.76 -28.10 -12.39
CA MET F 256 38.57 -28.54 -11.25
C MET F 256 40.04 -28.18 -11.47
N GLY F 257 40.27 -26.89 -11.72
CA GLY F 257 41.61 -26.38 -11.95
C GLY F 257 41.62 -24.98 -12.51
N THR F 258 42.75 -24.28 -12.35
CA THR F 258 42.88 -22.90 -12.80
C THR F 258 43.99 -22.75 -13.83
N THR F 259 44.27 -23.81 -14.60
CA THR F 259 45.30 -23.77 -15.62
C THR F 259 44.78 -24.07 -17.03
N GLY F 260 43.64 -24.74 -17.17
CA GLY F 260 43.09 -25.04 -18.47
C GLY F 260 43.64 -26.29 -19.12
N ASN F 261 44.48 -27.06 -18.42
CA ASN F 261 45.01 -28.30 -18.96
C ASN F 261 43.89 -29.33 -19.10
N ASN F 262 43.67 -29.81 -20.32
CA ASN F 262 42.64 -30.81 -20.60
C ASN F 262 43.29 -31.92 -21.44
N SER F 263 43.56 -33.07 -20.79
CA SER F 263 44.24 -34.18 -21.45
C SER F 263 43.31 -35.02 -22.32
N ASN F 264 42.03 -34.65 -22.43
CA ASN F 264 41.09 -35.37 -23.28
C ASN F 264 40.84 -34.67 -24.60
N TYR F 265 40.88 -33.34 -24.63
CA TYR F 265 40.69 -32.56 -25.85
C TYR F 265 41.90 -31.76 -26.27
N GLY F 266 42.84 -31.52 -25.37
CA GLY F 266 44.02 -30.72 -25.68
C GLY F 266 44.00 -29.41 -24.92
N THR F 267 45.17 -29.00 -24.43
CA THR F 267 45.29 -27.78 -23.67
C THR F 267 45.27 -26.57 -24.61
N THR F 268 44.36 -25.64 -24.37
CA THR F 268 44.30 -24.42 -25.16
C THR F 268 45.49 -23.51 -24.83
N ARG F 269 46.15 -23.00 -25.86
CA ARG F 269 47.36 -22.22 -25.68
C ARG F 269 47.06 -20.74 -25.62
N ASN F 270 47.93 -20.01 -24.93
CA ASN F 270 47.75 -18.57 -24.77
C ASN F 270 48.01 -17.86 -26.11
N PRO F 271 47.07 -17.05 -26.59
CA PRO F 271 47.32 -16.32 -27.85
C PRO F 271 48.49 -15.37 -27.78
N HIS F 272 48.91 -14.94 -26.58
CA HIS F 272 50.07 -14.07 -26.46
C HIS F 272 51.39 -14.84 -26.44
N ASP F 273 51.35 -16.14 -26.13
CA ASP F 273 52.52 -17.01 -26.14
C ASP F 273 52.06 -18.46 -26.16
N PRO F 274 52.08 -19.13 -27.32
CA PRO F 274 51.48 -20.47 -27.42
C PRO F 274 52.12 -21.52 -26.53
N LYS F 275 53.30 -21.26 -25.97
CA LYS F 275 53.94 -22.21 -25.07
C LYS F 275 53.49 -22.04 -23.61
N ARG F 276 52.59 -21.11 -23.34
CA ARG F 276 52.15 -20.80 -22.00
C ARG F 276 50.68 -21.13 -21.82
N TYR F 277 50.25 -21.21 -20.57
CA TYR F 277 48.88 -21.56 -20.24
C TYR F 277 47.94 -20.40 -20.51
N THR F 278 46.66 -20.72 -20.65
CA THR F 278 45.59 -19.74 -20.82
C THR F 278 45.03 -19.28 -19.48
N GLY F 279 44.63 -20.23 -18.65
CA GLY F 279 43.97 -19.93 -17.40
C GLY F 279 42.65 -20.67 -17.28
N GLY F 280 42.43 -21.33 -16.14
CA GLY F 280 41.24 -22.13 -15.95
C GLY F 280 40.13 -21.39 -15.24
N SER F 281 38.91 -21.89 -15.38
CA SER F 281 38.66 -23.09 -16.17
C SER F 281 38.15 -22.73 -17.57
N SER F 282 37.79 -21.46 -17.77
CA SER F 282 37.36 -20.98 -19.09
C SER F 282 38.59 -20.71 -19.97
N SER F 283 39.34 -21.77 -20.24
CA SER F 283 40.55 -21.64 -21.05
C SER F 283 40.18 -21.39 -22.51
N GLY F 284 39.26 -22.18 -23.06
CA GLY F 284 38.91 -22.03 -24.47
C GLY F 284 38.14 -20.76 -24.77
N SER F 285 37.29 -20.32 -23.84
CA SER F 285 36.50 -19.11 -24.07
C SER F 285 37.36 -17.86 -24.04
N ALA F 286 38.46 -17.88 -23.28
CA ALA F 286 39.29 -16.68 -23.13
C ALA F 286 40.30 -16.52 -24.25
N ALA F 287 40.74 -17.63 -24.85
CA ALA F 287 41.71 -17.55 -25.94
C ALA F 287 41.05 -17.28 -27.28
N ILE F 288 39.77 -17.66 -27.43
CA ILE F 288 39.06 -17.40 -28.68
C ILE F 288 38.67 -15.92 -28.77
N VAL F 289 38.49 -15.25 -27.64
CA VAL F 289 38.20 -13.82 -27.65
C VAL F 289 39.49 -13.02 -27.83
N ALA F 290 40.56 -13.44 -27.16
CA ALA F 290 41.84 -12.74 -27.27
C ALA F 290 42.48 -12.89 -28.65
N ALA F 291 42.12 -13.94 -29.39
CA ALA F 291 42.61 -14.15 -30.75
C ALA F 291 41.78 -13.42 -31.80
N GLY F 292 40.75 -12.69 -31.39
CA GLY F 292 39.96 -11.90 -32.32
C GLY F 292 38.91 -12.64 -33.10
N LEU F 293 38.60 -13.88 -32.74
CA LEU F 293 37.62 -14.66 -33.49
C LEU F 293 36.20 -14.20 -33.18
N CYS F 294 35.83 -14.18 -31.91
CA CYS F 294 34.51 -13.74 -31.48
C CYS F 294 34.65 -12.48 -30.63
N SER F 295 33.51 -11.82 -30.41
CA SER F 295 33.52 -10.55 -29.69
C SER F 295 33.50 -10.74 -28.18
N ALA F 296 32.77 -11.76 -27.71
CA ALA F 296 32.67 -12.05 -26.28
C ALA F 296 32.44 -13.55 -26.11
N ALA F 297 32.44 -13.97 -24.85
CA ALA F 297 32.23 -15.38 -24.51
C ALA F 297 31.56 -15.47 -23.15
N LEU F 298 30.87 -16.58 -22.92
CA LEU F 298 30.17 -16.85 -21.66
C LEU F 298 30.88 -18.00 -20.94
N GLY F 299 31.36 -17.71 -19.74
CA GLY F 299 31.97 -18.73 -18.91
C GLY F 299 31.35 -18.78 -17.53
N THR F 300 32.05 -19.38 -16.57
CA THR F 300 31.60 -19.44 -15.19
C THR F 300 32.70 -18.95 -14.28
N ASP F 301 32.32 -18.63 -13.04
CA ASP F 301 33.28 -18.12 -12.05
C ASP F 301 32.85 -18.66 -10.69
N GLY F 302 33.41 -19.81 -10.32
CA GLY F 302 33.19 -20.35 -8.99
C GLY F 302 34.40 -20.14 -8.10
N GLY F 303 35.52 -19.79 -8.71
CA GLY F 303 36.76 -19.56 -7.98
C GLY F 303 37.75 -18.74 -8.79
N GLY F 304 37.23 -17.99 -9.76
CA GLY F 304 38.05 -17.17 -10.63
C GLY F 304 38.10 -17.60 -12.08
N SER F 305 37.28 -18.57 -12.50
CA SER F 305 37.35 -19.12 -13.83
C SER F 305 36.98 -18.12 -14.93
N VAL F 306 36.54 -16.92 -14.56
CA VAL F 306 36.35 -15.84 -15.53
C VAL F 306 37.46 -14.80 -15.41
N ARG F 307 37.85 -14.45 -14.19
CA ARG F 307 38.84 -13.39 -13.98
C ARG F 307 40.27 -13.88 -14.16
N ILE F 308 40.55 -15.15 -13.86
CA ILE F 308 41.90 -15.70 -14.00
C ILE F 308 42.32 -15.81 -15.46
N PRO F 309 41.51 -16.41 -16.35
CA PRO F 309 41.94 -16.45 -17.76
C PRO F 309 41.87 -15.10 -18.45
N SER F 310 40.99 -14.21 -18.01
CA SER F 310 40.93 -12.88 -18.61
C SER F 310 42.18 -12.06 -18.28
N ALA F 311 42.74 -12.24 -17.08
CA ALA F 311 43.94 -11.50 -16.71
C ALA F 311 45.18 -12.04 -17.42
N LEU F 312 45.19 -13.34 -17.73
CA LEU F 312 46.35 -13.98 -18.35
C LEU F 312 46.36 -13.85 -19.87
N CYS F 313 45.19 -13.72 -20.50
CA CYS F 313 45.09 -13.62 -21.95
C CYS F 313 44.94 -12.19 -22.45
N GLY F 314 44.96 -11.20 -21.57
CA GLY F 314 44.88 -9.82 -22.00
C GLY F 314 43.50 -9.37 -22.46
N ILE F 315 42.45 -9.88 -21.81
CA ILE F 315 41.08 -9.45 -22.11
C ILE F 315 40.41 -9.02 -20.82
N THR F 316 39.10 -8.78 -20.88
CA THR F 316 38.33 -8.28 -19.74
C THR F 316 37.21 -9.26 -19.42
N GLY F 317 37.17 -9.70 -18.17
CA GLY F 317 36.13 -10.61 -17.71
C GLY F 317 35.37 -10.02 -16.55
N LEU F 318 34.05 -10.22 -16.55
CA LEU F 318 33.15 -9.64 -15.57
C LEU F 318 32.53 -10.74 -14.73
N LYS F 319 32.75 -10.67 -13.41
CA LYS F 319 32.16 -11.58 -12.44
C LYS F 319 30.99 -10.84 -11.78
N THR F 320 29.76 -11.25 -12.11
CA THR F 320 28.60 -10.57 -11.58
C THR F 320 28.31 -11.02 -10.15
N THR F 321 27.44 -10.26 -9.47
CA THR F 321 27.01 -10.61 -8.12
C THR F 321 26.31 -11.97 -8.13
N TYR F 322 26.41 -12.68 -7.01
CA TYR F 322 25.78 -13.99 -6.90
C TYR F 322 24.28 -13.89 -7.10
N GLY F 323 23.74 -14.73 -7.99
CA GLY F 323 22.33 -14.71 -8.32
C GLY F 323 21.91 -13.65 -9.32
N ARG F 324 22.81 -12.73 -9.69
CA ARG F 324 22.43 -11.66 -10.61
C ARG F 324 22.02 -12.21 -11.96
N THR F 325 22.72 -13.24 -12.44
CA THR F 325 22.49 -13.82 -13.76
C THR F 325 21.96 -15.24 -13.61
N ASP F 326 20.84 -15.53 -14.26
CA ASP F 326 20.20 -16.84 -14.14
C ASP F 326 21.10 -17.94 -14.67
N MET F 327 21.30 -18.99 -13.86
CA MET F 327 22.16 -20.10 -14.22
C MET F 327 21.36 -21.35 -14.60
N THR F 328 20.08 -21.20 -14.90
CA THR F 328 19.23 -22.35 -15.20
C THR F 328 19.74 -23.08 -16.43
N GLY F 329 20.03 -24.37 -16.28
CA GLY F 329 20.50 -25.17 -17.40
C GLY F 329 22.01 -25.15 -17.56
N SER F 330 22.74 -25.52 -16.51
CA SER F 330 24.19 -25.61 -16.57
C SER F 330 24.65 -26.61 -15.53
N LEU F 331 25.96 -26.86 -15.50
CA LEU F 331 26.54 -27.82 -14.56
C LEU F 331 26.80 -27.21 -13.18
N CYS F 332 26.65 -25.90 -13.03
CA CYS F 332 26.98 -25.21 -11.80
C CYS F 332 25.76 -24.60 -11.11
N GLU F 333 24.55 -24.92 -11.57
CA GLU F 333 23.35 -24.39 -10.93
C GLU F 333 23.12 -25.07 -9.59
N GLY F 334 22.60 -24.30 -8.63
CA GLY F 334 22.41 -24.78 -7.29
C GLY F 334 23.60 -24.62 -6.38
N GLY F 335 24.71 -24.07 -6.87
CA GLY F 335 25.88 -23.84 -6.06
C GLY F 335 25.72 -22.65 -5.14
N THR F 336 26.85 -22.21 -4.58
CA THR F 336 26.88 -21.09 -3.67
C THR F 336 28.01 -20.11 -3.96
N VAL F 337 28.74 -20.29 -5.06
CA VAL F 337 29.87 -19.42 -5.38
C VAL F 337 29.87 -19.08 -6.87
N GLU F 338 29.25 -19.92 -7.69
CA GLU F 338 29.35 -19.83 -9.14
C GLU F 338 28.33 -18.88 -9.72
N ILE F 339 28.71 -18.25 -10.84
CA ILE F 339 27.82 -17.41 -11.63
C ILE F 339 28.15 -17.56 -13.11
N ILE F 340 27.46 -16.82 -13.97
CA ILE F 340 27.75 -16.76 -15.40
C ILE F 340 28.30 -15.38 -15.71
N GLY F 341 29.54 -15.34 -16.18
CA GLY F 341 30.21 -14.08 -16.44
C GLY F 341 30.74 -13.97 -17.85
N PRO F 342 30.60 -12.77 -18.45
CA PRO F 342 31.04 -12.59 -19.84
C PRO F 342 32.51 -12.17 -19.96
N LEU F 343 33.26 -12.90 -20.79
CA LEU F 343 34.63 -12.55 -21.13
C LEU F 343 34.63 -11.84 -22.48
N ALA F 344 35.12 -10.59 -22.49
CA ALA F 344 35.09 -9.77 -23.70
C ALA F 344 36.48 -9.19 -23.95
N SER F 345 36.64 -8.62 -25.14
CA SER F 345 37.90 -8.00 -25.52
C SER F 345 38.01 -6.56 -25.03
N SER F 346 36.89 -5.86 -24.94
CA SER F 346 36.86 -4.48 -24.47
C SER F 346 35.74 -4.30 -23.45
N LEU F 347 35.87 -3.24 -22.65
CA LEU F 347 34.86 -2.96 -21.63
C LEU F 347 33.49 -2.73 -22.26
N GLU F 348 33.46 -2.07 -23.41
CA GLU F 348 32.20 -1.81 -24.10
C GLU F 348 31.50 -3.12 -24.47
N ASP F 349 32.25 -4.15 -24.83
CA ASP F 349 31.65 -5.41 -25.23
C ASP F 349 31.09 -6.16 -24.03
N ALA F 350 31.83 -6.18 -22.91
CA ALA F 350 31.37 -6.90 -21.73
C ALA F 350 30.14 -6.23 -21.12
N PHE F 351 30.04 -4.90 -21.22
CA PHE F 351 28.87 -4.21 -20.70
C PHE F 351 27.62 -4.50 -21.53
N LEU F 352 27.78 -4.72 -22.84
CA LEU F 352 26.63 -5.01 -23.68
C LEU F 352 26.14 -6.44 -23.45
N VAL F 353 27.06 -7.39 -23.29
CA VAL F 353 26.66 -8.77 -23.06
C VAL F 353 26.03 -8.92 -21.68
N TYR F 354 26.56 -8.20 -20.68
CA TYR F 354 25.98 -8.27 -19.34
C TYR F 354 24.54 -7.75 -19.33
N ALA F 355 24.27 -6.70 -20.11
CA ALA F 355 22.90 -6.19 -20.20
C ALA F 355 21.98 -7.18 -20.89
N ALA F 356 22.51 -8.08 -21.72
CA ALA F 356 21.70 -9.00 -22.49
C ALA F 356 21.40 -10.30 -21.76
N ILE F 357 22.27 -10.71 -20.82
CA ILE F 357 22.13 -11.99 -20.15
C ILE F 357 21.70 -11.85 -18.70
N LEU F 358 21.72 -10.65 -18.13
CA LEU F 358 21.39 -10.50 -16.73
C LEU F 358 19.91 -10.86 -16.48
N GLY F 359 19.58 -11.00 -15.20
CA GLY F 359 18.24 -11.40 -14.82
C GLY F 359 18.27 -12.55 -13.83
N SER F 360 18.01 -12.25 -12.56
CA SER F 360 18.00 -13.28 -11.54
C SER F 360 16.90 -14.31 -11.82
N SER F 361 17.16 -15.55 -11.45
CA SER F 361 16.17 -16.59 -11.61
C SER F 361 14.96 -16.32 -10.73
N SER F 362 13.82 -16.91 -11.11
CA SER F 362 12.59 -16.71 -10.35
C SER F 362 12.73 -17.24 -8.93
N ALA F 363 13.54 -18.29 -8.74
CA ALA F 363 13.77 -18.80 -7.39
C ALA F 363 14.65 -17.86 -6.58
N ASP F 364 15.76 -17.40 -7.17
CA ASP F 364 16.64 -16.47 -6.49
C ASP F 364 16.07 -15.06 -6.39
N ARG F 365 14.92 -14.81 -7.03
CA ARG F 365 14.29 -13.49 -6.90
C ARG F 365 13.78 -13.25 -5.49
N TYR F 366 13.25 -14.29 -4.85
CA TYR F 366 12.68 -14.18 -3.52
C TYR F 366 13.72 -14.36 -2.42
N ASN F 367 14.57 -15.38 -2.55
CA ASN F 367 15.58 -15.64 -1.52
C ASN F 367 16.62 -14.52 -1.48
N LEU F 368 17.19 -14.18 -2.63
CA LEU F 368 18.16 -13.10 -2.75
C LEU F 368 17.47 -11.95 -3.48
N LYS F 369 16.62 -11.21 -2.76
CA LYS F 369 15.92 -10.07 -3.32
C LYS F 369 16.93 -9.01 -3.76
N PRO F 370 17.11 -8.81 -5.06
CA PRO F 370 18.16 -7.91 -5.52
C PRO F 370 17.64 -6.53 -5.94
N SER F 371 18.51 -5.53 -5.91
CA SER F 371 18.14 -4.24 -6.45
C SER F 371 17.97 -4.35 -7.96
N PRO F 372 17.15 -3.48 -8.56
CA PRO F 372 17.01 -3.52 -10.01
C PRO F 372 18.34 -3.29 -10.69
N PRO F 373 18.56 -3.92 -11.85
CA PRO F 373 19.84 -3.77 -12.53
C PRO F 373 20.11 -2.33 -12.93
N CYS F 374 21.37 -1.93 -12.84
CA CYS F 374 21.81 -0.57 -13.14
C CYS F 374 22.87 -0.58 -14.21
N PHE F 375 22.77 0.37 -15.14
CA PHE F 375 23.75 0.57 -16.18
C PHE F 375 24.54 1.83 -15.91
N PRO F 376 25.87 1.76 -15.88
CA PRO F 376 26.66 2.97 -15.65
C PRO F 376 26.62 3.89 -16.85
N LYS F 377 26.50 5.19 -16.60
CA LYS F 377 26.58 6.21 -17.65
C LYS F 377 28.03 6.32 -18.09
N LEU F 378 28.43 5.42 -19.00
CA LEU F 378 29.83 5.33 -19.41
C LEU F 378 30.29 6.58 -20.14
N LEU F 379 29.38 7.33 -20.77
CA LEU F 379 29.74 8.63 -21.33
C LEU F 379 29.98 9.61 -20.20
N SER F 380 31.23 10.02 -20.02
CA SER F 380 31.57 10.98 -18.96
C SER F 380 31.19 12.38 -19.42
N HIS F 381 29.89 12.62 -19.48
CA HIS F 381 29.32 13.86 -19.99
C HIS F 381 29.39 15.01 -18.99
N ASN F 382 29.89 14.76 -17.78
CA ASN F 382 29.82 15.76 -16.72
C ASN F 382 31.08 15.72 -15.86
N GLY F 383 31.42 16.88 -15.31
CA GLY F 383 32.46 16.97 -14.30
C GLY F 383 31.94 16.52 -12.95
N SER F 384 32.80 16.69 -11.94
CA SER F 384 32.52 16.17 -10.60
C SER F 384 32.13 14.69 -10.67
N ASN F 385 32.91 13.95 -11.46
CA ASN F 385 32.55 12.60 -11.85
C ASN F 385 32.41 11.70 -10.63
N ALA F 386 31.44 10.79 -10.68
CA ALA F 386 31.25 9.83 -9.58
C ALA F 386 32.46 8.92 -9.42
N ILE F 387 33.27 8.77 -10.47
CA ILE F 387 34.48 7.96 -10.35
C ILE F 387 35.47 8.61 -9.41
N GLY F 388 35.49 9.94 -9.33
CA GLY F 388 36.39 10.63 -8.42
C GLY F 388 35.96 10.53 -6.96
N SER F 389 34.65 10.45 -6.71
CA SER F 389 34.12 10.37 -5.36
C SER F 389 34.08 8.94 -4.83
N LEU F 390 34.86 8.03 -5.41
CA LEU F 390 34.94 6.65 -4.95
C LEU F 390 36.18 6.45 -4.10
N ARG F 391 36.06 5.56 -3.12
CA ARG F 391 37.18 5.15 -2.29
C ARG F 391 37.69 3.79 -2.74
N LEU F 392 39.00 3.64 -2.80
CA LEU F 392 39.65 2.43 -3.27
C LEU F 392 40.36 1.76 -2.10
N GLY F 393 39.78 0.65 -1.62
CA GLY F 393 40.41 -0.11 -0.54
C GLY F 393 41.52 -0.99 -1.07
N LYS F 394 42.65 -0.98 -0.36
CA LYS F 394 43.85 -1.69 -0.79
C LYS F 394 44.58 -2.24 0.43
N TYR F 395 44.79 -3.55 0.44
CA TYR F 395 45.58 -4.22 1.47
C TYR F 395 47.01 -4.30 0.96
N THR F 396 47.89 -3.45 1.50
CA THR F 396 49.21 -3.26 0.92
C THR F 396 50.04 -4.54 0.97
N LYS F 397 50.07 -5.21 2.13
CA LYS F 397 50.79 -6.47 2.22
C LYS F 397 50.21 -7.51 1.27
N TRP F 398 48.88 -7.59 1.21
CA TRP F 398 48.22 -8.50 0.28
C TRP F 398 48.44 -8.10 -1.17
N PHE F 399 48.52 -6.79 -1.42
CA PHE F 399 48.67 -6.29 -2.79
C PHE F 399 49.99 -6.74 -3.40
N ASN F 400 51.07 -6.71 -2.61
CA ASN F 400 52.42 -6.95 -3.11
C ASN F 400 52.84 -8.41 -3.02
N ASP F 401 52.04 -9.27 -2.39
CA ASP F 401 52.38 -10.69 -2.28
C ASP F 401 52.12 -11.38 -3.62
N VAL F 402 53.00 -11.10 -4.58
CA VAL F 402 52.91 -11.68 -5.91
C VAL F 402 54.30 -12.16 -6.32
N SER F 403 54.32 -13.19 -7.17
CA SER F 403 55.57 -13.81 -7.62
C SER F 403 56.18 -13.11 -8.83
N SER F 404 55.94 -11.81 -8.98
CA SER F 404 56.49 -11.04 -10.10
C SER F 404 56.45 -9.57 -9.72
N SER F 405 57.61 -8.92 -9.71
CA SER F 405 57.67 -7.52 -9.35
C SER F 405 57.08 -6.60 -10.40
N ASP F 406 56.69 -7.14 -11.57
CA ASP F 406 56.11 -6.32 -12.61
C ASP F 406 54.61 -6.12 -12.41
N ILE F 407 53.91 -7.15 -11.94
CA ILE F 407 52.46 -7.04 -11.79
C ILE F 407 52.07 -6.27 -10.53
N SER F 408 52.98 -6.14 -9.56
CA SER F 408 52.69 -5.35 -8.37
C SER F 408 52.84 -3.86 -8.60
N ASP F 409 53.63 -3.46 -9.60
CA ASP F 409 53.89 -2.06 -9.87
C ASP F 409 53.04 -1.49 -11.00
N LYS F 410 52.68 -2.30 -12.00
CA LYS F 410 51.82 -1.82 -13.07
C LYS F 410 50.37 -1.64 -12.62
N CYS F 411 49.98 -2.30 -11.53
CA CYS F 411 48.70 -1.99 -10.90
C CYS F 411 48.80 -0.77 -10.01
N GLU F 412 49.96 -0.56 -9.37
CA GLU F 412 50.17 0.64 -8.57
C GLU F 412 50.23 1.88 -9.43
N ASP F 413 50.65 1.75 -10.70
CA ASP F 413 50.66 2.89 -11.60
C ASP F 413 49.25 3.33 -11.97
N ILE F 414 48.32 2.36 -12.10
CA ILE F 414 46.95 2.71 -12.44
C ILE F 414 46.26 3.41 -11.29
N LEU F 415 46.59 3.02 -10.04
CA LEU F 415 46.01 3.69 -8.89
C LEU F 415 46.45 5.15 -8.82
N LYS F 416 47.74 5.41 -9.04
CA LYS F 416 48.22 6.78 -9.07
C LYS F 416 47.68 7.53 -10.29
N LEU F 417 47.41 6.81 -11.38
CA LEU F 417 46.80 7.43 -12.55
C LEU F 417 45.34 7.79 -12.29
N LEU F 418 44.61 6.92 -11.59
CA LEU F 418 43.21 7.20 -11.28
C LEU F 418 43.08 8.35 -10.28
N SER F 419 44.02 8.47 -9.35
CA SER F 419 43.96 9.55 -8.37
C SER F 419 44.29 10.90 -9.01
N ASN F 420 45.19 10.93 -10.00
CA ASN F 420 45.59 12.17 -10.63
C ASN F 420 44.70 12.58 -11.79
N ASN F 421 43.96 11.64 -12.37
CA ASN F 421 43.06 11.96 -13.49
C ASN F 421 41.59 11.97 -13.10
N HIS F 422 41.25 11.54 -11.88
CA HIS F 422 39.86 11.56 -11.43
C HIS F 422 39.68 11.98 -9.99
N GLY F 423 40.63 11.74 -9.10
CA GLY F 423 40.52 12.14 -7.72
C GLY F 423 40.10 11.05 -6.76
N CYS F 424 40.38 9.78 -7.08
CA CYS F 424 39.96 8.69 -6.22
C CYS F 424 40.80 8.64 -4.95
N LYS F 425 40.16 8.21 -3.86
CA LYS F 425 40.84 8.02 -2.59
C LYS F 425 41.31 6.57 -2.47
N VAL F 426 42.58 6.37 -2.17
CA VAL F 426 43.15 5.05 -1.97
C VAL F 426 43.22 4.84 -0.45
N VAL F 427 42.24 4.14 0.09
CA VAL F 427 42.14 3.91 1.53
C VAL F 427 42.80 2.58 1.87
N GLU F 428 43.60 2.59 2.93
CA GLU F 428 44.26 1.38 3.40
C GLU F 428 43.27 0.55 4.20
N ILE F 429 43.09 -0.72 3.81
CA ILE F 429 42.19 -1.63 4.51
C ILE F 429 42.96 -2.87 4.93
N VAL F 430 42.30 -3.76 5.65
CA VAL F 430 42.88 -5.03 6.07
C VAL F 430 41.83 -6.12 5.90
N VAL F 431 42.23 -7.26 5.36
CA VAL F 431 41.32 -8.39 5.14
C VAL F 431 41.73 -9.52 6.08
N PRO F 432 41.12 -9.61 7.27
CA PRO F 432 41.53 -10.65 8.22
C PRO F 432 41.11 -12.04 7.77
N GLU F 433 41.79 -13.03 8.33
CA GLU F 433 41.48 -14.45 8.15
C GLU F 433 41.46 -14.81 6.66
N LEU F 434 42.63 -14.70 6.03
CA LEU F 434 42.76 -15.05 4.62
C LEU F 434 42.93 -16.55 4.42
N GLU F 435 43.59 -17.24 5.36
CA GLU F 435 43.71 -18.69 5.25
C GLU F 435 42.38 -19.38 5.52
N GLU F 436 41.53 -18.79 6.35
CA GLU F 436 40.20 -19.34 6.57
C GLU F 436 39.33 -19.20 5.32
N MET F 437 39.53 -18.13 4.55
CA MET F 437 38.72 -17.92 3.35
C MET F 437 39.06 -18.95 2.28
N ARG F 438 40.34 -19.27 2.13
CA ARG F 438 40.75 -20.27 1.14
C ARG F 438 40.24 -21.66 1.53
N ALA F 439 40.29 -21.99 2.82
CA ALA F 439 39.82 -23.29 3.28
C ALA F 439 38.30 -23.41 3.12
N ALA F 440 37.57 -22.36 3.50
CA ALA F 440 36.11 -22.39 3.37
C ALA F 440 35.66 -22.36 1.92
N HIS F 441 36.51 -21.88 1.01
CA HIS F 441 36.12 -21.83 -0.39
C HIS F 441 36.25 -23.19 -1.06
N VAL F 442 37.40 -23.85 -0.89
CA VAL F 442 37.67 -25.10 -1.60
C VAL F 442 36.61 -26.14 -1.28
N ILE F 443 36.08 -26.11 -0.06
CA ILE F 443 35.04 -27.08 0.30
C ILE F 443 33.67 -26.60 -0.17
N SER F 444 33.46 -25.28 -0.23
CA SER F 444 32.20 -24.76 -0.74
C SER F 444 32.06 -24.92 -2.25
N ILE F 445 33.16 -25.09 -2.97
CA ILE F 445 33.10 -25.24 -4.42
C ILE F 445 33.19 -26.72 -4.78
N GLY F 446 33.95 -27.48 -4.00
CA GLY F 446 34.16 -28.88 -4.33
C GLY F 446 33.06 -29.81 -3.90
N SER F 447 32.30 -29.44 -2.85
CA SER F 447 31.26 -30.32 -2.36
C SER F 447 30.05 -30.37 -3.30
N PRO F 448 29.51 -29.26 -3.81
CA PRO F 448 28.39 -29.38 -4.76
C PRO F 448 28.80 -30.05 -6.06
N THR F 449 30.04 -29.83 -6.52
CA THR F 449 30.52 -30.48 -7.74
C THR F 449 30.61 -31.99 -7.53
N LEU F 450 31.19 -32.42 -6.41
CA LEU F 450 31.31 -33.85 -6.13
C LEU F 450 29.95 -34.50 -5.98
N SER F 451 29.02 -33.81 -5.31
CA SER F 451 27.68 -34.36 -5.13
C SER F 451 26.86 -34.34 -6.41
N SER F 452 27.21 -33.49 -7.37
CA SER F 452 26.47 -33.45 -8.62
C SER F 452 26.80 -34.64 -9.52
N LEU F 453 28.02 -35.16 -9.43
CA LEU F 453 28.46 -36.25 -10.29
C LEU F 453 28.64 -37.56 -9.55
N THR F 454 28.33 -37.62 -8.26
CA THR F 454 28.52 -38.85 -7.50
C THR F 454 27.70 -40.02 -8.04
N PRO F 455 26.42 -39.88 -8.39
CA PRO F 455 25.71 -41.03 -8.98
C PRO F 455 26.33 -41.54 -10.27
N TYR F 456 27.01 -40.66 -11.03
CA TYR F 456 27.62 -41.07 -12.28
C TYR F 456 28.95 -41.80 -12.05
N CYS F 457 29.73 -41.34 -11.07
CA CYS F 457 31.02 -41.96 -10.81
C CYS F 457 30.86 -43.35 -10.17
N GLU F 458 29.91 -43.49 -9.25
CA GLU F 458 29.64 -44.80 -8.67
C GLU F 458 28.99 -45.76 -9.65
N ALA F 459 28.49 -45.26 -10.78
CA ALA F 459 27.95 -46.10 -11.84
C ALA F 459 29.03 -46.58 -12.81
N GLY F 460 30.30 -46.37 -12.47
CA GLY F 460 31.41 -46.86 -13.26
C GLY F 460 32.13 -45.80 -14.07
N LYS F 461 31.64 -44.58 -14.11
CA LYS F 461 32.24 -43.52 -14.93
C LYS F 461 33.36 -42.77 -14.23
N ASN F 462 33.75 -43.18 -13.02
CA ASN F 462 34.83 -42.49 -12.34
C ASN F 462 36.19 -42.78 -12.97
N SER F 463 36.31 -43.90 -13.68
CA SER F 463 37.55 -44.19 -14.40
C SER F 463 37.70 -43.37 -15.67
N LYS F 464 36.60 -42.86 -16.22
CA LYS F 464 36.64 -42.07 -17.45
C LYS F 464 36.98 -40.60 -17.19
N LEU F 465 37.26 -40.22 -15.95
CA LEU F 465 37.73 -38.87 -15.65
C LEU F 465 39.25 -38.82 -15.71
N SER F 466 39.77 -37.63 -15.94
CA SER F 466 41.21 -37.46 -16.01
C SER F 466 41.84 -37.60 -14.61
N TYR F 467 43.16 -37.76 -14.59
CA TYR F 467 43.88 -37.85 -13.32
C TYR F 467 43.85 -36.53 -12.57
N ASP F 468 43.75 -35.41 -13.29
CA ASP F 468 43.63 -34.11 -12.63
C ASP F 468 42.33 -33.99 -11.85
N THR F 469 41.24 -34.53 -12.41
CA THR F 469 39.94 -34.46 -11.73
C THR F 469 39.87 -35.45 -10.58
N ARG F 470 40.36 -36.67 -10.78
CA ARG F 470 40.29 -37.69 -9.74
C ARG F 470 41.14 -37.33 -8.53
N THR F 471 42.19 -36.54 -8.73
CA THR F 471 42.99 -36.09 -7.59
C THR F 471 42.22 -35.09 -6.74
N SER F 472 41.51 -34.16 -7.39
CA SER F 472 40.69 -33.22 -6.65
C SER F 472 39.49 -33.91 -6.01
N PHE F 473 38.92 -34.90 -6.70
CA PHE F 473 37.79 -35.63 -6.13
C PHE F 473 38.20 -36.47 -4.92
N ALA F 474 39.41 -37.02 -4.94
CA ALA F 474 39.89 -37.78 -3.78
C ALA F 474 40.07 -36.88 -2.56
N ILE F 475 40.30 -35.59 -2.77
CA ILE F 475 40.37 -34.65 -1.65
C ILE F 475 38.96 -34.18 -1.27
N PHE F 476 38.06 -34.03 -2.24
CA PHE F 476 36.71 -33.58 -1.94
C PHE F 476 35.94 -34.62 -1.14
N ARG F 477 36.14 -35.91 -1.44
CA ARG F 477 35.49 -36.96 -0.67
C ARG F 477 35.99 -36.99 0.77
N SER F 478 37.16 -36.42 1.05
CA SER F 478 37.65 -36.35 2.42
C SER F 478 36.91 -35.32 3.26
N PHE F 479 36.21 -34.38 2.63
CA PHE F 479 35.46 -33.37 3.36
C PHE F 479 34.20 -33.99 3.94
N SER F 480 34.10 -34.01 5.27
CA SER F 480 32.92 -34.53 5.93
C SER F 480 31.84 -33.47 6.02
N ALA F 481 30.63 -33.90 6.41
CA ALA F 481 29.54 -32.96 6.58
C ALA F 481 29.80 -31.99 7.72
N SER F 482 30.47 -32.45 8.78
CA SER F 482 30.84 -31.56 9.87
C SER F 482 31.85 -30.51 9.42
N ASP F 483 32.65 -30.82 8.40
CA ASP F 483 33.57 -29.83 7.84
C ASP F 483 32.83 -28.78 7.04
N TYR F 484 31.74 -29.16 6.37
CA TYR F 484 30.98 -28.19 5.58
C TYR F 484 30.24 -27.20 6.46
N ILE F 485 29.76 -27.64 7.63
CA ILE F 485 29.06 -26.75 8.54
C ILE F 485 30.01 -25.68 9.06
N ALA F 486 31.21 -26.08 9.49
CA ALA F 486 32.18 -25.13 10.01
C ALA F 486 32.66 -24.18 8.93
N ALA F 487 32.68 -24.63 7.68
CA ALA F 487 33.07 -23.74 6.59
C ALA F 487 32.04 -22.64 6.37
N GLN F 488 30.76 -22.97 6.46
CA GLN F 488 29.72 -21.96 6.34
C GLN F 488 29.73 -21.01 7.52
N CYS F 489 30.15 -21.48 8.70
CA CYS F 489 30.37 -20.58 9.83
C CYS F 489 31.51 -19.61 9.55
N LEU F 490 32.51 -20.03 8.76
CA LEU F 490 33.57 -19.12 8.37
C LEU F 490 33.09 -18.13 7.31
N ARG F 491 32.15 -18.54 6.45
CA ARG F 491 31.66 -17.64 5.42
C ARG F 491 30.97 -16.42 6.02
N ARG F 492 30.32 -16.58 7.18
CA ARG F 492 29.73 -15.43 7.87
C ARG F 492 30.80 -14.52 8.45
N ARG F 493 31.93 -15.09 8.89
CA ARG F 493 33.01 -14.28 9.44
C ARG F 493 33.59 -13.36 8.38
N LEU F 494 33.97 -13.91 7.22
CA LEU F 494 34.49 -13.08 6.14
C LEU F 494 33.43 -12.14 5.59
N MET F 495 32.15 -12.52 5.72
CA MET F 495 31.07 -11.64 5.27
C MET F 495 30.99 -10.39 6.14
N GLU F 496 31.01 -10.57 7.47
CA GLU F 496 30.98 -9.44 8.38
C GLU F 496 32.27 -8.64 8.33
N TYR F 497 33.36 -9.23 7.87
CA TYR F 497 34.58 -8.46 7.67
C TYR F 497 34.46 -7.54 6.46
N HIS F 498 34.02 -8.08 5.33
CA HIS F 498 33.99 -7.29 4.09
C HIS F 498 32.88 -6.25 4.12
N LEU F 499 31.73 -6.58 4.71
CA LEU F 499 30.66 -5.62 4.79
C LEU F 499 31.04 -4.42 5.66
N ASN F 500 31.94 -4.61 6.61
CA ASN F 500 32.48 -3.49 7.37
C ASN F 500 33.53 -2.72 6.57
N ILE F 501 34.19 -3.39 5.63
CA ILE F 501 35.12 -2.68 4.74
C ILE F 501 34.35 -1.79 3.77
N PHE F 502 33.19 -2.26 3.30
CA PHE F 502 32.36 -1.48 2.39
C PHE F 502 31.59 -0.36 3.09
N LYS F 503 31.83 -0.15 4.39
CA LYS F 503 31.37 1.06 5.05
C LYS F 503 32.37 2.21 4.92
N ASP F 504 33.64 1.90 4.63
CA ASP F 504 34.68 2.90 4.46
C ASP F 504 35.11 3.09 3.01
N VAL F 505 35.08 2.04 2.20
CA VAL F 505 35.47 2.12 0.80
C VAL F 505 34.31 1.65 -0.07
N ASP F 506 34.37 2.05 -1.35
CA ASP F 506 33.34 1.66 -2.31
C ASP F 506 33.71 0.39 -3.06
N VAL F 507 34.98 0.25 -3.44
CA VAL F 507 35.48 -0.95 -4.11
C VAL F 507 36.83 -1.32 -3.51
N ILE F 508 37.28 -2.53 -3.83
CA ILE F 508 38.59 -3.04 -3.41
C ILE F 508 39.37 -3.37 -4.66
N VAL F 509 40.59 -2.85 -4.76
CA VAL F 509 41.44 -3.02 -5.94
C VAL F 509 42.64 -3.90 -5.56
N THR F 510 42.82 -4.97 -6.33
CA THR F 510 43.92 -5.92 -6.13
C THR F 510 44.30 -6.48 -7.49
N PRO F 511 45.55 -6.92 -7.67
CA PRO F 511 45.90 -7.64 -8.90
C PRO F 511 45.14 -8.95 -9.01
N THR F 512 44.74 -9.30 -10.24
CA THR F 512 43.89 -10.47 -10.42
C THR F 512 44.61 -11.77 -10.11
N THR F 513 45.86 -11.91 -10.56
CA THR F 513 46.64 -13.10 -10.31
C THR F 513 47.99 -12.70 -9.71
N GLY F 514 48.61 -13.65 -9.03
CA GLY F 514 49.92 -13.46 -8.43
C GLY F 514 51.08 -13.72 -9.36
N MET F 515 50.83 -13.91 -10.65
CA MET F 515 51.87 -14.23 -11.62
C MET F 515 51.32 -13.98 -13.01
N THR F 516 52.23 -13.91 -13.98
CA THR F 516 51.85 -13.78 -15.37
C THR F 516 51.45 -15.16 -15.92
N ALA F 517 51.36 -15.27 -17.23
CA ALA F 517 50.97 -16.54 -17.86
C ALA F 517 52.02 -17.59 -17.57
N PRO F 518 51.68 -18.69 -16.89
CA PRO F 518 52.68 -19.71 -16.56
C PRO F 518 53.03 -20.58 -17.75
N VAL F 519 54.27 -21.07 -17.73
CA VAL F 519 54.77 -21.94 -18.79
C VAL F 519 54.19 -23.33 -18.62
N ILE F 520 53.91 -24.00 -19.74
CA ILE F 520 53.37 -25.35 -19.74
C ILE F 520 54.55 -26.32 -19.71
N PRO F 521 54.67 -27.17 -18.69
CA PRO F 521 55.68 -28.23 -18.73
C PRO F 521 55.31 -29.26 -19.79
N PRO F 522 56.27 -29.66 -20.63
CA PRO F 522 55.94 -30.62 -21.70
C PRO F 522 55.47 -31.97 -21.19
N ASP F 523 55.79 -32.32 -19.94
CA ASP F 523 55.34 -33.60 -19.39
C ASP F 523 53.87 -33.57 -19.01
N ALA F 524 53.34 -32.38 -18.68
CA ALA F 524 51.93 -32.26 -18.35
C ALA F 524 51.03 -32.49 -19.54
N LEU F 525 51.57 -32.38 -20.76
CA LEU F 525 50.77 -32.60 -21.96
C LEU F 525 50.49 -34.08 -22.21
N LYS F 526 51.06 -34.98 -21.40
CA LYS F 526 50.85 -36.40 -21.61
C LYS F 526 49.52 -36.86 -21.03
N ASN F 527 49.32 -36.67 -19.73
CA ASN F 527 48.09 -37.10 -19.06
C ASN F 527 47.78 -36.14 -17.90
N GLY F 528 47.70 -34.85 -18.20
CA GLY F 528 47.41 -33.86 -17.18
C GLY F 528 48.55 -33.76 -16.18
N GLU F 529 48.29 -32.98 -15.13
CA GLU F 529 49.29 -32.78 -14.08
C GLU F 529 48.58 -32.41 -12.79
N THR F 530 49.22 -32.76 -11.68
CA THR F 530 48.82 -32.28 -10.36
C THR F 530 49.80 -31.20 -9.92
N ASN F 531 49.27 -30.05 -9.52
CA ASN F 531 50.11 -28.95 -9.11
C ASN F 531 49.28 -27.95 -8.32
N ILE F 532 48.82 -28.38 -7.14
CA ILE F 532 47.94 -27.55 -6.32
C ILE F 532 48.65 -26.28 -5.88
N GLN F 533 49.98 -26.27 -5.84
CA GLN F 533 50.70 -25.07 -5.46
C GLN F 533 50.45 -23.93 -6.45
N VAL F 534 50.44 -24.25 -7.74
CA VAL F 534 50.20 -23.25 -8.77
C VAL F 534 48.71 -23.03 -9.00
N THR F 535 47.90 -24.10 -8.92
CA THR F 535 46.46 -23.95 -9.08
C THR F 535 45.88 -23.05 -7.99
N THR F 536 46.43 -23.13 -6.78
CA THR F 536 45.96 -22.28 -5.69
C THR F 536 46.57 -20.88 -5.76
N ASP F 537 47.83 -20.77 -6.19
CA ASP F 537 48.48 -19.47 -6.29
C ASP F 537 47.79 -18.54 -7.28
N LEU F 538 47.05 -19.09 -8.24
CA LEU F 538 46.29 -18.28 -9.17
C LEU F 538 44.94 -17.83 -8.61
N MET F 539 44.54 -18.32 -7.44
CA MET F 539 43.27 -17.96 -6.82
C MET F 539 43.43 -17.08 -5.60
N ARG F 540 44.66 -16.66 -5.27
CA ARG F 540 44.90 -15.93 -4.02
C ARG F 540 44.28 -14.55 -4.00
N PHE F 541 43.68 -14.09 -5.11
CA PHE F 541 43.05 -12.79 -5.15
C PHE F 541 41.59 -12.81 -5.58
N VAL F 542 41.09 -13.94 -6.09
CA VAL F 542 39.77 -13.99 -6.72
C VAL F 542 38.75 -14.75 -5.88
N LEU F 543 39.14 -15.29 -4.73
CA LEU F 543 38.20 -16.05 -3.91
C LEU F 543 37.28 -15.16 -3.09
N ALA F 544 37.65 -13.90 -2.87
CA ALA F 544 36.82 -13.02 -2.04
C ALA F 544 35.47 -12.77 -2.68
N ALA F 545 35.41 -12.64 -4.00
CA ALA F 545 34.16 -12.36 -4.68
C ALA F 545 33.30 -13.60 -4.88
N ASN F 546 33.86 -14.79 -4.73
CA ASN F 546 33.09 -16.01 -4.94
C ASN F 546 32.43 -16.50 -3.65
N LEU F 547 33.19 -16.60 -2.56
CA LEU F 547 32.63 -17.09 -1.31
C LEU F 547 31.59 -16.13 -0.73
N LEU F 548 31.75 -14.82 -0.98
CA LEU F 548 30.85 -13.81 -0.45
C LEU F 548 29.85 -13.30 -1.48
N GLY F 549 30.11 -13.49 -2.78
CA GLY F 549 29.16 -13.15 -3.82
C GLY F 549 29.33 -11.78 -4.44
N PHE F 550 30.31 -11.00 -4.00
CA PHE F 550 30.48 -9.64 -4.51
C PHE F 550 30.82 -9.67 -6.00
N PRO F 551 30.45 -8.63 -6.75
CA PRO F 551 30.86 -8.56 -8.15
C PRO F 551 32.27 -8.05 -8.28
N ALA F 552 33.03 -8.68 -9.17
CA ALA F 552 34.40 -8.29 -9.47
C ALA F 552 34.58 -8.20 -10.98
N ILE F 553 35.66 -7.56 -11.39
CA ILE F 553 36.00 -7.46 -12.80
C ILE F 553 37.52 -7.48 -12.93
N SER F 554 38.00 -7.95 -14.09
CA SER F 554 39.42 -8.01 -14.41
C SER F 554 39.65 -7.21 -15.68
N VAL F 555 40.52 -6.21 -15.60
CA VAL F 555 40.81 -5.35 -16.75
C VAL F 555 42.32 -5.32 -16.97
N PRO F 556 42.79 -5.39 -18.21
CA PRO F 556 44.24 -5.33 -18.45
C PRO F 556 44.80 -3.95 -18.13
N VAL F 557 46.00 -3.93 -17.55
CA VAL F 557 46.62 -2.69 -17.10
C VAL F 557 48.06 -2.60 -17.57
N GLY F 558 48.42 -3.38 -18.58
CA GLY F 558 49.76 -3.32 -19.12
C GLY F 558 50.36 -4.71 -19.24
N TYR F 559 51.68 -4.74 -19.42
CA TYR F 559 52.40 -5.98 -19.63
C TYR F 559 53.67 -5.97 -18.79
N ASP F 560 54.32 -7.14 -18.70
CA ASP F 560 55.52 -7.27 -17.88
C ASP F 560 56.78 -7.23 -18.74
N LYS F 561 57.84 -7.91 -18.28
CA LYS F 561 59.12 -7.85 -19.00
C LYS F 561 59.05 -8.63 -20.31
N GLU F 562 58.57 -9.87 -20.26
CA GLU F 562 58.51 -10.72 -21.45
C GLU F 562 57.26 -10.47 -22.29
N GLY F 563 56.50 -9.43 -22.00
CA GLY F 563 55.34 -9.09 -22.81
C GLY F 563 54.11 -9.92 -22.54
N LEU F 564 53.78 -10.16 -21.27
CA LEU F 564 52.60 -10.91 -20.89
C LEU F 564 51.58 -10.01 -20.21
N PRO F 565 50.29 -10.28 -20.38
CA PRO F 565 49.26 -9.38 -19.82
C PRO F 565 49.24 -9.41 -18.30
N ILE F 566 48.88 -8.27 -17.72
CA ILE F 566 48.72 -8.10 -16.27
C ILE F 566 47.29 -7.65 -15.99
N GLY F 567 46.62 -8.33 -15.07
CA GLY F 567 45.22 -8.08 -14.79
C GLY F 567 45.02 -7.44 -13.42
N LEU F 568 44.13 -6.44 -13.37
CA LEU F 568 43.77 -5.74 -12.16
C LEU F 568 42.32 -6.04 -11.82
N GLN F 569 42.07 -6.42 -10.57
CA GLN F 569 40.73 -6.81 -10.13
C GLN F 569 40.10 -5.70 -9.30
N ILE F 570 38.88 -5.31 -9.67
CA ILE F 570 38.10 -4.33 -8.93
C ILE F 570 36.85 -5.02 -8.42
N MET F 571 36.70 -5.07 -7.09
CA MET F 571 35.59 -5.75 -6.44
C MET F 571 34.77 -4.72 -5.70
N GLY F 572 33.48 -4.62 -6.04
CA GLY F 572 32.60 -3.62 -5.48
C GLY F 572 31.54 -4.21 -4.57
N ARG F 573 30.60 -3.35 -4.19
CA ARG F 573 29.53 -3.73 -3.28
C ARG F 573 28.55 -4.67 -3.97
N PRO F 574 27.76 -5.41 -3.20
CA PRO F 574 26.75 -6.29 -3.81
C PRO F 574 25.78 -5.52 -4.69
N TRP F 575 25.43 -6.13 -5.82
CA TRP F 575 24.52 -5.59 -6.81
C TRP F 575 25.02 -4.29 -7.44
N ALA F 576 26.27 -3.91 -7.18
CA ALA F 576 26.82 -2.66 -7.69
C ALA F 576 27.69 -2.91 -8.92
N GLU F 577 27.09 -3.54 -9.93
CA GLU F 577 27.82 -3.78 -11.17
C GLU F 577 28.12 -2.48 -11.90
N ALA F 578 27.22 -1.49 -11.80
CA ALA F 578 27.47 -0.21 -12.47
C ALA F 578 28.65 0.53 -11.86
N THR F 579 28.90 0.33 -10.57
CA THR F 579 30.10 0.92 -9.96
C THR F 579 31.37 0.24 -10.43
N VAL F 580 31.32 -1.09 -10.58
CA VAL F 580 32.50 -1.83 -11.02
C VAL F 580 32.73 -1.63 -12.51
N LEU F 581 31.66 -1.61 -13.30
CA LEU F 581 31.80 -1.37 -14.74
C LEU F 581 32.25 0.06 -15.02
N GLY F 582 31.74 1.01 -14.24
CA GLY F 582 32.14 2.40 -14.45
C GLY F 582 33.60 2.63 -14.15
N LEU F 583 34.08 2.11 -13.02
CA LEU F 583 35.48 2.30 -12.66
C LEU F 583 36.40 1.57 -13.62
N ALA F 584 36.00 0.39 -14.09
CA ALA F 584 36.82 -0.35 -15.04
C ALA F 584 36.89 0.37 -16.39
N ALA F 585 35.83 1.05 -16.80
CA ALA F 585 35.89 1.84 -18.03
C ALA F 585 36.86 2.99 -17.91
N ALA F 586 37.06 3.51 -16.69
CA ALA F 586 38.06 4.57 -16.48
C ALA F 586 39.48 4.02 -16.46
N VAL F 587 39.66 2.76 -16.08
CA VAL F 587 40.98 2.13 -16.15
C VAL F 587 41.34 1.79 -17.60
N GLU F 588 40.35 1.33 -18.37
CA GLU F 588 40.57 1.08 -19.80
C GLU F 588 40.97 2.35 -20.54
N GLU F 589 40.51 3.51 -20.06
CA GLU F 589 40.88 4.77 -20.71
C GLU F 589 42.32 5.14 -20.41
N LEU F 590 42.79 4.91 -19.18
CA LEU F 590 44.13 5.31 -18.78
C LEU F 590 45.21 4.33 -19.24
N ALA F 591 44.84 3.10 -19.59
CA ALA F 591 45.80 2.10 -20.05
C ALA F 591 45.10 1.13 -20.99
N PRO F 592 44.89 1.53 -22.24
CA PRO F 592 44.22 0.65 -23.20
C PRO F 592 45.15 -0.47 -23.69
N VAL F 593 44.53 -1.47 -24.31
CA VAL F 593 45.29 -2.60 -24.85
C VAL F 593 46.01 -2.14 -26.11
N THR F 594 47.34 -2.22 -26.09
CA THR F 594 48.17 -1.77 -27.20
C THR F 594 48.97 -2.87 -27.89
N LYS F 595 49.23 -3.99 -27.22
CA LYS F 595 50.00 -5.08 -27.80
C LYS F 595 49.10 -6.05 -28.55
N LYS F 596 49.50 -6.42 -29.76
CA LYS F 596 48.83 -7.45 -30.53
C LYS F 596 49.39 -8.82 -30.15
N PRO F 597 48.55 -9.82 -29.92
CA PRO F 597 49.06 -11.13 -29.54
C PRO F 597 49.69 -11.85 -30.72
N ALA F 598 50.48 -12.89 -30.40
CA ALA F 598 51.09 -13.72 -31.44
C ALA F 598 50.02 -14.38 -32.31
N ILE F 599 49.08 -15.08 -31.68
CA ILE F 599 47.96 -15.68 -32.38
C ILE F 599 46.82 -14.66 -32.38
N PHE F 600 46.66 -13.95 -33.50
CA PHE F 600 45.60 -12.97 -33.66
C PHE F 600 45.07 -13.04 -35.08
N TYR F 601 43.75 -12.85 -35.23
CA TYR F 601 43.08 -12.95 -36.52
C TYR F 601 42.15 -11.76 -36.71
N ASP F 602 42.35 -11.04 -37.82
CA ASP F 602 41.47 -9.93 -38.18
C ASP F 602 40.30 -10.50 -38.97
N ILE F 603 39.10 -10.41 -38.38
CA ILE F 603 37.93 -11.03 -38.97
C ILE F 603 37.17 -10.06 -39.88
N LEU F 604 37.14 -8.77 -39.54
CA LEU F 604 36.46 -7.81 -40.40
C LEU F 604 37.22 -7.57 -41.69
N ASN F 605 38.55 -7.70 -41.67
CA ASN F 605 39.40 -7.52 -42.84
C ASN F 605 39.22 -6.13 -43.46
N TYR G 4 16.12 101.00 37.80
CA TYR G 4 16.05 99.64 38.30
C TYR G 4 15.81 98.61 37.19
N GLN G 5 14.85 98.91 36.32
CA GLN G 5 14.51 98.00 35.23
C GLN G 5 13.89 98.81 34.10
N VAL G 6 13.95 98.25 32.89
CA VAL G 6 13.43 98.89 31.69
C VAL G 6 12.16 98.17 31.26
N MET G 7 11.22 98.93 30.70
CA MET G 7 9.92 98.44 30.28
C MET G 7 9.73 98.66 28.79
N LYS G 8 9.18 97.65 28.11
CA LYS G 8 8.96 97.70 26.67
C LYS G 8 7.48 97.49 26.33
N ARG G 9 7.14 97.84 25.09
CA ARG G 9 5.89 97.42 24.47
C ARG G 9 6.04 97.57 22.96
N ALA G 10 5.87 96.47 22.23
CA ALA G 10 6.28 96.43 20.83
C ALA G 10 5.24 97.05 19.90
N SER G 11 4.04 96.48 19.85
CA SER G 11 3.06 96.85 18.85
C SER G 11 2.39 98.19 19.11
N GLU G 12 3.04 99.07 19.88
CA GLU G 12 2.45 100.38 20.16
C GLU G 12 3.49 101.52 20.15
N VAL G 13 4.73 101.26 19.75
CA VAL G 13 5.71 102.33 19.67
C VAL G 13 5.42 103.23 18.48
N ASP G 14 5.71 104.51 18.63
CA ASP G 14 5.60 105.44 17.53
C ASP G 14 6.87 105.36 16.68
N LEU G 15 6.71 105.02 15.40
CA LEU G 15 7.88 104.87 14.53
C LEU G 15 8.64 106.18 14.36
N SER G 16 7.97 107.32 14.55
CA SER G 16 8.68 108.60 14.52
C SER G 16 9.52 108.83 15.76
N THR G 17 9.29 108.06 16.82
CA THR G 17 10.07 108.17 18.05
C THR G 17 11.33 107.32 18.02
N VAL G 18 11.38 106.28 17.17
CA VAL G 18 12.49 105.35 17.16
C VAL G 18 13.77 106.09 16.80
N LYS G 19 14.74 106.06 17.71
CA LYS G 19 16.05 106.68 17.50
C LYS G 19 17.02 105.61 17.01
N TYR G 20 17.78 105.94 15.97
CA TYR G 20 18.74 105.01 15.39
C TYR G 20 19.93 104.87 16.33
N LYS G 21 19.98 103.77 17.08
CA LYS G 21 21.09 103.47 17.98
C LYS G 21 21.96 102.39 17.34
N ALA G 22 23.21 102.73 17.05
CA ALA G 22 24.15 101.82 16.39
C ALA G 22 25.48 101.85 17.14
N GLU G 23 25.49 101.31 18.35
CA GLU G 23 26.72 101.22 19.12
C GLU G 23 27.56 100.06 18.62
N THR G 24 28.86 100.30 18.46
CA THR G 24 29.75 99.30 17.90
C THR G 24 29.99 98.17 18.91
N MET G 25 30.65 97.13 18.44
CA MET G 25 30.95 95.96 19.26
C MET G 25 32.34 96.12 19.87
N LYS G 26 32.40 96.18 21.20
CA LYS G 26 33.63 96.41 21.93
C LYS G 26 34.19 95.08 22.43
N ALA G 27 35.36 94.71 21.92
CA ALA G 27 36.01 93.46 22.30
C ALA G 27 37.48 93.55 21.95
N PRO G 28 38.36 92.84 22.66
CA PRO G 28 39.79 92.93 22.39
C PRO G 28 40.16 92.23 21.09
N HIS G 29 41.31 92.64 20.54
CA HIS G 29 41.87 92.08 19.31
C HIS G 29 43.20 91.43 19.69
N LEU G 30 43.20 90.10 19.81
CA LEU G 30 44.36 89.36 20.26
C LEU G 30 44.72 88.28 19.25
N THR G 31 46.01 88.14 18.97
CA THR G 31 46.51 87.17 18.02
C THR G 31 47.72 86.45 18.60
N GLY G 32 48.04 85.30 18.01
CA GLY G 32 49.26 84.60 18.38
C GLY G 32 49.21 84.05 19.79
N LEU G 33 50.21 84.40 20.60
CA LEU G 33 50.32 83.83 21.94
C LEU G 33 49.36 84.51 22.91
N SER G 34 49.14 85.81 22.76
CA SER G 34 48.17 86.50 23.63
C SER G 34 46.77 85.94 23.42
N PHE G 35 46.49 85.38 22.24
CA PHE G 35 45.22 84.71 22.02
C PHE G 35 45.16 83.39 22.79
N LYS G 36 46.23 82.58 22.70
CA LYS G 36 46.26 81.32 23.43
C LYS G 36 46.17 81.56 24.93
N LEU G 37 46.83 82.61 25.43
CA LEU G 37 46.74 82.93 26.84
C LEU G 37 45.33 83.38 27.22
N PHE G 38 44.71 84.21 26.38
CA PHE G 38 43.37 84.70 26.66
C PHE G 38 42.33 83.58 26.56
N VAL G 39 42.60 82.56 25.73
CA VAL G 39 41.68 81.43 25.63
C VAL G 39 41.73 80.58 26.90
N ASN G 40 42.94 80.30 27.39
CA ASN G 40 43.06 79.54 28.64
C ASN G 40 42.54 80.31 29.84
N LEU G 41 42.51 81.64 29.78
CA LEU G 41 41.88 82.42 30.84
C LEU G 41 40.36 82.29 30.79
N LEU G 42 39.79 82.28 29.58
CA LEU G 42 38.34 82.10 29.45
C LEU G 42 37.91 80.72 29.91
N GLU G 43 38.69 79.69 29.58
CA GLU G 43 38.41 78.33 29.99
C GLU G 43 38.88 78.02 31.42
N ALA G 44 39.37 79.02 32.14
CA ALA G 44 39.78 78.83 33.52
C ALA G 44 38.55 78.90 34.44
N PRO G 45 38.61 78.22 35.59
CA PRO G 45 37.45 78.16 36.50
C PRO G 45 36.80 79.51 36.82
N LEU G 46 37.34 80.21 37.83
CA LEU G 46 36.65 81.38 38.36
C LEU G 46 36.85 82.62 37.50
N ILE G 47 38.08 82.87 37.05
CA ILE G 47 38.35 84.08 36.28
C ILE G 47 37.67 84.03 34.92
N GLY G 48 37.42 82.82 34.40
CA GLY G 48 36.84 82.71 33.07
C GLY G 48 35.43 83.28 33.01
N SER G 49 34.62 83.06 34.05
CA SER G 49 33.27 83.60 34.06
C SER G 49 33.28 85.12 34.20
N LEU G 50 34.27 85.67 34.90
CA LEU G 50 34.31 87.11 35.12
C LEU G 50 34.61 87.85 33.82
N ILE G 51 35.46 87.28 32.96
CA ILE G 51 35.80 87.93 31.71
C ILE G 51 34.59 87.97 30.78
N VAL G 52 33.87 86.85 30.67
CA VAL G 52 32.71 86.80 29.78
C VAL G 52 31.59 87.67 30.29
N ASP G 53 31.39 87.70 31.62
CA ASP G 53 30.37 88.57 32.19
C ASP G 53 30.74 90.04 32.03
N TYR G 54 32.04 90.35 31.98
CA TYR G 54 32.44 91.73 31.73
C TYR G 54 32.14 92.13 30.29
N LEU G 55 32.35 91.22 29.34
CA LEU G 55 32.09 91.53 27.94
C LEU G 55 30.60 91.72 27.68
N LYS G 56 29.76 90.88 28.30
CA LYS G 56 28.32 91.01 28.10
C LYS G 56 27.78 92.28 28.74
N LYS G 57 28.28 92.63 29.93
CA LYS G 57 27.89 93.89 30.56
C LYS G 57 28.39 95.09 29.76
N ASP G 58 29.60 94.98 29.20
CA ASP G 58 30.17 96.11 28.47
C ASP G 58 29.42 96.38 27.17
N ASN G 59 29.04 95.32 26.45
CA ASN G 59 28.32 95.46 25.19
C ASN G 59 26.82 95.62 25.39
N GLY G 60 26.36 95.78 26.63
CA GLY G 60 24.95 96.03 26.88
C GLY G 60 24.03 94.84 26.68
N MET G 61 24.57 93.62 26.70
CA MET G 61 23.73 92.44 26.53
C MET G 61 23.03 92.06 27.82
N THR G 62 23.70 92.21 28.97
CA THR G 62 23.07 91.91 30.24
C THR G 62 21.91 92.84 30.54
N LYS G 63 21.99 94.09 30.08
CA LYS G 63 20.88 95.02 30.26
C LYS G 63 19.66 94.60 29.46
N ILE G 64 19.86 93.92 28.33
CA ILE G 64 18.74 93.50 27.49
C ILE G 64 18.14 92.20 27.99
N PHE G 65 18.98 91.23 28.37
CA PHE G 65 18.49 89.90 28.71
C PHE G 65 17.99 89.81 30.14
N ARG G 66 18.60 90.54 31.07
CA ARG G 66 18.30 90.37 32.49
C ARG G 66 17.71 91.60 33.17
N ASN G 67 17.76 92.78 32.55
CA ASN G 67 17.30 93.98 33.22
C ASN G 67 16.25 94.72 32.39
N THR G 68 15.41 93.97 31.67
CA THR G 68 14.36 94.57 30.86
C THR G 68 13.21 93.58 30.72
N VAL G 69 12.01 94.03 31.06
CA VAL G 69 10.81 93.21 30.90
C VAL G 69 10.32 93.32 29.46
N ILE G 70 9.95 92.18 28.88
CA ILE G 70 9.48 92.13 27.50
C ILE G 70 8.06 91.57 27.50
N PRO G 71 7.06 92.35 27.10
CA PRO G 71 5.67 91.87 27.17
C PRO G 71 5.28 90.91 26.06
N GLU G 72 6.19 90.54 25.16
CA GLU G 72 5.88 89.64 24.06
C GLU G 72 6.06 88.19 24.49
N GLU G 73 5.27 87.30 23.88
CA GLU G 73 5.41 85.86 24.08
C GLU G 73 6.48 85.32 23.13
N PRO G 74 7.22 84.29 23.55
CA PRO G 74 8.36 83.83 22.75
C PRO G 74 7.93 83.26 21.41
N MET G 75 8.62 83.67 20.35
CA MET G 75 8.46 83.14 19.00
C MET G 75 9.74 82.39 18.67
N PHE G 76 9.74 81.09 18.91
CA PHE G 76 10.99 80.31 18.81
C PHE G 76 11.40 80.09 17.36
N ARG G 77 10.44 80.00 16.45
CA ARG G 77 10.73 79.81 15.03
C ARG G 77 9.96 80.83 14.21
N PRO G 78 10.47 81.21 13.04
CA PRO G 78 9.78 82.22 12.22
C PRO G 78 8.38 81.77 11.83
N GLU G 79 7.40 82.61 12.18
CA GLU G 79 5.99 82.35 11.90
C GLU G 79 5.48 83.40 10.93
N PHE G 80 5.24 82.98 9.65
CA PHE G 80 4.79 83.98 8.68
C PHE G 80 3.29 83.86 8.46
N PRO G 81 2.59 84.98 8.36
CA PRO G 81 1.17 84.95 8.01
C PRO G 81 0.98 84.67 6.53
N SER G 82 -0.27 84.67 6.10
CA SER G 82 -0.59 84.46 4.69
C SER G 82 -0.12 85.66 3.88
N GLN G 83 0.79 85.42 2.94
CA GLN G 83 1.36 86.47 2.13
C GLN G 83 0.58 86.66 0.84
N GLU G 84 0.69 87.86 0.27
CA GLU G 84 0.02 88.16 -0.98
C GLU G 84 0.69 87.41 -2.14
N PRO G 85 -0.05 87.11 -3.20
CA PRO G 85 0.56 86.46 -4.37
C PRO G 85 1.43 87.45 -5.13
N GLU G 86 2.67 87.07 -5.38
CA GLU G 86 3.59 87.92 -6.12
C GLU G 86 3.18 88.02 -7.59
N HIS G 87 3.46 89.18 -8.17
CA HIS G 87 2.98 89.51 -9.50
C HIS G 87 3.95 89.05 -10.58
N ASP G 88 3.40 88.49 -11.65
CA ASP G 88 4.16 88.08 -12.84
C ASP G 88 5.26 87.08 -12.48
N VAL G 89 4.82 85.91 -12.01
CA VAL G 89 5.72 84.82 -11.66
C VAL G 89 5.13 83.51 -12.15
N VAL G 90 5.98 82.49 -12.24
CA VAL G 90 5.58 81.16 -12.67
C VAL G 90 5.61 80.25 -11.45
N ILE G 91 4.49 79.57 -11.21
CA ILE G 91 4.35 78.68 -10.06
C ILE G 91 4.77 77.28 -10.46
N VAL G 92 5.71 76.70 -9.72
CA VAL G 92 6.19 75.34 -9.96
C VAL G 92 5.98 74.52 -8.70
N GLY G 93 5.72 73.24 -8.89
CA GLY G 93 5.43 72.37 -7.77
C GLY G 93 6.61 72.21 -6.82
N GLU G 94 6.30 71.86 -5.58
CA GLU G 94 7.32 71.69 -4.55
C GLU G 94 7.85 70.26 -4.49
N ASP G 95 7.10 69.29 -5.00
CA ASP G 95 7.53 67.89 -5.01
C ASP G 95 7.97 67.41 -6.38
N GLU G 96 7.91 68.26 -7.40
CA GLU G 96 8.40 67.88 -8.72
C GLU G 96 9.89 67.61 -8.68
N SER G 97 10.35 66.70 -9.54
CA SER G 97 11.76 66.35 -9.57
C SER G 97 12.58 67.56 -9.98
N PRO G 98 13.82 67.67 -9.49
CA PRO G 98 14.66 68.82 -9.87
C PRO G 98 14.94 68.90 -11.36
N ILE G 99 14.81 67.78 -12.09
CA ILE G 99 15.01 67.80 -13.53
C ILE G 99 13.88 68.57 -14.22
N ASP G 100 12.66 68.45 -13.69
CA ASP G 100 11.52 69.13 -14.29
C ASP G 100 11.50 70.62 -13.99
N ARG G 101 11.90 71.00 -12.77
CA ARG G 101 11.94 72.43 -12.44
C ARG G 101 13.01 73.16 -13.23
N LEU G 102 14.10 72.47 -13.57
CA LEU G 102 15.16 73.11 -14.34
C LEU G 102 14.66 73.53 -15.72
N GLU G 103 13.99 72.62 -16.43
CA GLU G 103 13.49 72.94 -17.76
C GLU G 103 12.40 74.00 -17.74
N THR G 104 11.70 74.15 -16.61
CA THR G 104 10.78 75.26 -16.45
C THR G 104 11.54 76.56 -16.16
N ALA G 105 12.63 76.48 -15.40
CA ALA G 105 13.46 77.65 -15.15
C ALA G 105 14.15 78.12 -16.43
N LEU G 106 14.47 77.19 -17.34
CA LEU G 106 15.06 77.58 -18.62
C LEU G 106 14.08 78.40 -19.45
N LYS G 107 12.79 78.08 -19.38
CA LYS G 107 11.79 78.90 -20.06
C LYS G 107 11.70 80.28 -19.42
N CYS G 108 12.06 80.42 -18.14
CA CYS G 108 12.01 81.70 -17.45
C CYS G 108 13.24 82.56 -17.73
N LEU G 109 14.33 81.95 -18.21
CA LEU G 109 15.53 82.70 -18.56
C LEU G 109 15.39 83.32 -19.95
N PRO G 110 16.09 84.43 -20.21
CA PRO G 110 16.10 84.98 -21.57
C PRO G 110 16.71 84.01 -22.56
N GLN G 111 16.40 84.24 -23.84
CA GLN G 111 16.90 83.37 -24.89
C GLN G 111 18.42 83.40 -24.94
N TYR G 112 19.02 82.22 -24.95
CA TYR G 112 20.48 82.12 -24.94
C TYR G 112 21.03 82.50 -26.31
N ASP G 113 22.15 83.24 -26.30
CA ASP G 113 22.79 83.70 -27.51
C ASP G 113 24.09 82.95 -27.72
N PRO G 114 24.25 82.20 -28.81
CA PRO G 114 25.53 81.51 -29.05
C PRO G 114 26.70 82.45 -29.30
N SER G 115 26.46 83.75 -29.48
CA SER G 115 27.52 84.72 -29.67
C SER G 115 28.24 85.09 -28.37
N ARG G 116 27.90 84.44 -27.27
CA ARG G 116 28.55 84.68 -25.99
C ARG G 116 29.71 83.73 -25.72
N SER G 117 29.78 82.61 -26.43
CA SER G 117 30.74 81.55 -26.12
C SER G 117 31.69 81.30 -27.28
N LEU G 118 31.22 80.73 -28.38
CA LEU G 118 32.09 80.30 -29.46
C LEU G 118 32.69 81.47 -30.23
N HIS G 119 31.86 82.22 -30.93
CA HIS G 119 32.30 83.32 -31.79
C HIS G 119 32.03 84.65 -31.10
N ALA G 120 33.07 85.45 -30.92
CA ALA G 120 32.91 86.75 -30.28
C ALA G 120 34.08 87.64 -30.69
N ASP G 121 33.90 88.94 -30.50
CA ASP G 121 34.94 89.90 -30.83
C ASP G 121 36.04 89.86 -29.77
N PRO G 122 37.31 89.76 -30.18
CA PRO G 122 38.39 89.66 -29.18
C PRO G 122 38.76 91.00 -28.56
N VAL G 123 37.83 91.95 -28.55
CA VAL G 123 38.07 93.26 -27.94
C VAL G 123 36.91 93.60 -27.02
N SER G 124 36.25 92.58 -26.48
CA SER G 124 35.13 92.77 -25.58
C SER G 124 35.63 92.90 -24.14
N SER G 125 34.70 93.09 -23.20
CA SER G 125 35.03 93.24 -21.80
C SER G 125 35.22 91.88 -21.13
N PHE G 126 35.23 91.87 -19.80
CA PHE G 126 35.38 90.64 -19.02
C PHE G 126 34.02 90.11 -18.59
N ARG G 127 33.93 88.78 -18.52
CA ARG G 127 32.68 88.14 -18.14
C ARG G 127 32.98 86.79 -17.49
N TYR G 128 32.07 86.34 -16.64
CA TYR G 128 32.12 84.99 -16.11
C TYR G 128 31.33 84.05 -17.00
N TRP G 129 31.80 82.81 -17.11
CA TRP G 129 31.08 81.81 -17.88
C TRP G 129 29.80 81.42 -17.15
N LYS G 130 28.70 81.41 -17.88
CA LYS G 130 27.42 80.99 -17.31
C LYS G 130 27.30 79.47 -17.34
N ILE G 131 26.30 78.97 -16.60
CA ILE G 131 26.03 77.54 -16.64
C ILE G 131 25.56 77.14 -18.04
N ARG G 132 24.82 78.02 -18.71
CA ARG G 132 24.37 77.73 -20.06
C ARG G 132 25.52 77.77 -21.08
N ASP G 133 26.63 78.43 -20.76
CA ASP G 133 27.78 78.38 -21.64
C ASP G 133 28.43 77.00 -21.64
N TYR G 134 28.59 76.40 -20.45
CA TYR G 134 29.07 75.02 -20.38
C TYR G 134 28.08 74.06 -21.00
N ALA G 135 26.78 74.27 -20.77
CA ALA G 135 25.76 73.38 -21.31
C ALA G 135 25.71 73.45 -22.83
N TYR G 136 25.93 74.64 -23.39
CA TYR G 136 25.95 74.76 -24.85
C TYR G 136 27.21 74.12 -25.43
N ALA G 137 28.35 74.32 -24.79
CA ALA G 137 29.60 73.73 -25.27
C ALA G 137 29.57 72.21 -25.18
N TYR G 138 28.83 71.66 -24.21
CA TYR G 138 28.74 70.20 -24.08
C TYR G 138 27.85 69.61 -25.18
N ARG G 139 26.75 70.28 -25.50
CA ARG G 139 25.81 69.75 -26.48
C ARG G 139 26.25 70.04 -27.91
N SER G 140 27.01 71.12 -28.12
CA SER G 140 27.56 71.43 -29.43
C SER G 140 28.88 70.73 -29.69
N LYS G 141 29.30 69.82 -28.80
CA LYS G 141 30.52 69.03 -28.94
C LYS G 141 31.78 69.90 -29.02
N LEU G 142 31.70 71.15 -28.56
CA LEU G 142 32.90 71.98 -28.51
C LEU G 142 33.87 71.47 -27.45
N THR G 143 33.35 70.93 -26.35
CA THR G 143 34.18 70.33 -25.31
C THR G 143 33.33 69.28 -24.61
N THR G 144 33.97 68.54 -23.71
CA THR G 144 33.32 67.48 -22.95
C THR G 144 33.55 67.69 -21.47
N PRO G 145 32.63 67.22 -20.62
CA PRO G 145 32.83 67.36 -19.17
C PRO G 145 34.09 66.69 -18.67
N LEU G 146 34.53 65.61 -19.32
CA LEU G 146 35.75 64.94 -18.91
C LEU G 146 36.96 65.86 -19.09
N GLN G 147 37.13 66.40 -20.30
CA GLN G 147 38.25 67.29 -20.58
C GLN G 147 38.16 68.58 -19.78
N VAL G 148 36.96 68.98 -19.36
CA VAL G 148 36.83 70.11 -18.46
C VAL G 148 37.35 69.75 -17.07
N ALA G 149 37.05 68.53 -16.61
CA ALA G 149 37.52 68.09 -15.30
C ALA G 149 39.04 68.03 -15.25
N LYS G 150 39.66 67.58 -16.34
CA LYS G 150 41.12 67.50 -16.38
C LYS G 150 41.76 68.88 -16.27
N ARG G 151 41.11 69.91 -16.82
CA ARG G 151 41.65 71.25 -16.70
C ARG G 151 41.46 71.81 -15.29
N ILE G 152 40.38 71.43 -14.62
CA ILE G 152 40.16 71.87 -13.24
C ILE G 152 41.15 71.17 -12.31
N ILE G 153 41.26 69.84 -12.44
CA ILE G 153 42.19 69.09 -11.61
C ILE G 153 43.62 69.54 -11.85
N SER G 154 43.93 69.96 -13.08
CA SER G 154 45.27 70.45 -13.37
C SER G 154 45.59 71.71 -12.59
N ILE G 155 44.60 72.59 -12.43
CA ILE G 155 44.85 73.85 -11.73
C ILE G 155 44.97 73.62 -10.24
N ILE G 156 44.16 72.72 -9.68
CA ILE G 156 44.18 72.47 -8.24
C ILE G 156 45.53 71.92 -7.81
N GLU G 157 46.07 70.96 -8.57
CA GLU G 157 47.34 70.37 -8.21
C GLU G 157 48.50 71.31 -8.48
N GLU G 158 48.42 72.10 -9.56
CA GLU G 158 49.52 72.98 -9.92
C GLU G 158 49.72 74.10 -8.91
N PHE G 159 48.64 74.56 -8.29
CA PHE G 159 48.71 75.64 -7.31
C PHE G 159 48.51 75.18 -5.88
N GLY G 160 48.18 73.91 -5.66
CA GLY G 160 48.00 73.39 -4.31
C GLY G 160 46.77 73.94 -3.64
N TYR G 161 45.64 73.91 -4.34
CA TYR G 161 44.38 74.41 -3.79
C TYR G 161 43.64 73.37 -2.97
N ASP G 162 44.18 72.15 -2.86
CA ASP G 162 43.64 71.14 -1.96
C ASP G 162 44.56 70.87 -0.78
N LYS G 163 45.59 71.69 -0.61
CA LYS G 163 46.60 71.52 0.43
C LYS G 163 46.88 72.90 1.03
N PRO G 164 47.40 72.94 2.27
CA PRO G 164 47.84 74.20 2.89
C PRO G 164 48.89 74.94 2.04
N PRO G 165 49.10 76.24 2.29
CA PRO G 165 48.49 77.09 3.31
C PRO G 165 47.27 77.89 2.85
N THR G 166 46.95 77.84 1.56
CA THR G 166 45.82 78.59 1.01
C THR G 166 45.01 77.67 0.09
N PRO G 167 44.21 76.76 0.66
CA PRO G 167 43.42 75.86 -0.17
C PRO G 167 41.99 76.35 -0.41
N PHE G 168 41.47 76.09 -1.60
CA PHE G 168 40.04 76.30 -1.84
C PHE G 168 39.23 75.13 -1.29
N LEU G 169 39.73 73.92 -1.45
CA LEU G 169 39.06 72.71 -0.97
C LEU G 169 39.84 72.09 0.18
N ILE G 170 39.13 71.40 1.06
CA ILE G 170 39.75 70.66 2.15
C ILE G 170 39.45 69.18 2.09
N ARG G 171 38.62 68.74 1.14
CA ARG G 171 38.39 67.31 0.89
C ARG G 171 38.15 67.17 -0.61
N PHE G 172 39.21 66.77 -1.33
CA PHE G 172 39.16 66.69 -2.78
C PHE G 172 39.75 65.37 -3.23
N ASP G 173 39.05 64.68 -4.13
CA ASP G 173 39.51 63.42 -4.71
C ASP G 173 39.41 63.53 -6.22
N ALA G 174 40.56 63.59 -6.89
CA ALA G 174 40.57 63.71 -8.35
C ALA G 174 40.02 62.47 -9.02
N ASN G 175 40.24 61.30 -8.43
CA ASN G 175 39.73 60.06 -9.02
C ASN G 175 38.21 59.98 -8.99
N GLU G 176 37.57 60.72 -8.07
CA GLU G 176 36.11 60.75 -8.03
C GLU G 176 35.55 61.77 -9.02
N VAL G 177 36.23 62.91 -9.18
CA VAL G 177 35.78 63.91 -10.15
C VAL G 177 35.79 63.33 -11.56
N ILE G 178 36.86 62.60 -11.90
CA ILE G 178 36.92 61.96 -13.21
C ILE G 178 35.86 60.87 -13.32
N LYS G 179 35.56 60.18 -12.22
CA LYS G 179 34.54 59.15 -12.25
C LYS G 179 33.17 59.73 -12.57
N GLN G 180 32.87 60.92 -12.04
CA GLN G 180 31.59 61.55 -12.32
C GLN G 180 31.56 62.20 -13.70
N ALA G 181 32.70 62.71 -14.18
CA ALA G 181 32.73 63.36 -15.48
C ALA G 181 32.69 62.36 -16.63
N GLU G 182 33.21 61.16 -16.44
CA GLU G 182 33.16 60.15 -17.48
C GLU G 182 31.73 59.73 -17.77
N ALA G 183 30.95 59.44 -16.73
CA ALA G 183 29.55 59.08 -16.91
C ALA G 183 28.73 60.26 -17.44
N SER G 184 29.15 61.49 -17.11
CA SER G 184 28.49 62.66 -17.67
C SER G 184 28.85 62.84 -19.14
N THR G 185 30.11 62.61 -19.50
CA THR G 185 30.53 62.73 -20.90
C THR G 185 29.85 61.69 -21.78
N ARG G 186 29.72 60.46 -21.28
CA ARG G 186 29.08 59.40 -22.05
C ARG G 186 27.60 59.66 -22.28
N ARG G 187 26.97 60.51 -21.47
CA ARG G 187 25.58 60.88 -21.72
C ARG G 187 25.46 61.90 -22.85
N PHE G 188 26.38 62.87 -22.89
CA PHE G 188 26.46 63.74 -24.06
C PHE G 188 26.97 62.96 -25.28
N GLU G 189 27.75 61.91 -25.05
CA GLU G 189 28.21 61.06 -26.14
C GLU G 189 27.04 60.39 -26.84
N GLN G 190 26.25 59.62 -26.09
CA GLN G 190 25.14 58.84 -26.62
C GLN G 190 23.93 59.68 -27.00
N GLY G 191 23.91 60.95 -26.62
CA GLY G 191 22.81 61.83 -26.98
C GLY G 191 21.65 61.85 -26.01
N ASN G 192 21.93 61.75 -24.70
CA ASN G 192 20.88 61.78 -23.68
C ASN G 192 21.42 62.47 -22.44
N PRO G 193 21.51 63.80 -22.46
CA PRO G 193 21.89 64.54 -21.25
C PRO G 193 20.70 64.64 -20.30
N ILE G 194 21.01 64.63 -19.00
CA ILE G 194 19.96 64.62 -17.98
C ILE G 194 19.22 65.94 -17.96
N SER G 195 19.95 67.04 -17.75
CA SER G 195 19.35 68.36 -17.69
C SER G 195 20.41 69.40 -18.04
N VAL G 196 20.09 70.67 -17.87
CA VAL G 196 21.04 71.73 -18.17
C VAL G 196 22.23 71.68 -17.20
N LEU G 197 22.00 71.22 -15.97
CA LEU G 197 23.05 71.12 -14.96
C LEU G 197 23.95 69.89 -15.16
N ASP G 198 23.68 69.06 -16.15
CA ASP G 198 24.50 67.88 -16.39
C ASP G 198 25.88 68.31 -16.90
N GLY G 199 26.93 67.88 -16.21
CA GLY G 199 28.28 68.29 -16.52
C GLY G 199 28.74 69.57 -15.85
N ILE G 200 27.90 70.19 -15.01
CA ILE G 200 28.26 71.42 -14.34
C ILE G 200 28.93 71.10 -13.01
N PHE G 201 30.06 71.76 -12.74
CA PHE G 201 30.84 71.50 -11.54
C PHE G 201 30.36 72.41 -10.42
N VAL G 202 29.97 71.80 -9.29
CA VAL G 202 29.53 72.54 -8.11
C VAL G 202 30.38 72.10 -6.92
N THR G 203 30.60 73.05 -6.00
CA THR G 203 31.41 72.81 -4.81
C THR G 203 30.52 72.90 -3.57
N ILE G 204 30.60 71.88 -2.73
CA ILE G 204 29.75 71.78 -1.54
C ILE G 204 30.55 72.20 -0.32
N LYS G 205 29.92 73.00 0.54
CA LYS G 205 30.55 73.41 1.78
C LYS G 205 30.80 72.19 2.67
N ASP G 206 31.80 72.31 3.55
CA ASP G 206 32.25 71.17 4.34
C ASP G 206 31.31 70.81 5.49
N ASP G 207 30.22 71.53 5.68
CA ASP G 207 29.23 71.17 6.69
C ASP G 207 27.97 70.56 6.10
N ILE G 208 27.91 70.38 4.78
CA ILE G 208 26.81 69.70 4.11
C ILE G 208 27.28 68.30 3.73
N ASP G 209 26.43 67.30 3.96
CA ASP G 209 26.82 65.92 3.69
C ASP G 209 26.88 65.65 2.19
N CYS G 210 27.98 65.03 1.75
CA CYS G 210 28.19 64.74 0.33
C CYS G 210 29.10 63.53 0.24
N LEU G 211 28.56 62.41 -0.24
CA LEU G 211 29.35 61.18 -0.41
C LEU G 211 30.39 61.34 -1.51
N PRO G 212 31.55 60.69 -1.34
CA PRO G 212 31.91 59.86 -0.19
C PRO G 212 32.73 60.61 0.86
N HIS G 213 32.95 61.90 0.63
CA HIS G 213 33.80 62.67 1.53
C HIS G 213 33.12 62.82 2.90
N PRO G 214 33.89 62.70 3.99
CA PRO G 214 33.31 62.92 5.31
C PRO G 214 33.10 64.40 5.61
N THR G 215 32.14 64.66 6.49
CA THR G 215 31.78 66.02 6.86
C THR G 215 32.56 66.42 8.12
N ASN G 216 33.43 67.43 7.98
CA ASN G 216 34.23 67.91 9.09
C ASN G 216 33.80 69.28 9.60
N GLY G 217 33.06 70.05 8.81
CA GLY G 217 32.62 71.36 9.24
C GLY G 217 33.73 72.32 9.59
N GLY G 218 34.88 72.22 8.93
CA GLY G 218 36.03 73.04 9.22
C GLY G 218 36.93 72.52 10.32
N THR G 219 36.54 71.45 11.00
CA THR G 219 37.34 70.85 12.05
C THR G 219 38.22 69.75 11.46
N THR G 220 39.02 69.12 12.33
CA THR G 220 39.90 68.04 11.93
C THR G 220 39.54 66.71 12.61
N TRP G 221 38.38 66.63 13.25
CA TRP G 221 38.02 65.47 14.05
C TRP G 221 36.55 65.10 13.99
N LEU G 222 35.68 65.94 13.41
CA LEU G 222 34.25 65.66 13.44
C LEU G 222 33.89 64.39 12.68
N HIS G 223 34.74 63.96 11.73
CA HIS G 223 34.49 62.71 11.01
C HIS G 223 34.69 61.49 11.90
N GLU G 224 35.38 61.64 13.05
CA GLU G 224 35.62 60.52 13.94
C GLU G 224 34.41 60.19 14.82
N ASP G 225 33.51 61.15 15.03
CA ASP G 225 32.32 60.93 15.83
C ASP G 225 31.03 61.13 15.07
N ARG G 226 31.08 61.68 13.85
CA ARG G 226 29.88 61.90 13.02
C ARG G 226 30.22 61.47 11.60
N SER G 227 29.96 60.20 11.30
CA SER G 227 30.25 59.65 9.98
C SER G 227 29.04 59.80 9.07
N VAL G 228 29.28 60.23 7.83
CA VAL G 228 28.22 60.41 6.85
C VAL G 228 27.96 59.08 6.15
N GLU G 229 26.68 58.77 5.93
CA GLU G 229 26.30 57.50 5.32
C GLU G 229 25.41 57.66 4.10
N LYS G 230 24.93 58.86 3.80
CA LYS G 230 24.17 59.10 2.57
C LYS G 230 24.20 60.58 2.24
N ASP G 231 23.87 60.90 1.00
CA ASP G 231 23.91 62.27 0.52
C ASP G 231 22.88 63.13 1.27
N SER G 232 23.17 64.41 1.36
CA SER G 232 22.21 65.35 1.93
C SER G 232 21.06 65.59 0.96
N ALA G 233 20.04 66.30 1.45
CA ALA G 233 18.87 66.56 0.63
C ALA G 233 19.21 67.41 -0.58
N VAL G 234 20.08 68.41 -0.39
CA VAL G 234 20.41 69.31 -1.50
C VAL G 234 21.42 68.67 -2.45
N VAL G 235 22.33 67.85 -1.94
CA VAL G 235 23.33 67.22 -2.80
C VAL G 235 22.68 66.09 -3.62
N SER G 236 21.73 65.38 -3.03
CA SER G 236 21.05 64.33 -3.78
C SER G 236 20.21 64.91 -4.91
N LYS G 237 19.64 66.11 -4.72
CA LYS G 237 18.90 66.76 -5.79
C LYS G 237 19.84 67.22 -6.91
N LEU G 238 20.99 67.79 -6.55
CA LEU G 238 21.95 68.20 -7.56
C LEU G 238 22.54 67.00 -8.28
N ARG G 239 22.87 65.94 -7.54
CA ARG G 239 23.43 64.75 -8.17
C ARG G 239 22.42 64.09 -9.09
N SER G 240 21.12 64.29 -8.84
CA SER G 240 20.09 63.72 -9.72
C SER G 240 19.95 64.48 -11.02
N CYS G 241 20.40 65.73 -11.08
CA CYS G 241 20.39 66.50 -12.31
C CYS G 241 21.59 66.23 -13.18
N GLY G 242 22.51 65.38 -12.73
CA GLY G 242 23.72 65.08 -13.47
C GLY G 242 24.87 66.02 -13.21
N ALA G 243 24.79 66.86 -12.18
CA ALA G 243 25.88 67.77 -11.87
C ALA G 243 27.10 66.97 -11.39
N ILE G 244 28.24 67.66 -11.32
CA ILE G 244 29.51 67.05 -10.92
C ILE G 244 29.93 67.70 -9.61
N LEU G 245 29.98 66.91 -8.54
CA LEU G 245 30.39 67.40 -7.23
C LEU G 245 31.91 67.46 -7.18
N LEU G 246 32.46 68.67 -7.09
CA LEU G 246 33.91 68.84 -7.14
C LEU G 246 34.57 68.40 -5.85
N GLY G 247 34.13 68.95 -4.72
CA GLY G 247 34.69 68.58 -3.44
C GLY G 247 34.16 69.46 -2.33
N LYS G 248 34.65 69.16 -1.12
CA LYS G 248 34.24 69.92 0.07
C LYS G 248 35.08 71.17 0.19
N ALA G 249 34.41 72.32 0.30
CA ALA G 249 35.09 73.60 0.31
C ALA G 249 35.59 73.95 1.71
N ASN G 250 36.71 74.69 1.74
CA ASN G 250 37.21 75.22 3.01
C ASN G 250 36.20 76.20 3.60
N MET G 251 36.22 76.32 4.93
CA MET G 251 35.26 77.16 5.62
C MET G 251 35.82 77.56 6.97
N HIS G 252 35.24 78.61 7.54
CA HIS G 252 35.55 78.95 8.93
C HIS G 252 35.06 77.82 9.83
N GLU G 253 35.83 77.52 10.88
CA GLU G 253 35.55 76.35 11.71
C GLU G 253 34.17 76.43 12.35
N LEU G 254 33.28 75.53 11.95
CA LEU G 254 31.93 75.38 12.50
C LEU G 254 31.06 76.62 12.28
N GLY G 255 31.44 77.49 11.36
CA GLY G 255 30.67 78.69 11.09
C GLY G 255 30.74 79.76 12.16
N MET G 256 31.65 79.62 13.13
CA MET G 256 31.76 80.58 14.23
C MET G 256 32.76 81.69 13.88
N GLY G 257 32.39 82.44 12.84
CA GLY G 257 33.22 83.54 12.36
C GLY G 257 32.84 83.96 10.97
N THR G 258 33.02 85.25 10.66
CA THR G 258 32.66 85.81 9.36
C THR G 258 33.89 86.33 8.62
N THR G 259 35.01 85.60 8.73
CA THR G 259 36.24 86.00 8.04
C THR G 259 36.77 84.87 7.15
N GLY G 260 36.61 83.63 7.62
CA GLY G 260 37.20 82.50 6.92
C GLY G 260 38.56 82.06 7.43
N ASN G 261 39.00 82.60 8.56
CA ASN G 261 40.30 82.27 9.15
C ASN G 261 40.26 80.84 9.67
N ASN G 262 40.87 79.92 8.94
CA ASN G 262 40.95 78.52 9.34
C ASN G 262 42.41 78.20 9.65
N SER G 263 42.71 78.00 10.94
CA SER G 263 44.08 77.76 11.38
C SER G 263 44.48 76.29 11.28
N ASN G 264 43.57 75.40 10.88
CA ASN G 264 43.88 73.98 10.74
C ASN G 264 44.08 73.55 9.30
N TYR G 265 43.44 74.23 8.35
CA TYR G 265 43.62 73.94 6.93
C TYR G 265 44.21 75.09 6.13
N GLY G 266 44.21 76.30 6.65
CA GLY G 266 44.73 77.45 5.94
C GLY G 266 43.60 78.38 5.57
N THR G 267 43.86 79.68 5.64
CA THR G 267 42.84 80.69 5.36
C THR G 267 42.74 80.92 3.86
N THR G 268 41.54 80.74 3.31
CA THR G 268 41.30 80.99 1.90
C THR G 268 41.38 82.49 1.62
N ARG G 269 42.09 82.85 0.55
CA ARG G 269 42.37 84.24 0.24
C ARG G 269 41.41 84.76 -0.82
N ASN G 270 41.18 86.08 -0.78
CA ASN G 270 40.26 86.70 -1.72
C ASN G 270 40.87 86.68 -3.13
N PRO G 271 40.14 86.19 -4.13
CA PRO G 271 40.70 86.19 -5.50
C PRO G 271 40.98 87.58 -6.03
N HIS G 272 40.23 88.59 -5.60
CA HIS G 272 40.52 89.95 -6.03
C HIS G 272 41.81 90.48 -5.42
N ASP G 273 42.13 90.06 -4.20
CA ASP G 273 43.37 90.47 -3.53
C ASP G 273 43.80 89.39 -2.54
N PRO G 274 44.86 88.63 -2.86
CA PRO G 274 45.23 87.49 -2.00
C PRO G 274 45.61 87.89 -0.57
N LYS G 275 46.03 89.12 -0.33
CA LYS G 275 46.38 89.56 1.02
C LYS G 275 45.17 89.99 1.83
N ARG G 276 43.96 89.61 1.43
CA ARG G 276 42.74 90.01 2.10
C ARG G 276 41.86 88.79 2.34
N TYR G 277 40.93 88.94 3.28
CA TYR G 277 40.00 87.86 3.64
C TYR G 277 38.97 87.64 2.55
N THR G 278 38.31 86.49 2.63
CA THR G 278 37.22 86.16 1.71
C THR G 278 35.86 86.52 2.28
N GLY G 279 35.68 86.39 3.58
CA GLY G 279 34.38 86.52 4.20
C GLY G 279 33.90 85.14 4.62
N GLY G 280 33.30 85.08 5.80
CA GLY G 280 32.88 83.81 6.37
C GLY G 280 31.38 83.59 6.31
N SER G 281 30.96 82.34 6.53
CA SER G 281 31.89 81.26 6.82
C SER G 281 32.20 80.43 5.59
N SER G 282 31.50 80.69 4.49
CA SER G 282 31.70 79.98 3.23
C SER G 282 32.90 80.56 2.47
N SER G 283 34.06 80.50 3.12
CA SER G 283 35.27 81.09 2.54
C SER G 283 35.69 80.37 1.28
N GLY G 284 35.67 79.04 1.29
CA GLY G 284 36.13 78.29 0.13
C GLY G 284 35.14 78.33 -1.02
N SER G 285 33.86 78.26 -0.72
CA SER G 285 32.85 78.23 -1.79
C SER G 285 32.82 79.55 -2.55
N ALA G 286 33.00 80.67 -1.85
CA ALA G 286 32.93 81.97 -2.50
C ALA G 286 34.19 82.32 -3.26
N ALA G 287 35.33 81.75 -2.89
CA ALA G 287 36.58 82.08 -3.59
C ALA G 287 36.76 81.22 -4.84
N ILE G 288 36.36 79.95 -4.79
CA ILE G 288 36.49 79.09 -5.96
C ILE G 288 35.47 79.47 -7.03
N VAL G 289 34.37 80.12 -6.65
CA VAL G 289 33.39 80.60 -7.63
C VAL G 289 33.87 81.90 -8.26
N ALA G 290 34.41 82.81 -7.44
CA ALA G 290 34.94 84.06 -7.97
C ALA G 290 36.21 83.85 -8.79
N ALA G 291 36.95 82.76 -8.55
CA ALA G 291 38.14 82.46 -9.33
C ALA G 291 37.82 81.79 -10.67
N GLY G 292 36.55 81.49 -10.93
CA GLY G 292 36.15 80.94 -12.21
C GLY G 292 36.35 79.45 -12.38
N LEU G 293 36.65 78.72 -11.30
CA LEU G 293 36.88 77.28 -11.43
C LEU G 293 35.58 76.51 -11.63
N CYS G 294 34.63 76.69 -10.71
CA CYS G 294 33.32 76.03 -10.80
C CYS G 294 32.24 77.07 -11.02
N SER G 295 31.11 76.60 -11.55
CA SER G 295 30.03 77.51 -11.93
C SER G 295 29.28 78.03 -10.69
N ALA G 296 29.04 77.17 -9.71
CA ALA G 296 28.30 77.54 -8.52
C ALA G 296 28.78 76.70 -7.34
N ALA G 297 28.29 77.05 -6.16
CA ALA G 297 28.69 76.37 -4.93
C ALA G 297 27.63 76.60 -3.87
N LEU G 298 27.32 75.54 -3.12
CA LEU G 298 26.34 75.60 -2.04
C LEU G 298 27.01 76.00 -0.74
N GLY G 299 26.25 76.69 0.11
CA GLY G 299 26.72 77.13 1.39
C GLY G 299 25.58 77.27 2.37
N THR G 300 25.93 77.62 3.61
CA THR G 300 24.96 77.85 4.66
C THR G 300 24.94 79.32 5.04
N ASP G 301 23.86 79.73 5.71
CA ASP G 301 23.69 81.13 6.10
C ASP G 301 22.85 81.16 7.37
N GLY G 302 23.50 81.23 8.51
CA GLY G 302 22.81 81.42 9.78
C GLY G 302 23.05 82.82 10.32
N GLY G 303 24.00 83.53 9.72
CA GLY G 303 24.33 84.88 10.12
C GLY G 303 25.04 85.64 9.02
N GLY G 304 24.75 85.29 7.78
CA GLY G 304 25.34 85.95 6.64
C GLY G 304 26.46 85.20 5.96
N SER G 305 26.62 83.91 6.24
CA SER G 305 27.72 83.12 5.67
C SER G 305 27.58 82.90 4.17
N VAL G 306 26.48 83.31 3.55
CA VAL G 306 26.32 83.26 2.10
C VAL G 306 26.45 84.65 1.48
N ARG G 307 25.88 85.67 2.13
CA ARG G 307 25.90 87.02 1.57
C ARG G 307 27.20 87.77 1.89
N ILE G 308 27.79 87.54 3.06
CA ILE G 308 29.04 88.23 3.41
C ILE G 308 30.18 87.87 2.47
N PRO G 309 30.51 86.58 2.25
CA PRO G 309 31.60 86.28 1.31
C PRO G 309 31.24 86.55 -0.14
N SER G 310 29.95 86.61 -0.47
CA SER G 310 29.56 86.95 -1.83
C SER G 310 29.84 88.41 -2.14
N ALA G 311 29.54 89.30 -1.19
CA ALA G 311 29.82 90.72 -1.40
C ALA G 311 31.31 91.02 -1.38
N LEU G 312 32.08 90.28 -0.58
CA LEU G 312 33.53 90.50 -0.49
C LEU G 312 34.30 89.93 -1.67
N CYS G 313 33.74 88.92 -2.35
CA CYS G 313 34.39 88.30 -3.50
C CYS G 313 33.75 88.70 -4.82
N GLY G 314 32.66 89.46 -4.80
CA GLY G 314 32.05 89.94 -6.01
C GLY G 314 31.25 88.92 -6.78
N ILE G 315 30.46 88.09 -6.09
CA ILE G 315 29.61 87.11 -6.74
C ILE G 315 28.18 87.27 -6.25
N THR G 316 27.30 86.37 -6.66
CA THR G 316 25.90 86.40 -6.28
C THR G 316 25.63 85.32 -5.24
N GLY G 317 25.04 85.73 -4.11
CA GLY G 317 24.65 84.79 -3.07
C GLY G 317 23.19 84.90 -2.72
N LEU G 318 22.46 83.79 -2.79
CA LEU G 318 21.02 83.76 -2.56
C LEU G 318 20.72 83.10 -1.21
N LYS G 319 20.04 83.83 -0.33
CA LYS G 319 19.60 83.32 0.96
C LYS G 319 18.09 83.13 0.87
N THR G 320 17.64 81.88 0.84
CA THR G 320 16.24 81.59 0.65
C THR G 320 15.45 81.77 1.96
N THR G 321 14.12 81.74 1.84
CA THR G 321 13.26 81.81 3.02
C THR G 321 13.51 80.60 3.92
N TYR G 322 13.32 80.80 5.22
CA TYR G 322 13.53 79.73 6.17
C TYR G 322 12.61 78.55 5.87
N GLY G 323 13.20 77.38 5.62
CA GLY G 323 12.46 76.19 5.30
C GLY G 323 12.22 75.96 3.82
N ARG G 324 12.54 76.94 2.97
CA ARG G 324 12.35 76.76 1.53
C ARG G 324 13.22 75.63 1.00
N THR G 325 14.46 75.54 1.47
CA THR G 325 15.40 74.52 1.02
C THR G 325 15.64 73.51 2.14
N ASP G 326 15.55 72.23 1.80
CA ASP G 326 15.70 71.18 2.80
C ASP G 326 17.13 71.13 3.32
N MET G 327 17.26 71.00 4.64
CA MET G 327 18.55 70.98 5.30
C MET G 327 18.95 69.60 5.83
N THR G 328 18.24 68.55 5.42
CA THR G 328 18.54 67.21 5.90
C THR G 328 19.93 66.78 5.44
N GLY G 329 20.79 66.44 6.41
CA GLY G 329 22.14 66.04 6.10
C GLY G 329 23.13 67.18 6.19
N SER G 330 23.06 67.96 7.25
CA SER G 330 24.00 69.06 7.46
C SER G 330 24.20 69.27 8.96
N LEU G 331 25.20 70.08 9.30
CA LEU G 331 25.53 70.34 10.69
C LEU G 331 24.60 71.37 11.33
N CYS G 332 23.84 72.12 10.53
CA CYS G 332 22.99 73.18 11.04
C CYS G 332 21.51 72.84 10.95
N GLU G 333 21.16 71.57 10.68
CA GLU G 333 19.76 71.19 10.62
C GLU G 333 19.11 71.31 11.99
N GLY G 334 17.83 71.64 11.99
CA GLY G 334 17.11 71.88 13.22
C GLY G 334 17.35 73.23 13.85
N GLY G 335 18.19 74.07 13.25
CA GLY G 335 18.45 75.39 13.78
C GLY G 335 17.26 76.33 13.62
N THR G 336 17.51 77.59 13.91
CA THR G 336 16.46 78.61 13.84
C THR G 336 16.79 79.76 12.90
N VAL G 337 17.97 79.77 12.28
CA VAL G 337 18.36 80.87 11.40
C VAL G 337 19.00 80.33 10.13
N GLU G 338 19.58 79.14 10.20
CA GLU G 338 20.38 78.61 9.11
C GLU G 338 19.50 78.06 7.99
N ILE G 339 19.99 78.22 6.74
CA ILE G 339 19.40 77.62 5.55
C ILE G 339 20.53 77.23 4.60
N ILE G 340 20.17 76.69 3.44
CA ILE G 340 21.14 76.29 2.42
C ILE G 340 20.97 77.21 1.22
N GLY G 341 21.98 78.04 0.97
CA GLY G 341 21.93 78.99 -0.11
C GLY G 341 23.05 78.80 -1.10
N PRO G 342 22.77 79.05 -2.38
CA PRO G 342 23.79 78.90 -3.42
C PRO G 342 24.60 80.17 -3.65
N LEU G 343 25.87 79.96 -3.98
CA LEU G 343 26.77 81.03 -4.43
C LEU G 343 27.15 80.78 -5.88
N ALA G 344 26.92 81.78 -6.72
CA ALA G 344 27.18 81.62 -8.15
C ALA G 344 27.85 82.87 -8.70
N SER G 345 28.52 82.70 -9.84
CA SER G 345 29.21 83.81 -10.49
C SER G 345 28.28 84.78 -11.17
N SER G 346 27.00 84.44 -11.32
CA SER G 346 26.03 85.33 -11.93
C SER G 346 24.64 85.02 -11.39
N LEU G 347 23.71 85.94 -11.64
CA LEU G 347 22.33 85.72 -11.18
C LEU G 347 21.67 84.57 -11.93
N GLU G 348 22.04 84.35 -13.19
CA GLU G 348 21.44 83.28 -13.98
C GLU G 348 21.83 81.90 -13.43
N ASP G 349 23.04 81.77 -12.89
CA ASP G 349 23.49 80.49 -12.37
C ASP G 349 22.90 80.21 -10.99
N ALA G 350 22.80 81.23 -10.14
CA ALA G 350 22.21 81.03 -8.82
C ALA G 350 20.73 80.68 -8.92
N PHE G 351 20.03 81.24 -9.91
CA PHE G 351 18.62 80.91 -10.09
C PHE G 351 18.44 79.47 -10.52
N LEU G 352 19.35 78.95 -11.36
CA LEU G 352 19.24 77.56 -11.81
C LEU G 352 19.55 76.59 -10.68
N VAL G 353 20.52 76.92 -9.83
CA VAL G 353 20.84 76.04 -8.70
C VAL G 353 19.72 76.04 -7.69
N TYR G 354 19.17 77.21 -7.39
CA TYR G 354 18.03 77.30 -6.49
C TYR G 354 16.86 76.48 -7.00
N ALA G 355 16.65 76.46 -8.32
CA ALA G 355 15.56 75.68 -8.90
C ALA G 355 15.79 74.18 -8.80
N ALA G 356 17.03 73.75 -8.59
CA ALA G 356 17.32 72.33 -8.48
C ALA G 356 17.34 71.83 -7.04
N ILE G 357 17.65 72.70 -6.08
CA ILE G 357 17.78 72.28 -4.69
C ILE G 357 16.60 72.67 -3.81
N LEU G 358 15.66 73.46 -4.32
CA LEU G 358 14.54 73.88 -3.49
C LEU G 358 13.62 72.70 -3.17
N GLY G 359 12.73 72.92 -2.21
CA GLY G 359 11.85 71.87 -1.74
C GLY G 359 11.96 71.69 -0.23
N SER G 360 10.91 72.08 0.48
CA SER G 360 10.92 72.00 1.94
C SER G 360 10.96 70.54 2.39
N SER G 361 11.39 70.35 3.63
CA SER G 361 11.40 69.02 4.23
C SER G 361 9.99 68.60 4.61
N SER G 362 9.84 67.30 4.91
CA SER G 362 8.53 66.78 5.28
C SER G 362 8.02 67.39 6.58
N ALA G 363 8.94 67.75 7.48
CA ALA G 363 8.55 68.36 8.74
C ALA G 363 8.21 69.84 8.56
N ASP G 364 9.02 70.56 7.78
CA ASP G 364 8.77 71.99 7.57
C ASP G 364 7.55 72.24 6.70
N ARG G 365 7.07 71.22 5.98
CA ARG G 365 5.86 71.39 5.18
C ARG G 365 4.64 71.60 6.05
N TYR G 366 4.55 70.86 7.17
CA TYR G 366 3.42 71.00 8.07
C TYR G 366 3.56 72.20 9.00
N ASN G 367 4.77 72.44 9.50
CA ASN G 367 4.97 73.48 10.51
C ASN G 367 4.97 74.88 9.87
N LEU G 368 5.77 75.07 8.82
CA LEU G 368 5.96 76.38 8.22
C LEU G 368 4.92 76.72 7.15
N LYS G 369 4.30 75.70 6.53
CA LYS G 369 3.29 75.90 5.49
C LYS G 369 3.81 76.83 4.41
N PRO G 370 4.82 76.43 3.65
CA PRO G 370 5.38 77.32 2.63
C PRO G 370 4.50 77.37 1.38
N SER G 371 4.47 78.55 0.77
CA SER G 371 3.77 78.72 -0.49
C SER G 371 4.49 77.93 -1.58
N PRO G 372 3.78 77.58 -2.66
CA PRO G 372 4.44 76.90 -3.78
C PRO G 372 5.60 77.73 -4.31
N PRO G 373 6.72 77.08 -4.65
CA PRO G 373 7.86 77.83 -5.17
C PRO G 373 7.51 78.59 -6.45
N CYS G 374 8.11 79.76 -6.60
CA CYS G 374 7.85 80.62 -7.73
C CYS G 374 9.16 80.99 -8.41
N PHE G 375 9.11 81.07 -9.74
CA PHE G 375 10.24 81.53 -10.54
C PHE G 375 9.88 82.85 -11.19
N PRO G 376 10.73 83.87 -11.09
CA PRO G 376 10.45 85.14 -11.76
C PRO G 376 10.68 85.03 -13.26
N LYS G 377 9.75 85.57 -14.03
CA LYS G 377 9.93 85.62 -15.49
C LYS G 377 11.02 86.63 -15.83
N LEU G 378 12.27 86.16 -15.85
CA LEU G 378 13.40 87.04 -16.14
C LEU G 378 13.37 87.58 -17.56
N LEU G 379 12.44 87.14 -18.39
CA LEU G 379 12.24 87.72 -19.71
C LEU G 379 11.90 89.21 -19.57
N SER G 380 12.93 90.05 -19.52
CA SER G 380 12.74 91.50 -19.42
C SER G 380 12.12 92.09 -20.67
N HIS G 381 11.63 91.25 -21.58
CA HIS G 381 11.06 91.71 -22.84
C HIS G 381 9.57 91.99 -22.68
N ASN G 382 9.27 92.86 -21.73
CA ASN G 382 7.91 93.32 -21.49
C ASN G 382 7.98 94.74 -20.94
N GLY G 383 6.84 95.41 -20.96
CA GLY G 383 6.73 96.66 -20.23
C GLY G 383 7.10 96.49 -18.77
N SER G 384 7.46 97.59 -18.13
CA SER G 384 7.86 97.54 -16.72
C SER G 384 6.59 97.44 -15.87
N ASN G 385 6.00 96.24 -15.87
CA ASN G 385 4.80 96.03 -15.07
C ASN G 385 5.10 95.43 -13.70
N ALA G 386 6.26 94.81 -13.51
CA ALA G 386 6.60 94.18 -12.25
C ALA G 386 7.73 94.87 -11.51
N ILE G 387 8.83 95.20 -12.19
CA ILE G 387 9.98 95.76 -11.50
C ILE G 387 9.75 97.21 -11.11
N GLY G 388 9.01 97.98 -11.92
CA GLY G 388 8.77 99.37 -11.61
C GLY G 388 7.73 99.58 -10.52
N SER G 389 6.83 98.61 -10.32
CA SER G 389 5.78 98.70 -9.31
C SER G 389 6.22 98.16 -7.95
N LEU G 390 7.50 98.22 -7.63
CA LEU G 390 8.04 97.76 -6.35
C LEU G 390 8.44 98.96 -5.51
N ARG G 391 7.93 99.00 -4.27
CA ARG G 391 8.34 100.01 -3.30
C ARG G 391 9.58 99.51 -2.57
N LEU G 392 10.72 100.17 -2.78
CA LEU G 392 11.97 99.76 -2.17
C LEU G 392 12.10 100.43 -0.80
N GLY G 393 12.34 99.62 0.22
CA GLY G 393 12.50 100.12 1.58
C GLY G 393 13.94 100.50 1.86
N LYS G 394 14.13 101.68 2.45
CA LYS G 394 15.46 102.21 2.71
C LYS G 394 15.47 102.92 4.05
N TYR G 395 16.28 102.42 4.98
CA TYR G 395 16.52 103.09 6.25
C TYR G 395 17.78 103.94 6.09
N THR G 396 17.60 105.26 5.91
CA THR G 396 18.70 106.13 5.51
C THR G 396 19.81 106.14 6.56
N LYS G 397 19.45 106.32 7.83
CA LYS G 397 20.46 106.33 8.89
C LYS G 397 21.19 104.99 8.96
N TRP G 398 20.46 103.89 8.77
CA TRP G 398 21.08 102.57 8.74
C TRP G 398 21.83 102.34 7.43
N PHE G 399 21.40 103.00 6.35
CA PHE G 399 22.02 102.79 5.04
C PHE G 399 23.44 103.33 5.00
N ASN G 400 23.67 104.50 5.60
CA ASN G 400 24.95 105.19 5.49
C ASN G 400 25.91 104.88 6.62
N ASP G 401 25.49 104.12 7.63
CA ASP G 401 26.37 103.76 8.75
C ASP G 401 27.29 102.64 8.28
N VAL G 402 28.30 103.02 7.50
CA VAL G 402 29.28 102.09 6.96
C VAL G 402 30.67 102.69 7.11
N SER G 403 31.67 101.83 7.22
CA SER G 403 33.05 102.24 7.45
C SER G 403 33.77 102.58 6.15
N SER G 404 33.01 102.97 5.12
CA SER G 404 33.59 103.34 3.83
C SER G 404 32.58 104.15 3.06
N SER G 405 32.95 105.37 2.65
CA SER G 405 32.04 106.22 1.91
C SER G 405 31.79 105.71 0.49
N ASP G 406 32.60 104.78 0.00
CA ASP G 406 32.40 104.27 -1.36
C ASP G 406 31.19 103.35 -1.44
N ILE G 407 31.02 102.47 -0.45
CA ILE G 407 29.96 101.47 -0.51
C ILE G 407 28.59 102.06 -0.20
N SER G 408 28.53 103.21 0.46
CA SER G 408 27.24 103.83 0.72
C SER G 408 26.69 104.54 -0.51
N ASP G 409 27.57 105.13 -1.32
CA ASP G 409 27.15 105.85 -2.51
C ASP G 409 27.01 104.94 -3.72
N LYS G 410 27.85 103.90 -3.84
CA LYS G 410 27.73 102.99 -4.96
C LYS G 410 26.42 102.21 -4.91
N CYS G 411 25.90 101.97 -3.71
CA CYS G 411 24.56 101.41 -3.57
C CYS G 411 23.49 102.46 -3.82
N GLU G 412 23.75 103.70 -3.43
CA GLU G 412 22.82 104.79 -3.71
C GLU G 412 22.69 105.03 -5.21
N ASP G 413 23.77 104.81 -5.95
CA ASP G 413 23.71 104.97 -7.41
C ASP G 413 22.76 103.96 -8.05
N ILE G 414 22.68 102.75 -7.48
CA ILE G 414 21.79 101.75 -8.04
C ILE G 414 20.33 102.09 -7.77
N LEU G 415 20.05 102.71 -6.63
CA LEU G 415 18.67 103.08 -6.30
C LEU G 415 18.12 104.12 -7.28
N LYS G 416 18.92 105.15 -7.57
CA LYS G 416 18.50 106.14 -8.55
C LYS G 416 18.52 105.56 -9.96
N LEU G 417 19.41 104.60 -10.23
CA LEU G 417 19.41 103.93 -11.53
C LEU G 417 18.15 103.09 -11.72
N LEU G 418 17.71 102.41 -10.67
CA LEU G 418 16.48 101.63 -10.76
C LEU G 418 15.25 102.51 -10.90
N SER G 419 15.28 103.71 -10.29
CA SER G 419 14.10 104.58 -10.35
C SER G 419 13.94 105.19 -11.73
N ASN G 420 15.04 105.53 -12.41
CA ASN G 420 14.97 106.17 -13.71
C ASN G 420 14.83 105.17 -14.85
N ASN G 421 15.32 103.94 -14.68
CA ASN G 421 15.26 102.96 -15.74
C ASN G 421 14.03 102.05 -15.68
N HIS G 422 13.35 101.99 -14.54
CA HIS G 422 12.15 101.16 -14.42
C HIS G 422 10.98 101.84 -13.72
N GLY G 423 11.20 102.78 -12.82
CA GLY G 423 10.15 103.45 -12.10
C GLY G 423 9.97 103.03 -10.66
N CYS G 424 11.01 102.49 -10.02
CA CYS G 424 10.90 102.04 -8.64
C CYS G 424 10.72 103.22 -7.70
N LYS G 425 10.01 102.98 -6.60
CA LYS G 425 9.76 103.97 -5.56
C LYS G 425 10.61 103.61 -4.35
N VAL G 426 11.59 104.45 -4.03
CA VAL G 426 12.45 104.24 -2.87
C VAL G 426 11.77 104.91 -1.69
N VAL G 427 11.16 104.10 -0.83
CA VAL G 427 10.41 104.58 0.33
C VAL G 427 11.32 104.57 1.55
N GLU G 428 11.19 105.60 2.39
CA GLU G 428 11.95 105.68 3.62
C GLU G 428 11.24 104.93 4.73
N ILE G 429 11.95 104.03 5.38
CA ILE G 429 11.39 103.22 6.45
C ILE G 429 12.22 103.39 7.71
N VAL G 430 11.85 102.71 8.78
CA VAL G 430 12.60 102.71 10.03
C VAL G 430 12.58 101.31 10.62
N VAL G 431 13.73 100.83 11.06
CA VAL G 431 13.86 99.49 11.63
C VAL G 431 14.11 99.62 13.13
N PRO G 432 13.07 99.55 13.96
CA PRO G 432 13.25 99.74 15.40
C PRO G 432 14.00 98.58 16.04
N GLU G 433 14.63 98.87 17.18
CA GLU G 433 15.31 97.90 18.03
C GLU G 433 16.31 97.08 17.23
N LEU G 434 17.35 97.77 16.76
CA LEU G 434 18.42 97.10 16.02
C LEU G 434 19.42 96.44 16.94
N GLU G 435 19.62 96.98 18.15
CA GLU G 435 20.56 96.36 19.09
C GLU G 435 19.96 95.10 19.71
N GLU G 436 18.64 95.03 19.85
CA GLU G 436 18.01 93.82 20.36
C GLU G 436 18.10 92.69 19.34
N MET G 437 17.94 93.01 18.05
CA MET G 437 18.02 91.99 17.02
C MET G 437 19.40 91.35 16.96
N ARG G 438 20.44 92.14 17.25
CA ARG G 438 21.79 91.57 17.28
C ARG G 438 22.01 90.71 18.52
N ALA G 439 21.48 91.16 19.67
CA ALA G 439 21.62 90.38 20.90
C ALA G 439 20.78 89.11 20.85
N ALA G 440 19.60 89.18 20.24
CA ALA G 440 18.76 88.01 20.09
C ALA G 440 19.25 87.07 19.00
N HIS G 441 20.13 87.53 18.12
CA HIS G 441 20.66 86.67 17.06
C HIS G 441 21.85 85.85 17.53
N VAL G 442 22.81 86.48 18.21
CA VAL G 442 24.02 85.80 18.63
C VAL G 442 23.70 84.61 19.52
N ILE G 443 22.64 84.72 20.33
CA ILE G 443 22.28 83.61 21.20
C ILE G 443 21.42 82.59 20.45
N SER G 444 20.68 83.02 19.42
CA SER G 444 19.87 82.09 18.64
C SER G 444 20.71 81.25 17.69
N ILE G 445 21.93 81.69 17.37
CA ILE G 445 22.82 80.93 16.47
C ILE G 445 23.84 80.18 17.31
N GLY G 446 24.19 80.74 18.47
CA GLY G 446 25.21 80.12 19.30
C GLY G 446 24.69 78.99 20.16
N SER G 447 23.43 79.07 20.58
CA SER G 447 22.90 78.03 21.47
C SER G 447 22.73 76.68 20.77
N PRO G 448 22.11 76.59 19.58
CA PRO G 448 22.02 75.28 18.94
C PRO G 448 23.37 74.71 18.55
N THR G 449 24.29 75.54 18.08
CA THR G 449 25.61 75.06 17.69
C THR G 449 26.36 74.50 18.90
N LEU G 450 26.33 75.22 20.01
CA LEU G 450 26.99 74.74 21.22
C LEU G 450 26.35 73.45 21.71
N SER G 451 25.02 73.37 21.64
CA SER G 451 24.34 72.16 22.09
C SER G 451 24.62 70.97 21.16
N SER G 452 24.86 71.24 19.88
CA SER G 452 25.12 70.16 18.94
C SER G 452 26.45 69.47 19.24
N LEU G 453 27.45 70.21 19.70
CA LEU G 453 28.79 69.68 19.91
C LEU G 453 29.15 69.51 21.38
N THR G 454 28.22 69.79 22.30
CA THR G 454 28.53 69.67 23.72
C THR G 454 28.95 68.26 24.13
N PRO G 455 28.27 67.19 23.70
CA PRO G 455 28.77 65.84 24.07
C PRO G 455 30.15 65.53 23.51
N TYR G 456 30.50 66.10 22.35
CA TYR G 456 31.81 65.85 21.77
C TYR G 456 32.91 66.58 22.57
N CYS G 457 32.60 67.78 23.08
CA CYS G 457 33.60 68.55 23.80
C CYS G 457 33.85 67.99 25.19
N GLU G 458 32.80 67.62 25.91
CA GLU G 458 32.97 67.02 27.23
C GLU G 458 33.64 65.66 27.15
N ALA G 459 33.66 65.09 25.96
CA ALA G 459 34.39 63.87 25.65
C ALA G 459 35.89 64.10 25.42
N GLY G 460 36.39 65.30 25.64
CA GLY G 460 37.80 65.56 25.48
C GLY G 460 38.20 66.11 24.12
N LYS G 461 37.29 66.15 23.16
CA LYS G 461 37.58 66.73 21.85
C LYS G 461 37.54 68.26 21.84
N ASN G 462 37.35 68.91 22.99
CA ASN G 462 37.31 70.36 23.01
C ASN G 462 38.70 70.96 22.81
N SER G 463 39.74 70.24 23.21
CA SER G 463 41.11 70.72 22.99
C SER G 463 41.48 70.72 21.51
N LYS G 464 40.85 69.88 20.70
CA LYS G 464 41.14 69.78 19.28
C LYS G 464 40.45 70.86 18.45
N LEU G 465 39.78 71.82 19.10
CA LEU G 465 39.17 72.94 18.41
C LEU G 465 40.12 74.13 18.41
N SER G 466 39.96 74.99 17.41
CA SER G 466 40.80 76.18 17.32
C SER G 466 40.44 77.17 18.42
N TYR G 467 41.36 78.10 18.67
CA TYR G 467 41.11 79.14 19.67
C TYR G 467 40.01 80.10 19.24
N ASP G 468 39.76 80.23 17.94
CA ASP G 468 38.68 81.09 17.46
C ASP G 468 37.32 80.53 17.88
N THR G 469 37.15 79.21 17.79
CA THR G 469 35.88 78.59 18.16
C THR G 469 35.72 78.50 19.67
N ARG G 470 36.79 78.12 20.38
CA ARG G 470 36.69 77.97 21.83
C ARG G 470 36.42 79.31 22.52
N THR G 471 36.86 80.41 21.93
CA THR G 471 36.51 81.72 22.47
C THR G 471 35.03 82.01 22.33
N SER G 472 34.44 81.66 21.18
CA SER G 472 33.01 81.84 21.00
C SER G 472 32.20 80.85 21.84
N PHE G 473 32.71 79.64 22.04
CA PHE G 473 32.00 78.68 22.88
C PHE G 473 32.03 79.09 24.35
N ALA G 474 33.14 79.66 24.82
CA ALA G 474 33.19 80.15 26.18
C ALA G 474 32.17 81.25 26.43
N ILE G 475 31.84 82.04 25.40
CA ILE G 475 30.82 83.07 25.52
C ILE G 475 29.43 82.47 25.40
N PHE G 476 29.28 81.46 24.53
CA PHE G 476 27.98 80.82 24.37
C PHE G 476 27.57 80.03 25.60
N ARG G 477 28.53 79.45 26.33
CA ARG G 477 28.21 78.74 27.56
C ARG G 477 27.69 79.69 28.63
N SER G 478 27.90 81.00 28.48
CA SER G 478 27.40 81.97 29.43
C SER G 478 25.92 82.25 29.27
N PHE G 479 25.35 81.97 28.10
CA PHE G 479 23.93 82.19 27.89
C PHE G 479 23.12 81.17 28.68
N SER G 480 22.24 81.66 29.55
CA SER G 480 21.38 80.79 30.34
C SER G 480 20.08 80.49 29.59
N ALA G 481 19.33 79.53 30.12
CA ALA G 481 18.05 79.17 29.51
C ALA G 481 17.06 80.32 29.59
N SER G 482 17.12 81.12 30.66
CA SER G 482 16.25 82.28 30.77
C SER G 482 16.61 83.34 29.74
N ASP G 483 17.87 83.40 29.33
CA ASP G 483 18.27 84.35 28.29
C ASP G 483 17.69 83.97 26.93
N TYR G 484 17.68 82.66 26.62
CA TYR G 484 17.14 82.21 25.35
C TYR G 484 15.66 82.54 25.23
N ILE G 485 14.92 82.39 26.33
CA ILE G 485 13.49 82.70 26.30
C ILE G 485 13.26 84.18 26.03
N ALA G 486 14.06 85.04 26.65
CA ALA G 486 13.92 86.48 26.45
C ALA G 486 14.27 86.87 25.02
N ALA G 487 15.27 86.23 24.44
CA ALA G 487 15.65 86.53 23.07
C ALA G 487 14.53 86.17 22.09
N GLN G 488 13.88 85.03 22.30
CA GLN G 488 12.77 84.66 21.43
C GLN G 488 11.61 85.63 21.56
N CYS G 489 11.45 86.24 22.74
CA CYS G 489 10.45 87.29 22.89
C CYS G 489 10.83 88.53 22.10
N LEU G 490 12.13 88.75 21.92
CA LEU G 490 12.58 89.87 21.07
C LEU G 490 12.33 89.56 19.60
N ARG G 491 12.49 88.30 19.20
CA ARG G 491 12.28 87.93 17.80
C ARG G 491 10.85 88.24 17.37
N ARG G 492 9.88 88.05 18.28
CA ARG G 492 8.51 88.41 17.95
C ARG G 492 8.36 89.91 17.75
N ARG G 493 9.10 90.71 18.53
CA ARG G 493 9.05 92.16 18.35
C ARG G 493 9.58 92.55 16.98
N LEU G 494 10.78 92.06 16.63
CA LEU G 494 11.35 92.33 15.32
C LEU G 494 10.46 91.78 14.21
N MET G 495 9.75 90.69 14.47
CA MET G 495 8.87 90.12 13.46
C MET G 495 7.68 91.02 13.19
N GLU G 496 7.06 91.54 14.26
CA GLU G 496 5.92 92.43 14.09
C GLU G 496 6.33 93.75 13.44
N TYR G 497 7.57 94.18 13.67
CA TYR G 497 8.05 95.39 13.01
C TYR G 497 8.19 95.18 11.51
N HIS G 498 8.96 94.16 11.12
CA HIS G 498 9.28 93.98 9.70
C HIS G 498 8.06 93.62 8.88
N LEU G 499 7.07 92.95 9.47
CA LEU G 499 5.85 92.65 8.74
C LEU G 499 5.07 93.92 8.43
N ASN G 500 5.04 94.86 9.38
CA ASN G 500 4.41 96.15 9.12
C ASN G 500 5.17 96.94 8.06
N ILE G 501 6.49 96.77 8.00
CA ILE G 501 7.28 97.44 6.96
C ILE G 501 6.94 96.87 5.60
N PHE G 502 6.77 95.55 5.50
CA PHE G 502 6.44 94.90 4.24
C PHE G 502 5.01 95.17 3.79
N LYS G 503 4.20 95.84 4.61
CA LYS G 503 2.89 96.29 4.16
C LYS G 503 2.97 97.63 3.42
N ASP G 504 4.03 98.42 3.67
CA ASP G 504 4.26 99.68 2.99
C ASP G 504 5.23 99.55 1.82
N VAL G 505 6.24 98.70 1.93
CA VAL G 505 7.21 98.46 0.87
C VAL G 505 7.18 96.98 0.49
N ASP G 506 7.80 96.68 -0.64
CA ASP G 506 7.89 95.30 -1.10
C ASP G 506 9.20 94.66 -0.69
N VAL G 507 10.31 95.41 -0.73
CA VAL G 507 11.63 94.90 -0.39
C VAL G 507 12.34 95.93 0.47
N ILE G 508 13.46 95.51 1.07
CA ILE G 508 14.31 96.37 1.88
C ILE G 508 15.73 96.26 1.33
N VAL G 509 16.26 97.38 0.84
CA VAL G 509 17.57 97.42 0.20
C VAL G 509 18.58 98.05 1.15
N THR G 510 19.68 97.34 1.39
CA THR G 510 20.79 97.81 2.21
C THR G 510 22.08 97.28 1.60
N PRO G 511 23.21 97.91 1.89
CA PRO G 511 24.49 97.30 1.52
C PRO G 511 24.68 96.00 2.29
N THR G 512 25.38 95.05 1.66
CA THR G 512 25.53 93.73 2.26
C THR G 512 26.47 93.79 3.46
N THR G 513 27.63 94.42 3.31
CA THR G 513 28.59 94.55 4.39
C THR G 513 28.96 96.01 4.58
N GLY G 514 29.31 96.36 5.81
CA GLY G 514 29.72 97.71 6.17
C GLY G 514 31.15 98.06 5.83
N MET G 515 31.83 97.23 5.05
CA MET G 515 33.21 97.46 4.67
C MET G 515 33.55 96.57 3.48
N THR G 516 34.57 96.97 2.74
CA THR G 516 35.09 96.14 1.66
C THR G 516 35.91 95.00 2.26
N ALA G 517 36.57 94.22 1.42
CA ALA G 517 37.33 93.07 1.88
C ALA G 517 38.42 93.50 2.86
N PRO G 518 38.36 93.09 4.12
CA PRO G 518 39.37 93.52 5.09
C PRO G 518 40.69 92.79 4.89
N VAL G 519 41.75 93.39 5.43
CA VAL G 519 43.09 92.84 5.30
C VAL G 519 43.32 91.79 6.39
N ILE G 520 44.10 90.77 6.06
CA ILE G 520 44.44 89.72 7.00
C ILE G 520 45.70 90.15 7.76
N PRO G 521 45.63 90.35 9.07
CA PRO G 521 46.86 90.63 9.84
C PRO G 521 47.79 89.43 9.82
N PRO G 522 49.09 89.65 9.60
CA PRO G 522 50.00 88.51 9.44
C PRO G 522 50.15 87.65 10.69
N ASP G 523 49.90 88.21 11.88
CA ASP G 523 49.99 87.42 13.10
C ASP G 523 48.78 86.53 13.31
N ALA G 524 47.67 86.79 12.61
CA ALA G 524 46.48 85.97 12.74
C ALA G 524 46.61 84.63 12.02
N LEU G 525 47.54 84.50 11.08
CA LEU G 525 47.78 83.24 10.40
C LEU G 525 48.49 82.22 11.27
N LYS G 526 48.88 82.59 12.49
CA LYS G 526 49.63 81.69 13.36
C LYS G 526 48.73 80.62 13.97
N ASN G 527 47.60 81.03 14.54
CA ASN G 527 46.72 80.09 15.23
C ASN G 527 45.30 80.65 15.36
N GLY G 528 45.01 81.72 14.64
CA GLY G 528 43.69 82.34 14.67
C GLY G 528 43.74 83.71 15.34
N GLU G 529 42.57 84.32 15.41
CA GLU G 529 42.45 85.66 15.97
C GLU G 529 41.05 85.85 16.55
N THR G 530 40.98 86.61 17.65
CA THR G 530 39.72 87.06 18.23
C THR G 530 39.54 88.52 17.88
N ASN G 531 38.49 88.83 17.11
CA ASN G 531 38.23 90.19 16.69
C ASN G 531 36.71 90.34 16.54
N ILE G 532 36.02 90.28 17.69
CA ILE G 532 34.57 90.37 17.68
C ILE G 532 34.09 91.70 17.15
N GLN G 533 34.95 92.72 17.15
CA GLN G 533 34.56 94.03 16.62
C GLN G 533 34.32 93.96 15.12
N VAL G 534 35.27 93.39 14.38
CA VAL G 534 35.12 93.29 12.92
C VAL G 534 34.17 92.15 12.55
N THR G 535 34.23 91.04 13.28
CA THR G 535 33.33 89.92 13.01
C THR G 535 31.87 90.33 13.17
N THR G 536 31.57 91.24 14.10
CA THR G 536 30.21 91.73 14.25
C THR G 536 29.88 92.80 13.23
N ASP G 537 30.85 93.69 12.93
CA ASP G 537 30.62 94.78 11.99
C ASP G 537 30.26 94.28 10.59
N LEU G 538 30.64 93.06 10.25
CA LEU G 538 30.29 92.49 8.96
C LEU G 538 28.86 91.98 8.91
N MET G 539 28.24 91.71 10.06
CA MET G 539 26.90 91.17 10.14
C MET G 539 25.83 92.24 10.35
N ARG G 540 26.21 93.52 10.35
CA ARG G 540 25.28 94.58 10.73
C ARG G 540 24.15 94.78 9.74
N PHE G 541 24.14 94.05 8.62
CA PHE G 541 23.05 94.17 7.65
C PHE G 541 22.37 92.86 7.29
N VAL G 542 22.96 91.72 7.64
CA VAL G 542 22.44 90.42 7.19
C VAL G 542 21.67 89.68 8.26
N LEU G 543 21.68 90.16 9.51
CA LEU G 543 20.99 89.44 10.58
C LEU G 543 19.47 89.56 10.48
N ALA G 544 18.97 90.56 9.74
CA ALA G 544 17.53 90.75 9.65
C ALA G 544 16.85 89.58 8.95
N ALA G 545 17.51 88.96 7.99
CA ALA G 545 16.93 87.85 7.24
C ALA G 545 17.12 86.50 7.93
N ASN G 546 18.10 86.37 8.82
CA ASN G 546 18.33 85.10 9.49
C ASN G 546 17.37 84.92 10.67
N LEU G 547 17.31 85.92 11.55
CA LEU G 547 16.49 85.80 12.75
C LEU G 547 15.01 85.70 12.41
N LEU G 548 14.56 86.41 11.38
CA LEU G 548 13.16 86.39 10.98
C LEU G 548 12.87 85.43 9.84
N GLY G 549 13.88 84.95 9.13
CA GLY G 549 13.69 83.97 8.07
C GLY G 549 13.35 84.52 6.71
N PHE G 550 13.51 85.82 6.48
CA PHE G 550 13.17 86.41 5.19
C PHE G 550 14.19 86.01 4.14
N PRO G 551 13.79 85.96 2.87
CA PRO G 551 14.75 85.70 1.78
C PRO G 551 15.50 86.97 1.41
N ALA G 552 16.83 86.86 1.28
CA ALA G 552 17.68 87.98 0.90
C ALA G 552 18.68 87.53 -0.15
N ILE G 553 19.25 88.49 -0.86
CA ILE G 553 20.23 88.23 -1.90
C ILE G 553 21.30 89.30 -1.84
N SER G 554 22.50 88.97 -2.30
CA SER G 554 23.62 89.90 -2.38
C SER G 554 24.13 89.96 -3.81
N VAL G 555 24.18 91.16 -4.38
CA VAL G 555 24.51 91.35 -5.79
C VAL G 555 25.66 92.34 -5.91
N PRO G 556 26.62 92.11 -6.80
CA PRO G 556 27.69 93.09 -7.01
C PRO G 556 27.18 94.30 -7.78
N VAL G 557 27.50 95.50 -7.27
CA VAL G 557 26.98 96.74 -7.83
C VAL G 557 28.12 97.70 -8.16
N GLY G 558 29.35 97.20 -8.15
CA GLY G 558 30.49 98.02 -8.48
C GLY G 558 31.63 97.75 -7.52
N TYR G 559 32.63 98.62 -7.56
CA TYR G 559 33.83 98.47 -6.76
C TYR G 559 34.16 99.79 -6.08
N ASP G 560 35.15 99.77 -5.19
CA ASP G 560 35.53 100.96 -4.45
C ASP G 560 36.82 101.57 -4.98
N LYS G 561 37.58 102.23 -4.11
CA LYS G 561 38.81 102.88 -4.54
C LYS G 561 39.87 101.86 -4.94
N GLU G 562 40.21 100.94 -4.04
CA GLU G 562 41.27 99.97 -4.27
C GLU G 562 40.81 98.76 -5.09
N GLY G 563 39.67 98.84 -5.78
CA GLY G 563 39.23 97.77 -6.64
C GLY G 563 38.59 96.59 -5.92
N LEU G 564 38.11 96.79 -4.70
CA LEU G 564 37.45 95.69 -4.02
C LEU G 564 35.95 95.72 -4.31
N PRO G 565 35.31 94.54 -4.36
CA PRO G 565 33.89 94.49 -4.70
C PRO G 565 33.02 95.15 -3.63
N ILE G 566 31.85 95.60 -4.08
CA ILE G 566 30.82 96.19 -3.22
C ILE G 566 29.53 95.40 -3.40
N GLY G 567 28.88 95.08 -2.29
CA GLY G 567 27.69 94.26 -2.29
C GLY G 567 26.46 95.04 -1.88
N LEU G 568 25.33 94.70 -2.50
CA LEU G 568 24.03 95.28 -2.17
C LEU G 568 23.06 94.16 -1.83
N GLN G 569 22.35 94.31 -0.71
CA GLN G 569 21.43 93.29 -0.22
C GLN G 569 20.00 93.68 -0.57
N ILE G 570 19.24 92.71 -1.08
CA ILE G 570 17.82 92.88 -1.39
C ILE G 570 17.05 91.84 -0.59
N MET G 571 16.36 92.27 0.47
CA MET G 571 15.55 91.38 1.30
C MET G 571 14.09 91.65 1.02
N GLY G 572 13.31 90.59 0.80
CA GLY G 572 11.92 90.73 0.44
C GLY G 572 10.96 90.04 1.39
N ARG G 573 9.69 89.94 0.99
CA ARG G 573 8.68 89.29 1.81
C ARG G 573 8.96 87.80 1.92
N PRO G 574 8.38 87.14 2.93
CA PRO G 574 8.55 85.68 3.05
C PRO G 574 8.06 84.94 1.82
N TRP G 575 8.78 83.89 1.45
CA TRP G 575 8.46 83.02 0.31
C TRP G 575 8.45 83.78 -1.01
N ALA G 576 9.08 84.95 -1.07
CA ALA G 576 9.06 85.76 -2.28
C ALA G 576 10.45 85.86 -2.91
N GLU G 577 11.12 84.73 -3.06
CA GLU G 577 12.44 84.73 -3.71
C GLU G 577 12.33 85.19 -5.16
N ALA G 578 11.20 84.91 -5.81
CA ALA G 578 11.02 85.35 -7.19
C ALA G 578 11.06 86.86 -7.29
N THR G 579 10.43 87.56 -6.34
CA THR G 579 10.53 89.02 -6.31
C THR G 579 11.95 89.46 -6.04
N VAL G 580 12.67 88.74 -5.18
CA VAL G 580 14.05 89.09 -4.88
C VAL G 580 14.95 88.85 -6.08
N LEU G 581 14.76 87.72 -6.77
CA LEU G 581 15.61 87.40 -7.92
C LEU G 581 15.33 88.33 -9.10
N GLY G 582 14.06 88.63 -9.37
CA GLY G 582 13.74 89.51 -10.48
C GLY G 582 14.29 90.91 -10.30
N LEU G 583 14.22 91.44 -9.08
CA LEU G 583 14.76 92.77 -8.82
C LEU G 583 16.29 92.75 -8.82
N ALA G 584 16.89 91.68 -8.29
CA ALA G 584 18.34 91.56 -8.35
C ALA G 584 18.84 91.35 -9.77
N ALA G 585 18.01 90.81 -10.66
CA ALA G 585 18.40 90.66 -12.06
C ALA G 585 18.51 92.01 -12.75
N ALA G 586 17.58 92.93 -12.46
CA ALA G 586 17.65 94.27 -13.01
C ALA G 586 18.83 95.06 -12.48
N VAL G 587 19.35 94.69 -11.30
CA VAL G 587 20.55 95.33 -10.79
C VAL G 587 21.80 94.83 -11.52
N GLU G 588 21.80 93.56 -11.93
CA GLU G 588 22.95 93.00 -12.62
C GLU G 588 23.15 93.59 -14.01
N GLU G 589 22.10 94.11 -14.64
CA GLU G 589 22.23 94.72 -15.95
C GLU G 589 22.52 96.21 -15.87
N LEU G 590 22.20 96.87 -14.76
CA LEU G 590 22.58 98.26 -14.53
C LEU G 590 23.95 98.39 -13.89
N ALA G 591 24.55 97.28 -13.46
CA ALA G 591 25.88 97.29 -12.86
C ALA G 591 26.51 95.91 -12.99
N PRO G 592 26.95 95.52 -14.18
CA PRO G 592 27.50 94.17 -14.36
C PRO G 592 28.90 94.05 -13.76
N VAL G 593 29.32 92.80 -13.58
CA VAL G 593 30.67 92.50 -13.13
C VAL G 593 31.61 92.61 -14.32
N THR G 594 32.54 93.58 -14.26
CA THR G 594 33.41 93.89 -15.39
C THR G 594 34.89 93.81 -15.08
N LYS G 595 35.29 93.95 -13.82
CA LYS G 595 36.70 93.93 -13.46
C LYS G 595 37.10 92.52 -13.07
N LYS G 596 37.98 91.91 -13.86
CA LYS G 596 38.45 90.57 -13.57
C LYS G 596 39.34 90.56 -12.33
N PRO G 597 39.15 89.61 -11.42
CA PRO G 597 39.97 89.57 -10.21
C PRO G 597 41.40 89.13 -10.52
N ALA G 598 42.25 89.25 -9.50
CA ALA G 598 43.65 88.86 -9.65
C ALA G 598 43.78 87.37 -9.93
N ILE G 599 43.36 86.53 -8.99
CA ILE G 599 43.44 85.08 -9.14
C ILE G 599 42.20 84.62 -9.90
N PHE G 600 42.34 84.41 -11.20
CA PHE G 600 41.24 83.99 -12.05
C PHE G 600 41.75 82.96 -13.05
N TYR G 601 40.87 82.03 -13.43
CA TYR G 601 41.21 80.98 -14.38
C TYR G 601 40.10 80.83 -15.40
N ASP G 602 40.49 80.41 -16.60
CA ASP G 602 39.55 80.17 -17.70
C ASP G 602 39.45 78.67 -17.91
N ILE G 603 38.27 78.11 -17.66
CA ILE G 603 38.08 76.68 -17.81
C ILE G 603 37.64 76.34 -19.23
N LEU G 604 36.75 77.13 -19.82
CA LEU G 604 36.29 76.89 -21.19
C LEU G 604 37.30 77.35 -22.24
N ASN G 605 38.51 77.71 -21.84
CA ASN G 605 39.57 78.14 -22.74
C ASN G 605 39.14 79.34 -23.59
N MET H 1 28.44 49.22 25.13
CA MET H 1 28.12 50.58 24.75
C MET H 1 27.78 51.34 26.03
N GLY H 2 27.56 52.65 25.92
CA GLY H 2 27.26 53.49 27.06
C GLY H 2 28.51 54.04 27.71
N LYS H 3 29.42 54.61 26.92
CA LYS H 3 30.77 54.81 27.47
C LYS H 3 31.29 56.23 27.40
N TYR H 4 31.70 56.70 26.22
CA TYR H 4 32.32 58.02 26.17
C TYR H 4 31.28 59.12 26.05
N GLN H 5 30.35 58.95 25.12
CA GLN H 5 29.18 59.77 24.93
C GLN H 5 28.03 58.84 24.59
N VAL H 6 26.84 59.20 25.01
CA VAL H 6 25.70 58.32 24.79
C VAL H 6 25.04 58.71 23.47
N MET H 7 24.61 57.71 22.70
CA MET H 7 23.99 57.92 21.40
C MET H 7 22.56 57.39 21.42
N LYS H 8 21.65 58.17 20.84
CA LYS H 8 20.23 57.84 20.85
C LYS H 8 19.69 57.59 19.44
N ARG H 9 18.61 56.83 19.38
CA ARG H 9 17.75 56.74 18.21
C ARG H 9 16.31 56.93 18.68
N ALA H 10 15.45 57.41 17.78
CA ALA H 10 14.09 57.74 18.20
C ALA H 10 13.02 56.88 17.55
N SER H 11 12.64 57.21 16.32
CA SER H 11 11.54 56.54 15.65
C SER H 11 11.92 55.15 15.14
N GLU H 12 12.99 54.56 15.69
CA GLU H 12 13.42 53.23 15.28
C GLU H 12 13.75 52.34 16.48
N VAL H 13 13.32 52.72 17.68
CA VAL H 13 13.58 51.91 18.86
C VAL H 13 12.58 50.77 18.94
N ASP H 14 12.99 49.66 19.55
CA ASP H 14 12.12 48.51 19.75
C ASP H 14 11.44 48.65 21.11
N LEU H 15 10.11 48.75 21.08
CA LEU H 15 9.35 48.90 22.32
C LEU H 15 9.42 47.67 23.21
N SER H 16 9.77 46.52 22.65
CA SER H 16 9.98 45.32 23.46
C SER H 16 11.32 45.32 24.17
N THR H 17 12.21 46.27 23.85
CA THR H 17 13.49 46.39 24.51
C THR H 17 13.48 47.40 25.64
N VAL H 18 12.53 48.35 25.63
CA VAL H 18 12.47 49.42 26.62
C VAL H 18 12.25 48.83 28.01
N LYS H 19 13.26 48.98 28.87
CA LYS H 19 13.16 48.55 30.26
C LYS H 19 12.76 49.72 31.14
N TYR H 20 11.82 49.48 32.05
CA TYR H 20 11.30 50.53 32.92
C TYR H 20 12.40 51.03 33.86
N LYS H 21 12.84 52.26 33.65
CA LYS H 21 13.83 52.88 34.52
C LYS H 21 13.13 53.57 35.68
N ALA H 22 13.55 53.26 36.90
CA ALA H 22 12.86 53.71 38.10
C ALA H 22 13.13 55.20 38.33
N GLU H 23 12.81 55.67 39.53
CA GLU H 23 12.94 57.08 39.87
C GLU H 23 13.22 57.22 41.35
N THR H 24 14.35 57.85 41.69
CA THR H 24 14.73 58.15 43.07
C THR H 24 15.39 59.52 43.05
N MET H 25 14.55 60.56 43.01
CA MET H 25 15.03 61.94 43.00
C MET H 25 15.78 62.25 44.29
N LYS H 26 17.10 62.16 44.25
CA LYS H 26 17.92 62.39 45.43
C LYS H 26 18.12 63.88 45.68
N ALA H 27 17.77 64.33 46.88
CA ALA H 27 17.88 65.75 47.22
C ALA H 27 17.82 65.88 48.74
N PRO H 28 18.44 66.91 49.31
CA PRO H 28 18.41 67.07 50.77
C PRO H 28 17.06 67.58 51.26
N HIS H 29 16.72 67.18 52.48
CA HIS H 29 15.50 67.61 53.15
C HIS H 29 15.90 68.51 54.31
N LEU H 30 15.74 69.82 54.12
CA LEU H 30 16.17 70.81 55.10
C LEU H 30 15.01 71.74 55.44
N THR H 31 14.94 72.13 56.71
CA THR H 31 13.88 72.99 57.21
C THR H 31 14.46 73.96 58.22
N GLY H 32 13.76 75.08 58.40
CA GLY H 32 14.11 76.04 59.43
C GLY H 32 15.43 76.76 59.24
N LEU H 33 16.34 76.61 60.21
CA LEU H 33 17.60 77.34 60.17
C LEU H 33 18.60 76.68 59.21
N SER H 34 18.61 75.35 59.15
CA SER H 34 19.48 74.68 58.19
C SER H 34 19.10 75.01 56.75
N PHE H 35 17.83 75.32 56.51
CA PHE H 35 17.39 75.74 55.18
C PHE H 35 17.90 77.14 54.84
N LYS H 36 17.81 78.07 55.80
CA LYS H 36 18.26 79.44 55.55
C LYS H 36 19.75 79.48 55.23
N LEU H 37 20.55 78.65 55.89
CA LEU H 37 21.98 78.59 55.57
C LEU H 37 22.21 77.96 54.21
N PHE H 38 21.45 76.90 53.89
CA PHE H 38 21.60 76.25 52.60
C PHE H 38 21.20 77.17 51.45
N VAL H 39 20.23 78.06 51.67
CA VAL H 39 19.84 79.00 50.63
C VAL H 39 20.96 80.00 50.37
N ASN H 40 21.51 80.58 51.43
CA ASN H 40 22.64 81.49 51.26
C ASN H 40 23.89 80.75 50.78
N LEU H 41 23.96 79.43 50.97
CA LEU H 41 25.04 78.65 50.36
C LEU H 41 24.84 78.52 48.86
N LEU H 42 23.58 78.35 48.42
CA LEU H 42 23.30 78.27 46.98
C LEU H 42 23.50 79.61 46.30
N GLU H 43 23.06 80.70 46.94
CA GLU H 43 23.25 82.04 46.40
C GLU H 43 24.66 82.57 46.63
N ALA H 44 25.52 81.81 47.31
CA ALA H 44 26.89 82.23 47.50
C ALA H 44 27.66 82.14 46.18
N PRO H 45 28.69 82.98 46.00
CA PRO H 45 29.44 83.00 44.74
C PRO H 45 29.95 81.66 44.26
N LEU H 46 31.10 81.22 44.77
CA LEU H 46 31.78 80.06 44.21
C LEU H 46 31.13 78.76 44.65
N ILE H 47 30.92 78.60 45.97
CA ILE H 47 30.37 77.36 46.49
C ILE H 47 28.94 77.13 46.00
N GLY H 48 28.23 78.21 45.63
CA GLY H 48 26.85 78.05 45.21
C GLY H 48 26.70 77.24 43.93
N SER H 49 27.56 77.51 42.94
CA SER H 49 27.48 76.77 41.69
C SER H 49 27.89 75.31 41.85
N LEU H 50 28.75 75.02 42.84
CA LEU H 50 29.21 73.65 43.03
C LEU H 50 28.10 72.76 43.58
N ILE H 51 27.27 73.30 44.47
CA ILE H 51 26.20 72.50 45.07
C ILE H 51 25.14 72.17 44.02
N VAL H 52 24.84 73.12 43.13
CA VAL H 52 23.81 72.90 42.12
C VAL H 52 24.31 71.91 41.08
N ASP H 53 25.53 72.12 40.57
CA ASP H 53 26.06 71.22 39.56
C ASP H 53 26.29 69.81 40.11
N TYR H 54 26.53 69.70 41.42
CA TYR H 54 26.60 68.37 42.03
C TYR H 54 25.25 67.68 42.00
N LEU H 55 24.19 68.41 42.36
CA LEU H 55 22.85 67.82 42.35
C LEU H 55 22.39 67.50 40.94
N LYS H 56 22.80 68.29 39.95
CA LYS H 56 22.42 67.99 38.57
C LYS H 56 23.14 66.75 38.05
N LYS H 57 24.40 66.59 38.42
CA LYS H 57 25.14 65.40 38.00
C LYS H 57 24.78 64.18 38.83
N ASP H 58 24.33 64.38 40.07
CA ASP H 58 23.97 63.26 40.92
C ASP H 58 22.63 62.65 40.50
N ASN H 59 21.72 63.45 39.97
CA ASN H 59 20.43 62.96 39.49
C ASN H 59 20.44 62.59 38.02
N GLY H 60 21.61 62.58 37.38
CA GLY H 60 21.71 62.17 36.00
C GLY H 60 21.21 63.18 34.99
N MET H 61 21.15 64.46 35.36
CA MET H 61 20.67 65.47 34.43
C MET H 61 21.77 65.98 33.52
N THR H 62 22.98 66.17 34.06
CA THR H 62 24.09 66.63 33.23
C THR H 62 24.44 65.59 32.17
N LYS H 63 24.33 64.31 32.52
CA LYS H 63 24.54 63.26 31.53
C LYS H 63 23.54 63.36 30.39
N ILE H 64 22.31 63.78 30.67
CA ILE H 64 21.28 63.88 29.64
C ILE H 64 21.46 65.14 28.82
N PHE H 65 21.67 66.28 29.49
CA PHE H 65 21.73 67.57 28.80
C PHE H 65 23.07 67.84 28.13
N ARG H 66 24.17 67.23 28.60
CA ARG H 66 25.49 67.56 28.11
C ARG H 66 26.28 66.40 27.54
N ASN H 67 25.97 65.16 27.90
CA ASN H 67 26.76 64.01 27.50
C ASN H 67 25.95 63.02 26.68
N THR H 68 25.06 63.54 25.83
CA THR H 68 24.22 62.67 25.00
C THR H 68 23.91 63.38 23.70
N VAL H 69 24.13 62.70 22.58
CA VAL H 69 23.78 63.23 21.27
C VAL H 69 22.35 62.82 20.94
N ILE H 70 21.51 63.80 20.64
CA ILE H 70 20.09 63.60 20.38
C ILE H 70 19.85 63.90 18.90
N PRO H 71 19.44 62.92 18.10
CA PRO H 71 19.25 63.15 16.66
C PRO H 71 17.97 63.87 16.28
N GLU H 72 17.22 64.41 17.25
CA GLU H 72 15.93 65.03 16.97
C GLU H 72 16.08 66.54 16.87
N GLU H 73 15.16 67.14 16.14
CA GLU H 73 15.09 68.59 15.99
C GLU H 73 14.22 69.19 17.09
N PRO H 74 14.58 70.37 17.59
CA PRO H 74 13.87 70.92 18.76
C PRO H 74 12.43 71.28 18.43
N MET H 75 11.50 70.73 19.22
CA MET H 75 10.10 71.12 19.20
C MET H 75 9.86 72.03 20.40
N PHE H 76 9.65 73.31 20.15
CA PHE H 76 9.57 74.29 21.23
C PHE H 76 8.17 74.41 21.84
N ARG H 77 7.13 74.20 21.03
CA ARG H 77 5.76 74.19 21.49
C ARG H 77 5.06 72.95 20.95
N PRO H 78 4.06 72.43 21.66
CA PRO H 78 3.43 71.17 21.23
C PRO H 78 2.84 71.29 19.83
N GLU H 79 3.21 70.34 18.97
CA GLU H 79 2.77 70.30 17.58
C GLU H 79 1.96 69.02 17.36
N PHE H 80 0.61 69.17 17.22
CA PHE H 80 -0.21 67.98 17.02
C PHE H 80 -0.56 67.81 15.54
N PRO H 81 -0.58 66.57 15.06
CA PRO H 81 -1.08 66.31 13.71
C PRO H 81 -2.61 66.33 13.69
N SER H 82 -3.16 66.13 12.49
CA SER H 82 -4.61 66.09 12.34
C SER H 82 -5.16 64.86 13.06
N GLN H 83 -6.10 65.08 13.98
CA GLN H 83 -6.66 64.03 14.81
C GLN H 83 -7.96 63.50 14.21
N GLU H 84 -8.26 62.25 14.50
CA GLU H 84 -9.52 61.67 14.07
C GLU H 84 -10.67 62.30 14.85
N PRO H 85 -11.79 62.56 14.20
CA PRO H 85 -12.93 63.15 14.92
C PRO H 85 -13.49 62.18 15.96
N GLU H 86 -13.62 62.67 17.19
CA GLU H 86 -14.12 61.84 18.28
C GLU H 86 -15.57 61.45 18.04
N HIS H 87 -15.92 60.25 18.49
CA HIS H 87 -17.22 59.67 18.21
C HIS H 87 -18.23 60.05 19.28
N ASP H 88 -19.48 60.30 18.84
CA ASP H 88 -20.61 60.56 19.72
C ASP H 88 -20.37 61.79 20.60
N VAL H 89 -20.20 62.93 19.94
CA VAL H 89 -19.98 64.22 20.60
C VAL H 89 -20.84 65.27 19.93
N VAL H 90 -20.90 66.45 20.54
CA VAL H 90 -21.64 67.60 20.03
C VAL H 90 -20.63 68.70 19.75
N ILE H 91 -20.61 69.20 18.52
CA ILE H 91 -19.67 70.23 18.11
C ILE H 91 -20.30 71.59 18.36
N VAL H 92 -19.57 72.45 19.06
CA VAL H 92 -19.99 73.82 19.33
C VAL H 92 -18.91 74.77 18.83
N GLY H 93 -19.32 75.93 18.32
CA GLY H 93 -18.37 76.86 17.75
C GLY H 93 -17.44 77.44 18.80
N GLU H 94 -16.22 77.77 18.35
CA GLU H 94 -15.21 78.34 19.23
C GLU H 94 -15.32 79.85 19.39
N ASP H 95 -16.11 80.51 18.54
CA ASP H 95 -16.32 81.96 18.64
C ASP H 95 -17.64 82.31 19.32
N GLU H 96 -18.47 81.33 19.65
CA GLU H 96 -19.73 81.61 20.32
C GLU H 96 -19.49 82.13 21.73
N SER H 97 -20.44 82.90 22.23
CA SER H 97 -20.32 83.47 23.56
C SER H 97 -20.43 82.37 24.63
N PRO H 98 -19.78 82.54 25.78
CA PRO H 98 -19.88 81.54 26.84
C PRO H 98 -21.29 81.35 27.35
N ILE H 99 -22.19 82.32 27.11
CA ILE H 99 -23.58 82.14 27.52
C ILE H 99 -24.27 81.11 26.62
N ASP H 100 -23.94 81.12 25.32
CA ASP H 100 -24.56 80.18 24.38
C ASP H 100 -24.00 78.77 24.52
N ARG H 101 -22.72 78.64 24.85
CA ARG H 101 -22.14 77.31 25.04
C ARG H 101 -22.69 76.64 26.30
N LEU H 102 -23.00 77.44 27.34
CA LEU H 102 -23.51 76.86 28.58
C LEU H 102 -24.86 76.19 28.36
N GLU H 103 -25.74 76.84 27.60
CA GLU H 103 -27.04 76.23 27.31
C GLU H 103 -26.91 75.01 26.41
N THR H 104 -25.88 74.99 25.55
CA THR H 104 -25.59 73.79 24.78
C THR H 104 -25.03 72.69 25.68
N ALA H 105 -24.16 73.06 26.62
CA ALA H 105 -23.64 72.09 27.57
C ALA H 105 -24.73 71.55 28.50
N LEU H 106 -25.78 72.35 28.72
CA LEU H 106 -26.90 71.88 29.53
C LEU H 106 -27.69 70.78 28.83
N LYS H 107 -27.69 70.78 27.49
CA LYS H 107 -28.40 69.74 26.76
C LYS H 107 -27.67 68.40 26.82
N CYS H 108 -26.35 68.43 26.98
CA CYS H 108 -25.58 67.20 27.06
C CYS H 108 -25.64 66.55 28.44
N LEU H 109 -25.92 67.33 29.48
CA LEU H 109 -25.97 66.80 30.83
C LEU H 109 -27.16 65.86 30.99
N PRO H 110 -27.11 64.95 31.98
CA PRO H 110 -28.27 64.07 32.24
C PRO H 110 -29.39 64.78 33.00
N GLN H 111 -30.22 64.02 33.70
CA GLN H 111 -31.48 64.52 34.23
C GLN H 111 -31.34 65.01 35.66
N TYR H 112 -32.15 66.03 36.00
CA TYR H 112 -32.11 66.65 37.32
C TYR H 112 -33.28 66.20 38.19
N ASP H 113 -33.04 66.16 39.49
CA ASP H 113 -34.05 65.82 40.49
C ASP H 113 -34.07 66.91 41.55
N PRO H 114 -35.18 67.63 41.74
CA PRO H 114 -35.31 68.44 42.97
C PRO H 114 -35.29 67.59 44.21
N SER H 115 -35.40 66.27 44.05
CA SER H 115 -35.24 65.29 45.10
C SER H 115 -33.79 65.09 45.52
N ARG H 116 -32.85 65.77 44.89
CA ARG H 116 -31.47 65.78 45.36
C ARG H 116 -31.11 67.04 46.12
N SER H 117 -31.90 68.11 45.96
CA SER H 117 -31.68 69.36 46.67
C SER H 117 -32.78 69.64 47.68
N LEU H 118 -34.03 69.77 47.22
CA LEU H 118 -35.13 70.12 48.11
C LEU H 118 -35.57 68.94 48.96
N HIS H 119 -36.40 68.06 48.40
CA HIS H 119 -37.00 66.97 49.14
C HIS H 119 -36.14 65.71 49.01
N ALA H 120 -35.62 65.21 50.13
CA ALA H 120 -34.81 64.00 50.09
C ALA H 120 -34.95 63.26 51.41
N ASP H 121 -34.71 61.95 51.35
CA ASP H 121 -34.76 61.15 52.57
C ASP H 121 -33.62 61.54 53.49
N PRO H 122 -33.87 61.64 54.79
CA PRO H 122 -32.81 62.00 55.74
C PRO H 122 -31.89 60.85 56.11
N VAL H 123 -31.92 59.75 55.37
CA VAL H 123 -31.07 58.60 55.64
C VAL H 123 -30.26 58.25 54.40
N SER H 124 -30.00 59.25 53.56
CA SER H 124 -29.25 59.05 52.34
C SER H 124 -27.76 59.23 52.61
N SER H 125 -26.95 59.13 51.55
CA SER H 125 -25.51 59.27 51.65
C SER H 125 -25.13 60.75 51.57
N PHE H 126 -23.85 61.03 51.38
CA PHE H 126 -23.34 62.40 51.32
C PHE H 126 -22.99 62.76 49.88
N ARG H 127 -23.34 63.97 49.48
CA ARG H 127 -23.05 64.48 48.15
C ARG H 127 -22.59 65.94 48.26
N TYR H 128 -21.76 66.34 47.30
CA TYR H 128 -21.47 67.76 47.12
C TYR H 128 -22.65 68.43 46.41
N TRP H 129 -22.80 69.73 46.65
CA TRP H 129 -23.85 70.48 45.97
C TRP H 129 -23.45 70.74 44.53
N LYS H 130 -24.24 70.23 43.59
CA LYS H 130 -23.98 70.44 42.18
C LYS H 130 -24.27 71.90 41.79
N ILE H 131 -23.75 72.30 40.64
CA ILE H 131 -24.03 73.65 40.13
C ILE H 131 -25.50 73.78 39.78
N ARG H 132 -26.13 72.70 39.29
CA ARG H 132 -27.55 72.75 39.00
C ARG H 132 -28.40 72.76 40.27
N ASP H 133 -27.85 72.34 41.40
CA ASP H 133 -28.57 72.46 42.66
C ASP H 133 -28.69 73.93 43.07
N TYR H 134 -27.60 74.69 42.97
CA TYR H 134 -27.68 76.12 43.20
C TYR H 134 -28.61 76.80 42.20
N ALA H 135 -28.48 76.44 40.92
CA ALA H 135 -29.28 77.08 39.88
C ALA H 135 -30.77 76.78 40.05
N TYR H 136 -31.11 75.60 40.55
CA TYR H 136 -32.51 75.29 40.81
C TYR H 136 -33.02 76.01 42.05
N ALA H 137 -32.20 76.04 43.11
CA ALA H 137 -32.61 76.74 44.31
C ALA H 137 -32.73 78.24 44.09
N TYR H 138 -31.96 78.79 43.15
CA TYR H 138 -32.08 80.23 42.86
C TYR H 138 -33.37 80.52 42.11
N ARG H 139 -33.70 79.70 41.11
CA ARG H 139 -34.86 79.95 40.26
C ARG H 139 -36.17 79.49 40.90
N SER H 140 -36.12 78.58 41.87
CA SER H 140 -37.31 78.17 42.61
C SER H 140 -37.51 79.00 43.87
N LYS H 141 -36.69 80.03 44.09
CA LYS H 141 -36.78 80.91 45.26
C LYS H 141 -36.64 80.13 46.57
N LEU H 142 -35.81 79.09 46.56
CA LEU H 142 -35.42 78.44 47.81
C LEU H 142 -34.36 79.25 48.53
N THR H 143 -33.45 79.87 47.79
CA THR H 143 -32.44 80.75 48.36
C THR H 143 -31.97 81.70 47.27
N THR H 144 -31.22 82.73 47.67
CA THR H 144 -30.72 83.73 46.75
C THR H 144 -29.19 83.77 46.82
N PRO H 145 -28.53 84.21 45.75
CA PRO H 145 -27.07 84.37 45.81
C PRO H 145 -26.61 85.33 46.90
N LEU H 146 -27.47 86.24 47.35
CA LEU H 146 -27.10 87.10 48.47
C LEU H 146 -27.08 86.33 49.78
N GLN H 147 -28.11 85.52 50.02
CA GLN H 147 -28.14 84.69 51.23
C GLN H 147 -26.96 83.74 51.26
N VAL H 148 -26.63 83.14 50.12
CA VAL H 148 -25.48 82.24 50.04
C VAL H 148 -24.19 83.02 50.28
N ALA H 149 -24.11 84.25 49.77
CA ALA H 149 -22.90 85.05 49.94
C ALA H 149 -22.67 85.36 51.41
N LYS H 150 -23.71 85.78 52.14
CA LYS H 150 -23.56 86.07 53.55
C LYS H 150 -23.20 84.82 54.36
N ARG H 151 -23.66 83.64 53.91
CA ARG H 151 -23.31 82.41 54.61
C ARG H 151 -21.85 82.06 54.38
N ILE H 152 -21.34 82.25 53.17
CA ILE H 152 -19.93 81.97 52.89
C ILE H 152 -19.03 82.97 53.60
N ILE H 153 -19.39 84.25 53.58
CA ILE H 153 -18.59 85.26 54.27
C ILE H 153 -18.58 85.00 55.77
N SER H 154 -19.70 84.51 56.30
CA SER H 154 -19.77 84.19 57.73
C SER H 154 -18.79 83.06 58.09
N ILE H 155 -18.55 82.13 57.16
CA ILE H 155 -17.63 81.04 57.44
C ILE H 155 -16.19 81.49 57.30
N ILE H 156 -15.90 82.43 56.39
CA ILE H 156 -14.54 82.87 56.18
C ILE H 156 -14.05 83.71 57.36
N GLU H 157 -14.92 84.55 57.92
CA GLU H 157 -14.53 85.40 59.03
C GLU H 157 -14.51 84.65 60.35
N GLU H 158 -15.34 83.61 60.49
CA GLU H 158 -15.43 82.89 61.75
C GLU H 158 -14.25 81.95 61.97
N PHE H 159 -13.68 81.40 60.91
CA PHE H 159 -12.58 80.45 61.02
C PHE H 159 -11.24 81.02 60.58
N GLY H 160 -11.20 82.30 60.20
CA GLY H 160 -9.94 82.90 59.77
C GLY H 160 -9.38 82.33 58.48
N TYR H 161 -10.24 82.07 57.49
CA TYR H 161 -9.80 81.52 56.23
C TYR H 161 -9.29 82.58 55.26
N ASP H 162 -9.42 83.86 55.60
CA ASP H 162 -8.84 84.94 54.81
C ASP H 162 -7.63 85.56 55.49
N LYS H 163 -7.18 85.00 56.60
CA LYS H 163 -6.05 85.48 57.38
C LYS H 163 -5.16 84.30 57.73
N PRO H 164 -3.90 84.56 58.12
CA PRO H 164 -3.02 83.48 58.61
C PRO H 164 -3.63 82.74 59.80
N PRO H 165 -3.12 81.53 60.13
CA PRO H 165 -2.00 80.83 59.50
C PRO H 165 -2.44 79.77 58.48
N THR H 166 -3.74 79.49 58.37
CA THR H 166 -4.26 78.48 57.45
C THR H 166 -5.38 79.09 56.62
N PRO H 167 -5.05 79.93 55.63
CA PRO H 167 -6.10 80.59 54.85
C PRO H 167 -6.45 79.86 53.56
N PHE H 168 -7.71 79.96 53.15
CA PHE H 168 -8.10 79.51 51.81
C PHE H 168 -7.87 80.59 50.77
N LEU H 169 -8.04 81.86 51.15
CA LEU H 169 -7.89 82.98 50.24
C LEU H 169 -6.89 83.98 50.82
N ILE H 170 -6.09 84.57 49.96
CA ILE H 170 -5.12 85.59 50.36
C ILE H 170 -5.53 86.98 49.92
N ARG H 171 -6.63 87.10 49.16
CA ARG H 171 -7.19 88.40 48.77
C ARG H 171 -8.70 88.23 48.77
N PHE H 172 -9.35 88.70 49.83
CA PHE H 172 -10.80 88.54 49.99
C PHE H 172 -11.40 89.85 50.48
N ASP H 173 -12.38 90.36 49.73
CA ASP H 173 -13.13 91.56 50.10
C ASP H 173 -14.60 91.19 50.21
N ALA H 174 -15.14 91.24 51.42
CA ALA H 174 -16.53 90.85 51.64
C ALA H 174 -17.50 91.82 50.98
N ASN H 175 -17.12 93.10 50.87
CA ASN H 175 -18.01 94.07 50.25
C ASN H 175 -18.17 93.84 48.76
N GLU H 176 -17.15 93.28 48.12
CA GLU H 176 -17.23 93.02 46.68
C GLU H 176 -18.06 91.77 46.39
N VAL H 177 -17.98 90.75 47.25
CA VAL H 177 -18.79 89.55 47.07
C VAL H 177 -20.26 89.90 47.23
N ILE H 178 -20.59 90.82 48.13
CA ILE H 178 -21.97 91.24 48.30
C ILE H 178 -22.42 92.10 47.12
N LYS H 179 -21.52 92.94 46.60
CA LYS H 179 -21.88 93.77 45.45
C LYS H 179 -22.20 92.91 44.23
N GLN H 180 -21.47 91.81 44.04
CA GLN H 180 -21.74 90.92 42.92
C GLN H 180 -22.98 90.07 43.17
N ALA H 181 -23.18 89.62 44.41
CA ALA H 181 -24.35 88.81 44.72
C ALA H 181 -25.64 89.61 44.76
N GLU H 182 -25.55 90.93 45.01
CA GLU H 182 -26.74 91.77 45.00
C GLU H 182 -27.28 91.94 43.58
N ALA H 183 -26.40 92.25 42.63
CA ALA H 183 -26.83 92.36 41.24
C ALA H 183 -27.29 91.01 40.69
N SER H 184 -26.75 89.91 41.23
CA SER H 184 -27.19 88.59 40.80
C SER H 184 -28.56 88.26 41.37
N THR H 185 -28.81 88.63 42.63
CA THR H 185 -30.11 88.35 43.24
C THR H 185 -31.21 89.16 42.59
N ARG H 186 -30.93 90.40 42.19
CA ARG H 186 -31.94 91.22 41.53
C ARG H 186 -32.39 90.61 40.21
N ARG H 187 -31.47 89.96 39.50
CA ARG H 187 -31.84 89.33 38.22
C ARG H 187 -32.76 88.15 38.44
N PHE H 188 -32.57 87.39 39.52
CA PHE H 188 -33.47 86.29 39.81
C PHE H 188 -34.82 86.80 40.31
N GLU H 189 -34.85 87.97 40.94
CA GLU H 189 -36.12 88.56 41.36
C GLU H 189 -36.91 89.04 40.16
N GLN H 190 -36.28 89.83 39.28
CA GLN H 190 -36.96 90.31 38.08
C GLN H 190 -37.22 89.20 37.09
N GLY H 191 -36.50 88.08 37.20
CA GLY H 191 -36.78 86.93 36.35
C GLY H 191 -35.92 86.82 35.11
N ASN H 192 -34.70 87.36 35.13
CA ASN H 192 -33.80 87.32 33.98
C ASN H 192 -32.40 86.90 34.43
N PRO H 193 -32.20 85.61 34.69
CA PRO H 193 -30.85 85.11 34.94
C PRO H 193 -30.06 84.96 33.66
N ILE H 194 -28.76 85.22 33.77
CA ILE H 194 -27.90 85.22 32.58
C ILE H 194 -27.75 83.80 32.03
N SER H 195 -27.16 82.91 32.82
CA SER H 195 -26.93 81.53 32.39
C SER H 195 -27.09 80.61 33.60
N VAL H 196 -26.67 79.36 33.45
CA VAL H 196 -26.74 78.42 34.56
C VAL H 196 -25.71 78.77 35.63
N LEU H 197 -24.61 79.43 35.24
CA LEU H 197 -23.60 79.87 36.19
C LEU H 197 -23.96 81.17 36.89
N ASP H 198 -25.14 81.73 36.62
CA ASP H 198 -25.56 82.96 37.28
C ASP H 198 -25.78 82.68 38.76
N GLY H 199 -25.03 83.38 39.61
CA GLY H 199 -25.11 83.18 41.05
C GLY H 199 -24.17 82.13 41.60
N ILE H 200 -23.40 81.45 40.74
CA ILE H 200 -22.45 80.44 41.19
C ILE H 200 -21.18 81.12 41.65
N PHE H 201 -20.64 80.66 42.77
CA PHE H 201 -19.40 81.20 43.33
C PHE H 201 -18.21 80.40 42.83
N VAL H 202 -17.19 81.11 42.35
CA VAL H 202 -15.96 80.48 41.87
C VAL H 202 -14.77 81.23 42.46
N THR H 203 -13.68 80.49 42.65
CA THR H 203 -12.47 81.02 43.24
C THR H 203 -11.37 81.05 42.19
N ILE H 204 -10.68 82.19 42.08
CA ILE H 204 -9.62 82.39 41.10
C ILE H 204 -8.28 82.27 41.80
N LYS H 205 -7.35 81.53 41.20
CA LYS H 205 -6.00 81.43 41.75
C LYS H 205 -5.32 82.79 41.70
N ASP H 206 -4.32 82.97 42.56
CA ASP H 206 -3.72 84.29 42.73
C ASP H 206 -2.81 84.69 41.58
N ASP H 207 -2.54 83.79 40.62
CA ASP H 207 -1.70 84.12 39.47
C ASP H 207 -2.52 84.47 38.22
N ILE H 208 -3.84 84.53 38.34
CA ILE H 208 -4.72 84.95 37.26
C ILE H 208 -5.28 86.31 37.61
N ASP H 209 -5.36 87.20 36.61
CA ASP H 209 -5.82 88.56 36.85
C ASP H 209 -7.33 88.60 37.07
N CYS H 210 -7.75 89.28 38.13
CA CYS H 210 -9.17 89.37 38.47
C CYS H 210 -9.39 90.67 39.25
N LEU H 211 -10.09 91.61 38.65
CA LEU H 211 -10.39 92.88 39.31
C LEU H 211 -11.36 92.68 40.48
N PRO H 212 -11.21 93.51 41.53
CA PRO H 212 -10.20 94.56 41.69
C PRO H 212 -8.96 94.09 42.43
N HIS H 213 -8.87 92.79 42.70
CA HIS H 213 -7.77 92.27 43.49
C HIS H 213 -6.48 92.22 42.66
N PRO H 214 -5.36 92.64 43.23
CA PRO H 214 -4.09 92.56 42.50
C PRO H 214 -3.58 91.13 42.43
N THR H 215 -2.68 90.90 41.46
CA THR H 215 -2.09 89.60 41.22
C THR H 215 -0.71 89.55 41.87
N ASN H 216 -0.56 88.67 42.87
CA ASN H 216 0.71 88.48 43.55
C ASN H 216 1.35 87.13 43.27
N GLY H 217 0.57 86.13 42.86
CA GLY H 217 1.13 84.81 42.61
C GLY H 217 1.73 84.16 43.83
N GLY H 218 1.12 84.36 45.00
CA GLY H 218 1.65 83.84 46.24
C GLY H 218 2.76 84.65 46.85
N THR H 219 3.24 85.69 46.16
CA THR H 219 4.31 86.54 46.68
C THR H 219 3.72 87.65 47.53
N THR H 220 4.58 88.55 48.00
CA THR H 220 4.18 89.68 48.82
C THR H 220 4.51 91.02 48.20
N TRP H 221 4.98 91.03 46.95
CA TRP H 221 5.47 92.26 46.33
C TRP H 221 5.17 92.37 44.85
N LEU H 222 4.61 91.33 44.21
CA LEU H 222 4.39 91.39 42.77
C LEU H 222 3.40 92.47 42.36
N HIS H 223 2.51 92.87 43.28
CA HIS H 223 1.60 93.97 42.98
C HIS H 223 2.31 95.32 42.92
N GLU H 224 3.57 95.39 43.38
CA GLU H 224 4.30 96.64 43.33
C GLU H 224 4.90 96.91 41.96
N ASP H 225 5.25 95.85 41.22
CA ASP H 225 5.85 95.99 39.90
C ASP H 225 4.94 95.58 38.75
N ARG H 226 3.94 94.74 38.99
CA ARG H 226 3.01 94.27 37.96
C ARG H 226 1.59 94.53 38.45
N SER H 227 1.03 95.67 38.05
CA SER H 227 -0.32 96.05 38.46
C SER H 227 -1.34 95.56 37.43
N VAL H 228 -2.45 95.03 37.92
CA VAL H 228 -3.51 94.55 37.05
C VAL H 228 -4.41 95.71 36.66
N GLU H 229 -4.87 95.70 35.41
CA GLU H 229 -5.71 96.77 34.89
C GLU H 229 -7.05 96.28 34.34
N LYS H 230 -7.11 95.07 33.78
CA LYS H 230 -8.35 94.51 33.29
C LYS H 230 -8.39 93.03 33.60
N ASP H 231 -9.59 92.46 33.56
CA ASP H 231 -9.78 91.05 33.84
C ASP H 231 -9.03 90.19 32.82
N SER H 232 -8.72 88.97 33.23
CA SER H 232 -8.08 88.01 32.35
C SER H 232 -9.10 87.46 31.35
N ALA H 233 -8.63 86.57 30.47
CA ALA H 233 -9.53 85.98 29.48
C ALA H 233 -10.48 84.98 30.13
N VAL H 234 -9.98 84.18 31.07
CA VAL H 234 -10.83 83.16 31.69
C VAL H 234 -11.80 83.80 32.70
N VAL H 235 -11.40 84.90 33.35
CA VAL H 235 -12.27 85.52 34.34
C VAL H 235 -13.36 86.33 33.66
N SER H 236 -13.03 87.08 32.62
CA SER H 236 -14.03 87.87 31.92
C SER H 236 -15.08 87.00 31.24
N LYS H 237 -14.75 85.74 30.94
CA LYS H 237 -15.75 84.82 30.43
C LYS H 237 -16.67 84.33 31.54
N LEU H 238 -16.12 84.11 32.75
CA LEU H 238 -16.96 83.71 33.88
C LEU H 238 -17.86 84.85 34.33
N ARG H 239 -17.32 86.06 34.40
CA ARG H 239 -18.11 87.20 34.86
C ARG H 239 -19.26 87.51 33.92
N SER H 240 -19.11 87.17 32.63
CA SER H 240 -20.18 87.41 31.66
C SER H 240 -21.32 86.41 31.79
N CYS H 241 -21.08 85.27 32.45
CA CYS H 241 -22.12 84.26 32.66
C CYS H 241 -22.88 84.46 33.96
N GLY H 242 -22.61 85.54 34.69
CA GLY H 242 -23.24 85.76 35.97
C GLY H 242 -22.55 85.14 37.16
N ALA H 243 -21.36 84.58 36.97
CA ALA H 243 -20.64 83.96 38.07
C ALA H 243 -20.15 85.03 39.05
N ILE H 244 -19.96 84.61 40.30
CA ILE H 244 -19.50 85.49 41.36
C ILE H 244 -18.07 85.11 41.72
N LEU H 245 -17.14 86.04 41.48
CA LEU H 245 -15.74 85.84 41.79
C LEU H 245 -15.54 85.99 43.30
N LEU H 246 -15.26 84.88 43.98
CA LEU H 246 -15.13 84.91 45.44
C LEU H 246 -13.89 85.68 45.87
N GLY H 247 -12.72 85.20 45.47
CA GLY H 247 -11.49 85.89 45.81
C GLY H 247 -10.29 85.10 45.34
N LYS H 248 -9.12 85.72 45.49
CA LYS H 248 -7.86 85.11 45.07
C LYS H 248 -7.44 84.05 46.08
N ALA H 249 -7.18 82.84 45.59
CA ALA H 249 -6.87 81.70 46.44
C ALA H 249 -5.39 81.66 46.80
N ASN H 250 -5.10 81.09 47.96
CA ASN H 250 -3.73 80.84 48.36
C ASN H 250 -3.10 79.84 47.42
N MET H 251 -1.78 79.92 47.29
CA MET H 251 -1.05 79.05 46.38
C MET H 251 0.41 78.99 46.79
N HIS H 252 1.08 77.92 46.35
CA HIS H 252 2.54 77.87 46.47
C HIS H 252 3.15 79.00 45.64
N GLU H 253 4.16 79.65 46.21
CA GLU H 253 4.71 80.87 45.63
C GLU H 253 5.18 80.65 44.20
N LEU H 254 4.51 81.30 43.24
CA LEU H 254 4.87 81.30 41.83
C LEU H 254 4.83 79.89 41.21
N GLY H 255 4.09 78.97 41.82
CA GLY H 255 3.97 77.63 41.27
C GLY H 255 5.24 76.82 41.29
N MET H 256 6.17 77.13 42.20
CA MET H 256 7.45 76.44 42.29
C MET H 256 7.43 75.33 43.34
N GLY H 257 6.34 74.58 43.41
CA GLY H 257 6.20 73.50 44.36
C GLY H 257 4.86 72.80 44.27
N THR H 258 4.84 71.49 44.54
CA THR H 258 3.63 70.69 44.41
C THR H 258 3.09 70.27 45.77
N THR H 259 3.32 71.09 46.81
CA THR H 259 2.77 70.83 48.13
C THR H 259 1.82 71.91 48.61
N GLY H 260 1.99 73.16 48.20
CA GLY H 260 1.15 74.24 48.66
C GLY H 260 1.72 75.04 49.82
N ASN H 261 2.97 74.78 50.20
CA ASN H 261 3.58 75.49 51.31
C ASN H 261 3.86 76.93 50.92
N ASN H 262 3.33 77.87 51.70
CA ASN H 262 3.58 79.29 51.50
C ASN H 262 3.88 79.92 52.86
N SER H 263 5.14 80.28 53.08
CA SER H 263 5.55 80.86 54.35
C SER H 263 5.23 82.35 54.46
N ASN H 264 4.65 82.95 53.42
CA ASN H 264 4.31 84.37 53.46
C ASN H 264 2.87 84.59 53.92
N TYR H 265 1.95 83.71 53.53
CA TYR H 265 0.55 83.82 53.93
C TYR H 265 0.08 82.67 54.80
N GLY H 266 0.83 81.58 54.86
CA GLY H 266 0.44 80.42 55.63
C GLY H 266 0.06 79.26 54.73
N THR H 267 0.29 78.05 55.23
CA THR H 267 0.04 76.83 54.46
C THR H 267 -1.42 76.43 54.58
N THR H 268 -2.10 76.28 53.44
CA THR H 268 -3.47 75.80 53.43
C THR H 268 -3.50 74.31 53.73
N ARG H 269 -4.46 73.91 54.58
CA ARG H 269 -4.51 72.54 55.08
C ARG H 269 -5.54 71.71 54.32
N ASN H 270 -5.30 70.40 54.28
CA ASN H 270 -6.19 69.47 53.59
C ASN H 270 -7.53 69.37 54.32
N PRO H 271 -8.65 69.56 53.64
CA PRO H 271 -9.95 69.46 54.33
C PRO H 271 -10.24 68.07 54.88
N HIS H 272 -9.63 67.02 54.33
CA HIS H 272 -9.84 65.68 54.87
C HIS H 272 -9.00 65.40 56.10
N ASP H 273 -7.90 66.11 56.29
CA ASP H 273 -7.03 65.96 57.45
C ASP H 273 -6.15 67.21 57.58
N PRO H 274 -6.44 68.09 58.54
CA PRO H 274 -5.71 69.38 58.60
C PRO H 274 -4.22 69.24 58.83
N LYS H 275 -3.75 68.12 59.37
CA LYS H 275 -2.32 67.91 59.56
C LYS H 275 -1.60 67.47 58.29
N ARG H 276 -2.26 67.53 57.15
CA ARG H 276 -1.70 67.04 55.89
C ARG H 276 -1.77 68.13 54.83
N TYR H 277 -0.88 68.03 53.86
CA TYR H 277 -0.79 69.01 52.78
C TYR H 277 -2.00 68.91 51.86
N THR H 278 -2.26 70.03 51.15
CA THR H 278 -3.29 70.04 50.13
C THR H 278 -2.77 69.52 48.80
N GLY H 279 -1.56 69.91 48.45
CA GLY H 279 -1.03 69.70 47.12
C GLY H 279 -0.91 71.01 46.37
N GLY H 280 0.12 71.11 45.55
CA GLY H 280 0.42 72.34 44.85
C GLY H 280 0.18 72.30 43.36
N SER H 281 0.17 73.48 42.74
CA SER H 281 0.39 74.72 43.47
C SER H 281 -0.93 75.41 43.80
N SER H 282 -2.02 74.89 43.24
CA SER H 282 -3.36 75.42 43.53
C SER H 282 -3.88 74.88 44.87
N SER H 283 -3.17 75.26 45.94
CA SER H 283 -3.52 74.78 47.27
C SER H 283 -4.85 75.36 47.74
N GLY H 284 -4.98 76.68 47.70
CA GLY H 284 -6.20 77.31 48.16
C GLY H 284 -7.39 77.09 47.24
N SER H 285 -7.14 76.94 45.94
CA SER H 285 -8.23 76.72 44.99
C SER H 285 -8.84 75.33 45.17
N ALA H 286 -8.01 74.33 45.48
CA ALA H 286 -8.53 72.98 45.63
C ALA H 286 -9.15 72.75 47.00
N ALA H 287 -8.60 73.36 48.04
CA ALA H 287 -9.14 73.16 49.38
C ALA H 287 -10.46 73.88 49.60
N ILE H 288 -10.70 74.99 48.87
CA ILE H 288 -11.93 75.73 49.04
C ILE H 288 -13.12 75.06 48.35
N VAL H 289 -12.85 74.26 47.32
CA VAL H 289 -13.94 73.52 46.65
C VAL H 289 -14.25 72.24 47.40
N ALA H 290 -13.22 71.53 47.88
CA ALA H 290 -13.45 70.32 48.65
C ALA H 290 -14.15 70.60 49.97
N ALA H 291 -13.93 71.80 50.54
CA ALA H 291 -14.62 72.22 51.75
C ALA H 291 -16.07 72.63 51.51
N GLY H 292 -16.51 72.65 50.26
CA GLY H 292 -17.90 72.96 49.96
C GLY H 292 -18.27 74.42 50.02
N LEU H 293 -17.29 75.33 49.92
CA LEU H 293 -17.60 76.76 49.94
C LEU H 293 -18.08 77.25 48.57
N CYS H 294 -17.30 77.00 47.53
CA CYS H 294 -17.67 77.37 46.18
C CYS H 294 -17.83 76.12 45.32
N SER H 295 -18.53 76.29 44.19
CA SER H 295 -18.82 75.15 43.34
C SER H 295 -17.58 74.66 42.59
N ALA H 296 -16.78 75.60 42.07
CA ALA H 296 -15.59 75.27 41.33
C ALA H 296 -14.57 76.39 41.50
N ALA H 297 -13.37 76.16 40.98
CA ALA H 297 -12.31 77.14 41.07
C ALA H 297 -11.37 76.99 39.88
N LEU H 298 -10.81 78.11 39.43
CA LEU H 298 -9.84 78.10 38.34
C LEU H 298 -8.43 77.96 38.89
N GLY H 299 -7.55 77.41 38.05
CA GLY H 299 -6.16 77.25 38.42
C GLY H 299 -5.30 77.09 37.20
N THR H 300 -4.00 76.87 37.43
CA THR H 300 -3.05 76.63 36.37
C THR H 300 -2.46 75.23 36.52
N ASP H 301 -1.93 74.71 35.42
CA ASP H 301 -1.32 73.38 35.42
C ASP H 301 -0.15 73.39 34.44
N GLY H 302 1.05 73.58 34.97
CA GLY H 302 2.25 73.49 34.17
C GLY H 302 3.04 72.24 34.50
N GLY H 303 2.74 71.65 35.66
CA GLY H 303 3.39 70.43 36.10
C GLY H 303 2.50 69.61 37.00
N GLY H 304 1.18 69.78 36.87
CA GLY H 304 0.22 69.05 37.66
C GLY H 304 -0.52 69.86 38.71
N SER H 305 -0.38 71.20 38.70
CA SER H 305 -0.94 72.04 39.74
C SER H 305 -2.47 72.05 39.77
N VAL H 306 -3.14 71.36 38.86
CA VAL H 306 -4.58 71.19 38.91
C VAL H 306 -4.97 69.76 39.25
N ARG H 307 -4.23 68.78 38.70
CA ARG H 307 -4.57 67.39 38.92
C ARG H 307 -4.02 66.85 40.24
N ILE H 308 -2.85 67.32 40.67
CA ILE H 308 -2.24 66.85 41.91
C ILE H 308 -3.09 67.25 43.11
N PRO H 309 -3.44 68.53 43.29
CA PRO H 309 -4.26 68.90 44.46
C PRO H 309 -5.69 68.40 44.38
N SER H 310 -6.19 68.10 43.18
CA SER H 310 -7.53 67.53 43.08
C SER H 310 -7.56 66.07 43.50
N ALA H 311 -6.43 65.36 43.35
CA ALA H 311 -6.37 63.97 43.78
C ALA H 311 -6.21 63.86 45.28
N LEU H 312 -5.47 64.79 45.89
CA LEU H 312 -5.20 64.72 47.34
C LEU H 312 -6.39 65.19 48.16
N CYS H 313 -7.22 66.09 47.61
CA CYS H 313 -8.38 66.62 48.31
C CYS H 313 -9.68 65.97 47.87
N GLY H 314 -9.64 65.05 46.91
CA GLY H 314 -10.82 64.33 46.50
C GLY H 314 -11.83 65.14 45.72
N ILE H 315 -11.38 65.87 44.70
CA ILE H 315 -12.27 66.59 43.80
C ILE H 315 -11.86 66.29 42.36
N THR H 316 -12.39 67.05 41.41
CA THR H 316 -12.15 66.86 40.00
C THR H 316 -11.28 67.99 39.46
N GLY H 317 -10.19 67.62 38.78
CA GLY H 317 -9.31 68.59 38.15
C GLY H 317 -9.10 68.30 36.69
N LEU H 318 -9.41 69.27 35.82
CA LEU H 318 -9.35 69.09 34.38
C LEU H 318 -8.20 69.89 33.79
N LYS H 319 -7.23 69.19 33.21
CA LYS H 319 -6.10 69.82 32.51
C LYS H 319 -6.42 69.79 31.03
N THR H 320 -6.73 70.95 30.47
CA THR H 320 -7.14 71.05 29.07
C THR H 320 -5.94 70.93 28.14
N THR H 321 -6.24 70.79 26.84
CA THR H 321 -5.19 70.76 25.83
C THR H 321 -4.45 72.09 25.79
N TYR H 322 -3.16 72.04 25.49
CA TYR H 322 -2.37 73.26 25.38
C TYR H 322 -2.96 74.17 24.31
N GLY H 323 -3.30 75.40 24.70
CA GLY H 323 -3.89 76.37 23.81
C GLY H 323 -5.40 76.35 23.75
N ARG H 324 -6.05 75.39 24.39
CA ARG H 324 -7.51 75.30 24.35
C ARG H 324 -8.16 76.47 25.08
N THR H 325 -7.59 76.87 26.22
CA THR H 325 -8.15 77.94 27.04
C THR H 325 -7.24 79.14 27.00
N ASP H 326 -7.81 80.32 26.73
CA ASP H 326 -7.03 81.53 26.60
C ASP H 326 -6.38 81.90 27.92
N MET H 327 -5.06 82.09 27.90
CA MET H 327 -4.30 82.41 29.09
C MET H 327 -3.96 83.89 29.22
N THR H 328 -4.57 84.75 28.40
CA THR H 328 -4.29 86.18 28.47
C THR H 328 -4.64 86.74 29.83
N GLY H 329 -3.69 87.43 30.45
CA GLY H 329 -3.91 88.02 31.75
C GLY H 329 -3.57 87.09 32.89
N SER H 330 -2.43 86.40 32.79
CA SER H 330 -1.99 85.49 33.83
C SER H 330 -0.47 85.52 33.89
N LEU H 331 0.08 84.96 34.96
CA LEU H 331 1.52 84.93 35.15
C LEU H 331 2.19 83.82 34.37
N CYS H 332 1.43 82.93 33.74
CA CYS H 332 1.99 81.80 33.03
C CYS H 332 1.83 81.90 31.51
N GLU H 333 1.31 83.02 31.00
CA GLU H 333 1.19 83.17 29.56
C GLU H 333 2.57 83.31 28.93
N GLY H 334 2.70 82.74 27.73
CA GLY H 334 3.99 82.69 27.06
C GLY H 334 4.80 81.45 27.32
N GLY H 335 4.37 80.61 28.28
CA GLY H 335 5.07 79.37 28.56
C GLY H 335 4.85 78.33 27.47
N THR H 336 5.17 77.07 27.79
CA THR H 336 5.00 75.98 26.84
C THR H 336 4.35 74.74 27.44
N VAL H 337 3.99 74.78 28.72
CA VAL H 337 3.32 73.65 29.37
C VAL H 337 2.07 74.06 30.13
N GLU H 338 1.91 75.32 30.52
CA GLU H 338 0.84 75.75 31.39
C GLU H 338 -0.45 75.98 30.61
N ILE H 339 -1.58 75.75 31.29
CA ILE H 339 -2.91 76.07 30.79
C ILE H 339 -3.77 76.53 31.96
N ILE H 340 -5.04 76.84 31.67
CA ILE H 340 -6.02 77.19 32.69
C ILE H 340 -7.08 76.09 32.71
N GLY H 341 -7.18 75.40 33.85
CA GLY H 341 -8.16 74.35 34.01
C GLY H 341 -8.98 74.53 35.27
N PRO H 342 -10.22 74.05 35.25
CA PRO H 342 -11.09 74.17 36.43
C PRO H 342 -10.93 73.02 37.41
N LEU H 343 -11.15 73.35 38.68
CA LEU H 343 -11.18 72.37 39.76
C LEU H 343 -12.55 72.44 40.41
N ALA H 344 -13.35 71.39 40.24
CA ALA H 344 -14.71 71.35 40.72
C ALA H 344 -14.93 70.16 41.65
N SER H 345 -16.05 70.18 42.36
CA SER H 345 -16.36 69.12 43.31
C SER H 345 -16.83 67.85 42.61
N SER H 346 -17.57 68.01 41.51
CA SER H 346 -18.08 66.88 40.74
C SER H 346 -17.74 67.07 39.27
N LEU H 347 -17.88 65.99 38.49
CA LEU H 347 -17.59 66.07 37.07
C LEU H 347 -18.55 67.00 36.35
N GLU H 348 -19.80 67.05 36.80
CA GLU H 348 -20.81 67.90 36.15
C GLU H 348 -20.44 69.37 36.26
N ASP H 349 -19.86 69.78 37.39
CA ASP H 349 -19.51 71.19 37.58
C ASP H 349 -18.30 71.57 36.73
N ALA H 350 -17.30 70.68 36.64
CA ALA H 350 -16.12 70.98 35.84
C ALA H 350 -16.47 71.11 34.37
N PHE H 351 -17.46 70.35 33.90
CA PHE H 351 -17.86 70.42 32.51
C PHE H 351 -18.51 71.76 32.17
N LEU H 352 -19.23 72.36 33.12
CA LEU H 352 -19.90 73.63 32.86
C LEU H 352 -18.91 74.80 32.93
N VAL H 353 -17.94 74.74 33.85
CA VAL H 353 -16.94 75.80 33.90
C VAL H 353 -16.05 75.76 32.66
N TYR H 354 -15.67 74.55 32.22
CA TYR H 354 -14.88 74.42 31.01
C TYR H 354 -15.64 74.94 29.79
N ALA H 355 -16.96 74.74 29.77
CA ALA H 355 -17.78 75.21 28.66
C ALA H 355 -17.88 76.72 28.62
N ALA H 356 -17.60 77.41 29.72
CA ALA H 356 -17.68 78.86 29.76
C ALA H 356 -16.33 79.56 29.64
N ILE H 357 -15.24 78.87 29.99
CA ILE H 357 -13.91 79.48 29.93
C ILE H 357 -13.13 79.09 28.69
N LEU H 358 -13.62 78.15 27.89
CA LEU H 358 -12.87 77.68 26.72
C LEU H 358 -12.81 78.78 25.66
N GLY H 359 -11.96 78.55 24.67
CA GLY H 359 -11.73 79.54 23.63
C GLY H 359 -10.26 79.89 23.50
N SER H 360 -9.63 79.44 22.42
CA SER H 360 -8.21 79.69 22.23
C SER H 360 -7.95 81.18 22.03
N SER H 361 -6.73 81.60 22.37
CA SER H 361 -6.35 82.98 22.15
C SER H 361 -6.24 83.28 20.65
N SER H 362 -6.24 84.57 20.32
CA SER H 362 -6.15 84.96 18.92
C SER H 362 -4.86 84.49 18.28
N ALA H 363 -3.78 84.42 19.06
CA ALA H 363 -2.50 83.97 18.52
C ALA H 363 -2.46 82.45 18.38
N ASP H 364 -2.92 81.73 19.41
CA ASP H 364 -2.86 80.27 19.37
C ASP H 364 -3.78 79.67 18.32
N ARG H 365 -4.77 80.43 17.85
CA ARG H 365 -5.68 79.92 16.82
C ARG H 365 -4.95 79.70 15.50
N TYR H 366 -3.96 80.55 15.20
CA TYR H 366 -3.22 80.44 13.94
C TYR H 366 -1.99 79.55 14.05
N ASN H 367 -1.42 79.42 15.25
CA ASN H 367 -0.21 78.63 15.45
C ASN H 367 -0.50 77.17 15.76
N LEU H 368 -1.46 76.90 16.65
CA LEU H 368 -1.77 75.54 17.05
C LEU H 368 -2.88 74.89 16.22
N LYS H 369 -3.71 75.71 15.56
CA LYS H 369 -4.80 75.25 14.69
C LYS H 369 -5.66 74.21 15.40
N PRO H 370 -6.45 74.61 16.38
CA PRO H 370 -7.24 73.65 17.15
C PRO H 370 -8.50 73.23 16.40
N SER H 371 -9.00 72.06 16.78
CA SER H 371 -10.30 71.60 16.32
C SER H 371 -11.41 72.30 17.10
N PRO H 372 -12.62 72.36 16.55
CA PRO H 372 -13.70 73.03 17.26
C PRO H 372 -13.98 72.35 18.57
N PRO H 373 -14.44 73.10 19.58
CA PRO H 373 -14.74 72.50 20.89
C PRO H 373 -15.88 71.49 20.78
N CYS H 374 -15.77 70.42 21.55
CA CYS H 374 -16.75 69.35 21.56
C CYS H 374 -17.23 69.09 22.99
N PHE H 375 -18.53 68.91 23.14
CA PHE H 375 -19.13 68.53 24.41
C PHE H 375 -19.59 67.09 24.36
N PRO H 376 -19.16 66.23 25.27
CA PRO H 376 -19.60 64.84 25.23
C PRO H 376 -21.05 64.71 25.63
N LYS H 377 -21.78 63.87 24.90
CA LYS H 377 -23.16 63.56 25.26
C LYS H 377 -23.18 62.75 26.55
N LEU H 378 -23.18 63.43 27.70
CA LEU H 378 -23.10 62.75 28.98
C LEU H 378 -24.29 61.86 29.28
N LEU H 379 -25.36 61.96 28.48
CA LEU H 379 -26.46 61.01 28.59
C LEU H 379 -25.98 59.64 28.13
N SER H 380 -25.84 58.71 29.08
CA SER H 380 -25.41 57.36 28.75
C SER H 380 -26.62 56.45 28.56
N HIS H 381 -27.46 56.83 27.58
CA HIS H 381 -28.71 56.14 27.32
C HIS H 381 -28.57 55.09 26.23
N ASN H 382 -27.72 55.33 25.23
CA ASN H 382 -27.57 54.38 24.14
C ASN H 382 -26.87 53.12 24.63
N GLY H 383 -27.20 51.99 24.00
CA GLY H 383 -26.65 50.71 24.39
C GLY H 383 -25.13 50.63 24.29
N SER H 384 -24.62 50.59 23.06
CA SER H 384 -23.17 50.55 22.83
C SER H 384 -22.66 51.97 22.63
N ASN H 385 -22.55 52.68 23.74
CA ASN H 385 -22.03 54.04 23.69
C ASN H 385 -20.53 54.02 23.39
N ALA H 386 -19.97 55.22 23.20
CA ALA H 386 -18.56 55.35 22.88
C ALA H 386 -17.65 54.93 24.02
N ILE H 387 -18.20 54.72 25.23
CA ILE H 387 -17.36 54.35 26.37
C ILE H 387 -16.79 52.95 26.18
N GLY H 388 -17.60 52.02 25.66
CA GLY H 388 -17.16 50.65 25.55
C GLY H 388 -16.15 50.41 24.44
N SER H 389 -16.24 51.16 23.35
CA SER H 389 -15.34 51.00 22.21
C SER H 389 -14.02 51.76 22.39
N LEU H 390 -13.60 52.02 23.63
CA LEU H 390 -12.35 52.70 23.90
C LEU H 390 -11.29 51.72 24.33
N ARG H 391 -10.04 52.03 24.00
CA ARG H 391 -8.89 51.24 24.42
C ARG H 391 -8.12 52.04 25.46
N LEU H 392 -7.94 51.47 26.65
CA LEU H 392 -7.28 52.13 27.76
C LEU H 392 -5.83 51.67 27.81
N GLY H 393 -4.90 52.58 27.51
CA GLY H 393 -3.50 52.24 27.63
C GLY H 393 -3.06 52.18 29.08
N LYS H 394 -2.23 51.18 29.40
CA LYS H 394 -1.77 50.98 30.77
C LYS H 394 -0.37 50.42 30.76
N TYR H 395 0.58 51.18 31.30
CA TYR H 395 1.95 50.73 31.51
C TYR H 395 2.00 50.10 32.90
N THR H 396 2.03 48.77 32.95
CA THR H 396 1.87 48.05 34.22
C THR H 396 2.99 48.38 35.19
N LYS H 397 4.25 48.34 34.73
CA LYS H 397 5.36 48.66 35.62
C LYS H 397 5.30 50.09 36.11
N TRP H 398 4.87 51.01 35.24
CA TRP H 398 4.72 52.41 35.65
C TRP H 398 3.49 52.60 36.53
N PHE H 399 2.43 51.83 36.28
CA PHE H 399 1.19 51.97 37.03
C PHE H 399 1.39 51.60 38.48
N ASN H 400 2.22 50.61 38.76
CA ASN H 400 2.39 50.08 40.10
C ASN H 400 3.52 50.74 40.89
N ASP H 401 4.36 51.55 40.24
CA ASP H 401 5.46 52.22 40.93
C ASP H 401 4.88 53.38 41.73
N VAL H 402 4.32 53.05 42.89
CA VAL H 402 3.71 54.03 43.79
C VAL H 402 4.13 53.70 45.21
N SER H 403 4.20 54.73 46.05
CA SER H 403 4.60 54.59 47.45
C SER H 403 3.43 54.24 48.37
N SER H 404 2.43 53.53 47.85
CA SER H 404 1.27 53.13 48.65
C SER H 404 0.58 51.99 47.94
N SER H 405 0.45 50.84 48.61
CA SER H 405 -0.17 49.67 48.01
C SER H 405 -1.66 49.85 47.78
N ASP H 406 -2.29 50.88 48.35
CA ASP H 406 -3.73 51.06 48.21
C ASP H 406 -4.09 51.75 46.90
N ILE H 407 -3.36 52.80 46.54
CA ILE H 407 -3.71 53.58 45.35
C ILE H 407 -3.46 52.80 44.07
N SER H 408 -2.61 51.77 44.10
CA SER H 408 -2.35 50.99 42.90
C SER H 408 -3.47 50.01 42.60
N ASP H 409 -4.16 49.51 43.64
CA ASP H 409 -5.24 48.56 43.46
C ASP H 409 -6.61 49.23 43.37
N LYS H 410 -6.78 50.37 44.03
CA LYS H 410 -8.06 51.07 43.98
C LYS H 410 -8.33 51.59 42.57
N CYS H 411 -7.29 52.03 41.86
CA CYS H 411 -7.44 52.38 40.46
C CYS H 411 -7.59 51.14 39.59
N GLU H 412 -6.93 50.05 39.97
CA GLU H 412 -7.08 48.80 39.22
C GLU H 412 -8.50 48.25 39.32
N ASP H 413 -9.16 48.45 40.46
CA ASP H 413 -10.55 48.04 40.59
C ASP H 413 -11.46 48.79 39.64
N ILE H 414 -11.15 50.07 39.37
CA ILE H 414 -11.96 50.85 38.44
C ILE H 414 -11.77 50.34 37.02
N LEU H 415 -10.56 49.90 36.68
CA LEU H 415 -10.32 49.35 35.34
C LEU H 415 -11.09 48.05 35.14
N LYS H 416 -11.11 47.18 36.16
CA LYS H 416 -11.90 45.95 36.07
C LYS H 416 -13.39 46.26 36.10
N LEU H 417 -13.78 47.36 36.75
CA LEU H 417 -15.19 47.76 36.76
C LEU H 417 -15.59 48.38 35.43
N LEU H 418 -14.68 49.13 34.80
CA LEU H 418 -14.99 49.71 33.49
C LEU H 418 -15.15 48.62 32.43
N SER H 419 -14.31 47.59 32.48
CA SER H 419 -14.38 46.53 31.47
C SER H 419 -15.65 45.71 31.62
N ASN H 420 -16.11 45.48 32.85
CA ASN H 420 -17.26 44.63 33.07
C ASN H 420 -18.58 45.39 32.93
N ASN H 421 -18.57 46.69 33.17
CA ASN H 421 -19.79 47.49 33.10
C ASN H 421 -19.93 48.25 31.78
N HIS H 422 -18.88 48.33 30.97
CA HIS H 422 -18.95 49.02 29.70
C HIS H 422 -18.29 48.28 28.53
N GLY H 423 -17.32 47.41 28.78
CA GLY H 423 -16.66 46.68 27.71
C GLY H 423 -15.36 47.28 27.22
N CYS H 424 -14.70 48.12 28.02
CA CYS H 424 -13.44 48.70 27.62
C CYS H 424 -12.34 47.64 27.64
N LYS H 425 -11.40 47.77 26.71
CA LYS H 425 -10.26 46.86 26.62
C LYS H 425 -9.02 47.57 27.15
N VAL H 426 -8.36 46.96 28.12
CA VAL H 426 -7.17 47.53 28.73
C VAL H 426 -5.97 47.00 27.96
N VAL H 427 -5.41 47.84 27.09
CA VAL H 427 -4.27 47.48 26.27
C VAL H 427 -3.00 47.80 27.05
N GLU H 428 -2.03 46.88 27.01
CA GLU H 428 -0.74 47.10 27.62
C GLU H 428 0.14 47.93 26.69
N ILE H 429 0.70 49.02 27.22
CA ILE H 429 1.54 49.93 26.45
C ILE H 429 2.87 50.08 27.18
N VAL H 430 3.78 50.86 26.58
CA VAL H 430 5.07 51.16 27.20
C VAL H 430 5.44 52.58 26.81
N VAL H 431 5.95 53.35 27.78
CA VAL H 431 6.34 54.73 27.56
C VAL H 431 7.85 54.84 27.71
N PRO H 432 8.60 54.86 26.62
CA PRO H 432 10.06 54.89 26.72
C PRO H 432 10.56 56.25 27.18
N GLU H 433 11.79 56.25 27.70
CA GLU H 433 12.51 57.46 28.09
C GLU H 433 11.69 58.31 29.05
N LEU H 434 11.42 57.73 30.22
CA LEU H 434 10.68 58.45 31.26
C LEU H 434 11.57 59.42 32.03
N GLU H 435 12.85 59.08 32.24
CA GLU H 435 13.75 60.00 32.92
C GLU H 435 14.00 61.25 32.10
N GLU H 436 14.05 61.13 30.77
CA GLU H 436 14.24 62.30 29.92
C GLU H 436 13.04 63.23 30.02
N MET H 437 11.83 62.69 30.15
CA MET H 437 10.65 63.52 30.23
C MET H 437 10.67 64.38 31.50
N ARG H 438 11.20 63.84 32.58
CA ARG H 438 11.29 64.62 33.82
C ARG H 438 12.33 65.72 33.71
N ALA H 439 13.48 65.41 33.12
CA ALA H 439 14.54 66.41 33.00
C ALA H 439 14.17 67.49 31.98
N ALA H 440 13.47 67.11 30.91
CA ALA H 440 13.05 68.09 29.92
C ALA H 440 11.93 68.99 30.44
N HIS H 441 11.21 68.55 31.47
CA HIS H 441 10.09 69.33 31.98
C HIS H 441 10.57 70.43 32.91
N VAL H 442 11.41 70.09 33.90
CA VAL H 442 11.84 71.05 34.90
C VAL H 442 12.47 72.27 34.24
N ILE H 443 13.20 72.06 33.15
CA ILE H 443 13.83 73.17 32.45
C ILE H 443 12.84 73.91 31.54
N SER H 444 11.75 73.25 31.13
CA SER H 444 10.74 73.90 30.31
C SER H 444 9.70 74.65 31.12
N ILE H 445 9.60 74.38 32.42
CA ILE H 445 8.65 75.07 33.29
C ILE H 445 9.39 76.14 34.10
N GLY H 446 10.66 75.86 34.43
CA GLY H 446 11.42 76.77 35.26
C GLY H 446 12.03 77.93 34.51
N SER H 447 12.43 77.71 33.25
CA SER H 447 13.10 78.77 32.50
C SER H 447 12.17 79.92 32.16
N PRO H 448 10.95 79.71 31.63
CA PRO H 448 10.08 80.87 31.37
C PRO H 448 9.66 81.60 32.64
N THR H 449 9.53 80.89 33.76
CA THR H 449 9.20 81.55 35.02
C THR H 449 10.36 82.38 35.53
N LEU H 450 11.58 81.84 35.45
CA LEU H 450 12.77 82.58 35.88
C LEU H 450 13.00 83.80 35.00
N SER H 451 12.80 83.65 33.69
CA SER H 451 12.93 84.78 32.79
C SER H 451 11.80 85.79 32.96
N SER H 452 10.69 85.39 33.57
CA SER H 452 9.58 86.31 33.79
C SER H 452 9.85 87.24 34.96
N LEU H 453 10.68 86.84 35.92
CA LEU H 453 10.94 87.62 37.11
C LEU H 453 12.39 88.05 37.25
N THR H 454 13.24 87.74 36.27
CA THR H 454 14.65 88.14 36.37
C THR H 454 14.84 89.66 36.46
N PRO H 455 14.16 90.50 35.67
CA PRO H 455 14.31 91.95 35.87
C PRO H 455 13.85 92.42 37.24
N TYR H 456 12.91 91.70 37.86
CA TYR H 456 12.46 92.07 39.21
C TYR H 456 13.45 91.58 40.27
N CYS H 457 14.05 90.41 40.06
CA CYS H 457 14.99 89.88 41.04
C CYS H 457 16.29 90.68 41.06
N GLU H 458 16.79 91.05 39.89
CA GLU H 458 18.01 91.85 39.82
C GLU H 458 17.82 93.28 40.31
N ALA H 459 16.58 93.72 40.47
CA ALA H 459 16.28 95.04 41.01
C ALA H 459 16.22 95.05 42.52
N GLY H 460 16.62 93.97 43.18
CA GLY H 460 16.64 93.87 44.63
C GLY H 460 15.56 93.00 45.21
N LYS H 461 14.44 92.80 44.51
CA LYS H 461 13.32 92.02 45.02
C LYS H 461 13.61 90.52 45.11
N ASN H 462 14.83 90.02 44.92
CA ASN H 462 15.06 88.59 45.05
C ASN H 462 15.07 88.15 46.50
N SER H 463 15.44 89.05 47.42
CA SER H 463 15.45 88.71 48.84
C SER H 463 14.04 88.62 49.43
N LYS H 464 13.05 89.26 48.81
CA LYS H 464 11.68 89.22 49.29
C LYS H 464 10.95 87.95 48.89
N LEU H 465 11.64 87.00 48.25
CA LEU H 465 11.07 85.70 47.94
C LEU H 465 11.37 84.70 49.05
N SER H 466 10.54 83.67 49.13
CA SER H 466 10.73 82.65 50.15
C SER H 466 11.94 81.78 49.82
N TYR H 467 12.42 81.05 50.83
CA TYR H 467 13.55 80.15 50.63
C TYR H 467 13.18 78.96 49.75
N ASP H 468 11.90 78.62 49.65
CA ASP H 468 11.49 77.53 48.77
C ASP H 468 11.68 77.91 47.30
N THR H 469 11.39 79.16 46.95
CA THR H 469 11.52 79.60 45.57
C THR H 469 12.97 79.90 45.21
N ARG H 470 13.71 80.55 46.12
CA ARG H 470 15.11 80.87 45.85
C ARG H 470 15.97 79.63 45.68
N THR H 471 15.56 78.49 46.25
CA THR H 471 16.29 77.25 46.02
C THR H 471 16.06 76.73 44.61
N SER H 472 14.82 76.86 44.11
CA SER H 472 14.52 76.43 42.76
C SER H 472 15.13 77.37 41.72
N PHE H 473 15.07 78.68 41.97
CA PHE H 473 15.67 79.64 41.04
C PHE H 473 17.18 79.48 40.98
N ALA H 474 17.82 79.11 42.09
CA ALA H 474 19.26 78.85 42.06
C ALA H 474 19.59 77.66 41.17
N ILE H 475 18.66 76.70 41.07
CA ILE H 475 18.84 75.58 40.16
C ILE H 475 18.47 75.99 38.73
N PHE H 476 17.46 76.84 38.58
CA PHE H 476 17.03 77.25 37.24
C PHE H 476 18.05 78.16 36.58
N ARG H 477 18.77 78.98 37.36
CA ARG H 477 19.84 79.78 36.79
C ARG H 477 21.01 78.94 36.33
N SER H 478 21.08 77.66 36.75
CA SER H 478 22.13 76.75 36.31
C SER H 478 21.85 76.12 34.95
N PHE H 479 20.65 76.31 34.40
CA PHE H 479 20.31 75.77 33.09
C PHE H 479 20.77 76.75 32.01
N SER H 480 21.71 76.32 31.18
CA SER H 480 22.24 77.17 30.12
C SER H 480 21.31 77.17 28.92
N ALA H 481 21.60 78.06 27.97
CA ALA H 481 20.79 78.14 26.76
C ALA H 481 20.98 76.92 25.89
N SER H 482 22.14 76.24 25.98
CA SER H 482 22.34 75.01 25.23
C SER H 482 21.54 73.86 25.84
N ASP H 483 21.34 73.87 27.16
CA ASP H 483 20.55 72.82 27.80
C ASP H 483 19.08 72.90 27.38
N TYR H 484 18.54 74.12 27.25
CA TYR H 484 17.15 74.28 26.86
C TYR H 484 16.90 73.70 25.48
N ILE H 485 17.84 73.91 24.55
CA ILE H 485 17.69 73.36 23.20
C ILE H 485 17.69 71.83 23.24
N ALA H 486 18.56 71.24 24.07
CA ALA H 486 18.60 69.79 24.17
C ALA H 486 17.29 69.23 24.71
N ALA H 487 16.63 69.96 25.61
CA ALA H 487 15.37 69.48 26.16
C ALA H 487 14.26 69.54 25.11
N GLN H 488 14.24 70.59 24.29
CA GLN H 488 13.23 70.67 23.23
C GLN H 488 13.42 69.56 22.21
N CYS H 489 14.67 69.12 22.00
CA CYS H 489 14.90 67.94 21.16
C CYS H 489 14.32 66.69 21.81
N LEU H 490 14.43 66.60 23.14
CA LEU H 490 13.77 65.50 23.84
C LEU H 490 12.26 65.62 23.76
N ARG H 491 11.73 66.85 23.79
CA ARG H 491 10.28 67.03 23.75
C ARG H 491 9.68 66.45 22.47
N ARG H 492 10.45 66.46 21.37
CA ARG H 492 9.97 65.83 20.14
C ARG H 492 10.01 64.30 20.26
N ARG H 493 10.99 63.76 20.99
CA ARG H 493 11.07 62.31 21.15
C ARG H 493 9.86 61.78 21.88
N LEU H 494 9.51 62.38 23.03
CA LEU H 494 8.33 61.95 23.76
C LEU H 494 7.06 62.19 22.96
N MET H 495 7.08 63.17 22.05
CA MET H 495 5.90 63.45 21.24
C MET H 495 5.69 62.36 20.19
N GLU H 496 6.76 61.87 19.58
CA GLU H 496 6.63 60.79 18.63
C GLU H 496 6.25 59.48 19.32
N TYR H 497 6.72 59.28 20.56
CA TYR H 497 6.35 58.07 21.31
C TYR H 497 4.87 58.04 21.61
N HIS H 498 4.34 59.12 22.21
CA HIS H 498 2.96 59.12 22.67
C HIS H 498 1.98 59.11 21.50
N LEU H 499 2.32 59.79 20.40
CA LEU H 499 1.43 59.78 19.24
C LEU H 499 1.32 58.38 18.64
N ASN H 500 2.39 57.59 18.71
CA ASN H 500 2.31 56.19 18.26
C ASN H 500 1.50 55.35 19.24
N ILE H 501 1.48 55.73 20.52
CA ILE H 501 0.66 55.01 21.48
C ILE H 501 -0.82 55.31 21.25
N PHE H 502 -1.14 56.57 20.90
CA PHE H 502 -2.52 56.93 20.56
C PHE H 502 -2.97 56.33 19.24
N LYS H 503 -2.08 55.68 18.49
CA LYS H 503 -2.51 54.89 17.35
C LYS H 503 -3.15 53.57 17.80
N ASP H 504 -2.76 53.08 18.98
CA ASP H 504 -3.27 51.83 19.53
C ASP H 504 -4.36 52.04 20.57
N VAL H 505 -4.23 53.05 21.43
CA VAL H 505 -5.18 53.28 22.52
C VAL H 505 -5.78 54.67 22.36
N ASP H 506 -6.90 54.88 23.05
CA ASP H 506 -7.61 56.16 23.02
C ASP H 506 -7.16 57.07 24.16
N VAL H 507 -7.08 56.54 25.37
CA VAL H 507 -6.61 57.30 26.53
C VAL H 507 -5.62 56.45 27.31
N ILE H 508 -4.80 57.12 28.12
CA ILE H 508 -3.82 56.48 28.98
C ILE H 508 -4.25 56.70 30.42
N VAL H 509 -4.43 55.62 31.17
CA VAL H 509 -4.93 55.66 32.53
C VAL H 509 -3.78 55.37 33.49
N THR H 510 -3.63 56.24 34.48
CA THR H 510 -2.62 56.11 35.53
C THR H 510 -3.19 56.71 36.80
N PRO H 511 -2.69 56.29 37.98
CA PRO H 511 -3.01 57.04 39.20
C PRO H 511 -2.42 58.43 39.12
N THR H 512 -3.14 59.41 39.67
CA THR H 512 -2.71 60.79 39.54
C THR H 512 -1.43 61.06 40.33
N THR H 513 -1.32 60.51 41.53
CA THR H 513 -0.12 60.66 42.35
C THR H 513 0.30 59.29 42.88
N GLY H 514 1.58 59.21 43.23
CA GLY H 514 2.13 57.96 43.74
C GLY H 514 2.12 57.89 45.25
N MET H 515 1.25 58.68 45.87
CA MET H 515 1.14 58.74 47.32
C MET H 515 -0.14 59.49 47.67
N THR H 516 -0.65 59.23 48.87
CA THR H 516 -1.82 59.94 49.36
C THR H 516 -1.39 61.31 49.91
N ALA H 517 -2.30 62.02 50.55
CA ALA H 517 -2.01 63.34 51.08
C ALA H 517 -0.87 63.26 52.10
N PRO H 518 0.27 63.88 51.84
CA PRO H 518 1.41 63.76 52.75
C PRO H 518 1.26 64.64 53.99
N VAL H 519 1.94 64.23 55.05
CA VAL H 519 1.92 64.96 56.31
C VAL H 519 2.88 66.13 56.24
N ILE H 520 2.51 67.22 56.89
CA ILE H 520 3.35 68.43 56.94
C ILE H 520 4.34 68.27 58.09
N PRO H 521 5.64 68.36 57.83
CA PRO H 521 6.60 68.44 58.94
C PRO H 521 6.44 69.75 59.68
N PRO H 522 6.36 69.71 61.01
CA PRO H 522 6.04 70.93 61.77
C PRO H 522 7.10 72.02 61.63
N ASP H 523 8.36 71.65 61.42
CA ASP H 523 9.40 72.65 61.26
C ASP H 523 9.31 73.38 59.93
N ALA H 524 8.62 72.80 58.94
CA ALA H 524 8.48 73.43 57.64
C ALA H 524 7.49 74.58 57.64
N LEU H 525 6.64 74.68 58.66
CA LEU H 525 5.67 75.77 58.74
C LEU H 525 6.31 77.10 59.07
N LYS H 526 7.59 77.13 59.44
CA LYS H 526 8.24 78.38 59.82
C LYS H 526 8.62 79.19 58.59
N ASN H 527 9.57 78.70 57.80
CA ASN H 527 10.07 79.40 56.63
C ASN H 527 10.14 78.48 55.43
N GLY H 528 9.14 77.63 55.26
CA GLY H 528 9.11 76.71 54.14
C GLY H 528 10.03 75.52 54.34
N GLU H 529 10.25 74.80 53.25
CA GLU H 529 11.08 73.61 53.27
C GLU H 529 11.58 73.32 51.86
N THR H 530 12.71 72.62 51.80
CA THR H 530 13.21 72.06 50.55
C THR H 530 13.09 70.54 50.63
N ASN H 531 12.43 69.95 49.64
CA ASN H 531 12.20 68.52 49.63
C ASN H 531 11.90 68.05 48.22
N ILE H 532 12.88 68.19 47.32
CA ILE H 532 12.67 67.88 45.91
C ILE H 532 12.25 66.43 45.72
N GLN H 533 12.62 65.55 46.65
CA GLN H 533 12.25 64.15 46.54
C GLN H 533 10.73 63.97 46.55
N VAL H 534 10.04 64.68 47.45
CA VAL H 534 8.60 64.55 47.54
C VAL H 534 7.90 65.45 46.52
N THR H 535 8.47 66.64 46.25
CA THR H 535 7.89 67.52 45.25
C THR H 535 7.90 66.87 43.88
N THR H 536 8.98 66.17 43.53
CA THR H 536 9.05 65.51 42.23
C THR H 536 8.25 64.22 42.20
N ASP H 537 8.25 63.47 43.30
CA ASP H 537 7.49 62.21 43.34
C ASP H 537 6.00 62.43 43.15
N LEU H 538 5.50 63.63 43.42
CA LEU H 538 4.10 63.96 43.18
C LEU H 538 3.81 64.24 41.71
N MET H 539 4.84 64.44 40.88
CA MET H 539 4.67 64.74 39.47
C MET H 539 4.94 63.54 38.56
N ARG H 540 5.23 62.38 39.12
CA ARG H 540 5.69 61.25 38.32
C ARG H 540 4.62 60.71 37.37
N PHE H 541 3.41 61.27 37.38
CA PHE H 541 2.36 60.80 36.48
C PHE H 541 1.71 61.92 35.67
N VAL H 542 1.98 63.18 35.96
CA VAL H 542 1.28 64.30 35.34
C VAL H 542 2.17 65.11 34.41
N LEU H 543 3.46 64.77 34.30
CA LEU H 543 4.35 65.52 33.42
C LEU H 543 4.12 65.22 31.95
N ALA H 544 3.52 64.07 31.63
CA ALA H 544 3.30 63.71 30.23
C ALA H 544 2.36 64.70 29.56
N ALA H 545 1.24 65.03 30.22
CA ALA H 545 0.26 65.93 29.62
C ALA H 545 0.77 67.35 29.52
N ASN H 546 1.74 67.74 30.35
CA ASN H 546 2.23 69.12 30.32
C ASN H 546 3.27 69.31 29.22
N LEU H 547 4.26 68.42 29.15
CA LEU H 547 5.34 68.58 28.18
C LEU H 547 4.84 68.36 26.75
N LEU H 548 3.77 67.58 26.57
CA LEU H 548 3.23 67.29 25.25
C LEU H 548 1.92 68.00 24.97
N GLY H 549 1.28 68.60 25.98
CA GLY H 549 0.08 69.39 25.77
C GLY H 549 -1.21 68.61 25.71
N PHE H 550 -1.18 67.31 25.99
CA PHE H 550 -2.39 66.50 25.93
C PHE H 550 -3.34 66.89 27.07
N PRO H 551 -4.64 66.74 26.86
CA PRO H 551 -5.60 66.98 27.95
C PRO H 551 -5.64 65.80 28.91
N ALA H 552 -5.59 66.10 30.21
CA ALA H 552 -5.69 65.08 31.24
C ALA H 552 -6.69 65.55 32.29
N ILE H 553 -7.22 64.57 33.04
CA ILE H 553 -8.19 64.84 34.10
C ILE H 553 -7.82 64.02 35.32
N SER H 554 -8.27 64.48 36.49
CA SER H 554 -8.05 63.78 37.75
C SER H 554 -9.40 63.58 38.41
N VAL H 555 -9.78 62.33 38.60
CA VAL H 555 -11.09 61.99 39.17
C VAL H 555 -10.88 61.10 40.40
N PRO H 556 -11.66 61.29 41.47
CA PRO H 556 -11.52 60.43 42.65
C PRO H 556 -12.06 59.03 42.39
N VAL H 557 -11.41 58.03 42.96
CA VAL H 557 -11.79 56.63 42.74
C VAL H 557 -11.81 55.87 44.05
N GLY H 558 -11.97 56.57 45.17
CA GLY H 558 -12.07 55.92 46.45
C GLY H 558 -11.06 56.45 47.44
N TYR H 559 -10.85 55.70 48.51
CA TYR H 559 -9.97 56.11 49.60
C TYR H 559 -9.06 54.95 49.99
N ASP H 560 -8.02 55.26 50.76
CA ASP H 560 -7.05 54.26 51.19
C ASP H 560 -7.34 53.78 52.61
N LYS H 561 -6.29 53.42 53.35
CA LYS H 561 -6.48 52.89 54.70
C LYS H 561 -6.84 54.00 55.68
N GLU H 562 -6.08 55.09 55.69
CA GLU H 562 -6.32 56.19 56.61
C GLU H 562 -7.38 57.17 56.12
N GLY H 563 -8.18 56.77 55.13
CA GLY H 563 -9.27 57.63 54.67
C GLY H 563 -8.85 58.83 53.85
N LEU H 564 -7.78 58.69 53.05
CA LEU H 564 -7.36 59.80 52.21
C LEU H 564 -7.77 59.57 50.76
N PRO H 565 -8.11 60.64 50.05
CA PRO H 565 -8.58 60.48 48.66
C PRO H 565 -7.50 59.95 47.74
N ILE H 566 -7.94 59.17 46.75
CA ILE H 566 -7.08 58.59 45.72
C ILE H 566 -7.56 59.10 44.37
N GLY H 567 -6.64 59.54 43.53
CA GLY H 567 -6.95 60.15 42.25
C GLY H 567 -6.53 59.27 41.09
N LEU H 568 -7.40 59.20 40.08
CA LEU H 568 -7.12 58.51 38.82
C LEU H 568 -6.99 59.54 37.71
N GLN H 569 -6.03 59.34 36.81
CA GLN H 569 -5.76 60.27 35.72
C GLN H 569 -6.14 59.62 34.39
N ILE H 570 -6.87 60.38 33.57
CA ILE H 570 -7.24 59.98 32.22
C ILE H 570 -6.68 61.03 31.27
N MET H 571 -5.68 60.64 30.49
CA MET H 571 -5.03 61.53 29.55
C MET H 571 -5.35 61.06 28.13
N GLY H 572 -5.92 61.94 27.33
CA GLY H 572 -6.41 61.57 26.01
C GLY H 572 -5.75 62.28 24.84
N ARG H 573 -6.32 62.08 23.65
CA ARG H 573 -5.76 62.66 22.43
C ARG H 573 -5.83 64.18 22.47
N PRO H 574 -4.98 64.86 21.70
CA PRO H 574 -5.06 66.32 21.63
C PRO H 574 -6.44 66.78 21.18
N TRP H 575 -6.92 67.85 21.80
CA TRP H 575 -8.23 68.44 21.54
C TRP H 575 -9.37 67.47 21.81
N ALA H 576 -9.11 66.40 22.56
CA ALA H 576 -10.14 65.41 22.85
C ALA H 576 -10.57 65.49 24.31
N GLU H 577 -11.08 66.66 24.73
CA GLU H 577 -11.63 66.77 26.07
C GLU H 577 -12.89 65.93 26.21
N ALA H 578 -13.74 65.91 25.18
CA ALA H 578 -15.00 65.17 25.25
C ALA H 578 -14.76 63.68 25.46
N THR H 579 -13.64 63.15 24.93
CA THR H 579 -13.30 61.76 25.16
C THR H 579 -12.86 61.54 26.61
N VAL H 580 -12.17 62.52 27.18
CA VAL H 580 -11.72 62.40 28.57
C VAL H 580 -12.85 62.71 29.53
N LEU H 581 -13.66 63.74 29.24
CA LEU H 581 -14.79 64.06 30.10
C LEU H 581 -15.87 62.99 30.06
N GLY H 582 -16.02 62.31 28.91
CA GLY H 582 -17.01 61.25 28.81
C GLY H 582 -16.61 60.01 29.61
N LEU H 583 -15.33 59.67 29.59
CA LEU H 583 -14.86 58.51 30.35
C LEU H 583 -14.78 58.80 31.84
N ALA H 584 -14.36 60.02 32.21
CA ALA H 584 -14.31 60.39 33.61
C ALA H 584 -15.70 60.39 34.24
N ALA H 585 -16.73 60.75 33.46
CA ALA H 585 -18.10 60.70 33.97
C ALA H 585 -18.52 59.27 34.28
N ALA H 586 -18.12 58.31 33.44
CA ALA H 586 -18.43 56.92 33.71
C ALA H 586 -17.63 56.37 34.87
N VAL H 587 -16.46 56.96 35.17
CA VAL H 587 -15.68 56.50 36.32
C VAL H 587 -16.33 56.95 37.61
N GLU H 588 -16.77 58.21 37.68
CA GLU H 588 -17.49 58.68 38.86
C GLU H 588 -18.85 57.99 39.02
N GLU H 589 -19.40 57.43 37.95
CA GLU H 589 -20.63 56.67 38.07
C GLU H 589 -20.40 55.34 38.77
N LEU H 590 -19.19 54.79 38.66
CA LEU H 590 -18.86 53.52 39.31
C LEU H 590 -18.22 53.70 40.67
N ALA H 591 -17.75 54.90 40.99
CA ALA H 591 -17.13 55.18 42.29
C ALA H 591 -17.37 56.63 42.65
N PRO H 592 -18.57 56.95 43.14
CA PRO H 592 -18.88 58.33 43.49
C PRO H 592 -18.27 58.73 44.81
N VAL H 593 -18.13 60.04 45.01
CA VAL H 593 -17.60 60.57 46.25
C VAL H 593 -18.61 60.32 47.36
N THR H 594 -18.22 59.54 48.36
CA THR H 594 -19.10 59.16 49.46
C THR H 594 -18.70 59.75 50.79
N LYS H 595 -17.41 59.74 51.13
CA LYS H 595 -16.97 60.26 52.43
C LYS H 595 -17.08 61.78 52.46
N LYS H 596 -17.52 62.29 53.60
CA LYS H 596 -17.51 63.73 53.86
C LYS H 596 -16.18 64.14 54.47
N PRO H 597 -15.55 65.20 53.98
CA PRO H 597 -14.26 65.61 54.55
C PRO H 597 -14.40 66.10 55.98
N ALA H 598 -13.27 66.12 56.69
CA ALA H 598 -13.26 66.62 58.06
C ALA H 598 -13.73 68.08 58.12
N ILE H 599 -13.10 68.95 57.34
CA ILE H 599 -13.53 70.34 57.23
C ILE H 599 -14.50 70.43 56.04
N PHE H 600 -15.78 70.68 56.33
CA PHE H 600 -16.80 70.78 55.31
C PHE H 600 -17.89 71.71 55.80
N TYR H 601 -18.59 72.34 54.85
CA TYR H 601 -19.64 73.29 55.19
C TYR H 601 -20.80 73.15 54.21
N ASP H 602 -22.01 73.05 54.75
CA ASP H 602 -23.23 73.08 53.95
C ASP H 602 -23.72 74.51 53.83
N ILE H 603 -23.89 74.98 52.60
CA ILE H 603 -24.16 76.39 52.34
C ILE H 603 -25.64 76.66 52.10
N LEU H 604 -26.31 75.81 51.31
CA LEU H 604 -27.71 76.07 50.97
C LEU H 604 -28.63 75.92 52.19
N ASN H 605 -28.32 74.97 53.06
CA ASN H 605 -29.12 74.70 54.26
C ASN H 605 -30.57 74.36 53.92
N THR H 606 -30.80 73.76 52.76
CA THR H 606 -32.15 73.36 52.35
C THR H 606 -32.52 71.96 52.84
N ASN H 607 -31.65 71.33 53.63
CA ASN H 607 -31.91 70.02 54.21
C ASN H 607 -31.83 70.03 55.72
N LYS H 608 -30.74 70.55 56.28
CA LYS H 608 -30.55 70.66 57.71
C LYS H 608 -30.28 72.11 58.08
N GLY H 609 -30.92 72.57 59.15
CA GLY H 609 -30.69 73.91 59.66
C GLY H 609 -29.44 73.98 60.52
N GLU H 610 -29.41 74.94 61.42
CA GLU H 610 -28.31 75.07 62.36
C GLU H 610 -28.41 74.05 63.50
N PHE H 611 -29.42 73.20 63.48
CA PHE H 611 -29.64 72.18 64.50
C PHE H 611 -29.45 70.81 63.84
N GLU H 612 -28.18 70.41 63.68
CA GLU H 612 -27.87 69.12 63.08
C GLU H 612 -27.02 68.29 64.03
N ALA H 613 -27.57 67.98 65.21
CA ALA H 613 -26.89 67.15 66.19
C ALA H 613 -26.49 65.81 65.57
N TYR H 614 -25.32 65.79 64.93
CA TYR H 614 -24.85 64.62 64.19
C TYR H 614 -23.68 63.93 64.88
N VAL H 615 -23.32 64.36 66.10
CA VAL H 615 -22.07 63.92 66.70
C VAL H 615 -22.05 62.40 66.88
N GLU H 616 -20.86 61.83 66.75
CA GLU H 616 -20.68 60.38 66.85
C GLU H 616 -20.17 59.99 68.24
N TYR I 4 55.48 12.79 -20.90
CA TYR I 4 56.72 13.51 -20.66
C TYR I 4 56.51 14.74 -19.77
N GLN I 5 55.62 15.63 -20.21
CA GLN I 5 55.34 16.87 -19.49
C GLN I 5 53.86 17.17 -19.57
N VAL I 6 53.38 17.93 -18.59
CA VAL I 6 51.97 18.29 -18.48
C VAL I 6 51.81 19.77 -18.86
N MET I 7 50.80 20.06 -19.67
CA MET I 7 50.50 21.42 -20.10
C MET I 7 49.24 21.91 -19.39
N LYS I 8 49.25 23.17 -18.96
CA LYS I 8 48.16 23.74 -18.19
C LYS I 8 47.41 24.80 -19.00
N ARG I 9 46.12 24.95 -18.67
CA ARG I 9 45.28 26.04 -19.16
C ARG I 9 44.88 26.93 -17.98
N ALA I 10 44.60 28.20 -18.28
CA ALA I 10 44.61 29.22 -17.23
C ALA I 10 43.23 29.78 -16.88
N SER I 11 42.76 30.74 -17.66
CA SER I 11 41.43 31.34 -17.47
C SER I 11 40.47 30.87 -18.54
N GLU I 12 40.68 29.64 -19.04
CA GLU I 12 39.84 29.06 -20.07
C GLU I 12 39.40 27.64 -19.73
N VAL I 13 39.79 27.12 -18.55
CA VAL I 13 39.36 25.80 -18.15
C VAL I 13 37.85 25.79 -17.91
N ASP I 14 37.23 24.65 -18.20
CA ASP I 14 35.79 24.50 -18.01
C ASP I 14 35.53 24.12 -16.55
N LEU I 15 34.77 24.97 -15.85
CA LEU I 15 34.45 24.68 -14.46
C LEU I 15 33.61 23.41 -14.33
N SER I 16 32.82 23.09 -15.34
CA SER I 16 32.07 21.84 -15.37
C SER I 16 32.95 20.65 -15.75
N THR I 17 34.27 20.81 -15.75
CA THR I 17 35.21 19.73 -16.00
C THR I 17 36.18 19.52 -14.84
N VAL I 18 36.30 20.48 -13.93
CA VAL I 18 37.24 20.38 -12.81
C VAL I 18 36.86 19.19 -11.94
N LYS I 19 37.82 18.29 -11.75
CA LYS I 19 37.64 17.15 -10.84
C LYS I 19 38.13 17.52 -9.46
N TYR I 20 37.42 17.05 -8.44
CA TYR I 20 37.83 17.28 -7.05
C TYR I 20 38.94 16.29 -6.71
N LYS I 21 40.17 16.70 -6.99
CA LYS I 21 41.35 15.86 -6.75
C LYS I 21 41.70 15.94 -5.28
N ALA I 22 41.17 15.01 -4.50
CA ALA I 22 41.44 14.93 -3.07
C ALA I 22 42.56 13.94 -2.83
N GLU I 23 43.68 14.42 -2.32
CA GLU I 23 44.84 13.59 -2.01
C GLU I 23 45.27 13.83 -0.57
N THR I 24 45.42 12.75 0.18
CA THR I 24 45.92 12.85 1.54
C THR I 24 47.45 12.88 1.55
N MET I 25 48.01 13.45 2.61
CA MET I 25 49.45 13.59 2.72
C MET I 25 50.06 12.29 3.22
N LYS I 26 51.05 11.77 2.50
CA LYS I 26 51.68 10.50 2.81
C LYS I 26 53.06 10.77 3.41
N ALA I 27 53.26 10.34 4.66
CA ALA I 27 54.52 10.57 5.36
C ALA I 27 54.55 9.64 6.57
N PRO I 28 55.74 9.25 7.03
CA PRO I 28 55.83 8.35 8.19
C PRO I 28 55.47 9.04 9.49
N HIS I 29 54.97 8.26 10.44
CA HIS I 29 54.62 8.73 11.77
C HIS I 29 55.65 8.14 12.72
N LEU I 30 56.59 8.98 13.17
CA LEU I 30 57.69 8.57 14.03
C LEU I 30 57.70 9.40 15.31
N THR I 31 58.02 8.75 16.43
CA THR I 31 58.05 9.40 17.74
C THR I 31 59.27 8.91 18.50
N GLY I 32 59.69 9.71 19.47
CA GLY I 32 60.68 9.28 20.44
C GLY I 32 62.08 9.09 19.81
N LEU I 33 62.63 7.90 19.98
CA LEU I 33 64.01 7.63 19.57
C LEU I 33 64.10 7.40 18.06
N SER I 34 63.09 6.76 17.47
CA SER I 34 63.08 6.61 16.02
C SER I 34 63.00 7.95 15.31
N PHE I 35 62.33 8.92 15.92
CA PHE I 35 62.31 10.27 15.38
C PHE I 35 63.71 10.89 15.38
N LYS I 36 64.48 10.65 16.44
CA LYS I 36 65.81 11.25 16.54
C LYS I 36 66.73 10.74 15.46
N LEU I 37 66.72 9.43 15.20
CA LEU I 37 67.59 8.89 14.16
C LEU I 37 67.10 9.25 12.77
N PHE I 38 65.78 9.34 12.58
CA PHE I 38 65.24 9.77 11.29
C PHE I 38 65.62 11.22 10.99
N VAL I 39 65.71 12.06 12.02
CA VAL I 39 66.16 13.44 11.82
C VAL I 39 67.63 13.47 11.41
N ASN I 40 68.46 12.68 12.11
CA ASN I 40 69.88 12.61 11.74
C ASN I 40 70.06 12.00 10.35
N LEU I 41 69.15 11.11 9.94
CA LEU I 41 69.18 10.59 8.57
C LEU I 41 68.86 11.69 7.57
N LEU I 42 67.86 12.52 7.87
CA LEU I 42 67.52 13.63 6.97
C LEU I 42 68.65 14.66 6.90
N GLU I 43 69.29 14.93 8.03
CA GLU I 43 70.42 15.85 8.06
C GLU I 43 71.73 15.21 7.66
N ALA I 44 71.72 13.94 7.28
CA ALA I 44 72.92 13.29 6.79
C ALA I 44 73.25 13.75 5.37
N PRO I 45 74.53 13.71 4.97
CA PRO I 45 74.93 14.19 3.65
C PRO I 45 74.12 13.66 2.48
N LEU I 46 74.47 12.47 1.99
CA LEU I 46 73.90 11.99 0.73
C LEU I 46 72.51 11.39 0.92
N ILE I 47 72.34 10.54 1.94
CA ILE I 47 71.06 9.88 2.13
C ILE I 47 69.98 10.87 2.51
N GLY I 48 70.35 11.97 3.16
CA GLY I 48 69.35 12.95 3.58
C GLY I 48 68.58 13.54 2.42
N SER I 49 69.27 13.83 1.31
CA SER I 49 68.60 14.40 0.15
C SER I 49 67.69 13.38 -0.54
N LEU I 50 68.05 12.09 -0.48
CA LEU I 50 67.25 11.07 -1.15
C LEU I 50 65.93 10.87 -0.43
N ILE I 51 65.94 10.90 0.91
CA ILE I 51 64.71 10.70 1.67
C ILE I 51 63.76 11.86 1.45
N VAL I 52 64.28 13.07 1.31
CA VAL I 52 63.43 14.22 1.07
C VAL I 52 62.91 14.23 -0.37
N ASP I 53 63.78 13.90 -1.32
CA ASP I 53 63.35 13.83 -2.71
C ASP I 53 62.40 12.66 -2.96
N TYR I 54 62.39 11.67 -2.07
CA TYR I 54 61.40 10.60 -2.21
C TYR I 54 60.03 11.06 -1.72
N LEU I 55 59.99 11.83 -0.63
CA LEU I 55 58.71 12.32 -0.13
C LEU I 55 58.07 13.31 -1.12
N LYS I 56 58.88 14.16 -1.75
CA LYS I 56 58.34 15.07 -2.75
C LYS I 56 57.88 14.32 -3.99
N LYS I 57 58.57 13.23 -4.35
CA LYS I 57 58.13 12.41 -5.47
C LYS I 57 56.83 11.69 -5.15
N ASP I 58 56.66 11.27 -3.89
CA ASP I 58 55.50 10.46 -3.51
C ASP I 58 54.25 11.30 -3.38
N ASN I 59 54.36 12.52 -2.84
CA ASN I 59 53.23 13.40 -2.65
C ASN I 59 52.93 14.27 -3.87
N GLY I 60 53.55 13.98 -5.01
CA GLY I 60 53.24 14.70 -6.24
C GLY I 60 53.70 16.13 -6.30
N MET I 61 54.72 16.49 -5.52
CA MET I 61 55.24 17.86 -5.54
C MET I 61 56.27 18.07 -6.64
N THR I 62 57.04 17.04 -6.99
CA THR I 62 57.95 17.15 -8.13
C THR I 62 57.18 17.22 -9.44
N LYS I 63 56.05 16.51 -9.53
CA LYS I 63 55.23 16.57 -10.73
C LYS I 63 54.70 17.98 -10.98
N ILE I 64 54.31 18.68 -9.92
CA ILE I 64 53.72 19.99 -10.08
C ILE I 64 54.79 21.04 -10.35
N PHE I 65 55.94 20.95 -9.65
CA PHE I 65 56.93 22.01 -9.73
C PHE I 65 57.85 21.86 -10.94
N ARG I 66 58.25 20.63 -11.28
CA ARG I 66 59.30 20.43 -12.27
C ARG I 66 58.85 19.79 -13.57
N ASN I 67 57.68 19.16 -13.61
CA ASN I 67 57.23 18.44 -14.80
C ASN I 67 55.90 18.99 -15.32
N THR I 68 55.65 20.28 -15.12
CA THR I 68 54.41 20.90 -15.56
C THR I 68 54.70 22.33 -15.97
N VAL I 69 54.38 22.67 -17.22
CA VAL I 69 54.53 24.04 -17.68
C VAL I 69 53.32 24.84 -17.24
N ILE I 70 53.56 26.02 -16.67
CA ILE I 70 52.51 26.87 -16.16
C ILE I 70 52.51 28.17 -16.96
N PRO I 71 51.46 28.45 -17.73
CA PRO I 71 51.46 29.66 -18.57
C PRO I 71 51.16 30.95 -17.81
N GLU I 72 51.62 31.02 -16.55
CA GLU I 72 51.33 32.15 -15.68
C GLU I 72 52.57 32.99 -15.46
N GLU I 73 52.35 34.29 -15.27
CA GLU I 73 53.40 35.12 -14.72
C GLU I 73 53.33 35.08 -13.20
N PRO I 74 54.46 34.99 -12.51
CA PRO I 74 54.42 34.82 -11.04
C PRO I 74 53.76 36.00 -10.35
N MET I 75 52.86 35.68 -9.42
CA MET I 75 52.25 36.66 -8.52
C MET I 75 52.87 36.42 -7.14
N PHE I 76 53.87 37.22 -6.79
CA PHE I 76 54.63 36.97 -5.56
C PHE I 76 53.88 37.40 -4.31
N ARG I 77 53.07 38.44 -4.40
CA ARG I 77 52.29 38.94 -3.28
C ARG I 77 50.84 39.13 -3.73
N PRO I 78 49.90 39.10 -2.79
CA PRO I 78 48.49 39.22 -3.17
C PRO I 78 48.19 40.55 -3.85
N GLU I 79 47.56 40.47 -5.02
CA GLU I 79 47.22 41.64 -5.84
C GLU I 79 45.69 41.68 -5.99
N PHE I 80 45.04 42.58 -5.21
CA PHE I 80 43.58 42.62 -5.30
C PHE I 80 43.12 43.75 -6.21
N PRO I 81 42.13 43.50 -7.06
CA PRO I 81 41.55 44.58 -7.87
C PRO I 81 40.64 45.46 -7.02
N SER I 82 40.11 46.50 -7.65
CA SER I 82 39.18 47.40 -6.98
C SER I 82 37.90 46.64 -6.65
N GLN I 83 37.58 46.55 -5.37
CA GLN I 83 36.46 45.75 -4.89
C GLN I 83 35.20 46.59 -4.73
N GLU I 84 34.07 45.89 -4.68
CA GLU I 84 32.79 46.54 -4.48
C GLU I 84 32.69 47.07 -3.04
N PRO I 85 32.14 48.27 -2.85
CA PRO I 85 31.91 48.76 -1.48
C PRO I 85 30.86 47.90 -0.78
N GLU I 86 31.22 47.41 0.40
CA GLU I 86 30.32 46.54 1.15
C GLU I 86 29.10 47.31 1.64
N HIS I 87 27.98 46.60 1.74
CA HIS I 87 26.69 47.21 2.05
C HIS I 87 26.47 47.27 3.55
N ASP I 88 25.95 48.41 4.01
CA ASP I 88 25.54 48.62 5.41
C ASP I 88 26.72 48.41 6.35
N VAL I 89 27.73 49.27 6.20
CA VAL I 89 28.93 49.24 7.03
C VAL I 89 29.30 50.68 7.40
N VAL I 90 30.20 50.81 8.37
CA VAL I 90 30.65 52.10 8.86
C VAL I 90 32.12 52.26 8.49
N ILE I 91 32.41 53.24 7.66
CA ILE I 91 33.79 53.51 7.24
C ILE I 91 34.49 54.25 8.35
N VAL I 92 35.68 53.77 8.73
CA VAL I 92 36.48 54.41 9.77
C VAL I 92 37.89 54.63 9.21
N GLY I 93 38.53 55.70 9.69
CA GLY I 93 39.84 56.05 9.18
C GLY I 93 40.90 55.03 9.54
N GLU I 94 41.89 54.88 8.65
CA GLU I 94 42.95 53.91 8.84
C GLU I 94 44.11 54.44 9.69
N ASP I 95 44.19 55.76 9.88
CA ASP I 95 45.25 56.35 10.69
C ASP I 95 44.75 56.94 12.00
N GLU I 96 43.44 56.84 12.28
CA GLU I 96 42.93 57.31 13.56
C GLU I 96 43.49 56.47 14.70
N SER I 97 43.57 57.08 15.88
CA SER I 97 44.08 56.37 17.04
C SER I 97 43.15 55.22 17.41
N PRO I 98 43.70 54.11 17.92
CA PRO I 98 42.84 52.98 18.32
C PRO I 98 41.85 53.35 19.40
N ILE I 99 42.10 54.43 20.15
CA ILE I 99 41.14 54.89 21.15
C ILE I 99 39.88 55.41 20.49
N ASP I 100 40.03 56.05 19.31
CA ASP I 100 38.88 56.62 18.61
C ASP I 100 38.11 55.57 17.82
N ARG I 101 38.79 54.55 17.29
CA ARG I 101 38.09 53.49 16.58
C ARG I 101 37.33 52.57 17.53
N LEU I 102 37.72 52.54 18.81
CA LEU I 102 37.01 51.69 19.77
C LEU I 102 35.66 52.28 20.15
N GLU I 103 35.59 53.59 20.37
CA GLU I 103 34.30 54.22 20.70
C GLU I 103 33.35 54.19 19.51
N THR I 104 33.89 54.15 18.28
CA THR I 104 33.04 53.96 17.11
C THR I 104 32.56 52.52 17.01
N ALA I 105 33.45 51.56 17.29
CA ALA I 105 33.04 50.16 17.31
C ALA I 105 32.01 49.89 18.38
N LEU I 106 32.09 50.61 19.50
CA LEU I 106 31.08 50.45 20.55
C LEU I 106 29.70 50.88 20.06
N LYS I 107 29.63 51.84 19.16
CA LYS I 107 28.36 52.24 18.59
C LYS I 107 27.83 51.22 17.59
N CYS I 108 28.71 50.40 17.02
CA CYS I 108 28.28 49.34 16.10
C CYS I 108 27.81 48.09 16.85
N LEU I 109 28.17 47.94 18.11
CA LEU I 109 27.74 46.82 18.93
C LEU I 109 26.31 47.05 19.43
N PRO I 110 25.57 45.97 19.70
CA PRO I 110 24.24 46.13 20.31
C PRO I 110 24.34 46.73 21.70
N GLN I 111 23.20 47.22 22.19
CA GLN I 111 23.16 47.83 23.51
C GLN I 111 23.54 46.83 24.60
N TYR I 112 24.48 47.22 25.45
CA TYR I 112 24.93 46.33 26.51
C TYR I 112 23.86 46.19 27.58
N ASP I 113 23.65 44.95 28.03
CA ASP I 113 22.62 44.66 29.02
C ASP I 113 23.28 44.42 30.37
N PRO I 114 23.06 45.28 31.37
CA PRO I 114 23.66 45.04 32.70
C PRO I 114 23.11 43.81 33.40
N SER I 115 22.05 43.19 32.87
CA SER I 115 21.49 41.97 33.46
C SER I 115 22.25 40.72 33.04
N ARG I 116 23.38 40.86 32.35
CA ARG I 116 24.22 39.74 31.96
C ARG I 116 25.50 39.67 32.78
N SER I 117 25.62 40.48 33.83
CA SER I 117 26.85 40.53 34.62
C SER I 117 26.56 40.49 36.10
N LEU I 118 25.99 41.57 36.64
CA LEU I 118 25.76 41.68 38.07
C LEU I 118 24.60 40.79 38.52
N HIS I 119 23.38 41.13 38.09
CA HIS I 119 22.18 40.43 38.51
C HIS I 119 21.74 39.48 37.41
N ALA I 120 21.51 38.21 37.77
CA ALA I 120 21.08 37.21 36.81
C ALA I 120 20.43 36.05 37.56
N ASP I 121 19.63 35.29 36.84
CA ASP I 121 18.96 34.13 37.41
C ASP I 121 19.97 33.00 37.59
N PRO I 122 20.07 32.39 38.79
CA PRO I 122 21.07 31.34 39.00
C PRO I 122 20.69 30.00 38.40
N VAL I 123 19.86 30.00 37.37
CA VAL I 123 19.47 28.76 36.69
C VAL I 123 19.62 28.94 35.19
N SER I 124 20.47 29.88 34.79
CA SER I 124 20.73 30.12 33.38
C SER I 124 21.84 29.19 32.88
N SER I 125 22.14 29.29 31.58
CA SER I 125 23.15 28.43 30.98
C SER I 125 24.55 28.99 31.22
N PHE I 126 25.51 28.57 30.39
CA PHE I 126 26.90 28.99 30.52
C PHE I 126 27.27 29.94 29.40
N ARG I 127 28.18 30.87 29.71
CA ARG I 127 28.65 31.84 28.73
C ARG I 127 30.00 32.37 29.17
N TYR I 128 30.79 32.81 28.20
CA TYR I 128 32.06 33.45 28.49
C TYR I 128 31.85 34.92 28.87
N TRP I 129 32.80 35.45 29.65
CA TRP I 129 32.75 36.85 30.03
C TRP I 129 33.18 37.70 28.85
N LYS I 130 32.29 38.57 28.39
CA LYS I 130 32.61 39.47 27.29
C LYS I 130 33.55 40.57 27.76
N ILE I 131 34.10 41.31 26.79
CA ILE I 131 34.97 42.43 27.13
C ILE I 131 34.18 43.51 27.83
N ARG I 132 32.95 43.78 27.36
CA ARG I 132 32.13 44.81 27.98
C ARG I 132 31.66 44.42 29.38
N ASP I 133 31.75 43.13 29.74
CA ASP I 133 31.44 42.75 31.12
C ASP I 133 32.52 43.23 32.08
N TYR I 134 33.79 43.09 31.68
CA TYR I 134 34.88 43.65 32.49
C TYR I 134 34.83 45.17 32.49
N ALA I 135 34.58 45.79 31.33
CA ALA I 135 34.52 47.24 31.25
C ALA I 135 33.38 47.81 32.08
N TYR I 136 32.26 47.10 32.16
CA TYR I 136 31.19 47.53 33.05
C TYR I 136 31.53 47.25 34.50
N ALA I 137 32.22 46.13 34.76
CA ALA I 137 32.61 45.80 36.13
C ALA I 137 33.63 46.78 36.69
N TYR I 138 34.47 47.35 35.84
CA TYR I 138 35.47 48.30 36.32
C TYR I 138 34.86 49.67 36.58
N ARG I 139 33.87 50.07 35.77
CA ARG I 139 33.28 51.40 35.88
C ARG I 139 32.16 51.45 36.91
N SER I 140 31.43 50.36 37.10
CA SER I 140 30.43 50.29 38.16
C SER I 140 31.04 50.00 39.52
N LYS I 141 32.38 50.01 39.61
CA LYS I 141 33.12 49.80 40.85
C LYS I 141 32.82 48.45 41.49
N LEU I 142 32.32 47.49 40.71
CA LEU I 142 32.09 46.16 41.25
C LEU I 142 33.41 45.45 41.56
N THR I 143 34.42 45.68 40.73
CA THR I 143 35.77 45.18 40.96
C THR I 143 36.75 46.12 40.28
N THR I 144 38.03 45.80 40.40
CA THR I 144 39.08 46.61 39.81
C THR I 144 40.03 45.72 39.02
N PRO I 145 40.72 46.28 38.01
CA PRO I 145 41.70 45.46 37.27
C PRO I 145 42.76 44.84 38.15
N LEU I 146 43.14 45.51 39.24
CA LEU I 146 44.11 44.94 40.17
C LEU I 146 43.54 43.69 40.83
N GLN I 147 42.29 43.76 41.30
CA GLN I 147 41.64 42.59 41.87
C GLN I 147 41.52 41.46 40.87
N VAL I 148 41.36 41.79 39.58
CA VAL I 148 41.34 40.78 38.55
C VAL I 148 42.73 40.21 38.33
N ALA I 149 43.75 41.06 38.36
CA ALA I 149 45.12 40.60 38.13
C ALA I 149 45.57 39.63 39.21
N LYS I 150 45.17 39.88 40.45
CA LYS I 150 45.62 39.03 41.56
C LYS I 150 45.09 37.61 41.43
N ARG I 151 43.86 37.45 40.97
CA ARG I 151 43.31 36.10 40.85
C ARG I 151 43.87 35.37 39.64
N ILE I 152 44.11 36.10 38.54
CA ILE I 152 44.73 35.48 37.37
C ILE I 152 46.13 34.98 37.73
N ILE I 153 46.91 35.82 38.41
CA ILE I 153 48.22 35.39 38.90
C ILE I 153 48.07 34.24 39.88
N SER I 154 46.99 34.24 40.68
CA SER I 154 46.76 33.17 41.64
C SER I 154 46.53 31.83 40.94
N ILE I 155 45.94 31.85 39.74
CA ILE I 155 45.67 30.61 39.03
C ILE I 155 46.91 30.12 38.29
N ILE I 156 47.70 31.05 37.75
CA ILE I 156 48.90 30.65 37.00
C ILE I 156 49.91 29.99 37.92
N GLU I 157 50.09 30.52 39.12
CA GLU I 157 51.03 29.94 40.06
C GLU I 157 50.50 28.64 40.67
N GLU I 158 49.18 28.56 40.89
CA GLU I 158 48.61 27.40 41.56
C GLU I 158 48.66 26.16 40.68
N PHE I 159 48.44 26.32 39.38
CA PHE I 159 48.40 25.20 38.45
C PHE I 159 49.67 25.08 37.62
N GLY I 160 50.60 26.02 37.75
CA GLY I 160 51.84 25.95 36.99
C GLY I 160 51.66 26.16 35.50
N TYR I 161 50.87 27.15 35.11
CA TYR I 161 50.65 27.44 33.70
C TYR I 161 51.76 28.30 33.10
N ASP I 162 52.75 28.70 33.89
CA ASP I 162 53.94 29.35 33.39
C ASP I 162 55.18 28.47 33.48
N LYS I 163 55.03 27.24 33.99
CA LYS I 163 56.08 26.26 34.14
C LYS I 163 55.70 24.99 33.39
N PRO I 164 56.69 24.15 33.02
CA PRO I 164 56.39 22.83 32.44
C PRO I 164 55.58 21.96 33.40
N PRO I 165 54.96 20.88 32.89
CA PRO I 165 54.98 20.35 31.53
C PRO I 165 53.80 20.77 30.64
N THR I 166 52.82 21.47 31.21
CA THR I 166 51.65 21.92 30.46
C THR I 166 51.40 23.40 30.75
N PRO I 167 52.15 24.30 30.11
CA PRO I 167 51.96 25.73 30.37
C PRO I 167 51.06 26.42 29.36
N PHE I 168 50.37 27.47 29.79
CA PHE I 168 49.69 28.37 28.86
C PHE I 168 50.61 29.47 28.36
N LEU I 169 51.56 29.91 29.18
CA LEU I 169 52.52 30.92 28.83
C LEU I 169 53.94 30.38 28.95
N ILE I 170 54.87 31.04 28.28
CA ILE I 170 56.28 30.69 28.37
C ILE I 170 57.15 31.86 28.82
N ARG I 171 56.58 33.07 28.90
CA ARG I 171 57.27 34.24 29.43
C ARG I 171 56.25 35.04 30.23
N PHE I 172 56.27 34.88 31.55
CA PHE I 172 55.29 35.50 32.43
C PHE I 172 55.99 36.15 33.60
N ASP I 173 55.60 37.38 33.92
CA ASP I 173 56.14 38.13 35.05
C ASP I 173 54.98 38.70 35.85
N ALA I 174 54.85 38.25 37.10
CA ALA I 174 53.74 38.72 37.93
C ALA I 174 53.94 40.16 38.38
N ASN I 175 55.19 40.59 38.52
CA ASN I 175 55.44 41.97 38.97
C ASN I 175 55.12 42.98 37.89
N GLU I 176 55.20 42.59 36.61
CA GLU I 176 54.83 43.50 35.53
C GLU I 176 53.32 43.56 35.35
N VAL I 177 52.64 42.43 35.48
CA VAL I 177 51.18 42.42 35.38
C VAL I 177 50.57 43.28 36.49
N ILE I 178 51.12 43.19 37.70
CA ILE I 178 50.63 44.02 38.80
C ILE I 178 50.96 45.50 38.54
N LYS I 179 52.14 45.76 37.97
CA LYS I 179 52.51 47.14 37.67
C LYS I 179 51.57 47.76 36.64
N GLN I 180 51.06 46.96 35.70
CA GLN I 180 50.15 47.49 34.69
C GLN I 180 48.72 47.61 35.21
N ALA I 181 48.29 46.68 36.08
CA ALA I 181 46.93 46.74 36.60
C ALA I 181 46.77 47.85 37.64
N GLU I 182 47.84 48.20 38.34
CA GLU I 182 47.77 49.28 39.32
C GLU I 182 47.50 50.62 38.65
N ALA I 183 48.19 50.90 37.55
CA ALA I 183 47.95 52.14 36.82
C ALA I 183 46.57 52.14 36.16
N SER I 184 46.11 50.97 35.71
CA SER I 184 44.77 50.88 35.14
C SER I 184 43.71 51.04 36.20
N THR I 185 43.95 50.50 37.40
CA THR I 185 42.99 50.60 38.49
C THR I 185 42.82 52.05 38.95
N ARG I 186 43.92 52.79 39.07
CA ARG I 186 43.83 54.17 39.52
C ARG I 186 43.24 55.08 38.45
N ARG I 187 43.21 54.65 37.19
CA ARG I 187 42.54 55.44 36.16
C ARG I 187 41.03 55.41 36.35
N PHE I 188 40.48 54.23 36.71
CA PHE I 188 39.06 54.16 37.00
C PHE I 188 38.71 54.91 38.28
N GLU I 189 39.60 54.86 39.27
CA GLU I 189 39.36 55.60 40.51
C GLU I 189 39.42 57.11 40.27
N GLN I 190 40.35 57.56 39.44
CA GLN I 190 40.40 58.97 39.08
C GLN I 190 39.21 59.41 38.24
N GLY I 191 38.56 58.47 37.56
CA GLY I 191 37.41 58.77 36.73
C GLY I 191 37.70 58.99 35.27
N ASN I 192 38.87 58.62 34.77
CA ASN I 192 39.25 58.81 33.38
C ASN I 192 39.86 57.51 32.85
N PRO I 193 39.04 56.55 32.45
CA PRO I 193 39.56 55.38 31.75
C PRO I 193 39.87 55.70 30.30
N ILE I 194 40.86 54.98 29.76
CA ILE I 194 41.34 55.27 28.42
C ILE I 194 40.29 54.90 27.37
N SER I 195 39.91 53.62 27.33
CA SER I 195 38.94 53.14 26.35
C SER I 195 38.21 51.94 26.95
N VAL I 196 37.42 51.26 26.11
CA VAL I 196 36.72 50.07 26.57
C VAL I 196 37.70 48.93 26.87
N LEU I 197 38.88 48.96 26.25
CA LEU I 197 39.88 47.93 26.49
C LEU I 197 40.76 48.24 27.70
N ASP I 198 40.52 49.34 28.40
CA ASP I 198 41.30 49.68 29.58
C ASP I 198 41.03 48.66 30.68
N GLY I 199 42.08 47.95 31.10
CA GLY I 199 41.95 46.91 32.09
C GLY I 199 41.66 45.53 31.54
N ILE I 200 41.56 45.38 30.22
CA ILE I 200 41.33 44.06 29.62
C ILE I 200 42.67 43.35 29.48
N PHE I 201 42.71 42.08 29.86
CA PHE I 201 43.92 41.28 29.77
C PHE I 201 43.98 40.58 28.43
N VAL I 202 45.08 40.77 27.70
CA VAL I 202 45.29 40.15 26.40
C VAL I 202 46.60 39.37 26.45
N THR I 203 46.64 38.24 25.76
CA THR I 203 47.79 37.36 25.74
C THR I 203 48.44 37.43 24.36
N ILE I 204 49.73 37.74 24.33
CA ILE I 204 50.48 37.90 23.09
C ILE I 204 51.17 36.59 22.76
N LYS I 205 51.12 36.20 21.48
CA LYS I 205 51.90 35.06 21.02
C LYS I 205 53.39 35.35 21.16
N ASP I 206 54.19 34.30 21.28
CA ASP I 206 55.61 34.49 21.60
C ASP I 206 56.41 35.01 20.42
N ASP I 207 55.88 34.94 19.20
CA ASP I 207 56.61 35.44 18.03
C ASP I 207 56.35 36.91 17.74
N ILE I 208 55.38 37.52 18.38
CA ILE I 208 55.15 38.96 18.28
C ILE I 208 55.95 39.64 19.37
N ASP I 209 56.50 40.82 19.07
CA ASP I 209 57.33 41.52 20.04
C ASP I 209 56.47 42.24 21.07
N CYS I 210 56.87 42.12 22.34
CA CYS I 210 56.11 42.72 23.44
C CYS I 210 57.06 42.92 24.61
N LEU I 211 57.36 44.19 24.93
CA LEU I 211 58.25 44.52 26.03
C LEU I 211 57.61 44.20 27.38
N PRO I 212 58.43 43.83 28.38
CA PRO I 212 59.89 43.69 28.30
C PRO I 212 60.33 42.26 27.97
N HIS I 213 59.37 41.39 27.67
CA HIS I 213 59.69 39.99 27.44
C HIS I 213 60.35 39.82 26.08
N PRO I 214 61.34 38.95 25.98
CA PRO I 214 61.98 38.69 24.68
C PRO I 214 61.09 37.85 23.78
N THR I 215 61.46 37.83 22.50
CA THR I 215 60.72 37.07 21.48
C THR I 215 61.54 35.82 21.15
N ASN I 216 61.02 34.65 21.55
CA ASN I 216 61.68 33.39 21.28
C ASN I 216 61.02 32.58 20.17
N GLY I 217 59.74 32.85 19.88
CA GLY I 217 59.04 32.10 18.85
C GLY I 217 58.92 30.62 19.13
N GLY I 218 58.83 30.23 20.40
CA GLY I 218 58.79 28.84 20.78
C GLY I 218 60.15 28.19 20.90
N THR I 219 61.23 28.88 20.57
CA THR I 219 62.57 28.35 20.69
C THR I 219 63.15 28.68 22.06
N THR I 220 64.38 28.22 22.29
CA THR I 220 65.07 28.44 23.57
C THR I 220 66.39 29.19 23.38
N TRP I 221 66.52 29.94 22.30
CA TRP I 221 67.80 30.59 21.98
C TRP I 221 67.62 31.84 21.15
N LEU I 222 66.43 32.04 20.59
CA LEU I 222 66.25 33.16 19.66
C LEU I 222 66.47 34.50 20.33
N HIS I 223 66.23 34.58 21.66
CA HIS I 223 66.47 35.82 22.37
C HIS I 223 67.94 36.20 22.41
N GLU I 224 68.84 35.23 22.19
CA GLU I 224 70.27 35.53 22.23
C GLU I 224 70.74 36.27 20.99
N ASP I 225 70.13 36.00 19.84
CA ASP I 225 70.54 36.61 18.58
C ASP I 225 69.61 37.69 18.07
N ARG I 226 68.34 37.68 18.48
CA ARG I 226 67.35 38.67 18.03
C ARG I 226 66.72 39.30 19.27
N SER I 227 67.31 40.41 19.72
CA SER I 227 66.82 41.10 20.91
C SER I 227 65.78 42.15 20.55
N VAL I 228 64.66 42.12 21.24
CA VAL I 228 63.59 43.10 21.03
C VAL I 228 63.93 44.37 21.78
N GLU I 229 63.63 45.52 21.17
CA GLU I 229 63.93 46.81 21.76
C GLU I 229 62.72 47.71 21.90
N LYS I 230 61.61 47.41 21.22
CA LYS I 230 60.39 48.18 21.37
C LYS I 230 59.21 47.31 20.97
N ASP I 231 58.02 47.74 21.39
CA ASP I 231 56.81 46.98 21.12
C ASP I 231 56.56 46.86 19.62
N SER I 232 55.81 45.82 19.26
CA SER I 232 55.38 45.66 17.87
C SER I 232 54.27 46.66 17.54
N ALA I 233 53.85 46.66 16.28
CA ALA I 233 52.84 47.61 15.86
C ALA I 233 51.48 47.29 16.49
N VAL I 234 51.15 46.00 16.60
CA VAL I 234 49.86 45.64 17.15
C VAL I 234 49.84 45.73 18.68
N VAL I 235 50.99 45.52 19.33
CA VAL I 235 51.02 45.59 20.78
C VAL I 235 51.02 47.03 21.26
N SER I 236 51.74 47.91 20.55
CA SER I 236 51.75 49.31 20.94
C SER I 236 50.37 49.94 20.80
N LYS I 237 49.56 49.46 19.85
CA LYS I 237 48.19 49.96 19.73
C LYS I 237 47.34 49.51 20.90
N LEU I 238 47.40 48.22 21.25
CA LEU I 238 46.67 47.73 22.42
C LEU I 238 47.16 48.41 23.69
N ARG I 239 48.48 48.56 23.82
CA ARG I 239 49.02 49.21 25.02
C ARG I 239 48.60 50.67 25.12
N SER I 240 48.25 51.30 24.00
CA SER I 240 47.78 52.68 24.02
C SER I 240 46.32 52.81 24.41
N CYS I 241 45.60 51.70 24.53
CA CYS I 241 44.19 51.71 24.91
C CYS I 241 43.98 51.33 26.37
N GLY I 242 45.06 51.16 27.12
CA GLY I 242 44.97 50.77 28.52
C GLY I 242 44.93 49.29 28.77
N ALA I 243 45.16 48.47 27.75
CA ALA I 243 45.13 47.02 27.93
C ALA I 243 46.34 46.56 28.76
N ILE I 244 46.19 45.40 29.36
CA ILE I 244 47.19 44.82 30.25
C ILE I 244 47.76 43.59 29.57
N LEU I 245 49.02 43.68 29.16
CA LEU I 245 49.68 42.56 28.48
C LEU I 245 50.01 41.48 29.50
N LEU I 246 49.32 40.35 29.42
CA LEU I 246 49.48 39.29 30.40
C LEU I 246 50.84 38.60 30.24
N GLY I 247 51.23 38.28 29.02
CA GLY I 247 52.52 37.66 28.78
C GLY I 247 52.58 37.02 27.41
N LYS I 248 53.72 36.39 27.15
CA LYS I 248 53.96 35.72 25.88
C LYS I 248 53.41 34.30 25.94
N ALA I 249 52.65 33.92 24.91
CA ALA I 249 51.96 32.65 24.88
C ALA I 249 52.84 31.53 24.35
N ASN I 250 52.56 30.31 24.80
CA ASN I 250 53.21 29.15 24.24
C ASN I 250 52.72 28.92 22.82
N MET I 251 53.56 28.28 22.00
CA MET I 251 53.22 28.07 20.60
C MET I 251 54.06 26.91 20.07
N HIS I 252 53.66 26.40 18.90
CA HIS I 252 54.50 25.45 18.20
C HIS I 252 55.75 26.17 17.70
N GLU I 253 56.89 25.49 17.81
CA GLU I 253 58.19 26.12 17.56
C GLU I 253 58.28 26.71 16.16
N LEU I 254 58.38 28.04 16.08
CA LEU I 254 58.56 28.78 14.84
C LEU I 254 57.39 28.60 13.86
N GLY I 255 56.21 28.25 14.38
CA GLY I 255 55.03 28.12 13.53
C GLY I 255 55.08 27.00 12.53
N MET I 256 56.00 26.04 12.69
CA MET I 256 56.15 24.94 11.75
C MET I 256 55.42 23.69 12.26
N GLY I 257 54.12 23.87 12.50
CA GLY I 257 53.26 22.81 12.99
C GLY I 257 51.87 23.29 13.33
N THR I 258 50.87 22.42 13.16
CA THR I 258 49.48 22.77 13.41
C THR I 258 48.90 21.95 14.55
N THR I 259 49.76 21.50 15.47
CA THR I 259 49.32 20.69 16.60
C THR I 259 49.56 21.35 17.95
N GLY I 260 50.58 22.21 18.07
CA GLY I 260 50.92 22.81 19.34
C GLY I 260 51.93 22.04 20.15
N ASN I 261 52.48 20.94 19.62
CA ASN I 261 53.50 20.17 20.31
C ASN I 261 54.77 20.99 20.44
N ASN I 262 55.19 21.23 21.68
CA ASN I 262 56.42 21.97 21.95
C ASN I 262 57.25 21.14 22.92
N SER I 263 58.34 20.55 22.42
CA SER I 263 59.17 19.64 23.21
C SER I 263 60.12 20.38 24.15
N ASN I 264 60.20 21.70 24.07
CA ASN I 264 61.12 22.48 24.90
C ASN I 264 60.44 23.10 26.11
N TYR I 265 59.20 23.58 25.93
CA TYR I 265 58.46 24.20 27.02
C TYR I 265 57.30 23.37 27.54
N GLY I 266 56.76 22.46 26.73
CA GLY I 266 55.63 21.63 27.15
C GLY I 266 54.44 21.89 26.26
N THR I 267 53.79 20.80 25.85
CA THR I 267 52.65 20.91 24.95
C THR I 267 51.43 21.42 25.69
N THR I 268 50.83 22.49 25.17
CA THR I 268 49.63 23.03 25.78
C THR I 268 48.44 22.12 25.51
N ARG I 269 47.65 21.87 26.55
CA ARG I 269 46.54 20.92 26.48
C ARG I 269 45.23 21.64 26.22
N ASN I 270 44.34 20.94 25.52
CA ASN I 270 43.04 21.51 25.18
C ASN I 270 42.19 21.67 26.44
N PRO I 271 41.62 22.86 26.67
CA PRO I 271 40.75 23.02 27.85
C PRO I 271 39.52 22.12 27.83
N HIS I 272 38.99 21.79 26.65
CA HIS I 272 37.84 20.90 26.59
C HIS I 272 38.22 19.46 26.93
N ASP I 273 39.48 19.08 26.70
CA ASP I 273 39.95 17.74 27.02
C ASP I 273 41.48 17.76 27.17
N PRO I 274 41.99 17.60 28.38
CA PRO I 274 43.44 17.77 28.59
C PRO I 274 44.30 16.74 27.89
N LYS I 275 43.76 15.58 27.52
CA LYS I 275 44.52 14.57 26.82
C LYS I 275 44.55 14.77 25.31
N ARG I 276 44.13 15.95 24.83
CA ARG I 276 44.07 16.23 23.40
C ARG I 276 44.86 17.49 23.09
N TYR I 277 45.09 17.71 21.79
CA TYR I 277 45.87 18.83 21.30
C TYR I 277 45.02 20.12 21.29
N THR I 278 45.73 21.25 21.21
CA THR I 278 45.07 22.54 21.15
C THR I 278 44.90 23.06 19.72
N GLY I 279 45.67 22.55 18.78
CA GLY I 279 45.71 23.14 17.46
C GLY I 279 46.82 24.17 17.37
N GLY I 280 47.55 24.17 16.27
CA GLY I 280 48.68 25.06 16.11
C GLY I 280 48.46 26.18 15.13
N SER I 281 49.38 27.14 15.12
CA SER I 281 50.54 27.11 16.00
C SER I 281 50.30 27.90 17.27
N SER I 282 49.21 28.67 17.31
CA SER I 282 48.84 29.47 18.48
C SER I 282 48.21 28.58 19.55
N SER I 283 49.01 27.65 20.07
CA SER I 283 48.48 26.69 21.04
C SER I 283 48.17 27.36 22.37
N GLY I 284 49.12 28.13 22.91
CA GLY I 284 48.91 28.76 24.20
C GLY I 284 47.88 29.88 24.16
N SER I 285 47.76 30.56 23.01
CA SER I 285 46.81 31.67 22.91
C SER I 285 45.38 31.17 22.92
N ALA I 286 45.08 30.15 22.11
CA ALA I 286 43.72 29.65 22.04
C ALA I 286 43.31 28.93 23.31
N ALA I 287 44.29 28.36 24.04
CA ALA I 287 43.96 27.63 25.26
C ALA I 287 43.65 28.58 26.42
N ILE I 288 44.45 29.63 26.59
CA ILE I 288 44.25 30.54 27.70
C ILE I 288 42.99 31.38 27.52
N VAL I 289 42.51 31.55 26.29
CA VAL I 289 41.26 32.28 26.07
C VAL I 289 40.07 31.36 26.27
N ALA I 290 40.17 30.11 25.81
CA ALA I 290 39.10 29.15 26.03
C ALA I 290 38.99 28.73 27.49
N ALA I 291 40.08 28.85 28.26
CA ALA I 291 40.03 28.55 29.68
C ALA I 291 39.40 29.67 30.50
N GLY I 292 39.26 30.87 29.93
CA GLY I 292 38.61 31.98 30.60
C GLY I 292 39.53 32.91 31.35
N LEU I 293 40.86 32.77 31.20
CA LEU I 293 41.78 33.61 31.95
C LEU I 293 41.84 35.04 31.40
N CYS I 294 41.91 35.18 30.07
CA CYS I 294 41.93 36.48 29.44
C CYS I 294 40.81 36.57 28.40
N SER I 295 40.44 37.81 28.07
CA SER I 295 39.31 38.03 27.17
C SER I 295 39.67 37.68 25.73
N ALA I 296 40.86 38.05 25.28
CA ALA I 296 41.29 37.81 23.91
C ALA I 296 42.79 37.58 23.89
N ALA I 297 43.31 37.26 22.71
CA ALA I 297 44.73 37.01 22.53
C ALA I 297 45.07 37.19 21.06
N LEU I 298 46.22 37.79 20.79
CA LEU I 298 46.69 37.99 19.43
C LEU I 298 47.47 36.78 18.95
N GLY I 299 47.35 36.49 17.65
CA GLY I 299 48.06 35.37 17.07
C GLY I 299 48.46 35.67 15.65
N THR I 300 49.22 34.73 15.07
CA THR I 300 49.61 34.78 13.68
C THR I 300 48.93 33.67 12.91
N ASP I 301 48.83 33.85 11.59
CA ASP I 301 48.16 32.87 10.74
C ASP I 301 48.81 32.93 9.37
N GLY I 302 49.77 32.03 9.13
CA GLY I 302 50.37 31.90 7.82
C GLY I 302 49.86 30.65 7.13
N GLY I 303 49.12 29.83 7.86
CA GLY I 303 48.60 28.59 7.33
C GLY I 303 47.47 28.03 8.16
N GLY I 304 46.79 28.90 8.91
CA GLY I 304 45.69 28.50 9.76
C GLY I 304 45.95 28.59 11.25
N SER I 305 47.09 29.13 11.68
CA SER I 305 47.46 29.16 13.09
C SER I 305 46.53 30.01 13.95
N VAL I 306 45.53 30.67 13.36
CA VAL I 306 44.50 31.36 14.13
C VAL I 306 43.17 30.64 14.02
N ARG I 307 42.82 30.14 12.83
CA ARG I 307 41.54 29.45 12.66
C ARG I 307 41.59 28.02 13.18
N ILE I 308 42.72 27.33 12.99
CA ILE I 308 42.81 25.93 13.41
C ILE I 308 42.67 25.77 14.92
N PRO I 309 43.43 26.48 15.77
CA PRO I 309 43.23 26.31 17.21
C PRO I 309 41.93 26.91 17.72
N SER I 310 41.36 27.89 17.02
CA SER I 310 40.09 28.47 17.45
C SER I 310 38.93 27.53 17.22
N ALA I 311 39.05 26.63 16.24
CA ALA I 311 38.02 25.63 16.01
C ALA I 311 38.14 24.46 16.96
N LEU I 312 39.37 24.09 17.35
CA LEU I 312 39.57 22.96 18.24
C LEU I 312 39.33 23.30 19.70
N CYS I 313 39.43 24.59 20.06
CA CYS I 313 39.18 25.04 21.43
C CYS I 313 37.81 25.69 21.61
N GLY I 314 37.05 25.87 20.53
CA GLY I 314 35.72 26.44 20.62
C GLY I 314 35.71 27.91 20.95
N ILE I 315 36.46 28.70 20.19
CA ILE I 315 36.50 30.16 20.32
C ILE I 315 36.50 30.77 18.94
N THR I 316 36.57 32.10 18.88
CA THR I 316 36.51 32.85 17.64
C THR I 316 37.93 33.21 17.19
N GLY I 317 38.24 32.89 15.93
CA GLY I 317 39.51 33.27 15.35
C GLY I 317 39.34 34.06 14.06
N LEU I 318 39.85 35.29 14.04
CA LEU I 318 39.68 36.20 12.91
C LEU I 318 40.99 36.32 12.15
N LYS I 319 40.95 36.02 10.85
CA LYS I 319 42.09 36.18 9.95
C LYS I 319 41.77 37.35 9.03
N THR I 320 42.49 38.46 9.19
CA THR I 320 42.25 39.66 8.42
C THR I 320 42.88 39.56 7.04
N THR I 321 42.50 40.50 6.16
CA THR I 321 43.09 40.56 4.83
C THR I 321 44.60 40.82 4.93
N TYR I 322 45.33 40.27 3.97
CA TYR I 322 46.78 40.46 3.96
C TYR I 322 47.12 41.95 3.88
N GLY I 323 47.97 42.40 4.79
CA GLY I 323 48.35 43.80 4.86
C GLY I 323 47.41 44.67 5.68
N ARG I 324 46.23 44.17 6.04
CA ARG I 324 45.29 44.98 6.82
C ARG I 324 45.86 45.32 8.19
N THR I 325 46.58 44.39 8.81
CA THR I 325 47.14 44.57 10.14
C THR I 325 48.66 44.65 10.05
N ASP I 326 49.23 45.69 10.67
CA ASP I 326 50.67 45.93 10.58
C ASP I 326 51.43 44.86 11.36
N MET I 327 52.44 44.26 10.70
CA MET I 327 53.24 43.21 11.30
C MET I 327 54.63 43.69 11.71
N THR I 328 54.81 45.00 11.87
CA THR I 328 56.11 45.53 12.25
C THR I 328 56.50 45.00 13.63
N GLY I 329 57.67 44.36 13.69
CA GLY I 329 58.14 43.81 14.95
C GLY I 329 57.56 42.44 15.25
N SER I 330 57.75 41.50 14.32
CA SER I 330 57.33 40.12 14.53
C SER I 330 58.24 39.21 13.71
N LEU I 331 58.14 37.90 13.98
CA LEU I 331 58.99 36.94 13.29
C LEU I 331 58.49 36.64 11.88
N CYS I 332 57.23 36.94 11.58
CA CYS I 332 56.64 36.63 10.28
C CYS I 332 56.50 37.86 9.39
N GLU I 333 57.13 38.97 9.74
CA GLU I 333 57.05 40.16 8.92
C GLU I 333 57.84 39.97 7.63
N GLY I 334 57.34 40.58 6.56
CA GLY I 334 57.94 40.42 5.25
C GLY I 334 57.58 39.14 4.53
N GLY I 335 56.68 38.33 5.08
CA GLY I 335 56.25 37.11 4.44
C GLY I 335 55.28 37.36 3.32
N THR I 336 54.54 36.31 2.95
CA THR I 336 53.55 36.41 1.89
C THR I 336 52.22 35.77 2.24
N VAL I 337 52.07 35.21 3.43
CA VAL I 337 50.83 34.52 3.79
C VAL I 337 50.40 34.92 5.21
N GLU I 338 51.33 35.39 6.03
CA GLU I 338 51.08 35.60 7.45
C GLU I 338 50.43 36.95 7.71
N ILE I 339 49.61 37.00 8.75
CA ILE I 339 49.03 38.23 9.28
C ILE I 339 48.96 38.14 10.80
N ILE I 340 48.25 39.07 11.43
CA ILE I 340 48.06 39.08 12.88
C ILE I 340 46.56 39.06 13.15
N GLY I 341 46.07 37.98 13.75
CA GLY I 341 44.66 37.85 14.04
C GLY I 341 44.40 37.64 15.52
N PRO I 342 43.24 38.11 15.98
CA PRO I 342 42.87 37.92 17.39
C PRO I 342 42.06 36.66 17.63
N LEU I 343 42.30 36.08 18.81
CA LEU I 343 41.57 34.90 19.29
C LEU I 343 40.78 35.32 20.53
N ALA I 344 39.46 35.37 20.40
CA ALA I 344 38.59 35.78 21.50
C ALA I 344 37.55 34.69 21.77
N SER I 345 36.93 34.78 22.95
CA SER I 345 35.90 33.83 23.33
C SER I 345 34.55 34.15 22.70
N SER I 346 34.33 35.40 22.28
CA SER I 346 33.08 35.80 21.65
C SER I 346 33.38 36.70 20.48
N LEU I 347 32.41 36.79 19.56
CA LEU I 347 32.57 37.63 18.37
C LEU I 347 32.71 39.10 18.76
N GLU I 348 32.02 39.53 19.81
CA GLU I 348 32.10 40.91 20.23
C GLU I 348 33.52 41.28 20.68
N ASP I 349 34.20 40.35 21.35
CA ASP I 349 35.55 40.64 21.85
C ASP I 349 36.57 40.65 20.73
N ALA I 350 36.41 39.77 19.74
CA ALA I 350 37.31 39.78 18.59
C ALA I 350 37.10 41.04 17.75
N PHE I 351 35.85 41.50 17.64
CA PHE I 351 35.58 42.72 16.88
C PHE I 351 36.15 43.95 17.58
N LEU I 352 36.27 43.90 18.91
CA LEU I 352 36.83 45.04 19.64
C LEU I 352 38.34 45.06 19.59
N VAL I 353 38.99 43.89 19.60
CA VAL I 353 40.44 43.86 19.47
C VAL I 353 40.86 44.17 18.04
N TYR I 354 40.11 43.66 17.06
CA TYR I 354 40.40 43.98 15.67
C TYR I 354 40.34 45.47 15.41
N ALA I 355 39.37 46.16 16.04
CA ALA I 355 39.23 47.60 15.84
C ALA I 355 40.41 48.38 16.40
N ALA I 356 41.15 47.82 17.36
CA ALA I 356 42.26 48.53 17.98
C ALA I 356 43.61 48.20 17.37
N ILE I 357 43.74 47.06 16.69
CA ILE I 357 45.02 46.63 16.14
C ILE I 357 45.12 46.80 14.64
N LEU I 358 44.03 47.15 13.95
CA LEU I 358 44.09 47.27 12.51
C LEU I 358 44.92 48.49 12.10
N GLY I 359 45.20 48.58 10.79
CA GLY I 359 46.02 49.65 10.28
C GLY I 359 47.21 49.13 9.51
N SER I 360 47.17 49.28 8.18
CA SER I 360 48.27 48.83 7.34
C SER I 360 49.53 49.64 7.63
N SER I 361 50.68 49.02 7.36
CA SER I 361 51.95 49.71 7.56
C SER I 361 52.13 50.81 6.52
N SER I 362 53.17 51.63 6.73
CA SER I 362 53.46 52.70 5.77
C SER I 362 53.89 52.16 4.42
N ALA I 363 54.50 50.97 4.40
CA ALA I 363 54.93 50.37 3.13
C ALA I 363 53.76 49.70 2.42
N ASP I 364 52.99 48.88 3.14
CA ASP I 364 51.86 48.21 2.51
C ASP I 364 50.77 49.18 2.09
N ARG I 365 50.78 50.42 2.60
CA ARG I 365 49.81 51.41 2.16
C ARG I 365 50.01 51.77 0.71
N TYR I 366 51.26 51.76 0.23
CA TYR I 366 51.54 52.08 -1.16
C TYR I 366 51.38 50.86 -2.06
N ASN I 367 51.90 49.71 -1.65
CA ASN I 367 51.96 48.55 -2.53
C ASN I 367 50.61 47.85 -2.63
N LEU I 368 49.95 47.62 -1.50
CA LEU I 368 48.70 46.87 -1.47
C LEU I 368 47.48 47.76 -1.70
N LYS I 369 47.57 49.06 -1.39
CA LYS I 369 46.47 50.01 -1.60
C LYS I 369 45.19 49.51 -0.96
N PRO I 370 45.13 49.40 0.35
CA PRO I 370 43.93 48.84 0.99
C PRO I 370 42.80 49.86 1.09
N SER I 371 41.58 49.33 1.10
CA SER I 371 40.41 50.17 1.30
C SER I 371 40.33 50.61 2.76
N PRO I 372 39.62 51.71 3.04
CA PRO I 372 39.44 52.13 4.44
C PRO I 372 38.79 51.04 5.27
N PRO I 373 39.19 50.89 6.53
CA PRO I 373 38.59 49.85 7.37
C PRO I 373 37.09 50.05 7.54
N CYS I 374 36.39 48.94 7.75
CA CYS I 374 34.94 48.95 7.90
C CYS I 374 34.53 48.20 9.15
N PHE I 375 33.46 48.67 9.78
CA PHE I 375 32.86 48.02 10.93
C PHE I 375 31.42 47.64 10.59
N PRO I 376 31.03 46.38 10.72
CA PRO I 376 29.64 46.02 10.44
C PRO I 376 28.72 46.52 11.54
N LYS I 377 27.57 47.06 11.14
CA LYS I 377 26.55 47.45 12.11
C LYS I 377 25.93 46.20 12.73
N LEU I 378 26.48 45.76 13.86
CA LEU I 378 26.10 44.47 14.45
C LEU I 378 24.67 44.46 14.98
N LEU I 379 24.04 45.62 15.12
CA LEU I 379 22.60 45.65 15.39
C LEU I 379 21.88 45.21 14.12
N SER I 380 21.40 43.97 14.11
CA SER I 380 20.81 43.37 12.90
C SER I 380 19.33 43.68 12.77
N HIS I 381 18.93 44.93 13.00
CA HIS I 381 17.52 45.33 12.88
C HIS I 381 17.43 46.59 12.01
N ASN I 382 17.77 46.42 10.73
CA ASN I 382 17.52 47.42 9.70
C ASN I 382 16.69 46.83 8.57
N GLY I 383 15.89 45.81 8.89
CA GLY I 383 15.15 45.05 7.92
C GLY I 383 15.72 43.67 7.63
N SER I 384 16.79 43.28 8.32
CA SER I 384 17.47 42.01 8.07
C SER I 384 17.85 41.88 6.59
N ASN I 385 18.34 42.97 6.03
CA ASN I 385 18.63 43.03 4.60
C ASN I 385 20.07 42.64 4.27
N ALA I 386 21.04 43.09 5.07
CA ALA I 386 22.44 42.86 4.73
C ALA I 386 22.81 41.39 4.84
N ILE I 387 22.26 40.68 5.83
CA ILE I 387 22.60 39.28 6.02
C ILE I 387 21.85 38.39 5.03
N GLY I 388 20.64 38.78 4.63
CA GLY I 388 19.84 37.94 3.76
C GLY I 388 20.25 37.97 2.31
N SER I 389 20.78 39.10 1.84
CA SER I 389 21.17 39.26 0.46
C SER I 389 22.59 38.75 0.17
N LEU I 390 23.09 37.82 0.97
CA LEU I 390 24.43 37.27 0.78
C LEU I 390 24.32 35.89 0.13
N ARG I 391 25.21 35.64 -0.84
CA ARG I 391 25.31 34.35 -1.50
C ARG I 391 26.46 33.58 -0.85
N LEU I 392 26.13 32.51 -0.13
CA LEU I 392 27.13 31.70 0.56
C LEU I 392 27.69 30.66 -0.41
N GLY I 393 28.99 30.74 -0.69
CA GLY I 393 29.61 29.80 -1.60
C GLY I 393 29.89 28.48 -0.89
N LYS I 394 29.53 27.38 -1.55
CA LYS I 394 29.67 26.04 -0.96
C LYS I 394 30.15 25.08 -2.03
N TYR I 395 31.35 24.55 -1.85
CA TYR I 395 31.89 23.49 -2.70
C TYR I 395 31.53 22.16 -2.03
N THR I 396 30.49 21.50 -2.54
CA THR I 396 29.89 20.37 -1.83
C THR I 396 30.88 19.22 -1.67
N LYS I 397 31.53 18.81 -2.77
CA LYS I 397 32.48 17.71 -2.69
C LYS I 397 33.63 18.02 -1.75
N TRP I 398 34.05 19.29 -1.68
CA TRP I 398 35.06 19.72 -0.74
C TRP I 398 34.50 19.85 0.68
N PHE I 399 33.23 20.24 0.78
CA PHE I 399 32.61 20.48 2.07
C PHE I 399 32.53 19.21 2.92
N ASN I 400 32.33 18.06 2.28
CA ASN I 400 32.09 16.81 3.00
C ASN I 400 33.34 15.97 3.20
N ASP I 401 34.46 16.32 2.56
CA ASP I 401 35.69 15.54 2.71
C ASP I 401 36.28 15.82 4.08
N VAL I 402 35.71 15.17 5.09
CA VAL I 402 36.13 15.33 6.47
C VAL I 402 36.21 13.95 7.11
N SER I 403 37.11 13.82 8.09
CA SER I 403 37.30 12.56 8.80
C SER I 403 36.34 12.38 9.96
N SER I 404 35.20 13.07 9.94
CA SER I 404 34.20 12.95 10.99
C SER I 404 32.86 13.43 10.44
N SER I 405 31.88 12.52 10.37
CA SER I 405 30.59 12.87 9.80
C SER I 405 29.85 13.91 10.63
N ASP I 406 30.23 14.09 11.90
CA ASP I 406 29.54 15.06 12.75
C ASP I 406 29.79 16.48 12.28
N ILE I 407 31.02 16.78 11.87
CA ILE I 407 31.37 18.16 11.57
C ILE I 407 30.88 18.62 10.21
N SER I 408 30.59 17.69 9.29
CA SER I 408 30.05 18.08 8.00
C SER I 408 28.57 18.41 8.08
N ASP I 409 27.84 17.78 9.00
CA ASP I 409 26.42 18.03 9.17
C ASP I 409 26.13 19.17 10.15
N LYS I 410 26.97 19.31 11.18
CA LYS I 410 26.78 20.42 12.13
C LYS I 410 27.05 21.76 11.47
N CYS I 411 27.90 21.80 10.44
CA CYS I 411 28.06 22.99 9.63
C CYS I 411 26.96 23.09 8.58
N GLU I 412 26.45 21.95 8.10
CA GLU I 412 25.32 21.97 7.19
C GLU I 412 24.06 22.46 7.88
N ASP I 413 23.92 22.22 9.17
CA ASP I 413 22.78 22.72 9.92
C ASP I 413 22.78 24.24 9.98
N ILE I 414 23.96 24.85 10.09
CA ILE I 414 24.04 26.31 10.17
C ILE I 414 23.66 26.93 8.82
N LEU I 415 23.95 26.25 7.72
CA LEU I 415 23.57 26.77 6.41
C LEU I 415 22.05 26.81 6.25
N LYS I 416 21.38 25.71 6.58
CA LYS I 416 19.92 25.70 6.53
C LYS I 416 19.33 26.64 7.58
N LEU I 417 20.00 26.81 8.72
CA LEU I 417 19.55 27.78 9.71
C LEU I 417 19.65 29.20 9.18
N LEU I 418 20.75 29.52 8.47
CA LEU I 418 20.90 30.85 7.90
C LEU I 418 19.88 31.11 6.82
N SER I 419 19.58 30.11 6.00
CA SER I 419 18.63 30.30 4.90
C SER I 419 17.21 30.50 5.40
N ASN I 420 16.85 29.86 6.52
CA ASN I 420 15.49 29.98 7.05
C ASN I 420 15.30 31.20 7.93
N ASN I 421 16.33 31.62 8.66
CA ASN I 421 16.21 32.75 9.58
C ASN I 421 16.58 34.08 8.96
N HIS I 422 17.26 34.09 7.81
CA HIS I 422 17.66 35.34 7.17
C HIS I 422 17.42 35.36 5.67
N GLY I 423 17.36 34.21 5.00
CA GLY I 423 17.13 34.20 3.57
C GLY I 423 18.38 34.14 2.71
N CYS I 424 19.43 33.48 3.18
CA CYS I 424 20.67 33.38 2.45
C CYS I 424 20.56 32.33 1.34
N LYS I 425 21.24 32.60 0.22
CA LYS I 425 21.28 31.70 -0.92
C LYS I 425 22.59 30.94 -0.90
N VAL I 426 22.51 29.61 -0.73
CA VAL I 426 23.69 28.76 -0.70
C VAL I 426 23.97 28.34 -2.14
N VAL I 427 24.85 29.07 -2.81
CA VAL I 427 25.18 28.83 -4.20
C VAL I 427 26.26 27.77 -4.28
N GLU I 428 26.11 26.83 -5.22
CA GLU I 428 27.10 25.79 -5.45
C GLU I 428 28.25 26.36 -6.27
N ILE I 429 29.48 26.16 -5.78
CA ILE I 429 30.68 26.66 -6.45
C ILE I 429 31.62 25.51 -6.76
N VAL I 430 32.85 25.83 -7.15
CA VAL I 430 33.89 24.82 -7.36
C VAL I 430 35.25 25.49 -7.24
N VAL I 431 36.13 24.91 -6.45
CA VAL I 431 37.47 25.45 -6.20
C VAL I 431 38.50 24.60 -6.94
N PRO I 432 38.91 24.99 -8.14
CA PRO I 432 39.84 24.15 -8.91
C PRO I 432 41.25 24.17 -8.33
N GLU I 433 41.99 23.13 -8.70
CA GLU I 433 43.43 23.01 -8.42
C GLU I 433 43.73 23.18 -6.93
N LEU I 434 43.13 22.30 -6.12
CA LEU I 434 43.33 22.36 -4.68
C LEU I 434 44.67 21.78 -4.27
N GLU I 435 45.14 20.72 -4.94
CA GLU I 435 46.45 20.17 -4.62
C GLU I 435 47.56 21.12 -5.01
N GLU I 436 47.35 21.95 -6.04
CA GLU I 436 48.33 22.98 -6.38
C GLU I 436 48.44 24.02 -5.29
N MET I 437 47.30 24.44 -4.73
CA MET I 437 47.32 25.44 -3.68
C MET I 437 48.09 24.96 -2.45
N ARG I 438 47.96 23.67 -2.13
CA ARG I 438 48.71 23.12 -1.01
C ARG I 438 50.21 23.05 -1.32
N ALA I 439 50.55 22.69 -2.56
CA ALA I 439 51.96 22.63 -2.94
C ALA I 439 52.56 24.03 -3.03
N ALA I 440 51.78 24.99 -3.53
CA ALA I 440 52.26 26.36 -3.63
C ALA I 440 52.27 27.08 -2.30
N HIS I 441 51.61 26.54 -1.27
CA HIS I 441 51.59 27.19 0.03
C HIS I 441 52.75 26.75 0.90
N VAL I 442 53.00 25.44 0.99
CA VAL I 442 54.06 24.91 1.85
C VAL I 442 55.40 25.53 1.50
N ILE I 443 55.62 25.83 0.22
CA ILE I 443 56.87 26.48 -0.18
C ILE I 443 56.82 27.99 0.08
N SER I 444 55.63 28.59 -0.01
CA SER I 444 55.51 30.03 0.21
C SER I 444 55.60 30.39 1.70
N ILE I 445 55.31 29.45 2.59
CA ILE I 445 55.43 29.73 4.03
C ILE I 445 56.79 29.30 4.57
N GLY I 446 57.34 28.21 4.06
CA GLY I 446 58.59 27.71 4.59
C GLY I 446 59.82 28.40 4.07
N SER I 447 59.74 28.99 2.87
CA SER I 447 60.94 29.61 2.29
C SER I 447 61.35 30.87 3.02
N PRO I 448 60.45 31.84 3.31
CA PRO I 448 60.90 33.00 4.09
C PRO I 448 61.28 32.64 5.51
N THR I 449 60.60 31.67 6.13
CA THR I 449 60.96 31.25 7.47
C THR I 449 62.35 30.63 7.50
N LEU I 450 62.63 29.74 6.55
CA LEU I 450 63.96 29.13 6.46
C LEU I 450 65.02 30.18 6.19
N SER I 451 64.73 31.15 5.32
CA SER I 451 65.69 32.20 5.03
C SER I 451 65.89 33.13 6.22
N SER I 452 64.83 33.32 7.02
CA SER I 452 64.94 34.23 8.17
C SER I 452 65.92 33.70 9.21
N LEU I 453 65.97 32.37 9.39
CA LEU I 453 66.79 31.76 10.41
C LEU I 453 68.04 31.09 9.87
N THR I 454 68.29 31.19 8.56
CA THR I 454 69.45 30.54 7.96
C THR I 454 70.77 31.03 8.53
N PRO I 455 71.02 32.34 8.70
CA PRO I 455 72.28 32.75 9.35
C PRO I 455 72.44 32.21 10.77
N TYR I 456 71.33 32.01 11.48
CA TYR I 456 71.40 31.51 12.85
C TYR I 456 71.76 30.03 12.86
N CYS I 457 71.18 29.24 11.95
CA CYS I 457 71.46 27.81 11.93
C CYS I 457 72.88 27.52 11.44
N GLU I 458 73.37 28.32 10.48
CA GLU I 458 74.72 28.13 9.99
C GLU I 458 75.77 28.53 11.02
N ALA I 459 75.37 29.28 12.05
CA ALA I 459 76.28 29.70 13.11
C ALA I 459 76.34 28.69 14.26
N GLY I 460 75.66 27.56 14.15
CA GLY I 460 75.71 26.51 15.16
C GLY I 460 74.46 26.35 15.99
N LYS I 461 73.43 27.15 15.78
CA LYS I 461 72.21 27.08 16.55
C LYS I 461 71.19 26.11 15.98
N ASN I 462 71.52 25.38 14.91
CA ASN I 462 70.54 24.47 14.32
C ASN I 462 70.30 23.26 15.21
N SER I 463 71.30 22.87 16.01
CA SER I 463 71.13 21.71 16.89
C SER I 463 70.16 22.03 18.03
N LYS I 464 70.05 23.29 18.42
CA LYS I 464 69.21 23.68 19.55
C LYS I 464 67.73 23.74 19.20
N LEU I 465 67.36 23.45 17.96
CA LEU I 465 65.95 23.39 17.56
C LEU I 465 65.38 21.99 17.81
N SER I 466 64.06 21.91 17.81
CA SER I 466 63.39 20.64 18.03
C SER I 466 63.44 19.77 16.78
N TYR I 467 63.16 18.48 16.96
CA TYR I 467 63.32 17.53 15.88
C TYR I 467 62.28 17.70 14.78
N ASP I 468 61.12 18.30 15.08
CA ASP I 468 60.12 18.49 14.03
C ASP I 468 60.42 19.73 13.20
N THR I 469 60.93 20.78 13.82
CA THR I 469 61.36 21.95 13.05
C THR I 469 62.53 21.60 12.14
N ARG I 470 63.46 20.80 12.65
CA ARG I 470 64.60 20.36 11.84
C ARG I 470 64.14 19.45 10.70
N THR I 471 63.11 18.64 10.93
CA THR I 471 62.54 17.84 9.85
C THR I 471 61.85 18.74 8.83
N SER I 472 61.12 19.75 9.30
CA SER I 472 60.46 20.68 8.38
C SER I 472 61.50 21.52 7.63
N PHE I 473 62.58 21.91 8.31
CA PHE I 473 63.62 22.68 7.62
C PHE I 473 64.39 21.82 6.62
N ALA I 474 64.56 20.53 6.92
CA ALA I 474 65.22 19.64 5.95
C ALA I 474 64.43 19.54 4.65
N ILE I 475 63.10 19.62 4.73
CA ILE I 475 62.27 19.59 3.52
C ILE I 475 62.31 20.94 2.82
N PHE I 476 62.36 22.04 3.59
CA PHE I 476 62.36 23.36 2.99
C PHE I 476 63.68 23.65 2.28
N ARG I 477 64.80 23.12 2.79
CA ARG I 477 66.07 23.30 2.09
C ARG I 477 66.06 22.65 0.72
N SER I 478 65.20 21.64 0.52
CA SER I 478 65.09 20.99 -0.78
C SER I 478 64.48 21.89 -1.83
N PHE I 479 63.65 22.85 -1.42
CA PHE I 479 63.01 23.75 -2.37
C PHE I 479 64.06 24.65 -3.03
N SER I 480 64.04 24.71 -4.34
CA SER I 480 64.96 25.54 -5.11
C SER I 480 64.30 26.88 -5.46
N ALA I 481 65.12 27.79 -5.98
CA ALA I 481 64.60 29.09 -6.39
C ALA I 481 63.66 28.94 -7.57
N SER I 482 63.96 27.99 -8.48
CA SER I 482 63.06 27.75 -9.61
C SER I 482 61.72 27.18 -9.15
N ASP I 483 61.69 26.51 -8.00
CA ASP I 483 60.43 26.02 -7.47
C ASP I 483 59.58 27.15 -6.92
N TYR I 484 60.21 28.17 -6.33
CA TYR I 484 59.47 29.30 -5.79
C TYR I 484 58.83 30.11 -6.90
N ILE I 485 59.50 30.22 -8.04
CA ILE I 485 58.91 30.93 -9.18
C ILE I 485 57.68 30.20 -9.68
N ALA I 486 57.79 28.87 -9.82
CA ALA I 486 56.65 28.08 -10.26
C ALA I 486 55.52 28.06 -9.23
N ALA I 487 55.85 28.31 -7.96
CA ALA I 487 54.80 28.36 -6.94
C ALA I 487 53.97 29.64 -7.06
N GLN I 488 54.64 30.77 -7.31
CA GLN I 488 53.90 32.02 -7.43
C GLN I 488 53.06 32.05 -8.70
N CYS I 489 53.49 31.35 -9.76
CA CYS I 489 52.65 31.23 -10.94
C CYS I 489 51.38 30.45 -10.64
N LEU I 490 51.46 29.49 -9.71
CA LEU I 490 50.25 28.83 -9.24
C LEU I 490 49.41 29.75 -8.36
N ARG I 491 50.06 30.66 -7.62
CA ARG I 491 49.31 31.61 -6.81
C ARG I 491 48.43 32.51 -7.67
N ARG I 492 48.87 32.84 -8.88
CA ARG I 492 48.04 33.62 -9.79
C ARG I 492 46.88 32.80 -10.35
N ARG I 493 47.08 31.50 -10.56
CA ARG I 493 46.00 30.64 -11.02
C ARG I 493 44.88 30.57 -9.98
N LEU I 494 45.23 30.26 -8.73
CA LEU I 494 44.23 30.21 -7.67
C LEU I 494 43.58 31.57 -7.45
N MET I 495 44.31 32.65 -7.73
CA MET I 495 43.75 33.98 -7.54
C MET I 495 42.66 34.28 -8.57
N GLU I 496 42.90 33.91 -9.83
CA GLU I 496 41.92 34.15 -10.87
C GLU I 496 40.65 33.35 -10.63
N TYR I 497 40.79 32.12 -10.14
CA TYR I 497 39.62 31.31 -9.82
C TYR I 497 38.77 31.96 -8.73
N HIS I 498 39.40 32.31 -7.60
CA HIS I 498 38.65 32.80 -6.45
C HIS I 498 38.03 34.16 -6.73
N LEU I 499 38.71 35.01 -7.50
CA LEU I 499 38.12 36.29 -7.87
C LEU I 499 36.91 36.11 -8.77
N ASN I 500 36.92 35.07 -9.63
CA ASN I 500 35.74 34.78 -10.43
C ASN I 500 34.64 34.13 -9.60
N ILE I 501 35.01 33.41 -8.54
CA ILE I 501 34.00 32.86 -7.63
C ILE I 501 33.30 33.97 -6.87
N PHE I 502 34.06 34.98 -6.43
CA PHE I 502 33.49 36.11 -5.71
C PHE I 502 32.63 37.01 -6.60
N LYS I 503 32.58 36.74 -7.92
CA LYS I 503 31.58 37.41 -8.74
C LYS I 503 30.19 36.82 -8.50
N ASP I 504 30.09 35.50 -8.33
CA ASP I 504 28.80 34.85 -8.15
C ASP I 504 28.34 34.88 -6.70
N VAL I 505 29.25 34.62 -5.76
CA VAL I 505 28.92 34.59 -4.35
C VAL I 505 29.66 35.71 -3.63
N ASP I 506 29.22 35.99 -2.41
CA ASP I 506 29.86 36.99 -1.58
C ASP I 506 30.92 36.38 -0.67
N VAL I 507 30.62 35.22 -0.08
CA VAL I 507 31.53 34.54 0.82
C VAL I 507 31.58 33.06 0.46
N ILE I 508 32.58 32.37 0.99
CA ILE I 508 32.76 30.94 0.81
C ILE I 508 32.76 30.30 2.20
N VAL I 509 31.81 29.39 2.44
CA VAL I 509 31.65 28.76 3.74
C VAL I 509 32.19 27.34 3.69
N THR I 510 32.93 26.96 4.71
CA THR I 510 33.52 25.63 4.84
C THR I 510 33.75 25.36 6.32
N PRO I 511 33.84 24.08 6.71
CA PRO I 511 34.34 23.78 8.07
C PRO I 511 35.79 24.22 8.20
N THR I 512 36.18 24.55 9.44
CA THR I 512 37.53 25.07 9.65
C THR I 512 38.57 23.96 9.56
N THR I 513 38.31 22.82 10.18
CA THR I 513 39.21 21.67 10.09
C THR I 513 38.40 20.44 9.74
N GLY I 514 39.09 19.45 9.16
CA GLY I 514 38.49 18.19 8.78
C GLY I 514 38.37 17.18 9.90
N MET I 515 38.63 17.57 11.14
CA MET I 515 38.55 16.67 12.28
C MET I 515 38.43 17.48 13.55
N THR I 516 37.96 16.83 14.60
CA THR I 516 37.85 17.45 15.92
C THR I 516 39.23 17.44 16.58
N ALA I 517 39.27 17.74 17.88
CA ALA I 517 40.52 17.81 18.61
C ALA I 517 41.20 16.44 18.64
N PRO I 518 42.36 16.31 18.01
CA PRO I 518 43.05 15.02 17.97
C PRO I 518 43.74 14.69 19.29
N VAL I 519 43.83 13.41 19.58
CA VAL I 519 44.46 12.94 20.81
C VAL I 519 45.97 13.06 20.68
N ILE I 520 46.62 13.30 21.81
CA ILE I 520 48.08 13.40 21.86
C ILE I 520 48.64 11.99 22.07
N PRO I 521 49.43 11.46 21.15
CA PRO I 521 50.08 10.16 21.39
C PRO I 521 51.06 10.28 22.54
N PRO I 522 51.08 9.31 23.44
CA PRO I 522 51.91 9.45 24.66
C PRO I 522 53.39 9.49 24.39
N ASP I 523 53.86 8.86 23.31
CA ASP I 523 55.28 8.86 23.00
C ASP I 523 55.75 10.18 22.39
N ALA I 524 54.83 10.99 21.86
CA ALA I 524 55.20 12.26 21.26
C ALA I 524 55.61 13.29 22.30
N LEU I 525 55.22 13.12 23.55
CA LEU I 525 55.61 14.03 24.62
C LEU I 525 57.09 13.92 24.98
N LYS I 526 57.78 12.89 24.49
CA LYS I 526 59.20 12.72 24.80
C LYS I 526 60.04 13.78 24.11
N ASN I 527 59.99 13.82 22.77
CA ASN I 527 60.77 14.77 22.01
C ASN I 527 60.12 15.07 20.66
N GLY I 528 58.81 15.27 20.65
CA GLY I 528 58.11 15.64 19.45
C GLY I 528 57.74 14.46 18.58
N GLU I 529 57.20 14.78 17.40
CA GLU I 529 56.74 13.77 16.46
C GLU I 529 56.70 14.37 15.06
N THR I 530 56.93 13.52 14.07
CA THR I 530 56.76 13.87 12.67
C THR I 530 55.47 13.20 12.17
N ASN I 531 54.45 14.01 11.90
CA ASN I 531 53.16 13.49 11.48
C ASN I 531 52.59 14.44 10.44
N ILE I 532 53.25 14.47 9.27
CA ILE I 532 52.83 15.37 8.20
C ILE I 532 51.42 15.05 7.73
N GLN I 533 50.95 13.82 7.94
CA GLN I 533 49.60 13.46 7.51
C GLN I 533 48.55 14.25 8.29
N VAL I 534 48.68 14.30 9.61
CA VAL I 534 47.71 15.02 10.43
C VAL I 534 47.97 16.52 10.39
N THR I 535 49.24 16.93 10.33
CA THR I 535 49.54 18.35 10.22
C THR I 535 48.96 18.96 8.95
N THR I 536 49.00 18.21 7.84
CA THR I 536 48.42 18.70 6.60
C THR I 536 46.89 18.62 6.65
N ASP I 537 46.35 17.53 7.18
CA ASP I 537 44.90 17.32 7.20
C ASP I 537 44.16 18.42 7.95
N LEU I 538 44.83 19.12 8.87
CA LEU I 538 44.22 20.24 9.57
C LEU I 538 44.22 21.51 8.75
N MET I 539 44.96 21.56 7.65
CA MET I 539 45.07 22.75 6.81
C MET I 539 44.28 22.67 5.52
N ARG I 540 43.46 21.63 5.36
CA ARG I 540 42.76 21.40 4.10
C ARG I 540 41.57 22.33 3.89
N PHE I 541 41.40 23.34 4.75
CA PHE I 541 40.32 24.31 4.56
C PHE I 541 40.75 25.75 4.81
N VAL I 542 41.96 26.00 5.31
CA VAL I 542 42.37 27.34 5.70
C VAL I 542 43.44 27.94 4.79
N LEU I 543 44.05 27.15 3.91
CA LEU I 543 45.11 27.68 3.05
C LEU I 543 44.57 28.65 2.01
N ALA I 544 43.26 28.61 1.72
CA ALA I 544 42.70 29.46 0.68
C ALA I 544 42.84 30.94 1.02
N ALA I 545 42.87 31.27 2.31
CA ALA I 545 42.96 32.66 2.74
C ALA I 545 44.40 33.13 2.97
N ASN I 546 45.33 32.21 3.17
CA ASN I 546 46.72 32.60 3.41
C ASN I 546 47.44 32.89 2.09
N LEU I 547 47.35 31.97 1.13
CA LEU I 547 48.06 32.13 -0.14
C LEU I 547 47.50 33.29 -0.95
N LEU I 548 46.20 33.57 -0.84
CA LEU I 548 45.55 34.60 -1.62
C LEU I 548 45.25 35.88 -0.82
N GLY I 549 45.41 35.85 0.49
CA GLY I 549 45.25 37.05 1.31
C GLY I 549 43.83 37.39 1.70
N PHE I 550 42.85 36.54 1.38
CA PHE I 550 41.46 36.83 1.71
C PHE I 550 41.25 36.79 3.22
N PRO I 551 40.28 37.56 3.73
CA PRO I 551 39.92 37.44 5.15
C PRO I 551 38.98 36.28 5.40
N ALA I 552 39.27 35.53 6.46
CA ALA I 552 38.44 34.41 6.86
C ALA I 552 38.32 34.42 8.38
N ILE I 553 37.27 33.79 8.88
CA ILE I 553 36.99 33.75 10.31
C ILE I 553 36.58 32.33 10.69
N SER I 554 36.81 31.97 11.95
CA SER I 554 36.40 30.68 12.49
C SER I 554 35.46 30.90 13.68
N VAL I 555 34.31 30.26 13.64
CA VAL I 555 33.28 30.46 14.66
C VAL I 555 32.74 29.11 15.10
N PRO I 556 32.51 28.89 16.40
CA PRO I 556 31.97 27.60 16.85
C PRO I 556 30.51 27.45 16.49
N VAL I 557 30.13 26.24 16.08
CA VAL I 557 28.76 25.97 15.61
C VAL I 557 28.20 24.71 16.28
N GLY I 558 28.81 24.30 17.39
CA GLY I 558 28.29 23.17 18.13
C GLY I 558 29.42 22.23 18.54
N TYR I 559 29.04 21.01 18.92
CA TYR I 559 29.98 20.00 19.37
C TYR I 559 29.62 18.67 18.73
N ASP I 560 30.54 17.71 18.81
CA ASP I 560 30.36 16.42 18.14
C ASP I 560 29.97 15.32 19.13
N LYS I 561 30.33 14.07 18.81
CA LYS I 561 29.93 12.94 19.63
C LYS I 561 30.58 12.97 21.01
N GLU I 562 31.89 13.21 21.06
CA GLU I 562 32.63 13.17 22.32
C GLU I 562 32.73 14.53 23.00
N GLY I 563 31.90 15.49 22.60
CA GLY I 563 31.90 16.80 23.24
C GLY I 563 33.07 17.69 22.86
N LEU I 564 33.53 17.62 21.62
CA LEU I 564 34.60 18.46 21.13
C LEU I 564 34.06 19.53 20.20
N PRO I 565 34.62 20.74 20.22
CA PRO I 565 34.05 21.84 19.43
C PRO I 565 34.16 21.59 17.93
N ILE I 566 33.28 22.26 17.19
CA ILE I 566 33.24 22.20 15.73
C ILE I 566 33.27 23.63 15.21
N GLY I 567 34.17 23.91 14.29
CA GLY I 567 34.38 25.25 13.76
C GLY I 567 33.94 25.37 12.32
N LEU I 568 33.28 26.49 12.01
CA LEU I 568 32.88 26.83 10.66
C LEU I 568 33.68 28.03 10.17
N GLN I 569 34.18 27.96 8.94
CA GLN I 569 35.01 29.02 8.37
C GLN I 569 34.18 29.86 7.40
N ILE I 570 34.23 31.18 7.57
CA ILE I 570 33.57 32.13 6.69
C ILE I 570 34.66 32.97 6.04
N MET I 571 34.90 32.76 4.75
CA MET I 571 35.91 33.49 4.00
C MET I 571 35.24 34.38 2.96
N GLY I 572 35.64 35.65 2.92
CA GLY I 572 35.01 36.61 2.04
C GLY I 572 35.95 37.37 1.14
N ARG I 573 35.45 38.44 0.52
CA ARG I 573 36.21 39.20 -0.45
C ARG I 573 37.34 39.97 0.24
N PRO I 574 38.35 40.39 -0.52
CA PRO I 574 39.44 41.17 0.08
C PRO I 574 38.94 42.45 0.73
N TRP I 575 39.54 42.79 1.87
CA TRP I 575 39.21 43.97 2.66
C TRP I 575 37.78 43.98 3.17
N ALA I 576 37.08 42.85 3.09
CA ALA I 576 35.68 42.79 3.50
C ALA I 576 35.52 42.04 4.82
N GLU I 577 36.33 42.41 5.83
CA GLU I 577 36.18 41.79 7.14
C GLU I 577 34.84 42.13 7.76
N ALA I 578 34.29 43.31 7.45
CA ALA I 578 33.00 43.70 8.00
C ALA I 578 31.90 42.73 7.56
N THR I 579 31.93 42.32 6.29
CA THR I 579 30.98 41.31 5.84
C THR I 579 31.25 39.99 6.53
N VAL I 580 32.52 39.66 6.75
CA VAL I 580 32.86 38.40 7.43
C VAL I 580 32.44 38.45 8.89
N LEU I 581 32.69 39.57 9.57
CA LEU I 581 32.34 39.69 10.98
C LEU I 581 30.83 39.73 11.18
N GLY I 582 30.11 40.40 10.29
CA GLY I 582 28.67 40.49 10.42
C GLY I 582 27.98 39.16 10.20
N LEU I 583 28.47 38.37 9.25
CA LEU I 583 27.88 37.05 9.01
C LEU I 583 28.27 36.08 10.11
N ALA I 584 29.47 36.20 10.68
CA ALA I 584 29.85 35.35 11.80
C ALA I 584 29.03 35.69 13.04
N ALA I 585 28.55 36.94 13.14
CA ALA I 585 27.71 37.31 14.28
C ALA I 585 26.35 36.63 14.22
N ALA I 586 25.77 36.54 13.02
CA ALA I 586 24.49 35.86 12.86
C ALA I 586 24.61 34.35 13.05
N VAL I 587 25.82 33.80 12.87
CA VAL I 587 26.03 32.36 13.10
C VAL I 587 26.08 32.04 14.57
N GLU I 588 26.80 32.86 15.35
CA GLU I 588 26.82 32.67 16.80
C GLU I 588 25.44 32.91 17.43
N GLU I 589 24.58 33.68 16.77
CA GLU I 589 23.23 33.89 17.29
C GLU I 589 22.37 32.64 17.08
N LEU I 590 22.67 31.85 16.06
CA LEU I 590 21.94 30.62 15.78
C LEU I 590 22.59 29.38 16.39
N ALA I 591 23.80 29.51 16.92
CA ALA I 591 24.51 28.40 17.53
C ALA I 591 25.53 28.91 18.54
N PRO I 592 25.09 29.30 19.74
CA PRO I 592 26.03 29.89 20.70
C PRO I 592 26.83 28.83 21.43
N VAL I 593 27.91 29.29 22.06
CA VAL I 593 28.75 28.42 22.89
C VAL I 593 28.00 28.14 24.18
N THR I 594 27.63 26.87 24.39
CA THR I 594 26.82 26.48 25.53
C THR I 594 27.50 25.53 26.50
N LYS I 595 28.44 24.71 26.03
CA LYS I 595 29.11 23.75 26.88
C LYS I 595 30.36 24.35 27.50
N LYS I 596 30.46 24.27 28.82
CA LYS I 596 31.64 24.76 29.52
C LYS I 596 32.75 23.72 29.42
N PRO I 597 33.97 24.12 29.09
CA PRO I 597 35.06 23.15 28.94
C PRO I 597 35.46 22.57 30.29
N ALA I 598 36.26 21.50 30.22
CA ALA I 598 36.70 20.82 31.43
C ALA I 598 37.56 21.74 32.29
N ILE I 599 38.55 22.39 31.69
CA ILE I 599 39.43 23.32 32.39
C ILE I 599 38.91 24.72 32.11
N PHE I 600 38.19 25.30 33.08
CA PHE I 600 37.64 26.64 32.93
C PHE I 600 37.72 27.36 34.27
N TYR I 601 37.92 28.67 34.19
CA TYR I 601 38.07 29.52 35.38
C TYR I 601 37.18 30.76 35.24
N ASP I 602 36.56 31.13 36.35
CA ASP I 602 35.71 32.32 36.41
C ASP I 602 36.49 33.42 37.13
N ILE I 603 36.77 34.51 36.43
CA ILE I 603 37.58 35.59 36.98
C ILE I 603 36.72 36.64 37.68
N LEU I 604 35.58 37.00 37.12
CA LEU I 604 34.70 37.99 37.73
C LEU I 604 33.87 37.42 38.88
N ASN I 605 34.04 36.14 39.23
CA ASN I 605 33.30 35.49 40.30
C ASN I 605 31.79 35.59 40.09
N MET J 1 83.93 42.90 14.37
CA MET J 1 82.63 42.54 13.83
C MET J 1 82.79 41.58 12.65
N GLY J 2 81.72 40.91 12.28
CA GLY J 2 81.76 39.95 11.19
C GLY J 2 82.50 38.69 11.58
N LYS J 3 81.90 37.87 12.44
CA LYS J 3 82.51 36.61 12.85
C LYS J 3 81.56 35.44 12.60
N TYR J 4 80.67 35.16 13.55
CA TYR J 4 79.72 34.06 13.37
C TYR J 4 78.71 34.37 12.28
N GLN J 5 77.99 35.48 12.45
CA GLN J 5 77.04 35.96 11.44
C GLN J 5 77.26 37.45 11.25
N VAL J 6 76.91 37.94 10.06
CA VAL J 6 77.11 39.34 9.71
C VAL J 6 75.75 40.05 9.76
N MET J 7 75.75 41.27 10.30
CA MET J 7 74.54 42.06 10.47
C MET J 7 74.60 43.28 9.55
N LYS J 8 73.46 43.59 8.91
CA LYS J 8 73.36 44.70 7.99
C LYS J 8 72.27 45.68 8.42
N ARG J 9 72.32 46.87 7.84
CA ARG J 9 71.25 47.85 7.92
C ARG J 9 71.30 48.70 6.66
N ALA J 10 70.12 49.19 6.24
CA ALA J 10 70.01 49.86 4.94
C ALA J 10 69.86 51.36 5.05
N SER J 11 68.67 51.82 5.47
CA SER J 11 68.38 53.25 5.45
C SER J 11 69.02 54.00 6.63
N GLU J 12 70.12 53.48 7.16
CA GLU J 12 70.83 54.17 8.24
C GLU J 12 72.33 54.13 8.06
N VAL J 13 72.85 53.62 6.94
CA VAL J 13 74.27 53.75 6.65
C VAL J 13 74.56 55.19 6.23
N ASP J 14 75.76 55.66 6.55
CA ASP J 14 76.24 56.92 6.00
C ASP J 14 77.14 56.62 4.81
N LEU J 15 77.00 57.42 3.76
CA LEU J 15 77.66 57.10 2.51
C LEU J 15 79.12 57.53 2.49
N SER J 16 79.58 58.24 3.51
CA SER J 16 81.00 58.57 3.64
C SER J 16 81.82 57.43 4.23
N THR J 17 81.16 56.37 4.70
CA THR J 17 81.85 55.19 5.23
C THR J 17 81.97 54.07 4.22
N VAL J 18 81.04 53.99 3.26
CA VAL J 18 81.04 52.93 2.26
C VAL J 18 82.29 53.01 1.40
N LYS J 19 83.18 52.04 1.55
CA LYS J 19 84.35 51.91 0.69
C LYS J 19 84.02 51.08 -0.53
N TYR J 20 84.84 51.20 -1.56
CA TYR J 20 84.61 50.53 -2.83
C TYR J 20 85.21 49.12 -2.75
N LYS J 21 84.35 48.11 -2.66
CA LYS J 21 84.78 46.72 -2.72
C LYS J 21 84.88 46.31 -4.18
N ALA J 22 86.10 46.01 -4.63
CA ALA J 22 86.38 45.76 -6.04
C ALA J 22 85.79 44.44 -6.52
N GLU J 23 86.23 43.98 -7.69
CA GLU J 23 85.68 42.76 -8.28
C GLU J 23 85.98 41.55 -7.40
N THR J 24 85.14 40.53 -7.54
CA THR J 24 85.27 39.28 -6.80
C THR J 24 84.58 38.20 -7.64
N MET J 25 85.21 37.83 -8.76
CA MET J 25 84.66 36.79 -9.63
C MET J 25 85.82 35.91 -10.10
N LYS J 26 85.87 34.69 -9.58
CA LYS J 26 86.92 33.73 -9.90
C LYS J 26 86.26 32.45 -10.39
N ALA J 27 86.63 32.01 -11.59
CA ALA J 27 86.03 30.83 -12.20
C ALA J 27 86.99 30.28 -13.24
N PRO J 28 86.96 28.97 -13.50
CA PRO J 28 87.88 28.40 -14.48
C PRO J 28 87.54 28.81 -15.91
N HIS J 29 88.54 28.73 -16.76
CA HIS J 29 88.43 29.04 -18.18
C HIS J 29 88.72 27.76 -18.95
N LEU J 30 87.66 27.10 -19.42
CA LEU J 30 87.77 25.79 -20.06
C LEU J 30 87.12 25.82 -21.43
N THR J 31 87.76 25.15 -22.39
CA THR J 31 87.29 25.10 -23.76
C THR J 31 87.47 23.68 -24.31
N GLY J 32 86.72 23.37 -25.34
CA GLY J 32 86.93 22.11 -26.06
C GLY J 32 86.55 20.91 -25.21
N LEU J 33 87.48 19.95 -25.11
CA LEU J 33 87.18 18.69 -24.44
C LEU J 33 87.20 18.84 -22.93
N SER J 34 88.10 19.68 -22.40
CA SER J 34 88.13 19.91 -20.95
C SER J 34 86.84 20.58 -20.48
N PHE J 35 86.16 21.33 -21.36
CA PHE J 35 84.86 21.87 -21.04
C PHE J 35 83.81 20.75 -20.97
N LYS J 36 83.85 19.82 -21.93
CA LYS J 36 82.89 18.72 -21.94
C LYS J 36 83.07 17.84 -20.70
N LEU J 37 84.32 17.65 -20.25
CA LEU J 37 84.55 16.86 -19.05
C LEU J 37 84.08 17.58 -17.80
N PHE J 38 84.18 18.91 -17.79
CA PHE J 38 83.75 19.68 -16.62
C PHE J 38 82.23 19.78 -16.52
N VAL J 39 81.53 19.86 -17.65
CA VAL J 39 80.08 19.90 -17.62
C VAL J 39 79.52 18.59 -17.09
N ASN J 40 80.09 17.46 -17.53
CA ASN J 40 79.66 16.18 -16.99
C ASN J 40 80.06 16.01 -15.53
N LEU J 41 81.05 16.77 -15.05
CA LEU J 41 81.37 16.76 -13.63
C LEU J 41 80.34 17.55 -12.83
N LEU J 42 79.84 18.66 -13.38
CA LEU J 42 78.81 19.43 -12.69
C LEU J 42 77.49 18.68 -12.66
N GLU J 43 77.16 17.99 -13.75
CA GLU J 43 75.93 17.22 -13.81
C GLU J 43 76.04 15.85 -13.14
N ALA J 44 77.22 15.50 -12.63
CA ALA J 44 77.38 14.23 -11.94
C ALA J 44 76.75 14.31 -10.55
N PRO J 45 76.27 13.17 -10.02
CA PRO J 45 75.56 13.17 -8.73
C PRO J 45 76.27 13.89 -7.59
N LEU J 46 77.21 13.20 -6.94
CA LEU J 46 77.78 13.73 -5.70
C LEU J 46 78.81 14.82 -5.97
N ILE J 47 79.74 14.57 -6.89
CA ILE J 47 80.81 15.53 -7.14
C ILE J 47 80.27 16.82 -7.73
N GLY J 48 79.12 16.74 -8.42
CA GLY J 48 78.57 17.94 -9.05
C GLY J 48 78.19 19.02 -8.06
N SER J 49 77.55 18.64 -6.96
CA SER J 49 77.14 19.63 -5.97
C SER J 49 78.33 20.22 -5.24
N LEU J 50 79.43 19.47 -5.12
CA LEU J 50 80.60 19.98 -4.41
C LEU J 50 81.34 21.04 -5.22
N ILE J 51 81.35 20.89 -6.56
CA ILE J 51 82.03 21.88 -7.40
C ILE J 51 81.25 23.19 -7.42
N VAL J 52 79.92 23.11 -7.37
CA VAL J 52 79.10 24.32 -7.38
C VAL J 52 79.15 25.03 -6.03
N ASP J 53 79.00 24.28 -4.94
CA ASP J 53 79.05 24.87 -3.62
C ASP J 53 80.43 25.40 -3.28
N TYR J 54 81.47 24.94 -3.97
CA TYR J 54 82.79 25.55 -3.80
C TYR J 54 82.89 26.89 -4.52
N LEU J 55 82.36 26.96 -5.74
CA LEU J 55 82.39 28.21 -6.49
C LEU J 55 81.54 29.28 -5.81
N LYS J 56 80.38 28.90 -5.27
CA LYS J 56 79.56 29.87 -4.56
C LYS J 56 80.25 30.34 -3.29
N LYS J 57 80.91 29.42 -2.57
CA LYS J 57 81.63 29.79 -1.36
C LYS J 57 82.88 30.60 -1.69
N ASP J 58 83.48 30.36 -2.85
CA ASP J 58 84.72 31.07 -3.21
C ASP J 58 84.43 32.51 -3.62
N ASN J 59 83.32 32.75 -4.33
CA ASN J 59 82.96 34.08 -4.81
C ASN J 59 82.17 34.89 -3.79
N GLY J 60 82.04 34.40 -2.56
CA GLY J 60 81.36 35.14 -1.52
C GLY J 60 79.85 35.16 -1.60
N MET J 61 79.26 34.29 -2.43
CA MET J 61 77.81 34.26 -2.54
C MET J 61 77.16 33.57 -1.35
N THR J 62 77.76 32.48 -0.87
CA THR J 62 77.25 31.81 0.33
C THR J 62 77.30 32.74 1.53
N LYS J 63 78.36 33.55 1.63
CA LYS J 63 78.45 34.54 2.70
C LYS J 63 77.27 35.50 2.68
N ILE J 64 76.76 35.82 1.50
CA ILE J 64 75.66 36.78 1.37
C ILE J 64 74.31 36.12 1.57
N PHE J 65 74.08 34.99 0.90
CA PHE J 65 72.76 34.38 0.90
C PHE J 65 72.47 33.55 2.15
N ARG J 66 73.49 33.17 2.93
CA ARG J 66 73.28 32.28 4.06
C ARG J 66 73.88 32.74 5.37
N ASN J 67 74.89 33.61 5.37
CA ASN J 67 75.56 34.02 6.59
C ASN J 67 75.41 35.51 6.85
N THR J 68 74.25 36.07 6.49
CA THR J 68 74.01 37.49 6.67
C THR J 68 72.53 37.71 6.97
N VAL J 69 72.24 38.43 8.05
CA VAL J 69 70.87 38.80 8.39
C VAL J 69 70.54 40.11 7.69
N ILE J 70 69.50 40.08 6.86
CA ILE J 70 69.08 41.24 6.08
C ILE J 70 67.82 41.80 6.72
N PRO J 71 67.85 43.03 7.26
CA PRO J 71 66.68 43.55 7.96
C PRO J 71 65.63 44.17 7.05
N GLU J 72 65.68 43.86 5.76
CA GLU J 72 64.74 44.42 4.79
C GLU J 72 63.67 43.39 4.40
N GLU J 73 62.52 43.90 4.01
CA GLU J 73 61.46 43.05 3.51
C GLU J 73 61.66 42.81 2.01
N PRO J 74 61.35 41.61 1.52
CA PRO J 74 61.65 41.29 0.12
C PRO J 74 60.82 42.14 -0.84
N MET J 75 61.49 42.68 -1.86
CA MET J 75 60.85 43.35 -2.99
C MET J 75 60.99 42.45 -4.20
N PHE J 76 59.88 41.88 -4.64
CA PHE J 76 59.93 40.88 -5.70
C PHE J 76 59.92 41.48 -7.11
N ARG J 77 59.25 42.62 -7.29
CA ARG J 77 59.27 43.35 -8.55
C ARG J 77 59.53 44.83 -8.26
N PRO J 78 60.16 45.53 -9.20
CA PRO J 78 60.53 46.93 -8.94
C PRO J 78 59.32 47.79 -8.59
N GLU J 79 59.43 48.49 -7.45
CA GLU J 79 58.37 49.36 -6.94
C GLU J 79 58.84 50.81 -6.99
N PHE J 80 58.33 51.59 -7.98
CA PHE J 80 58.80 52.96 -8.05
C PHE J 80 57.82 53.90 -7.35
N PRO J 81 58.30 54.87 -6.59
CA PRO J 81 57.42 55.89 -6.00
C PRO J 81 57.02 56.91 -7.08
N SER J 82 56.17 57.84 -6.66
CA SER J 82 55.72 58.88 -7.58
C SER J 82 56.88 59.80 -7.94
N GLN J 83 57.13 59.97 -9.23
CA GLN J 83 58.24 60.77 -9.73
C GLN J 83 57.76 62.15 -10.16
N GLU J 84 58.67 63.12 -10.09
CA GLU J 84 58.36 64.45 -10.55
C GLU J 84 58.35 64.48 -12.08
N PRO J 85 57.54 65.36 -12.68
CA PRO J 85 57.48 65.40 -14.14
C PRO J 85 58.77 65.92 -14.74
N GLU J 86 59.21 65.26 -15.81
CA GLU J 86 60.45 65.65 -16.48
C GLU J 86 60.25 66.95 -17.25
N HIS J 87 61.32 67.74 -17.30
CA HIS J 87 61.25 69.10 -17.82
C HIS J 87 61.43 69.13 -19.33
N ASP J 88 60.59 69.92 -20.00
CA ASP J 88 60.69 70.19 -21.43
C ASP J 88 60.58 68.91 -22.25
N VAL J 89 59.42 68.27 -22.13
CA VAL J 89 59.11 67.03 -22.85
C VAL J 89 57.70 67.12 -23.40
N VAL J 90 57.34 66.15 -24.23
CA VAL J 90 56.03 66.06 -24.86
C VAL J 90 55.34 64.80 -24.37
N ILE J 91 54.14 64.96 -23.82
CA ILE J 91 53.38 63.85 -23.27
C ILE J 91 52.48 63.28 -24.36
N VAL J 92 52.57 61.97 -24.56
CA VAL J 92 51.72 61.26 -25.52
C VAL J 92 50.97 60.16 -24.77
N GLY J 93 49.77 59.86 -25.23
CA GLY J 93 48.96 58.85 -24.56
C GLY J 93 49.54 57.46 -24.73
N GLU J 94 49.43 56.66 -23.67
CA GLU J 94 49.93 55.29 -23.69
C GLU J 94 49.01 54.34 -24.44
N ASP J 95 47.82 54.81 -24.84
CA ASP J 95 46.84 53.98 -25.53
C ASP J 95 46.65 54.36 -26.99
N GLU J 96 47.42 55.32 -27.50
CA GLU J 96 47.31 55.69 -28.90
C GLU J 96 48.01 54.65 -29.78
N SER J 97 47.60 54.62 -31.05
CA SER J 97 48.17 53.67 -31.98
C SER J 97 49.62 54.00 -32.28
N PRO J 98 50.44 53.01 -32.61
CA PRO J 98 51.85 53.28 -32.94
C PRO J 98 52.01 54.22 -34.12
N ILE J 99 51.02 54.29 -35.01
CA ILE J 99 51.11 55.22 -36.14
C ILE J 99 50.97 56.66 -35.65
N ASP J 100 50.11 56.89 -34.66
CA ASP J 100 49.90 58.24 -34.16
C ASP J 100 51.11 58.74 -33.38
N ARG J 101 51.77 57.87 -32.63
CA ARG J 101 52.95 58.28 -31.89
C ARG J 101 54.16 58.53 -32.79
N LEU J 102 54.18 57.94 -33.99
CA LEU J 102 55.30 58.14 -34.89
C LEU J 102 55.30 59.55 -35.47
N GLU J 103 54.11 60.07 -35.82
CA GLU J 103 54.05 61.45 -36.33
C GLU J 103 54.27 62.46 -35.21
N THR J 104 53.97 62.10 -33.96
CA THR J 104 54.31 62.95 -32.84
C THR J 104 55.81 62.92 -32.57
N ALA J 105 56.42 61.75 -32.64
CA ALA J 105 57.86 61.64 -32.48
C ALA J 105 58.60 62.30 -33.62
N LEU J 106 57.98 62.36 -34.81
CA LEU J 106 58.60 63.05 -35.94
C LEU J 106 58.64 64.56 -35.73
N LYS J 107 57.66 65.11 -35.02
CA LYS J 107 57.67 66.53 -34.71
C LYS J 107 58.70 66.89 -33.64
N CYS J 108 59.08 65.93 -32.80
CA CYS J 108 60.12 66.16 -31.80
C CYS J 108 61.52 66.10 -32.40
N LEU J 109 61.70 65.42 -33.52
CA LEU J 109 62.99 65.33 -34.17
C LEU J 109 63.42 66.69 -34.72
N PRO J 110 64.72 66.90 -34.93
CA PRO J 110 65.17 68.15 -35.55
C PRO J 110 64.86 68.20 -37.05
N GLN J 111 65.60 69.04 -37.77
CA GLN J 111 65.31 69.33 -39.16
C GLN J 111 66.06 68.38 -40.08
N TYR J 112 65.35 67.85 -41.08
CA TYR J 112 65.98 67.01 -42.08
C TYR J 112 66.78 67.86 -43.07
N ASP J 113 67.73 67.22 -43.74
CA ASP J 113 68.53 67.78 -44.81
C ASP J 113 68.68 66.75 -45.92
N PRO J 114 68.14 67.00 -47.13
CA PRO J 114 68.39 66.06 -48.23
C PRO J 114 69.84 66.05 -48.67
N SER J 115 70.62 67.04 -48.25
CA SER J 115 72.05 67.10 -48.54
C SER J 115 72.82 65.90 -48.01
N ARG J 116 72.17 65.00 -47.27
CA ARG J 116 72.81 63.79 -46.77
C ARG J 116 72.42 62.54 -47.56
N SER J 117 71.16 62.42 -47.98
CA SER J 117 70.76 61.25 -48.76
C SER J 117 71.40 61.31 -50.13
N LEU J 118 70.71 61.93 -51.09
CA LEU J 118 71.26 62.10 -52.42
C LEU J 118 72.00 63.44 -52.52
N HIS J 119 72.90 63.51 -53.49
CA HIS J 119 73.63 64.73 -53.81
C HIS J 119 74.54 65.18 -52.66
N ALA J 120 75.02 64.23 -51.87
CA ALA J 120 75.96 64.56 -50.82
C ALA J 120 77.34 64.84 -51.42
N ASP J 121 78.13 65.62 -50.69
CA ASP J 121 79.43 66.03 -51.20
C ASP J 121 80.36 64.83 -51.29
N PRO J 122 81.21 64.77 -52.32
CA PRO J 122 82.11 63.61 -52.47
C PRO J 122 83.06 63.41 -51.29
N VAL J 123 83.46 64.47 -50.60
CA VAL J 123 84.34 64.38 -49.44
C VAL J 123 83.49 64.67 -48.21
N SER J 124 83.26 63.64 -47.39
CA SER J 124 82.51 63.78 -46.15
C SER J 124 82.79 62.57 -45.28
N SER J 125 82.57 62.74 -43.98
CA SER J 125 82.82 61.67 -43.03
C SER J 125 81.68 60.65 -43.06
N PHE J 126 81.88 59.56 -42.32
CA PHE J 126 80.90 58.48 -42.28
C PHE J 126 79.67 58.92 -41.50
N ARG J 127 78.50 58.71 -42.09
CA ARG J 127 77.23 58.85 -41.40
C ARG J 127 76.38 57.63 -41.73
N TYR J 128 75.98 56.88 -40.71
CA TYR J 128 75.04 55.80 -40.90
C TYR J 128 73.75 56.33 -41.52
N TRP J 129 73.09 55.48 -42.30
CA TRP J 129 71.82 55.86 -42.92
C TRP J 129 70.72 55.90 -41.85
N LYS J 130 70.11 57.07 -41.67
CA LYS J 130 69.02 57.21 -40.72
C LYS J 130 67.74 56.60 -41.28
N ILE J 131 66.74 56.47 -40.41
CA ILE J 131 65.43 55.98 -40.86
C ILE J 131 64.77 57.00 -41.77
N ARG J 132 65.00 58.30 -41.53
CA ARG J 132 64.43 59.32 -42.39
C ARG J 132 65.10 59.38 -43.76
N ASP J 133 66.31 58.83 -43.90
CA ASP J 133 66.93 58.76 -45.22
C ASP J 133 66.23 57.74 -46.10
N TYR J 134 65.94 56.56 -45.55
CA TYR J 134 65.13 55.58 -46.29
C TYR J 134 63.74 56.14 -46.57
N ALA J 135 63.14 56.81 -45.59
CA ALA J 135 61.78 57.32 -45.76
C ALA J 135 61.72 58.46 -46.77
N TYR J 136 62.81 59.18 -46.96
CA TYR J 136 62.85 60.22 -47.97
C TYR J 136 63.11 59.65 -49.36
N ALA J 137 64.06 58.72 -49.46
CA ALA J 137 64.33 58.08 -50.74
C ALA J 137 63.16 57.24 -51.23
N TYR J 138 62.33 56.74 -50.31
CA TYR J 138 61.15 55.97 -50.72
C TYR J 138 60.07 56.89 -51.28
N ARG J 139 59.89 58.07 -50.67
CA ARG J 139 58.85 59.00 -51.10
C ARG J 139 59.30 59.93 -52.21
N SER J 140 60.60 60.05 -52.44
CA SER J 140 61.13 60.82 -53.56
C SER J 140 61.42 59.96 -54.78
N LYS J 141 61.04 58.68 -54.74
CA LYS J 141 61.23 57.75 -55.85
C LYS J 141 62.71 57.60 -56.23
N LEU J 142 63.61 57.76 -55.26
CA LEU J 142 65.01 57.44 -55.49
C LEU J 142 65.27 55.94 -55.44
N THR J 143 64.54 55.22 -54.60
CA THR J 143 64.62 53.77 -54.51
C THR J 143 63.35 53.26 -53.85
N THR J 144 63.06 51.98 -54.07
CA THR J 144 61.88 51.34 -53.50
C THR J 144 62.29 50.34 -52.43
N PRO J 145 61.41 50.04 -51.47
CA PRO J 145 61.72 49.01 -50.48
C PRO J 145 61.99 47.64 -51.10
N LEU J 146 61.54 47.41 -52.34
CA LEU J 146 61.83 46.14 -53.00
C LEU J 146 63.29 46.07 -53.47
N GLN J 147 63.81 47.19 -53.98
CA GLN J 147 65.22 47.24 -54.35
C GLN J 147 66.11 47.09 -53.11
N VAL J 148 65.73 47.72 -52.00
CA VAL J 148 66.47 47.57 -50.76
C VAL J 148 66.42 46.13 -50.28
N ALA J 149 65.27 45.47 -50.45
CA ALA J 149 65.15 44.06 -50.05
C ALA J 149 66.08 43.18 -50.88
N LYS J 150 66.07 43.37 -52.21
CA LYS J 150 66.98 42.60 -53.05
C LYS J 150 68.43 42.94 -52.76
N ARG J 151 68.71 44.17 -52.31
CA ARG J 151 70.07 44.54 -51.96
C ARG J 151 70.53 43.86 -50.68
N ILE J 152 69.63 43.72 -49.71
CA ILE J 152 69.96 43.04 -48.46
C ILE J 152 70.06 41.53 -48.68
N ILE J 153 69.10 40.95 -49.41
CA ILE J 153 69.12 39.52 -49.68
C ILE J 153 70.35 39.14 -50.50
N SER J 154 70.81 40.03 -51.37
CA SER J 154 72.02 39.77 -52.15
C SER J 154 73.23 39.58 -51.24
N ILE J 155 73.32 40.40 -50.18
CA ILE J 155 74.48 40.34 -49.30
C ILE J 155 74.38 39.15 -48.35
N ILE J 156 73.16 38.81 -47.91
CA ILE J 156 73.01 37.69 -46.97
C ILE J 156 73.35 36.37 -47.65
N GLU J 157 72.99 36.24 -48.93
CA GLU J 157 73.29 35.00 -49.64
C GLU J 157 74.74 34.94 -50.11
N GLU J 158 75.34 36.10 -50.38
CA GLU J 158 76.70 36.13 -50.93
C GLU J 158 77.77 35.84 -49.88
N PHE J 159 77.53 36.21 -48.62
CA PHE J 159 78.50 36.04 -47.56
C PHE J 159 78.09 35.00 -46.53
N GLY J 160 77.01 34.27 -46.77
CA GLY J 160 76.57 33.24 -45.83
C GLY J 160 76.19 33.78 -44.47
N TYR J 161 75.51 34.93 -44.43
CA TYR J 161 75.08 35.53 -43.19
C TYR J 161 73.82 34.89 -42.62
N ASP J 162 73.20 33.97 -43.35
CA ASP J 162 72.09 33.17 -42.84
C ASP J 162 72.49 31.72 -42.61
N LYS J 163 73.77 31.41 -42.75
CA LYS J 163 74.32 30.06 -42.62
C LYS J 163 75.52 30.11 -41.69
N PRO J 164 75.90 28.96 -41.10
CA PRO J 164 77.16 28.88 -40.33
C PRO J 164 78.38 29.20 -41.20
N PRO J 165 79.53 29.52 -40.58
CA PRO J 165 79.80 29.59 -39.14
C PRO J 165 79.70 30.98 -38.53
N THR J 166 79.46 32.02 -39.35
CA THR J 166 79.35 33.39 -38.88
C THR J 166 78.08 34.02 -39.42
N PRO J 167 76.91 33.66 -38.87
CA PRO J 167 75.64 34.21 -39.38
C PRO J 167 75.14 35.40 -38.58
N PHE J 168 74.34 36.24 -39.23
CA PHE J 168 73.58 37.28 -38.54
C PHE J 168 72.17 36.84 -38.18
N LEU J 169 71.59 35.93 -38.97
CA LEU J 169 70.24 35.43 -38.76
C LEU J 169 70.27 33.91 -38.77
N ILE J 170 69.65 33.30 -37.77
CA ILE J 170 69.50 31.84 -37.74
C ILE J 170 68.18 31.40 -38.35
N ARG J 171 67.31 32.34 -38.72
CA ARG J 171 66.05 32.05 -39.40
C ARG J 171 65.79 33.16 -40.39
N PHE J 172 65.92 32.87 -41.68
CA PHE J 172 65.78 33.88 -42.72
C PHE J 172 65.09 33.27 -43.93
N ASP J 173 64.01 33.93 -44.38
CA ASP J 173 63.27 33.50 -45.57
C ASP J 173 63.23 34.67 -46.55
N ALA J 174 63.88 34.49 -47.71
CA ALA J 174 63.92 35.56 -48.69
C ALA J 174 62.57 35.80 -49.35
N ASN J 175 61.75 34.75 -49.49
CA ASN J 175 60.43 34.92 -50.08
C ASN J 175 59.51 35.73 -49.19
N GLU J 176 59.70 35.66 -47.87
CA GLU J 176 58.90 36.46 -46.95
C GLU J 176 59.35 37.92 -46.95
N VAL J 177 60.65 38.17 -47.08
CA VAL J 177 61.16 39.53 -47.11
C VAL J 177 60.67 40.27 -48.36
N ILE J 178 60.64 39.57 -49.50
CA ILE J 178 60.14 40.18 -50.72
C ILE J 178 58.63 40.36 -50.67
N LYS J 179 57.92 39.38 -50.08
CA LYS J 179 56.47 39.49 -49.93
C LYS J 179 56.09 40.71 -49.10
N GLN J 180 56.84 40.98 -48.03
CA GLN J 180 56.59 42.17 -47.23
C GLN J 180 57.06 43.43 -47.94
N ALA J 181 58.12 43.33 -48.74
CA ALA J 181 58.61 44.49 -49.46
C ALA J 181 57.73 44.84 -50.66
N GLU J 182 57.10 43.83 -51.28
CA GLU J 182 56.21 44.10 -52.41
C GLU J 182 54.96 44.87 -51.95
N ALA J 183 54.40 44.50 -50.80
CA ALA J 183 53.24 45.22 -50.28
C ALA J 183 53.63 46.62 -49.80
N SER J 184 54.88 46.80 -49.35
CA SER J 184 55.33 48.11 -48.92
C SER J 184 55.69 49.00 -50.11
N THR J 185 56.24 48.41 -51.17
CA THR J 185 56.59 49.20 -52.35
C THR J 185 55.35 49.75 -53.04
N ARG J 186 54.30 48.91 -53.18
CA ARG J 186 53.10 49.33 -53.87
C ARG J 186 52.33 50.42 -53.13
N ARG J 187 52.51 50.54 -51.81
CA ARG J 187 51.88 51.63 -51.09
C ARG J 187 52.54 52.97 -51.40
N PHE J 188 53.86 52.99 -51.61
CA PHE J 188 54.52 54.21 -52.03
C PHE J 188 54.17 54.56 -53.47
N GLU J 189 53.83 53.56 -54.28
CA GLU J 189 53.42 53.83 -55.66
C GLU J 189 52.05 54.50 -55.69
N GLN J 190 51.07 53.93 -54.99
CA GLN J 190 49.73 54.51 -54.95
C GLN J 190 49.70 55.81 -54.16
N GLY J 191 50.72 56.07 -53.35
CA GLY J 191 50.80 57.32 -52.61
C GLY J 191 50.27 57.30 -51.21
N ASN J 192 50.17 56.12 -50.58
CA ASN J 192 49.64 56.00 -49.22
C ASN J 192 50.59 55.16 -48.37
N PRO J 193 51.70 55.74 -47.92
CA PRO J 193 52.54 55.07 -46.93
C PRO J 193 51.91 55.12 -45.55
N ILE J 194 52.13 54.04 -44.80
CA ILE J 194 51.51 53.92 -43.48
C ILE J 194 52.11 54.94 -42.52
N SER J 195 53.42 54.90 -42.32
CA SER J 195 54.10 55.83 -41.42
C SER J 195 55.54 55.98 -41.88
N VAL J 196 56.35 56.64 -41.06
CA VAL J 196 57.77 56.81 -41.39
C VAL J 196 58.50 55.47 -41.35
N LEU J 197 58.01 54.51 -40.55
CA LEU J 197 58.60 53.18 -40.46
C LEU J 197 58.10 52.23 -41.54
N ASP J 198 57.40 52.74 -42.55
CA ASP J 198 56.98 51.92 -43.68
C ASP J 198 58.15 51.75 -44.64
N GLY J 199 58.51 50.49 -44.91
CA GLY J 199 59.66 50.18 -45.73
C GLY J 199 60.96 50.05 -44.97
N ILE J 200 60.97 50.32 -43.67
CA ILE J 200 62.17 50.20 -42.86
C ILE J 200 62.37 48.74 -42.46
N PHE J 201 63.60 48.25 -42.60
CA PHE J 201 63.92 46.86 -42.29
C PHE J 201 64.40 46.75 -40.86
N VAL J 202 63.80 45.82 -40.11
CA VAL J 202 64.15 45.59 -38.72
C VAL J 202 64.34 44.09 -38.49
N THR J 203 65.25 43.76 -37.58
CA THR J 203 65.59 42.37 -37.25
C THR J 203 65.15 42.07 -35.83
N ILE J 204 64.44 40.96 -35.67
CA ILE J 204 63.89 40.55 -34.38
C ILE J 204 64.78 39.50 -33.76
N LYS J 205 65.10 39.65 -32.48
CA LYS J 205 65.88 38.64 -31.77
C LYS J 205 65.12 37.32 -31.73
N ASP J 206 65.87 36.22 -31.63
CA ASP J 206 65.26 34.90 -31.77
C ASP J 206 64.38 34.51 -30.59
N ASP J 207 64.39 35.27 -29.50
CA ASP J 207 63.56 34.97 -28.33
C ASP J 207 62.25 35.74 -28.31
N ILE J 208 61.95 36.49 -29.36
CA ILE J 208 60.69 37.22 -29.50
C ILE J 208 59.90 36.57 -30.62
N ASP J 209 58.61 36.36 -30.38
CA ASP J 209 57.78 35.67 -31.36
C ASP J 209 57.54 36.56 -32.58
N CYS J 210 57.81 36.00 -33.76
CA CYS J 210 57.63 36.73 -35.01
C CYS J 210 57.27 35.75 -36.10
N LEU J 211 56.01 35.78 -36.55
CA LEU J 211 55.53 34.90 -37.60
C LEU J 211 56.21 35.23 -38.94
N PRO J 212 56.41 34.22 -39.79
CA PRO J 212 56.06 32.81 -39.56
C PRO J 212 57.20 31.98 -38.96
N HIS J 213 58.28 32.66 -38.59
CA HIS J 213 59.46 31.95 -38.11
C HIS J 213 59.24 31.49 -36.67
N PRO J 214 59.63 30.26 -36.34
CA PRO J 214 59.49 29.78 -34.97
C PRO J 214 60.51 30.44 -34.04
N THR J 215 60.25 30.31 -32.74
CA THR J 215 61.09 30.89 -31.71
C THR J 215 61.93 29.80 -31.07
N ASN J 216 63.25 29.90 -31.21
CA ASN J 216 64.18 28.94 -30.63
C ASN J 216 65.01 29.51 -29.49
N GLY J 217 65.28 30.81 -29.50
CA GLY J 217 66.13 31.41 -28.48
C GLY J 217 67.55 30.90 -28.52
N GLY J 218 68.11 30.70 -29.72
CA GLY J 218 69.45 30.18 -29.86
C GLY J 218 69.58 28.69 -29.67
N THR J 219 68.49 27.99 -29.37
CA THR J 219 68.52 26.55 -29.17
C THR J 219 68.21 25.83 -30.49
N THR J 220 68.13 24.50 -30.42
CA THR J 220 67.88 23.68 -31.60
C THR J 220 66.64 22.80 -31.43
N TRP J 221 65.82 23.06 -30.44
CA TRP J 221 64.69 22.18 -30.15
C TRP J 221 63.50 22.88 -29.53
N LEU J 222 63.59 24.18 -29.21
CA LEU J 222 62.51 24.85 -28.52
C LEU J 222 61.25 24.96 -29.39
N HIS J 223 61.40 24.93 -30.71
CA HIS J 223 60.23 24.95 -31.58
C HIS J 223 59.47 23.64 -31.59
N GLU J 224 59.99 22.60 -30.92
CA GLU J 224 59.30 21.32 -30.82
C GLU J 224 58.33 21.27 -29.66
N ASP J 225 58.56 22.05 -28.61
CA ASP J 225 57.70 22.09 -27.44
C ASP J 225 56.99 23.42 -27.22
N ARG J 226 57.43 24.49 -27.90
CA ARG J 226 56.83 25.82 -27.76
C ARG J 226 56.70 26.44 -29.15
N SER J 227 55.58 26.17 -29.82
CA SER J 227 55.33 26.67 -31.15
C SER J 227 54.65 28.04 -31.08
N VAL J 228 55.00 28.91 -32.01
CA VAL J 228 54.44 30.25 -32.08
C VAL J 228 53.18 30.23 -32.95
N GLU J 229 52.16 30.97 -32.51
CA GLU J 229 50.90 31.02 -33.22
C GLU J 229 50.47 32.43 -33.60
N LYS J 230 50.94 33.45 -32.90
CA LYS J 230 50.62 34.83 -33.25
C LYS J 230 51.81 35.71 -32.91
N ASP J 231 51.84 36.90 -33.54
CA ASP J 231 52.94 37.83 -33.34
C ASP J 231 53.00 38.29 -31.88
N SER J 232 54.20 38.71 -31.47
CA SER J 232 54.39 39.25 -30.15
C SER J 232 53.80 40.66 -30.07
N ALA J 233 53.90 41.26 -28.88
CA ALA J 233 53.38 42.61 -28.70
C ALA J 233 54.27 43.64 -29.40
N VAL J 234 55.58 43.46 -29.34
CA VAL J 234 56.48 44.43 -29.95
C VAL J 234 56.53 44.28 -31.46
N VAL J 235 56.40 43.05 -31.97
CA VAL J 235 56.46 42.83 -33.41
C VAL J 235 55.19 43.32 -34.09
N SER J 236 54.03 43.02 -33.49
CA SER J 236 52.76 43.44 -34.09
C SER J 236 52.58 44.95 -34.10
N LYS J 237 53.33 45.67 -33.25
CA LYS J 237 53.32 47.13 -33.31
C LYS J 237 54.19 47.63 -34.46
N LEU J 238 55.35 47.00 -34.67
CA LEU J 238 56.21 47.39 -35.78
C LEU J 238 55.59 47.02 -37.12
N ARG J 239 54.94 45.86 -37.19
CA ARG J 239 54.32 45.43 -38.43
C ARG J 239 53.15 46.34 -38.83
N SER J 240 52.48 46.94 -37.84
CA SER J 240 51.37 47.85 -38.12
C SER J 240 51.82 49.20 -38.65
N CYS J 241 53.12 49.50 -38.58
CA CYS J 241 53.66 50.74 -39.11
C CYS J 241 54.24 50.58 -40.50
N GLY J 242 54.12 49.39 -41.10
CA GLY J 242 54.69 49.13 -42.41
C GLY J 242 56.10 48.62 -42.39
N ALA J 243 56.67 48.34 -41.23
CA ALA J 243 58.03 47.85 -41.14
C ALA J 243 58.14 46.45 -41.75
N ILE J 244 59.34 46.11 -42.21
CA ILE J 244 59.61 44.82 -42.85
C ILE J 244 60.49 44.01 -41.90
N LEU J 245 59.91 42.95 -41.35
CA LEU J 245 60.66 42.06 -40.46
C LEU J 245 61.66 41.25 -41.28
N LEU J 246 62.95 41.48 -41.04
CA LEU J 246 63.99 40.84 -41.84
C LEU J 246 64.11 39.35 -41.49
N GLY J 247 64.26 39.04 -40.22
CA GLY J 247 64.37 37.66 -39.80
C GLY J 247 64.77 37.58 -38.34
N LYS J 248 64.81 36.34 -37.85
CA LYS J 248 65.21 36.10 -36.46
C LYS J 248 66.72 36.24 -36.32
N ALA J 249 67.14 37.02 -35.33
CA ALA J 249 68.56 37.30 -35.14
C ALA J 249 69.25 36.18 -34.37
N ASN J 250 70.52 36.00 -34.66
CA ASN J 250 71.34 35.10 -33.87
C ASN J 250 71.50 35.66 -32.47
N MET J 251 71.64 34.77 -31.49
CA MET J 251 71.76 35.20 -30.11
C MET J 251 72.46 34.12 -29.30
N HIS J 252 73.06 34.55 -28.19
CA HIS J 252 73.58 33.61 -27.22
C HIS J 252 72.44 32.71 -26.75
N GLU J 253 72.74 31.41 -26.59
CA GLU J 253 71.69 30.43 -26.33
C GLU J 253 70.95 30.77 -25.04
N LEU J 254 69.65 31.06 -25.17
CA LEU J 254 68.76 31.42 -24.07
C LEU J 254 69.25 32.63 -23.29
N GLY J 255 70.11 33.45 -23.89
CA GLY J 255 70.62 34.62 -23.22
C GLY J 255 71.46 34.33 -22.00
N MET J 256 72.09 33.16 -21.93
CA MET J 256 72.88 32.77 -20.78
C MET J 256 74.37 33.05 -21.02
N GLY J 257 74.66 34.32 -21.22
CA GLY J 257 76.02 34.78 -21.46
C GLY J 257 76.03 36.15 -22.10
N THR J 258 77.14 36.86 -21.92
CA THR J 258 77.30 38.20 -22.44
C THR J 258 78.39 38.27 -23.51
N THR J 259 78.59 37.18 -24.24
CA THR J 259 79.59 37.14 -25.30
C THR J 259 79.01 36.85 -26.68
N GLY J 260 77.92 36.10 -26.77
CA GLY J 260 77.33 35.75 -28.05
C GLY J 260 77.82 34.46 -28.65
N ASN J 261 78.51 33.62 -27.87
CA ASN J 261 79.01 32.34 -28.36
C ASN J 261 77.86 31.36 -28.49
N ASN J 262 77.54 30.96 -29.72
CA ASN J 262 76.49 29.97 -29.98
C ASN J 262 77.11 28.86 -30.81
N SER J 263 77.45 27.75 -30.16
CA SER J 263 78.12 26.64 -30.84
C SER J 263 77.18 25.78 -31.67
N ASN J 264 75.89 26.10 -31.69
CA ASN J 264 74.94 25.36 -32.51
C ASN J 264 74.77 25.98 -33.89
N TYR J 265 74.75 27.32 -33.97
CA TYR J 265 74.60 28.01 -35.23
C TYR J 265 75.85 28.77 -35.66
N GLY J 266 76.86 28.85 -34.80
CA GLY J 266 78.03 29.64 -35.07
C GLY J 266 77.98 30.97 -34.34
N THR J 267 79.16 31.53 -34.07
CA THR J 267 79.26 32.77 -33.31
C THR J 267 79.29 33.97 -34.24
N THR J 268 78.40 34.93 -33.99
CA THR J 268 78.41 36.17 -34.75
C THR J 268 79.66 36.98 -34.43
N ARG J 269 80.24 37.59 -35.46
CA ARG J 269 81.51 38.30 -35.32
C ARG J 269 81.28 39.80 -35.38
N ASN J 270 82.16 40.53 -34.69
CA ASN J 270 82.04 41.98 -34.61
C ASN J 270 82.33 42.62 -35.97
N PRO J 271 81.47 43.51 -36.44
CA PRO J 271 81.76 44.19 -37.72
C PRO J 271 83.02 45.03 -37.69
N HIS J 272 83.43 45.54 -36.53
CA HIS J 272 84.66 46.33 -36.45
C HIS J 272 85.91 45.47 -36.46
N ASP J 273 85.78 44.18 -36.17
CA ASP J 273 86.92 43.24 -36.16
C ASP J 273 86.39 41.82 -36.10
N PRO J 274 86.43 41.08 -37.23
CA PRO J 274 85.80 39.76 -37.26
C PRO J 274 86.41 38.75 -36.29
N LYS J 275 87.62 38.99 -35.79
CA LYS J 275 88.26 38.08 -34.85
C LYS J 275 87.86 38.36 -33.40
N ARG J 276 86.84 39.17 -33.18
CA ARG J 276 86.43 39.55 -31.84
C ARG J 276 84.94 39.28 -31.65
N TYR J 277 84.52 39.25 -30.40
CA TYR J 277 83.14 38.96 -30.05
C TYR J 277 82.25 40.16 -30.37
N THR J 278 80.94 39.88 -30.42
CA THR J 278 79.94 40.92 -30.61
C THR J 278 79.40 41.46 -29.29
N GLY J 279 79.30 40.62 -28.29
CA GLY J 279 78.63 40.99 -27.06
C GLY J 279 77.27 40.34 -26.96
N GLY J 280 76.99 39.74 -25.80
CA GLY J 280 75.74 39.01 -25.63
C GLY J 280 74.66 39.81 -24.95
N SER J 281 73.42 39.33 -25.06
CA SER J 281 73.15 38.10 -25.79
C SER J 281 72.65 38.40 -27.21
N SER J 282 72.39 39.67 -27.49
CA SER J 282 71.94 40.10 -28.82
C SER J 282 73.15 40.23 -29.76
N SER J 283 73.79 39.09 -30.02
CA SER J 283 74.94 39.07 -30.90
C SER J 283 74.54 39.37 -32.35
N GLY J 284 73.49 38.73 -32.84
CA GLY J 284 73.06 38.94 -34.21
C GLY J 284 72.39 40.29 -34.41
N SER J 285 71.58 40.71 -33.43
CA SER J 285 70.86 41.98 -33.58
C SER J 285 71.82 43.17 -33.62
N ALA J 286 72.87 43.13 -32.81
CA ALA J 286 73.79 44.26 -32.74
C ALA J 286 74.67 44.34 -33.97
N ALA J 287 75.15 43.18 -34.45
CA ALA J 287 76.07 43.19 -35.59
C ALA J 287 75.36 43.51 -36.90
N ILE J 288 74.09 43.10 -37.03
CA ILE J 288 73.37 43.34 -38.28
C ILE J 288 73.05 44.82 -38.43
N VAL J 289 72.92 45.55 -37.33
CA VAL J 289 72.66 46.98 -37.40
C VAL J 289 73.96 47.76 -37.58
N ALA J 290 75.03 47.33 -36.91
CA ALA J 290 76.33 47.99 -37.04
C ALA J 290 76.94 47.78 -38.42
N ALA J 291 76.54 46.73 -39.13
CA ALA J 291 77.01 46.48 -40.49
C ALA J 291 76.16 47.20 -41.54
N GLY J 292 75.16 47.97 -41.13
CA GLY J 292 74.37 48.74 -42.06
C GLY J 292 73.36 47.95 -42.86
N LEU J 293 73.06 46.70 -42.47
CA LEU J 293 72.10 45.91 -43.22
C LEU J 293 70.68 46.43 -43.01
N CYS J 294 70.23 46.48 -41.76
CA CYS J 294 68.92 47.02 -41.42
C CYS J 294 69.08 48.22 -40.49
N SER J 295 68.03 49.04 -40.44
CA SER J 295 68.12 50.31 -39.71
C SER J 295 68.15 50.08 -38.20
N ALA J 296 67.24 49.25 -37.70
CA ALA J 296 67.13 49.00 -36.27
C ALA J 296 66.83 47.52 -36.05
N ALA J 297 66.86 47.12 -34.78
CA ALA J 297 66.60 45.74 -34.41
C ALA J 297 66.15 45.70 -32.95
N LEU J 298 65.25 44.77 -32.65
CA LEU J 298 64.74 44.59 -31.30
C LEU J 298 65.56 43.54 -30.57
N GLY J 299 65.86 43.82 -29.30
CA GLY J 299 66.57 42.89 -28.45
C GLY J 299 65.94 42.86 -27.06
N THR J 300 66.57 42.10 -26.18
CA THR J 300 66.15 41.99 -24.79
C THR J 300 67.32 42.38 -23.89
N ASP J 301 66.98 42.78 -22.66
CA ASP J 301 68.01 43.23 -21.72
C ASP J 301 67.54 42.84 -20.31
N GLY J 302 68.08 41.73 -19.81
CA GLY J 302 67.87 41.33 -18.43
C GLY J 302 69.15 41.42 -17.63
N GLY J 303 70.28 41.56 -18.33
CA GLY J 303 71.58 41.69 -17.70
C GLY J 303 72.51 42.55 -18.52
N GLY J 304 71.98 43.25 -19.52
CA GLY J 304 72.76 44.13 -20.36
C GLY J 304 72.81 43.69 -21.80
N SER J 305 71.97 42.72 -22.18
CA SER J 305 72.00 42.13 -23.50
C SER J 305 71.62 43.09 -24.63
N VAL J 306 71.23 44.32 -24.32
CA VAL J 306 71.03 45.35 -25.32
C VAL J 306 72.14 46.41 -25.25
N ARG J 307 72.57 46.77 -24.05
CA ARG J 307 73.58 47.81 -23.89
C ARG J 307 74.99 47.26 -24.09
N ILE J 308 75.26 46.04 -23.64
CA ILE J 308 76.60 45.46 -23.79
C ILE J 308 76.99 45.29 -25.26
N PRO J 309 76.20 44.62 -26.11
CA PRO J 309 76.62 44.49 -27.52
C PRO J 309 76.55 45.79 -28.29
N SER J 310 75.77 46.77 -27.84
CA SER J 310 75.74 48.06 -28.49
C SER J 310 76.97 48.91 -28.17
N ALA J 311 77.63 48.65 -27.04
CA ALA J 311 78.87 49.34 -26.73
C ALA J 311 80.07 48.68 -27.39
N LEU J 312 79.98 47.39 -27.70
CA LEU J 312 81.07 46.69 -28.36
C LEU J 312 81.01 46.86 -29.89
N CYS J 313 79.81 46.85 -30.46
CA CYS J 313 79.62 47.06 -31.90
C CYS J 313 79.48 48.52 -32.28
N GLY J 314 79.52 49.44 -31.31
CA GLY J 314 79.48 50.86 -31.61
C GLY J 314 78.15 51.37 -32.13
N ILE J 315 77.04 50.95 -31.54
CA ILE J 315 75.72 51.45 -31.92
C ILE J 315 74.98 51.91 -30.68
N THR J 316 73.67 52.14 -30.81
CA THR J 316 72.83 52.65 -29.74
C THR J 316 71.86 51.56 -29.31
N GLY J 317 71.88 51.23 -28.02
CA GLY J 317 70.94 50.29 -27.46
C GLY J 317 70.16 50.89 -26.31
N LEU J 318 68.83 50.81 -26.36
CA LEU J 318 67.96 51.48 -25.40
C LEU J 318 67.37 50.43 -24.45
N LYS J 319 67.58 50.62 -23.16
CA LYS J 319 67.00 49.77 -22.11
C LYS J 319 65.89 50.58 -21.46
N THR J 320 64.64 50.21 -21.75
CA THR J 320 63.49 50.95 -21.24
C THR J 320 63.22 50.59 -19.77
N THR J 321 62.32 51.35 -19.17
CA THR J 321 61.88 51.08 -17.80
C THR J 321 61.14 49.74 -17.75
N TYR J 322 61.25 49.07 -16.61
CA TYR J 322 60.57 47.80 -16.44
C TYR J 322 59.07 47.96 -16.67
N GLY J 323 58.53 47.13 -17.57
CA GLY J 323 57.12 47.16 -17.87
C GLY J 323 56.67 48.22 -18.86
N ARG J 324 57.59 49.09 -19.31
CA ARG J 324 57.22 50.13 -20.26
C ARG J 324 56.81 49.52 -21.60
N THR J 325 57.58 48.56 -22.10
CA THR J 325 57.34 47.94 -23.39
C THR J 325 56.78 46.53 -23.17
N ASP J 326 55.66 46.24 -23.83
CA ASP J 326 54.95 44.98 -23.61
C ASP J 326 55.80 43.80 -24.06
N MET J 327 55.98 42.83 -23.17
CA MET J 327 56.77 41.64 -23.43
C MET J 327 55.93 40.43 -23.82
N THR J 328 54.65 40.62 -24.10
CA THR J 328 53.78 39.51 -24.47
C THR J 328 54.28 38.85 -25.74
N GLY J 329 54.52 37.54 -25.66
CA GLY J 329 54.99 36.80 -26.81
C GLY J 329 56.51 36.74 -26.91
N SER J 330 57.18 36.46 -25.79
CA SER J 330 58.62 36.35 -25.77
C SER J 330 59.03 35.35 -24.70
N LEU J 331 60.25 34.84 -24.81
CA LEU J 331 60.76 33.87 -23.87
C LEU J 331 61.09 34.47 -22.51
N CYS J 332 61.07 35.80 -22.38
CA CYS J 332 61.47 36.48 -21.16
C CYS J 332 60.31 37.10 -20.40
N GLU J 333 59.07 36.89 -20.85
CA GLU J 333 57.92 37.40 -20.12
C GLU J 333 57.77 36.66 -18.79
N GLY J 334 57.27 37.38 -17.79
CA GLY J 334 57.14 36.83 -16.46
C GLY J 334 58.37 36.99 -15.59
N GLY J 335 59.49 37.45 -16.15
CA GLY J 335 60.67 37.72 -15.37
C GLY J 335 60.49 38.95 -14.48
N THR J 336 61.61 39.41 -13.94
CA THR J 336 61.62 40.57 -13.05
C THR J 336 62.72 41.57 -13.37
N VAL J 337 63.49 41.35 -14.44
CA VAL J 337 64.58 42.26 -14.80
C VAL J 337 64.56 42.54 -16.29
N GLU J 338 63.98 41.65 -17.07
CA GLU J 338 64.07 41.71 -18.52
C GLU J 338 63.06 42.68 -19.11
N ILE J 339 63.43 43.28 -20.24
CA ILE J 339 62.54 44.13 -21.04
C ILE J 339 62.85 43.93 -22.51
N ILE J 340 62.16 44.68 -23.38
CA ILE J 340 62.41 44.68 -24.82
C ILE J 340 62.99 46.04 -25.18
N GLY J 341 64.17 46.04 -25.80
CA GLY J 341 64.84 47.26 -26.14
C GLY J 341 65.32 47.28 -27.59
N PRO J 342 65.28 48.46 -28.22
CA PRO J 342 65.74 48.57 -29.61
C PRO J 342 67.22 48.90 -29.73
N LEU J 343 67.84 48.30 -30.75
CA LEU J 343 69.20 48.61 -31.15
C LEU J 343 69.17 49.32 -32.50
N ALA J 344 69.82 50.47 -32.60
CA ALA J 344 69.81 51.25 -33.82
C ALA J 344 71.19 51.83 -34.07
N SER J 345 71.43 52.22 -35.33
CA SER J 345 72.72 52.78 -35.70
C SER J 345 72.92 54.19 -35.15
N SER J 346 71.83 54.96 -35.04
CA SER J 346 71.88 56.33 -34.54
C SER J 346 70.79 56.52 -33.50
N LEU J 347 70.91 57.62 -32.74
CA LEU J 347 69.94 57.91 -31.70
C LEU J 347 68.57 58.18 -32.29
N GLU J 348 68.52 58.83 -33.46
CA GLU J 348 67.24 59.18 -34.08
C GLU J 348 66.44 57.93 -34.45
N ASP J 349 67.13 56.87 -34.89
CA ASP J 349 66.43 55.66 -35.29
C ASP J 349 65.93 54.89 -34.06
N ALA J 350 66.71 54.86 -32.98
CA ALA J 350 66.26 54.20 -31.76
C ALA J 350 65.07 54.91 -31.14
N PHE J 351 64.98 56.23 -31.34
CA PHE J 351 63.87 56.99 -30.79
C PHE J 351 62.57 56.65 -31.49
N LEU J 352 62.59 56.51 -32.82
CA LEU J 352 61.36 56.23 -33.56
C LEU J 352 60.87 54.80 -33.33
N VAL J 353 61.79 53.85 -33.18
CA VAL J 353 61.37 52.48 -32.87
C VAL J 353 60.75 52.40 -31.48
N TYR J 354 61.33 53.12 -30.52
CA TYR J 354 60.76 53.16 -29.17
C TYR J 354 59.36 53.78 -29.21
N ALA J 355 59.15 54.78 -30.07
CA ALA J 355 57.85 55.42 -30.15
C ALA J 355 56.78 54.47 -30.66
N ALA J 356 57.14 53.49 -31.48
CA ALA J 356 56.17 52.58 -32.06
C ALA J 356 55.95 51.33 -31.20
N ILE J 357 56.96 50.89 -30.45
CA ILE J 357 56.87 49.65 -29.70
C ILE J 357 56.42 49.85 -28.26
N LEU J 358 56.46 51.08 -27.75
CA LEU J 358 56.09 51.30 -26.35
C LEU J 358 54.61 51.01 -26.14
N GLY J 359 54.25 50.82 -24.87
CA GLY J 359 52.91 50.44 -24.49
C GLY J 359 52.91 49.30 -23.51
N SER J 360 52.73 49.61 -22.22
CA SER J 360 52.77 48.59 -21.18
C SER J 360 51.70 47.53 -21.40
N SER J 361 51.93 46.36 -20.83
CA SER J 361 50.96 45.28 -20.91
C SER J 361 49.73 45.63 -20.07
N SER J 362 48.65 44.89 -20.31
CA SER J 362 47.40 45.17 -19.60
C SER J 362 47.53 44.91 -18.11
N ALA J 363 48.42 44.01 -17.70
CA ALA J 363 48.66 43.75 -16.29
C ALA J 363 49.65 44.71 -15.67
N ASP J 364 50.75 45.01 -16.37
CA ASP J 364 51.76 45.91 -15.83
C ASP J 364 51.23 47.33 -15.70
N ARG J 365 50.22 47.70 -16.50
CA ARG J 365 49.59 49.01 -16.35
C ARG J 365 48.90 49.13 -14.99
N TYR J 366 48.33 48.03 -14.50
CA TYR J 366 47.63 48.06 -13.22
C TYR J 366 48.57 47.85 -12.03
N ASN J 367 49.64 47.08 -12.21
CA ASN J 367 50.55 46.77 -11.11
C ASN J 367 51.64 47.82 -10.94
N LEU J 368 52.20 48.33 -12.04
CA LEU J 368 53.31 49.26 -11.97
C LEU J 368 52.88 50.72 -12.03
N LYS J 369 51.70 51.01 -12.58
CA LYS J 369 51.15 52.35 -12.71
C LYS J 369 52.19 53.28 -13.35
N PRO J 370 52.44 53.15 -14.64
CA PRO J 370 53.46 53.98 -15.28
C PRO J 370 52.92 55.36 -15.64
N SER J 371 53.84 56.33 -15.67
CA SER J 371 53.52 57.66 -16.16
C SER J 371 53.33 57.61 -17.67
N PRO J 372 52.57 58.54 -18.23
CA PRO J 372 52.37 58.55 -19.68
C PRO J 372 53.68 58.66 -20.40
N PRO J 373 53.81 58.02 -21.56
CA PRO J 373 55.09 58.06 -22.30
C PRO J 373 55.42 59.47 -22.76
N CYS J 374 56.70 59.82 -22.67
CA CYS J 374 57.17 61.15 -23.03
C CYS J 374 58.27 61.05 -24.08
N PHE J 375 58.19 61.92 -25.08
CA PHE J 375 59.21 62.04 -26.11
C PHE J 375 60.00 63.32 -25.87
N PRO J 376 61.33 63.25 -25.81
CA PRO J 376 62.12 64.46 -25.63
C PRO J 376 62.04 65.33 -26.87
N LYS J 377 61.95 66.65 -26.64
CA LYS J 377 62.01 67.61 -27.74
C LYS J 377 63.44 67.62 -28.28
N LEU J 378 63.72 66.66 -29.18
CA LEU J 378 65.07 66.52 -29.72
C LEU J 378 65.47 67.72 -30.56
N LEU J 379 64.50 68.42 -31.14
CA LEU J 379 64.80 69.73 -31.70
C LEU J 379 65.27 70.63 -30.58
N SER J 380 66.45 71.22 -30.73
CA SER J 380 66.92 72.19 -29.76
C SER J 380 65.91 73.31 -29.65
N HIS J 381 65.87 73.94 -28.48
CA HIS J 381 64.90 75.01 -28.27
C HIS J 381 65.61 76.36 -28.35
N ASN J 382 65.14 77.34 -27.59
CA ASN J 382 65.74 78.67 -27.61
C ASN J 382 67.19 78.62 -27.12
N GLY J 383 67.38 78.39 -25.83
CA GLY J 383 68.72 78.33 -25.27
C GLY J 383 68.65 77.91 -23.82
N SER J 384 69.80 77.44 -23.33
CA SER J 384 69.93 76.92 -21.97
C SER J 384 68.88 75.84 -21.72
N ASN J 385 68.97 74.78 -22.52
CA ASN J 385 68.00 73.69 -22.48
C ASN J 385 68.03 72.96 -21.15
N ALA J 386 67.10 72.02 -20.97
CA ALA J 386 67.08 71.20 -19.77
C ALA J 386 68.32 70.33 -19.64
N ILE J 387 69.11 70.18 -20.72
CA ILE J 387 70.34 69.41 -20.64
C ILE J 387 71.30 70.03 -19.62
N GLY J 388 71.37 71.37 -19.60
CA GLY J 388 72.31 72.03 -18.71
C GLY J 388 71.92 71.94 -17.24
N SER J 389 70.62 71.93 -16.95
CA SER J 389 70.12 71.86 -15.58
C SER J 389 70.13 70.45 -15.03
N LEU J 390 70.69 69.48 -15.75
CA LEU J 390 70.76 68.11 -15.27
C LEU J 390 72.01 67.91 -14.41
N ARG J 391 71.86 67.10 -13.36
CA ARG J 391 72.96 66.74 -12.48
C ARG J 391 73.40 65.31 -12.80
N LEU J 392 74.64 65.16 -13.20
CA LEU J 392 75.17 63.85 -13.60
C LEU J 392 75.83 63.20 -12.39
N GLY J 393 75.38 62.00 -12.04
CA GLY J 393 75.95 61.25 -10.94
C GLY J 393 77.06 60.33 -11.40
N LYS J 394 78.21 60.41 -10.74
CA LYS J 394 79.40 59.65 -11.13
C LYS J 394 80.10 59.13 -9.89
N TYR J 395 80.16 57.81 -9.75
CA TYR J 395 80.95 57.17 -8.70
C TYR J 395 82.38 57.04 -9.21
N THR J 396 83.29 57.81 -8.64
CA THR J 396 84.63 57.96 -9.20
C THR J 396 85.40 56.63 -9.19
N LYS J 397 85.56 56.04 -8.00
CA LYS J 397 86.33 54.80 -7.91
C LYS J 397 85.65 53.63 -8.62
N TRP J 398 84.35 53.73 -8.88
CA TRP J 398 83.64 52.74 -9.70
C TRP J 398 83.73 53.06 -11.18
N PHE J 399 83.81 54.35 -11.53
CA PHE J 399 83.94 54.75 -12.93
C PHE J 399 85.23 54.21 -13.52
N ASN J 400 86.35 54.39 -12.81
CA ASN J 400 87.67 54.08 -13.34
C ASN J 400 88.06 52.62 -13.18
N ASP J 401 87.20 51.78 -12.60
CA ASP J 401 87.49 50.36 -12.46
C ASP J 401 87.16 49.68 -13.78
N VAL J 402 88.07 49.83 -14.74
CA VAL J 402 87.93 49.26 -16.07
C VAL J 402 89.26 48.64 -16.48
N SER J 403 89.18 47.59 -17.30
CA SER J 403 90.36 46.88 -17.80
C SER J 403 90.95 47.52 -19.05
N SER J 404 90.79 48.83 -19.21
CA SER J 404 91.30 49.54 -20.38
C SER J 404 91.37 51.01 -20.04
N SER J 405 92.58 51.58 -20.02
CA SER J 405 92.76 52.98 -19.69
C SER J 405 92.19 53.92 -20.74
N ASP J 406 91.82 53.41 -21.92
CA ASP J 406 91.30 54.26 -22.98
C ASP J 406 89.81 54.56 -22.80
N ILE J 407 89.06 53.63 -22.20
CA ILE J 407 87.61 53.84 -22.06
C ILE J 407 87.27 54.67 -20.84
N SER J 408 88.18 54.77 -19.87
CA SER J 408 87.90 55.59 -18.69
C SER J 408 88.02 57.08 -19.01
N ASP J 409 88.91 57.44 -19.93
CA ASP J 409 89.12 58.85 -20.27
C ASP J 409 88.29 59.29 -21.46
N LYS J 410 87.96 58.37 -22.38
CA LYS J 410 87.11 58.73 -23.51
C LYS J 410 85.70 59.07 -23.05
N CYS J 411 85.24 58.45 -21.95
CA CYS J 411 83.98 58.86 -21.33
C CYS J 411 84.18 60.05 -20.40
N GLU J 412 85.37 60.19 -19.82
CA GLU J 412 85.66 61.36 -19.00
C GLU J 412 85.74 62.63 -19.86
N ASP J 413 86.18 62.50 -21.11
CA ASP J 413 86.21 63.65 -22.01
C ASP J 413 84.79 64.15 -22.32
N ILE J 414 83.85 63.23 -22.48
CA ILE J 414 82.47 63.63 -22.79
C ILE J 414 81.84 64.35 -21.60
N LEU J 415 82.24 64.01 -20.39
CA LEU J 415 81.71 64.71 -19.22
C LEU J 415 82.16 66.16 -19.18
N LYS J 416 83.46 66.40 -19.42
CA LYS J 416 83.94 67.77 -19.51
C LYS J 416 83.37 68.49 -20.74
N LEU J 417 83.15 67.74 -21.83
CA LEU J 417 82.51 68.33 -23.00
C LEU J 417 81.06 68.69 -22.72
N LEU J 418 80.37 67.91 -21.87
CA LEU J 418 79.00 68.22 -21.49
C LEU J 418 78.91 69.35 -20.47
N SER J 419 79.96 69.57 -19.68
CA SER J 419 79.94 70.64 -18.69
C SER J 419 80.26 72.00 -19.29
N ASN J 420 80.96 72.05 -20.43
CA ASN J 420 81.31 73.31 -21.07
C ASN J 420 80.35 73.71 -22.17
N ASN J 421 79.82 72.75 -22.93
CA ASN J 421 78.92 73.07 -24.03
C ASN J 421 77.46 73.16 -23.62
N HIS J 422 77.10 72.65 -22.44
CA HIS J 422 75.71 72.69 -22.00
C HIS J 422 75.61 73.21 -20.58
N GLY J 423 76.65 73.00 -19.77
CA GLY J 423 76.66 73.48 -18.41
C GLY J 423 76.20 72.49 -17.37
N CYS J 424 76.28 71.19 -17.65
CA CYS J 424 75.88 70.18 -16.68
C CYS J 424 76.85 70.14 -15.52
N LYS J 425 76.33 69.92 -14.32
CA LYS J 425 77.16 69.76 -13.13
C LYS J 425 77.29 68.29 -12.80
N VAL J 426 78.53 67.84 -12.61
CA VAL J 426 78.83 66.45 -12.28
C VAL J 426 78.96 66.36 -10.77
N VAL J 427 78.00 65.67 -10.14
CA VAL J 427 77.96 65.51 -8.69
C VAL J 427 78.55 64.15 -8.35
N GLU J 428 79.46 64.14 -7.37
CA GLU J 428 80.05 62.88 -6.92
C GLU J 428 79.04 62.12 -6.06
N ILE J 429 78.83 60.84 -6.40
CA ILE J 429 77.92 59.97 -5.67
C ILE J 429 78.68 58.72 -5.27
N VAL J 430 78.03 57.88 -4.49
CA VAL J 430 78.58 56.60 -4.06
C VAL J 430 77.45 55.57 -4.04
N VAL J 431 77.70 54.40 -4.62
CA VAL J 431 76.69 53.36 -4.73
C VAL J 431 77.05 52.24 -3.75
N PRO J 432 76.39 52.14 -2.61
CA PRO J 432 76.77 51.14 -1.61
C PRO J 432 76.33 49.73 -2.02
N GLU J 433 77.05 48.75 -1.48
CA GLU J 433 76.72 47.33 -1.62
C GLU J 433 76.64 46.93 -3.10
N LEU J 434 77.79 47.02 -3.77
CA LEU J 434 77.87 46.62 -5.17
C LEU J 434 77.96 45.11 -5.33
N GLU J 435 78.61 44.42 -4.38
CA GLU J 435 78.71 42.97 -4.46
C GLU J 435 77.36 42.30 -4.24
N GLU J 436 76.51 42.88 -3.38
CA GLU J 436 75.19 42.33 -3.15
C GLU J 436 74.33 42.42 -4.41
N MET J 437 74.49 43.51 -5.17
CA MET J 437 73.68 43.69 -6.38
C MET J 437 74.00 42.61 -7.41
N ARG J 438 75.27 42.22 -7.51
CA ARG J 438 75.65 41.20 -8.48
C ARG J 438 75.11 39.84 -8.07
N ALA J 439 75.25 39.49 -6.78
CA ALA J 439 74.78 38.20 -6.30
C ALA J 439 73.26 38.10 -6.38
N ALA J 440 72.56 39.19 -6.05
CA ALA J 440 71.11 39.18 -6.12
C ALA J 440 70.60 39.18 -7.56
N HIS J 441 71.44 39.57 -8.52
CA HIS J 441 70.99 39.63 -9.91
C HIS J 441 71.03 38.25 -10.56
N VAL J 442 72.15 37.55 -10.45
CA VAL J 442 72.32 36.26 -11.12
C VAL J 442 71.22 35.30 -10.71
N ILE J 443 70.78 35.38 -9.44
CA ILE J 443 69.70 34.51 -8.98
C ILE J 443 68.34 35.01 -9.43
N SER J 444 68.20 36.31 -9.71
CA SER J 444 66.94 36.84 -10.20
C SER J 444 66.78 36.71 -11.71
N ILE J 445 67.87 36.51 -12.45
CA ILE J 445 67.79 36.34 -13.91
C ILE J 445 67.87 34.86 -14.24
N GLY J 446 68.54 34.09 -13.39
CA GLY J 446 68.71 32.67 -13.65
C GLY J 446 67.51 31.82 -13.25
N SER J 447 66.95 32.11 -12.09
CA SER J 447 65.85 31.28 -11.57
C SER J 447 64.63 31.28 -12.47
N PRO J 448 64.10 32.43 -12.94
CA PRO J 448 62.93 32.35 -13.83
C PRO J 448 63.24 31.66 -15.15
N THR J 449 64.45 31.84 -15.68
CA THR J 449 64.81 31.15 -16.92
C THR J 449 64.88 29.64 -16.72
N LEU J 450 65.43 29.20 -15.58
CA LEU J 450 65.50 27.77 -15.30
C LEU J 450 64.11 27.19 -15.09
N SER J 451 63.24 27.91 -14.37
CA SER J 451 61.89 27.42 -14.15
C SER J 451 61.07 27.34 -15.43
N SER J 452 61.41 28.14 -16.44
CA SER J 452 60.65 28.13 -17.68
C SER J 452 60.95 26.90 -18.54
N LEU J 453 62.13 26.31 -18.38
CA LEU J 453 62.56 25.19 -19.20
C LEU J 453 62.72 23.89 -18.41
N THR J 454 62.48 23.91 -17.10
CA THR J 454 62.64 22.69 -16.31
C THR J 454 61.74 21.55 -16.78
N PRO J 455 60.45 21.75 -17.10
CA PRO J 455 59.67 20.64 -17.66
C PRO J 455 60.24 20.11 -18.98
N TYR J 456 60.96 20.95 -19.73
CA TYR J 456 61.57 20.49 -20.98
C TYR J 456 62.88 19.76 -20.72
N CYS J 457 63.65 20.22 -19.73
CA CYS J 457 64.93 19.59 -19.43
C CYS J 457 64.74 18.18 -18.88
N GLU J 458 63.84 18.04 -17.91
CA GLU J 458 63.58 16.72 -17.31
C GLU J 458 62.92 15.76 -18.29
N ALA J 459 62.40 16.25 -19.41
CA ALA J 459 61.85 15.38 -20.45
C ALA J 459 62.94 14.82 -21.36
N GLY J 460 64.21 15.08 -21.08
CA GLY J 460 65.31 14.57 -21.86
C GLY J 460 65.98 15.59 -22.77
N LYS J 461 65.39 16.76 -22.96
CA LYS J 461 65.95 17.77 -23.84
C LYS J 461 67.11 18.53 -23.22
N ASN J 462 67.53 18.20 -22.00
CA ASN J 462 68.64 18.91 -21.38
C ASN J 462 69.95 18.59 -22.09
N SER J 463 70.09 17.40 -22.65
CA SER J 463 71.30 17.03 -23.36
C SER J 463 71.45 17.80 -24.67
N LYS J 464 70.35 18.28 -25.25
CA LYS J 464 70.39 19.02 -26.51
C LYS J 464 70.71 20.50 -26.31
N LEU J 465 71.14 20.90 -25.12
CA LEU J 465 71.62 22.25 -24.87
C LEU J 465 73.14 22.27 -24.90
N SER J 466 73.70 23.41 -25.29
CA SER J 466 75.14 23.55 -25.35
C SER J 466 75.75 23.46 -23.95
N TYR J 467 77.06 23.23 -23.91
CA TYR J 467 77.75 23.15 -22.63
C TYR J 467 77.82 24.50 -21.92
N ASP J 468 77.68 25.60 -22.67
CA ASP J 468 77.68 26.92 -22.05
C ASP J 468 76.43 27.13 -21.19
N THR J 469 75.27 26.67 -21.69
CA THR J 469 74.03 26.84 -20.94
C THR J 469 73.97 25.88 -19.75
N ARG J 470 74.37 24.62 -19.94
CA ARG J 470 74.31 23.63 -18.89
C ARG J 470 75.26 23.95 -17.73
N THR J 471 76.32 24.73 -17.97
CA THR J 471 77.14 25.21 -16.86
C THR J 471 76.38 26.21 -16.00
N SER J 472 75.63 27.11 -16.65
CA SER J 472 74.85 28.09 -15.90
C SER J 472 73.65 27.45 -15.21
N PHE J 473 72.99 26.49 -15.88
CA PHE J 473 71.86 25.82 -15.27
C PHE J 473 72.30 24.97 -14.08
N ALA J 474 73.49 24.36 -14.15
CA ALA J 474 74.01 23.61 -13.02
C ALA J 474 74.25 24.51 -11.81
N ILE J 475 74.58 25.78 -12.06
CA ILE J 475 74.72 26.74 -10.97
C ILE J 475 73.36 27.26 -10.54
N PHE J 476 72.43 27.43 -11.48
CA PHE J 476 71.11 27.97 -11.14
C PHE J 476 70.29 26.97 -10.33
N ARG J 477 70.49 25.66 -10.54
CA ARG J 477 69.82 24.67 -9.71
C ARG J 477 70.33 24.66 -8.28
N SER J 478 71.46 25.30 -8.02
CA SER J 478 72.04 25.38 -6.69
C SER J 478 71.44 26.49 -5.83
N PHE J 479 70.59 27.33 -6.41
CA PHE J 479 69.94 28.41 -5.67
C PHE J 479 68.65 27.89 -5.05
N SER J 480 68.59 27.86 -3.73
CA SER J 480 67.43 27.35 -3.02
C SER J 480 66.31 28.40 -3.00
N ALA J 481 65.14 27.97 -2.51
CA ALA J 481 64.03 28.90 -2.38
C ALA J 481 64.30 29.93 -1.29
N SER J 482 65.09 29.58 -0.27
CA SER J 482 65.45 30.56 0.75
C SER J 482 66.48 31.56 0.22
N ASP J 483 67.28 31.17 -0.76
CA ASP J 483 68.23 32.09 -1.35
C ASP J 483 67.52 33.19 -2.14
N TYR J 484 66.49 32.82 -2.90
CA TYR J 484 65.78 33.81 -3.72
C TYR J 484 65.11 34.85 -2.85
N ILE J 485 64.56 34.44 -1.70
CA ILE J 485 63.96 35.40 -0.77
C ILE J 485 65.03 36.36 -0.25
N ALA J 486 66.23 35.84 0.03
CA ALA J 486 67.30 36.68 0.54
C ALA J 486 67.73 37.71 -0.49
N ALA J 487 67.67 37.37 -1.78
CA ALA J 487 68.08 38.31 -2.81
C ALA J 487 67.05 39.43 -2.97
N GLN J 488 65.76 39.10 -2.87
CA GLN J 488 64.73 40.12 -2.99
C GLN J 488 64.78 41.11 -1.83
N CYS J 489 65.22 40.65 -0.66
CA CYS J 489 65.48 41.58 0.43
C CYS J 489 66.63 42.51 0.11
N LEU J 490 67.64 42.02 -0.62
CA LEU J 490 68.70 42.90 -1.10
C LEU J 490 68.20 43.83 -2.20
N ARG J 491 67.26 43.37 -3.03
CA ARG J 491 66.74 44.22 -4.09
C ARG J 491 66.07 45.47 -3.53
N ARG J 492 65.51 45.38 -2.32
CA ARG J 492 64.96 46.58 -1.68
C ARG J 492 66.07 47.48 -1.13
N ARG J 493 67.18 46.89 -0.69
CA ARG J 493 68.29 47.70 -0.18
C ARG J 493 68.89 48.55 -1.30
N LEU J 494 69.19 47.93 -2.44
CA LEU J 494 69.70 48.70 -3.57
C LEU J 494 68.66 49.69 -4.10
N MET J 495 67.38 49.34 -4.00
CA MET J 495 66.33 50.25 -4.45
C MET J 495 66.29 51.50 -3.59
N GLU J 496 66.42 51.34 -2.26
CA GLU J 496 66.42 52.51 -1.38
C GLU J 496 67.66 53.37 -1.59
N TYR J 497 68.79 52.75 -1.96
CA TYR J 497 70.00 53.52 -2.22
C TYR J 497 69.86 54.35 -3.48
N HIS J 498 69.51 53.71 -4.60
CA HIS J 498 69.42 54.42 -5.87
C HIS J 498 68.32 55.47 -5.87
N LEU J 499 67.22 55.22 -5.16
CA LEU J 499 66.18 56.24 -5.05
C LEU J 499 66.65 57.43 -4.24
N ASN J 500 67.52 57.22 -3.24
CA ASN J 500 68.09 58.34 -2.51
C ASN J 500 69.14 59.07 -3.36
N ILE J 501 69.81 58.36 -4.26
CA ILE J 501 70.72 59.03 -5.17
C ILE J 501 69.96 59.94 -6.12
N PHE J 502 68.82 59.47 -6.63
CA PHE J 502 67.99 60.29 -7.53
C PHE J 502 67.41 61.51 -6.84
N LYS J 503 67.52 61.62 -5.52
CA LYS J 503 67.20 62.88 -4.85
C LYS J 503 68.25 63.93 -5.13
N ASP J 504 69.50 63.52 -5.37
CA ASP J 504 70.62 64.42 -5.60
C ASP J 504 70.92 64.64 -7.07
N VAL J 505 71.01 63.57 -7.85
CA VAL J 505 71.33 63.66 -9.27
C VAL J 505 70.13 63.21 -10.09
N ASP J 506 70.14 63.61 -11.36
CA ASP J 506 69.06 63.27 -12.28
C ASP J 506 69.34 61.97 -13.03
N VAL J 507 70.56 61.78 -13.52
CA VAL J 507 70.97 60.57 -14.20
C VAL J 507 72.30 60.10 -13.62
N ILE J 508 72.65 58.86 -13.92
CA ILE J 508 73.90 58.25 -13.47
C ILE J 508 74.69 57.84 -14.70
N VAL J 509 75.86 58.44 -14.89
CA VAL J 509 76.69 58.21 -16.07
C VAL J 509 77.86 57.32 -15.70
N THR J 510 78.05 56.26 -16.47
CA THR J 510 79.14 55.32 -16.31
C THR J 510 79.48 54.75 -17.68
N PRO J 511 80.68 54.22 -17.87
CA PRO J 511 80.95 53.46 -19.10
C PRO J 511 80.11 52.19 -19.14
N THR J 512 79.72 51.78 -20.35
CA THR J 512 78.83 50.63 -20.48
C THR J 512 79.53 49.34 -20.09
N THR J 513 80.78 49.16 -20.53
CA THR J 513 81.57 47.98 -20.20
C THR J 513 82.94 48.41 -19.72
N GLY J 514 83.64 47.48 -19.08
CA GLY J 514 84.96 47.76 -18.57
C GLY J 514 86.07 47.26 -19.48
N MET J 515 85.73 47.05 -20.75
CA MET J 515 86.68 46.52 -21.73
C MET J 515 86.11 46.73 -23.11
N THR J 516 86.99 46.73 -24.10
CA THR J 516 86.58 46.82 -25.51
C THR J 516 86.14 45.44 -25.98
N ALA J 517 85.93 45.29 -27.28
CA ALA J 517 85.49 44.02 -27.85
C ALA J 517 86.55 42.95 -27.61
N PRO J 518 86.24 41.90 -26.85
CA PRO J 518 87.25 40.89 -26.55
C PRO J 518 87.49 39.95 -27.72
N VAL J 519 88.68 39.36 -27.71
CA VAL J 519 89.07 38.41 -28.76
C VAL J 519 88.48 37.05 -28.46
N ILE J 520 88.09 36.34 -29.52
CA ILE J 520 87.49 35.01 -29.40
C ILE J 520 88.62 33.99 -29.36
N PRO J 521 88.74 33.19 -28.31
CA PRO J 521 89.71 32.09 -28.32
C PRO J 521 89.30 31.05 -29.34
N PRO J 522 90.22 30.65 -30.23
CA PRO J 522 89.83 29.77 -31.34
C PRO J 522 89.34 28.41 -30.88
N ASP J 523 89.76 27.93 -29.72
CA ASP J 523 89.28 26.64 -29.22
C ASP J 523 87.84 26.72 -28.72
N ALA J 524 87.34 27.92 -28.45
CA ALA J 524 85.97 28.10 -27.98
C ALA J 524 84.94 28.05 -29.09
N LEU J 525 85.37 28.09 -30.36
CA LEU J 525 84.43 28.07 -31.47
C LEU J 525 83.82 26.70 -31.71
N LYS J 526 84.39 25.64 -31.12
CA LYS J 526 83.87 24.29 -31.38
C LYS J 526 82.60 24.04 -30.57
N ASN J 527 82.73 23.88 -29.26
CA ASN J 527 81.62 23.57 -28.37
C ASN J 527 81.47 24.62 -27.28
N GLY J 528 81.65 25.90 -27.63
CA GLY J 528 81.50 26.97 -26.67
C GLY J 528 82.65 27.02 -25.67
N GLU J 529 82.41 27.79 -24.61
CA GLU J 529 83.41 27.97 -23.56
C GLU J 529 82.72 28.39 -22.28
N THR J 530 83.41 28.17 -21.16
CA THR J 530 83.00 28.71 -19.87
C THR J 530 84.05 29.74 -19.44
N ASN J 531 83.57 30.94 -19.11
CA ASN J 531 84.47 32.02 -18.73
C ASN J 531 83.72 33.04 -17.91
N ILE J 532 83.30 32.64 -16.70
CA ILE J 532 82.45 33.48 -15.87
C ILE J 532 83.15 34.76 -15.45
N GLN J 533 84.48 34.77 -15.46
CA GLN J 533 85.20 36.00 -15.11
C GLN J 533 84.97 37.09 -16.15
N VAL J 534 85.03 36.74 -17.44
CA VAL J 534 84.86 37.72 -18.50
C VAL J 534 83.39 37.99 -18.77
N THR J 535 82.55 36.96 -18.69
CA THR J 535 81.11 37.17 -18.86
C THR J 535 80.56 38.11 -17.79
N THR J 536 81.08 38.03 -16.56
CA THR J 536 80.63 38.90 -15.49
C THR J 536 81.27 40.28 -15.57
N ASP J 537 82.55 40.33 -15.95
CA ASP J 537 83.24 41.61 -16.05
C ASP J 537 82.60 42.54 -17.08
N LEU J 538 81.82 42.00 -18.00
CA LEU J 538 81.07 42.82 -18.95
C LEU J 538 79.79 43.39 -18.36
N MET J 539 79.31 42.84 -17.24
CA MET J 539 78.08 43.28 -16.60
C MET J 539 78.33 44.18 -15.39
N ARG J 540 79.58 44.56 -15.14
CA ARG J 540 79.89 45.31 -13.92
C ARG J 540 79.36 46.75 -13.94
N PHE J 541 78.63 47.15 -14.98
CA PHE J 541 78.05 48.49 -15.04
C PHE J 541 76.59 48.52 -15.43
N VAL J 542 76.04 47.45 -16.01
CA VAL J 542 74.69 47.49 -16.57
C VAL J 542 73.66 46.74 -15.72
N LEU J 543 74.08 46.04 -14.67
CA LEU J 543 73.12 45.29 -13.86
C LEU J 543 72.25 46.20 -13.00
N ALA J 544 72.64 47.46 -12.82
CA ALA J 544 71.87 48.36 -11.98
C ALA J 544 70.47 48.60 -12.53
N ALA J 545 70.38 48.84 -13.85
CA ALA J 545 69.08 49.11 -14.46
C ALA J 545 68.19 47.88 -14.51
N ASN J 546 68.78 46.67 -14.51
CA ASN J 546 67.98 45.46 -14.62
C ASN J 546 67.32 45.09 -13.29
N LEU J 547 68.11 45.04 -12.22
CA LEU J 547 67.56 44.65 -10.92
C LEU J 547 66.60 45.70 -10.38
N LEU J 548 66.78 46.97 -10.75
CA LEU J 548 65.98 48.06 -10.21
C LEU J 548 64.97 48.62 -11.20
N GLY J 549 65.00 48.18 -12.46
CA GLY J 549 63.99 48.59 -13.44
C GLY J 549 64.19 49.95 -14.05
N PHE J 550 65.28 50.65 -13.73
CA PHE J 550 65.50 51.98 -14.27
C PHE J 550 65.77 51.91 -15.78
N PRO J 551 65.45 52.97 -16.51
CA PRO J 551 65.85 53.03 -17.91
C PRO J 551 67.32 53.40 -18.05
N ALA J 552 67.95 52.82 -19.07
CA ALA J 552 69.34 53.11 -19.37
C ALA J 552 69.57 53.00 -20.86
N ILE J 553 70.64 53.63 -21.34
CA ILE J 553 70.95 53.66 -22.76
C ILE J 553 72.46 53.56 -22.93
N SER J 554 72.88 53.05 -24.09
CA SER J 554 74.29 52.91 -24.43
C SER J 554 74.57 53.73 -25.69
N VAL J 555 75.51 54.66 -25.58
CA VAL J 555 75.79 55.59 -26.68
C VAL J 555 77.30 55.53 -26.99
N PRO J 556 77.69 55.57 -28.27
CA PRO J 556 79.12 55.58 -28.59
C PRO J 556 79.76 56.93 -28.30
N VAL J 557 80.97 56.90 -27.75
CA VAL J 557 81.65 58.12 -27.33
C VAL J 557 83.11 58.10 -27.77
N GLY J 558 83.40 57.42 -28.88
CA GLY J 558 84.74 57.40 -29.43
C GLY J 558 85.30 55.99 -29.49
N TYR J 559 86.61 55.92 -29.73
CA TYR J 559 87.32 54.66 -29.93
C TYR J 559 88.58 54.63 -29.08
N ASP J 560 89.17 53.44 -28.97
CA ASP J 560 90.35 53.25 -28.14
C ASP J 560 91.62 53.20 -28.99
N LYS J 561 92.64 52.50 -28.50
CA LYS J 561 93.92 52.44 -29.22
C LYS J 561 93.81 51.62 -30.50
N GLU J 562 93.21 50.43 -30.41
CA GLU J 562 93.11 49.53 -31.55
C GLU J 562 91.89 49.81 -32.42
N GLY J 563 91.22 50.94 -32.23
CA GLY J 563 90.11 51.30 -33.07
C GLY J 563 88.79 50.64 -32.75
N LEU J 564 88.63 50.10 -31.51
CA LEU J 564 87.38 49.47 -31.12
C LEU J 564 86.46 50.48 -30.43
N PRO J 565 85.15 50.34 -30.61
CA PRO J 565 84.23 51.34 -30.05
C PRO J 565 84.17 51.28 -28.52
N ILE J 566 83.81 52.42 -27.95
CA ILE J 566 83.66 52.57 -26.50
C ILE J 566 82.23 53.03 -26.22
N GLY J 567 81.63 52.47 -25.17
CA GLY J 567 80.24 52.75 -24.83
C GLY J 567 80.11 53.56 -23.55
N LEU J 568 79.19 54.52 -23.56
CA LEU J 568 78.86 55.33 -22.40
C LEU J 568 77.39 55.10 -22.04
N GLN J 569 77.14 54.75 -20.79
CA GLN J 569 75.80 54.41 -20.32
C GLN J 569 75.22 55.54 -19.49
N ILE J 570 74.02 55.97 -19.85
CA ILE J 570 73.27 56.96 -19.09
C ILE J 570 72.02 56.27 -18.55
N MET J 571 71.84 56.32 -17.22
CA MET J 571 70.72 55.68 -16.56
C MET J 571 70.00 56.72 -15.71
N GLY J 572 68.69 56.88 -15.95
CA GLY J 572 67.93 57.92 -15.29
C GLY J 572 66.81 57.45 -14.40
N ARG J 573 65.96 58.39 -13.96
CA ARG J 573 64.87 58.09 -13.04
C ARG J 573 63.87 57.14 -13.68
N PRO J 574 63.04 56.47 -12.86
CA PRO J 574 62.01 55.61 -13.42
C PRO J 574 61.08 56.37 -14.35
N TRP J 575 60.71 55.71 -15.44
CA TRP J 575 59.84 56.27 -16.50
C TRP J 575 60.43 57.54 -17.11
N ALA J 576 61.74 57.74 -17.01
CA ALA J 576 62.36 58.94 -17.56
C ALA J 576 63.16 58.63 -18.82
N GLU J 577 62.52 57.98 -19.79
CA GLU J 577 63.20 57.72 -21.06
C GLU J 577 63.53 59.03 -21.79
N ALA J 578 62.64 60.03 -21.69
CA ALA J 578 62.88 61.30 -22.35
C ALA J 578 64.07 62.04 -21.75
N THR J 579 64.33 61.84 -20.44
CA THR J 579 65.51 62.44 -19.83
C THR J 579 66.78 61.78 -20.34
N VAL J 580 66.74 60.46 -20.52
CA VAL J 580 67.93 59.74 -20.98
C VAL J 580 68.15 59.93 -22.47
N LEU J 581 67.07 59.89 -23.26
CA LEU J 581 67.20 60.11 -24.70
C LEU J 581 67.68 61.52 -25.00
N GLY J 582 67.22 62.50 -24.23
CA GLY J 582 67.63 63.88 -24.47
C GLY J 582 69.11 64.11 -24.22
N LEU J 583 69.64 63.57 -23.12
CA LEU J 583 71.06 63.71 -22.83
C LEU J 583 71.89 62.87 -23.78
N ALA J 584 71.39 61.68 -24.16
CA ALA J 584 72.13 60.83 -25.10
C ALA J 584 72.23 61.47 -26.48
N ALA J 585 71.25 62.30 -26.85
CA ALA J 585 71.34 63.01 -28.12
C ALA J 585 72.43 64.09 -28.07
N ALA J 586 72.54 64.79 -26.94
CA ALA J 586 73.58 65.80 -26.77
C ALA J 586 74.97 65.18 -26.69
N VAL J 587 75.05 63.87 -26.44
CA VAL J 587 76.35 63.20 -26.43
C VAL J 587 76.78 62.84 -27.85
N GLU J 588 75.85 62.34 -28.66
CA GLU J 588 76.16 62.02 -30.05
C GLU J 588 76.49 63.26 -30.86
N GLU J 589 76.01 64.44 -30.45
CA GLU J 589 76.40 65.67 -31.13
C GLU J 589 77.84 66.07 -30.80
N LEU J 590 78.38 65.61 -29.66
CA LEU J 590 79.75 65.92 -29.28
C LEU J 590 80.73 64.83 -29.69
N ALA J 591 80.27 63.62 -29.99
CA ALA J 591 81.14 62.53 -30.42
C ALA J 591 80.36 61.61 -31.35
N PRO J 592 80.22 61.99 -32.61
CA PRO J 592 79.45 61.15 -33.55
C PRO J 592 80.27 59.99 -34.08
N VAL J 593 79.55 58.99 -34.60
CA VAL J 593 80.19 57.83 -35.18
C VAL J 593 80.88 58.26 -36.48
N THR J 594 82.18 58.01 -36.56
CA THR J 594 82.96 58.49 -37.70
C THR J 594 83.77 57.37 -38.36
N LYS J 595 84.18 56.37 -37.57
CA LYS J 595 84.99 55.29 -38.10
C LYS J 595 84.11 54.28 -38.83
N LYS J 596 84.62 53.76 -39.93
CA LYS J 596 83.91 52.73 -40.69
C LYS J 596 84.28 51.35 -40.15
N PRO J 597 83.30 50.52 -39.82
CA PRO J 597 83.61 49.14 -39.45
C PRO J 597 84.15 48.36 -40.63
N ALA J 598 84.99 47.36 -40.32
CA ALA J 598 85.53 46.51 -41.38
C ALA J 598 84.42 45.87 -42.21
N ILE J 599 83.47 45.24 -41.54
CA ILE J 599 82.33 44.61 -42.21
C ILE J 599 81.19 45.62 -42.22
N PHE J 600 80.96 46.25 -43.37
CA PHE J 600 79.88 47.20 -43.53
C PHE J 600 79.43 47.20 -44.99
N TYR J 601 78.12 47.37 -45.20
CA TYR J 601 77.53 47.40 -46.53
C TYR J 601 76.60 48.60 -46.65
N ASP J 602 76.47 49.12 -47.87
CA ASP J 602 75.61 50.25 -48.16
C ASP J 602 74.43 49.77 -49.00
N ILE J 603 73.22 49.88 -48.43
CA ILE J 603 72.01 49.48 -49.14
C ILE J 603 71.47 50.60 -50.00
N LEU J 604 71.44 51.83 -49.47
CA LEU J 604 71.05 53.01 -50.23
C LEU J 604 72.23 53.42 -51.10
N ASN J 605 72.28 52.87 -52.30
CA ASN J 605 73.36 53.18 -53.23
C ASN J 605 73.08 54.46 -54.00
N THR J 606 72.42 55.42 -53.36
CA THR J 606 72.09 56.69 -54.00
C THR J 606 73.26 57.66 -54.04
N ASN J 607 74.45 57.25 -53.60
CA ASN J 607 75.60 58.15 -53.54
C ASN J 607 76.80 57.55 -54.26
N LYS J 608 77.18 56.33 -53.88
CA LYS J 608 78.29 55.62 -54.49
C LYS J 608 77.77 54.38 -55.20
N GLY J 609 78.19 54.19 -56.45
CA GLY J 609 77.80 53.03 -57.21
C GLY J 609 78.50 51.76 -56.76
N GLU J 610 78.54 50.76 -57.64
CA GLU J 610 79.19 49.49 -57.34
C GLU J 610 80.65 49.47 -57.78
N PHE J 611 81.20 50.61 -58.20
CA PHE J 611 82.49 50.65 -58.87
C PHE J 611 83.56 51.45 -58.13
N GLU J 612 83.18 52.32 -57.20
CA GLU J 612 84.13 53.25 -56.58
C GLU J 612 85.37 52.52 -56.05
N ALA J 613 86.53 53.14 -56.25
CA ALA J 613 87.81 52.55 -55.87
C ALA J 613 88.24 53.14 -54.53
N TYR J 614 87.72 52.53 -53.46
CA TYR J 614 87.95 53.00 -52.09
C TYR J 614 89.17 52.36 -51.45
N VAL J 615 89.94 51.56 -52.20
CA VAL J 615 91.04 50.81 -51.62
C VAL J 615 92.07 51.76 -51.01
N GLU J 616 92.43 51.52 -49.75
CA GLU J 616 93.41 52.34 -49.05
C GLU J 616 94.80 52.14 -49.63
N TYR K 4 3.24 -34.62 -66.91
CA TYR K 4 3.20 -36.02 -66.47
C TYR K 4 2.97 -36.97 -67.64
N GLN K 5 1.80 -36.88 -68.26
CA GLN K 5 1.42 -37.76 -69.36
C GLN K 5 0.82 -36.95 -70.50
N VAL K 6 0.95 -37.46 -71.71
CA VAL K 6 0.45 -36.81 -72.91
C VAL K 6 -0.82 -37.51 -73.37
N MET K 7 -1.83 -36.72 -73.76
CA MET K 7 -3.11 -37.22 -74.23
C MET K 7 -3.22 -37.00 -75.73
N LYS K 8 -3.74 -38.00 -76.43
CA LYS K 8 -3.86 -37.97 -77.89
C LYS K 8 -5.32 -37.98 -78.33
N ARG K 9 -5.57 -37.38 -79.48
CA ARG K 9 -6.82 -37.48 -80.20
C ARG K 9 -6.50 -37.84 -81.64
N ALA K 10 -7.46 -38.50 -82.31
CA ALA K 10 -7.17 -39.09 -83.61
C ALA K 10 -8.06 -38.44 -84.67
N SER K 11 -9.20 -39.05 -85.01
CA SER K 11 -9.99 -38.59 -86.15
C SER K 11 -10.74 -37.29 -85.85
N GLU K 12 -10.20 -36.48 -84.94
CA GLU K 12 -10.75 -35.17 -84.65
C GLU K 12 -9.70 -34.07 -84.64
N VAL K 13 -8.44 -34.38 -84.96
CA VAL K 13 -7.41 -33.36 -85.00
C VAL K 13 -7.60 -32.48 -86.23
N ASP K 14 -7.21 -31.22 -86.12
CA ASP K 14 -7.29 -30.27 -87.22
C ASP K 14 -6.02 -30.39 -88.06
N LEU K 15 -6.18 -30.69 -89.34
CA LEU K 15 -5.02 -30.85 -90.21
C LEU K 15 -4.25 -29.54 -90.37
N SER K 16 -4.93 -28.40 -90.24
CA SER K 16 -4.24 -27.12 -90.29
C SER K 16 -3.36 -26.90 -89.07
N THR K 17 -3.67 -27.57 -87.96
CA THR K 17 -2.86 -27.44 -86.75
C THR K 17 -1.61 -28.31 -86.80
N VAL K 18 -1.61 -29.38 -87.60
CA VAL K 18 -0.53 -30.35 -87.65
C VAL K 18 0.79 -29.68 -88.00
N LYS K 19 1.72 -29.66 -87.06
CA LYS K 19 3.07 -29.18 -87.32
C LYS K 19 3.91 -30.29 -87.93
N TYR K 20 4.96 -29.90 -88.64
CA TYR K 20 5.87 -30.85 -89.28
C TYR K 20 7.07 -31.06 -88.37
N LYS K 21 7.07 -32.17 -87.64
CA LYS K 21 8.16 -32.52 -86.75
C LYS K 21 9.13 -33.45 -87.48
N ALA K 22 10.38 -32.99 -87.65
CA ALA K 22 11.36 -33.69 -88.46
C ALA K 22 12.65 -33.89 -87.68
N GLU K 23 12.55 -34.41 -86.46
CA GLU K 23 13.75 -34.74 -85.70
C GLU K 23 14.41 -35.97 -86.28
N THR K 24 15.70 -35.85 -86.59
CA THR K 24 16.46 -36.97 -87.15
C THR K 24 16.87 -37.91 -86.03
N MET K 25 17.67 -38.93 -86.36
CA MET K 25 18.04 -39.98 -85.42
C MET K 25 19.39 -39.66 -84.79
N LYS K 26 19.46 -39.79 -83.46
CA LYS K 26 20.67 -39.51 -82.70
C LYS K 26 21.28 -40.83 -82.23
N ALA K 27 22.40 -41.21 -82.83
CA ALA K 27 23.06 -42.46 -82.49
C ALA K 27 24.53 -42.36 -82.85
N PRO K 28 25.41 -43.05 -82.10
CA PRO K 28 26.84 -42.95 -82.39
C PRO K 28 27.21 -43.62 -83.70
N HIS K 29 28.38 -43.24 -84.20
CA HIS K 29 28.96 -43.79 -85.43
C HIS K 29 30.27 -44.46 -85.05
N LEU K 30 30.25 -45.79 -84.96
CA LEU K 30 31.39 -46.56 -84.50
C LEU K 30 31.75 -47.62 -85.52
N THR K 31 33.04 -47.77 -85.79
CA THR K 31 33.54 -48.74 -86.75
C THR K 31 34.74 -49.47 -86.16
N GLY K 32 35.14 -50.55 -86.82
CA GLY K 32 36.37 -51.24 -86.44
C GLY K 32 36.27 -51.87 -85.06
N LEU K 33 37.26 -51.55 -84.21
CA LEU K 33 37.34 -52.16 -82.89
C LEU K 33 36.40 -51.51 -81.89
N SER K 34 36.21 -50.19 -81.99
CA SER K 34 35.25 -49.52 -81.12
C SER K 34 33.84 -50.06 -81.32
N PHE K 35 33.55 -50.54 -82.53
CA PHE K 35 32.27 -51.22 -82.77
C PHE K 35 32.20 -52.53 -81.99
N LYS K 36 33.30 -53.29 -81.99
CA LYS K 36 33.30 -54.58 -81.30
C LYS K 36 33.11 -54.40 -79.80
N LEU K 37 33.80 -53.42 -79.21
CA LEU K 37 33.63 -53.18 -77.78
C LEU K 37 32.23 -52.66 -77.46
N PHE K 38 31.68 -51.82 -78.34
CA PHE K 38 30.33 -51.30 -78.12
C PHE K 38 29.29 -52.40 -78.24
N VAL K 39 29.52 -53.39 -79.13
CA VAL K 39 28.60 -54.52 -79.24
C VAL K 39 28.62 -55.35 -77.96
N ASN K 40 29.81 -55.70 -77.49
CA ASN K 40 29.91 -56.46 -76.24
C ASN K 40 29.37 -55.66 -75.06
N LEU K 41 29.51 -54.33 -75.08
CA LEU K 41 28.91 -53.51 -74.05
C LEU K 41 27.39 -53.56 -74.12
N LEU K 42 26.83 -53.62 -75.33
CA LEU K 42 25.39 -53.76 -75.48
C LEU K 42 24.92 -55.12 -75.02
N GLU K 43 25.69 -56.17 -75.32
CA GLU K 43 25.34 -57.52 -74.92
C GLU K 43 25.74 -57.84 -73.48
N ALA K 44 26.33 -56.88 -72.76
CA ALA K 44 26.70 -57.10 -71.38
C ALA K 44 25.46 -57.01 -70.47
N PRO K 45 25.49 -57.69 -69.32
CA PRO K 45 24.31 -57.73 -68.43
C PRO K 45 23.72 -56.37 -68.09
N LEU K 46 24.26 -55.69 -67.08
CA LEU K 46 23.61 -54.51 -66.55
C LEU K 46 23.84 -53.28 -67.43
N ILE K 47 25.09 -53.07 -67.87
CA ILE K 47 25.39 -51.87 -68.65
C ILE K 47 24.74 -51.94 -70.02
N GLY K 48 24.47 -53.15 -70.52
CA GLY K 48 23.88 -53.28 -71.84
C GLY K 48 22.49 -52.67 -71.92
N SER K 49 21.67 -52.87 -70.89
CA SER K 49 20.32 -52.31 -70.89
C SER K 49 20.34 -50.80 -70.73
N LEU K 50 21.32 -50.26 -70.01
CA LEU K 50 21.38 -48.81 -69.79
C LEU K 50 21.70 -48.07 -71.07
N ILE K 51 22.57 -48.64 -71.91
CA ILE K 51 22.92 -47.99 -73.17
C ILE K 51 21.73 -47.97 -74.12
N VAL K 52 21.00 -49.08 -74.20
CA VAL K 52 19.85 -49.15 -75.09
C VAL K 52 18.72 -48.26 -74.58
N ASP K 53 18.44 -48.31 -73.28
CA ASP K 53 17.41 -47.45 -72.71
C ASP K 53 17.78 -45.98 -72.81
N TYR K 54 19.06 -45.66 -72.90
CA TYR K 54 19.45 -44.27 -73.14
C TYR K 54 19.18 -43.85 -74.58
N LEU K 55 19.38 -44.78 -75.52
CA LEU K 55 19.13 -44.46 -76.92
C LEU K 55 17.64 -44.28 -77.19
N LYS K 56 16.78 -45.05 -76.52
CA LYS K 56 15.35 -44.91 -76.71
C LYS K 56 14.83 -43.63 -76.09
N LYS K 57 15.31 -43.28 -74.89
CA LYS K 57 14.85 -42.06 -74.24
C LYS K 57 15.39 -40.83 -74.95
N ASP K 58 16.51 -40.95 -75.66
CA ASP K 58 17.10 -39.80 -76.33
C ASP K 58 16.34 -39.48 -77.62
N ASN K 59 15.86 -40.49 -78.33
CA ASN K 59 15.15 -40.31 -79.58
C ASN K 59 13.64 -40.22 -79.39
N GLY K 60 13.17 -40.02 -78.16
CA GLY K 60 11.76 -39.81 -77.91
C GLY K 60 10.89 -41.03 -78.10
N MET K 61 11.47 -42.23 -78.12
CA MET K 61 10.68 -43.44 -78.28
C MET K 61 9.99 -43.83 -76.98
N THR K 62 10.66 -43.64 -75.85
CA THR K 62 10.05 -43.96 -74.56
C THR K 62 8.88 -43.03 -74.26
N LYS K 63 9.00 -41.76 -74.66
CA LYS K 63 7.90 -40.81 -74.47
C LYS K 63 6.67 -41.22 -75.28
N ILE K 64 6.88 -41.86 -76.43
CA ILE K 64 5.76 -42.25 -77.28
C ILE K 64 5.11 -43.53 -76.77
N PHE K 65 5.92 -44.54 -76.45
CA PHE K 65 5.38 -45.87 -76.13
C PHE K 65 4.88 -45.97 -74.70
N ARG K 66 5.51 -45.28 -73.75
CA ARG K 66 5.19 -45.46 -72.34
C ARG K 66 4.62 -44.22 -71.65
N ASN K 67 4.72 -43.05 -72.26
CA ASN K 67 4.31 -41.82 -71.60
C ASN K 67 3.23 -41.08 -72.38
N THR K 68 2.42 -41.82 -73.15
CA THR K 68 1.38 -41.18 -73.96
C THR K 68 0.21 -42.14 -74.09
N VAL K 69 -0.95 -41.74 -73.56
CA VAL K 69 -2.16 -42.54 -73.72
C VAL K 69 -2.66 -42.38 -75.15
N ILE K 70 -2.92 -43.51 -75.80
CA ILE K 70 -3.40 -43.53 -77.18
C ILE K 70 -4.79 -44.15 -77.18
N PRO K 71 -5.82 -43.42 -77.60
CA PRO K 71 -7.20 -43.94 -77.48
C PRO K 71 -7.61 -44.89 -78.59
N GLU K 72 -6.64 -45.39 -79.37
CA GLU K 72 -6.96 -46.25 -80.50
C GLU K 72 -6.89 -47.72 -80.12
N GLU K 73 -7.69 -48.51 -80.81
CA GLU K 73 -7.60 -49.96 -80.68
C GLU K 73 -6.55 -50.49 -81.66
N PRO K 74 -5.80 -51.52 -81.27
CA PRO K 74 -4.68 -51.95 -82.11
C PRO K 74 -5.14 -52.48 -83.46
N MET K 75 -4.41 -52.09 -84.50
CA MET K 75 -4.60 -52.60 -85.85
C MET K 75 -3.31 -53.35 -86.21
N PHE K 76 -3.29 -54.66 -85.92
CA PHE K 76 -2.05 -55.42 -86.04
C PHE K 76 -1.64 -55.60 -87.50
N ARG K 77 -2.61 -55.81 -88.38
CA ARG K 77 -2.34 -55.97 -89.80
C ARG K 77 -3.05 -54.90 -90.60
N PRO K 78 -2.56 -54.56 -91.79
CA PRO K 78 -3.22 -53.53 -92.61
C PRO K 78 -4.65 -53.91 -92.95
N GLU K 79 -5.58 -53.06 -92.52
CA GLU K 79 -7.02 -53.27 -92.74
C GLU K 79 -7.50 -52.22 -93.73
N PHE K 80 -7.66 -52.63 -95.02
CA PHE K 80 -8.14 -51.68 -96.01
C PHE K 80 -9.64 -51.78 -96.18
N PRO K 81 -10.34 -50.67 -96.36
CA PRO K 81 -11.77 -50.72 -96.71
C PRO K 81 -11.94 -51.04 -98.19
N SER K 82 -13.19 -51.05 -98.63
CA SER K 82 -13.49 -51.30 -100.03
C SER K 82 -13.05 -50.11 -100.87
N GLN K 83 -12.15 -50.34 -101.82
CA GLN K 83 -11.64 -49.29 -102.66
C GLN K 83 -12.49 -49.13 -103.92
N GLU K 84 -12.42 -47.93 -104.50
CA GLU K 84 -13.13 -47.67 -105.74
C GLU K 84 -12.34 -48.27 -106.92
N PRO K 85 -13.03 -48.69 -107.97
CA PRO K 85 -12.34 -49.30 -109.11
C PRO K 85 -11.50 -48.28 -109.86
N GLU K 86 -10.29 -48.68 -110.23
CA GLU K 86 -9.39 -47.80 -110.96
C GLU K 86 -9.85 -47.67 -112.41
N HIS K 87 -9.56 -46.51 -113.00
CA HIS K 87 -10.05 -46.18 -114.33
C HIS K 87 -9.08 -46.64 -115.40
N ASP K 88 -9.63 -47.23 -116.48
CA ASP K 88 -8.87 -47.63 -117.66
C ASP K 88 -7.78 -48.65 -117.31
N VAL K 89 -8.24 -49.82 -116.84
CA VAL K 89 -7.35 -50.91 -116.47
C VAL K 89 -7.92 -52.22 -117.01
N VAL K 90 -7.05 -53.22 -117.10
CA VAL K 90 -7.42 -54.56 -117.55
C VAL K 90 -7.46 -55.48 -116.32
N ILE K 91 -8.61 -56.05 -116.04
CA ILE K 91 -8.74 -56.96 -114.92
C ILE K 91 -8.26 -58.35 -115.35
N VAL K 92 -7.49 -59.00 -114.48
CA VAL K 92 -6.97 -60.33 -114.73
C VAL K 92 -7.23 -61.20 -113.52
N GLY K 93 -7.40 -62.50 -113.74
CA GLY K 93 -7.70 -63.40 -112.65
C GLY K 93 -6.52 -63.59 -111.71
N GLU K 94 -6.83 -63.78 -110.43
CA GLU K 94 -5.81 -63.94 -109.42
C GLU K 94 -5.23 -65.35 -109.36
N ASP K 95 -5.96 -66.33 -109.88
CA ASP K 95 -5.51 -67.72 -109.89
C ASP K 95 -5.09 -68.21 -111.27
N GLU K 96 -5.12 -67.35 -112.29
CA GLU K 96 -4.66 -67.76 -113.61
C GLU K 96 -3.17 -68.06 -113.57
N SER K 97 -2.73 -68.97 -114.44
CA SER K 97 -1.33 -69.35 -114.48
C SER K 97 -0.49 -68.14 -114.90
N PRO K 98 0.74 -68.03 -114.39
CA PRO K 98 1.59 -66.89 -114.77
C PRO K 98 1.88 -66.83 -116.26
N ILE K 99 1.75 -67.93 -116.98
CA ILE K 99 1.90 -67.90 -118.43
C ILE K 99 0.71 -67.19 -119.07
N ASP K 100 -0.47 -67.29 -118.45
CA ASP K 100 -1.66 -66.64 -118.98
C ASP K 100 -1.72 -65.15 -118.63
N ARG K 101 -1.08 -64.73 -117.54
CA ARG K 101 -1.00 -63.31 -117.23
C ARG K 101 0.09 -62.60 -118.02
N LEU K 102 1.09 -63.33 -118.51
CA LEU K 102 2.14 -62.69 -119.31
C LEU K 102 1.64 -62.33 -120.70
N GLU K 103 0.87 -63.23 -121.33
CA GLU K 103 0.33 -62.92 -122.66
C GLU K 103 -0.69 -61.79 -122.59
N THR K 104 -1.42 -61.67 -121.48
CA THR K 104 -2.31 -60.53 -121.30
C THR K 104 -1.53 -59.25 -121.01
N ALA K 105 -0.49 -59.35 -120.18
CA ALA K 105 0.32 -58.17 -119.89
C ALA K 105 1.04 -57.66 -121.13
N LEU K 106 1.36 -58.56 -122.08
CA LEU K 106 1.93 -58.12 -123.34
C LEU K 106 0.94 -57.25 -124.11
N LYS K 107 -0.36 -57.55 -124.01
CA LYS K 107 -1.36 -56.74 -124.68
C LYS K 107 -1.44 -55.33 -124.11
N CYS K 108 -1.06 -55.17 -122.83
CA CYS K 108 -1.08 -53.84 -122.22
C CYS K 108 0.14 -53.01 -122.55
N LEU K 109 1.23 -53.64 -122.98
CA LEU K 109 2.42 -52.91 -123.38
C LEU K 109 2.26 -52.32 -124.78
N PRO K 110 2.97 -51.24 -125.09
CA PRO K 110 2.95 -50.71 -126.46
C PRO K 110 3.59 -51.69 -127.44
N GLN K 111 3.40 -51.39 -128.72
CA GLN K 111 3.92 -52.24 -129.78
C GLN K 111 5.44 -52.29 -129.71
N TYR K 112 6.00 -53.49 -129.81
CA TYR K 112 7.44 -53.65 -129.77
C TYR K 112 8.06 -53.19 -131.09
N ASP K 113 9.12 -52.40 -131.01
CA ASP K 113 9.77 -51.87 -132.19
C ASP K 113 11.07 -52.63 -132.43
N PRO K 114 11.15 -53.47 -133.48
CA PRO K 114 12.41 -54.21 -133.74
C PRO K 114 13.56 -53.30 -134.15
N SER K 115 13.34 -52.01 -134.37
CA SER K 115 14.40 -51.07 -134.72
C SER K 115 15.15 -50.54 -133.50
N ARG K 116 15.01 -51.18 -132.33
CA ARG K 116 15.72 -50.78 -131.14
C ARG K 116 16.75 -51.81 -130.67
N SER K 117 16.76 -52.99 -131.26
CA SER K 117 17.63 -54.07 -130.82
C SER K 117 18.63 -54.47 -131.90
N LEU K 118 18.18 -54.83 -133.10
CA LEU K 118 19.06 -55.33 -134.14
C LEU K 118 19.67 -54.19 -134.96
N HIS K 119 18.83 -53.40 -135.62
CA HIS K 119 19.28 -52.33 -136.50
C HIS K 119 18.99 -50.99 -135.84
N ALA K 120 20.05 -50.22 -135.59
CA ALA K 120 19.90 -48.92 -134.96
C ALA K 120 21.06 -48.02 -135.38
N ASP K 121 20.86 -46.72 -135.20
CA ASP K 121 21.90 -45.75 -135.57
C ASP K 121 23.02 -45.79 -134.52
N PRO K 122 24.29 -45.88 -134.94
CA PRO K 122 25.38 -45.97 -133.96
C PRO K 122 25.75 -44.62 -133.35
N VAL K 123 24.81 -43.68 -133.32
CA VAL K 123 25.05 -42.38 -132.70
C VAL K 123 23.88 -42.05 -131.78
N SER K 124 23.23 -43.08 -131.25
CA SER K 124 22.10 -42.91 -130.35
C SER K 124 22.59 -42.82 -128.90
N SER K 125 21.66 -42.63 -127.98
CA SER K 125 21.99 -42.48 -126.57
C SER K 125 22.17 -43.87 -125.94
N PHE K 126 22.25 -43.90 -124.61
CA PHE K 126 22.39 -45.14 -123.86
C PHE K 126 21.04 -45.65 -123.40
N ARG K 127 20.90 -46.97 -123.37
CA ARG K 127 19.66 -47.60 -122.94
C ARG K 127 19.97 -49.00 -122.43
N TYR K 128 19.20 -49.43 -121.44
CA TYR K 128 19.27 -50.80 -120.98
C TYR K 128 18.56 -51.73 -121.97
N TRP K 129 18.82 -53.02 -121.83
CA TRP K 129 18.13 -54.03 -122.63
C TRP K 129 16.82 -54.39 -121.95
N LYS K 130 15.73 -54.31 -122.71
CA LYS K 130 14.42 -54.70 -122.19
C LYS K 130 14.26 -56.22 -122.25
N ILE K 131 13.32 -56.72 -121.44
CA ILE K 131 13.04 -58.16 -121.47
C ILE K 131 12.59 -58.58 -122.86
N ARG K 132 11.80 -57.74 -123.53
CA ARG K 132 11.35 -58.06 -124.88
C ARG K 132 12.48 -57.99 -125.89
N ASP K 133 13.59 -57.32 -125.56
CA ASP K 133 14.75 -57.34 -126.45
C ASP K 133 15.41 -58.71 -126.45
N TYR K 134 15.58 -59.31 -125.27
CA TYR K 134 16.07 -60.69 -125.19
C TYR K 134 15.10 -61.64 -125.86
N ALA K 135 13.79 -61.45 -125.61
CA ALA K 135 12.79 -62.36 -126.16
C ALA K 135 12.79 -62.34 -127.68
N TYR K 136 12.80 -61.14 -128.27
CA TYR K 136 12.88 -61.04 -129.71
C TYR K 136 14.20 -61.57 -130.24
N ALA K 137 15.27 -61.40 -129.47
CA ALA K 137 16.58 -61.92 -129.89
C ALA K 137 16.59 -63.45 -129.93
N TYR K 138 15.90 -64.08 -128.98
CA TYR K 138 15.86 -65.54 -128.96
C TYR K 138 14.97 -66.08 -130.06
N ARG K 139 13.82 -65.44 -130.29
CA ARG K 139 12.85 -65.96 -131.25
C ARG K 139 13.26 -65.69 -132.69
N SER K 140 13.99 -64.61 -132.94
CA SER K 140 14.52 -64.35 -134.28
C SER K 140 15.80 -65.12 -134.55
N LYS K 141 16.23 -65.97 -133.61
CA LYS K 141 17.45 -66.78 -133.75
C LYS K 141 18.69 -65.91 -133.95
N LEU K 142 18.66 -64.69 -133.43
CA LEU K 142 19.86 -63.85 -133.41
C LEU K 142 20.86 -64.38 -132.39
N THR K 143 20.38 -64.88 -131.26
CA THR K 143 21.21 -65.52 -130.25
C THR K 143 20.34 -66.53 -129.50
N THR K 144 20.97 -67.29 -128.63
CA THR K 144 20.30 -68.31 -127.84
C THR K 144 20.49 -68.03 -126.36
N PRO K 145 19.59 -68.52 -125.50
CA PRO K 145 19.81 -68.41 -124.05
C PRO K 145 21.08 -69.11 -123.58
N LEU K 146 21.61 -70.05 -124.35
CA LEU K 146 22.90 -70.65 -124.02
C LEU K 146 24.03 -69.65 -124.23
N GLN K 147 24.01 -68.93 -125.36
CA GLN K 147 25.04 -67.92 -125.62
C GLN K 147 24.99 -66.82 -124.57
N VAL K 148 23.80 -66.41 -124.15
CA VAL K 148 23.69 -65.40 -123.11
C VAL K 148 24.17 -65.93 -121.77
N ALA K 149 23.90 -67.20 -121.49
CA ALA K 149 24.34 -67.79 -120.22
C ALA K 149 25.86 -67.86 -120.15
N LYS K 150 26.51 -68.22 -121.26
CA LYS K 150 27.98 -68.31 -121.25
C LYS K 150 28.61 -66.95 -121.00
N ARG K 151 28.11 -65.91 -121.66
CA ARG K 151 28.72 -64.60 -121.51
C ARG K 151 28.44 -64.01 -120.13
N ILE K 152 27.35 -64.42 -119.49
CA ILE K 152 27.07 -63.95 -118.13
C ILE K 152 27.98 -64.64 -117.12
N ILE K 153 28.13 -65.96 -117.24
CA ILE K 153 29.05 -66.67 -116.36
C ILE K 153 30.47 -66.17 -116.56
N SER K 154 30.83 -65.84 -117.80
CA SER K 154 32.17 -65.36 -118.11
C SER K 154 32.50 -64.09 -117.34
N ILE K 155 31.52 -63.21 -117.18
CA ILE K 155 31.75 -61.95 -116.48
C ILE K 155 31.83 -62.17 -114.97
N ILE K 156 31.05 -63.11 -114.42
CA ILE K 156 31.08 -63.35 -112.99
C ILE K 156 32.43 -63.93 -112.57
N GLU K 157 32.96 -64.86 -113.37
CA GLU K 157 34.24 -65.47 -113.03
C GLU K 157 35.40 -64.54 -113.29
N GLU K 158 35.36 -63.79 -114.39
CA GLU K 158 36.46 -62.89 -114.75
C GLU K 158 36.64 -61.78 -113.73
N PHE K 159 35.54 -61.28 -113.14
CA PHE K 159 35.61 -60.19 -112.19
C PHE K 159 35.44 -60.63 -110.74
N GLY K 160 35.08 -61.89 -110.51
CA GLY K 160 34.90 -62.39 -109.16
C GLY K 160 33.67 -61.82 -108.47
N TYR K 161 32.54 -61.82 -109.18
CA TYR K 161 31.29 -61.32 -108.61
C TYR K 161 30.57 -62.38 -107.77
N ASP K 162 31.10 -63.60 -107.72
CA ASP K 162 30.59 -64.63 -106.83
C ASP K 162 31.54 -64.90 -105.66
N LYS K 163 32.61 -64.12 -105.54
CA LYS K 163 33.61 -64.25 -104.51
C LYS K 163 33.85 -62.89 -103.88
N PRO K 164 34.35 -62.86 -102.63
CA PRO K 164 34.74 -61.60 -101.99
C PRO K 164 35.82 -60.85 -102.80
N PRO K 165 36.03 -59.55 -102.52
CA PRO K 165 35.39 -58.71 -101.50
C PRO K 165 34.15 -57.95 -101.98
N THR K 166 33.94 -57.90 -103.30
CA THR K 166 32.84 -57.15 -103.89
C THR K 166 32.00 -58.11 -104.74
N PRO K 167 31.11 -58.88 -104.13
CA PRO K 167 30.30 -59.83 -104.91
C PRO K 167 28.90 -59.34 -105.21
N PHE K 168 28.37 -59.74 -106.37
CA PHE K 168 26.95 -59.56 -106.64
C PHE K 168 26.14 -60.73 -106.09
N LEU K 169 26.66 -61.94 -106.20
CA LEU K 169 26.00 -63.15 -105.74
C LEU K 169 26.81 -63.80 -104.64
N ILE K 170 26.12 -64.43 -103.69
CA ILE K 170 26.77 -65.21 -102.64
C ILE K 170 26.49 -66.70 -102.76
N ARG K 171 25.65 -67.12 -103.71
CA ARG K 171 25.38 -68.53 -103.98
C ARG K 171 25.14 -68.65 -105.48
N PHE K 172 26.22 -68.92 -106.22
CA PHE K 172 26.17 -69.03 -107.67
C PHE K 172 26.72 -70.39 -108.10
N ASP K 173 26.08 -70.97 -109.10
CA ASP K 173 26.52 -72.25 -109.67
C ASP K 173 26.50 -72.14 -111.18
N ALA K 174 27.69 -72.18 -111.79
CA ALA K 174 27.78 -72.08 -113.24
C ALA K 174 27.15 -73.28 -113.93
N ASN K 175 27.20 -74.45 -113.31
CA ASN K 175 26.65 -75.65 -113.95
C ASN K 175 25.12 -75.64 -113.97
N GLU K 176 24.49 -75.07 -112.95
CA GLU K 176 23.03 -75.01 -112.93
C GLU K 176 22.51 -73.99 -113.92
N VAL K 177 23.19 -72.86 -114.06
CA VAL K 177 22.78 -71.84 -115.03
C VAL K 177 22.83 -72.41 -116.44
N ILE K 178 23.87 -73.18 -116.76
CA ILE K 178 23.94 -73.83 -118.06
C ILE K 178 22.87 -74.90 -118.20
N LYS K 179 22.52 -75.56 -117.09
CA LYS K 179 21.49 -76.59 -117.14
C LYS K 179 20.12 -75.99 -117.47
N GLN K 180 19.84 -74.78 -116.98
CA GLN K 180 18.56 -74.15 -117.26
C GLN K 180 18.53 -73.49 -118.63
N ALA K 181 19.69 -73.08 -119.15
CA ALA K 181 19.73 -72.42 -120.45
C ALA K 181 19.71 -73.42 -121.60
N GLU K 182 20.22 -74.63 -121.38
CA GLU K 182 20.19 -75.64 -122.44
C GLU K 182 18.76 -76.09 -122.73
N ALA K 183 17.95 -76.29 -121.69
CA ALA K 183 16.55 -76.64 -121.90
C ALA K 183 15.76 -75.46 -122.46
N SER K 184 16.10 -74.24 -122.06
CA SER K 184 15.43 -73.07 -122.61
C SER K 184 15.80 -72.87 -124.08
N THR K 185 17.08 -73.02 -124.43
CA THR K 185 17.48 -72.90 -125.82
C THR K 185 16.80 -73.94 -126.69
N ARG K 186 16.65 -75.16 -126.18
CA ARG K 186 16.07 -76.23 -126.98
C ARG K 186 14.59 -75.99 -127.25
N ARG K 187 13.91 -75.22 -126.40
CA ARG K 187 12.51 -74.88 -126.68
C ARG K 187 12.41 -73.83 -127.79
N PHE K 188 13.42 -72.96 -127.92
CA PHE K 188 13.43 -72.00 -129.02
C PHE K 188 13.81 -72.65 -130.34
N GLU K 189 14.57 -73.73 -130.30
CA GLU K 189 14.94 -74.43 -131.54
C GLU K 189 13.79 -75.28 -132.04
N GLN K 190 13.09 -75.99 -131.14
CA GLN K 190 11.95 -76.78 -131.57
C GLN K 190 10.78 -75.89 -131.96
N GLY K 191 10.71 -74.69 -131.41
CA GLY K 191 9.69 -73.73 -131.78
C GLY K 191 8.53 -73.59 -130.82
N ASN K 192 8.72 -73.95 -129.55
CA ASN K 192 7.65 -73.86 -128.54
C ASN K 192 8.20 -73.20 -127.28
N PRO K 193 8.38 -71.88 -127.29
CA PRO K 193 8.78 -71.19 -126.07
C PRO K 193 7.62 -71.09 -125.10
N ILE K 194 7.95 -71.10 -123.81
CA ILE K 194 6.92 -71.07 -122.78
C ILE K 194 6.21 -69.73 -122.79
N SER K 195 6.95 -68.64 -122.58
CA SER K 195 6.37 -67.31 -122.52
C SER K 195 7.44 -66.30 -122.92
N VAL K 196 7.14 -65.01 -122.72
CA VAL K 196 8.11 -63.97 -123.05
C VAL K 196 9.30 -64.05 -122.10
N LEU K 197 9.09 -64.52 -120.87
CA LEU K 197 10.17 -64.64 -119.89
C LEU K 197 11.04 -65.87 -120.10
N ASP K 198 10.76 -66.69 -121.12
CA ASP K 198 11.58 -67.87 -121.38
C ASP K 198 12.95 -67.43 -121.89
N GLY K 199 13.98 -67.74 -121.11
CA GLY K 199 15.34 -67.30 -121.43
C GLY K 199 15.78 -66.04 -120.71
N ILE K 200 14.90 -65.44 -119.90
CA ILE K 200 15.25 -64.23 -119.17
C ILE K 200 15.94 -64.61 -117.87
N PHE K 201 17.05 -63.94 -117.58
CA PHE K 201 17.83 -64.22 -116.38
C PHE K 201 17.37 -63.30 -115.25
N VAL K 202 16.97 -63.90 -114.13
CA VAL K 202 16.53 -63.16 -112.95
C VAL K 202 17.33 -63.62 -111.75
N THR K 203 17.50 -62.73 -110.79
CA THR K 203 18.32 -62.97 -109.60
C THR K 203 17.43 -62.91 -108.36
N ILE K 204 17.55 -63.91 -107.49
CA ILE K 204 16.74 -64.02 -106.29
C ILE K 204 17.55 -63.51 -105.10
N LYS K 205 16.88 -62.73 -104.24
CA LYS K 205 17.52 -62.31 -103.00
C LYS K 205 17.73 -63.52 -102.09
N ASP K 206 18.78 -63.44 -101.26
CA ASP K 206 19.19 -64.61 -100.48
C ASP K 206 18.23 -64.95 -99.35
N ASP K 207 17.16 -64.19 -99.14
CA ASP K 207 16.17 -64.53 -98.12
C ASP K 207 14.89 -65.11 -98.72
N ILE K 208 14.92 -65.47 -100.00
CA ILE K 208 13.80 -66.11 -100.68
C ILE K 208 14.25 -67.48 -101.16
N ASP K 209 13.49 -68.51 -100.81
CA ASP K 209 13.89 -69.88 -101.10
C ASP K 209 13.92 -70.13 -102.61
N CYS K 210 15.00 -70.74 -103.09
CA CYS K 210 15.16 -71.00 -104.51
C CYS K 210 16.11 -72.20 -104.66
N LEU K 211 15.57 -73.33 -105.07
CA LEU K 211 16.36 -74.56 -105.25
C LEU K 211 17.34 -74.42 -106.41
N PRO K 212 18.51 -75.07 -106.30
CA PRO K 212 18.93 -75.90 -105.17
C PRO K 212 19.73 -75.13 -104.11
N HIS K 213 19.95 -73.84 -104.35
CA HIS K 213 20.78 -73.05 -103.46
C HIS K 213 20.09 -72.87 -102.11
N PRO K 214 20.83 -72.92 -101.01
CA PRO K 214 20.22 -72.71 -99.69
C PRO K 214 19.96 -71.24 -99.42
N THR K 215 19.19 -71.00 -98.37
CA THR K 215 18.77 -69.66 -97.98
C THR K 215 19.51 -69.27 -96.70
N ASN K 216 20.42 -68.31 -96.80
CA ASN K 216 21.19 -67.83 -95.66
C ASN K 216 20.76 -66.45 -95.18
N GLY K 217 20.16 -65.64 -96.04
CA GLY K 217 19.76 -64.30 -95.64
C GLY K 217 20.92 -63.38 -95.32
N GLY K 218 22.06 -63.57 -95.97
CA GLY K 218 23.25 -62.80 -95.66
C GLY K 218 24.09 -63.35 -94.52
N THR K 219 23.64 -64.40 -93.86
CA THR K 219 24.39 -65.01 -92.77
C THR K 219 25.25 -66.16 -93.31
N THR K 220 26.02 -66.77 -92.40
CA THR K 220 26.88 -67.88 -92.75
C THR K 220 26.48 -69.17 -92.06
N TRP K 221 25.30 -69.19 -91.44
CA TRP K 221 24.89 -70.35 -90.65
C TRP K 221 23.41 -70.70 -90.75
N LEU K 222 22.60 -69.90 -91.44
CA LEU K 222 21.17 -70.18 -91.46
C LEU K 222 20.84 -71.46 -92.22
N HIS K 223 21.67 -71.83 -93.20
CA HIS K 223 21.45 -73.07 -93.92
C HIS K 223 21.68 -74.30 -93.08
N GLU K 224 22.33 -74.16 -91.92
CA GLU K 224 22.53 -75.29 -91.03
C GLU K 224 21.26 -75.65 -90.27
N ASP K 225 20.45 -74.66 -89.91
CA ASP K 225 19.23 -74.89 -89.14
C ASP K 225 17.94 -74.73 -89.94
N ARG K 226 17.98 -74.06 -91.09
CA ARG K 226 16.79 -73.85 -91.91
C ARG K 226 17.11 -74.33 -93.32
N SER K 227 16.79 -75.59 -93.60
CA SER K 227 17.03 -76.18 -94.92
C SER K 227 15.81 -75.94 -95.79
N VAL K 228 16.05 -75.51 -97.03
CA VAL K 228 14.97 -75.23 -97.97
C VAL K 228 14.55 -76.54 -98.63
N GLU K 229 13.25 -76.79 -98.65
CA GLU K 229 12.69 -78.03 -99.20
C GLU K 229 12.27 -77.85 -100.66
N LYS K 230 11.35 -76.93 -100.90
CA LYS K 230 10.77 -76.68 -102.21
C LYS K 230 11.01 -75.23 -102.61
N ASP K 231 10.66 -74.92 -103.86
CA ASP K 231 10.74 -73.55 -104.33
C ASP K 231 9.74 -72.68 -103.60
N SER K 232 10.09 -71.40 -103.45
CA SER K 232 9.14 -70.45 -102.89
C SER K 232 8.05 -70.14 -103.90
N ALA K 233 7.00 -69.45 -103.44
CA ALA K 233 5.86 -69.17 -104.30
C ALA K 233 6.25 -68.30 -105.48
N VAL K 234 7.03 -67.24 -105.22
CA VAL K 234 7.41 -66.33 -106.29
C VAL K 234 8.38 -66.99 -107.24
N VAL K 235 9.27 -67.85 -106.74
CA VAL K 235 10.26 -68.49 -107.60
C VAL K 235 9.61 -69.59 -108.43
N SER K 236 8.68 -70.34 -107.84
CA SER K 236 8.01 -71.41 -108.57
C SER K 236 7.21 -70.85 -109.75
N LYS K 237 6.60 -69.68 -109.56
CA LYS K 237 5.87 -69.04 -110.65
C LYS K 237 6.83 -68.60 -111.76
N LEU K 238 7.94 -67.96 -111.37
CA LEU K 238 8.92 -67.52 -112.37
C LEU K 238 9.52 -68.71 -113.11
N ARG K 239 9.85 -69.78 -112.37
CA ARG K 239 10.46 -70.94 -113.01
C ARG K 239 9.50 -71.65 -113.96
N SER K 240 8.19 -71.50 -113.75
CA SER K 240 7.22 -72.12 -114.65
C SER K 240 7.04 -71.35 -115.95
N CYS K 241 7.52 -70.12 -116.03
CA CYS K 241 7.44 -69.32 -117.25
C CYS K 241 8.65 -69.51 -118.15
N GLY K 242 9.64 -70.28 -117.72
CA GLY K 242 10.87 -70.43 -118.47
C GLY K 242 11.99 -69.52 -118.02
N ALA K 243 11.81 -68.81 -116.91
CA ALA K 243 12.85 -67.92 -116.43
C ALA K 243 14.06 -68.72 -115.93
N ILE K 244 15.25 -68.16 -116.14
CA ILE K 244 16.49 -68.80 -115.74
C ILE K 244 16.96 -68.14 -114.44
N LEU K 245 16.89 -68.89 -113.34
CA LEU K 245 17.36 -68.38 -112.06
C LEU K 245 18.88 -68.32 -112.06
N LEU K 246 19.42 -67.11 -111.94
CA LEU K 246 20.87 -66.92 -112.00
C LEU K 246 21.53 -67.34 -110.69
N GLY K 247 21.00 -66.89 -109.56
CA GLY K 247 21.54 -67.26 -108.28
C GLY K 247 21.04 -66.34 -107.18
N LYS K 248 21.48 -66.65 -105.96
CA LYS K 248 21.13 -65.85 -104.79
C LYS K 248 22.02 -64.63 -104.69
N ALA K 249 21.41 -63.49 -104.37
CA ALA K 249 22.10 -62.20 -104.38
C ALA K 249 22.58 -61.83 -102.98
N ASN K 250 23.68 -61.10 -102.93
CA ASN K 250 24.17 -60.56 -101.67
C ASN K 250 23.15 -59.58 -101.10
N MET K 251 23.12 -59.48 -99.78
CA MET K 251 22.16 -58.62 -99.11
C MET K 251 22.72 -58.21 -97.75
N HIS K 252 22.16 -57.15 -97.20
CA HIS K 252 22.46 -56.80 -95.82
C HIS K 252 21.94 -57.92 -94.91
N GLU K 253 22.75 -58.29 -93.92
CA GLU K 253 22.48 -59.46 -93.10
C GLU K 253 21.10 -59.41 -92.46
N LEU K 254 20.21 -60.32 -92.87
CA LEU K 254 18.86 -60.48 -92.31
C LEU K 254 18.00 -59.23 -92.49
N GLY K 255 18.37 -58.35 -93.40
CA GLY K 255 17.57 -57.16 -93.65
C GLY K 255 17.58 -56.14 -92.53
N MET K 256 18.60 -56.17 -91.67
CA MET K 256 18.71 -55.20 -90.58
C MET K 256 19.70 -54.08 -90.96
N GLY K 257 19.36 -53.36 -92.02
CA GLY K 257 20.17 -52.28 -92.50
C GLY K 257 19.78 -51.80 -93.88
N THR K 258 19.92 -50.50 -94.14
CA THR K 258 19.54 -49.89 -95.40
C THR K 258 20.75 -49.42 -96.20
N THR K 259 21.91 -50.04 -95.97
CA THR K 259 23.14 -49.66 -96.66
C THR K 259 23.70 -50.76 -97.55
N GLY K 260 23.55 -52.02 -97.14
CA GLY K 260 24.12 -53.13 -97.89
C GLY K 260 25.45 -53.61 -97.38
N ASN K 261 25.85 -53.24 -96.17
CA ASN K 261 27.13 -53.65 -95.61
C ASN K 261 27.00 -55.06 -95.06
N ASN K 262 27.77 -55.99 -95.62
CA ASN K 262 27.78 -57.39 -95.18
C ASN K 262 29.24 -57.77 -94.91
N SER K 263 29.62 -57.75 -93.63
CA SER K 263 31.00 -58.05 -93.24
C SER K 263 31.35 -59.53 -93.34
N ASN K 264 30.44 -60.38 -93.82
CA ASN K 264 30.70 -61.80 -93.94
C ASN K 264 30.95 -62.25 -95.36
N TYR K 265 30.30 -61.64 -96.35
CA TYR K 265 30.53 -61.94 -97.75
C TYR K 265 31.09 -60.76 -98.52
N GLY K 266 31.11 -59.57 -97.94
CA GLY K 266 31.52 -58.36 -98.63
C GLY K 266 30.34 -57.42 -98.82
N THR K 267 30.67 -56.19 -99.20
CA THR K 267 29.69 -55.16 -99.47
C THR K 267 29.63 -54.90 -100.97
N THR K 268 28.44 -55.06 -101.54
CA THR K 268 28.26 -54.83 -102.96
C THR K 268 28.44 -53.36 -103.29
N ARG K 269 29.16 -53.08 -104.37
CA ARG K 269 29.52 -51.71 -104.74
C ARG K 269 28.54 -51.16 -105.77
N ASN K 270 28.26 -49.86 -105.65
CA ASN K 270 27.33 -49.21 -106.57
C ASN K 270 27.91 -49.18 -107.98
N PRO K 271 27.18 -49.68 -108.99
CA PRO K 271 27.72 -49.64 -110.35
C PRO K 271 27.96 -48.24 -110.86
N HIS K 272 27.23 -47.24 -110.36
CA HIS K 272 27.46 -45.86 -110.76
C HIS K 272 28.69 -45.24 -110.11
N ASP K 273 29.11 -45.76 -108.95
CA ASP K 273 30.28 -45.25 -108.26
C ASP K 273 30.79 -46.30 -107.28
N PRO K 274 31.85 -47.02 -107.63
CA PRO K 274 32.27 -48.18 -106.80
C PRO K 274 32.63 -47.83 -105.37
N LYS K 275 33.00 -46.58 -105.08
CA LYS K 275 33.35 -46.20 -103.72
C LYS K 275 32.14 -45.77 -102.89
N ARG K 276 30.93 -46.17 -103.30
CA ARG K 276 29.71 -45.80 -102.60
C ARG K 276 28.84 -47.03 -102.41
N TYR K 277 27.93 -46.93 -101.44
CA TYR K 277 27.03 -48.02 -101.10
C TYR K 277 26.04 -48.28 -102.25
N THR K 278 25.38 -49.43 -102.18
CA THR K 278 24.32 -49.78 -103.11
C THR K 278 22.92 -49.48 -102.57
N GLY K 279 22.75 -49.50 -101.26
CA GLY K 279 21.43 -49.38 -100.67
C GLY K 279 20.95 -50.71 -100.17
N GLY K 280 20.37 -50.73 -98.98
CA GLY K 280 19.89 -51.96 -98.37
C GLY K 280 18.40 -52.16 -98.49
N SER K 281 17.96 -53.41 -98.31
CA SER K 281 18.86 -54.51 -98.01
C SER K 281 19.10 -55.36 -99.25
N SER K 282 18.44 -55.02 -100.36
CA SER K 282 18.64 -55.73 -101.62
C SER K 282 19.84 -55.16 -102.37
N SER K 283 20.99 -55.19 -101.69
CA SER K 283 22.20 -54.60 -102.24
C SER K 283 22.63 -55.30 -103.52
N GLY K 284 22.68 -56.63 -103.49
CA GLY K 284 23.16 -57.37 -104.66
C GLY K 284 22.17 -57.34 -105.81
N SER K 285 20.87 -57.48 -105.50
CA SER K 285 19.86 -57.51 -106.56
C SER K 285 19.82 -56.20 -107.32
N ALA K 286 19.92 -55.07 -106.61
CA ALA K 286 19.82 -53.77 -107.27
C ALA K 286 21.06 -53.50 -108.11
N ALA K 287 22.23 -53.93 -107.65
CA ALA K 287 23.47 -53.66 -108.39
C ALA K 287 23.61 -54.58 -109.60
N ILE K 288 23.20 -55.84 -109.47
CA ILE K 288 23.36 -56.77 -110.58
C ILE K 288 22.44 -56.39 -111.74
N VAL K 289 21.33 -55.71 -111.44
CA VAL K 289 20.44 -55.26 -112.50
C VAL K 289 20.92 -53.94 -113.07
N ALA K 290 21.41 -53.04 -112.21
CA ALA K 290 21.95 -51.78 -112.70
C ALA K 290 23.17 -51.99 -113.59
N ALA K 291 23.99 -53.00 -113.31
CA ALA K 291 25.12 -53.31 -114.16
C ALA K 291 24.72 -53.96 -115.47
N GLY K 292 23.43 -54.28 -115.66
CA GLY K 292 22.96 -54.86 -116.89
C GLY K 292 23.16 -56.36 -117.02
N LEU K 293 23.59 -57.04 -115.95
CA LEU K 293 23.83 -58.48 -116.04
C LEU K 293 22.54 -59.24 -116.27
N CYS K 294 21.56 -59.08 -115.38
CA CYS K 294 20.26 -59.71 -115.54
C CYS K 294 19.18 -58.65 -115.75
N SER K 295 18.03 -59.12 -116.24
CA SER K 295 16.95 -58.21 -116.62
C SER K 295 16.21 -57.67 -115.40
N ALA K 296 15.88 -58.57 -114.46
CA ALA K 296 15.16 -58.17 -113.25
C ALA K 296 15.64 -59.03 -112.09
N ALA K 297 15.17 -58.68 -110.90
CA ALA K 297 15.56 -59.41 -109.69
C ALA K 297 14.48 -59.25 -108.64
N LEU K 298 14.30 -60.30 -107.84
CA LEU K 298 13.33 -60.30 -106.76
C LEU K 298 13.98 -59.82 -105.47
N GLY K 299 13.22 -59.07 -104.67
CA GLY K 299 13.72 -58.56 -103.40
C GLY K 299 12.56 -58.35 -102.45
N THR K 300 12.91 -58.17 -101.18
CA THR K 300 11.93 -57.92 -100.13
C THR K 300 11.95 -56.45 -99.74
N ASP K 301 10.87 -56.02 -99.09
CA ASP K 301 10.75 -54.62 -98.69
C ASP K 301 9.88 -54.57 -97.44
N GLY K 302 10.54 -54.50 -96.28
CA GLY K 302 9.83 -54.30 -95.03
C GLY K 302 10.05 -52.91 -94.49
N GLY K 303 11.04 -52.21 -95.05
CA GLY K 303 11.37 -50.86 -94.63
C GLY K 303 12.05 -50.07 -95.72
N GLY K 304 11.84 -50.46 -96.98
CA GLY K 304 12.40 -49.77 -98.12
C GLY K 304 13.42 -50.56 -98.90
N SER K 305 13.65 -51.82 -98.55
CA SER K 305 14.72 -52.62 -99.15
C SER K 305 14.54 -52.90 -100.63
N VAL K 306 13.43 -52.46 -101.25
CA VAL K 306 13.27 -52.53 -102.69
C VAL K 306 13.37 -51.16 -103.33
N ARG K 307 12.78 -50.14 -102.70
CA ARG K 307 12.81 -48.80 -103.27
C ARG K 307 14.13 -48.07 -102.99
N ILE K 308 14.66 -48.23 -101.77
CA ILE K 308 15.90 -47.52 -101.42
C ILE K 308 17.07 -47.90 -102.31
N PRO K 309 17.40 -49.19 -102.49
CA PRO K 309 18.49 -49.51 -103.43
C PRO K 309 18.13 -49.27 -104.88
N SER K 310 16.84 -49.15 -105.21
CA SER K 310 16.47 -48.87 -106.58
C SER K 310 16.75 -47.41 -106.94
N ALA K 311 16.52 -46.49 -106.00
CA ALA K 311 16.81 -45.09 -106.25
C ALA K 311 18.31 -44.79 -106.19
N LEU K 312 19.05 -45.50 -105.32
CA LEU K 312 20.48 -45.25 -105.20
C LEU K 312 21.26 -45.82 -106.38
N CYS K 313 20.79 -46.90 -106.99
CA CYS K 313 21.42 -47.49 -108.16
C CYS K 313 20.81 -47.02 -109.47
N GLY K 314 19.66 -46.36 -109.43
CA GLY K 314 19.05 -45.82 -110.63
C GLY K 314 18.27 -46.84 -111.43
N ILE K 315 17.38 -47.58 -110.77
CA ILE K 315 16.53 -48.55 -111.45
C ILE K 315 15.11 -48.41 -110.93
N THR K 316 14.24 -49.36 -111.27
CA THR K 316 12.84 -49.33 -110.87
C THR K 316 12.56 -50.47 -109.90
N GLY K 317 11.99 -50.13 -108.75
CA GLY K 317 11.61 -51.12 -107.77
C GLY K 317 10.15 -51.01 -107.38
N LEU K 318 9.38 -52.08 -107.57
CA LEU K 318 7.94 -52.07 -107.36
C LEU K 318 7.62 -52.72 -106.02
N LYS K 319 7.16 -51.91 -105.07
CA LYS K 319 6.66 -52.40 -103.79
C LYS K 319 5.16 -52.55 -103.90
N THR K 320 4.68 -53.80 -103.98
CA THR K 320 3.28 -54.07 -104.18
C THR K 320 2.51 -53.95 -102.85
N THR K 321 1.19 -54.13 -102.92
CA THR K 321 0.36 -54.07 -101.73
C THR K 321 0.65 -55.26 -100.81
N TYR K 322 0.45 -55.05 -99.51
CA TYR K 322 0.65 -56.12 -98.56
C TYR K 322 -0.31 -57.26 -98.83
N GLY K 323 0.22 -58.46 -99.05
CA GLY K 323 -0.57 -59.61 -99.38
C GLY K 323 -0.78 -59.84 -100.86
N ARG K 324 -0.44 -58.85 -101.70
CA ARG K 324 -0.65 -59.02 -103.14
C ARG K 324 0.19 -60.15 -103.70
N THR K 325 1.45 -60.24 -103.27
CA THR K 325 2.37 -61.27 -103.73
C THR K 325 2.61 -62.29 -102.63
N ASP K 326 2.64 -63.57 -103.00
CA ASP K 326 2.75 -64.64 -102.02
C ASP K 326 4.18 -64.73 -101.49
N MET K 327 4.32 -64.66 -100.16
CA MET K 327 5.62 -64.70 -99.50
C MET K 327 5.99 -66.09 -99.00
N THR K 328 5.26 -67.12 -99.40
CA THR K 328 5.54 -68.46 -98.91
C THR K 328 6.91 -68.92 -99.37
N GLY K 329 7.77 -69.29 -98.41
CA GLY K 329 9.12 -69.70 -98.72
C GLY K 329 10.12 -68.57 -98.63
N SER K 330 10.04 -67.78 -97.57
CA SER K 330 10.95 -66.65 -97.37
C SER K 330 11.18 -66.45 -95.89
N LEU K 331 12.26 -65.74 -95.57
CA LEU K 331 12.60 -65.46 -94.17
C LEU K 331 11.66 -64.44 -93.54
N CYS K 332 10.85 -63.76 -94.34
CA CYS K 332 10.00 -62.68 -93.85
C CYS K 332 8.52 -63.01 -93.96
N GLU K 333 8.17 -64.27 -94.21
CA GLU K 333 6.77 -64.65 -94.27
C GLU K 333 6.13 -64.54 -92.89
N GLY K 334 4.84 -64.20 -92.88
CA GLY K 334 4.13 -64.00 -91.64
C GLY K 334 4.36 -62.66 -90.97
N GLY K 335 5.15 -61.78 -91.58
CA GLY K 335 5.38 -60.48 -91.01
C GLY K 335 4.16 -59.58 -91.17
N THR K 336 4.39 -58.29 -90.89
CA THR K 336 3.32 -57.30 -90.96
C THR K 336 3.67 -56.11 -91.85
N VAL K 337 4.84 -56.13 -92.51
CA VAL K 337 5.27 -55.02 -93.35
C VAL K 337 5.93 -55.55 -94.61
N GLU K 338 6.37 -56.80 -94.57
CA GLU K 338 7.20 -57.35 -95.63
C GLU K 338 6.37 -57.74 -96.85
N ILE K 339 6.97 -57.58 -98.02
CA ILE K 339 6.40 -58.04 -99.30
C ILE K 339 7.54 -58.45 -100.21
N ILE K 340 7.19 -59.09 -101.32
CA ILE K 340 8.15 -59.47 -102.35
C ILE K 340 7.92 -58.54 -103.55
N GLY K 341 8.97 -57.82 -103.94
CA GLY K 341 8.88 -56.92 -105.05
C GLY K 341 9.99 -57.14 -106.05
N PRO K 342 9.72 -56.85 -107.32
CA PRO K 342 10.75 -56.94 -108.35
C PRO K 342 11.59 -55.68 -108.45
N LEU K 343 12.82 -55.86 -108.94
CA LEU K 343 13.74 -54.76 -109.23
C LEU K 343 14.25 -54.98 -110.64
N ALA K 344 13.83 -54.11 -111.56
CA ALA K 344 14.21 -54.21 -112.96
C ALA K 344 14.80 -52.89 -113.43
N SER K 345 15.42 -52.94 -114.61
CA SER K 345 16.07 -51.75 -115.15
C SER K 345 15.08 -50.74 -115.71
N SER K 346 13.94 -51.20 -116.21
CA SER K 346 12.94 -50.31 -116.80
C SER K 346 11.57 -50.65 -116.24
N LEU K 347 10.61 -49.75 -116.48
CA LEU K 347 9.24 -49.96 -116.04
C LEU K 347 8.60 -51.13 -116.78
N GLU K 348 8.93 -51.30 -118.06
CA GLU K 348 8.35 -52.39 -118.83
C GLU K 348 8.73 -53.75 -118.25
N ASP K 349 9.98 -53.90 -117.81
CA ASP K 349 10.45 -55.19 -117.33
C ASP K 349 9.87 -55.50 -115.95
N ALA K 350 9.81 -54.50 -115.06
CA ALA K 350 9.23 -54.72 -113.74
C ALA K 350 7.75 -55.06 -113.83
N PHE K 351 7.06 -54.51 -114.83
CA PHE K 351 5.64 -54.82 -115.00
C PHE K 351 5.45 -56.27 -115.44
N LEU K 352 6.33 -56.78 -116.30
CA LEU K 352 6.21 -58.17 -116.74
C LEU K 352 6.46 -59.13 -115.58
N VAL K 353 7.45 -58.85 -114.74
CA VAL K 353 7.74 -59.73 -113.62
C VAL K 353 6.62 -59.66 -112.58
N TYR K 354 6.09 -58.47 -112.36
CA TYR K 354 4.95 -58.34 -111.45
C TYR K 354 3.78 -59.20 -111.90
N ALA K 355 3.51 -59.22 -113.20
CA ALA K 355 2.42 -60.03 -113.74
C ALA K 355 2.66 -61.52 -113.56
N ALA K 356 3.92 -61.95 -113.42
CA ALA K 356 4.23 -63.37 -113.32
C ALA K 356 4.31 -63.87 -111.87
N ILE K 357 4.60 -62.99 -110.92
CA ILE K 357 4.76 -63.40 -109.53
C ILE K 357 3.59 -63.03 -108.64
N LEU K 358 2.64 -62.24 -109.12
CA LEU K 358 1.55 -61.80 -108.27
C LEU K 358 0.62 -62.97 -107.94
N GLY K 359 -0.32 -62.71 -107.03
CA GLY K 359 -1.24 -63.73 -106.58
C GLY K 359 -1.17 -63.93 -105.08
N SER K 360 -2.20 -63.51 -104.37
CA SER K 360 -2.20 -63.61 -102.92
C SER K 360 -2.15 -65.06 -102.47
N SER K 361 -1.72 -65.27 -101.23
CA SER K 361 -1.69 -66.60 -100.65
C SER K 361 -3.11 -67.06 -100.32
N SER K 362 -3.24 -68.37 -100.10
CA SER K 362 -4.54 -68.93 -99.76
C SER K 362 -5.05 -68.41 -98.41
N ALA K 363 -4.13 -68.06 -97.50
CA ALA K 363 -4.53 -67.54 -96.20
C ALA K 363 -4.88 -66.05 -96.29
N ASP K 364 -4.05 -65.27 -96.97
CA ASP K 364 -4.33 -63.84 -97.11
C ASP K 364 -5.52 -63.56 -98.02
N ARG K 365 -5.90 -64.52 -98.86
CA ARG K 365 -7.09 -64.34 -99.69
C ARG K 365 -8.34 -64.18 -98.84
N TYR K 366 -8.42 -64.91 -97.72
CA TYR K 366 -9.59 -64.83 -96.86
C TYR K 366 -9.49 -63.68 -95.87
N ASN K 367 -8.28 -63.34 -95.43
CA ASN K 367 -8.09 -62.33 -94.39
C ASN K 367 -8.05 -60.91 -94.96
N LEU K 368 -7.25 -60.70 -96.00
CA LEU K 368 -7.09 -59.37 -96.57
C LEU K 368 -8.09 -59.04 -97.66
N LYS K 369 -8.67 -60.06 -98.32
CA LYS K 369 -9.69 -59.88 -99.35
C LYS K 369 -9.22 -58.92 -100.42
N PRO K 370 -8.22 -59.29 -101.22
CA PRO K 370 -7.71 -58.36 -102.23
C PRO K 370 -8.61 -58.26 -103.45
N SER K 371 -8.58 -57.08 -104.07
CA SER K 371 -9.27 -56.89 -105.34
C SER K 371 -8.55 -57.66 -106.44
N PRO K 372 -9.23 -57.97 -107.53
CA PRO K 372 -8.57 -58.67 -108.63
C PRO K 372 -7.40 -57.86 -109.14
N PRO K 373 -6.34 -58.53 -109.59
CA PRO K 373 -5.18 -57.80 -110.13
C PRO K 373 -5.53 -57.08 -111.43
N CYS K 374 -4.94 -55.89 -111.59
CA CYS K 374 -5.19 -55.05 -112.75
C CYS K 374 -3.87 -54.70 -113.42
N PHE K 375 -3.88 -54.67 -114.75
CA PHE K 375 -2.73 -54.26 -115.54
C PHE K 375 -3.02 -52.92 -116.18
N PRO K 376 -2.16 -51.91 -115.98
CA PRO K 376 -2.41 -50.61 -116.61
C PRO K 376 -2.20 -50.69 -118.11
N LYS K 377 -3.18 -50.21 -118.87
CA LYS K 377 -3.04 -50.14 -120.31
C LYS K 377 -1.99 -49.09 -120.68
N LEU K 378 -0.72 -49.51 -120.74
CA LEU K 378 0.37 -48.58 -121.00
C LEU K 378 0.36 -48.02 -122.40
N LEU K 379 -0.54 -48.48 -123.27
CA LEU K 379 -0.67 -47.94 -124.61
C LEU K 379 -1.16 -46.50 -124.54
N SER K 380 -0.31 -45.56 -124.96
CA SER K 380 -0.67 -44.14 -125.00
C SER K 380 -1.40 -43.76 -126.28
N HIS K 381 -2.29 -44.63 -126.75
CA HIS K 381 -2.99 -44.37 -128.01
C HIS K 381 -4.03 -43.27 -127.87
N ASN K 382 -4.93 -43.41 -126.91
CA ASN K 382 -5.99 -42.44 -126.69
C ASN K 382 -5.41 -41.21 -125.99
N GLY K 383 -6.26 -40.19 -125.86
CA GLY K 383 -5.88 -39.01 -125.10
C GLY K 383 -5.62 -39.34 -123.64
N SER K 384 -5.08 -38.36 -122.92
CA SER K 384 -4.75 -38.53 -121.51
C SER K 384 -6.00 -38.88 -120.70
N ASN K 385 -6.37 -40.16 -120.69
CA ASN K 385 -7.56 -40.60 -119.97
C ASN K 385 -7.38 -40.44 -118.48
N ALA K 386 -6.78 -41.44 -117.84
CA ALA K 386 -6.61 -41.44 -116.39
C ALA K 386 -5.37 -40.69 -115.94
N ILE K 387 -4.38 -40.49 -116.82
CA ILE K 387 -3.14 -39.85 -116.41
C ILE K 387 -3.39 -38.39 -116.02
N GLY K 388 -4.19 -37.67 -116.81
CA GLY K 388 -4.42 -36.27 -116.54
C GLY K 388 -5.34 -36.02 -115.36
N SER K 389 -6.30 -36.92 -115.12
CA SER K 389 -7.26 -36.76 -114.04
C SER K 389 -6.78 -37.34 -112.71
N LEU K 390 -5.48 -37.28 -112.44
CA LEU K 390 -4.92 -37.77 -111.18
C LEU K 390 -4.53 -36.59 -110.30
N ARG K 391 -4.91 -36.65 -109.04
CA ARG K 391 -4.52 -35.65 -108.05
C ARG K 391 -3.28 -36.16 -107.32
N LEU K 392 -2.14 -35.50 -107.53
CA LEU K 392 -0.89 -35.89 -106.90
C LEU K 392 -0.77 -35.19 -105.56
N GLY K 393 -0.71 -35.98 -104.48
CA GLY K 393 -0.56 -35.40 -103.15
C GLY K 393 0.89 -35.08 -102.84
N LYS K 394 1.09 -33.93 -102.20
CA LYS K 394 2.45 -33.46 -101.90
C LYS K 394 2.45 -32.73 -100.57
N TYR K 395 3.32 -33.17 -99.67
CA TYR K 395 3.55 -32.51 -98.39
C TYR K 395 4.81 -31.67 -98.55
N THR K 396 4.63 -30.35 -98.70
CA THR K 396 5.73 -29.47 -99.09
C THR K 396 6.86 -29.50 -98.06
N LYS K 397 6.52 -29.39 -96.77
CA LYS K 397 7.54 -29.44 -95.73
C LYS K 397 8.25 -30.78 -95.71
N TRP K 398 7.50 -31.87 -95.91
CA TRP K 398 8.09 -33.19 -95.97
C TRP K 398 8.85 -33.40 -97.28
N PHE K 399 8.40 -32.76 -98.36
CA PHE K 399 8.98 -32.98 -99.67
C PHE K 399 10.41 -32.43 -99.73
N ASN K 400 10.66 -31.30 -99.09
CA ASN K 400 11.92 -30.60 -99.22
C ASN K 400 12.93 -30.94 -98.14
N ASP K 401 12.52 -31.67 -97.10
CA ASP K 401 13.44 -32.03 -96.01
C ASP K 401 14.34 -33.15 -96.50
N VAL K 402 15.38 -32.77 -97.24
CA VAL K 402 16.35 -33.70 -97.79
C VAL K 402 17.74 -33.11 -97.63
N SER K 403 18.74 -33.99 -97.50
CA SER K 403 20.12 -33.57 -97.30
C SER K 403 20.84 -33.25 -98.61
N SER K 404 20.10 -32.87 -99.65
CA SER K 404 20.69 -32.52 -100.93
C SER K 404 19.69 -31.69 -101.70
N SER K 405 20.10 -30.48 -102.11
CA SER K 405 19.19 -29.58 -102.81
C SER K 405 18.87 -30.06 -104.22
N ASP K 406 19.65 -31.00 -104.75
CA ASP K 406 19.43 -31.47 -106.12
C ASP K 406 18.22 -32.39 -106.20
N ILE K 407 18.01 -33.22 -105.19
CA ILE K 407 16.95 -34.23 -105.27
C ILE K 407 15.58 -33.62 -105.01
N SER K 408 15.51 -32.52 -104.25
CA SER K 408 14.22 -31.89 -103.99
C SER K 408 13.70 -31.10 -105.19
N ASP K 409 14.58 -30.71 -106.11
CA ASP K 409 14.19 -29.94 -107.27
C ASP K 409 14.00 -30.78 -108.53
N LYS K 410 14.82 -31.82 -108.72
CA LYS K 410 14.61 -32.70 -109.87
C LYS K 410 13.33 -33.50 -109.72
N CYS K 411 12.90 -33.77 -108.49
CA CYS K 411 11.58 -34.35 -108.28
C CYS K 411 10.49 -33.31 -108.53
N GLU K 412 10.75 -32.05 -108.19
CA GLU K 412 9.77 -31.00 -108.46
C GLU K 412 9.68 -30.69 -109.95
N ASP K 413 10.77 -30.91 -110.69
CA ASP K 413 10.72 -30.72 -112.14
C ASP K 413 9.82 -31.75 -112.80
N ILE K 414 9.78 -32.99 -112.28
CA ILE K 414 8.91 -34.01 -112.84
C ILE K 414 7.45 -33.68 -112.55
N LEU K 415 7.17 -33.06 -111.40
CA LEU K 415 5.79 -32.69 -111.07
C LEU K 415 5.24 -31.68 -112.07
N LYS K 416 5.99 -30.60 -112.32
CA LYS K 416 5.54 -29.61 -113.29
C LYS K 416 5.59 -30.16 -114.71
N LEU K 417 6.47 -31.13 -114.99
CA LEU K 417 6.45 -31.79 -116.28
C LEU K 417 5.20 -32.64 -116.46
N LEU K 418 4.70 -33.24 -115.37
CA LEU K 418 3.47 -34.02 -115.47
C LEU K 418 2.24 -33.14 -115.59
N SER K 419 2.26 -31.96 -114.96
CA SER K 419 1.10 -31.09 -115.00
C SER K 419 0.95 -30.40 -116.36
N ASN K 420 2.06 -30.17 -117.05
CA ASN K 420 2.01 -29.50 -118.35
C ASN K 420 1.86 -30.46 -119.52
N ASN K 421 2.25 -31.72 -119.36
CA ASN K 421 2.14 -32.69 -120.45
C ASN K 421 0.95 -33.63 -120.31
N HIS K 422 0.24 -33.60 -119.18
CA HIS K 422 -0.90 -34.49 -118.99
C HIS K 422 -2.04 -33.77 -118.28
N GLY K 423 -1.71 -32.92 -117.32
CA GLY K 423 -2.71 -32.13 -116.64
C GLY K 423 -2.98 -32.56 -115.21
N CYS K 424 -1.97 -33.08 -114.53
CA CYS K 424 -2.14 -33.52 -113.15
C CYS K 424 -2.32 -32.33 -112.22
N LYS K 425 -3.13 -32.52 -111.18
CA LYS K 425 -3.41 -31.49 -110.18
C LYS K 425 -2.63 -31.85 -108.91
N VAL K 426 -1.52 -31.13 -108.68
CA VAL K 426 -0.68 -31.37 -107.51
C VAL K 426 -1.37 -30.73 -106.30
N VAL K 427 -1.95 -31.57 -105.45
CA VAL K 427 -2.71 -31.11 -104.28
C VAL K 427 -1.81 -31.11 -103.06
N GLU K 428 -1.93 -30.08 -102.23
CA GLU K 428 -1.15 -29.98 -101.01
C GLU K 428 -1.82 -30.81 -99.91
N ILE K 429 -1.06 -31.75 -99.34
CA ILE K 429 -1.59 -32.61 -98.27
C ILE K 429 -0.71 -32.46 -97.04
N VAL K 430 -1.07 -33.18 -95.97
CA VAL K 430 -0.31 -33.16 -94.73
C VAL K 430 -0.38 -34.53 -94.08
N VAL K 431 0.77 -35.03 -93.65
CA VAL K 431 0.87 -36.37 -93.06
C VAL K 431 1.13 -36.21 -91.56
N PRO K 432 0.09 -36.27 -90.73
CA PRO K 432 0.29 -36.04 -89.30
C PRO K 432 1.05 -37.17 -88.62
N GLU K 433 1.68 -36.82 -87.51
CA GLU K 433 2.35 -37.77 -86.62
C GLU K 433 3.36 -38.63 -87.39
N LEU K 434 4.39 -37.95 -87.89
CA LEU K 434 5.44 -38.64 -88.64
C LEU K 434 6.43 -39.35 -87.73
N GLU K 435 6.72 -38.79 -86.55
CA GLU K 435 7.65 -39.44 -85.64
C GLU K 435 7.05 -40.70 -85.03
N GLU K 436 5.72 -40.76 -84.92
CA GLU K 436 5.08 -41.98 -84.45
C GLU K 436 5.15 -43.08 -85.51
N MET K 437 5.06 -42.72 -86.79
CA MET K 437 5.10 -43.72 -87.85
C MET K 437 6.46 -44.41 -87.90
N ARG K 438 7.53 -43.64 -87.69
CA ARG K 438 8.87 -44.24 -87.69
C ARG K 438 9.07 -45.11 -86.45
N ALA K 439 8.58 -44.67 -85.30
CA ALA K 439 8.74 -45.43 -84.06
C ALA K 439 7.90 -46.70 -84.09
N ALA K 440 6.67 -46.62 -84.60
CA ALA K 440 5.82 -47.79 -84.70
C ALA K 440 6.25 -48.75 -85.80
N HIS K 441 7.18 -48.34 -86.66
CA HIS K 441 7.64 -49.20 -87.74
C HIS K 441 8.83 -50.06 -87.32
N VAL K 442 9.81 -49.45 -86.64
CA VAL K 442 11.01 -50.19 -86.25
C VAL K 442 10.64 -51.36 -85.33
N ILE K 443 9.68 -51.15 -84.44
CA ILE K 443 9.24 -52.22 -83.56
C ILE K 443 8.39 -53.24 -84.30
N SER K 444 7.75 -52.85 -85.40
CA SER K 444 6.93 -53.76 -86.18
C SER K 444 7.73 -54.57 -87.18
N ILE K 445 8.96 -54.16 -87.51
CA ILE K 445 9.79 -54.90 -88.44
C ILE K 445 10.81 -55.71 -87.65
N GLY K 446 11.22 -55.20 -86.49
CA GLY K 446 12.23 -55.86 -85.69
C GLY K 446 11.71 -57.02 -84.87
N SER K 447 10.52 -56.86 -84.29
CA SER K 447 9.97 -57.90 -83.41
C SER K 447 9.74 -59.22 -84.13
N PRO K 448 9.14 -59.27 -85.33
CA PRO K 448 9.00 -60.57 -86.00
C PRO K 448 10.34 -61.21 -86.34
N THR K 449 11.29 -60.42 -86.83
CA THR K 449 12.59 -60.98 -87.18
C THR K 449 13.35 -61.44 -85.94
N LEU K 450 13.30 -60.66 -84.86
CA LEU K 450 13.94 -61.07 -83.62
C LEU K 450 13.33 -62.36 -83.09
N SER K 451 11.99 -62.46 -83.11
CA SER K 451 11.33 -63.66 -82.65
C SER K 451 11.58 -64.84 -83.59
N SER K 452 11.81 -64.56 -84.88
CA SER K 452 12.02 -65.65 -85.83
C SER K 452 13.34 -66.36 -85.59
N LEU K 453 14.35 -65.66 -85.07
CA LEU K 453 15.68 -66.22 -84.87
C LEU K 453 16.04 -66.43 -83.41
N THR K 454 15.13 -66.14 -82.48
CA THR K 454 15.45 -66.27 -81.05
C THR K 454 15.83 -67.69 -80.65
N PRO K 455 15.15 -68.75 -81.08
CA PRO K 455 15.65 -70.10 -80.76
C PRO K 455 17.00 -70.41 -81.37
N TYR K 456 17.40 -69.69 -82.43
CA TYR K 456 18.70 -69.92 -83.04
C TYR K 456 19.81 -69.20 -82.27
N CYS K 457 19.53 -67.98 -81.79
CA CYS K 457 20.55 -67.22 -81.07
C CYS K 457 20.80 -67.79 -79.69
N GLU K 458 19.74 -68.25 -79.01
CA GLU K 458 19.92 -68.87 -77.70
C GLU K 458 20.57 -70.24 -77.80
N ALA K 459 20.68 -70.80 -79.00
CA ALA K 459 21.35 -72.09 -79.22
C ALA K 459 22.83 -71.93 -79.56
N GLY K 460 23.39 -70.74 -79.38
CA GLY K 460 24.81 -70.52 -79.58
C GLY K 460 25.19 -69.88 -80.90
N LYS K 461 24.24 -69.64 -81.78
CA LYS K 461 24.54 -69.05 -83.08
C LYS K 461 24.53 -67.53 -83.08
N ASN K 462 24.24 -66.89 -81.95
CA ASN K 462 24.21 -65.44 -81.91
C ASN K 462 25.58 -64.83 -82.15
N SER K 463 26.64 -65.53 -81.74
CA SER K 463 27.99 -65.01 -81.94
C SER K 463 28.38 -65.00 -83.40
N LYS K 464 27.83 -65.92 -84.20
CA LYS K 464 28.15 -66.00 -85.62
C LYS K 464 27.45 -64.93 -86.44
N LEU K 465 26.68 -64.05 -85.80
CA LEU K 465 26.07 -62.91 -86.48
C LEU K 465 27.03 -61.73 -86.50
N SER K 466 26.87 -60.87 -87.50
CA SER K 466 27.72 -59.69 -87.61
C SER K 466 27.41 -58.71 -86.48
N TYR K 467 28.34 -57.79 -86.25
CA TYR K 467 28.15 -56.78 -85.23
C TYR K 467 27.04 -55.79 -85.59
N ASP K 468 26.75 -55.64 -86.88
CA ASP K 468 25.65 -54.76 -87.28
C ASP K 468 24.31 -55.32 -86.84
N THR K 469 24.10 -56.63 -87.03
CA THR K 469 22.83 -57.24 -86.66
C THR K 469 22.65 -57.30 -85.15
N ARG K 470 23.72 -57.63 -84.42
CA ARG K 470 23.62 -57.77 -82.98
C ARG K 470 23.32 -56.45 -82.30
N THR K 471 23.84 -55.34 -82.85
CA THR K 471 23.48 -54.03 -82.31
C THR K 471 21.99 -53.75 -82.49
N SER K 472 21.44 -54.17 -83.63
CA SER K 472 20.00 -54.01 -83.86
C SER K 472 19.21 -54.93 -82.95
N PHE K 473 19.67 -56.18 -82.77
CA PHE K 473 18.95 -57.11 -81.92
C PHE K 473 18.97 -56.70 -80.46
N ALA K 474 20.06 -56.06 -80.01
CA ALA K 474 20.11 -55.60 -78.62
C ALA K 474 19.06 -54.53 -78.36
N ILE K 475 18.75 -53.70 -79.37
CA ILE K 475 17.70 -52.71 -79.21
C ILE K 475 16.33 -53.36 -79.30
N PHE K 476 16.18 -54.34 -80.20
CA PHE K 476 14.89 -54.99 -80.39
C PHE K 476 14.48 -55.80 -79.16
N ARG K 477 15.44 -56.40 -78.45
CA ARG K 477 15.11 -57.10 -77.22
C ARG K 477 14.62 -56.15 -76.13
N SER K 478 14.87 -54.86 -76.27
CA SER K 478 14.38 -53.86 -75.33
C SER K 478 12.93 -53.46 -75.57
N PHE K 479 12.31 -53.97 -76.63
CA PHE K 479 10.91 -53.67 -76.93
C PHE K 479 10.04 -54.67 -76.19
N SER K 480 9.26 -54.19 -75.22
CA SER K 480 8.39 -55.06 -74.47
C SER K 480 7.12 -55.37 -75.26
N ALA K 481 6.37 -56.36 -74.80
CA ALA K 481 5.11 -56.70 -75.45
C ALA K 481 4.13 -55.54 -75.36
N SER K 482 4.11 -54.84 -74.22
CA SER K 482 3.24 -53.67 -74.08
C SER K 482 3.63 -52.56 -75.04
N ASP K 483 4.89 -52.52 -75.47
CA ASP K 483 5.29 -51.54 -76.48
C ASP K 483 4.75 -51.91 -77.85
N TYR K 484 4.65 -53.20 -78.16
CA TYR K 484 4.11 -53.62 -79.46
C TYR K 484 2.62 -53.34 -79.55
N ILE K 485 1.90 -53.50 -78.43
CA ILE K 485 0.47 -53.19 -78.43
C ILE K 485 0.26 -51.70 -78.67
N ALA K 486 1.02 -50.86 -77.97
CA ALA K 486 0.91 -49.42 -78.17
C ALA K 486 1.39 -49.01 -79.56
N ALA K 487 2.25 -49.81 -80.18
CA ALA K 487 2.67 -49.51 -81.54
C ALA K 487 1.57 -49.78 -82.55
N GLN K 488 0.86 -50.91 -82.39
CA GLN K 488 -0.22 -51.24 -83.32
C GLN K 488 -1.38 -50.27 -83.16
N CYS K 489 -1.55 -49.68 -81.97
CA CYS K 489 -2.54 -48.61 -81.82
C CYS K 489 -2.14 -47.39 -82.62
N LEU K 490 -0.84 -47.15 -82.78
CA LEU K 490 -0.40 -46.06 -83.63
C LEU K 490 -0.67 -46.37 -85.11
N ARG K 491 -0.49 -47.64 -85.50
CA ARG K 491 -0.70 -48.00 -86.90
C ARG K 491 -2.12 -47.68 -87.36
N ARG K 492 -3.10 -47.80 -86.47
CA ARG K 492 -4.46 -47.40 -86.83
C ARG K 492 -4.56 -45.90 -87.05
N ARG K 493 -3.87 -45.11 -86.23
CA ARG K 493 -3.88 -43.66 -86.40
C ARG K 493 -3.31 -43.27 -87.76
N LEU K 494 -2.11 -43.75 -88.09
CA LEU K 494 -1.54 -43.48 -89.41
C LEU K 494 -2.42 -44.01 -90.52
N MET K 495 -3.19 -45.07 -90.24
CA MET K 495 -4.09 -45.60 -91.26
C MET K 495 -5.25 -44.65 -91.51
N GLU K 496 -5.87 -44.16 -90.43
CA GLU K 496 -7.01 -43.26 -90.57
C GLU K 496 -6.60 -41.92 -91.19
N TYR K 497 -5.34 -41.53 -91.05
CA TYR K 497 -4.87 -40.31 -91.71
C TYR K 497 -4.76 -40.55 -93.21
N HIS K 498 -4.01 -41.58 -93.62
CA HIS K 498 -3.74 -41.79 -95.03
C HIS K 498 -5.00 -42.14 -95.81
N LEU K 499 -5.98 -42.77 -95.15
CA LEU K 499 -7.24 -43.08 -95.84
C LEU K 499 -8.02 -41.81 -96.15
N ASN K 500 -8.01 -40.84 -95.24
CA ASN K 500 -8.66 -39.56 -95.53
C ASN K 500 -7.89 -38.77 -96.57
N ILE K 501 -6.57 -38.94 -96.64
CA ILE K 501 -5.79 -38.29 -97.69
C ILE K 501 -6.13 -38.88 -99.06
N PHE K 502 -6.36 -40.20 -99.10
CA PHE K 502 -6.70 -40.84 -100.37
C PHE K 502 -8.13 -40.54 -100.82
N LYS K 503 -8.92 -39.84 -100.01
CA LYS K 503 -10.21 -39.34 -100.46
C LYS K 503 -10.07 -38.06 -101.26
N ASP K 504 -8.99 -37.31 -101.08
CA ASP K 504 -8.74 -36.07 -101.82
C ASP K 504 -7.78 -36.25 -102.98
N VAL K 505 -6.80 -37.14 -102.85
CA VAL K 505 -5.80 -37.36 -103.90
C VAL K 505 -5.80 -38.83 -104.29
N ASP K 506 -5.15 -39.12 -105.41
CA ASP K 506 -5.03 -40.49 -105.90
C ASP K 506 -3.74 -41.14 -105.43
N VAL K 507 -2.61 -40.46 -105.60
CA VAL K 507 -1.31 -40.97 -105.20
C VAL K 507 -0.61 -39.92 -104.36
N ILE K 508 0.48 -40.33 -103.72
CA ILE K 508 1.34 -39.44 -102.94
C ILE K 508 2.74 -39.52 -103.53
N VAL K 509 3.29 -38.38 -103.93
CA VAL K 509 4.59 -38.32 -104.57
C VAL K 509 5.57 -37.66 -103.62
N THR K 510 6.69 -38.34 -103.38
CA THR K 510 7.78 -37.85 -102.55
C THR K 510 9.09 -38.39 -103.14
N PRO K 511 10.22 -37.76 -102.83
CA PRO K 511 11.51 -38.37 -103.18
C PRO K 511 11.73 -39.66 -102.39
N THR K 512 12.34 -40.64 -103.05
CA THR K 512 12.53 -41.95 -102.42
C THR K 512 13.43 -41.84 -101.19
N THR K 513 14.64 -41.32 -101.37
CA THR K 513 15.60 -41.16 -100.28
C THR K 513 15.98 -39.70 -100.13
N GLY K 514 16.31 -39.31 -98.90
CA GLY K 514 16.67 -37.94 -98.60
C GLY K 514 18.12 -37.61 -98.90
N MET K 515 18.78 -38.44 -99.71
CA MET K 515 20.17 -38.25 -100.08
C MET K 515 20.48 -39.17 -101.24
N THR K 516 21.56 -38.86 -101.96
CA THR K 516 22.05 -39.71 -103.03
C THR K 516 22.86 -40.87 -102.43
N ALA K 517 23.53 -41.63 -103.28
CA ALA K 517 24.30 -42.79 -102.85
C ALA K 517 25.41 -42.37 -101.91
N PRO K 518 25.34 -42.74 -100.63
CA PRO K 518 26.36 -42.31 -99.67
C PRO K 518 27.67 -43.06 -99.86
N VAL K 519 28.74 -42.46 -99.34
CA VAL K 519 30.08 -43.02 -99.48
C VAL K 519 30.31 -44.07 -98.41
N ILE K 520 31.09 -45.09 -98.75
CA ILE K 520 31.43 -46.16 -97.82
C ILE K 520 32.70 -45.73 -97.07
N PRO K 521 32.63 -45.51 -95.76
CA PRO K 521 33.86 -45.26 -94.99
C PRO K 521 34.75 -46.49 -95.01
N PRO K 522 36.05 -46.32 -95.28
CA PRO K 522 36.91 -47.50 -95.45
C PRO K 522 37.05 -48.34 -94.19
N ASP K 523 36.87 -47.75 -93.01
CA ASP K 523 36.95 -48.52 -91.78
C ASP K 523 35.74 -49.42 -91.59
N ALA K 524 34.62 -49.12 -92.26
CA ALA K 524 33.43 -49.96 -92.14
C ALA K 524 33.57 -51.28 -92.89
N LEU K 525 34.49 -51.36 -93.85
CA LEU K 525 34.74 -52.61 -94.55
C LEU K 525 35.37 -53.67 -93.64
N LYS K 526 35.84 -53.28 -92.46
CA LYS K 526 36.49 -54.21 -91.55
C LYS K 526 35.49 -55.21 -90.98
N ASN K 527 34.54 -54.73 -90.19
CA ASN K 527 33.56 -55.60 -89.55
C ASN K 527 32.23 -54.87 -89.40
N GLY K 528 31.80 -54.20 -90.47
CA GLY K 528 30.53 -53.49 -90.46
C GLY K 528 30.63 -52.15 -89.75
N GLU K 529 29.46 -51.54 -89.55
CA GLU K 529 29.38 -50.23 -88.90
C GLU K 529 28.00 -50.06 -88.29
N THR K 530 27.96 -49.29 -87.21
CA THR K 530 26.70 -48.84 -86.61
C THR K 530 26.52 -47.37 -86.95
N ASN K 531 25.49 -47.06 -87.73
CA ASN K 531 25.24 -45.71 -88.19
C ASN K 531 23.73 -45.54 -88.31
N ILE K 532 23.04 -45.59 -87.16
CA ILE K 532 21.59 -45.49 -87.14
C ILE K 532 21.12 -44.14 -87.66
N GLN K 533 21.98 -43.11 -87.63
CA GLN K 533 21.59 -41.81 -88.15
C GLN K 533 21.38 -41.86 -89.66
N VAL K 534 22.30 -42.50 -90.39
CA VAL K 534 22.16 -42.60 -91.84
C VAL K 534 21.20 -43.72 -92.22
N THR K 535 21.24 -44.84 -91.48
CA THR K 535 20.33 -45.94 -91.77
C THR K 535 18.87 -45.51 -91.61
N THR K 536 18.59 -44.62 -90.66
CA THR K 536 17.24 -44.11 -90.49
C THR K 536 16.92 -43.03 -91.53
N ASP K 537 17.90 -42.17 -91.82
CA ASP K 537 17.66 -41.07 -92.75
C ASP K 537 17.31 -41.56 -94.15
N LEU K 538 17.67 -42.79 -94.50
CA LEU K 538 17.32 -43.34 -95.80
C LEU K 538 15.88 -43.89 -95.85
N MET K 539 15.23 -44.03 -94.71
CA MET K 539 13.88 -44.59 -94.64
C MET K 539 12.80 -43.54 -94.42
N ARG K 540 13.16 -42.26 -94.38
CA ARG K 540 12.23 -41.22 -93.97
C ARG K 540 11.10 -41.00 -94.97
N PHE K 541 11.08 -41.69 -96.10
CA PHE K 541 10.00 -41.57 -97.07
C PHE K 541 9.31 -42.87 -97.41
N VAL K 542 9.92 -44.01 -97.07
CA VAL K 542 9.39 -45.31 -97.51
C VAL K 542 8.61 -46.03 -96.42
N LEU K 543 8.67 -45.56 -95.17
CA LEU K 543 7.98 -46.26 -94.09
C LEU K 543 6.47 -46.14 -94.19
N ALA K 544 5.96 -45.19 -94.97
CA ALA K 544 4.51 -45.02 -95.07
C ALA K 544 3.87 -46.22 -95.77
N ALA K 545 4.54 -46.77 -96.77
CA ALA K 545 3.97 -47.86 -97.53
C ALA K 545 4.07 -49.21 -96.80
N ASN K 546 5.09 -49.37 -95.95
CA ASN K 546 5.27 -50.66 -95.28
C ASN K 546 4.34 -50.80 -94.10
N LEU K 547 4.30 -49.79 -93.23
CA LEU K 547 3.49 -49.89 -92.02
C LEU K 547 2.00 -49.95 -92.34
N LEU K 548 1.58 -49.34 -93.45
CA LEU K 548 0.18 -49.31 -93.83
C LEU K 548 -0.16 -50.24 -94.98
N GLY K 549 0.83 -50.71 -95.73
CA GLY K 549 0.60 -51.70 -96.76
C GLY K 549 0.34 -51.17 -98.15
N PHE K 550 0.33 -49.85 -98.34
CA PHE K 550 0.03 -49.28 -99.65
C PHE K 550 1.13 -49.62 -100.65
N PRO K 551 0.80 -49.76 -101.93
CA PRO K 551 1.82 -50.01 -102.94
C PRO K 551 2.56 -48.74 -103.33
N ALA K 552 3.82 -48.90 -103.68
CA ALA K 552 4.66 -47.78 -104.07
C ALA K 552 5.64 -48.25 -105.13
N ILE K 553 6.35 -47.29 -105.73
CA ILE K 553 7.36 -47.58 -106.74
C ILE K 553 8.39 -46.46 -106.72
N SER K 554 9.61 -46.80 -107.14
CA SER K 554 10.69 -45.83 -107.25
C SER K 554 11.11 -45.74 -108.70
N VAL K 555 11.06 -44.55 -109.27
CA VAL K 555 11.34 -44.32 -110.69
C VAL K 555 12.53 -43.37 -110.78
N PRO K 556 13.51 -43.64 -111.65
CA PRO K 556 14.62 -42.70 -111.82
C PRO K 556 14.15 -41.43 -112.53
N VAL K 557 14.43 -40.28 -111.93
CA VAL K 557 13.98 -39.00 -112.44
C VAL K 557 15.13 -38.06 -112.75
N GLY K 558 16.35 -38.57 -112.81
CA GLY K 558 17.50 -37.76 -113.16
C GLY K 558 18.66 -38.04 -112.24
N TYR K 559 19.67 -37.17 -112.31
CA TYR K 559 20.90 -37.30 -111.54
C TYR K 559 21.22 -35.97 -110.88
N ASP K 560 22.20 -36.00 -109.98
CA ASP K 560 22.58 -34.82 -109.21
C ASP K 560 23.87 -34.21 -109.75
N LYS K 561 24.61 -33.51 -108.87
CA LYS K 561 25.83 -32.85 -109.30
C LYS K 561 26.92 -33.85 -109.65
N GLU K 562 27.12 -34.87 -108.82
CA GLU K 562 28.18 -35.85 -109.01
C GLU K 562 27.73 -37.08 -109.80
N GLY K 563 26.66 -36.96 -110.59
CA GLY K 563 26.23 -38.07 -111.42
C GLY K 563 25.57 -39.21 -110.70
N LEU K 564 25.14 -39.01 -109.44
CA LEU K 564 24.46 -40.09 -108.74
C LEU K 564 22.96 -40.07 -109.06
N PRO K 565 22.33 -41.23 -109.17
CA PRO K 565 20.91 -41.27 -109.54
C PRO K 565 20.03 -40.69 -108.45
N ILE K 566 18.85 -40.24 -108.88
CA ILE K 566 17.81 -39.69 -108.00
C ILE K 566 16.53 -40.49 -108.20
N GLY K 567 15.78 -40.68 -107.12
CA GLY K 567 14.57 -41.48 -107.17
C GLY K 567 13.36 -40.74 -106.65
N LEU K 568 12.24 -40.93 -107.34
CA LEU K 568 10.95 -40.38 -106.93
C LEU K 568 10.01 -41.53 -106.61
N GLN K 569 9.35 -41.45 -105.45
CA GLN K 569 8.46 -42.49 -104.99
C GLN K 569 7.01 -42.11 -105.25
N ILE K 570 6.24 -43.04 -105.82
CA ILE K 570 4.83 -42.84 -106.12
C ILE K 570 4.05 -43.90 -105.35
N MET K 571 3.40 -43.51 -104.26
CA MET K 571 2.61 -44.40 -103.43
C MET K 571 1.14 -44.13 -103.68
N GLY K 572 0.39 -45.18 -104.05
CA GLY K 572 -1.00 -45.06 -104.40
C GLY K 572 -1.93 -45.71 -103.40
N ARG K 573 -3.19 -45.84 -103.80
CA ARG K 573 -4.21 -46.45 -102.98
C ARG K 573 -3.97 -47.97 -102.87
N PRO K 574 -4.55 -48.60 -101.85
CA PRO K 574 -4.43 -50.06 -101.75
C PRO K 574 -4.90 -50.77 -103.00
N TRP K 575 -4.18 -51.82 -103.39
CA TRP K 575 -4.46 -52.65 -104.55
C TRP K 575 -4.39 -51.88 -105.86
N ALA K 576 -3.90 -50.64 -105.84
CA ALA K 576 -3.84 -49.80 -107.04
C ALA K 576 -2.45 -49.82 -107.67
N GLU K 577 -1.94 -51.03 -107.96
CA GLU K 577 -0.65 -51.11 -108.63
C GLU K 577 -0.73 -50.57 -110.05
N ALA K 578 -1.86 -50.77 -110.72
CA ALA K 578 -2.00 -50.28 -112.08
C ALA K 578 -1.94 -48.75 -112.13
N THR K 579 -2.54 -48.10 -111.13
CA THR K 579 -2.46 -46.64 -111.06
C THR K 579 -1.02 -46.19 -110.87
N VAL K 580 -0.29 -46.87 -109.99
CA VAL K 580 1.10 -46.51 -109.74
C VAL K 580 1.96 -46.83 -110.95
N LEU K 581 1.75 -47.99 -111.56
CA LEU K 581 2.55 -48.38 -112.73
C LEU K 581 2.27 -47.47 -113.91
N GLY K 582 1.02 -47.05 -114.08
CA GLY K 582 0.69 -46.17 -115.19
C GLY K 582 1.32 -44.80 -115.05
N LEU K 583 1.22 -44.21 -113.86
CA LEU K 583 1.81 -42.90 -113.62
C LEU K 583 3.32 -42.95 -113.74
N ALA K 584 3.95 -43.95 -113.12
CA ALA K 584 5.40 -44.09 -113.21
C ALA K 584 5.86 -44.34 -114.64
N ALA K 585 4.99 -44.94 -115.46
CA ALA K 585 5.33 -45.10 -116.87
C ALA K 585 5.43 -43.75 -117.56
N ALA K 586 4.53 -42.82 -117.22
CA ALA K 586 4.62 -41.48 -117.79
C ALA K 586 5.81 -40.71 -117.25
N VAL K 587 6.25 -41.04 -116.03
CA VAL K 587 7.42 -40.37 -115.46
C VAL K 587 8.68 -40.81 -116.19
N GLU K 588 8.80 -42.10 -116.49
CA GLU K 588 9.94 -42.57 -117.28
C GLU K 588 9.92 -42.00 -118.70
N GLU K 589 8.74 -41.59 -119.18
CA GLU K 589 8.67 -40.98 -120.51
C GLU K 589 9.15 -39.55 -120.50
N LEU K 590 9.03 -38.85 -119.37
CA LEU K 590 9.49 -37.47 -119.24
C LEU K 590 10.91 -37.37 -118.71
N ALA K 591 11.51 -38.46 -118.26
CA ALA K 591 12.86 -38.46 -117.72
C ALA K 591 13.47 -39.85 -117.88
N PRO K 592 13.98 -40.16 -119.07
CA PRO K 592 14.55 -41.49 -119.30
C PRO K 592 15.95 -41.61 -118.73
N VAL K 593 16.33 -42.86 -118.46
CA VAL K 593 17.68 -43.18 -117.97
C VAL K 593 18.63 -43.10 -119.17
N THR K 594 19.55 -42.14 -119.14
CA THR K 594 20.44 -41.89 -120.27
C THR K 594 21.92 -41.94 -119.94
N LYS K 595 22.30 -41.89 -118.66
CA LYS K 595 23.72 -41.92 -118.27
C LYS K 595 24.11 -43.34 -117.92
N LYS K 596 25.05 -43.89 -118.69
CA LYS K 596 25.51 -45.25 -118.44
C LYS K 596 26.37 -45.30 -117.18
N PRO K 597 26.17 -46.30 -116.32
CA PRO K 597 26.94 -46.37 -115.07
C PRO K 597 28.39 -46.75 -115.34
N ALA K 598 29.21 -46.60 -114.30
CA ALA K 598 30.62 -46.95 -114.40
C ALA K 598 30.80 -48.43 -114.71
N ILE K 599 30.30 -49.29 -113.82
CA ILE K 599 30.35 -50.73 -114.02
C ILE K 599 29.11 -51.13 -114.82
N PHE K 600 29.32 -51.53 -116.08
CA PHE K 600 28.21 -51.92 -116.93
C PHE K 600 28.70 -52.95 -117.93
N TYR K 601 27.80 -53.84 -118.32
CA TYR K 601 28.11 -54.90 -119.27
C TYR K 601 26.98 -55.04 -120.28
N ASP K 602 27.34 -55.17 -121.55
CA ASP K 602 26.38 -55.35 -122.64
C ASP K 602 26.39 -56.83 -123.01
N ILE K 603 25.35 -57.54 -122.59
CA ILE K 603 25.27 -58.98 -122.82
C ILE K 603 24.69 -59.30 -124.18
N LEU K 604 23.62 -58.62 -124.58
CA LEU K 604 22.96 -58.87 -125.86
C LEU K 604 23.75 -58.34 -127.05
N ASN K 605 25.05 -58.14 -126.91
CA ASN K 605 25.87 -57.67 -128.01
C ASN K 605 26.02 -58.74 -129.08
N MET L 1 15.10 -86.05 -79.29
CA MET L 1 14.49 -84.87 -79.90
C MET L 1 14.37 -83.71 -78.91
N GLY L 2 14.35 -82.48 -79.43
CA GLY L 2 14.31 -81.31 -78.59
C GLY L 2 15.56 -81.18 -77.74
N LYS L 3 16.64 -80.65 -78.32
CA LYS L 3 17.89 -80.50 -77.61
C LYS L 3 18.35 -79.05 -77.64
N TYR L 4 19.13 -78.66 -78.66
CA TYR L 4 19.53 -77.27 -78.81
C TYR L 4 18.32 -76.37 -78.97
N GLN L 5 17.49 -76.66 -79.97
CA GLN L 5 16.23 -75.96 -80.18
C GLN L 5 15.15 -76.99 -80.47
N VAL L 6 13.90 -76.63 -80.19
CA VAL L 6 12.77 -77.53 -80.41
C VAL L 6 12.05 -77.10 -81.69
N MET L 7 11.70 -78.08 -82.51
CA MET L 7 11.02 -77.84 -83.78
C MET L 7 9.58 -78.30 -83.68
N LYS L 8 8.65 -77.47 -84.15
CA LYS L 8 7.23 -77.78 -84.15
C LYS L 8 6.75 -78.09 -85.57
N ARG L 9 5.44 -78.34 -85.68
CA ARG L 9 4.67 -78.40 -86.91
C ARG L 9 3.20 -78.53 -86.49
N ALA L 10 2.29 -78.07 -87.36
CA ALA L 10 0.91 -77.85 -86.92
C ALA L 10 -0.09 -78.82 -87.53
N SER L 11 -0.47 -78.58 -88.79
CA SER L 11 -1.57 -79.31 -89.41
C SER L 11 -1.14 -80.67 -89.94
N GLU L 12 -0.09 -81.25 -89.34
CA GLU L 12 0.34 -82.59 -89.73
C GLU L 12 0.62 -83.49 -88.54
N VAL L 13 0.25 -83.08 -87.33
CA VAL L 13 0.50 -83.90 -86.14
C VAL L 13 -0.49 -85.05 -86.11
N ASP L 14 -0.06 -86.17 -85.55
CA ASP L 14 -0.92 -87.33 -85.35
C ASP L 14 -1.63 -87.19 -84.01
N LEU L 15 -2.95 -87.05 -84.03
CA LEU L 15 -3.70 -86.87 -82.80
C LEU L 15 -3.62 -88.08 -81.88
N SER L 16 -3.31 -89.25 -82.43
CA SER L 16 -3.11 -90.44 -81.61
C SER L 16 -1.77 -90.44 -80.89
N THR L 17 -0.91 -89.46 -81.16
CA THR L 17 0.39 -89.34 -80.52
C THR L 17 0.40 -88.36 -79.36
N VAL L 18 -0.51 -87.38 -79.38
CA VAL L 18 -0.51 -86.29 -78.40
C VAL L 18 -0.75 -86.83 -77.00
N LYS L 19 0.27 -86.73 -76.16
CA LYS L 19 0.17 -87.09 -74.74
C LYS L 19 -0.31 -85.89 -73.93
N TYR L 20 -0.99 -86.19 -72.82
CA TYR L 20 -1.56 -85.15 -72.00
C TYR L 20 -0.49 -84.57 -71.08
N LYS L 21 -0.15 -83.30 -71.27
CA LYS L 21 0.78 -82.59 -70.40
C LYS L 21 -0.04 -81.82 -69.37
N ALA L 22 0.23 -82.07 -68.08
CA ALA L 22 -0.66 -81.61 -67.03
C ALA L 22 -0.14 -80.36 -66.32
N GLU L 23 -0.37 -80.31 -65.00
CA GLU L 23 -0.10 -79.12 -64.21
C GLU L 23 1.40 -78.85 -64.12
N THR L 24 1.80 -77.62 -64.39
CA THR L 24 3.19 -77.22 -64.33
C THR L 24 3.42 -75.87 -63.66
N MET L 25 2.39 -75.24 -63.10
CA MET L 25 2.51 -73.88 -62.58
C MET L 25 3.05 -73.92 -61.15
N LYS L 26 4.22 -73.32 -60.94
CA LYS L 26 4.88 -73.30 -59.64
C LYS L 26 5.22 -71.86 -59.28
N ALA L 27 4.76 -71.41 -58.12
CA ALA L 27 4.96 -70.03 -57.69
C ALA L 27 4.81 -69.97 -56.18
N PRO L 28 5.46 -69.01 -55.51
CA PRO L 28 5.35 -68.92 -54.06
C PRO L 28 4.00 -68.38 -53.62
N HIS L 29 3.64 -68.72 -52.39
CA HIS L 29 2.40 -68.27 -51.75
C HIS L 29 2.79 -67.35 -50.60
N LEU L 30 2.73 -66.05 -50.84
CA LEU L 30 3.18 -65.04 -49.89
C LEU L 30 2.04 -64.10 -49.54
N THR L 31 1.91 -63.81 -48.24
CA THR L 31 0.83 -62.97 -47.74
C THR L 31 1.37 -61.97 -46.73
N GLY L 32 0.68 -60.85 -46.60
CA GLY L 32 0.99 -59.90 -45.54
C GLY L 32 2.30 -59.19 -45.77
N LEU L 33 3.17 -59.21 -44.74
CA LEU L 33 4.42 -58.47 -44.81
C LEU L 33 5.40 -59.12 -45.77
N SER L 34 5.46 -60.46 -45.79
CA SER L 34 6.33 -61.14 -46.73
C SER L 34 5.94 -60.85 -48.17
N PHE L 35 4.64 -60.63 -48.43
CA PHE L 35 4.20 -60.20 -49.75
C PHE L 35 4.73 -58.81 -50.08
N LYS L 36 4.69 -57.90 -49.10
CA LYS L 36 5.14 -56.53 -49.35
C LYS L 36 6.61 -56.49 -49.72
N LEU L 37 7.44 -57.27 -49.02
CA LEU L 37 8.87 -57.30 -49.35
C LEU L 37 9.10 -57.93 -50.71
N PHE L 38 8.34 -58.98 -51.04
CA PHE L 38 8.51 -59.64 -52.33
C PHE L 38 8.13 -58.72 -53.49
N VAL L 39 7.11 -57.87 -53.29
CA VAL L 39 6.74 -56.91 -54.31
C VAL L 39 7.86 -55.90 -54.54
N ASN L 40 8.43 -55.38 -53.45
CA ASN L 40 9.54 -54.44 -53.58
C ASN L 40 10.77 -55.12 -54.16
N LEU L 41 10.93 -56.43 -53.94
CA LEU L 41 12.02 -57.15 -54.58
C LEU L 41 11.79 -57.28 -56.07
N LEU L 42 10.55 -57.51 -56.49
CA LEU L 42 10.25 -57.62 -57.92
C LEU L 42 10.41 -56.27 -58.62
N GLU L 43 10.01 -55.19 -57.97
CA GLU L 43 10.18 -53.86 -58.53
C GLU L 43 11.60 -53.31 -58.35
N ALA L 44 12.45 -54.04 -57.63
CA ALA L 44 13.83 -53.61 -57.46
C ALA L 44 14.60 -53.75 -58.78
N PRO L 45 15.61 -52.91 -59.00
CA PRO L 45 16.34 -52.93 -60.29
C PRO L 45 16.85 -54.29 -60.73
N LEU L 46 18.01 -54.70 -60.21
CA LEU L 46 18.69 -55.87 -60.75
C LEU L 46 18.04 -57.16 -60.28
N ILE L 47 17.77 -57.28 -58.98
CA ILE L 47 17.22 -58.52 -58.44
C ILE L 47 15.80 -58.75 -58.95
N GLY L 48 15.09 -57.68 -59.30
CA GLY L 48 13.71 -57.84 -59.76
C GLY L 48 13.61 -58.61 -61.06
N SER L 49 14.51 -58.34 -62.01
CA SER L 49 14.48 -59.04 -63.28
C SER L 49 14.89 -60.50 -63.13
N LEU L 50 15.70 -60.82 -62.12
CA LEU L 50 16.16 -62.19 -61.94
C LEU L 50 15.06 -63.08 -61.38
N ILE L 51 14.27 -62.56 -60.44
CA ILE L 51 13.21 -63.36 -59.85
C ILE L 51 12.14 -63.70 -60.88
N VAL L 52 11.84 -62.75 -61.77
CA VAL L 52 10.82 -62.98 -62.78
C VAL L 52 11.32 -63.98 -63.82
N ASP L 53 12.54 -63.77 -64.33
CA ASP L 53 13.10 -64.70 -65.31
C ASP L 53 13.34 -66.08 -64.74
N TYR L 54 13.48 -66.21 -63.41
CA TYR L 54 13.52 -67.54 -62.81
C TYR L 54 12.16 -68.19 -62.84
N LEU L 55 11.10 -67.44 -62.49
CA LEU L 55 9.76 -68.00 -62.55
C LEU L 55 9.37 -68.37 -63.97
N LYS L 56 9.80 -67.57 -64.96
CA LYS L 56 9.53 -67.91 -66.35
C LYS L 56 10.29 -69.15 -66.77
N LYS L 57 11.56 -69.26 -66.38
CA LYS L 57 12.35 -70.43 -66.76
C LYS L 57 11.89 -71.67 -66.03
N ASP L 58 11.29 -71.51 -64.85
CA ASP L 58 10.87 -72.66 -64.05
C ASP L 58 9.57 -73.27 -64.55
N ASN L 59 8.66 -72.45 -65.07
CA ASN L 59 7.36 -72.91 -65.52
C ASN L 59 7.34 -73.23 -67.01
N GLY L 60 8.50 -73.38 -67.64
CA GLY L 60 8.57 -73.78 -69.03
C GLY L 60 8.11 -72.73 -70.02
N MET L 61 7.95 -71.48 -69.60
CA MET L 61 7.49 -70.45 -70.53
C MET L 61 8.63 -70.00 -71.45
N THR L 62 9.82 -69.76 -70.88
CA THR L 62 10.95 -69.35 -71.70
C THR L 62 11.30 -70.38 -72.75
N LYS L 63 11.12 -71.67 -72.43
CA LYS L 63 11.39 -72.72 -73.41
C LYS L 63 10.44 -72.62 -74.60
N ILE L 64 9.20 -72.18 -74.37
CA ILE L 64 8.23 -72.08 -75.45
C ILE L 64 8.45 -70.81 -76.25
N PHE L 65 8.54 -69.66 -75.57
CA PHE L 65 8.60 -68.38 -76.27
C PHE L 65 9.95 -68.16 -76.93
N ARG L 66 11.04 -68.70 -76.36
CA ARG L 66 12.38 -68.36 -76.82
C ARG L 66 13.18 -69.52 -77.39
N ASN L 67 12.84 -70.77 -77.05
CA ASN L 67 13.67 -71.92 -77.42
C ASN L 67 12.93 -72.91 -78.30
N THR L 68 11.95 -72.43 -79.08
CA THR L 68 11.19 -73.30 -79.96
C THR L 68 10.83 -72.55 -81.23
N VAL L 69 11.18 -73.13 -82.38
CA VAL L 69 10.80 -72.54 -83.66
C VAL L 69 9.39 -72.98 -84.00
N ILE L 70 8.51 -72.01 -84.26
CA ILE L 70 7.11 -72.25 -84.58
C ILE L 70 6.91 -71.93 -86.06
N PRO L 71 6.52 -72.89 -86.89
CA PRO L 71 6.41 -72.62 -88.33
C PRO L 71 5.06 -72.03 -88.74
N GLU L 72 4.39 -71.36 -87.81
CA GLU L 72 3.09 -70.75 -88.08
C GLU L 72 3.20 -69.24 -88.17
N GLU L 73 2.30 -68.65 -88.93
CA GLU L 73 2.21 -67.20 -89.05
C GLU L 73 1.33 -66.64 -87.93
N PRO L 74 1.67 -65.48 -87.38
CA PRO L 74 0.94 -64.98 -86.22
C PRO L 74 -0.50 -64.65 -86.55
N MET L 75 -1.41 -65.09 -85.69
CA MET L 75 -2.83 -64.75 -85.76
C MET L 75 -3.12 -63.82 -84.59
N PHE L 76 -3.29 -62.54 -84.88
CA PHE L 76 -3.39 -61.54 -83.81
C PHE L 76 -4.79 -61.46 -83.22
N ARG L 77 -5.83 -61.65 -84.03
CA ARG L 77 -7.20 -61.65 -83.55
C ARG L 77 -7.93 -62.86 -84.09
N PRO L 78 -8.91 -63.38 -83.35
CA PRO L 78 -9.60 -64.62 -83.76
C PRO L 78 -10.20 -64.49 -85.15
N GLU L 79 -9.76 -65.36 -86.05
CA GLU L 79 -10.22 -65.39 -87.43
C GLU L 79 -11.07 -66.65 -87.62
N PHE L 80 -12.44 -66.47 -87.60
CA PHE L 80 -13.24 -67.66 -87.83
C PHE L 80 -13.58 -67.80 -89.32
N PRO L 81 -13.58 -69.02 -89.84
CA PRO L 81 -14.06 -69.25 -91.21
C PRO L 81 -15.59 -69.22 -91.24
N SER L 82 -16.13 -69.37 -92.45
CA SER L 82 -17.58 -69.41 -92.61
C SER L 82 -18.14 -70.65 -91.93
N GLN L 83 -19.06 -70.45 -91.00
CA GLN L 83 -19.71 -71.54 -90.29
C GLN L 83 -21.04 -71.87 -90.96
N GLU L 84 -21.40 -73.15 -90.97
CA GLU L 84 -22.69 -73.51 -91.52
C GLU L 84 -23.79 -73.17 -90.52
N PRO L 85 -25.02 -72.93 -90.99
CA PRO L 85 -26.06 -72.42 -90.09
C PRO L 85 -26.50 -73.44 -89.05
N GLU L 86 -26.66 -72.97 -87.82
CA GLU L 86 -27.13 -73.82 -86.74
C GLU L 86 -28.59 -74.20 -86.95
N HIS L 87 -28.95 -75.37 -86.45
CA HIS L 87 -30.25 -75.98 -86.73
C HIS L 87 -31.29 -75.54 -85.70
N ASP L 88 -32.52 -75.31 -86.19
CA ASP L 88 -33.68 -75.05 -85.35
C ASP L 88 -33.45 -73.83 -84.45
N VAL L 89 -33.26 -72.68 -85.11
CA VAL L 89 -32.98 -71.42 -84.42
C VAL L 89 -33.84 -70.33 -85.06
N VAL L 90 -33.90 -69.19 -84.37
CA VAL L 90 -34.63 -68.01 -84.83
C VAL L 90 -33.60 -66.92 -85.14
N ILE L 91 -33.57 -66.47 -86.39
CA ILE L 91 -32.62 -65.45 -86.82
C ILE L 91 -33.22 -64.07 -86.60
N VAL L 92 -32.47 -63.20 -85.95
CA VAL L 92 -32.87 -61.82 -85.71
C VAL L 92 -31.78 -60.91 -86.25
N GLY L 93 -32.18 -59.73 -86.73
CA GLY L 93 -31.22 -58.80 -87.28
C GLY L 93 -30.29 -58.24 -86.22
N GLU L 94 -29.06 -57.91 -86.65
CA GLU L 94 -28.06 -57.35 -85.75
C GLU L 94 -28.19 -55.85 -85.58
N ASP L 95 -29.11 -55.21 -86.31
CA ASP L 95 -29.29 -53.77 -86.25
C ASP L 95 -30.60 -53.34 -85.59
N GLU L 96 -31.47 -54.29 -85.24
CA GLU L 96 -32.74 -53.94 -84.63
C GLU L 96 -32.53 -53.42 -83.21
N SER L 97 -33.53 -52.70 -82.72
CA SER L 97 -33.45 -52.10 -81.39
C SER L 97 -33.51 -53.19 -80.33
N PRO L 98 -32.90 -52.95 -79.17
CA PRO L 98 -32.96 -53.97 -78.10
C PRO L 98 -34.37 -54.28 -77.65
N ILE L 99 -35.30 -53.33 -77.81
CA ILE L 99 -36.68 -53.58 -77.44
C ILE L 99 -37.32 -54.58 -78.40
N ASP L 100 -36.95 -54.50 -79.68
CA ASP L 100 -37.52 -55.42 -80.67
C ASP L 100 -36.98 -56.84 -80.49
N ARG L 101 -35.70 -56.97 -80.14
CA ARG L 101 -35.14 -58.30 -79.92
C ARG L 101 -35.69 -58.96 -78.65
N LEU L 102 -36.14 -58.17 -77.68
CA LEU L 102 -36.67 -58.74 -76.44
C LEU L 102 -38.02 -59.40 -76.68
N GLU L 103 -38.87 -58.80 -77.53
CA GLU L 103 -40.15 -59.42 -77.82
C GLU L 103 -39.99 -60.69 -78.65
N THR L 104 -38.91 -60.77 -79.44
CA THR L 104 -38.62 -61.99 -80.16
C THR L 104 -38.05 -63.06 -79.22
N ALA L 105 -37.18 -62.66 -78.30
CA ALA L 105 -36.65 -63.61 -77.33
C ALA L 105 -37.73 -64.11 -76.38
N LEU L 106 -38.80 -63.33 -76.19
CA LEU L 106 -39.90 -63.79 -75.35
C LEU L 106 -40.71 -64.87 -76.05
N LYS L 107 -40.81 -64.82 -77.38
CA LYS L 107 -41.48 -65.88 -78.11
C LYS L 107 -40.68 -67.17 -78.13
N CYS L 108 -39.35 -67.08 -77.97
CA CYS L 108 -38.51 -68.28 -77.94
C CYS L 108 -38.56 -68.96 -76.58
N LEU L 109 -38.86 -68.21 -75.51
CA LEU L 109 -38.98 -68.80 -74.20
C LEU L 109 -40.20 -69.72 -74.12
N PRO L 110 -40.20 -70.70 -73.22
CA PRO L 110 -41.39 -71.54 -73.04
C PRO L 110 -42.54 -70.79 -72.37
N GLN L 111 -43.63 -71.50 -72.12
CA GLN L 111 -44.82 -70.88 -71.54
C GLN L 111 -44.60 -70.63 -70.05
N TYR L 112 -45.09 -69.49 -69.58
CA TYR L 112 -44.91 -69.08 -68.19
C TYR L 112 -46.04 -69.66 -67.33
N ASP L 113 -45.81 -69.64 -66.02
CA ASP L 113 -46.76 -70.14 -65.03
C ASP L 113 -46.94 -69.09 -63.93
N PRO L 114 -48.09 -68.41 -63.87
CA PRO L 114 -48.31 -67.46 -62.75
C PRO L 114 -48.26 -68.12 -61.39
N SER L 115 -48.41 -69.43 -61.34
CA SER L 115 -48.36 -70.23 -60.12
C SER L 115 -46.97 -70.35 -59.54
N ARG L 116 -45.94 -69.80 -60.18
CA ARG L 116 -44.61 -69.81 -59.57
C ARG L 116 -44.32 -68.53 -58.82
N SER L 117 -45.18 -67.51 -58.93
CA SER L 117 -44.97 -66.23 -58.27
C SER L 117 -45.98 -66.02 -57.14
N LEU L 118 -47.24 -65.79 -57.47
CA LEU L 118 -48.22 -65.43 -56.43
C LEU L 118 -48.68 -66.67 -55.67
N HIS L 119 -49.52 -67.50 -56.30
CA HIS L 119 -50.11 -68.65 -55.64
C HIS L 119 -49.19 -69.86 -55.82
N ALA L 120 -48.76 -70.45 -54.71
CA ALA L 120 -47.88 -71.61 -54.77
C ALA L 120 -48.05 -72.43 -53.50
N ASP L 121 -47.75 -73.73 -53.61
CA ASP L 121 -47.84 -74.60 -52.46
C ASP L 121 -46.71 -74.28 -51.49
N PRO L 122 -47.00 -74.07 -50.20
CA PRO L 122 -45.94 -73.68 -49.25
C PRO L 122 -45.06 -74.84 -48.81
N VAL L 123 -44.99 -75.90 -49.61
CA VAL L 123 -44.12 -77.03 -49.32
C VAL L 123 -43.29 -77.35 -50.56
N SER L 124 -43.11 -76.36 -51.42
CA SER L 124 -42.37 -76.54 -52.66
C SER L 124 -40.88 -76.33 -52.42
N SER L 125 -40.09 -76.55 -53.47
CA SER L 125 -38.65 -76.41 -53.38
C SER L 125 -38.25 -74.95 -53.58
N PHE L 126 -36.95 -74.70 -53.52
CA PHE L 126 -36.40 -73.35 -53.66
C PHE L 126 -35.98 -73.08 -55.10
N ARG L 127 -36.10 -71.83 -55.51
CA ARG L 127 -35.67 -71.40 -56.83
C ARG L 127 -35.56 -69.88 -56.83
N TYR L 128 -34.56 -69.37 -57.55
CA TYR L 128 -34.42 -67.93 -57.70
C TYR L 128 -35.58 -67.35 -58.50
N TRP L 129 -35.82 -66.05 -58.31
CA TRP L 129 -36.85 -65.38 -59.07
C TRP L 129 -36.41 -65.17 -60.51
N LYS L 130 -37.32 -65.42 -61.44
CA LYS L 130 -37.04 -65.18 -62.85
C LYS L 130 -37.29 -63.71 -63.20
N ILE L 131 -36.76 -63.31 -64.37
CA ILE L 131 -37.05 -61.96 -64.87
C ILE L 131 -38.53 -61.82 -65.16
N ARG L 132 -39.15 -62.87 -65.71
CA ARG L 132 -40.58 -62.84 -65.97
C ARG L 132 -41.41 -62.85 -64.70
N ASP L 133 -40.83 -63.25 -63.57
CA ASP L 133 -41.54 -63.12 -62.30
C ASP L 133 -41.64 -61.65 -61.88
N TYR L 134 -40.55 -60.89 -62.02
CA TYR L 134 -40.62 -59.47 -61.73
C TYR L 134 -41.56 -58.76 -62.72
N ALA L 135 -41.47 -59.12 -64.00
CA ALA L 135 -42.29 -58.45 -65.01
C ALA L 135 -43.77 -58.74 -64.78
N TYR L 136 -44.11 -59.98 -64.44
CA TYR L 136 -45.51 -60.30 -64.19
C TYR L 136 -46.01 -59.62 -62.92
N ALA L 137 -45.20 -59.64 -61.85
CA ALA L 137 -45.62 -59.01 -60.60
C ALA L 137 -45.73 -57.50 -60.74
N TYR L 138 -45.00 -56.91 -61.69
CA TYR L 138 -45.15 -55.47 -61.93
C TYR L 138 -46.46 -55.17 -62.64
N ARG L 139 -46.70 -55.85 -63.76
CA ARG L 139 -47.87 -55.56 -64.58
C ARG L 139 -49.17 -55.99 -63.91
N SER L 140 -49.13 -56.96 -63.01
CA SER L 140 -50.31 -57.37 -62.26
C SER L 140 -50.54 -56.52 -61.02
N LYS L 141 -49.75 -55.46 -60.84
CA LYS L 141 -49.87 -54.55 -59.70
C LYS L 141 -49.72 -55.28 -58.37
N LEU L 142 -48.96 -56.39 -58.36
CA LEU L 142 -48.61 -57.03 -57.10
C LEU L 142 -47.52 -56.26 -56.36
N THR L 143 -46.60 -55.65 -57.11
CA THR L 143 -45.58 -54.79 -56.53
C THR L 143 -45.02 -53.90 -57.63
N THR L 144 -44.37 -52.82 -57.22
CA THR L 144 -43.81 -51.84 -58.14
C THR L 144 -42.29 -51.83 -58.06
N PRO L 145 -41.60 -51.41 -59.12
CA PRO L 145 -40.13 -51.30 -59.05
C PRO L 145 -39.64 -50.37 -57.96
N LEU L 146 -40.47 -49.41 -57.53
CA LEU L 146 -40.08 -48.55 -56.42
C LEU L 146 -40.04 -49.34 -55.12
N GLN L 147 -41.10 -50.12 -54.84
CA GLN L 147 -41.11 -50.95 -53.65
C GLN L 147 -39.93 -51.93 -53.65
N VAL L 148 -39.57 -52.46 -54.83
CA VAL L 148 -38.44 -53.36 -54.95
C VAL L 148 -37.14 -52.64 -54.61
N ALA L 149 -36.98 -51.41 -55.13
CA ALA L 149 -35.75 -50.66 -54.88
C ALA L 149 -35.59 -50.36 -53.39
N LYS L 150 -36.67 -49.98 -52.71
CA LYS L 150 -36.59 -49.67 -51.29
C LYS L 150 -36.23 -50.91 -50.48
N ARG L 151 -36.60 -52.10 -50.95
CA ARG L 151 -36.20 -53.31 -50.26
C ARG L 151 -34.73 -53.64 -50.49
N ILE L 152 -34.25 -53.40 -51.73
CA ILE L 152 -32.84 -53.65 -52.02
C ILE L 152 -31.95 -52.67 -51.28
N ILE L 153 -32.31 -51.38 -51.32
CA ILE L 153 -31.53 -50.36 -50.60
C ILE L 153 -31.53 -50.64 -49.10
N SER L 154 -32.65 -51.14 -48.58
CA SER L 154 -32.72 -51.47 -47.16
C SER L 154 -31.70 -52.55 -46.79
N ILE L 155 -31.55 -53.56 -47.65
CA ILE L 155 -30.62 -54.64 -47.36
C ILE L 155 -29.18 -54.19 -47.58
N ILE L 156 -28.95 -53.30 -48.56
CA ILE L 156 -27.59 -52.83 -48.81
C ILE L 156 -27.07 -52.00 -47.64
N GLU L 157 -27.95 -51.19 -47.04
CA GLU L 157 -27.53 -50.37 -45.91
C GLU L 157 -27.50 -51.15 -44.60
N GLU L 158 -28.41 -52.12 -44.44
CA GLU L 158 -28.48 -52.86 -43.17
C GLU L 158 -27.29 -53.80 -43.00
N PHE L 159 -26.75 -54.32 -44.10
CA PHE L 159 -25.63 -55.25 -44.04
C PHE L 159 -24.31 -54.62 -44.48
N GLY L 160 -24.33 -53.36 -44.91
CA GLY L 160 -23.10 -52.70 -45.33
C GLY L 160 -22.49 -53.27 -46.58
N TYR L 161 -23.30 -53.75 -47.52
CA TYR L 161 -22.79 -54.29 -48.78
C TYR L 161 -22.25 -53.22 -49.70
N ASP L 162 -22.38 -51.95 -49.36
CA ASP L 162 -21.81 -50.85 -50.13
C ASP L 162 -20.58 -50.26 -49.45
N LYS L 163 -20.11 -50.88 -48.39
CA LYS L 163 -18.98 -50.40 -47.60
C LYS L 163 -18.10 -51.59 -47.25
N PRO L 164 -16.83 -51.35 -46.89
CA PRO L 164 -15.95 -52.42 -46.38
C PRO L 164 -16.51 -53.06 -45.11
N PRO L 165 -16.02 -54.26 -44.75
CA PRO L 165 -14.97 -55.05 -45.39
C PRO L 165 -15.48 -56.09 -46.42
N THR L 166 -16.80 -56.32 -46.46
CA THR L 166 -17.40 -57.31 -47.35
C THR L 166 -18.45 -56.61 -48.21
N PRO L 167 -18.03 -55.91 -49.28
CA PRO L 167 -19.00 -55.18 -50.10
C PRO L 167 -19.39 -55.92 -51.37
N PHE L 168 -20.66 -55.81 -51.76
CA PHE L 168 -21.08 -56.25 -53.09
C PHE L 168 -20.84 -55.15 -54.12
N LEU L 169 -21.04 -53.90 -53.73
CA LEU L 169 -20.92 -52.75 -54.62
C LEU L 169 -19.91 -51.77 -54.04
N ILE L 170 -19.00 -51.28 -54.88
CA ILE L 170 -18.06 -50.25 -54.44
C ILE L 170 -18.51 -48.85 -54.83
N ARG L 171 -19.55 -48.72 -55.64
CA ARG L 171 -20.12 -47.43 -56.01
C ARG L 171 -21.64 -47.59 -56.04
N PHE L 172 -22.33 -46.95 -55.10
CA PHE L 172 -23.77 -47.14 -54.95
C PHE L 172 -24.39 -45.84 -54.46
N ASP L 173 -25.37 -45.33 -55.20
CA ASP L 173 -26.10 -44.12 -54.84
C ASP L 173 -27.58 -44.47 -54.74
N ALA L 174 -28.13 -44.40 -53.52
CA ALA L 174 -29.54 -44.74 -53.33
C ALA L 174 -30.46 -43.73 -53.99
N ASN L 175 -30.04 -42.47 -54.08
CA ASN L 175 -30.87 -41.45 -54.72
C ASN L 175 -31.01 -41.70 -56.21
N GLU L 176 -30.02 -42.34 -56.83
CA GLU L 176 -30.09 -42.65 -58.26
C GLU L 176 -30.92 -43.91 -58.52
N VAL L 177 -30.88 -44.88 -57.61
CA VAL L 177 -31.71 -46.06 -57.76
C VAL L 177 -33.19 -45.70 -57.63
N ILE L 178 -33.51 -44.81 -56.69
CA ILE L 178 -34.90 -44.38 -56.53
C ILE L 178 -35.32 -43.52 -57.72
N LYS L 179 -34.42 -42.70 -58.24
CA LYS L 179 -34.76 -41.87 -59.40
C LYS L 179 -35.11 -42.73 -60.61
N GLN L 180 -34.35 -43.80 -60.85
CA GLN L 180 -34.65 -44.67 -61.98
C GLN L 180 -35.89 -45.50 -61.71
N ALA L 181 -36.10 -45.92 -60.46
CA ALA L 181 -37.27 -46.74 -60.15
C ALA L 181 -38.56 -45.93 -60.17
N GLU L 182 -38.48 -44.64 -59.84
CA GLU L 182 -39.67 -43.80 -59.88
C GLU L 182 -40.16 -43.60 -61.32
N ALA L 183 -39.23 -43.42 -62.26
CA ALA L 183 -39.61 -43.30 -63.66
C ALA L 183 -40.16 -44.61 -64.21
N SER L 184 -39.62 -45.74 -63.74
CA SER L 184 -40.12 -47.04 -64.19
C SER L 184 -41.47 -47.36 -63.58
N THR L 185 -41.67 -47.01 -62.31
CA THR L 185 -42.94 -47.31 -61.65
C THR L 185 -44.11 -46.58 -62.30
N ARG L 186 -43.91 -45.30 -62.64
CA ARG L 186 -44.99 -44.53 -63.24
C ARG L 186 -45.39 -45.08 -64.60
N ARG L 187 -44.44 -45.61 -65.37
CA ARG L 187 -44.79 -46.22 -66.64
C ARG L 187 -45.69 -47.44 -66.46
N PHE L 188 -45.48 -48.20 -65.38
CA PHE L 188 -46.39 -49.31 -65.06
C PHE L 188 -47.74 -48.82 -64.57
N GLU L 189 -47.81 -47.59 -64.05
CA GLU L 189 -49.09 -47.05 -63.63
C GLU L 189 -49.87 -46.50 -64.82
N GLN L 190 -49.20 -45.78 -65.71
CA GLN L 190 -49.85 -45.29 -66.91
C GLN L 190 -50.10 -46.40 -67.92
N GLY L 191 -49.45 -47.55 -67.76
CA GLY L 191 -49.70 -48.69 -68.62
C GLY L 191 -48.89 -48.75 -69.88
N ASN L 192 -47.66 -48.25 -69.87
CA ASN L 192 -46.78 -48.27 -71.04
C ASN L 192 -45.37 -48.66 -70.63
N PRO L 193 -45.15 -49.94 -70.32
CA PRO L 193 -43.79 -50.41 -70.05
C PRO L 193 -43.01 -50.56 -71.35
N ILE L 194 -41.70 -50.33 -71.23
CA ILE L 194 -40.85 -50.34 -72.42
C ILE L 194 -40.71 -51.76 -72.98
N SER L 195 -40.30 -52.70 -72.13
CA SER L 195 -40.13 -54.09 -72.55
C SER L 195 -40.26 -54.97 -71.31
N VAL L 196 -39.86 -56.23 -71.44
CA VAL L 196 -39.88 -57.13 -70.30
C VAL L 196 -38.83 -56.72 -69.27
N LEU L 197 -37.71 -56.15 -69.73
CA LEU L 197 -36.64 -55.72 -68.84
C LEU L 197 -36.95 -54.42 -68.12
N ASP L 198 -38.11 -53.81 -68.36
CA ASP L 198 -38.48 -52.59 -67.67
C ASP L 198 -38.73 -52.88 -66.20
N GLY L 199 -37.94 -52.27 -65.32
CA GLY L 199 -38.04 -52.50 -63.90
C GLY L 199 -37.13 -53.60 -63.36
N ILE L 200 -36.34 -54.25 -64.21
CA ILE L 200 -35.42 -55.29 -63.78
C ILE L 200 -34.13 -54.64 -63.30
N PHE L 201 -33.66 -55.08 -62.13
CA PHE L 201 -32.44 -54.55 -61.55
C PHE L 201 -31.22 -55.33 -62.05
N VAL L 202 -30.22 -54.61 -62.54
CA VAL L 202 -28.99 -55.22 -63.03
C VAL L 202 -27.80 -54.48 -62.41
N THR L 203 -26.67 -55.18 -62.34
CA THR L 203 -25.44 -54.63 -61.78
C THR L 203 -24.36 -54.62 -62.85
N ILE L 204 -23.62 -53.51 -62.94
CA ILE L 204 -22.58 -53.33 -63.94
C ILE L 204 -21.23 -53.43 -63.25
N LYS L 205 -20.34 -54.23 -63.82
CA LYS L 205 -19.00 -54.38 -63.28
C LYS L 205 -18.27 -53.04 -63.33
N ASP L 206 -17.35 -52.84 -62.38
CA ASP L 206 -16.73 -51.53 -62.22
C ASP L 206 -15.80 -51.15 -63.38
N ASP L 207 -15.46 -52.08 -64.26
CA ASP L 207 -14.64 -51.76 -65.42
C ASP L 207 -15.45 -51.42 -66.66
N ILE L 208 -16.75 -51.17 -66.49
CA ILE L 208 -17.63 -50.75 -67.58
C ILE L 208 -18.20 -49.38 -67.23
N ASP L 209 -18.27 -48.49 -68.22
CA ASP L 209 -18.73 -47.13 -68.00
C ASP L 209 -20.25 -47.09 -67.80
N CYS L 210 -20.69 -46.44 -66.73
CA CYS L 210 -22.11 -46.34 -66.42
C CYS L 210 -22.34 -45.08 -65.62
N LEU L 211 -22.97 -44.08 -66.25
CA LEU L 211 -23.26 -42.81 -65.60
C LEU L 211 -24.25 -42.99 -64.44
N PRO L 212 -24.11 -42.17 -63.38
CA PRO L 212 -23.09 -41.13 -63.23
C PRO L 212 -21.85 -41.61 -62.49
N HIS L 213 -21.81 -42.90 -62.16
CA HIS L 213 -20.69 -43.42 -61.38
C HIS L 213 -19.43 -43.48 -62.24
N PRO L 214 -18.28 -43.08 -61.69
CA PRO L 214 -17.03 -43.16 -62.45
C PRO L 214 -16.54 -44.60 -62.55
N THR L 215 -15.62 -44.82 -63.49
CA THR L 215 -15.05 -46.14 -63.75
C THR L 215 -13.68 -46.22 -63.10
N ASN L 216 -13.58 -47.02 -62.04
CA ASN L 216 -12.31 -47.23 -61.34
C ASN L 216 -11.66 -48.56 -61.67
N GLY L 217 -12.43 -49.55 -62.12
CA GLY L 217 -11.86 -50.88 -62.38
C GLY L 217 -11.29 -51.54 -61.15
N GLY L 218 -11.88 -51.30 -59.98
CA GLY L 218 -11.39 -51.84 -58.73
C GLY L 218 -10.29 -51.05 -58.08
N THR L 219 -9.75 -50.05 -58.75
CA THR L 219 -8.66 -49.24 -58.21
C THR L 219 -9.25 -48.10 -57.37
N THR L 220 -8.38 -47.20 -56.90
CA THR L 220 -8.79 -46.09 -56.05
C THR L 220 -8.35 -44.75 -56.63
N TRP L 221 -7.98 -44.70 -57.91
CA TRP L 221 -7.42 -43.48 -58.49
C TRP L 221 -7.70 -43.37 -59.98
N LEU L 222 -8.29 -44.40 -60.57
CA LEU L 222 -8.51 -44.39 -62.02
C LEU L 222 -9.49 -43.30 -62.43
N HIS L 223 -10.38 -42.88 -61.53
CA HIS L 223 -11.29 -41.79 -61.84
C HIS L 223 -10.60 -40.43 -61.89
N GLU L 224 -9.33 -40.37 -61.47
CA GLU L 224 -8.59 -39.11 -61.53
C GLU L 224 -8.00 -38.86 -62.91
N ASP L 225 -7.65 -39.91 -63.64
CA ASP L 225 -7.06 -39.77 -64.96
C ASP L 225 -7.97 -40.19 -66.10
N ARG L 226 -8.96 -41.03 -65.84
CA ARG L 226 -9.91 -41.48 -66.87
C ARG L 226 -11.33 -41.21 -66.36
N SER L 227 -11.89 -40.08 -66.76
CA SER L 227 -13.24 -39.69 -66.35
C SER L 227 -14.24 -40.11 -67.41
N VAL L 228 -15.37 -40.62 -66.96
CA VAL L 228 -16.43 -41.08 -67.85
C VAL L 228 -17.40 -39.93 -68.11
N GLU L 229 -17.92 -39.88 -69.32
CA GLU L 229 -18.89 -38.86 -69.72
C GLU L 229 -20.13 -39.41 -70.40
N LYS L 230 -20.08 -40.63 -70.94
CA LYS L 230 -21.20 -41.22 -71.65
C LYS L 230 -21.35 -42.67 -71.20
N ASP L 231 -22.59 -43.16 -71.25
CA ASP L 231 -22.82 -44.57 -70.97
C ASP L 231 -22.11 -45.44 -72.00
N SER L 232 -21.81 -46.68 -71.60
CA SER L 232 -21.15 -47.62 -72.49
C SER L 232 -22.17 -48.20 -73.47
N ALA L 233 -21.67 -49.00 -74.41
CA ALA L 233 -22.56 -49.61 -75.40
C ALA L 233 -23.53 -50.58 -74.74
N VAL L 234 -23.04 -51.42 -73.83
CA VAL L 234 -23.92 -52.41 -73.22
C VAL L 234 -24.86 -51.77 -72.21
N VAL L 235 -24.43 -50.71 -71.54
CA VAL L 235 -25.29 -50.07 -70.54
C VAL L 235 -26.36 -49.22 -71.23
N SER L 236 -26.00 -48.53 -72.31
CA SER L 236 -26.99 -47.74 -73.03
C SER L 236 -28.08 -48.62 -73.63
N LYS L 237 -27.74 -49.87 -73.98
CA LYS L 237 -28.76 -50.79 -74.46
C LYS L 237 -29.67 -51.25 -73.32
N LEU L 238 -29.10 -51.54 -72.16
CA LEU L 238 -29.92 -51.96 -71.03
C LEU L 238 -30.78 -50.82 -70.51
N ARG L 239 -30.25 -49.60 -70.48
CA ARG L 239 -31.02 -48.46 -70.00
C ARG L 239 -32.18 -48.14 -70.93
N SER L 240 -32.05 -48.43 -72.22
CA SER L 240 -33.13 -48.16 -73.16
C SER L 240 -34.28 -49.13 -73.00
N CYS L 241 -34.07 -50.28 -72.37
CA CYS L 241 -35.12 -51.25 -72.14
C CYS L 241 -35.81 -51.06 -70.80
N GLY L 242 -35.56 -49.95 -70.12
CA GLY L 242 -36.18 -49.70 -68.83
C GLY L 242 -35.50 -50.36 -67.65
N ALA L 243 -34.31 -50.92 -67.84
CA ALA L 243 -33.61 -51.57 -66.74
C ALA L 243 -33.10 -50.53 -65.75
N ILE L 244 -32.91 -50.99 -64.52
CA ILE L 244 -32.47 -50.14 -63.41
C ILE L 244 -31.06 -50.54 -63.03
N LEU L 245 -30.11 -49.65 -63.28
CA LEU L 245 -28.72 -49.90 -62.92
C LEU L 245 -28.55 -49.75 -61.41
N LEU L 246 -28.20 -50.84 -60.74
CA LEU L 246 -28.10 -50.82 -59.29
C LEU L 246 -26.82 -50.12 -58.83
N GLY L 247 -25.74 -50.30 -59.55
CA GLY L 247 -24.48 -49.67 -59.20
C GLY L 247 -23.30 -50.49 -59.70
N LYS L 248 -22.11 -50.00 -59.39
CA LYS L 248 -20.88 -50.66 -59.78
C LYS L 248 -20.52 -51.75 -58.77
N ALA L 249 -20.19 -52.93 -59.28
CA ALA L 249 -19.89 -54.08 -58.43
C ALA L 249 -18.42 -54.12 -58.07
N ASN L 250 -18.14 -54.68 -56.89
CA ASN L 250 -16.77 -54.94 -56.49
C ASN L 250 -16.12 -55.93 -57.46
N MET L 251 -14.81 -55.83 -57.60
CA MET L 251 -14.09 -56.70 -58.52
C MET L 251 -12.63 -56.77 -58.12
N HIS L 252 -11.98 -57.83 -58.55
CA HIS L 252 -10.52 -57.90 -58.42
C HIS L 252 -9.91 -56.77 -59.23
N GLU L 253 -8.90 -56.13 -58.64
CA GLU L 253 -8.33 -54.91 -59.21
C GLU L 253 -7.82 -55.13 -60.63
N LEU L 254 -8.46 -54.45 -61.59
CA LEU L 254 -8.07 -54.48 -63.01
C LEU L 254 -8.12 -55.88 -63.60
N GLY L 255 -8.91 -56.77 -63.01
CA GLY L 255 -9.04 -58.12 -63.52
C GLY L 255 -7.79 -58.96 -63.45
N MET L 256 -6.81 -58.56 -62.63
CA MET L 256 -5.57 -59.32 -62.48
C MET L 256 -5.69 -60.27 -61.30
N GLY L 257 -6.53 -61.28 -61.49
CA GLY L 257 -6.79 -62.28 -60.48
C GLY L 257 -8.09 -62.99 -60.75
N THR L 258 -8.19 -64.20 -60.22
CA THR L 258 -9.36 -65.04 -60.43
C THR L 258 -9.98 -65.49 -59.10
N THR L 259 -9.82 -64.68 -58.06
CA THR L 259 -10.40 -64.97 -56.76
C THR L 259 -11.32 -63.88 -56.23
N GLY L 260 -11.08 -62.63 -56.60
CA GLY L 260 -11.90 -61.53 -56.11
C GLY L 260 -11.32 -60.80 -54.92
N ASN L 261 -10.05 -60.98 -54.62
CA ASN L 261 -9.42 -60.30 -53.50
C ASN L 261 -9.14 -58.85 -53.87
N ASN L 262 -9.65 -57.92 -53.08
CA ASN L 262 -9.43 -56.48 -53.31
C ASN L 262 -9.13 -55.84 -51.96
N SER L 263 -7.85 -55.57 -51.71
CA SER L 263 -7.40 -55.01 -50.45
C SER L 263 -7.73 -53.53 -50.30
N ASN L 264 -8.32 -52.90 -51.31
CA ASN L 264 -8.68 -51.49 -51.23
C ASN L 264 -10.12 -51.29 -50.75
N TYR L 265 -11.05 -52.12 -51.22
CA TYR L 265 -12.45 -52.01 -50.82
C TYR L 265 -12.94 -53.19 -49.99
N GLY L 266 -12.21 -54.30 -49.97
CA GLY L 266 -12.65 -55.51 -49.31
C GLY L 266 -12.80 -56.66 -50.28
N THR L 267 -12.95 -57.85 -49.72
CA THR L 267 -13.08 -59.08 -50.49
C THR L 267 -14.53 -59.55 -50.43
N THR L 268 -15.16 -59.69 -51.60
CA THR L 268 -16.53 -60.16 -51.67
C THR L 268 -16.58 -61.63 -51.26
N ARG L 269 -17.53 -61.96 -50.39
CA ARG L 269 -17.62 -63.30 -49.82
C ARG L 269 -18.69 -64.10 -50.56
N ASN L 270 -18.43 -65.40 -50.70
CA ASN L 270 -19.35 -66.28 -51.42
C ASN L 270 -20.66 -66.40 -50.64
N PRO L 271 -21.81 -66.20 -51.28
CA PRO L 271 -23.08 -66.36 -50.56
C PRO L 271 -23.33 -67.78 -50.07
N HIS L 272 -22.72 -68.79 -50.71
CA HIS L 272 -22.89 -70.15 -50.22
C HIS L 272 -22.08 -70.41 -48.96
N ASP L 273 -21.00 -69.66 -48.75
CA ASP L 273 -20.16 -69.79 -47.57
C ASP L 273 -19.31 -68.53 -47.44
N PRO L 274 -19.52 -67.75 -46.37
CA PRO L 274 -18.81 -66.46 -46.27
C PRO L 274 -17.30 -66.58 -46.18
N LYS L 275 -16.78 -67.66 -45.61
CA LYS L 275 -15.35 -67.85 -45.42
C LYS L 275 -14.63 -68.28 -46.70
N ARG L 276 -15.31 -68.26 -47.85
CA ARG L 276 -14.73 -68.72 -49.10
C ARG L 276 -14.80 -67.62 -50.15
N TYR L 277 -13.96 -67.76 -51.18
CA TYR L 277 -13.88 -66.79 -52.24
C TYR L 277 -15.10 -66.86 -53.16
N THR L 278 -15.40 -65.74 -53.81
CA THR L 278 -16.43 -65.73 -54.83
C THR L 278 -15.88 -66.16 -56.18
N GLY L 279 -14.60 -65.90 -56.43
CA GLY L 279 -14.03 -66.05 -57.74
C GLY L 279 -13.86 -64.70 -58.42
N GLY L 280 -12.96 -64.67 -59.41
CA GLY L 280 -12.63 -63.45 -60.10
C GLY L 280 -12.89 -63.48 -61.59
N SER L 281 -12.89 -62.31 -62.20
CA SER L 281 -12.67 -61.06 -61.48
C SER L 281 -13.99 -60.42 -61.07
N SER L 282 -15.09 -60.89 -61.65
CA SER L 282 -16.42 -60.35 -61.37
C SER L 282 -16.93 -60.86 -60.02
N SER L 283 -16.19 -60.51 -58.96
CA SER L 283 -16.53 -60.99 -57.62
C SER L 283 -17.87 -60.43 -57.16
N GLY L 284 -18.02 -59.10 -57.18
CA GLY L 284 -19.26 -58.49 -56.75
C GLY L 284 -20.42 -58.77 -57.69
N SER L 285 -20.14 -58.87 -58.98
CA SER L 285 -21.20 -59.12 -59.95
C SER L 285 -21.88 -60.46 -59.70
N ALA L 286 -21.08 -61.51 -59.46
CA ALA L 286 -21.66 -62.84 -59.29
C ALA L 286 -22.35 -62.97 -57.94
N ALA L 287 -21.75 -62.42 -56.88
CA ALA L 287 -22.31 -62.61 -55.55
C ALA L 287 -23.64 -61.88 -55.41
N ILE L 288 -23.76 -60.68 -55.99
CA ILE L 288 -24.99 -59.92 -55.85
C ILE L 288 -26.13 -60.60 -56.59
N VAL L 289 -25.80 -61.40 -57.62
CA VAL L 289 -26.83 -62.15 -58.33
C VAL L 289 -27.21 -63.41 -57.56
N ALA L 290 -26.21 -64.14 -57.06
CA ALA L 290 -26.49 -65.36 -56.30
C ALA L 290 -27.15 -65.08 -54.95
N ALA L 291 -26.97 -63.90 -54.40
CA ALA L 291 -27.62 -63.54 -53.14
C ALA L 291 -29.09 -63.16 -53.31
N GLY L 292 -29.59 -63.13 -54.54
CA GLY L 292 -30.98 -62.81 -54.79
C GLY L 292 -31.30 -61.33 -54.78
N LEU L 293 -30.30 -60.46 -54.92
CA LEU L 293 -30.56 -59.02 -54.91
C LEU L 293 -31.05 -58.54 -56.27
N CYS L 294 -30.21 -58.65 -57.29
CA CYS L 294 -30.58 -58.28 -58.65
C CYS L 294 -30.77 -59.53 -59.50
N SER L 295 -31.52 -59.37 -60.58
CA SER L 295 -31.85 -60.52 -61.43
C SER L 295 -30.63 -60.99 -62.21
N ALA L 296 -29.89 -60.07 -62.80
CA ALA L 296 -28.73 -60.39 -63.61
C ALA L 296 -27.67 -59.31 -63.42
N ALA L 297 -26.52 -59.50 -64.07
CA ALA L 297 -25.43 -58.54 -63.99
C ALA L 297 -24.51 -58.73 -65.19
N LEU L 298 -23.87 -57.64 -65.60
CA LEU L 298 -22.91 -57.67 -66.68
C LEU L 298 -21.49 -57.79 -66.12
N GLY L 299 -20.61 -58.37 -66.93
CA GLY L 299 -19.22 -58.53 -66.53
C GLY L 299 -18.29 -58.63 -67.71
N THR L 300 -17.05 -59.05 -67.45
CA THR L 300 -16.04 -59.23 -68.49
C THR L 300 -15.46 -60.63 -68.38
N ASP L 301 -14.83 -61.08 -69.46
CA ASP L 301 -14.29 -62.44 -69.51
C ASP L 301 -13.13 -62.46 -70.50
N GLY L 302 -11.93 -62.19 -70.00
CA GLY L 302 -10.72 -62.28 -70.79
C GLY L 302 -9.91 -63.52 -70.43
N GLY L 303 -10.28 -64.14 -69.32
CA GLY L 303 -9.64 -65.36 -68.87
C GLY L 303 -10.57 -66.22 -68.03
N GLY L 304 -11.87 -65.95 -68.13
CA GLY L 304 -12.86 -66.68 -67.37
C GLY L 304 -13.58 -65.87 -66.30
N SER L 305 -13.41 -64.54 -66.29
CA SER L 305 -13.96 -63.72 -65.22
C SER L 305 -15.48 -63.69 -65.18
N VAL L 306 -16.15 -64.28 -66.16
CA VAL L 306 -17.60 -64.46 -66.11
C VAL L 306 -17.99 -65.88 -65.74
N ARG L 307 -17.29 -66.86 -66.31
CA ARG L 307 -17.61 -68.25 -66.05
C ARG L 307 -17.11 -68.70 -64.67
N ILE L 308 -15.90 -68.27 -64.28
CA ILE L 308 -15.31 -68.75 -63.02
C ILE L 308 -16.16 -68.36 -61.80
N PRO L 309 -16.51 -67.09 -61.59
CA PRO L 309 -17.33 -66.77 -60.42
C PRO L 309 -18.74 -67.32 -60.51
N SER L 310 -19.23 -67.60 -61.71
CA SER L 310 -20.55 -68.21 -61.86
C SER L 310 -20.52 -69.67 -61.40
N ALA L 311 -19.42 -70.36 -61.66
CA ALA L 311 -19.31 -71.76 -61.25
C ALA L 311 -19.10 -71.88 -59.74
N LEU L 312 -18.42 -70.91 -59.13
CA LEU L 312 -18.16 -70.98 -57.70
C LEU L 312 -19.36 -70.52 -56.88
N CYS L 313 -20.21 -69.65 -57.44
CA CYS L 313 -21.38 -69.14 -56.74
C CYS L 313 -22.67 -69.83 -57.13
N GLY L 314 -22.66 -70.67 -58.16
CA GLY L 314 -23.84 -71.39 -58.55
C GLY L 314 -24.85 -70.59 -59.35
N ILE L 315 -24.37 -69.79 -60.30
CA ILE L 315 -25.23 -69.06 -61.23
C ILE L 315 -24.76 -69.34 -62.65
N THR L 316 -25.43 -68.73 -63.61
CA THR L 316 -25.13 -68.93 -65.03
C THR L 316 -24.35 -67.75 -65.56
N GLY L 317 -23.22 -68.03 -66.20
CA GLY L 317 -22.43 -67.01 -66.85
C GLY L 317 -22.22 -67.30 -68.32
N LEU L 318 -22.54 -66.34 -69.18
CA LEU L 318 -22.48 -66.53 -70.63
C LEU L 318 -21.30 -65.76 -71.20
N LYS L 319 -20.37 -66.48 -71.81
CA LYS L 319 -19.23 -65.87 -72.52
C LYS L 319 -19.57 -65.89 -74.01
N THR L 320 -19.82 -64.70 -74.56
CA THR L 320 -20.22 -64.61 -75.96
C THR L 320 -18.99 -64.71 -76.87
N THR L 321 -19.26 -64.84 -78.17
CA THR L 321 -18.19 -64.89 -79.15
C THR L 321 -17.44 -63.56 -79.17
N TYR L 322 -16.14 -63.63 -79.45
CA TYR L 322 -15.33 -62.43 -79.53
C TYR L 322 -15.90 -61.49 -80.58
N GLY L 323 -16.41 -60.33 -80.15
CA GLY L 323 -16.99 -59.35 -81.04
C GLY L 323 -18.49 -59.35 -81.10
N ARG L 324 -19.15 -60.35 -80.51
CA ARG L 324 -20.61 -60.41 -80.56
C ARG L 324 -21.23 -59.23 -79.82
N THR L 325 -20.64 -58.83 -78.70
CA THR L 325 -21.17 -57.75 -77.88
C THR L 325 -20.24 -56.55 -77.97
N ASP L 326 -20.82 -55.36 -78.16
CA ASP L 326 -20.03 -54.15 -78.29
C ASP L 326 -19.38 -53.80 -76.96
N MET L 327 -18.08 -53.49 -77.01
CA MET L 327 -17.30 -53.19 -75.81
C MET L 327 -16.93 -51.71 -75.70
N THR L 328 -17.53 -50.85 -76.51
CA THR L 328 -17.23 -49.42 -76.45
C THR L 328 -17.70 -48.85 -75.11
N GLY L 329 -16.76 -48.39 -74.30
CA GLY L 329 -17.09 -47.83 -73.01
C GLY L 329 -16.69 -48.70 -71.84
N SER L 330 -15.56 -49.38 -71.96
CA SER L 330 -15.06 -50.22 -70.89
C SER L 330 -13.54 -50.18 -70.91
N LEU L 331 -12.93 -50.75 -69.85
CA LEU L 331 -11.49 -50.73 -69.73
C LEU L 331 -10.81 -51.78 -70.60
N CYS L 332 -11.54 -52.79 -71.04
CA CYS L 332 -10.96 -53.91 -71.78
C CYS L 332 -11.17 -53.80 -73.29
N GLU L 333 -11.63 -52.65 -73.78
CA GLU L 333 -11.80 -52.47 -75.21
C GLU L 333 -10.44 -52.41 -75.89
N GLY L 334 -10.36 -52.99 -77.08
CA GLY L 334 -9.11 -53.08 -77.81
C GLY L 334 -8.32 -54.35 -77.59
N GLY L 335 -8.70 -55.16 -76.60
CA GLY L 335 -8.03 -56.42 -76.37
C GLY L 335 -8.33 -57.43 -77.47
N THR L 336 -7.93 -58.68 -77.21
CA THR L 336 -8.14 -59.77 -78.16
C THR L 336 -8.73 -61.01 -77.51
N VAL L 337 -9.14 -60.94 -76.24
CA VAL L 337 -9.68 -62.10 -75.54
C VAL L 337 -10.91 -61.72 -74.72
N GLU L 338 -11.09 -60.43 -74.48
CA GLU L 338 -12.14 -59.97 -73.57
C GLU L 338 -13.44 -59.70 -74.30
N ILE L 339 -14.55 -59.91 -73.60
CA ILE L 339 -15.89 -59.59 -74.08
C ILE L 339 -16.76 -59.18 -72.90
N ILE L 340 -18.03 -58.89 -73.17
CA ILE L 340 -18.99 -58.53 -72.13
C ILE L 340 -20.06 -59.63 -72.07
N GLY L 341 -20.17 -60.28 -70.92
CA GLY L 341 -21.11 -61.35 -70.76
C GLY L 341 -22.00 -61.20 -69.55
N PRO L 342 -23.24 -61.68 -69.64
CA PRO L 342 -24.16 -61.59 -68.52
C PRO L 342 -24.01 -62.74 -67.53
N LEU L 343 -24.28 -62.41 -66.26
CA LEU L 343 -24.30 -63.37 -65.16
C LEU L 343 -25.67 -63.29 -64.50
N ALA L 344 -26.46 -64.35 -64.66
CA ALA L 344 -27.82 -64.37 -64.17
C ALA L 344 -28.08 -65.62 -63.34
N SER L 345 -29.09 -65.53 -62.48
CA SER L 345 -29.42 -66.63 -61.57
C SER L 345 -30.08 -67.80 -62.28
N SER L 346 -30.52 -67.63 -63.52
CA SER L 346 -31.12 -68.71 -64.28
C SER L 346 -30.84 -68.50 -65.76
N LEU L 347 -30.91 -69.59 -66.52
CA LEU L 347 -30.64 -69.53 -67.95
C LEU L 347 -31.61 -68.59 -68.66
N GLU L 348 -32.86 -68.55 -68.21
CA GLU L 348 -33.87 -67.69 -68.84
C GLU L 348 -33.49 -66.23 -68.72
N ASP L 349 -32.97 -65.81 -67.56
CA ASP L 349 -32.60 -64.42 -67.37
C ASP L 349 -31.35 -64.06 -68.18
N ALA L 350 -30.36 -64.95 -68.21
CA ALA L 350 -29.16 -64.70 -69.00
C ALA L 350 -29.48 -64.60 -70.49
N PHE L 351 -30.48 -65.36 -70.94
CA PHE L 351 -30.85 -65.32 -72.36
C PHE L 351 -31.49 -63.98 -72.72
N LEU L 352 -32.25 -63.40 -71.80
CA LEU L 352 -32.90 -62.12 -72.10
C LEU L 352 -31.91 -60.98 -72.09
N VAL L 353 -30.91 -61.03 -71.20
CA VAL L 353 -29.90 -59.97 -71.17
C VAL L 353 -29.03 -60.02 -72.42
N TYR L 354 -28.67 -61.23 -72.86
CA TYR L 354 -27.87 -61.36 -74.08
C TYR L 354 -28.61 -60.77 -75.27
N ALA L 355 -29.93 -60.95 -75.32
CA ALA L 355 -30.71 -60.40 -76.42
C ALA L 355 -30.67 -58.88 -76.44
N ALA L 356 -30.68 -58.26 -75.26
CA ALA L 356 -30.73 -56.80 -75.20
C ALA L 356 -29.37 -56.15 -75.41
N ILE L 357 -28.29 -56.80 -74.94
CA ILE L 357 -26.97 -56.18 -74.99
C ILE L 357 -26.17 -56.54 -76.24
N LEU L 358 -26.63 -57.50 -77.04
CA LEU L 358 -25.86 -57.92 -78.19
C LEU L 358 -25.82 -56.81 -79.25
N GLY L 359 -25.01 -57.05 -80.27
CA GLY L 359 -24.80 -56.07 -81.31
C GLY L 359 -23.34 -55.69 -81.44
N SER L 360 -22.68 -56.20 -82.48
CA SER L 360 -21.25 -55.97 -82.66
C SER L 360 -20.96 -54.50 -82.92
N SER L 361 -19.76 -54.07 -82.56
CA SER L 361 -19.33 -52.70 -82.81
C SER L 361 -19.21 -52.46 -84.31
N SER L 362 -19.22 -51.17 -84.68
CA SER L 362 -19.13 -50.81 -86.08
C SER L 362 -17.77 -51.19 -86.67
N ALA L 363 -16.74 -51.24 -85.84
CA ALA L 363 -15.43 -51.68 -86.31
C ALA L 363 -15.39 -53.19 -86.49
N ASP L 364 -15.87 -53.93 -85.49
CA ASP L 364 -15.86 -55.39 -85.56
C ASP L 364 -16.84 -55.94 -86.59
N ARG L 365 -17.76 -55.12 -87.10
CA ARG L 365 -18.69 -55.59 -88.12
C ARG L 365 -17.97 -55.89 -89.43
N TYR L 366 -16.92 -55.13 -89.76
CA TYR L 366 -16.18 -55.34 -91.00
C TYR L 366 -15.02 -56.31 -90.84
N ASN L 367 -14.37 -56.31 -89.67
CA ASN L 367 -13.20 -57.17 -89.48
C ASN L 367 -13.60 -58.61 -89.18
N LEU L 368 -14.51 -58.80 -88.23
CA LEU L 368 -14.88 -60.15 -87.82
C LEU L 368 -15.95 -60.76 -88.72
N LYS L 369 -16.77 -59.93 -89.38
CA LYS L 369 -17.84 -60.36 -90.25
C LYS L 369 -18.72 -61.39 -89.56
N PRO L 370 -19.46 -61.01 -88.52
CA PRO L 370 -20.26 -61.99 -87.79
C PRO L 370 -21.53 -62.37 -88.52
N SER L 371 -21.98 -63.60 -88.24
CA SER L 371 -23.28 -64.03 -88.72
C SER L 371 -24.38 -63.36 -87.89
N PRO L 372 -25.59 -63.26 -88.44
CA PRO L 372 -26.66 -62.59 -87.71
C PRO L 372 -26.95 -63.33 -86.41
N PRO L 373 -27.38 -62.61 -85.38
CA PRO L 373 -27.68 -63.26 -84.10
C PRO L 373 -28.82 -64.26 -84.22
N CYS L 374 -28.73 -65.33 -83.45
CA CYS L 374 -29.73 -66.39 -83.45
C CYS L 374 -30.17 -66.67 -82.03
N PHE L 375 -31.48 -66.90 -81.86
CA PHE L 375 -32.01 -67.28 -80.56
C PHE L 375 -32.54 -68.71 -80.61
N PRO L 376 -32.25 -69.53 -79.59
CA PRO L 376 -32.73 -70.90 -79.60
C PRO L 376 -34.19 -70.99 -79.19
N LYS L 377 -34.95 -71.82 -79.90
CA LYS L 377 -36.33 -72.12 -79.54
C LYS L 377 -36.31 -72.95 -78.26
N LEU L 378 -36.21 -72.25 -77.12
CA LEU L 378 -36.04 -72.92 -75.84
C LEU L 378 -37.26 -73.74 -75.44
N LEU L 379 -38.41 -73.52 -76.08
CA LEU L 379 -39.58 -74.35 -75.81
C LEU L 379 -39.38 -75.79 -76.26
N SER L 380 -38.46 -76.03 -77.20
CA SER L 380 -38.13 -77.37 -77.71
C SER L 380 -39.38 -78.10 -78.19
N HIS L 381 -39.97 -77.54 -79.25
CA HIS L 381 -41.16 -78.15 -79.84
C HIS L 381 -40.84 -79.44 -80.57
N ASN L 382 -39.67 -79.53 -81.18
CA ASN L 382 -39.31 -80.66 -82.02
C ASN L 382 -39.20 -81.94 -81.20
N GLY L 383 -40.04 -82.92 -81.51
CA GLY L 383 -39.80 -84.25 -81.00
C GLY L 383 -38.49 -84.80 -81.53
N SER L 384 -37.73 -85.45 -80.64
CA SER L 384 -36.33 -85.77 -80.91
C SER L 384 -35.61 -84.48 -81.30
N ASN L 385 -35.32 -83.66 -80.30
CA ASN L 385 -34.81 -82.31 -80.53
C ASN L 385 -33.48 -82.34 -81.28
N ALA L 386 -33.09 -81.16 -81.77
CA ALA L 386 -31.73 -80.99 -82.29
C ALA L 386 -30.68 -81.15 -81.21
N ILE L 387 -31.09 -81.13 -79.93
CA ILE L 387 -30.16 -81.39 -78.84
C ILE L 387 -29.56 -82.78 -78.98
N GLY L 388 -30.37 -83.76 -79.36
CA GLY L 388 -29.89 -85.12 -79.46
C GLY L 388 -28.93 -85.33 -80.62
N SER L 389 -29.09 -84.57 -81.70
CA SER L 389 -28.19 -84.65 -82.85
C SER L 389 -26.90 -83.86 -82.66
N LEU L 390 -26.58 -83.49 -81.42
CA LEU L 390 -25.36 -82.76 -81.11
C LEU L 390 -24.29 -83.72 -80.59
N ARG L 391 -23.08 -83.54 -81.09
CA ARG L 391 -21.94 -84.33 -80.64
C ARG L 391 -21.16 -83.52 -79.59
N LEU L 392 -21.01 -84.10 -78.39
CA LEU L 392 -20.31 -83.44 -77.29
C LEU L 392 -18.87 -83.93 -77.28
N GLY L 393 -17.94 -83.05 -77.60
CA GLY L 393 -16.52 -83.40 -77.56
C GLY L 393 -16.01 -83.44 -76.14
N LYS L 394 -15.30 -84.51 -75.80
CA LYS L 394 -14.81 -84.70 -74.43
C LYS L 394 -13.40 -85.27 -74.48
N TYR L 395 -12.49 -84.62 -73.76
CA TYR L 395 -11.10 -85.07 -73.59
C TYR L 395 -11.03 -85.71 -72.21
N THR L 396 -11.00 -87.05 -72.18
CA THR L 396 -11.14 -87.78 -70.93
C THR L 396 -10.04 -87.44 -69.93
N LYS L 397 -8.79 -87.44 -70.39
CA LYS L 397 -7.69 -87.06 -69.52
C LYS L 397 -7.87 -85.64 -68.98
N TRP L 398 -8.11 -84.68 -69.87
CA TRP L 398 -8.31 -83.31 -69.45
C TRP L 398 -9.54 -83.16 -68.58
N PHE L 399 -10.58 -83.96 -68.83
CA PHE L 399 -11.83 -83.84 -68.09
C PHE L 399 -11.61 -84.12 -66.61
N ASN L 400 -10.87 -85.19 -66.30
CA ASN L 400 -10.74 -85.65 -64.93
C ASN L 400 -9.62 -84.96 -64.15
N ASP L 401 -8.78 -84.17 -64.82
CA ASP L 401 -7.67 -83.49 -64.14
C ASP L 401 -8.24 -82.35 -63.29
N VAL L 402 -8.79 -82.72 -62.13
CA VAL L 402 -9.37 -81.78 -61.20
C VAL L 402 -8.93 -82.13 -59.79
N SER L 403 -8.88 -81.11 -58.92
CA SER L 403 -8.47 -81.29 -57.54
C SER L 403 -9.62 -81.66 -56.62
N SER L 404 -10.68 -82.27 -57.16
CA SER L 404 -11.82 -82.69 -56.36
C SER L 404 -12.56 -83.77 -57.13
N SER L 405 -12.64 -84.98 -56.56
CA SER L 405 -13.28 -86.09 -57.24
C SER L 405 -14.79 -85.90 -57.38
N ASP L 406 -15.37 -84.91 -56.72
CA ASP L 406 -16.81 -84.70 -56.81
C ASP L 406 -17.21 -83.96 -58.08
N ILE L 407 -16.41 -82.97 -58.50
CA ILE L 407 -16.77 -82.17 -59.66
C ILE L 407 -16.54 -82.91 -60.97
N SER L 408 -15.71 -83.94 -60.98
CA SER L 408 -15.47 -84.69 -62.21
C SER L 408 -16.64 -85.61 -62.53
N ASP L 409 -17.23 -86.24 -61.51
CA ASP L 409 -18.34 -87.16 -61.72
C ASP L 409 -19.68 -86.46 -61.80
N LYS L 410 -19.85 -85.33 -61.10
CA LYS L 410 -21.10 -84.60 -61.17
C LYS L 410 -21.34 -84.01 -62.55
N CYS L 411 -20.28 -83.81 -63.33
CA CYS L 411 -20.44 -83.45 -64.74
C CYS L 411 -20.61 -84.69 -65.61
N GLU L 412 -20.04 -85.83 -65.19
CA GLU L 412 -20.26 -87.07 -65.91
C GLU L 412 -21.68 -87.55 -65.75
N ASP L 413 -22.31 -87.29 -64.60
CA ASP L 413 -23.73 -87.62 -64.42
C ASP L 413 -24.61 -86.85 -65.39
N ILE L 414 -24.24 -85.61 -65.71
CA ILE L 414 -25.02 -84.81 -66.66
C ILE L 414 -24.84 -85.35 -68.07
N LEU L 415 -23.64 -85.81 -68.40
CA LEU L 415 -23.40 -86.36 -69.74
C LEU L 415 -24.21 -87.64 -69.95
N LYS L 416 -24.21 -88.54 -68.96
CA LYS L 416 -25.06 -89.72 -69.07
C LYS L 416 -26.54 -89.36 -69.07
N LEU L 417 -26.92 -88.30 -68.35
CA LEU L 417 -28.31 -87.84 -68.38
C LEU L 417 -28.65 -87.22 -69.72
N LEU L 418 -27.69 -86.52 -70.35
CA LEU L 418 -27.95 -85.93 -71.65
C LEU L 418 -28.00 -86.98 -72.75
N SER L 419 -27.31 -88.11 -72.57
CA SER L 419 -27.33 -89.16 -73.58
C SER L 419 -28.59 -90.01 -73.49
N ASN L 420 -29.14 -90.21 -72.29
CA ASN L 420 -30.32 -91.04 -72.14
C ASN L 420 -31.61 -90.27 -72.34
N ASN L 421 -31.64 -88.98 -72.00
CA ASN L 421 -32.87 -88.19 -72.09
C ASN L 421 -33.00 -87.45 -73.42
N HIS L 422 -31.94 -87.34 -74.21
CA HIS L 422 -32.01 -86.61 -75.47
C HIS L 422 -31.34 -87.39 -76.59
N GLY L 423 -30.35 -88.21 -76.26
CA GLY L 423 -29.65 -88.98 -77.27
C GLY L 423 -28.38 -88.35 -77.79
N CYS L 424 -27.73 -87.50 -77.00
CA CYS L 424 -26.50 -86.87 -77.44
C CYS L 424 -25.36 -87.88 -77.44
N LYS L 425 -24.48 -87.76 -78.42
CA LYS L 425 -23.31 -88.61 -78.53
C LYS L 425 -22.12 -87.91 -77.91
N VAL L 426 -21.36 -88.64 -77.10
CA VAL L 426 -20.15 -88.12 -76.46
C VAL L 426 -18.97 -88.67 -77.24
N VAL L 427 -18.36 -87.82 -78.06
CA VAL L 427 -17.22 -88.22 -78.89
C VAL L 427 -15.94 -87.87 -78.17
N GLU L 428 -14.99 -88.80 -78.16
CA GLU L 428 -13.70 -88.57 -77.53
C GLU L 428 -12.82 -87.72 -78.43
N ILE L 429 -12.30 -86.61 -77.89
CA ILE L 429 -11.45 -85.70 -78.62
C ILE L 429 -10.15 -85.51 -77.85
N VAL L 430 -9.13 -85.00 -78.55
CA VAL L 430 -7.85 -84.67 -77.94
C VAL L 430 -7.52 -83.22 -78.27
N VAL L 431 -7.19 -82.43 -77.25
CA VAL L 431 -6.85 -81.03 -77.43
C VAL L 431 -5.34 -80.87 -77.24
N PRO L 432 -4.58 -80.81 -78.32
CA PRO L 432 -3.12 -80.79 -78.19
C PRO L 432 -2.61 -79.46 -77.67
N GLU L 433 -1.36 -79.50 -77.18
CA GLU L 433 -0.59 -78.31 -76.82
C GLU L 433 -1.34 -77.45 -75.82
N LEU L 434 -1.66 -78.05 -74.68
CA LEU L 434 -2.38 -77.33 -73.63
C LEU L 434 -1.48 -76.34 -72.90
N GLU L 435 -0.19 -76.67 -72.72
CA GLU L 435 0.70 -75.74 -72.04
C GLU L 435 1.00 -74.53 -72.93
N GLU L 436 1.06 -74.72 -74.25
CA GLU L 436 1.25 -73.59 -75.15
C GLU L 436 0.08 -72.62 -75.08
N MET L 437 -1.13 -73.14 -74.92
CA MET L 437 -2.30 -72.28 -74.84
C MET L 437 -2.28 -71.43 -73.57
N ARG L 438 -1.83 -72.00 -72.46
CA ARG L 438 -1.75 -71.25 -71.21
C ARG L 438 -0.72 -70.15 -71.30
N ALA L 439 0.45 -70.44 -71.88
CA ALA L 439 1.48 -69.43 -72.02
C ALA L 439 1.06 -68.33 -72.99
N ALA L 440 0.43 -68.70 -74.10
CA ALA L 440 0.01 -67.71 -75.08
C ALA L 440 -1.13 -66.85 -74.58
N HIS L 441 -1.91 -67.32 -73.61
CA HIS L 441 -3.02 -66.53 -73.10
C HIS L 441 -2.55 -65.46 -72.13
N VAL L 442 -1.71 -65.85 -71.15
CA VAL L 442 -1.31 -64.93 -70.09
C VAL L 442 -0.60 -63.70 -70.67
N ILE L 443 0.11 -63.87 -71.78
CA ILE L 443 0.75 -62.73 -72.40
C ILE L 443 -0.25 -61.90 -73.19
N SER L 444 -1.21 -62.55 -73.85
CA SER L 444 -2.18 -61.83 -74.66
C SER L 444 -3.21 -61.09 -73.83
N ILE L 445 -3.36 -61.45 -72.55
CA ILE L 445 -4.31 -60.76 -71.68
C ILE L 445 -3.54 -59.73 -70.86
N GLY L 446 -2.26 -59.99 -70.61
CA GLY L 446 -1.46 -59.11 -69.79
C GLY L 446 -0.88 -57.92 -70.54
N SER L 447 -0.43 -58.14 -71.77
CA SER L 447 0.21 -57.07 -72.53
C SER L 447 -0.74 -55.92 -72.84
N PRO L 448 -1.97 -56.13 -73.33
CA PRO L 448 -2.85 -54.98 -73.57
C PRO L 448 -3.24 -54.25 -72.29
N THR L 449 -3.42 -54.97 -71.19
CA THR L 449 -3.76 -54.32 -69.92
C THR L 449 -2.60 -53.48 -69.41
N LEU L 450 -1.39 -54.03 -69.45
CA LEU L 450 -0.22 -53.26 -69.01
C LEU L 450 0.02 -52.06 -69.90
N SER L 451 -0.19 -52.21 -71.21
CA SER L 451 0.02 -51.09 -72.12
C SER L 451 -1.07 -50.02 -71.96
N SER L 452 -2.26 -50.41 -71.50
CA SER L 452 -3.32 -49.44 -71.32
C SER L 452 -3.05 -48.51 -70.14
N LEU L 453 -2.41 -49.03 -69.09
CA LEU L 453 -2.17 -48.25 -67.88
C LEU L 453 -0.71 -47.84 -67.71
N THR L 454 0.12 -48.05 -68.74
CA THR L 454 1.54 -47.71 -68.61
C THR L 454 1.77 -46.22 -68.40
N PRO L 455 1.17 -45.30 -69.16
CA PRO L 455 1.40 -43.87 -68.90
C PRO L 455 0.93 -43.43 -67.53
N TYR L 456 -0.07 -44.11 -66.95
CA TYR L 456 -0.54 -43.73 -65.62
C TYR L 456 0.45 -44.18 -64.54
N CYS L 457 1.07 -45.34 -64.72
CA CYS L 457 2.01 -45.85 -63.74
C CYS L 457 3.31 -45.04 -63.73
N GLU L 458 3.85 -44.76 -64.91
CA GLU L 458 5.07 -43.96 -64.99
C GLU L 458 4.87 -42.54 -64.48
N ALA L 459 3.63 -42.09 -64.35
CA ALA L 459 3.33 -40.80 -63.77
C ALA L 459 3.35 -40.82 -62.25
N GLY L 460 3.63 -41.97 -61.64
CA GLY L 460 3.72 -42.08 -60.20
C GLY L 460 2.60 -42.85 -59.55
N LYS L 461 1.49 -43.08 -60.27
CA LYS L 461 0.36 -43.79 -59.68
C LYS L 461 0.58 -45.29 -59.53
N ASN L 462 1.77 -45.80 -59.87
CA ASN L 462 2.01 -47.23 -59.72
C ASN L 462 2.06 -47.64 -58.25
N SER L 463 2.40 -46.72 -57.36
CA SER L 463 2.45 -47.03 -55.94
C SER L 463 1.07 -47.13 -55.31
N LYS L 464 0.04 -46.60 -55.96
CA LYS L 464 -1.32 -46.64 -55.45
C LYS L 464 -2.06 -47.92 -55.83
N LEU L 465 -1.42 -48.82 -56.58
CA LEU L 465 -2.00 -50.10 -56.91
C LEU L 465 -1.70 -51.12 -55.82
N SER L 466 -2.56 -52.14 -55.71
CA SER L 466 -2.36 -53.17 -54.72
C SER L 466 -1.14 -54.01 -55.05
N TYR L 467 -0.67 -54.76 -54.05
CA TYR L 467 0.50 -55.62 -54.26
C TYR L 467 0.19 -56.76 -55.22
N ASP L 468 -1.07 -57.20 -55.28
CA ASP L 468 -1.45 -58.26 -56.20
C ASP L 468 -1.31 -57.82 -57.65
N THR L 469 -1.69 -56.58 -57.95
CA THR L 469 -1.57 -56.08 -59.32
C THR L 469 -0.12 -55.82 -59.68
N ARG L 470 0.66 -55.24 -58.75
CA ARG L 470 2.05 -54.91 -59.03
C ARG L 470 2.90 -56.15 -59.26
N THR L 471 2.49 -57.29 -58.70
CA THR L 471 3.20 -58.54 -58.95
C THR L 471 3.00 -59.00 -60.38
N SER L 472 1.74 -58.99 -60.85
CA SER L 472 1.47 -59.39 -62.22
C SER L 472 2.06 -58.40 -63.21
N PHE L 473 2.02 -57.10 -62.89
CA PHE L 473 2.59 -56.10 -63.77
C PHE L 473 4.11 -56.25 -63.87
N ALA L 474 4.76 -56.64 -62.77
CA ALA L 474 6.20 -56.89 -62.82
C ALA L 474 6.51 -58.07 -63.75
N ILE L 475 5.61 -59.06 -63.81
CA ILE L 475 5.81 -60.18 -64.72
C ILE L 475 5.48 -59.79 -66.15
N PHE L 476 4.43 -58.97 -66.33
CA PHE L 476 4.03 -58.58 -67.68
C PHE L 476 5.07 -57.70 -68.35
N ARG L 477 5.78 -56.88 -67.59
CA ARG L 477 6.86 -56.09 -68.18
C ARG L 477 7.98 -56.98 -68.69
N SER L 478 8.08 -58.21 -68.18
CA SER L 478 9.12 -59.13 -68.63
C SER L 478 8.83 -59.68 -70.03
N PHE L 479 7.58 -59.64 -70.47
CA PHE L 479 7.23 -60.15 -71.80
C PHE L 479 7.67 -59.15 -72.86
N SER L 480 8.59 -59.58 -73.73
CA SER L 480 9.13 -58.70 -74.75
C SER L 480 8.22 -58.71 -75.98
N ALA L 481 8.53 -57.81 -76.93
CA ALA L 481 7.77 -57.76 -78.17
C ALA L 481 7.95 -59.04 -78.98
N SER L 482 9.15 -59.64 -78.94
CA SER L 482 9.34 -60.90 -79.64
C SER L 482 8.52 -62.02 -79.01
N ASP L 483 8.26 -61.93 -77.71
CA ASP L 483 7.43 -62.94 -77.04
C ASP L 483 5.98 -62.85 -77.52
N TYR L 484 5.48 -61.63 -77.72
CA TYR L 484 4.10 -61.48 -78.17
C TYR L 484 3.93 -61.96 -79.60
N ILE L 485 4.93 -61.73 -80.46
CA ILE L 485 4.85 -62.22 -81.83
C ILE L 485 4.79 -63.74 -81.85
N ALA L 486 5.61 -64.39 -81.02
CA ALA L 486 5.62 -65.85 -81.01
C ALA L 486 4.32 -66.40 -80.44
N ALA L 487 3.77 -65.75 -79.41
CA ALA L 487 2.55 -66.24 -78.79
C ALA L 487 1.38 -66.21 -79.76
N GLN L 488 1.32 -65.20 -80.62
CA GLN L 488 0.25 -65.16 -81.61
C GLN L 488 0.40 -66.27 -82.63
N CYS L 489 1.63 -66.70 -82.91
CA CYS L 489 1.82 -67.87 -83.77
C CYS L 489 1.25 -69.12 -83.13
N LEU L 490 1.30 -69.22 -81.81
CA LEU L 490 0.65 -70.33 -81.13
C LEU L 490 -0.87 -70.22 -81.21
N ARG L 491 -1.40 -68.99 -81.17
CA ARG L 491 -2.85 -68.81 -81.25
C ARG L 491 -3.40 -69.36 -82.55
N ARG L 492 -2.63 -69.30 -83.64
CA ARG L 492 -3.07 -69.92 -84.88
C ARG L 492 -3.05 -71.43 -84.78
N ARG L 493 -2.08 -71.99 -84.06
CA ARG L 493 -2.01 -73.44 -83.89
C ARG L 493 -3.21 -73.95 -83.11
N LEU L 494 -3.48 -73.37 -81.94
CA LEU L 494 -4.64 -73.77 -81.17
C LEU L 494 -5.93 -73.55 -81.94
N MET L 495 -5.94 -72.61 -82.88
CA MET L 495 -7.13 -72.38 -83.70
C MET L 495 -7.32 -73.51 -84.69
N GLU L 496 -6.27 -73.90 -85.41
CA GLU L 496 -6.38 -74.98 -86.37
C GLU L 496 -6.76 -76.30 -85.69
N TYR L 497 -6.37 -76.48 -84.43
CA TYR L 497 -6.76 -77.68 -83.70
C TYR L 497 -8.25 -77.67 -83.39
N HIS L 498 -8.73 -76.61 -82.73
CA HIS L 498 -10.12 -76.57 -82.29
C HIS L 498 -11.09 -76.50 -83.47
N LEU L 499 -10.68 -75.89 -84.59
CA LEU L 499 -11.54 -75.88 -85.76
C LEU L 499 -11.66 -77.26 -86.38
N ASN L 500 -10.59 -78.05 -86.34
CA ASN L 500 -10.68 -79.43 -86.78
C ASN L 500 -11.49 -80.28 -85.81
N ILE L 501 -11.43 -79.95 -84.51
CA ILE L 501 -12.28 -80.64 -83.54
C ILE L 501 -13.75 -80.36 -83.83
N PHE L 502 -14.08 -79.13 -84.17
CA PHE L 502 -15.47 -78.78 -84.47
C PHE L 502 -15.95 -79.39 -85.77
N LYS L 503 -15.06 -79.98 -86.58
CA LYS L 503 -15.52 -80.80 -87.70
C LYS L 503 -16.22 -82.06 -87.21
N ASP L 504 -15.78 -82.61 -86.07
CA ASP L 504 -16.31 -83.85 -85.54
C ASP L 504 -17.42 -83.64 -84.51
N VAL L 505 -17.30 -82.63 -83.66
CA VAL L 505 -18.28 -82.38 -82.61
C VAL L 505 -18.84 -80.97 -82.76
N ASP L 506 -19.95 -80.73 -82.07
CA ASP L 506 -20.62 -79.43 -82.10
C ASP L 506 -20.17 -78.54 -80.96
N VAL L 507 -20.05 -79.09 -79.75
CA VAL L 507 -19.58 -78.35 -78.59
C VAL L 507 -18.56 -79.20 -77.84
N ILE L 508 -17.89 -78.58 -76.88
CA ILE L 508 -16.87 -79.22 -76.04
C ILE L 508 -17.30 -79.06 -74.59
N VAL L 509 -17.49 -80.18 -73.90
CA VAL L 509 -17.99 -80.19 -72.53
C VAL L 509 -16.83 -80.48 -71.59
N THR L 510 -16.60 -79.57 -70.65
CA THR L 510 -15.61 -79.68 -69.60
C THR L 510 -16.17 -79.06 -68.33
N PRO L 511 -15.71 -79.50 -67.15
CA PRO L 511 -16.04 -78.76 -65.93
C PRO L 511 -15.42 -77.37 -65.98
N THR L 512 -16.13 -76.39 -65.42
CA THR L 512 -15.69 -75.01 -65.53
C THR L 512 -14.36 -74.79 -64.80
N THR L 513 -14.29 -75.19 -63.53
CA THR L 513 -13.09 -75.03 -62.73
C THR L 513 -12.59 -76.38 -62.24
N GLY L 514 -11.31 -76.42 -61.90
CA GLY L 514 -10.71 -77.62 -61.35
C GLY L 514 -10.90 -77.82 -59.86
N MET L 515 -11.71 -76.97 -59.23
CA MET L 515 -11.89 -77.03 -57.78
C MET L 515 -13.15 -76.26 -57.43
N THR L 516 -13.68 -76.54 -56.24
CA THR L 516 -14.85 -75.82 -55.74
C THR L 516 -14.44 -74.46 -55.19
N ALA L 517 -15.28 -73.87 -54.36
CA ALA L 517 -15.00 -72.56 -53.79
C ALA L 517 -13.83 -72.63 -52.83
N PRO L 518 -12.69 -72.01 -53.11
CA PRO L 518 -11.54 -72.10 -52.22
C PRO L 518 -11.71 -71.25 -50.97
N VAL L 519 -10.97 -71.62 -49.93
CA VAL L 519 -11.02 -70.91 -48.66
C VAL L 519 -10.11 -69.70 -48.72
N ILE L 520 -10.50 -68.64 -48.02
CA ILE L 520 -9.75 -67.39 -47.99
C ILE L 520 -8.75 -67.47 -46.83
N PRO L 521 -7.45 -67.41 -47.10
CA PRO L 521 -6.48 -67.32 -46.01
C PRO L 521 -6.63 -65.99 -45.28
N PRO L 522 -6.78 -66.02 -43.95
CA PRO L 522 -7.05 -64.77 -43.22
C PRO L 522 -5.95 -63.73 -43.36
N ASP L 523 -4.70 -64.16 -43.58
CA ASP L 523 -3.61 -63.21 -43.72
C ASP L 523 -3.68 -62.45 -45.03
N ALA L 524 -4.38 -62.99 -46.03
CA ALA L 524 -4.51 -62.31 -47.31
C ALA L 524 -5.47 -61.14 -47.28
N LEU L 525 -6.29 -61.04 -46.23
CA LEU L 525 -7.24 -59.94 -46.12
C LEU L 525 -6.58 -58.62 -45.75
N LYS L 526 -5.28 -58.63 -45.43
CA LYS L 526 -4.61 -57.41 -45.01
C LYS L 526 -4.13 -56.58 -46.19
N ASN L 527 -3.49 -57.21 -47.18
CA ASN L 527 -2.98 -56.49 -48.33
C ASN L 527 -2.88 -57.40 -49.55
N GLY L 528 -3.82 -58.31 -49.70
CA GLY L 528 -3.84 -59.20 -50.83
C GLY L 528 -2.93 -60.40 -50.63
N GLU L 529 -2.64 -61.08 -51.74
CA GLU L 529 -1.82 -62.28 -51.72
C GLU L 529 -1.36 -62.60 -53.14
N THR L 530 -0.22 -63.26 -53.23
CA THR L 530 0.26 -63.85 -54.48
C THR L 530 0.11 -65.36 -54.37
N ASN L 531 -0.62 -65.94 -55.32
CA ASN L 531 -0.88 -67.37 -55.31
C ASN L 531 -1.15 -67.81 -56.75
N ILE L 532 -0.13 -67.64 -57.60
CA ILE L 532 -0.26 -67.92 -59.02
C ILE L 532 -0.62 -69.37 -59.29
N GLN L 533 -0.29 -70.28 -58.37
CA GLN L 533 -0.63 -71.67 -58.56
C GLN L 533 -2.14 -71.88 -58.52
N VAL L 534 -2.83 -71.19 -57.62
CA VAL L 534 -4.29 -71.30 -57.53
C VAL L 534 -4.95 -70.40 -58.58
N THR L 535 -4.40 -69.22 -58.81
CA THR L 535 -4.96 -68.33 -59.81
C THR L 535 -4.95 -68.97 -61.19
N THR L 536 -3.89 -69.73 -61.51
CA THR L 536 -3.82 -70.44 -62.78
C THR L 536 -4.69 -71.68 -62.78
N ASP L 537 -4.73 -72.41 -61.67
CA ASP L 537 -5.49 -73.65 -61.62
C ASP L 537 -6.99 -73.40 -61.79
N LEU L 538 -7.47 -72.21 -61.43
CA LEU L 538 -8.87 -71.86 -61.64
C LEU L 538 -9.20 -71.57 -63.10
N MET L 539 -8.19 -71.41 -63.95
CA MET L 539 -8.39 -71.11 -65.36
C MET L 539 -8.07 -72.28 -66.28
N ARG L 540 -7.80 -73.46 -65.73
CA ARG L 540 -7.32 -74.57 -66.55
C ARG L 540 -8.39 -75.14 -67.49
N PHE L 541 -9.57 -74.54 -67.59
CA PHE L 541 -10.58 -75.00 -68.53
C PHE L 541 -11.21 -73.90 -69.36
N VAL L 542 -11.00 -72.63 -69.01
CA VAL L 542 -11.70 -71.51 -69.64
C VAL L 542 -10.80 -70.72 -70.56
N LEU L 543 -9.52 -71.07 -70.68
CA LEU L 543 -8.62 -70.31 -71.53
C LEU L 543 -8.89 -70.54 -73.00
N ALA L 544 -9.51 -71.66 -73.37
CA ALA L 544 -9.71 -71.97 -74.78
C ALA L 544 -10.67 -70.99 -75.43
N ALA L 545 -11.70 -70.56 -74.71
CA ALA L 545 -12.71 -69.68 -75.29
C ALA L 545 -12.20 -68.25 -75.46
N ASN L 546 -11.33 -67.79 -74.57
CA ASN L 546 -10.85 -66.41 -74.65
C ASN L 546 -9.82 -66.26 -75.77
N LEU L 547 -8.81 -67.13 -75.80
CA LEU L 547 -7.75 -67.00 -76.78
C LEU L 547 -8.25 -67.26 -78.20
N LEU L 548 -9.29 -68.06 -78.35
CA LEU L 548 -9.82 -68.41 -79.67
C LEU L 548 -11.11 -67.69 -80.02
N GLY L 549 -11.79 -67.11 -79.04
CA GLY L 549 -13.00 -66.34 -79.29
C GLY L 549 -14.28 -67.14 -79.30
N PHE L 550 -14.22 -68.46 -79.10
CA PHE L 550 -15.42 -69.27 -79.11
C PHE L 550 -16.34 -68.89 -77.96
N PRO L 551 -17.65 -68.99 -78.16
CA PRO L 551 -18.57 -68.74 -77.05
C PRO L 551 -18.57 -69.90 -76.07
N ALA L 552 -18.79 -69.59 -74.80
CA ALA L 552 -18.87 -70.61 -73.77
C ALA L 552 -19.86 -70.17 -72.72
N ILE L 553 -20.31 -71.12 -71.91
CA ILE L 553 -21.29 -70.85 -70.86
C ILE L 553 -20.97 -71.72 -69.66
N SER L 554 -21.30 -71.23 -68.47
CA SER L 554 -21.07 -71.95 -67.22
C SER L 554 -22.42 -72.15 -66.54
N VAL L 555 -22.86 -73.40 -66.47
CA VAL L 555 -24.18 -73.73 -65.92
C VAL L 555 -23.99 -74.58 -64.67
N PRO L 556 -24.78 -74.38 -63.62
CA PRO L 556 -24.65 -75.23 -62.43
C PRO L 556 -25.22 -76.62 -62.68
N VAL L 557 -24.58 -77.63 -62.09
CA VAL L 557 -24.97 -79.02 -62.32
C VAL L 557 -25.05 -79.77 -60.99
N GLY L 558 -25.11 -79.03 -59.87
CA GLY L 558 -25.24 -79.66 -58.58
C GLY L 558 -24.19 -79.16 -57.63
N TYR L 559 -23.99 -79.92 -56.55
CA TYR L 559 -23.09 -79.54 -55.47
C TYR L 559 -22.21 -80.73 -55.08
N ASP L 560 -21.18 -80.45 -54.28
CA ASP L 560 -20.25 -81.48 -53.85
C ASP L 560 -20.60 -81.98 -52.46
N LYS L 561 -19.58 -82.36 -51.68
CA LYS L 561 -19.83 -82.92 -50.35
C LYS L 561 -20.11 -81.85 -49.32
N GLU L 562 -19.39 -80.72 -49.37
CA GLU L 562 -19.60 -79.63 -48.42
C GLU L 562 -20.57 -78.58 -48.93
N GLY L 563 -21.40 -78.92 -49.91
CA GLY L 563 -22.43 -78.01 -50.38
C GLY L 563 -21.94 -76.86 -51.24
N LEU L 564 -20.81 -77.03 -51.93
CA LEU L 564 -20.33 -75.94 -52.78
C LEU L 564 -20.77 -76.17 -54.22
N PRO L 565 -21.11 -75.10 -54.94
CA PRO L 565 -21.61 -75.26 -56.31
C PRO L 565 -20.54 -75.79 -57.25
N ILE L 566 -20.98 -76.55 -58.24
CA ILE L 566 -20.12 -77.12 -59.26
C ILE L 566 -20.58 -76.60 -60.62
N GLY L 567 -19.63 -76.22 -61.45
CA GLY L 567 -19.93 -75.60 -62.75
C GLY L 567 -19.51 -76.48 -63.91
N LEU L 568 -20.39 -76.60 -64.90
CA LEU L 568 -20.12 -77.29 -66.15
C LEU L 568 -20.03 -76.25 -67.27
N GLN L 569 -19.05 -76.44 -68.17
CA GLN L 569 -18.81 -75.51 -69.25
C GLN L 569 -19.14 -76.15 -70.59
N ILE L 570 -19.82 -75.38 -71.45
CA ILE L 570 -20.12 -75.79 -72.82
C ILE L 570 -19.55 -74.73 -73.75
N MET L 571 -18.65 -75.13 -74.63
CA MET L 571 -18.02 -74.22 -75.59
C MET L 571 -18.32 -74.71 -76.99
N GLY L 572 -18.99 -73.87 -77.79
CA GLY L 572 -19.44 -74.25 -79.10
C GLY L 572 -18.73 -73.52 -80.22
N ARG L 573 -19.25 -73.71 -81.45
CA ARG L 573 -18.68 -73.12 -82.63
C ARG L 573 -18.75 -71.59 -82.56
N PRO L 574 -17.97 -70.90 -83.39
CA PRO L 574 -18.07 -69.44 -83.45
C PRO L 574 -19.48 -68.99 -83.83
N TRP L 575 -19.94 -67.91 -83.18
CA TRP L 575 -21.25 -67.32 -83.42
C TRP L 575 -22.39 -68.28 -83.12
N ALA L 576 -22.14 -69.32 -82.34
CA ALA L 576 -23.16 -70.33 -82.03
C ALA L 576 -23.70 -70.16 -80.60
N GLU L 577 -24.10 -68.94 -80.24
CA GLU L 577 -24.67 -68.72 -78.92
C GLU L 577 -25.96 -69.51 -78.75
N ALA L 578 -26.76 -69.62 -79.80
CA ALA L 578 -28.01 -70.36 -79.71
C ALA L 578 -27.78 -71.84 -79.47
N THR L 579 -26.72 -72.40 -80.07
CA THR L 579 -26.39 -73.80 -79.83
C THR L 579 -25.99 -74.01 -78.38
N VAL L 580 -25.20 -73.09 -77.82
CA VAL L 580 -24.74 -73.24 -76.45
C VAL L 580 -25.87 -72.94 -75.47
N LEU L 581 -26.67 -71.91 -75.76
CA LEU L 581 -27.78 -71.57 -74.87
C LEU L 581 -28.82 -72.69 -74.82
N GLY L 582 -29.14 -73.27 -75.99
CA GLY L 582 -30.12 -74.33 -76.03
C GLY L 582 -29.67 -75.57 -75.27
N LEU L 583 -28.40 -75.96 -75.45
CA LEU L 583 -27.88 -77.11 -74.73
C LEU L 583 -27.79 -76.83 -73.24
N ALA L 584 -27.39 -75.62 -72.87
CA ALA L 584 -27.30 -75.26 -71.45
C ALA L 584 -28.68 -75.27 -70.79
N ALA L 585 -29.73 -74.93 -71.55
CA ALA L 585 -31.07 -74.96 -70.98
C ALA L 585 -31.50 -76.38 -70.68
N ALA L 586 -31.16 -77.34 -71.56
CA ALA L 586 -31.50 -78.74 -71.31
C ALA L 586 -30.75 -79.28 -70.10
N VAL L 587 -29.57 -78.73 -69.81
CA VAL L 587 -28.81 -79.18 -68.65
C VAL L 587 -29.50 -78.76 -67.36
N GLU L 588 -30.03 -77.53 -67.32
CA GLU L 588 -30.62 -77.03 -66.09
C GLU L 588 -31.93 -77.73 -65.77
N GLU L 589 -32.63 -78.26 -66.78
CA GLU L 589 -33.83 -79.04 -66.48
C GLU L 589 -33.48 -80.41 -65.92
N LEU L 590 -32.31 -80.93 -66.25
CA LEU L 590 -31.84 -82.19 -65.67
C LEU L 590 -31.15 -81.99 -64.32
N ALA L 591 -30.80 -80.76 -63.96
CA ALA L 591 -30.15 -80.46 -62.68
C ALA L 591 -30.46 -79.03 -62.31
N PRO L 592 -31.61 -78.79 -61.67
CA PRO L 592 -31.97 -77.42 -61.29
C PRO L 592 -31.28 -76.99 -60.00
N VAL L 593 -31.10 -75.68 -59.87
CA VAL L 593 -30.50 -75.10 -58.68
C VAL L 593 -31.50 -75.20 -57.54
N THR L 594 -31.30 -76.16 -56.65
CA THR L 594 -32.25 -76.45 -55.59
C THR L 594 -31.79 -76.01 -54.20
N LYS L 595 -30.49 -75.97 -53.94
CA LYS L 595 -29.99 -75.62 -52.62
C LYS L 595 -29.93 -74.11 -52.48
N LYS L 596 -30.59 -73.58 -51.45
CA LYS L 596 -30.55 -72.15 -51.18
C LYS L 596 -29.24 -71.78 -50.51
N PRO L 597 -28.54 -70.74 -50.97
CA PRO L 597 -27.27 -70.37 -50.34
C PRO L 597 -27.48 -69.78 -48.96
N ALA L 598 -26.38 -69.69 -48.22
CA ALA L 598 -26.44 -69.15 -46.86
C ALA L 598 -26.86 -67.68 -46.87
N ILE L 599 -26.21 -66.87 -47.70
CA ILE L 599 -26.55 -65.46 -47.82
C ILE L 599 -27.52 -65.32 -48.99
N PHE L 600 -28.79 -65.09 -48.66
CA PHE L 600 -29.83 -64.96 -49.68
C PHE L 600 -30.89 -63.98 -49.18
N TYR L 601 -31.48 -63.26 -50.13
CA TYR L 601 -32.47 -62.24 -49.82
C TYR L 601 -33.61 -62.30 -50.84
N ASP L 602 -34.84 -62.33 -50.35
CA ASP L 602 -36.02 -62.25 -51.20
C ASP L 602 -36.41 -60.78 -51.42
N ILE L 603 -36.81 -60.47 -52.64
CA ILE L 603 -37.17 -59.11 -53.02
C ILE L 603 -38.67 -58.97 -53.24
N LEU L 604 -39.26 -59.87 -54.02
CA LEU L 604 -40.71 -59.89 -54.26
C LEU L 604 -41.34 -60.72 -53.16
N ASN L 605 -41.65 -60.08 -52.03
CA ASN L 605 -42.20 -60.80 -50.89
C ASN L 605 -43.67 -61.15 -51.11
N THR L 606 -43.99 -61.72 -52.27
CA THR L 606 -45.35 -62.10 -52.60
C THR L 606 -45.72 -63.51 -52.12
N ASN L 607 -44.77 -64.23 -51.52
CA ASN L 607 -45.02 -65.55 -50.97
C ASN L 607 -44.94 -65.58 -49.45
N LYS L 608 -43.86 -65.03 -48.89
CA LYS L 608 -43.68 -64.98 -47.45
C LYS L 608 -43.57 -63.52 -47.00
N GLY L 609 -44.18 -63.22 -45.86
CA GLY L 609 -44.08 -61.92 -45.27
C GLY L 609 -42.77 -61.74 -44.52
N GLU L 610 -42.71 -60.66 -43.74
CA GLU L 610 -41.54 -60.42 -42.92
C GLU L 610 -41.45 -61.38 -41.74
N PHE L 611 -42.55 -62.02 -41.38
CA PHE L 611 -42.59 -62.95 -40.26
C PHE L 611 -42.62 -64.38 -40.78
N GLU L 612 -41.71 -65.20 -40.27
CA GLU L 612 -41.72 -66.64 -40.53
C GLU L 612 -40.82 -67.30 -39.49
N ALA L 613 -40.69 -68.62 -39.60
CA ALA L 613 -39.88 -69.42 -38.68
C ALA L 613 -38.99 -70.36 -39.48
N TYR L 614 -38.14 -69.77 -40.33
CA TYR L 614 -37.27 -70.53 -41.22
C TYR L 614 -36.09 -71.18 -40.48
N VAL L 615 -36.00 -71.02 -39.16
CA VAL L 615 -34.81 -71.45 -38.43
C VAL L 615 -34.63 -72.96 -38.56
N GLU L 616 -33.38 -73.38 -38.74
CA GLU L 616 -33.04 -74.79 -38.86
C GLU L 616 -31.77 -75.11 -38.08
O1 GJY M . -47.38 -42.84 26.49
P1 GJY M . -45.87 -42.85 26.82
O2 GJY M . -45.45 -44.29 27.35
CM GJY M . -46.25 -45.46 27.09
C1 GJY M . -44.84 -41.63 27.75
C2 GJY M . -45.66 -40.84 28.76
C3 GJY M . -44.88 -40.52 30.03
C4 GJY M . -45.19 -41.47 31.19
C5 GJY M . -44.08 -41.51 32.23
C6 GJY M . -44.13 -40.32 33.19
C7 GJY M . -43.68 -40.67 34.60
C8 GJY M . -43.03 -39.49 35.32
C9 GJY M . -41.95 -39.91 36.32
C10 GJY M . -42.10 -39.67 37.59
C11 GJY M . -43.37 -38.97 38.09
C12 GJY M . -43.43 -37.49 37.73
C13 GJY M . -44.05 -36.65 38.53
C14 GJY M . -44.72 -37.16 39.80
C15 GJY M . -44.86 -36.09 40.88
C16 GJY M . -43.81 -35.70 41.59
C17 GJY M . -42.44 -36.32 41.34
C18 GJY M . -41.43 -35.31 40.79
O1 GJY N . -71.54 -52.71 54.27
P1 GJY N . -71.05 -52.45 55.72
O2 GJY N . -70.71 -50.91 55.91
CM GJY N . -71.24 -49.90 55.04
C1 GJY N . -69.84 -53.38 56.76
C2 GJY N . -68.68 -53.93 55.94
C3 GJY N . -67.35 -53.88 56.69
C4 GJY N . -66.67 -52.53 56.60
C5 GJY N . -65.53 -52.36 57.61
C6 GJY N . -64.56 -53.55 57.60
C7 GJY N . -63.10 -53.11 57.66
C8 GJY N . -62.19 -54.20 58.21
C9 GJY N . -61.18 -53.69 59.23
C10 GJY N . -59.88 -53.82 59.01
C11 GJY N . -59.39 -54.48 57.71
C12 GJY N . -59.65 -55.99 57.67
C13 GJY N . -58.83 -56.77 57.00
C14 GJY N . -57.64 -56.16 56.26
C15 GJY N . -56.46 -57.12 56.16
C16 GJY N . -55.64 -57.26 57.17
C17 GJY N . -55.85 -56.45 58.45
C18 GJY N . -55.68 -57.28 59.72
O1 GJY O . -9.81 19.13 18.93
P1 GJY O . -8.30 19.11 19.34
O2 GJY O . -7.93 17.67 19.90
CM GJY O . -8.72 16.51 19.61
C1 GJY O . -7.30 20.33 20.29
C2 GJY O . -8.14 21.14 21.26
C3 GJY O . -7.41 21.46 22.57
C4 GJY O . -7.72 20.48 23.69
C5 GJY O . -6.63 20.43 24.75
C6 GJY O . -6.67 21.61 25.71
C7 GJY O . -6.19 21.26 27.12
C8 GJY O . -5.53 22.44 27.82
C9 GJY O . -4.46 22.01 28.84
C10 GJY O . -4.64 22.23 30.12
C11 GJY O . -5.91 22.92 30.61
C12 GJY O . -6.00 24.41 30.25
C13 GJY O . -6.62 25.24 31.05
C14 GJY O . -7.25 24.73 32.34
C15 GJY O . -7.42 25.82 33.41
C16 GJY O . -6.38 26.22 34.13
C17 GJY O . -5.00 25.61 33.91
C18 GJY O . -3.97 26.63 33.42
O1 GJY P . -34.01 9.15 46.73
P1 GJY P . -33.58 9.37 48.21
O2 GJY P . -33.29 10.91 48.46
CM GJY P . -33.80 11.94 47.59
C1 GJY P . -32.40 8.43 49.27
C2 GJY P . -31.37 7.67 48.43
C3 GJY P . -30.00 7.62 49.09
C4 GJY P . -29.08 8.74 48.62
C5 GJY P . -27.96 9.04 49.61
C6 GJY P . -26.89 7.97 49.63
C7 GJY P . -25.48 8.53 49.89
C8 GJY P . -24.57 7.53 50.59
C9 GJY P . -23.56 8.20 51.53
C10 GJY P . -22.27 8.14 51.26
C11 GJY P . -21.78 7.41 50.01
C12 GJY P . -21.97 5.89 50.10
C13 GJY P . -21.10 5.09 49.52
C14 GJY P . -19.90 5.68 48.78
C15 GJY P . -18.75 4.68 48.65
C16 GJY P . -17.91 4.49 49.64
C17 GJY P . -18.08 5.28 50.94
C18 GJY P . -18.32 4.38 52.15
O1 GJY Q . 15.28 -32.91 19.07
P1 GJY Q . 15.80 -34.07 19.98
O2 GJY Q . 17.18 -33.64 20.64
CM GJY Q . 17.59 -32.27 20.75
C1 GJY Q . 15.90 -35.89 19.65
C2 GJY Q . 15.85 -36.20 18.16
C3 GJY Q . 16.73 -37.40 17.79
C4 GJY Q . 18.12 -36.98 17.30
C5 GJY Q . 19.15 -38.08 17.48
C6 GJY Q . 19.02 -39.19 16.45
C7 GJY Q . 20.37 -39.79 16.07
C8 GJY Q . 20.26 -41.25 15.64
C9 GJY Q . 21.51 -42.07 15.95
C10 GJY Q . 22.22 -42.60 14.97
C11 GJY Q . 21.78 -42.39 13.52
C12 GJY Q . 20.53 -43.19 13.14
C13 GJY Q . 20.39 -43.63 11.91
C14 GJY Q . 21.49 -43.36 10.89
C15 GJY Q . 21.49 -44.36 9.73
C16 GJY Q . 21.97 -45.57 9.90
C17 GJY Q . 22.53 -45.99 11.26
C18 GJY Q . 21.72 -47.11 11.92
O1 GJY R . 35.66 -21.08 -10.92
P1 GJY R . 36.64 -22.12 -11.54
O2 GJY R . 35.83 -23.42 -11.94
CM GJY R . 34.40 -23.41 -12.13
C1 GJY R . 38.31 -22.67 -11.00
C2 GJY R . 38.50 -22.50 -9.50
C3 GJY R . 39.31 -23.63 -8.87
C4 GJY R . 38.45 -24.77 -8.35
C5 GJY R . 39.22 -26.09 -8.24
C6 GJY R . 40.16 -26.13 -7.03
C7 GJY R . 40.33 -27.53 -6.45
C8 GJY R . 41.71 -27.76 -5.86
C9 GJY R . 42.18 -29.21 -5.95
C10 GJY R . 42.36 -29.91 -4.86
C11 GJY R . 42.08 -29.29 -3.49
C12 GJY R . 43.12 -28.24 -3.10
C13 GJY R . 43.45 -28.08 -1.83
C14 GJY R . 42.80 -28.95 -0.76
C15 GJY R . 43.63 -29.02 0.52
C16 GJY R . 44.67 -29.82 0.59
C17 GJY R . 45.06 -30.69 -0.61
C18 GJY R . 46.43 -30.32 -1.18
O1 GJY S . 25.95 82.17 9.04
P1 GJY S . 27.48 82.17 9.33
O2 GJY S . 27.92 80.73 9.83
CM GJY S . 27.12 79.55 9.58
C1 GJY S . 28.50 83.39 10.23
C2 GJY S . 27.67 84.20 11.22
C3 GJY S . 28.42 84.53 12.49
C4 GJY S . 28.15 83.55 13.63
C5 GJY S . 29.26 83.54 14.67
C6 GJY S . 29.25 84.78 15.58
C7 GJY S . 29.72 84.46 16.99
C8 GJY S . 30.42 85.65 17.66
C9 GJY S . 31.46 85.22 18.68
C10 GJY S . 31.27 85.48 19.97
C11 GJY S . 30.00 86.20 20.43
C12 GJY S . 29.96 87.67 20.03
C13 GJY S . 29.38 88.55 20.83
C14 GJY S . 28.77 88.09 22.14
C15 GJY S . 28.65 89.19 23.19
C16 GJY S . 29.70 89.60 23.87
C17 GJY S . 31.07 88.96 23.63
C18 GJY S . 32.09 89.94 23.06
O1 GJY T . 2.00 73.22 37.46
P1 GJY T . 2.47 73.49 38.92
O2 GJY T . 2.80 75.04 39.08
CM GJY T . 2.29 76.05 38.18
C1 GJY T . 3.66 72.58 39.98
C2 GJY T . 4.71 71.83 39.17
C3 GJY T . 6.08 71.81 39.84
C4 GJY T . 7.02 72.89 39.31
C5 GJY T . 8.21 73.15 40.22
C6 GJY T . 9.23 72.00 40.21
C7 GJY T . 10.64 72.48 40.55
C8 GJY T . 11.24 71.76 41.76
C9 GJY T . 12.44 72.50 42.36
C10 GJY T . 13.62 72.44 41.79
C11 GJY T . 13.83 71.65 40.49
C12 GJY T . 13.71 70.14 40.67
C13 GJY T . 14.67 69.34 40.25
C14 GJY T . 15.90 69.92 39.58
C15 GJY T . 16.97 68.87 39.31
C16 GJY T . 17.93 68.68 40.19
C17 GJY T . 17.97 69.50 41.47
C18 GJY T . 17.92 68.65 42.73
O1 GJY U . 50.02 29.71 10.21
P1 GJY U . 50.66 28.59 11.09
O2 GJY U . 52.11 29.03 11.54
CM GJY U . 52.53 30.42 11.54
C1 GJY U . 50.73 26.76 10.83
C2 GJY U . 50.68 26.41 9.35
C3 GJY U . 51.53 25.17 9.02
C4 GJY U . 52.91 25.54 8.48
C5 GJY U . 53.94 24.41 8.70
C6 GJY U . 53.78 23.26 7.70
C7 GJY U . 55.11 22.62 7.34
C8 GJY U . 54.96 21.15 6.94
C9 GJY U . 56.20 20.32 7.26
C10 GJY U . 56.90 19.77 6.29
C11 GJY U . 56.47 19.96 4.82
C12 GJY U . 55.20 19.17 4.47
C13 GJY U . 55.04 18.72 3.25
C14 GJY U . 56.11 18.95 2.19
C15 GJY U . 56.08 17.92 1.07
C16 GJY U . 56.54 16.69 1.28
C17 GJY U . 57.09 16.30 2.64
C18 GJY U . 56.28 15.21 3.33
O1 GJY V . 70.24 40.17 -20.50
P1 GJY V . 71.30 39.22 -21.15
O2 GJY V . 70.56 37.93 -21.73
CM GJY V . 69.13 37.92 -22.03
C1 GJY V . 72.94 38.66 -20.55
C2 GJY V . 73.07 38.81 -19.04
C3 GJY V . 73.88 37.66 -18.41
C4 GJY V . 73.00 36.56 -17.83
C5 GJY V . 73.71 35.22 -17.73
C6 GJY V . 74.75 35.19 -16.61
C7 GJY V . 74.86 33.81 -15.97
C8 GJY V . 76.25 33.53 -15.42
C9 GJY V . 76.61 32.05 -15.44
C10 GJY V . 76.75 31.38 -14.31
C11 GJY V . 76.54 32.06 -12.96
C12 GJY V . 77.62 33.10 -12.62
C13 GJY V . 77.99 33.28 -11.38
C14 GJY V . 77.36 32.46 -10.26
C15 GJY V . 78.23 32.38 -9.01
C16 GJY V . 79.24 31.54 -8.95
C17 GJY V . 79.54 30.63 -10.15
C18 GJY V . 80.93 30.88 -10.74
O1 GJY W . 12.91 -53.57 -95.88
P1 GJY W . 14.42 -53.61 -95.52
O2 GJY W . 14.77 -55.04 -94.93
CM GJY W . 13.95 -56.21 -95.16
C1 GJY W . 15.47 -52.39 -94.60
C2 GJY W . 14.63 -51.62 -93.59
C3 GJY W . 15.40 -51.25 -92.33
C4 GJY W . 15.13 -52.21 -91.18
C5 GJY W . 16.27 -52.23 -90.15
C6 GJY W . 16.26 -51.01 -89.24
C7 GJY W . 16.73 -51.33 -87.83
C8 GJY W . 17.39 -50.14 -87.14
C9 GJY W . 18.46 -50.56 -86.12
C10 GJY W . 18.30 -50.29 -84.84
C11 GJY W . 17.04 -49.57 -84.35
C12 GJY W . 17.01 -48.09 -84.74
C13 GJY W . 16.41 -47.23 -83.95
C14 GJY W . 15.76 -47.71 -82.65
C15 GJY W . 15.64 -46.63 -81.59
C16 GJY W . 16.68 -46.23 -80.89
C17 GJY W . 18.05 -46.85 -81.13
C18 GJY W . 19.07 -45.86 -81.68
O1 GJY X . -11.03 -62.56 -67.54
P1 GJY X . -10.57 -62.28 -66.08
O2 GJY X . -10.21 -60.74 -65.93
CM GJY X . -10.69 -59.74 -66.86
C1 GJY X . -9.42 -63.21 -64.99
C2 GJY X . -8.33 -63.93 -65.77
C3 GJY X . -6.97 -63.92 -65.08
C4 GJY X . -5.95 -63.00 -65.76
C5 GJY X . -4.92 -62.45 -64.78
C6 GJY X . -4.02 -63.53 -64.20
C7 GJY X . -2.65 -62.98 -63.77
C8 GJY X . -1.76 -64.06 -63.16
C9 GJY X . -0.56 -63.48 -62.39
C10 GJY X . 0.64 -63.51 -62.90
C11 GJY X . 0.88 -64.12 -64.29
C12 GJY X . 0.74 -65.64 -64.29
C13 GJY X . 1.69 -66.39 -64.84
C14 GJY X . 2.91 -65.73 -65.48
C15 GJY X . 4.09 -66.69 -65.61
C16 GJY X . 4.88 -66.91 -64.57
C17 GJY X . 4.61 -66.21 -63.25
C18 GJY X . 4.62 -67.16 -62.05
#